data_3DBY
#
_entry.id   3DBY
#
_cell.length_a   167.808
_cell.length_b   167.808
_cell.length_c   582.661
_cell.angle_alpha   90.000
_cell.angle_beta   90.000
_cell.angle_gamma   120.000
#
_symmetry.space_group_name_H-M   'H 3'
#
loop_
_entity.id
_entity.type
_entity.pdbx_description
1 polymer 'uncharacterized protein'
2 non-polymer 'FE (III) ION'
3 non-polymer 1,2-ETHANEDIOL
4 water water
#
_entity_poly.entity_id   1
_entity_poly.type   'polypeptide(L)'
_entity_poly.pdbx_seq_one_letter_code
;MSLERNYEESALFEHQFWLKVLTDHAQFLLDALAPKEKEDIKKATYFVETFTNLLNKVRNVNLMAFSKEAEQAAKEIRAF
KLNIIQKQLEGKITIHFTPTFINHMVNEVEEYIAVLEFLKKGEVPPVFHELHYHLVWLTDAAGHAGSISGGLDLVEKRLK
EKSEEFTKHFEQFYLKAVEMTGYLRTELHHFPALKKFTKDVSLELKLFSHFLHEVEELELSNEVLSVLSARMADHMAREE
CYYLLKLAQSSGLEMPKCNPLEGHHHHHH
;
_entity_poly.pdbx_strand_id   A,B,C,D,E,F,G,H,I,J,K,L,M,N,O,P,Q,R,S,T
#
loop_
_chem_comp.id
_chem_comp.type
_chem_comp.name
_chem_comp.formula
EDO non-polymer 1,2-ETHANEDIOL 'C2 H6 O2'
FE non-polymer 'FE (III) ION' 'Fe 3'
#
# COMPACT_ATOMS: atom_id res chain seq x y z
N ASN A 6 -47.08 -21.14 -35.24
CA ASN A 6 -47.34 -20.85 -33.78
C ASN A 6 -48.81 -20.52 -33.49
N TYR A 7 -49.41 -21.30 -32.61
CA TYR A 7 -50.84 -21.23 -32.38
C TYR A 7 -51.29 -19.89 -31.83
N GLU A 8 -50.49 -19.31 -30.95
CA GLU A 8 -50.96 -18.14 -30.25
C GLU A 8 -51.11 -17.01 -31.21
N GLU A 9 -50.06 -16.79 -31.99
CA GLU A 9 -49.98 -15.70 -32.93
C GLU A 9 -51.05 -15.86 -34.01
N SER A 10 -51.15 -17.06 -34.54
CA SER A 10 -52.10 -17.34 -35.57
C SER A 10 -53.53 -17.10 -35.03
N ALA A 11 -53.88 -17.68 -33.89
CA ALA A 11 -55.18 -17.41 -33.24
C ALA A 11 -55.52 -15.93 -33.02
N LEU A 12 -54.57 -15.19 -32.49
CA LEU A 12 -54.79 -13.80 -32.18
C LEU A 12 -55.12 -13.07 -33.47
N PHE A 13 -54.34 -13.34 -34.51
CA PHE A 13 -54.47 -12.66 -35.78
C PHE A 13 -55.81 -12.96 -36.40
N GLU A 14 -56.19 -14.22 -36.40
CA GLU A 14 -57.47 -14.63 -37.05
C GLU A 14 -58.66 -14.01 -36.34
N HIS A 15 -58.68 -14.15 -35.01
CA HIS A 15 -59.71 -13.55 -34.18
C HIS A 15 -59.77 -12.04 -34.34
N GLN A 16 -58.62 -11.39 -34.31
CA GLN A 16 -58.64 -9.95 -34.45
C GLN A 16 -59.20 -9.47 -35.80
N PHE A 17 -58.73 -10.09 -36.88
CA PHE A 17 -59.29 -9.82 -38.18
C PHE A 17 -60.81 -10.11 -38.24
N TRP A 18 -61.20 -11.32 -37.91
CA TRP A 18 -62.57 -11.74 -38.06
C TRP A 18 -63.54 -11.07 -37.08
N LEU A 19 -63.14 -10.81 -35.84
CA LEU A 19 -64.15 -10.20 -34.95
C LEU A 19 -64.43 -8.74 -35.30
N LYS A 20 -63.42 -8.03 -35.80
CA LYS A 20 -63.66 -6.70 -36.34
C LYS A 20 -64.56 -6.67 -37.59
N VAL A 21 -64.32 -7.60 -38.53
CA VAL A 21 -65.16 -7.80 -39.70
C VAL A 21 -66.60 -8.11 -39.33
N LEU A 22 -66.77 -8.98 -38.35
CA LEU A 22 -68.09 -9.31 -37.93
C LEU A 22 -68.75 -8.15 -37.17
N THR A 23 -67.98 -7.38 -36.40
CA THR A 23 -68.49 -6.17 -35.78
C THR A 23 -68.97 -5.19 -36.86
N ASP A 24 -68.17 -5.01 -37.91
CA ASP A 24 -68.52 -4.18 -39.07
C ASP A 24 -69.85 -4.63 -39.70
N HIS A 25 -69.96 -5.93 -39.98
CA HIS A 25 -71.18 -6.44 -40.59
C HIS A 25 -72.42 -6.08 -39.77
N ALA A 26 -72.35 -6.32 -38.46
CA ALA A 26 -73.46 -6.05 -37.57
C ALA A 26 -73.82 -4.58 -37.58
N GLN A 27 -72.82 -3.71 -37.55
CA GLN A 27 -73.05 -2.28 -37.68
C GLN A 27 -73.60 -1.87 -39.06
N PHE A 28 -73.11 -2.48 -40.13
CA PHE A 28 -73.55 -2.06 -41.43
C PHE A 28 -75.00 -2.42 -41.53
N LEU A 29 -75.34 -3.64 -41.09
CA LEU A 29 -76.73 -4.14 -41.10
C LEU A 29 -77.67 -3.30 -40.26
N LEU A 30 -77.21 -2.94 -39.05
CA LEU A 30 -77.98 -2.08 -38.17
C LEU A 30 -78.36 -0.81 -38.93
N ASP A 31 -77.37 -0.13 -39.50
CA ASP A 31 -77.61 1.13 -40.24
C ASP A 31 -78.42 1.06 -41.55
N ALA A 32 -78.43 -0.11 -42.18
CA ALA A 32 -79.13 -0.39 -43.43
C ALA A 32 -80.60 -0.79 -43.26
N LEU A 33 -80.99 -1.21 -42.04
CA LEU A 33 -82.39 -1.59 -41.79
C LEU A 33 -83.26 -0.36 -41.79
N ALA A 34 -84.45 -0.43 -42.37
CA ALA A 34 -85.44 0.62 -42.17
C ALA A 34 -85.82 0.75 -40.67
N PRO A 35 -85.98 2.00 -40.20
CA PRO A 35 -86.38 2.20 -38.81
C PRO A 35 -87.53 1.27 -38.37
N LYS A 36 -88.46 0.93 -39.25
CA LYS A 36 -89.60 0.09 -38.85
C LYS A 36 -89.27 -1.35 -38.45
N GLU A 37 -88.05 -1.81 -38.72
CA GLU A 37 -87.71 -3.22 -38.60
C GLU A 37 -87.25 -3.47 -37.16
N LYS A 38 -88.09 -3.15 -36.19
CA LYS A 38 -87.63 -3.13 -34.80
C LYS A 38 -86.93 -4.42 -34.37
N GLU A 39 -87.49 -5.57 -34.72
CA GLU A 39 -86.94 -6.87 -34.27
CA GLU A 39 -86.93 -6.84 -34.24
C GLU A 39 -85.53 -7.14 -34.78
N ASP A 40 -85.29 -6.91 -36.07
CA ASP A 40 -83.92 -7.09 -36.63
C ASP A 40 -82.93 -6.01 -36.15
N ILE A 41 -83.42 -4.80 -35.85
CA ILE A 41 -82.56 -3.72 -35.32
C ILE A 41 -81.99 -4.12 -33.96
N LYS A 42 -82.86 -4.71 -33.14
CA LYS A 42 -82.49 -5.19 -31.81
C LYS A 42 -81.53 -6.36 -31.95
N LYS A 43 -81.78 -7.26 -32.89
CA LYS A 43 -80.78 -8.29 -33.16
C LYS A 43 -79.43 -7.72 -33.62
N ALA A 44 -79.45 -6.77 -34.56
CA ALA A 44 -78.18 -6.19 -35.07
C ALA A 44 -77.42 -5.45 -33.96
N THR A 45 -78.16 -4.71 -33.12
CA THR A 45 -77.54 -4.03 -31.99
C THR A 45 -76.86 -5.05 -31.06
N TYR A 46 -77.57 -6.13 -30.75
CA TYR A 46 -76.99 -7.24 -29.99
C TYR A 46 -75.69 -7.74 -30.63
N PHE A 47 -75.70 -7.98 -31.94
CA PHE A 47 -74.47 -8.43 -32.58
C PHE A 47 -73.34 -7.43 -32.50
N VAL A 48 -73.65 -6.14 -32.62
CA VAL A 48 -72.61 -5.10 -32.53
C VAL A 48 -71.94 -5.15 -31.12
N GLU A 49 -72.75 -5.11 -30.07
CA GLU A 49 -72.24 -5.18 -28.70
C GLU A 49 -71.46 -6.49 -28.54
N THR A 50 -72.04 -7.62 -28.97
CA THR A 50 -71.41 -8.95 -28.82
C THR A 50 -70.01 -9.08 -29.45
N PHE A 51 -69.83 -8.63 -30.70
CA PHE A 51 -68.53 -8.83 -31.30
C PHE A 51 -67.55 -7.78 -30.80
N THR A 52 -68.04 -6.58 -30.53
CA THR A 52 -67.20 -5.52 -29.95
C THR A 52 -66.56 -6.08 -28.64
N ASN A 53 -67.35 -6.74 -27.80
CA ASN A 53 -66.84 -7.34 -26.56
C ASN A 53 -65.88 -8.51 -26.75
N LEU A 54 -66.27 -9.49 -27.55
CA LEU A 54 -65.34 -10.54 -27.98
C LEU A 54 -63.99 -9.98 -28.46
N LEU A 55 -64.01 -8.89 -29.25
CA LEU A 55 -62.76 -8.33 -29.76
C LEU A 55 -61.92 -7.63 -28.67
N ASN A 56 -62.59 -6.96 -27.73
CA ASN A 56 -61.93 -6.27 -26.64
C ASN A 56 -61.17 -7.18 -25.68
N LYS A 57 -61.70 -8.36 -25.41
CA LYS A 57 -61.11 -9.27 -24.48
C LYS A 57 -60.26 -10.38 -25.12
N VAL A 58 -59.97 -10.30 -26.41
CA VAL A 58 -59.23 -11.37 -27.09
C VAL A 58 -57.81 -11.52 -26.56
N ARG A 59 -57.16 -10.40 -26.28
CA ARG A 59 -55.80 -10.49 -25.77
C ARG A 59 -55.76 -11.08 -24.35
N ASN A 60 -56.87 -11.00 -23.61
CA ASN A 60 -56.86 -11.27 -22.17
C ASN A 60 -57.50 -12.57 -21.70
N VAL A 61 -57.44 -13.63 -22.53
CA VAL A 61 -58.17 -14.84 -22.24
C VAL A 61 -57.51 -16.14 -22.73
N ASN A 62 -58.09 -17.27 -22.36
CA ASN A 62 -57.63 -18.54 -22.89
C ASN A 62 -58.14 -18.77 -24.33
N LEU A 63 -57.23 -18.77 -25.28
CA LEU A 63 -57.61 -18.80 -26.70
C LEU A 63 -58.39 -20.03 -27.15
N MET A 64 -58.06 -21.22 -26.67
CA MET A 64 -58.86 -22.35 -27.09
C MET A 64 -60.31 -22.18 -26.59
N ALA A 65 -60.47 -21.72 -25.34
CA ALA A 65 -61.82 -21.52 -24.81
C ALA A 65 -62.53 -20.36 -25.51
N PHE A 66 -61.80 -19.27 -25.70
CA PHE A 66 -62.35 -18.08 -26.37
C PHE A 66 -62.91 -18.51 -27.74
N SER A 67 -62.14 -19.35 -28.45
CA SER A 67 -62.51 -19.87 -29.76
C SER A 67 -63.91 -20.48 -29.81
N LYS A 68 -64.30 -21.15 -28.73
CA LYS A 68 -65.63 -21.72 -28.70
C LYS A 68 -66.71 -20.64 -28.50
N GLU A 69 -66.37 -19.60 -27.75
CA GLU A 69 -67.32 -18.49 -27.60
C GLU A 69 -67.57 -17.80 -28.97
N ALA A 70 -66.47 -17.33 -29.58
CA ALA A 70 -66.45 -16.79 -30.95
C ALA A 70 -67.30 -17.63 -31.89
N GLU A 71 -67.09 -18.93 -31.85
CA GLU A 71 -67.78 -19.78 -32.77
C GLU A 71 -69.29 -19.73 -32.60
N GLN A 72 -69.77 -19.77 -31.35
CA GLN A 72 -71.19 -19.70 -31.12
C GLN A 72 -71.71 -18.39 -31.69
N ALA A 73 -71.02 -17.29 -31.42
CA ALA A 73 -71.49 -15.98 -31.88
C ALA A 73 -71.50 -15.86 -33.44
N ALA A 74 -70.39 -16.27 -34.07
CA ALA A 74 -70.30 -16.39 -35.53
C ALA A 74 -71.46 -17.20 -36.10
N LYS A 75 -71.77 -18.34 -35.50
CA LYS A 75 -72.91 -19.11 -36.02
C LYS A 75 -74.23 -18.37 -35.90
N GLU A 76 -74.40 -17.62 -34.81
CA GLU A 76 -75.61 -16.90 -34.58
C GLU A 76 -75.76 -15.75 -35.58
N ILE A 77 -74.70 -15.00 -35.85
CA ILE A 77 -74.79 -13.94 -36.87
C ILE A 77 -74.95 -14.51 -38.28
N ARG A 78 -74.34 -15.66 -38.55
CA ARG A 78 -74.65 -16.34 -39.79
C ARG A 78 -76.16 -16.55 -39.93
N ALA A 79 -76.81 -17.13 -38.91
CA ALA A 79 -78.22 -17.38 -39.02
C ALA A 79 -79.04 -16.08 -39.19
N PHE A 80 -78.58 -14.99 -38.62
CA PHE A 80 -79.33 -13.73 -38.72
C PHE A 80 -79.24 -13.27 -40.20
N LYS A 81 -78.04 -13.30 -40.74
CA LYS A 81 -77.85 -12.97 -42.16
C LYS A 81 -78.75 -13.81 -43.05
N LEU A 82 -78.79 -15.11 -42.81
CA LEU A 82 -79.51 -16.00 -43.71
C LEU A 82 -81.00 -15.77 -43.62
N ASN A 83 -81.50 -15.48 -42.41
CA ASN A 83 -82.89 -15.06 -42.21
C ASN A 83 -83.23 -13.75 -42.90
N ILE A 84 -82.30 -12.81 -42.88
CA ILE A 84 -82.47 -11.59 -43.64
C ILE A 84 -82.61 -11.88 -45.14
N ILE A 85 -81.67 -12.65 -45.70
CA ILE A 85 -81.78 -13.09 -47.11
C ILE A 85 -83.11 -13.78 -47.39
N GLN A 86 -83.52 -14.71 -46.52
CA GLN A 86 -84.76 -15.40 -46.76
C GLN A 86 -85.93 -14.41 -46.92
N LYS A 87 -86.05 -13.45 -46.00
CA LYS A 87 -87.14 -12.49 -46.04
C LYS A 87 -87.04 -11.55 -47.25
N GLN A 88 -85.81 -11.29 -47.69
CA GLN A 88 -85.61 -10.50 -48.92
C GLN A 88 -86.22 -11.21 -50.11
N LEU A 89 -85.90 -12.48 -50.22
CA LEU A 89 -86.43 -13.29 -51.30
C LEU A 89 -87.93 -13.50 -51.21
N GLU A 90 -88.53 -13.23 -50.05
CA GLU A 90 -89.95 -13.36 -49.90
C GLU A 90 -90.60 -11.98 -49.77
N GLY A 91 -89.85 -10.91 -49.99
CA GLY A 91 -90.42 -9.57 -49.88
C GLY A 91 -90.84 -9.16 -48.46
N LYS A 92 -90.12 -9.62 -47.43
CA LYS A 92 -90.59 -9.41 -46.05
C LYS A 92 -89.71 -8.57 -45.12
N ILE A 93 -88.80 -7.77 -45.67
CA ILE A 93 -88.00 -6.90 -44.86
C ILE A 93 -87.63 -5.71 -45.72
N THR A 94 -87.50 -4.53 -45.14
CA THR A 94 -86.89 -3.42 -45.85
C THR A 94 -85.48 -3.20 -45.29
N ILE A 95 -84.49 -3.45 -46.14
CA ILE A 95 -83.11 -3.21 -45.74
C ILE A 95 -82.36 -2.72 -46.94
N HIS A 96 -81.36 -1.85 -46.75
CA HIS A 96 -80.68 -1.26 -47.91
C HIS A 96 -79.38 -1.94 -48.34
N PHE A 97 -79.37 -3.28 -48.26
CA PHE A 97 -78.30 -4.08 -48.87
C PHE A 97 -79.00 -5.08 -49.75
N THR A 98 -78.48 -5.31 -50.94
CA THR A 98 -79.05 -6.39 -51.80
C THR A 98 -78.69 -7.78 -51.26
N PRO A 99 -79.46 -8.82 -51.69
CA PRO A 99 -79.23 -10.17 -51.27
C PRO A 99 -77.85 -10.69 -51.54
N THR A 100 -77.26 -10.34 -52.69
CA THR A 100 -75.91 -10.81 -52.96
C THR A 100 -74.90 -10.21 -51.99
N PHE A 101 -75.05 -8.94 -51.63
CA PHE A 101 -74.15 -8.33 -50.63
C PHE A 101 -74.17 -9.07 -49.28
N ILE A 102 -75.35 -9.41 -48.80
CA ILE A 102 -75.43 -10.18 -47.57
C ILE A 102 -74.96 -11.61 -47.74
N ASN A 103 -75.20 -12.14 -48.93
CA ASN A 103 -74.77 -13.49 -49.28
C ASN A 103 -73.25 -13.50 -49.18
N HIS A 104 -72.61 -12.43 -49.60
CA HIS A 104 -71.17 -12.36 -49.42
C HIS A 104 -70.71 -12.33 -47.92
N MET A 105 -71.41 -11.56 -47.08
CA MET A 105 -71.21 -11.59 -45.64
C MET A 105 -71.31 -13.03 -45.11
N VAL A 106 -72.30 -13.79 -45.58
CA VAL A 106 -72.39 -15.20 -45.20
C VAL A 106 -71.13 -16.04 -45.60
N ASN A 107 -70.64 -15.86 -46.84
CA ASN A 107 -69.40 -16.52 -47.25
C ASN A 107 -68.28 -16.15 -46.28
N GLU A 108 -68.27 -14.90 -45.86
CA GLU A 108 -67.24 -14.48 -44.93
C GLU A 108 -67.31 -15.14 -43.56
N VAL A 109 -68.49 -15.14 -42.95
CA VAL A 109 -68.58 -15.74 -41.63
C VAL A 109 -68.33 -17.25 -41.74
N GLU A 110 -68.70 -17.85 -42.87
CA GLU A 110 -68.39 -19.27 -43.08
C GLU A 110 -66.87 -19.57 -43.14
N GLU A 111 -66.07 -18.60 -43.57
CA GLU A 111 -64.62 -18.69 -43.63
C GLU A 111 -64.07 -18.62 -42.18
N TYR A 112 -64.60 -17.71 -41.35
CA TYR A 112 -64.25 -17.72 -39.94
C TYR A 112 -64.56 -19.06 -39.28
N ILE A 113 -65.78 -19.54 -39.46
CA ILE A 113 -66.20 -20.78 -38.88
C ILE A 113 -65.29 -21.94 -39.30
N ALA A 114 -64.89 -21.97 -40.58
CA ALA A 114 -63.89 -22.96 -41.03
C ALA A 114 -62.57 -22.88 -40.25
N VAL A 115 -62.04 -21.67 -40.02
CA VAL A 115 -60.78 -21.55 -39.26
C VAL A 115 -60.96 -21.89 -37.75
N LEU A 116 -62.11 -21.49 -37.18
CA LEU A 116 -62.47 -21.82 -35.81
C LEU A 116 -62.44 -23.34 -35.52
N GLU A 117 -62.60 -24.15 -36.58
CA GLU A 117 -62.59 -25.58 -36.39
C GLU A 117 -61.22 -25.96 -35.88
N PHE A 118 -60.20 -25.41 -36.53
CA PHE A 118 -58.84 -25.62 -36.09
C PHE A 118 -58.52 -24.90 -34.78
N LEU A 119 -58.88 -23.62 -34.72
CA LEU A 119 -58.60 -22.80 -33.54
C LEU A 119 -59.11 -23.41 -32.23
N LYS A 120 -60.32 -23.95 -32.23
CA LYS A 120 -60.86 -24.43 -30.98
C LYS A 120 -60.23 -25.78 -30.58
N LYS A 121 -59.51 -26.41 -31.51
CA LYS A 121 -58.73 -27.62 -31.21
C LYS A 121 -57.27 -27.35 -30.80
N GLY A 122 -56.85 -26.10 -30.76
CA GLY A 122 -55.46 -25.83 -30.52
C GLY A 122 -54.57 -26.03 -31.74
N GLU A 123 -55.16 -26.14 -32.93
CA GLU A 123 -54.36 -26.24 -34.15
C GLU A 123 -54.22 -24.90 -34.90
N VAL A 124 -53.09 -24.73 -35.57
CA VAL A 124 -52.93 -23.69 -36.57
C VAL A 124 -53.73 -24.06 -37.82
N PRO A 125 -54.63 -23.17 -38.28
CA PRO A 125 -55.35 -23.50 -39.50
C PRO A 125 -54.38 -23.71 -40.64
N PRO A 126 -54.69 -24.66 -41.54
CA PRO A 126 -53.90 -24.90 -42.74
C PRO A 126 -53.89 -23.72 -43.74
N VAL A 127 -52.87 -23.67 -44.56
CA VAL A 127 -52.88 -22.75 -45.69
C VAL A 127 -53.60 -23.50 -46.80
N PHE A 128 -54.78 -23.03 -47.17
CA PHE A 128 -55.53 -23.67 -48.26
C PHE A 128 -54.86 -23.48 -49.61
N HIS A 129 -55.24 -24.29 -50.59
CA HIS A 129 -54.79 -24.10 -51.96
C HIS A 129 -55.21 -22.70 -52.37
N GLU A 130 -54.35 -21.95 -53.06
CA GLU A 130 -54.70 -20.57 -53.47
C GLU A 130 -56.08 -20.51 -54.16
N LEU A 131 -56.40 -21.49 -55.00
CA LEU A 131 -57.73 -21.51 -55.62
C LEU A 131 -58.88 -21.49 -54.60
N HIS A 132 -58.72 -22.09 -53.42
CA HIS A 132 -59.76 -21.93 -52.40
C HIS A 132 -60.02 -20.45 -52.11
N TYR A 133 -58.96 -19.69 -51.92
CA TYR A 133 -59.11 -18.27 -51.63
C TYR A 133 -59.69 -17.50 -52.81
N HIS A 134 -59.25 -17.82 -54.02
CA HIS A 134 -59.75 -17.13 -55.20
C HIS A 134 -61.25 -17.32 -55.26
N LEU A 135 -61.69 -18.56 -55.10
CA LEU A 135 -63.13 -18.86 -55.23
C LEU A 135 -64.03 -18.20 -54.16
N VAL A 136 -63.46 -17.81 -53.04
CA VAL A 136 -64.26 -17.12 -52.04
C VAL A 136 -64.19 -15.61 -52.19
N TRP A 137 -62.98 -15.14 -52.46
CA TRP A 137 -62.73 -13.73 -52.31
C TRP A 137 -62.86 -12.91 -53.59
N LEU A 138 -62.89 -13.57 -54.74
CA LEU A 138 -63.03 -12.86 -56.01
C LEU A 138 -64.43 -12.31 -56.19
N THR A 139 -65.45 -13.10 -55.86
CA THR A 139 -66.80 -12.59 -55.99
C THR A 139 -67.03 -11.54 -54.92
N ASP A 140 -66.36 -11.74 -53.80
CA ASP A 140 -66.40 -10.76 -52.76
C ASP A 140 -65.83 -9.41 -53.25
N ALA A 141 -64.67 -9.48 -53.90
CA ALA A 141 -64.05 -8.25 -54.35
C ALA A 141 -64.91 -7.62 -55.46
N ALA A 142 -65.49 -8.43 -56.36
CA ALA A 142 -66.44 -7.83 -57.34
C ALA A 142 -67.65 -7.17 -56.66
N GLY A 143 -68.19 -7.81 -55.62
CA GLY A 143 -69.30 -7.20 -54.88
C GLY A 143 -68.86 -5.89 -54.20
N HIS A 144 -67.60 -5.81 -53.78
CA HIS A 144 -67.13 -4.56 -53.16
C HIS A 144 -67.12 -3.44 -54.17
N ALA A 145 -66.46 -3.66 -55.31
CA ALA A 145 -66.48 -2.67 -56.41
C ALA A 145 -67.92 -2.33 -56.87
N GLY A 146 -68.77 -3.35 -57.04
CA GLY A 146 -70.17 -3.16 -57.47
C GLY A 146 -70.96 -2.34 -56.46
N SER A 147 -70.67 -2.56 -55.18
CA SER A 147 -71.39 -1.76 -54.22
C SER A 147 -70.90 -0.30 -54.17
N ILE A 148 -69.60 -0.04 -54.40
CA ILE A 148 -69.18 1.31 -54.55
C ILE A 148 -69.96 1.94 -55.71
N SER A 149 -69.98 1.25 -56.84
CA SER A 149 -70.67 1.75 -58.03
C SER A 149 -72.09 2.21 -57.75
N GLY A 150 -72.84 1.33 -57.08
CA GLY A 150 -74.25 1.56 -56.76
C GLY A 150 -74.48 2.56 -55.65
N GLY A 151 -73.45 2.77 -54.82
CA GLY A 151 -73.57 3.69 -53.71
C GLY A 151 -73.23 5.12 -54.10
N LEU A 152 -72.58 5.30 -55.26
CA LEU A 152 -72.16 6.63 -55.69
C LEU A 152 -73.33 7.45 -56.24
N ASP A 153 -73.29 8.75 -56.01
CA ASP A 153 -74.29 9.66 -56.61
C ASP A 153 -74.29 9.53 -58.14
N LEU A 154 -75.45 9.76 -58.73
CA LEU A 154 -75.62 9.79 -60.18
C LEU A 154 -74.55 10.62 -60.90
N VAL A 155 -74.05 11.71 -60.29
CA VAL A 155 -73.10 12.56 -61.02
C VAL A 155 -71.65 12.18 -60.87
N GLU A 156 -71.35 11.23 -59.99
CA GLU A 156 -70.00 10.76 -59.82
C GLU A 156 -69.64 9.75 -60.94
N LYS A 157 -69.80 10.18 -62.20
CA LYS A 157 -69.64 9.25 -63.35
C LYS A 157 -68.24 8.72 -63.37
N ARG A 158 -67.26 9.58 -63.16
CA ARG A 158 -65.86 9.16 -63.21
C ARG A 158 -65.48 8.09 -62.16
N LEU A 159 -65.86 8.29 -60.92
CA LEU A 159 -65.61 7.26 -59.94
C LEU A 159 -66.41 5.99 -60.28
N LYS A 160 -67.63 6.17 -60.78
CA LYS A 160 -68.42 5.03 -61.15
C LYS A 160 -67.75 4.20 -62.30
N GLU A 161 -67.17 4.89 -63.28
CA GLU A 161 -66.49 4.18 -64.33
C GLU A 161 -65.34 3.29 -63.82
N LYS A 162 -64.61 3.82 -62.86
CA LYS A 162 -63.47 3.16 -62.31
C LYS A 162 -63.90 1.94 -61.46
N SER A 163 -64.96 2.06 -60.67
CA SER A 163 -65.37 0.88 -59.94
C SER A 163 -66.07 -0.24 -60.78
N GLU A 164 -66.77 0.15 -61.85
CA GLU A 164 -67.27 -0.82 -62.82
CA GLU A 164 -67.28 -0.81 -62.83
C GLU A 164 -66.15 -1.59 -63.49
N GLU A 165 -65.03 -0.91 -63.71
CA GLU A 165 -63.91 -1.56 -64.29
C GLU A 165 -63.35 -2.63 -63.35
N PHE A 166 -63.19 -2.27 -62.07
CA PHE A 166 -62.79 -3.24 -61.05
C PHE A 166 -63.78 -4.40 -60.96
N THR A 167 -65.07 -4.12 -60.94
CA THR A 167 -66.10 -5.19 -60.92
C THR A 167 -65.93 -6.17 -62.07
N LYS A 168 -65.83 -5.63 -63.26
CA LYS A 168 -65.57 -6.41 -64.45
C LYS A 168 -64.31 -7.32 -64.31
N HIS A 169 -63.18 -6.71 -63.97
CA HIS A 169 -61.95 -7.44 -63.75
C HIS A 169 -62.05 -8.56 -62.71
N PHE A 170 -62.66 -8.32 -61.56
CA PHE A 170 -62.79 -9.42 -60.60
C PHE A 170 -63.72 -10.56 -61.01
N GLU A 171 -64.85 -10.18 -61.62
CA GLU A 171 -65.77 -11.17 -62.20
C GLU A 171 -65.05 -12.05 -63.20
N GLN A 172 -64.27 -11.44 -64.09
CA GLN A 172 -63.54 -12.16 -65.14
C GLN A 172 -62.44 -13.04 -64.50
N PHE A 173 -61.75 -12.49 -63.49
CA PHE A 173 -60.82 -13.35 -62.72
C PHE A 173 -61.59 -14.51 -62.09
N TYR A 174 -62.79 -14.28 -61.57
CA TYR A 174 -63.51 -15.40 -60.98
C TYR A 174 -63.80 -16.50 -62.01
N LEU A 175 -64.24 -16.11 -63.22
CA LEU A 175 -64.53 -17.11 -64.26
C LEU A 175 -63.29 -18.00 -64.54
N LYS A 176 -62.13 -17.36 -64.58
CA LYS A 176 -60.83 -17.99 -64.74
C LYS A 176 -60.49 -18.95 -63.56
N ALA A 177 -60.70 -18.49 -62.32
CA ALA A 177 -60.54 -19.35 -61.11
C ALA A 177 -61.39 -20.57 -61.24
N VAL A 178 -62.61 -20.38 -61.72
CA VAL A 178 -63.55 -21.50 -61.92
C VAL A 178 -63.02 -22.56 -62.86
N GLU A 179 -62.55 -22.15 -64.04
CA GLU A 179 -61.93 -23.09 -65.00
C GLU A 179 -60.71 -23.78 -64.43
N MET A 180 -59.81 -22.99 -63.86
CA MET A 180 -58.57 -23.52 -63.28
C MET A 180 -58.80 -24.53 -62.18
N THR A 181 -59.86 -24.34 -61.39
CA THR A 181 -60.28 -25.36 -60.42
C THR A 181 -60.63 -26.70 -61.11
N GLY A 182 -61.30 -26.64 -62.26
CA GLY A 182 -61.49 -27.84 -63.07
C GLY A 182 -60.22 -28.46 -63.67
N TYR A 183 -59.24 -27.64 -64.04
CA TYR A 183 -57.91 -28.17 -64.42
C TYR A 183 -57.28 -29.09 -63.34
N LEU A 184 -57.53 -28.77 -62.06
CA LEU A 184 -56.98 -29.55 -60.93
C LEU A 184 -57.35 -31.04 -60.98
N ARG A 185 -58.40 -31.38 -61.74
CA ARG A 185 -58.87 -32.76 -61.87
C ARG A 185 -57.84 -33.61 -62.53
N THR A 186 -56.91 -32.97 -63.20
CA THR A 186 -55.81 -33.66 -63.84
C THR A 186 -54.84 -34.11 -62.76
N GLU A 187 -55.09 -33.73 -61.51
CA GLU A 187 -54.20 -34.08 -60.41
C GLU A 187 -52.85 -33.35 -60.50
N LEU A 188 -52.66 -32.50 -61.52
CA LEU A 188 -51.60 -31.47 -61.46
C LEU A 188 -52.16 -30.21 -60.75
N HIS A 189 -51.64 -29.92 -59.56
CA HIS A 189 -52.22 -28.88 -58.66
C HIS A 189 -51.54 -27.52 -58.68
N HIS A 190 -50.37 -27.46 -59.31
CA HIS A 190 -49.60 -26.23 -59.42
C HIS A 190 -48.98 -26.34 -60.76
N PHE A 191 -49.12 -25.25 -61.52
CA PHE A 191 -48.62 -25.16 -62.85
C PHE A 191 -48.46 -23.69 -63.15
N PRO A 192 -47.70 -23.36 -64.18
CA PRO A 192 -47.32 -21.94 -64.34
C PRO A 192 -48.50 -21.01 -64.64
N ALA A 193 -49.51 -21.50 -65.34
CA ALA A 193 -50.68 -20.65 -65.62
C ALA A 193 -51.34 -20.20 -64.31
N LEU A 194 -51.41 -21.09 -63.33
CA LEU A 194 -52.05 -20.77 -62.05
C LEU A 194 -51.22 -19.75 -61.26
N LYS A 195 -49.91 -20.01 -61.17
CA LYS A 195 -49.04 -19.03 -60.49
C LYS A 195 -49.16 -17.62 -61.05
N LYS A 196 -49.13 -17.54 -62.37
CA LYS A 196 -49.28 -16.30 -63.12
C LYS A 196 -50.63 -15.64 -62.79
N PHE A 197 -51.70 -16.42 -62.78
CA PHE A 197 -53.02 -15.96 -62.40
C PHE A 197 -53.00 -15.31 -61.00
N THR A 198 -52.40 -15.98 -60.04
CA THR A 198 -52.48 -15.48 -58.64
C THR A 198 -51.67 -14.19 -58.50
N LYS A 199 -50.60 -14.10 -59.29
CA LYS A 199 -49.82 -12.88 -59.41
C LYS A 199 -50.63 -11.71 -60.03
N ASP A 200 -51.40 -12.01 -61.09
CA ASP A 200 -52.21 -10.99 -61.80
C ASP A 200 -53.29 -10.50 -60.85
N VAL A 201 -53.92 -11.42 -60.15
CA VAL A 201 -54.91 -11.06 -59.14
C VAL A 201 -54.29 -10.20 -58.03
N SER A 202 -53.09 -10.55 -57.56
CA SER A 202 -52.38 -9.75 -56.54
C SER A 202 -52.13 -8.28 -56.97
N LEU A 203 -51.70 -8.09 -58.21
CA LEU A 203 -51.52 -6.75 -58.74
C LEU A 203 -52.83 -6.00 -58.74
N GLU A 204 -53.91 -6.67 -59.12
CA GLU A 204 -55.21 -6.01 -59.19
C GLU A 204 -55.74 -5.63 -57.80
N LEU A 205 -55.66 -6.57 -56.87
CA LEU A 205 -56.00 -6.30 -55.44
C LEU A 205 -55.25 -5.13 -54.90
N LYS A 206 -53.99 -5.00 -55.29
CA LYS A 206 -53.15 -3.87 -54.93
C LYS A 206 -53.68 -2.56 -55.49
N LEU A 207 -54.03 -2.55 -56.78
CA LEU A 207 -54.65 -1.33 -57.41
C LEU A 207 -55.97 -0.96 -56.75
N PHE A 208 -56.73 -1.97 -56.37
CA PHE A 208 -58.07 -1.80 -55.84
C PHE A 208 -58.02 -1.27 -54.37
N SER A 209 -57.07 -1.78 -53.59
CA SER A 209 -56.70 -1.24 -52.28
C SER A 209 -56.39 0.23 -52.33
N HIS A 210 -55.59 0.67 -53.31
CA HIS A 210 -55.32 2.12 -53.47
C HIS A 210 -56.62 2.85 -53.75
N PHE A 211 -57.44 2.32 -54.68
CA PHE A 211 -58.71 2.96 -55.00
C PHE A 211 -59.58 3.06 -53.76
N LEU A 212 -59.64 1.99 -52.97
CA LEU A 212 -60.44 1.97 -51.71
C LEU A 212 -59.92 2.96 -50.69
N HIS A 213 -58.61 3.13 -50.59
CA HIS A 213 -58.09 4.14 -49.70
C HIS A 213 -58.39 5.55 -50.20
N GLU A 214 -58.43 5.72 -51.51
N GLU A 214 -58.43 5.72 -51.51
CA GLU A 214 -58.82 7.00 -52.11
CA GLU A 214 -58.82 7.01 -52.08
C GLU A 214 -60.28 7.27 -51.83
C GLU A 214 -60.29 7.27 -51.80
N VAL A 215 -61.12 6.24 -51.95
CA VAL A 215 -62.54 6.39 -51.66
C VAL A 215 -62.75 6.76 -50.17
N GLU A 216 -61.97 6.14 -49.29
CA GLU A 216 -62.06 6.39 -47.85
C GLU A 216 -61.79 7.84 -47.50
N GLU A 217 -60.75 8.38 -48.10
CA GLU A 217 -60.33 9.74 -47.86
C GLU A 217 -61.37 10.73 -48.36
N LEU A 218 -61.92 10.45 -49.55
CA LEU A 218 -63.09 11.20 -50.08
C LEU A 218 -64.26 11.22 -49.11
N GLU A 219 -64.57 10.07 -48.52
CA GLU A 219 -65.67 10.00 -47.56
C GLU A 219 -65.34 10.78 -46.27
N LEU A 220 -64.12 10.67 -45.78
CA LEU A 220 -63.72 11.40 -44.58
C LEU A 220 -63.82 12.90 -44.80
N SER A 221 -63.46 13.39 -45.99
CA SER A 221 -63.50 14.82 -46.24
C SER A 221 -64.81 15.28 -46.85
N ASN A 222 -65.72 14.35 -47.11
CA ASN A 222 -67.02 14.69 -47.71
C ASN A 222 -66.92 15.18 -49.15
N GLU A 223 -65.94 14.67 -49.87
CA GLU A 223 -65.61 15.20 -51.19
C GLU A 223 -66.27 14.38 -52.31
N VAL A 224 -66.89 13.27 -51.92
CA VAL A 224 -67.61 12.38 -52.83
C VAL A 224 -69.06 12.34 -52.42
N LEU A 225 -69.96 12.30 -53.41
CA LEU A 225 -71.40 12.23 -53.14
C LEU A 225 -71.80 10.78 -53.24
N SER A 226 -72.39 10.26 -52.16
CA SER A 226 -72.64 8.83 -52.07
C SER A 226 -73.49 8.43 -50.84
N VAL A 227 -73.87 7.14 -50.77
CA VAL A 227 -74.45 6.59 -49.56
C VAL A 227 -73.46 5.62 -48.93
N LEU A 228 -72.16 5.79 -49.23
CA LEU A 228 -71.14 4.90 -48.71
C LEU A 228 -70.56 5.55 -47.45
N SER A 229 -69.65 4.87 -46.79
CA SER A 229 -69.05 5.44 -45.60
C SER A 229 -67.58 5.16 -45.60
N ALA A 230 -66.82 5.97 -44.88
CA ALA A 230 -65.42 5.74 -44.82
C ALA A 230 -65.13 4.36 -44.15
N ARG A 231 -65.94 3.98 -43.15
CA ARG A 231 -65.74 2.71 -42.45
C ARG A 231 -65.98 1.52 -43.37
N MET A 232 -66.95 1.63 -44.27
CA MET A 232 -67.13 0.58 -45.31
C MET A 232 -65.95 0.44 -46.26
N ALA A 233 -65.40 1.54 -46.75
CA ALA A 233 -64.20 1.47 -47.58
C ALA A 233 -62.97 0.91 -46.80
N ASP A 234 -62.81 1.29 -45.53
CA ASP A 234 -61.75 0.75 -44.67
C ASP A 234 -61.89 -0.77 -44.46
N HIS A 235 -63.10 -1.15 -44.08
CA HIS A 235 -63.49 -2.53 -44.05
C HIS A 235 -63.17 -3.32 -45.32
N MET A 236 -63.62 -2.83 -46.47
CA MET A 236 -63.31 -3.48 -47.76
C MET A 236 -61.80 -3.61 -47.96
N ALA A 237 -61.03 -2.55 -47.68
CA ALA A 237 -59.56 -2.65 -47.78
C ALA A 237 -58.92 -3.67 -46.81
N ARG A 238 -59.43 -3.81 -45.59
CA ARG A 238 -58.90 -4.85 -44.69
C ARG A 238 -59.17 -6.24 -45.19
N GLU A 239 -60.36 -6.47 -45.76
CA GLU A 239 -60.63 -7.78 -46.41
C GLU A 239 -59.80 -8.09 -47.67
N GLU A 240 -59.62 -7.10 -48.55
CA GLU A 240 -58.70 -7.28 -49.68
C GLU A 240 -57.26 -7.57 -49.16
N CYS A 241 -56.83 -6.89 -48.09
CA CYS A 241 -55.52 -7.21 -47.48
C CYS A 241 -55.41 -8.66 -47.01
N TYR A 242 -56.42 -9.16 -46.32
CA TYR A 242 -56.41 -10.53 -45.81
C TYR A 242 -56.35 -11.55 -46.95
N TYR A 243 -57.14 -11.27 -47.97
CA TYR A 243 -57.11 -12.05 -49.22
C TYR A 243 -55.72 -12.00 -49.86
N LEU A 244 -55.13 -10.82 -49.97
CA LEU A 244 -53.76 -10.67 -50.50
C LEU A 244 -52.73 -11.52 -49.73
N LEU A 245 -52.77 -11.40 -48.41
CA LEU A 245 -51.95 -12.17 -47.50
C LEU A 245 -52.12 -13.71 -47.65
N LYS A 246 -53.35 -14.19 -47.70
CA LYS A 246 -53.60 -15.61 -47.89
C LYS A 246 -53.08 -16.10 -49.25
N LEU A 247 -53.09 -15.24 -50.28
CA LEU A 247 -52.58 -15.64 -51.61
C LEU A 247 -51.04 -15.70 -51.58
N ALA A 248 -50.46 -14.70 -50.92
CA ALA A 248 -49.02 -14.63 -50.77
C ALA A 248 -48.53 -15.93 -50.09
N GLN A 249 -49.19 -16.30 -48.98
CA GLN A 249 -48.89 -17.52 -48.22
C GLN A 249 -49.08 -18.83 -49.01
N SER A 250 -50.24 -19.02 -49.61
CA SER A 250 -50.54 -20.23 -50.37
C SER A 250 -49.80 -20.34 -51.72
N SER A 251 -49.47 -19.22 -52.35
CA SER A 251 -48.85 -19.27 -53.68
C SER A 251 -47.34 -19.08 -53.67
N GLY A 252 -46.79 -18.44 -52.65
CA GLY A 252 -45.38 -18.21 -52.64
C GLY A 252 -45.03 -16.85 -53.19
N LEU A 253 -45.86 -15.86 -52.87
CA LEU A 253 -45.59 -14.48 -53.22
C LEU A 253 -45.09 -13.71 -51.98
N GLU A 254 -44.47 -12.56 -52.16
CA GLU A 254 -44.15 -11.76 -50.96
C GLU A 254 -45.38 -11.25 -50.21
N MET A 255 -45.27 -11.23 -48.87
CA MET A 255 -46.35 -10.77 -48.02
C MET A 255 -46.66 -9.33 -48.34
N PRO A 256 -47.94 -8.96 -48.39
CA PRO A 256 -48.25 -7.58 -48.74
C PRO A 256 -47.98 -6.61 -47.58
N LYS A 257 -47.77 -5.34 -47.89
CA LYS A 257 -47.54 -4.34 -46.83
C LYS A 257 -48.86 -3.64 -46.56
N CYS A 258 -49.79 -4.34 -45.95
CA CYS A 258 -51.06 -3.72 -45.67
C CYS A 258 -51.44 -4.39 -44.38
N ASN A 259 -52.37 -3.82 -43.66
CA ASN A 259 -52.75 -4.32 -42.36
C ASN A 259 -54.23 -4.76 -42.31
N PRO A 260 -54.50 -6.06 -42.29
CA PRO A 260 -55.90 -6.52 -42.29
C PRO A 260 -56.62 -6.22 -40.98
N LEU A 261 -55.87 -5.76 -39.98
CA LEU A 261 -56.46 -5.48 -38.67
C LEU A 261 -56.74 -3.98 -38.44
N GLU A 262 -56.08 -3.11 -39.18
CA GLU A 262 -56.41 -1.67 -39.09
C GLU A 262 -56.05 -0.83 -40.31
N LEU B 3 -109.98 19.53 -74.11
CA LEU B 3 -111.13 20.37 -73.56
C LEU B 3 -110.58 21.64 -72.86
N GLU B 4 -111.46 22.52 -72.39
CA GLU B 4 -110.96 23.71 -71.71
C GLU B 4 -110.62 23.37 -70.27
N ARG B 5 -109.47 23.80 -69.78
CA ARG B 5 -109.10 23.54 -68.40
C ARG B 5 -109.81 24.49 -67.40
N ASN B 6 -110.42 23.92 -66.36
CA ASN B 6 -111.12 24.71 -65.31
C ASN B 6 -110.55 24.55 -63.92
N TYR B 7 -110.93 25.48 -63.05
CA TYR B 7 -110.24 25.60 -61.77
C TYR B 7 -110.47 24.36 -60.96
N GLU B 8 -111.71 23.91 -60.89
CA GLU B 8 -112.05 22.83 -59.98
C GLU B 8 -111.35 21.51 -60.34
N GLU B 9 -111.37 21.18 -61.62
CA GLU B 9 -110.79 19.93 -62.09
C GLU B 9 -109.27 19.98 -62.02
N SER B 10 -108.71 21.15 -62.30
CA SER B 10 -107.27 21.31 -62.28
CA SER B 10 -107.28 21.30 -62.28
C SER B 10 -106.73 21.25 -60.86
N ALA B 11 -107.39 22.01 -59.97
CA ALA B 11 -107.00 22.01 -58.55
C ALA B 11 -107.09 20.60 -57.97
N LEU B 12 -108.20 19.90 -58.25
CA LEU B 12 -108.34 18.55 -57.72
C LEU B 12 -107.24 17.62 -58.22
N PHE B 13 -107.01 17.65 -59.53
CA PHE B 13 -105.95 16.86 -60.15
C PHE B 13 -104.56 17.19 -59.60
N GLU B 14 -104.21 18.47 -59.52
CA GLU B 14 -102.84 18.85 -59.11
C GLU B 14 -102.61 18.47 -57.64
N HIS B 15 -103.58 18.78 -56.77
CA HIS B 15 -103.48 18.38 -55.35
C HIS B 15 -103.38 16.88 -55.23
N GLN B 16 -104.28 16.13 -55.86
CA GLN B 16 -104.16 14.70 -55.73
C GLN B 16 -102.80 14.17 -56.22
N PHE B 17 -102.30 14.70 -57.34
CA PHE B 17 -101.01 14.21 -57.85
C PHE B 17 -99.85 14.50 -56.88
N TRP B 18 -99.75 15.77 -56.45
CA TRP B 18 -98.60 16.25 -55.77
C TRP B 18 -98.69 15.78 -54.32
N LEU B 19 -99.90 15.74 -53.77
CA LEU B 19 -99.97 15.36 -52.36
C LEU B 19 -99.58 13.90 -52.20
N LYS B 20 -99.98 13.09 -53.18
CA LYS B 20 -99.53 11.69 -53.15
C LYS B 20 -98.02 11.54 -53.39
N VAL B 21 -97.49 12.32 -54.34
CA VAL B 21 -96.05 12.37 -54.58
C VAL B 21 -95.24 12.69 -53.29
N LEU B 22 -95.73 13.67 -52.55
CA LEU B 22 -94.99 14.12 -51.35
C LEU B 22 -95.17 13.18 -50.19
N THR B 23 -96.32 12.52 -50.06
CA THR B 23 -96.49 11.44 -49.06
C THR B 23 -95.46 10.36 -49.39
N ASP B 24 -95.35 10.01 -50.69
CA ASP B 24 -94.32 9.09 -51.15
C ASP B 24 -92.93 9.54 -50.72
N HIS B 25 -92.55 10.76 -51.06
CA HIS B 25 -91.27 11.24 -50.67
C HIS B 25 -91.03 11.06 -49.18
N ALA B 26 -92.00 11.47 -48.39
CA ALA B 26 -91.84 11.42 -46.94
C ALA B 26 -91.63 9.95 -46.50
N GLN B 27 -92.43 9.05 -47.03
CA GLN B 27 -92.31 7.63 -46.72
C GLN B 27 -90.98 7.03 -47.18
N PHE B 28 -90.51 7.45 -48.36
CA PHE B 28 -89.23 6.95 -48.87
C PHE B 28 -88.06 7.45 -48.00
N LEU B 29 -88.10 8.72 -47.62
CA LEU B 29 -87.08 9.26 -46.72
C LEU B 29 -87.09 8.52 -45.37
N LEU B 30 -88.29 8.26 -44.87
CA LEU B 30 -88.47 7.65 -43.56
C LEU B 30 -87.79 6.30 -43.58
N ASP B 31 -88.11 5.49 -44.58
CA ASP B 31 -87.55 4.13 -44.66
C ASP B 31 -86.05 4.11 -44.98
N ALA B 32 -85.55 5.19 -45.58
CA ALA B 32 -84.10 5.31 -45.99
C ALA B 32 -83.12 5.80 -44.88
N LEU B 33 -83.62 6.39 -43.80
CA LEU B 33 -82.81 6.93 -42.70
C LEU B 33 -82.26 5.79 -41.86
N ALA B 34 -81.02 5.87 -41.39
CA ALA B 34 -80.52 4.83 -40.51
C ALA B 34 -81.37 4.90 -39.20
N PRO B 35 -81.59 3.76 -38.53
CA PRO B 35 -82.38 3.81 -37.28
C PRO B 35 -81.98 4.88 -36.26
N LYS B 36 -80.72 5.27 -36.27
CA LYS B 36 -80.18 6.23 -35.31
C LYS B 36 -80.56 7.68 -35.68
N GLU B 37 -81.03 7.90 -36.90
CA GLU B 37 -81.39 9.26 -37.28
C GLU B 37 -82.73 9.66 -36.69
N LYS B 38 -82.82 9.63 -35.35
CA LYS B 38 -84.13 9.82 -34.65
C LYS B 38 -84.84 11.11 -34.95
N GLU B 39 -84.12 12.20 -34.92
CA GLU B 39 -84.75 13.45 -35.28
C GLU B 39 -85.39 13.48 -36.68
N ASP B 40 -84.60 13.15 -37.70
CA ASP B 40 -85.17 13.11 -39.04
C ASP B 40 -86.25 12.05 -39.23
N ILE B 41 -86.18 10.95 -38.51
CA ILE B 41 -87.23 9.94 -38.61
C ILE B 41 -88.56 10.49 -38.06
N LYS B 42 -88.46 11.18 -36.94
CA LYS B 42 -89.61 11.88 -36.38
C LYS B 42 -90.20 12.91 -37.37
N LYS B 43 -89.35 13.70 -38.01
CA LYS B 43 -89.81 14.64 -39.04
C LYS B 43 -90.45 13.97 -40.24
N ALA B 44 -89.79 12.94 -40.77
CA ALA B 44 -90.35 12.18 -41.89
C ALA B 44 -91.73 11.58 -41.54
N THR B 45 -91.87 11.03 -40.33
CA THR B 45 -93.13 10.38 -39.90
C THR B 45 -94.26 11.43 -39.86
N TYR B 46 -93.91 12.63 -39.39
CA TYR B 46 -94.81 13.78 -39.40
C TYR B 46 -95.22 14.20 -40.79
N PHE B 47 -94.29 14.20 -41.75
CA PHE B 47 -94.67 14.55 -43.11
C PHE B 47 -95.55 13.46 -43.75
N VAL B 48 -95.26 12.20 -43.46
CA VAL B 48 -96.15 11.13 -43.94
C VAL B 48 -97.57 11.34 -43.44
N GLU B 49 -97.72 11.58 -42.13
CA GLU B 49 -99.05 11.93 -41.58
C GLU B 49 -99.63 13.19 -42.17
N THR B 50 -98.85 14.25 -42.22
CA THR B 50 -99.41 15.51 -42.77
C THR B 50 -99.91 15.39 -44.21
N PHE B 51 -99.11 14.76 -45.09
CA PHE B 51 -99.51 14.70 -46.51
C PHE B 51 -100.59 13.68 -46.69
N THR B 52 -100.56 12.63 -45.90
CA THR B 52 -101.67 11.66 -45.92
C THR B 52 -103.00 12.30 -45.56
N ASN B 53 -103.03 13.02 -44.45
CA ASN B 53 -104.20 13.81 -44.08
C ASN B 53 -104.63 14.86 -45.10
N LEU B 54 -103.71 15.64 -45.69
CA LEU B 54 -104.14 16.61 -46.75
C LEU B 54 -104.79 15.92 -47.92
N LEU B 55 -104.14 14.87 -48.40
CA LEU B 55 -104.69 14.12 -49.53
C LEU B 55 -106.08 13.56 -49.21
N ASN B 56 -106.25 12.98 -48.03
CA ASN B 56 -107.57 12.44 -47.66
C ASN B 56 -108.65 13.54 -47.57
N LYS B 57 -108.20 14.77 -47.47
CA LYS B 57 -109.06 15.89 -47.13
C LYS B 57 -109.46 16.72 -48.31
N VAL B 58 -108.86 16.44 -49.46
CA VAL B 58 -108.99 17.35 -50.59
C VAL B 58 -110.40 17.45 -51.19
N ARG B 59 -111.20 16.40 -51.18
CA ARG B 59 -112.54 16.62 -51.75
C ARG B 59 -113.25 17.67 -50.89
N ASN B 60 -113.73 17.22 -49.74
CA ASN B 60 -114.14 18.10 -48.64
C ASN B 60 -113.67 19.53 -48.79
N ASN B 62 -113.75 24.46 -50.80
CA ASN B 62 -112.82 25.26 -50.02
C ASN B 62 -111.41 25.16 -50.59
N LEU B 63 -111.27 25.01 -51.92
CA LEU B 63 -109.98 24.66 -52.52
C LEU B 63 -108.92 25.72 -52.35
N MET B 64 -109.30 27.01 -52.36
CA MET B 64 -108.32 28.07 -52.24
CA MET B 64 -108.34 28.09 -52.22
C MET B 64 -107.70 28.07 -50.85
N ALA B 65 -108.55 27.98 -49.82
CA ALA B 65 -108.07 27.89 -48.46
C ALA B 65 -107.23 26.62 -48.33
N PHE B 66 -107.67 25.54 -48.97
CA PHE B 66 -106.92 24.28 -48.84
C PHE B 66 -105.48 24.45 -49.42
N SER B 67 -105.38 25.22 -50.50
CA SER B 67 -104.13 25.38 -51.24
C SER B 67 -103.11 26.07 -50.39
N LYS B 68 -103.60 26.99 -49.56
CA LYS B 68 -102.75 27.68 -48.62
C LYS B 68 -102.24 26.74 -47.60
N GLU B 69 -103.09 25.84 -47.13
CA GLU B 69 -102.59 24.89 -46.13
C GLU B 69 -101.58 23.91 -46.77
N ALA B 70 -101.89 23.44 -47.97
CA ALA B 70 -101.02 22.51 -48.74
C ALA B 70 -99.68 23.18 -49.02
N GLU B 71 -99.72 24.48 -49.31
CA GLU B 71 -98.52 25.26 -49.54
C GLU B 71 -97.60 25.39 -48.31
N GLN B 72 -98.16 25.59 -47.13
CA GLN B 72 -97.34 25.62 -45.91
C GLN B 72 -96.63 24.28 -45.69
N ALA B 73 -97.37 23.18 -45.82
CA ALA B 73 -96.80 21.82 -45.77
C ALA B 73 -95.70 21.61 -46.82
N ALA B 74 -95.99 22.00 -48.06
CA ALA B 74 -95.02 21.89 -49.16
C ALA B 74 -93.73 22.60 -48.84
N LYS B 75 -93.85 23.83 -48.35
CA LYS B 75 -92.65 24.59 -47.97
C LYS B 75 -91.88 23.92 -46.82
N GLU B 76 -92.58 23.23 -45.92
CA GLU B 76 -91.86 22.59 -44.81
C GLU B 76 -91.14 21.32 -45.22
N ILE B 77 -91.75 20.49 -46.04
CA ILE B 77 -90.97 19.34 -46.54
C ILE B 77 -89.78 19.80 -47.44
N ARG B 78 -89.95 20.89 -48.16
CA ARG B 78 -88.82 21.42 -48.92
C ARG B 78 -87.65 21.73 -47.99
N ALA B 79 -87.93 22.39 -46.86
CA ALA B 79 -86.89 22.75 -45.91
C ALA B 79 -86.25 21.52 -45.31
N PHE B 80 -87.06 20.53 -44.95
CA PHE B 80 -86.62 19.25 -44.43
C PHE B 80 -85.68 18.60 -45.47
N LYS B 81 -86.12 18.56 -46.73
CA LYS B 81 -85.27 17.93 -47.74
C LYS B 81 -83.90 18.64 -47.85
N LEU B 82 -83.93 19.97 -47.91
CA LEU B 82 -82.71 20.74 -48.06
C LEU B 82 -81.80 20.57 -46.83
N ASN B 83 -82.39 20.38 -45.64
CA ASN B 83 -81.60 20.18 -44.42
C ASN B 83 -80.86 18.83 -44.45
N ILE B 84 -81.52 17.82 -45.02
CA ILE B 84 -80.85 16.52 -45.16
C ILE B 84 -79.71 16.62 -46.14
N ILE B 85 -79.91 17.33 -47.26
CA ILE B 85 -78.84 17.52 -48.24
C ILE B 85 -77.68 18.24 -47.61
N GLN B 86 -77.99 19.32 -46.89
CA GLN B 86 -76.95 20.04 -46.15
C GLN B 86 -76.11 19.13 -45.27
N LYS B 87 -76.76 18.35 -44.45
CA LYS B 87 -76.07 17.38 -43.62
C LYS B 87 -75.32 16.33 -44.44
N GLN B 88 -75.86 15.91 -45.58
CA GLN B 88 -75.07 15.00 -46.45
C GLN B 88 -73.73 15.63 -46.86
N LEU B 89 -73.78 16.91 -47.23
CA LEU B 89 -72.65 17.62 -47.73
C LEU B 89 -71.62 17.91 -46.64
N GLU B 90 -72.07 17.91 -45.37
CA GLU B 90 -71.21 18.04 -44.19
C GLU B 90 -70.95 16.72 -43.51
N GLY B 91 -71.45 15.61 -44.05
CA GLY B 91 -71.14 14.31 -43.43
C GLY B 91 -71.88 14.07 -42.10
N LYS B 92 -73.07 14.65 -41.97
CA LYS B 92 -73.77 14.62 -40.66
C LYS B 92 -75.05 13.80 -40.60
N ILE B 93 -75.20 12.88 -41.55
CA ILE B 93 -76.39 12.07 -41.54
C ILE B 93 -76.14 10.75 -42.27
N THR B 94 -76.81 9.70 -41.80
CA THR B 94 -76.81 8.47 -42.53
C THR B 94 -78.18 8.24 -43.12
N ILE B 95 -78.27 8.29 -44.43
CA ILE B 95 -79.51 8.04 -45.12
C ILE B 95 -79.15 7.34 -46.44
N HIS B 96 -80.02 6.46 -46.94
CA HIS B 96 -79.68 5.66 -48.08
C HIS B 96 -80.19 6.20 -49.41
N PHE B 97 -80.29 7.52 -49.52
CA PHE B 97 -80.52 8.19 -50.82
C PHE B 97 -79.34 9.14 -51.09
N THR B 98 -78.88 9.26 -52.33
CA THR B 98 -77.76 10.18 -52.64
C THR B 98 -78.28 11.63 -52.66
N PRO B 99 -77.39 12.66 -52.50
CA PRO B 99 -77.88 14.04 -52.52
C PRO B 99 -78.63 14.44 -53.81
N THR B 100 -78.24 13.91 -54.98
CA THR B 100 -78.92 14.32 -56.19
C THR B 100 -80.36 13.77 -56.18
N PHE B 101 -80.57 12.58 -55.64
CA PHE B 101 -81.91 12.04 -55.59
C PHE B 101 -82.78 12.96 -54.75
N ILE B 102 -82.31 13.31 -53.56
CA ILE B 102 -83.07 14.23 -52.72
C ILE B 102 -83.19 15.62 -53.38
N ASN B 103 -82.14 16.06 -54.12
CA ASN B 103 -82.21 17.31 -54.91
C ASN B 103 -83.35 17.29 -55.96
N HIS B 104 -83.54 16.12 -56.55
CA HIS B 104 -84.64 15.94 -57.47
C HIS B 104 -85.99 16.02 -56.72
N MET B 105 -86.07 15.51 -55.48
CA MET B 105 -87.26 15.72 -54.68
C MET B 105 -87.50 17.20 -54.44
N VAL B 106 -86.43 17.99 -54.25
CA VAL B 106 -86.60 19.44 -54.04
C VAL B 106 -87.20 20.07 -55.30
N ASN B 107 -86.65 19.69 -56.47
CA ASN B 107 -87.16 20.25 -57.73
C ASN B 107 -88.65 20.01 -57.87
N GLU B 108 -89.10 18.83 -57.47
CA GLU B 108 -90.48 18.42 -57.56
C GLU B 108 -91.41 19.18 -56.65
N VAL B 109 -91.11 19.21 -55.37
CA VAL B 109 -91.92 20.06 -54.48
C VAL B 109 -91.92 21.54 -54.97
N GLU B 110 -90.82 22.06 -55.55
CA GLU B 110 -90.89 23.43 -56.10
C GLU B 110 -91.88 23.59 -57.23
N GLU B 111 -92.05 22.54 -58.01
CA GLU B 111 -93.03 22.56 -59.06
C GLU B 111 -94.42 22.63 -58.43
N TYR B 112 -94.65 21.90 -57.34
CA TYR B 112 -95.94 21.98 -56.65
C TYR B 112 -96.16 23.40 -56.13
N ILE B 113 -95.11 23.96 -55.54
CA ILE B 113 -95.20 25.28 -54.98
C ILE B 113 -95.54 26.29 -56.05
N ALA B 114 -95.02 26.08 -57.27
CA ALA B 114 -95.26 27.01 -58.36
C ALA B 114 -96.69 26.91 -58.82
N VAL B 115 -97.23 25.70 -58.78
CA VAL B 115 -98.63 25.51 -59.17
C VAL B 115 -99.53 26.15 -58.10
N LEU B 116 -99.07 26.08 -56.87
CA LEU B 116 -99.88 26.50 -55.75
C LEU B 116 -100.01 28.02 -55.71
N GLU B 117 -99.03 28.69 -56.29
CA GLU B 117 -99.12 30.12 -56.45
C GLU B 117 -100.38 30.55 -57.16
N PHE B 118 -100.71 29.86 -58.25
CA PHE B 118 -101.97 30.06 -58.93
C PHE B 118 -103.18 29.56 -58.13
N LEU B 119 -103.09 28.37 -57.56
CA LEU B 119 -104.23 27.76 -56.92
C LEU B 119 -104.70 28.51 -55.69
N LYS B 120 -103.75 29.09 -54.96
CA LYS B 120 -104.10 29.91 -53.79
C LYS B 120 -104.95 31.10 -54.17
N LYS B 121 -104.77 31.63 -55.36
CA LYS B 121 -105.59 32.74 -55.77
C LYS B 121 -106.76 32.36 -56.61
N GLY B 122 -107.03 31.07 -56.77
CA GLY B 122 -108.25 30.62 -57.45
C GLY B 122 -108.12 30.73 -58.96
N GLU B 123 -106.88 30.88 -59.44
CA GLU B 123 -106.61 30.79 -60.89
C GLU B 123 -106.24 29.39 -61.36
N VAL B 124 -106.62 29.08 -62.59
CA VAL B 124 -106.09 27.87 -63.28
C VAL B 124 -104.56 27.95 -63.54
N PRO B 125 -103.79 26.97 -63.02
CA PRO B 125 -102.36 27.11 -63.32
C PRO B 125 -102.13 27.04 -64.84
N PRO B 126 -101.26 27.92 -65.40
CA PRO B 126 -101.08 27.79 -66.84
C PRO B 126 -100.35 26.48 -67.27
N VAL B 127 -100.47 26.12 -68.54
CA VAL B 127 -99.62 25.08 -69.07
C VAL B 127 -98.36 25.84 -69.53
N PHE B 128 -97.23 25.61 -68.87
CA PHE B 128 -95.99 26.27 -69.24
C PHE B 128 -95.47 25.88 -70.64
N HIS B 129 -94.48 26.61 -71.12
CA HIS B 129 -93.79 26.29 -72.38
C HIS B 129 -93.20 24.85 -72.24
N GLU B 130 -93.09 24.11 -73.33
CA GLU B 130 -92.67 22.72 -73.21
C GLU B 130 -91.27 22.55 -72.67
N LEU B 131 -90.38 23.47 -73.02
CA LEU B 131 -89.03 23.48 -72.45
C LEU B 131 -88.96 23.71 -70.94
N HIS B 132 -89.94 24.37 -70.33
CA HIS B 132 -89.98 24.37 -68.85
C HIS B 132 -90.07 22.91 -68.30
N TYR B 133 -91.03 22.14 -68.80
CA TYR B 133 -91.16 20.75 -68.37
C TYR B 133 -89.89 19.92 -68.67
N HIS B 134 -89.27 20.13 -69.83
CA HIS B 134 -88.08 19.33 -70.15
C HIS B 134 -86.93 19.62 -69.16
N LEU B 135 -86.75 20.90 -68.86
CA LEU B 135 -85.66 21.32 -67.99
C LEU B 135 -85.93 20.81 -66.56
N VAL B 136 -87.20 20.57 -66.21
CA VAL B 136 -87.48 20.01 -64.89
C VAL B 136 -87.46 18.48 -64.90
N TRP B 137 -88.13 17.87 -65.86
CA TRP B 137 -88.39 16.44 -65.75
C TRP B 137 -87.37 15.48 -66.37
N LEU B 138 -86.47 15.99 -67.21
CA LEU B 138 -85.47 15.15 -67.84
C LEU B 138 -84.34 14.67 -66.89
N THR B 139 -83.78 15.59 -66.10
CA THR B 139 -82.84 15.15 -65.06
C THR B 139 -83.56 14.25 -64.06
N ASP B 140 -84.81 14.56 -63.77
CA ASP B 140 -85.66 13.67 -62.93
C ASP B 140 -85.69 12.21 -63.44
N ALA B 141 -86.04 12.05 -64.72
CA ALA B 141 -86.10 10.75 -65.40
C ALA B 141 -84.75 10.04 -65.44
N ALA B 142 -83.68 10.76 -65.73
CA ALA B 142 -82.30 10.20 -65.62
C ALA B 142 -82.04 9.71 -64.22
N GLY B 143 -82.45 10.49 -63.22
CA GLY B 143 -82.23 10.07 -61.83
C GLY B 143 -83.12 8.91 -61.38
N HIS B 144 -84.35 8.84 -61.90
CA HIS B 144 -85.15 7.60 -61.80
C HIS B 144 -84.42 6.39 -62.36
N ALA B 145 -84.00 6.46 -63.63
CA ALA B 145 -83.32 5.31 -64.21
C ALA B 145 -82.00 5.00 -63.47
N GLY B 146 -81.27 6.04 -63.05
CA GLY B 146 -79.99 5.82 -62.31
C GLY B 146 -80.20 5.26 -60.90
N SER B 147 -81.34 5.56 -60.31
CA SER B 147 -81.58 4.99 -59.01
C SER B 147 -81.99 3.48 -59.13
N ILE B 148 -82.69 3.13 -60.20
CA ILE B 148 -82.92 1.72 -60.53
C ILE B 148 -81.59 1.02 -60.75
N SER B 149 -80.72 1.56 -61.59
CA SER B 149 -79.39 0.98 -61.74
C SER B 149 -78.71 0.69 -60.40
N GLY B 150 -78.67 1.72 -59.57
CA GLY B 150 -77.91 1.66 -58.33
C GLY B 150 -78.55 0.78 -57.29
N GLY B 151 -79.85 0.52 -57.40
CA GLY B 151 -80.60 -0.26 -56.40
C GLY B 151 -80.77 -1.75 -56.79
N LEU B 152 -80.31 -2.14 -57.96
CA LEU B 152 -80.43 -3.52 -58.45
C LEU B 152 -79.26 -4.35 -57.90
N ASP B 153 -79.46 -5.63 -57.64
CA ASP B 153 -78.39 -6.49 -57.14
C ASP B 153 -77.26 -6.49 -58.19
N LEU B 154 -76.03 -6.71 -57.74
CA LEU B 154 -74.89 -6.90 -58.62
C LEU B 154 -75.14 -7.93 -59.75
N VAL B 155 -75.95 -8.93 -59.52
CA VAL B 155 -76.12 -9.92 -60.59
C VAL B 155 -77.26 -9.62 -61.58
N GLU B 156 -78.01 -8.55 -61.29
CA GLU B 156 -79.08 -8.20 -62.21
C GLU B 156 -78.50 -7.40 -63.37
N LYS B 157 -77.64 -8.06 -64.14
CA LYS B 157 -76.86 -7.34 -65.16
C LYS B 157 -77.68 -6.82 -66.33
N ARG B 158 -78.55 -7.64 -66.94
CA ARG B 158 -79.55 -7.20 -67.95
C ARG B 158 -80.39 -5.99 -67.61
N LEU B 159 -81.04 -6.04 -66.45
CA LEU B 159 -81.82 -4.91 -65.95
C LEU B 159 -81.06 -3.62 -65.69
N LYS B 160 -79.84 -3.72 -65.16
CA LYS B 160 -78.99 -2.57 -65.03
C LYS B 160 -78.49 -2.03 -66.40
N GLU B 161 -78.18 -2.89 -67.35
CA GLU B 161 -77.85 -2.36 -68.67
C GLU B 161 -79.02 -1.58 -69.26
N LYS B 162 -80.21 -2.03 -69.01
CA LYS B 162 -81.36 -1.40 -69.60
C LYS B 162 -81.58 -0.04 -68.90
N SER B 163 -81.47 0.00 -67.56
CA SER B 163 -81.67 1.28 -66.87
C SER B 163 -80.56 2.27 -67.15
N GLU B 164 -79.32 1.79 -67.28
CA GLU B 164 -78.20 2.64 -67.73
C GLU B 164 -78.43 3.26 -69.09
N GLU B 165 -79.07 2.52 -69.97
CA GLU B 165 -79.30 3.05 -71.25
C GLU B 165 -80.38 4.15 -71.18
N PHE B 166 -81.38 3.95 -70.32
CA PHE B 166 -82.37 4.99 -70.13
C PHE B 166 -81.74 6.23 -69.51
N THR B 167 -80.86 6.04 -68.54
CA THR B 167 -80.20 7.17 -67.91
C THR B 167 -79.47 8.00 -68.95
N LYS B 168 -78.73 7.32 -69.81
CA LYS B 168 -77.95 7.97 -70.81
C LYS B 168 -78.82 8.77 -71.79
N HIS B 169 -79.93 8.16 -72.25
CA HIS B 169 -80.88 8.84 -73.15
C HIS B 169 -81.52 10.13 -72.56
N PHE B 170 -81.94 10.03 -71.29
CA PHE B 170 -82.46 11.21 -70.60
C PHE B 170 -81.44 12.36 -70.35
N GLU B 171 -80.20 12.00 -70.01
CA GLU B 171 -79.14 12.98 -69.89
C GLU B 171 -78.87 13.69 -71.23
N GLN B 172 -78.83 12.94 -72.32
CA GLN B 172 -78.55 13.53 -73.63
C GLN B 172 -79.70 14.41 -74.05
N PHE B 173 -80.92 13.97 -73.76
CA PHE B 173 -82.11 14.81 -74.01
C PHE B 173 -82.00 16.10 -73.21
N TYR B 174 -81.60 16.00 -71.95
CA TYR B 174 -81.46 17.20 -71.12
C TYR B 174 -80.50 18.22 -71.77
N LEU B 175 -79.33 17.73 -72.18
CA LEU B 175 -78.33 18.55 -72.84
C LEU B 175 -78.86 19.27 -74.06
N LYS B 176 -79.68 18.57 -74.83
CA LYS B 176 -80.33 19.18 -75.98
C LYS B 176 -81.35 20.27 -75.58
N ALA B 177 -82.14 19.96 -74.56
CA ALA B 177 -83.09 20.92 -74.03
C ALA B 177 -82.39 22.20 -73.56
N VAL B 178 -81.23 22.03 -72.93
CA VAL B 178 -80.46 23.17 -72.47
C VAL B 178 -80.09 24.13 -73.61
N GLU B 179 -79.66 23.54 -74.72
CA GLU B 179 -79.26 24.34 -75.88
C GLU B 179 -80.45 24.97 -76.55
N MET B 180 -81.53 24.18 -76.71
CA MET B 180 -82.72 24.70 -77.33
C MET B 180 -83.30 25.86 -76.53
N THR B 181 -83.15 25.85 -75.20
CA THR B 181 -83.53 27.01 -74.38
C THR B 181 -82.78 28.28 -74.73
N GLY B 182 -81.47 28.17 -74.87
CA GLY B 182 -80.66 29.18 -75.50
C GLY B 182 -81.13 29.68 -76.86
N TYR B 183 -81.61 28.81 -77.74
CA TYR B 183 -82.13 29.25 -79.05
C TYR B 183 -83.35 30.18 -78.91
N LEU B 184 -84.13 30.00 -77.85
CA LEU B 184 -85.26 30.91 -77.59
C LEU B 184 -84.85 32.39 -77.57
N ARG B 185 -83.55 32.68 -77.42
CA ARG B 185 -83.12 34.08 -77.37
C ARG B 185 -83.27 34.74 -78.74
N THR B 186 -83.40 33.93 -79.78
CA THR B 186 -83.72 34.44 -81.11
C THR B 186 -85.15 35.01 -81.11
N GLU B 187 -85.86 34.82 -80.00
CA GLU B 187 -87.30 35.13 -79.93
C GLU B 187 -88.23 34.30 -80.83
N LEU B 188 -87.75 33.22 -81.43
CA LEU B 188 -88.62 32.28 -82.11
C LEU B 188 -88.82 31.23 -81.04
N HIS B 189 -90.07 30.98 -80.60
CA HIS B 189 -90.30 30.19 -79.35
C HIS B 189 -90.82 28.79 -79.62
N HIS B 190 -91.26 28.61 -80.86
CA HIS B 190 -91.70 27.34 -81.33
C HIS B 190 -91.03 27.27 -82.71
N PHE B 191 -90.44 26.12 -83.01
CA PHE B 191 -89.78 25.92 -84.29
C PHE B 191 -89.74 24.39 -84.45
N PRO B 192 -89.64 23.90 -85.70
CA PRO B 192 -89.73 22.45 -85.92
C PRO B 192 -88.78 21.54 -85.12
N ALA B 193 -87.53 21.92 -84.88
CA ALA B 193 -86.61 21.03 -84.15
C ALA B 193 -87.05 20.86 -82.68
N LEU B 194 -87.65 21.90 -82.14
CA LEU B 194 -88.21 21.76 -80.81
C LEU B 194 -89.44 20.84 -80.75
N LYS B 195 -90.41 20.99 -81.67
CA LYS B 195 -91.56 20.10 -81.73
C LYS B 195 -91.18 18.61 -81.91
N LYS B 196 -90.27 18.36 -82.83
CA LYS B 196 -89.72 16.99 -83.05
C LYS B 196 -89.07 16.47 -81.77
N PHE B 197 -88.29 17.33 -81.11
CA PHE B 197 -87.63 16.99 -79.87
C PHE B 197 -88.64 16.53 -78.82
N THR B 198 -89.64 17.35 -78.57
CA THR B 198 -90.65 16.96 -77.59
C THR B 198 -91.31 15.60 -77.94
N LYS B 199 -91.54 15.36 -79.23
CA LYS B 199 -92.00 14.06 -79.66
C LYS B 199 -91.04 12.91 -79.38
N ASP B 200 -89.73 13.08 -79.64
CA ASP B 200 -88.76 12.02 -79.36
C ASP B 200 -88.73 11.70 -77.86
N VAL B 201 -88.74 12.77 -77.04
CA VAL B 201 -88.85 12.61 -75.59
C VAL B 201 -90.09 11.82 -75.22
N SER B 202 -91.24 12.16 -75.80
CA SER B 202 -92.48 11.47 -75.40
C SER B 202 -92.42 9.99 -75.70
N LEU B 203 -91.79 9.64 -76.81
CA LEU B 203 -91.65 8.27 -77.18
C LEU B 203 -90.74 7.56 -76.18
N GLU B 204 -89.63 8.17 -75.82
CA GLU B 204 -88.75 7.60 -74.81
C GLU B 204 -89.42 7.44 -73.43
N LEU B 205 -90.24 8.42 -73.04
CA LEU B 205 -91.00 8.32 -71.78
C LEU B 205 -91.99 7.18 -71.83
N LYS B 206 -92.54 6.88 -73.01
CA LYS B 206 -93.46 5.74 -73.14
C LYS B 206 -92.71 4.44 -72.97
N LEU B 207 -91.54 4.32 -73.62
CA LEU B 207 -90.67 3.15 -73.43
C LEU B 207 -90.29 2.96 -71.94
N PHE B 208 -89.94 4.06 -71.30
CA PHE B 208 -89.44 4.03 -69.93
C PHE B 208 -90.59 3.68 -68.93
N SER B 209 -91.80 4.16 -69.21
CA SER B 209 -92.99 3.77 -68.45
C SER B 209 -93.21 2.25 -68.53
N HIS B 210 -93.09 1.68 -69.72
CA HIS B 210 -93.26 0.22 -69.85
CA HIS B 210 -93.24 0.22 -69.88
C HIS B 210 -92.22 -0.49 -69.01
N PHE B 211 -91.00 -0.05 -69.09
CA PHE B 211 -89.93 -0.56 -68.23
C PHE B 211 -90.18 -0.42 -66.72
N LEU B 212 -90.72 0.74 -66.30
CA LEU B 212 -91.06 0.95 -64.87
C LEU B 212 -92.20 -0.03 -64.50
N HIS B 213 -93.15 -0.28 -65.38
CA HIS B 213 -94.25 -1.24 -65.02
C HIS B 213 -93.74 -2.65 -64.90
N GLU B 214 -92.81 -3.00 -65.77
CA GLU B 214 -92.15 -4.30 -65.68
C GLU B 214 -91.38 -4.42 -64.35
N VAL B 215 -90.65 -3.38 -63.98
CA VAL B 215 -89.92 -3.40 -62.72
C VAL B 215 -90.92 -3.49 -61.53
N GLU B 216 -91.99 -2.72 -61.60
CA GLU B 216 -93.03 -2.81 -60.60
C GLU B 216 -93.52 -4.25 -60.45
N GLU B 217 -93.83 -4.92 -61.56
CA GLU B 217 -94.27 -6.32 -61.50
C GLU B 217 -93.22 -7.29 -60.96
N LEU B 218 -91.97 -7.08 -61.34
CA LEU B 218 -90.88 -7.86 -60.77
C LEU B 218 -90.78 -7.71 -59.25
N GLU B 219 -90.92 -6.48 -58.79
CA GLU B 219 -90.90 -6.23 -57.37
C GLU B 219 -92.10 -6.87 -56.67
N LEU B 220 -93.32 -6.71 -57.22
CA LEU B 220 -94.48 -7.27 -56.57
C LEU B 220 -94.38 -8.81 -56.36
N SER B 221 -93.73 -9.46 -57.31
CA SER B 221 -93.64 -10.91 -57.32
C SER B 221 -92.31 -11.36 -56.77
N ASN B 222 -91.46 -10.45 -56.30
CA ASN B 222 -90.16 -10.80 -55.71
C ASN B 222 -89.22 -11.48 -56.69
N GLU B 223 -89.43 -11.19 -57.98
CA GLU B 223 -88.71 -11.86 -59.07
C GLU B 223 -87.45 -11.14 -59.45
N VAL B 224 -87.22 -9.99 -58.82
CA VAL B 224 -86.01 -9.19 -59.04
C VAL B 224 -85.23 -9.02 -57.74
N LEU B 225 -83.90 -9.02 -57.80
CA LEU B 225 -83.10 -8.87 -56.60
C LEU B 225 -82.73 -7.42 -56.55
N SER B 226 -83.03 -6.77 -55.43
CA SER B 226 -82.87 -5.33 -55.37
C SER B 226 -83.19 -4.76 -53.97
N VAL B 227 -82.91 -3.48 -53.78
CA VAL B 227 -83.39 -2.75 -52.59
C VAL B 227 -84.41 -1.72 -53.05
N LEU B 228 -85.07 -1.96 -54.19
CA LEU B 228 -86.11 -1.06 -54.69
C LEU B 228 -87.45 -1.60 -54.16
N SER B 229 -88.52 -0.86 -54.36
CA SER B 229 -89.82 -1.37 -53.95
C SER B 229 -90.76 -1.14 -55.09
N ALA B 230 -91.88 -1.84 -55.06
CA ALA B 230 -92.91 -1.61 -56.04
C ALA B 230 -93.49 -0.20 -55.93
N ARG B 231 -93.62 0.31 -54.73
CA ARG B 231 -94.22 1.63 -54.55
C ARG B 231 -93.39 2.67 -55.21
N MET B 232 -92.06 2.52 -55.14
CA MET B 232 -91.15 3.45 -55.82
C MET B 232 -91.29 3.37 -57.36
N ALA B 233 -91.37 2.14 -57.90
CA ALA B 233 -91.64 1.99 -59.33
C ALA B 233 -92.99 2.63 -59.74
N ASP B 234 -94.01 2.42 -58.95
CA ASP B 234 -95.29 3.06 -59.21
C ASP B 234 -95.16 4.59 -59.18
N HIS B 235 -94.53 5.10 -58.13
CA HIS B 235 -94.27 6.54 -57.99
C HIS B 235 -93.53 7.13 -59.21
N MET B 236 -92.43 6.48 -59.63
CA MET B 236 -91.69 6.94 -60.83
C MET B 236 -92.58 6.99 -62.05
N ALA B 237 -93.40 5.97 -62.24
CA ALA B 237 -94.24 5.87 -63.43
C ALA B 237 -95.32 6.93 -63.40
N ARG B 238 -95.84 7.25 -62.21
CA ARG B 238 -96.84 8.36 -62.10
C ARG B 238 -96.28 9.71 -62.47
N GLU B 239 -95.08 10.02 -61.96
CA GLU B 239 -94.36 11.22 -62.39
C GLU B 239 -94.07 11.27 -63.90
N GLU B 240 -93.59 10.16 -64.49
CA GLU B 240 -93.33 10.15 -65.94
C GLU B 240 -94.62 10.43 -66.70
N CYS B 241 -95.75 9.92 -66.19
CA CYS B 241 -97.02 10.15 -66.85
C CYS B 241 -97.45 11.64 -66.80
N TYR B 242 -97.17 12.29 -65.66
CA TYR B 242 -97.47 13.73 -65.46
C TYR B 242 -96.65 14.58 -66.45
N TYR B 243 -95.37 14.26 -66.52
CA TYR B 243 -94.46 14.86 -67.50
C TYR B 243 -94.99 14.71 -68.96
N LEU B 244 -95.31 13.49 -69.37
CA LEU B 244 -95.91 13.21 -70.64
C LEU B 244 -97.18 14.05 -70.90
N LEU B 245 -98.08 14.08 -69.93
CA LEU B 245 -99.35 14.84 -70.07
C LEU B 245 -99.08 16.34 -70.35
N LYS B 246 -98.19 16.91 -69.53
CA LYS B 246 -97.76 18.30 -69.72
C LYS B 246 -97.08 18.56 -71.07
N LEU B 247 -96.25 17.63 -71.52
CA LEU B 247 -95.66 17.76 -72.84
C LEU B 247 -96.73 17.72 -73.92
N ALA B 248 -97.74 16.84 -73.77
CA ALA B 248 -98.83 16.75 -74.76
C ALA B 248 -99.66 18.01 -74.80
N GLN B 249 -100.01 18.51 -73.64
CA GLN B 249 -100.75 19.77 -73.58
C GLN B 249 -99.95 20.99 -74.07
N SER B 250 -98.67 21.08 -73.71
CA SER B 250 -97.91 22.26 -74.01
C SER B 250 -97.46 22.22 -75.45
N SER B 251 -97.21 21.03 -76.00
CA SER B 251 -96.63 20.94 -77.34
C SER B 251 -97.64 20.69 -78.45
N GLY B 252 -98.86 20.25 -78.09
CA GLY B 252 -99.86 19.91 -79.07
C GLY B 252 -99.82 18.46 -79.53
N LEU B 253 -99.57 17.52 -78.63
CA LEU B 253 -99.54 16.09 -79.02
C LEU B 253 -100.73 15.36 -78.46
N GLU B 254 -100.93 14.14 -78.95
CA GLU B 254 -101.92 13.20 -78.42
C GLU B 254 -101.75 12.93 -76.91
N MET B 255 -102.84 12.96 -76.15
CA MET B 255 -102.78 12.79 -74.70
C MET B 255 -102.36 11.38 -74.28
N PRO B 256 -101.58 11.28 -73.19
CA PRO B 256 -101.10 9.92 -72.90
C PRO B 256 -102.16 9.00 -72.26
N LYS B 257 -102.02 7.70 -72.43
CA LYS B 257 -102.98 6.82 -71.79
C LYS B 257 -102.28 6.31 -70.53
N CYS B 258 -102.26 7.16 -69.50
CA CYS B 258 -101.73 6.74 -68.23
C CYS B 258 -102.37 7.66 -67.24
N ASN B 259 -102.50 7.17 -66.01
CA ASN B 259 -103.08 7.94 -64.91
C ASN B 259 -101.99 8.45 -63.94
N PRO B 260 -101.74 9.77 -63.92
CA PRO B 260 -100.74 10.28 -62.96
C PRO B 260 -101.10 10.14 -61.50
N LEU B 261 -102.38 9.96 -61.22
CA LEU B 261 -102.91 9.88 -59.83
C LEU B 261 -102.78 8.54 -59.15
N GLU B 262 -102.75 7.47 -59.94
CA GLU B 262 -102.89 6.19 -59.34
C GLU B 262 -102.48 5.10 -60.31
N GLY B 263 -101.65 4.17 -59.85
CA GLY B 263 -101.13 3.09 -60.70
C GLY B 263 -102.07 1.91 -60.80
N HIS B 264 -101.70 0.93 -61.61
CA HIS B 264 -102.62 -0.20 -61.83
C HIS B 264 -102.68 -1.15 -60.62
N HIS B 265 -101.70 -1.09 -59.73
CA HIS B 265 -101.70 -2.04 -58.61
C HIS B 265 -101.80 -1.41 -57.24
N HIS B 266 -101.15 -0.29 -57.04
CA HIS B 266 -101.12 0.33 -55.72
CA HIS B 266 -101.08 0.35 -55.72
C HIS B 266 -102.37 1.14 -55.37
N HIS B 267 -103.42 0.44 -54.93
CA HIS B 267 -104.71 1.04 -54.52
C HIS B 267 -105.54 -0.04 -53.86
N HIS B 268 -106.70 0.33 -53.31
CA HIS B 268 -107.52 -0.62 -52.58
C HIS B 268 -108.99 -0.65 -52.99
N HIS B 269 -109.28 -0.52 -54.31
CA HIS B 269 -110.66 -0.58 -54.77
C HIS B 269 -110.91 -1.81 -55.63
N LEU C 3 -40.00 11.83 4.77
CA LEU C 3 -38.96 11.53 3.71
C LEU C 3 -39.56 11.07 2.36
N GLU C 4 -38.89 11.41 1.26
CA GLU C 4 -39.43 11.03 -0.05
C GLU C 4 -39.51 9.49 -0.15
N ARG C 5 -40.63 9.02 -0.69
CA ARG C 5 -40.92 7.59 -0.80
C ARG C 5 -40.19 6.95 -2.00
N ASN C 6 -39.51 5.82 -1.75
CA ASN C 6 -38.83 5.03 -2.79
C ASN C 6 -39.44 3.62 -3.00
N TYR C 7 -39.12 3.01 -4.13
CA TYR C 7 -39.75 1.75 -4.51
C TYR C 7 -39.54 0.63 -3.49
N GLU C 8 -38.31 0.46 -3.01
CA GLU C 8 -37.92 -0.73 -2.25
C GLU C 8 -38.73 -0.81 -0.95
N GLU C 9 -38.72 0.29 -0.22
CA GLU C 9 -39.35 0.39 1.08
C GLU C 9 -40.86 0.44 0.95
N SER C 10 -41.32 1.14 -0.09
CA SER C 10 -42.75 1.26 -0.36
C SER C 10 -43.36 -0.12 -0.74
N ALA C 11 -42.79 -0.78 -1.75
CA ALA C 11 -43.15 -2.15 -2.07
C ALA C 11 -43.16 -3.09 -0.85
N LEU C 12 -42.10 -3.11 -0.06
CA LEU C 12 -42.03 -4.02 1.05
C LEU C 12 -43.07 -3.74 2.09
N PHE C 13 -43.25 -2.46 2.38
CA PHE C 13 -44.22 -2.04 3.38
C PHE C 13 -45.61 -2.45 2.92
N GLU C 14 -45.97 -2.17 1.66
CA GLU C 14 -47.32 -2.43 1.15
C GLU C 14 -47.60 -3.93 1.11
N HIS C 15 -46.65 -4.70 0.59
CA HIS C 15 -46.83 -6.14 0.60
C HIS C 15 -47.00 -6.72 1.97
N GLN C 16 -46.12 -6.34 2.89
CA GLN C 16 -46.18 -6.92 4.20
C GLN C 16 -47.47 -6.51 4.88
N PHE C 17 -47.89 -5.27 4.70
CA PHE C 17 -49.16 -4.84 5.31
C PHE C 17 -50.32 -5.68 4.76
N TRP C 18 -50.47 -5.66 3.44
CA TRP C 18 -51.60 -6.23 2.76
C TRP C 18 -51.59 -7.75 2.75
N LEU C 19 -50.43 -8.41 2.67
CA LEU C 19 -50.44 -9.89 2.71
C LEU C 19 -50.74 -10.45 4.10
N LYS C 20 -50.35 -9.74 5.14
CA LYS C 20 -50.77 -10.10 6.46
C LYS C 20 -52.30 -9.89 6.70
N VAL C 21 -52.80 -8.76 6.23
CA VAL C 21 -54.22 -8.48 6.21
C VAL C 21 -55.00 -9.60 5.49
N LEU C 22 -54.52 -10.05 4.32
CA LEU C 22 -55.24 -11.07 3.56
C LEU C 22 -55.05 -12.44 4.19
N THR C 23 -53.91 -12.67 4.84
CA THR C 23 -53.74 -13.91 5.60
C THR C 23 -54.83 -13.95 6.69
N ASP C 24 -54.96 -12.85 7.43
CA ASP C 24 -55.99 -12.68 8.47
C ASP C 24 -57.41 -12.98 7.93
N HIS C 25 -57.79 -12.36 6.82
CA HIS C 25 -59.12 -12.56 6.23
C HIS C 25 -59.37 -14.02 5.95
N ALA C 26 -58.35 -14.65 5.36
CA ALA C 26 -58.46 -16.06 5.00
C ALA C 26 -58.67 -16.88 6.26
N GLN C 27 -57.90 -16.60 7.31
CA GLN C 27 -58.06 -17.28 8.59
C GLN C 27 -59.40 -17.04 9.28
N PHE C 28 -59.91 -15.82 9.22
CA PHE C 28 -61.18 -15.48 9.87
C PHE C 28 -62.30 -16.18 9.19
N LEU C 29 -62.25 -16.21 7.87
CA LEU C 29 -63.27 -16.89 7.04
C LEU C 29 -63.26 -18.39 7.30
N LEU C 30 -62.07 -18.99 7.27
CA LEU C 30 -61.90 -20.39 7.61
C LEU C 30 -62.62 -20.68 8.93
N ASP C 31 -62.29 -19.93 9.98
CA ASP C 31 -62.86 -20.17 11.32
C ASP C 31 -64.36 -19.90 11.44
N ALA C 32 -64.88 -19.10 10.53
CA ALA C 32 -66.27 -18.67 10.52
C ALA C 32 -67.20 -19.58 9.73
N LEU C 33 -66.63 -20.45 8.89
CA LEU C 33 -67.45 -21.41 8.10
C LEU C 33 -68.00 -22.52 8.99
N ALA C 34 -69.24 -22.96 8.75
CA ALA C 34 -69.75 -24.10 9.55
C ALA C 34 -68.98 -25.33 9.07
N PRO C 35 -68.81 -26.32 9.93
CA PRO C 35 -67.99 -27.45 9.56
C PRO C 35 -68.53 -28.22 8.34
N LYS C 36 -69.79 -28.07 8.00
CA LYS C 36 -70.33 -28.81 6.84
C LYS C 36 -69.91 -28.20 5.52
N GLU C 37 -69.34 -27.01 5.57
CA GLU C 37 -68.97 -26.30 4.33
C GLU C 37 -67.60 -26.73 3.82
N LYS C 38 -67.42 -28.03 3.61
CA LYS C 38 -66.10 -28.63 3.29
C LYS C 38 -65.36 -27.94 2.15
N GLU C 39 -66.09 -27.56 1.12
CA GLU C 39 -65.42 -27.05 -0.08
C GLU C 39 -64.87 -25.64 0.15
N ASP C 40 -65.58 -24.86 0.94
CA ASP C 40 -65.15 -23.51 1.24
C ASP C 40 -64.07 -23.52 2.30
N ILE C 41 -64.16 -24.43 3.25
CA ILE C 41 -63.08 -24.67 4.24
C ILE C 41 -61.76 -25.04 3.55
N LYS C 42 -61.85 -25.86 2.50
CA LYS C 42 -60.68 -26.26 1.71
C LYS C 42 -60.09 -25.06 0.96
N LYS C 43 -60.97 -24.23 0.39
CA LYS C 43 -60.49 -23.04 -0.24
C LYS C 43 -59.85 -22.08 0.77
N ALA C 44 -60.52 -21.83 1.91
CA ALA C 44 -59.97 -20.89 2.90
C ALA C 44 -58.62 -21.38 3.45
N THR C 45 -58.45 -22.69 3.60
CA THR C 45 -57.21 -23.22 4.16
C THR C 45 -56.08 -23.00 3.14
N TYR C 46 -56.40 -23.17 1.87
CA TYR C 46 -55.47 -22.89 0.77
C TYR C 46 -55.08 -21.41 0.80
N PHE C 47 -56.06 -20.54 1.02
CA PHE C 47 -55.75 -19.11 1.18
C PHE C 47 -54.92 -18.77 2.43
N VAL C 48 -55.17 -19.42 3.56
CA VAL C 48 -54.30 -19.19 4.73
C VAL C 48 -52.83 -19.58 4.42
N GLU C 49 -52.67 -20.77 3.79
CA GLU C 49 -51.35 -21.27 3.45
C GLU C 49 -50.71 -20.34 2.40
N THR C 50 -51.47 -19.97 1.38
CA THR C 50 -50.97 -19.12 0.29
C THR C 50 -50.45 -17.74 0.77
N PHE C 51 -51.28 -16.99 1.49
CA PHE C 51 -50.84 -15.67 1.96
C PHE C 51 -49.79 -15.69 3.08
N THR C 52 -49.84 -16.71 3.94
CA THR C 52 -48.78 -16.86 4.95
C THR C 52 -47.46 -17.10 4.20
N ASN C 53 -47.52 -17.86 3.12
CA ASN C 53 -46.32 -18.05 2.33
C ASN C 53 -45.84 -16.74 1.70
N LEU C 54 -46.73 -16.07 0.99
CA LEU C 54 -46.36 -14.83 0.29
C LEU C 54 -45.90 -13.75 1.27
N LEU C 55 -46.53 -13.69 2.45
CA LEU C 55 -46.14 -12.72 3.48
C LEU C 55 -44.65 -12.88 3.89
N ASN C 56 -44.25 -14.13 4.09
CA ASN C 56 -42.95 -14.46 4.55
C ASN C 56 -41.94 -14.54 3.41
N LYS C 57 -42.40 -14.64 2.18
CA LYS C 57 -41.44 -14.65 1.10
C LYS C 57 -41.03 -13.29 0.48
N VAL C 58 -41.86 -12.25 0.67
CA VAL C 58 -41.55 -10.98 0.08
C VAL C 58 -40.23 -10.46 0.67
N ARG C 59 -39.32 -10.02 -0.19
CA ARG C 59 -38.08 -9.40 0.25
C ARG C 59 -37.56 -8.57 -0.90
N ASN C 60 -36.43 -7.91 -0.71
CA ASN C 60 -35.91 -7.00 -1.74
C ASN C 60 -35.26 -7.65 -2.98
N VAL C 61 -35.62 -8.91 -3.28
CA VAL C 61 -35.18 -9.66 -4.47
C VAL C 61 -36.40 -9.96 -5.39
N ASN C 62 -36.28 -9.61 -6.68
CA ASN C 62 -37.34 -9.78 -7.66
C ASN C 62 -38.71 -9.27 -7.19
N LEU C 63 -38.75 -8.02 -6.71
CA LEU C 63 -40.02 -7.42 -6.23
C LEU C 63 -41.07 -7.24 -7.31
N MET C 64 -40.68 -6.91 -8.55
CA MET C 64 -41.72 -6.69 -9.57
C MET C 64 -42.37 -8.03 -9.92
N ALA C 65 -41.54 -9.08 -10.08
CA ALA C 65 -42.06 -10.41 -10.32
C ALA C 65 -42.92 -10.87 -9.14
N PHE C 66 -42.49 -10.58 -7.92
CA PHE C 66 -43.24 -11.00 -6.75
C PHE C 66 -44.62 -10.38 -6.79
N SER C 67 -44.69 -9.13 -7.24
CA SER C 67 -45.95 -8.39 -7.41
C SER C 67 -46.99 -9.12 -8.25
N LYS C 68 -46.54 -9.73 -9.35
CA LYS C 68 -47.48 -10.46 -10.19
C LYS C 68 -48.00 -11.72 -9.50
N GLU C 69 -47.14 -12.36 -8.72
CA GLU C 69 -47.56 -13.54 -7.95
C GLU C 69 -48.57 -13.11 -6.87
N ALA C 70 -48.28 -11.98 -6.21
CA ALA C 70 -49.14 -11.37 -5.17
C ALA C 70 -50.47 -11.01 -5.79
N GLU C 71 -50.41 -10.36 -6.93
CA GLU C 71 -51.65 -10.00 -7.61
C GLU C 71 -52.56 -11.18 -7.95
N GLN C 72 -51.99 -12.26 -8.50
CA GLN C 72 -52.78 -13.42 -8.81
C GLN C 72 -53.49 -13.93 -7.57
N ALA C 73 -52.79 -13.98 -6.45
CA ALA C 73 -53.38 -14.56 -5.22
C ALA C 73 -54.53 -13.67 -4.75
N ALA C 74 -54.31 -12.37 -4.84
CA ALA C 74 -55.28 -11.36 -4.38
C ALA C 74 -56.58 -11.40 -5.19
N LYS C 75 -56.43 -11.55 -6.52
CA LYS C 75 -57.57 -11.73 -7.38
C LYS C 75 -58.34 -12.99 -7.06
N GLU C 76 -57.62 -14.05 -6.68
CA GLU C 76 -58.29 -15.28 -6.37
C GLU C 76 -59.05 -15.17 -5.07
N ILE C 77 -58.45 -14.63 -4.02
CA ILE C 77 -59.22 -14.43 -2.75
C ILE C 77 -60.37 -13.47 -2.95
N ARG C 78 -60.22 -12.49 -3.82
CA ARG C 78 -61.36 -11.62 -4.10
C ARG C 78 -62.56 -12.39 -4.66
N ALA C 79 -62.31 -13.23 -5.67
CA ALA C 79 -63.34 -14.04 -6.28
C ALA C 79 -63.98 -14.96 -5.21
N PHE C 80 -63.18 -15.51 -4.32
CA PHE C 80 -63.69 -16.38 -3.23
C PHE C 80 -64.63 -15.57 -2.29
N LYS C 81 -64.18 -14.41 -1.83
CA LYS C 81 -65.05 -13.59 -1.02
C LYS C 81 -66.35 -13.24 -1.75
N LEU C 82 -66.25 -12.89 -3.02
CA LEU C 82 -67.44 -12.48 -3.77
C LEU C 82 -68.38 -13.67 -3.98
N ASN C 83 -67.80 -14.86 -4.12
CA ASN C 83 -68.61 -16.10 -4.22
C ASN C 83 -69.27 -16.40 -2.89
N ILE C 84 -68.59 -16.11 -1.78
CA ILE C 84 -69.25 -16.29 -0.53
C ILE C 84 -70.44 -15.34 -0.37
N ILE C 85 -70.23 -14.06 -0.67
CA ILE C 85 -71.32 -13.10 -0.62
C ILE C 85 -72.46 -13.54 -1.51
N GLN C 86 -72.13 -13.99 -2.72
CA GLN C 86 -73.19 -14.44 -3.62
C GLN C 86 -74.08 -15.50 -2.96
N LYS C 87 -73.48 -16.53 -2.39
CA LYS C 87 -74.24 -17.58 -1.76
C LYS C 87 -75.00 -17.13 -0.51
N GLN C 88 -74.55 -16.08 0.15
CA GLN C 88 -75.25 -15.63 1.33
C GLN C 88 -76.51 -15.01 0.86
N LEU C 89 -76.39 -14.17 -0.15
CA LEU C 89 -77.55 -13.54 -0.76
C LEU C 89 -78.53 -14.52 -1.35
N GLU C 90 -78.09 -15.75 -1.60
CA GLU C 90 -79.00 -16.77 -2.14
C GLU C 90 -79.28 -17.81 -1.09
N GLY C 91 -78.87 -17.60 0.17
CA GLY C 91 -79.15 -18.58 1.23
C GLY C 91 -78.48 -19.92 0.99
N LYS C 92 -77.28 -19.90 0.42
CA LYS C 92 -76.61 -21.14 0.09
C LYS C 92 -75.36 -21.47 0.88
N ILE C 93 -75.16 -20.81 2.01
CA ILE C 93 -73.92 -21.09 2.78
C ILE C 93 -74.11 -20.75 4.25
N THR C 94 -73.50 -21.52 5.14
CA THR C 94 -73.54 -21.14 6.54
C THR C 94 -72.16 -20.62 6.93
N ILE C 95 -72.08 -19.30 7.19
CA ILE C 95 -70.81 -18.70 7.64
C ILE C 95 -71.13 -17.64 8.68
N HIS C 96 -70.30 -17.50 9.71
CA HIS C 96 -70.64 -16.56 10.75
C HIS C 96 -70.14 -15.14 10.58
N PHE C 97 -70.04 -14.68 9.32
CA PHE C 97 -69.85 -13.24 9.04
C PHE C 97 -71.02 -12.75 8.22
N THR C 98 -71.47 -11.53 8.47
CA THR C 98 -72.56 -10.94 7.66
C THR C 98 -72.01 -10.43 6.30
N PRO C 99 -72.86 -10.32 5.24
CA PRO C 99 -72.38 -9.86 3.95
C PRO C 99 -71.60 -8.60 3.98
N THR C 100 -72.01 -7.65 4.80
CA THR C 100 -71.35 -6.35 4.75
C THR C 100 -69.86 -6.48 5.17
N PHE C 101 -69.60 -7.26 6.21
CA PHE C 101 -68.23 -7.47 6.69
C PHE C 101 -67.38 -8.09 5.56
N ILE C 102 -67.91 -9.08 4.86
CA ILE C 102 -67.13 -9.70 3.81
C ILE C 102 -67.05 -8.71 2.63
N ASN C 103 -68.09 -7.89 2.44
CA ASN C 103 -68.02 -6.79 1.49
C ASN C 103 -66.85 -5.81 1.80
N HIS C 104 -66.62 -5.54 3.08
CA HIS C 104 -65.48 -4.71 3.46
C HIS C 104 -64.14 -5.39 3.15
N MET C 105 -64.05 -6.71 3.36
CA MET C 105 -62.87 -7.46 2.91
C MET C 105 -62.64 -7.32 1.41
N VAL C 106 -63.70 -7.34 0.60
CA VAL C 106 -63.54 -7.10 -0.83
C VAL C 106 -62.98 -5.68 -1.11
N ASN C 107 -63.58 -4.65 -0.48
CA ASN C 107 -63.04 -3.30 -0.58
C ASN C 107 -61.56 -3.28 -0.36
N GLU C 108 -61.12 -3.97 0.68
CA GLU C 108 -59.70 -4.01 1.07
C GLU C 108 -58.79 -4.68 0.06
N VAL C 109 -59.13 -5.89 -0.35
CA VAL C 109 -58.33 -6.59 -1.37
C VAL C 109 -58.30 -5.79 -2.68
N GLU C 110 -59.34 -5.01 -2.95
CA GLU C 110 -59.33 -4.12 -4.12
C GLU C 110 -58.35 -2.91 -3.98
N GLU C 111 -58.12 -2.46 -2.75
CA GLU C 111 -57.07 -1.50 -2.41
C GLU C 111 -55.63 -2.04 -2.63
N TYR C 112 -55.38 -3.27 -2.21
CA TYR C 112 -54.10 -3.89 -2.55
C TYR C 112 -53.90 -3.96 -4.06
N ILE C 113 -54.94 -4.40 -4.75
CA ILE C 113 -54.86 -4.63 -6.18
C ILE C 113 -54.60 -3.31 -6.89
N ALA C 114 -55.16 -2.23 -6.38
CA ALA C 114 -54.85 -0.89 -6.95
C ALA C 114 -53.38 -0.52 -6.72
N VAL C 115 -52.81 -0.84 -5.55
CA VAL C 115 -51.39 -0.54 -5.39
C VAL C 115 -50.49 -1.47 -6.21
N LEU C 116 -50.91 -2.71 -6.36
CA LEU C 116 -50.18 -3.67 -7.19
C LEU C 116 -50.07 -3.21 -8.62
N GLU C 117 -50.98 -2.35 -9.07
CA GLU C 117 -50.86 -1.87 -10.44
C GLU C 117 -49.53 -1.14 -10.58
N PHE C 118 -49.28 -0.24 -9.65
CA PHE C 118 -48.05 0.49 -9.59
C PHE C 118 -46.88 -0.44 -9.30
N LEU C 119 -46.94 -1.20 -8.21
CA LEU C 119 -45.83 -2.07 -7.83
C LEU C 119 -45.27 -2.99 -8.94
N LYS C 120 -46.13 -3.55 -9.78
CA LYS C 120 -45.64 -4.48 -10.78
C LYS C 120 -45.03 -3.82 -12.03
N LYS C 121 -45.15 -2.49 -12.11
CA LYS C 121 -44.47 -1.67 -13.12
C LYS C 121 -43.22 -1.04 -12.51
N GLY C 122 -42.93 -1.41 -11.28
CA GLY C 122 -41.80 -0.85 -10.58
C GLY C 122 -41.98 0.59 -10.17
N GLU C 123 -43.21 1.02 -9.92
CA GLU C 123 -43.46 2.39 -9.48
C GLU C 123 -43.92 2.46 -8.04
N VAL C 124 -43.47 3.51 -7.36
CA VAL C 124 -44.03 3.93 -6.09
C VAL C 124 -45.50 4.32 -6.33
N PRO C 125 -46.43 3.55 -5.73
CA PRO C 125 -47.84 3.93 -5.84
C PRO C 125 -48.00 5.31 -5.23
N PRO C 126 -48.77 6.18 -5.87
CA PRO C 126 -48.93 7.51 -5.26
C PRO C 126 -49.70 7.53 -3.91
N VAL C 127 -49.63 8.66 -3.21
CA VAL C 127 -50.49 8.85 -2.07
C VAL C 127 -51.70 9.58 -2.64
N PHE C 128 -52.87 8.99 -2.48
CA PHE C 128 -54.11 9.49 -3.14
C PHE C 128 -54.67 10.73 -2.40
N HIS C 129 -55.58 11.49 -3.01
CA HIS C 129 -56.29 12.57 -2.28
C HIS C 129 -56.88 11.97 -0.98
N GLU C 130 -56.78 12.70 0.13
CA GLU C 130 -57.29 12.20 1.41
C GLU C 130 -58.74 11.69 1.36
N LEU C 131 -59.60 12.29 0.54
CA LEU C 131 -60.98 11.83 0.37
C LEU C 131 -61.05 10.40 -0.21
N HIS C 132 -60.08 10.01 -1.06
CA HIS C 132 -60.02 8.60 -1.46
C HIS C 132 -60.02 7.67 -0.22
N TYR C 133 -59.11 7.96 0.72
CA TYR C 133 -58.93 7.13 1.91
C TYR C 133 -60.17 7.16 2.81
N HIS C 134 -60.74 8.34 2.97
CA HIS C 134 -61.98 8.47 3.72
C HIS C 134 -63.09 7.59 3.18
N LEU C 135 -63.31 7.68 1.88
CA LEU C 135 -64.38 6.96 1.27
C LEU C 135 -64.17 5.46 1.32
N VAL C 136 -62.92 5.01 1.46
CA VAL C 136 -62.65 3.56 1.66
C VAL C 136 -62.72 3.11 3.12
N TRP C 137 -62.09 3.89 4.01
CA TRP C 137 -61.85 3.34 5.32
C TRP C 137 -62.82 3.75 6.38
N LEU C 138 -63.71 4.70 6.09
CA LEU C 138 -64.68 5.13 7.09
C LEU C 138 -65.78 4.09 7.24
N THR C 139 -66.35 3.61 6.13
CA THR C 139 -67.27 2.48 6.30
C THR C 139 -66.56 1.25 6.91
N ASP C 140 -65.31 1.04 6.54
CA ASP C 140 -64.53 0.00 7.17
C ASP C 140 -64.45 0.16 8.70
N ALA C 141 -64.11 1.36 9.17
CA ALA C 141 -64.00 1.58 10.62
C ALA C 141 -65.39 1.37 11.27
N ALA C 142 -66.44 1.93 10.67
CA ALA C 142 -67.82 1.67 11.15
C ALA C 142 -68.13 0.18 11.23
N GLY C 143 -67.70 -0.60 10.26
CA GLY C 143 -67.96 -2.05 10.32
C GLY C 143 -67.13 -2.74 11.39
N HIS C 144 -65.89 -2.28 11.58
CA HIS C 144 -65.09 -2.78 12.71
C HIS C 144 -65.77 -2.54 14.03
N ALA C 145 -66.19 -1.32 14.28
CA ALA C 145 -66.85 -0.98 15.52
C ALA C 145 -68.15 -1.82 15.69
N GLY C 146 -68.98 -1.85 14.63
CA GLY C 146 -70.24 -2.66 14.57
C GLY C 146 -70.00 -4.15 14.75
N SER C 147 -68.90 -4.65 14.20
CA SER C 147 -68.58 -6.06 14.45
C SER C 147 -68.20 -6.42 15.91
N ILE C 148 -67.49 -5.53 16.58
CA ILE C 148 -67.26 -5.66 18.00
C ILE C 148 -68.60 -5.62 18.81
N SER C 149 -69.46 -4.64 18.52
CA SER C 149 -70.79 -4.59 19.14
C SER C 149 -71.55 -5.91 19.06
N GLY C 150 -71.61 -6.46 17.85
CA GLY C 150 -72.33 -7.70 17.61
C GLY C 150 -71.59 -8.88 18.16
N GLY C 151 -70.26 -8.77 18.26
CA GLY C 151 -69.48 -9.87 18.81
C GLY C 151 -69.46 -10.01 20.33
N LEU C 152 -69.91 -8.98 21.04
CA LEU C 152 -69.81 -8.96 22.50
C LEU C 152 -70.95 -9.79 23.11
N ASP C 153 -70.69 -10.49 24.21
CA ASP C 153 -71.78 -11.11 24.98
C ASP C 153 -72.94 -10.12 25.28
N LEU C 154 -74.17 -10.63 25.43
CA LEU C 154 -75.31 -9.83 25.86
C LEU C 154 -75.07 -8.93 27.09
N VAL C 155 -74.32 -9.43 28.08
CA VAL C 155 -74.07 -8.69 29.32
C VAL C 155 -72.94 -7.65 29.27
N GLU C 156 -72.16 -7.59 28.16
CA GLU C 156 -71.08 -6.57 28.03
C GLU C 156 -71.66 -5.25 27.57
N LYS C 157 -72.63 -4.73 28.32
CA LYS C 157 -73.40 -3.53 27.97
C LYS C 157 -72.51 -2.31 27.87
N ARG C 158 -71.59 -2.11 28.82
CA ARG C 158 -70.71 -0.92 28.72
C ARG C 158 -69.78 -0.91 27.49
N LEU C 159 -69.21 -2.07 27.17
CA LEU C 159 -68.37 -2.20 25.99
C LEU C 159 -69.18 -2.01 24.69
N LYS C 160 -70.38 -2.61 24.66
CA LYS C 160 -71.27 -2.42 23.55
C LYS C 160 -71.69 -0.96 23.39
N GLU C 161 -72.00 -0.25 24.47
CA GLU C 161 -72.30 1.16 24.26
C GLU C 161 -71.14 1.88 23.59
N LYS C 162 -69.93 1.60 24.02
CA LYS C 162 -68.76 2.30 23.53
C LYS C 162 -68.53 1.99 22.03
N SER C 163 -68.71 0.73 21.63
CA SER C 163 -68.51 0.46 20.20
C SER C 163 -69.64 0.94 19.29
N GLU C 164 -70.87 0.98 19.81
CA GLU C 164 -71.95 1.68 19.11
C GLU C 164 -71.64 3.15 18.93
N GLU C 165 -71.10 3.79 19.95
CA GLU C 165 -70.74 5.17 19.74
C GLU C 165 -69.66 5.41 18.64
N PHE C 166 -68.59 4.64 18.66
CA PHE C 166 -67.64 4.58 17.50
C PHE C 166 -68.33 4.27 16.17
N THR C 167 -69.22 3.27 16.13
CA THR C 167 -69.96 3.00 14.89
C THR C 167 -70.68 4.23 14.33
N LYS C 168 -71.47 4.87 15.18
CA LYS C 168 -72.13 6.12 14.86
C LYS C 168 -71.20 7.22 14.31
N HIS C 169 -70.12 7.53 15.05
CA HIS C 169 -69.20 8.58 14.65
C HIS C 169 -68.62 8.26 13.27
N PHE C 170 -68.14 7.03 13.08
CA PHE C 170 -67.57 6.74 11.76
C PHE C 170 -68.57 6.81 10.60
N GLU C 171 -69.81 6.32 10.84
CA GLU C 171 -70.87 6.41 9.83
C GLU C 171 -71.18 7.88 9.49
N GLN C 172 -71.21 8.72 10.52
CA GLN C 172 -71.51 10.16 10.39
C GLN C 172 -70.34 10.84 9.65
N PHE C 173 -69.10 10.45 9.97
CA PHE C 173 -67.96 10.96 9.18
C PHE C 173 -68.12 10.55 7.70
N TYR C 174 -68.54 9.31 7.47
CA TYR C 174 -68.69 8.88 6.09
C TYR C 174 -69.67 9.77 5.31
N LEU C 175 -70.80 10.11 5.94
CA LEU C 175 -71.85 10.89 5.26
C LEU C 175 -71.25 12.23 4.84
N LYS C 176 -70.40 12.78 5.72
CA LYS C 176 -69.67 14.02 5.50
C LYS C 176 -68.60 13.91 4.39
N ALA C 177 -67.80 12.85 4.43
CA ALA C 177 -66.89 12.50 3.31
C ALA C 177 -67.61 12.45 1.93
N VAL C 178 -68.79 11.85 1.95
CA VAL C 178 -69.62 11.78 0.75
C VAL C 178 -70.01 13.17 0.24
N GLU C 179 -70.56 14.03 1.10
CA GLU C 179 -70.90 15.40 0.68
C GLU C 179 -69.65 16.16 0.21
N MET C 180 -68.58 16.14 0.99
CA MET C 180 -67.35 16.86 0.58
C MET C 180 -66.83 16.33 -0.79
N THR C 181 -67.10 15.07 -1.09
CA THR C 181 -66.61 14.56 -2.36
C THR C 181 -67.30 15.30 -3.50
N GLY C 182 -68.59 15.59 -3.30
CA GLY C 182 -69.38 16.36 -4.25
C GLY C 182 -68.91 17.82 -4.34
N TYR C 183 -68.49 18.39 -3.22
CA TYR C 183 -67.95 19.75 -3.26
C TYR C 183 -66.72 19.81 -4.22
N LEU C 184 -65.98 18.71 -4.36
CA LEU C 184 -64.82 18.69 -5.28
C LEU C 184 -65.20 19.10 -6.69
N ARG C 185 -66.50 19.04 -7.02
CA ARG C 185 -66.99 19.37 -8.37
C ARG C 185 -66.73 20.82 -8.64
N THR C 186 -66.50 21.59 -7.58
CA THR C 186 -66.20 23.02 -7.75
C THR C 186 -64.82 23.19 -8.39
N GLU C 187 -64.06 22.10 -8.44
CA GLU C 187 -62.67 22.11 -8.88
C GLU C 187 -61.71 22.77 -7.84
N LEU C 188 -62.19 22.92 -6.61
CA LEU C 188 -61.38 23.28 -5.44
C LEU C 188 -61.20 21.96 -4.73
N HIS C 189 -59.98 21.44 -4.75
CA HIS C 189 -59.73 20.10 -4.18
C HIS C 189 -59.21 20.06 -2.74
N HIS C 190 -58.87 21.24 -2.23
CA HIS C 190 -58.40 21.38 -0.88
C HIS C 190 -59.00 22.70 -0.38
N PHE C 191 -59.65 22.64 0.78
CA PHE C 191 -60.27 23.79 1.38
C PHE C 191 -60.33 23.55 2.90
N PRO C 192 -60.42 24.61 3.72
CA PRO C 192 -60.20 24.47 5.14
C PRO C 192 -61.14 23.45 5.79
N ALA C 193 -62.39 23.35 5.31
CA ALA C 193 -63.35 22.39 5.89
C ALA C 193 -62.89 20.95 5.70
N LEU C 194 -62.28 20.66 4.55
CA LEU C 194 -61.73 19.32 4.34
C LEU C 194 -60.52 19.03 5.26
N LYS C 195 -59.56 19.97 5.35
CA LYS C 195 -58.40 19.79 6.25
C LYS C 195 -58.86 19.55 7.69
N LYS C 196 -59.83 20.35 8.13
CA LYS C 196 -60.44 20.20 9.49
C LYS C 196 -61.11 18.80 9.67
N PHE C 197 -61.91 18.40 8.70
CA PHE C 197 -62.45 17.06 8.68
C PHE C 197 -61.41 15.96 8.92
N THR C 198 -60.35 15.98 8.15
CA THR C 198 -59.35 14.91 8.22
C THR C 198 -58.65 14.93 9.57
N LYS C 199 -58.50 16.11 10.17
CA LYS C 199 -57.98 16.12 11.55
C LYS C 199 -58.96 15.48 12.57
N ASP C 200 -60.24 15.84 12.45
CA ASP C 200 -61.30 15.27 13.31
C ASP C 200 -61.30 13.76 13.16
N VAL C 201 -61.19 13.29 11.93
CA VAL C 201 -61.23 11.86 11.68
C VAL C 201 -59.99 11.22 12.33
N SER C 202 -58.84 11.88 12.20
CA SER C 202 -57.59 11.34 12.70
C SER C 202 -57.61 11.19 14.22
N LEU C 203 -58.29 12.11 14.89
CA LEU C 203 -58.37 12.01 16.35
C LEU C 203 -59.37 10.93 16.81
N GLU C 204 -60.48 10.80 16.09
CA GLU C 204 -61.37 9.68 16.34
C GLU C 204 -60.68 8.31 16.15
N LEU C 205 -59.83 8.19 15.13
CA LEU C 205 -59.13 6.93 14.83
C LEU C 205 -58.11 6.63 15.92
N LYS C 206 -57.54 7.68 16.51
CA LYS C 206 -56.61 7.54 17.62
C LYS C 206 -57.35 7.00 18.81
N LEU C 207 -58.52 7.60 19.08
CA LEU C 207 -59.40 7.12 20.19
C LEU C 207 -59.84 5.66 19.98
N PHE C 208 -60.19 5.31 18.73
CA PHE C 208 -60.66 3.96 18.42
C PHE C 208 -59.55 2.92 18.56
N SER C 209 -58.35 3.29 18.13
CA SER C 209 -57.16 2.45 18.26
C SER C 209 -56.90 2.14 19.73
N HIS C 210 -57.02 3.12 20.63
CA HIS C 210 -56.84 2.88 22.05
CA HIS C 210 -56.84 2.86 22.05
C HIS C 210 -57.87 1.84 22.53
N PHE C 211 -59.12 2.03 22.12
CA PHE C 211 -60.23 1.10 22.43
C PHE C 211 -59.93 -0.34 21.90
N LEU C 212 -59.44 -0.42 20.67
CA LEU C 212 -59.12 -1.73 20.05
C LEU C 212 -57.98 -2.37 20.77
N HIS C 213 -57.02 -1.57 21.23
CA HIS C 213 -55.95 -2.11 22.07
C HIS C 213 -56.52 -2.64 23.40
N GLU C 214 -57.42 -1.89 24.03
CA GLU C 214 -58.05 -2.38 25.25
CA GLU C 214 -58.09 -2.36 25.25
C GLU C 214 -58.82 -3.67 25.00
N VAL C 215 -59.52 -3.74 23.87
CA VAL C 215 -60.33 -4.93 23.55
C VAL C 215 -59.41 -6.15 23.34
N GLU C 216 -58.31 -5.90 22.62
CA GLU C 216 -57.32 -6.94 22.40
C GLU C 216 -56.73 -7.47 23.72
N GLU C 217 -56.42 -6.58 24.66
CA GLU C 217 -55.90 -7.01 25.98
C GLU C 217 -56.98 -7.73 26.81
N LEU C 218 -58.23 -7.29 26.74
CA LEU C 218 -59.35 -8.10 27.30
C LEU C 218 -59.48 -9.48 26.65
N GLU C 219 -59.23 -9.58 25.36
CA GLU C 219 -59.29 -10.90 24.73
C GLU C 219 -58.14 -11.83 25.23
N LEU C 220 -56.92 -11.29 25.33
CA LEU C 220 -55.77 -12.10 25.70
C LEU C 220 -55.88 -12.59 27.11
N SER C 221 -56.48 -11.78 27.99
CA SER C 221 -56.57 -12.19 29.38
C SER C 221 -57.92 -12.86 29.70
N ASN C 222 -58.72 -13.15 28.67
CA ASN C 222 -60.08 -13.72 28.88
C ASN C 222 -61.02 -12.89 29.77
N GLU C 223 -60.81 -11.59 29.83
CA GLU C 223 -61.59 -10.76 30.75
C GLU C 223 -62.89 -10.24 30.10
N VAL C 224 -63.04 -10.45 28.80
CA VAL C 224 -64.25 -10.06 28.08
C VAL C 224 -65.01 -11.30 27.56
N LEU C 225 -66.33 -11.23 27.63
CA LEU C 225 -67.17 -12.29 27.14
C LEU C 225 -67.58 -11.91 25.73
N SER C 226 -67.24 -12.77 24.77
CA SER C 226 -67.49 -12.47 23.35
C SER C 226 -67.21 -13.66 22.40
N VAL C 227 -67.45 -13.49 21.11
CA VAL C 227 -66.97 -14.46 20.13
C VAL C 227 -65.91 -13.76 19.28
N LEU C 228 -65.27 -12.73 19.82
CA LEU C 228 -64.23 -12.04 19.06
C LEU C 228 -62.92 -12.74 19.40
N SER C 229 -61.81 -12.22 18.93
CA SER C 229 -60.51 -12.79 19.30
C SER C 229 -59.52 -11.64 19.37
N ALA C 230 -58.45 -11.84 20.12
CA ALA C 230 -57.37 -10.87 20.19
C ALA C 230 -56.81 -10.61 18.80
N ARG C 231 -56.73 -11.63 17.95
CA ARG C 231 -56.13 -11.44 16.62
C ARG C 231 -56.96 -10.52 15.75
N MET C 232 -58.28 -10.64 15.86
CA MET C 232 -59.19 -9.72 15.14
C MET C 232 -59.00 -8.25 15.59
N ALA C 233 -58.84 -8.04 16.91
CA ALA C 233 -58.63 -6.68 17.46
C ALA C 233 -57.31 -6.04 16.95
N ASP C 234 -56.26 -6.88 16.91
CA ASP C 234 -54.95 -6.56 16.36
C ASP C 234 -55.04 -6.20 14.89
N HIS C 235 -55.73 -7.04 14.13
CA HIS C 235 -56.00 -6.78 12.72
C HIS C 235 -56.70 -5.45 12.46
N MET C 236 -57.72 -5.16 13.25
CA MET C 236 -58.48 -3.91 13.08
C MET C 236 -57.62 -2.73 13.46
N ALA C 237 -56.82 -2.87 14.53
CA ALA C 237 -55.86 -1.81 14.90
C ALA C 237 -54.77 -1.53 13.84
N ARG C 238 -54.22 -2.56 13.21
CA ARG C 238 -53.28 -2.36 12.08
C ARG C 238 -53.90 -1.67 10.87
N GLU C 239 -55.15 -1.98 10.58
CA GLU C 239 -55.86 -1.27 9.51
C GLU C 239 -56.16 0.19 9.82
N GLU C 240 -56.51 0.47 11.08
CA GLU C 240 -56.76 1.88 11.46
C GLU C 240 -55.45 2.69 11.37
N CYS C 241 -54.33 2.04 11.70
CA CYS C 241 -53.02 2.67 11.67
C CYS C 241 -52.67 3.03 10.23
N TYR C 242 -52.93 2.10 9.33
CA TYR C 242 -52.62 2.29 7.93
C TYR C 242 -53.40 3.45 7.34
N TYR C 243 -54.69 3.51 7.68
CA TYR C 243 -55.59 4.64 7.36
C TYR C 243 -55.10 5.97 7.94
N LEU C 244 -54.66 5.95 9.21
CA LEU C 244 -54.05 7.13 9.86
C LEU C 244 -52.79 7.57 9.11
N LEU C 245 -51.96 6.59 8.74
CA LEU C 245 -50.73 6.89 7.99
C LEU C 245 -51.05 7.59 6.68
N LYS C 246 -51.98 7.02 5.90
CA LYS C 246 -52.34 7.60 4.60
C LYS C 246 -52.95 8.98 4.76
N LEU C 247 -53.81 9.17 5.75
CA LEU C 247 -54.35 10.51 5.98
C LEU C 247 -53.23 11.51 6.30
N ALA C 248 -52.22 11.06 7.05
CA ALA C 248 -51.19 11.95 7.57
C ALA C 248 -50.34 12.42 6.38
N GLN C 249 -50.01 11.48 5.50
CA GLN C 249 -49.25 11.79 4.28
C GLN C 249 -50.03 12.58 3.24
N SER C 250 -51.29 12.22 2.99
CA SER C 250 -52.04 12.87 1.93
C SER C 250 -52.51 14.26 2.41
N SER C 251 -52.85 14.38 3.68
CA SER C 251 -53.37 15.66 4.20
C SER C 251 -52.35 16.66 4.79
N GLY C 252 -51.20 16.19 5.24
CA GLY C 252 -50.17 17.11 5.76
C GLY C 252 -50.21 17.14 7.27
N LEU C 253 -50.40 15.97 7.89
CA LEU C 253 -50.47 15.88 9.34
C LEU C 253 -49.27 15.11 9.89
N GLU C 254 -49.05 15.22 11.19
CA GLU C 254 -47.97 14.48 11.82
C GLU C 254 -48.22 12.97 11.64
N MET C 255 -47.15 12.22 11.37
CA MET C 255 -47.25 10.77 11.21
C MET C 255 -47.71 10.12 12.49
N PRO C 256 -48.53 9.05 12.38
CA PRO C 256 -49.00 8.36 13.57
C PRO C 256 -47.91 7.47 14.19
N LYS C 257 -47.98 7.27 15.50
CA LYS C 257 -47.08 6.35 16.16
C LYS C 257 -47.80 5.01 16.31
N CYS C 258 -47.83 4.22 15.26
CA CYS C 258 -48.40 2.90 15.38
C CYS C 258 -47.82 2.14 14.21
N ASN C 259 -47.79 0.83 14.31
CA ASN C 259 -47.17 0.01 13.28
C ASN C 259 -48.26 -0.72 12.51
N PRO C 260 -48.47 -0.39 11.23
CA PRO C 260 -49.46 -1.13 10.42
C PRO C 260 -49.07 -2.61 10.20
N LEU C 261 -47.82 -2.96 10.48
CA LEU C 261 -47.29 -4.25 10.02
C LEU C 261 -47.39 -5.32 11.11
N GLU C 262 -47.41 -4.90 12.37
CA GLU C 262 -47.32 -5.84 13.45
C GLU C 262 -47.77 -5.14 14.73
N GLY C 263 -48.65 -5.79 15.50
CA GLY C 263 -49.06 -5.24 16.78
C GLY C 263 -48.04 -5.61 17.87
N HIS C 264 -48.33 -5.29 19.12
CA HIS C 264 -47.30 -5.53 20.11
C HIS C 264 -47.43 -6.90 20.77
N HIS C 265 -48.50 -7.61 20.49
CA HIS C 265 -48.69 -8.91 21.15
C HIS C 265 -48.56 -10.10 20.24
N HIS C 266 -48.76 -9.92 18.94
CA HIS C 266 -48.82 -11.06 18.01
C HIS C 266 -47.53 -11.09 17.22
N HIS C 267 -46.50 -11.65 17.85
CA HIS C 267 -45.18 -11.79 17.24
C HIS C 267 -44.41 -12.77 18.12
N HIS C 268 -43.35 -13.33 17.57
CA HIS C 268 -42.57 -14.33 18.29
C HIS C 268 -41.10 -13.94 18.47
N HIS C 269 -40.86 -12.66 18.73
CA HIS C 269 -39.48 -12.21 18.90
C HIS C 269 -39.27 -11.56 20.27
N GLU D 4 -108.19 -30.88 32.36
CA GLU D 4 -107.24 -31.54 33.33
C GLU D 4 -106.15 -32.30 32.63
N ARG D 5 -104.92 -32.06 33.11
CA ARG D 5 -103.71 -32.63 32.50
C ARG D 5 -103.50 -34.10 32.91
N ASN D 6 -103.20 -34.96 31.94
CA ASN D 6 -102.90 -36.34 32.28
C ASN D 6 -101.50 -36.74 31.84
N TYR D 7 -101.09 -37.89 32.33
CA TYR D 7 -99.72 -38.32 32.19
C TYR D 7 -99.36 -38.53 30.73
N GLU D 8 -100.21 -39.21 29.96
CA GLU D 8 -99.81 -39.59 28.61
C GLU D 8 -99.63 -38.37 27.69
N GLU D 9 -100.56 -37.42 27.79
CA GLU D 9 -100.50 -36.26 26.90
C GLU D 9 -99.44 -35.30 27.37
N SER D 10 -99.38 -35.12 28.67
CA SER D 10 -98.34 -34.27 29.17
C SER D 10 -96.95 -34.81 28.79
N ALA D 11 -96.72 -36.11 29.03
CA ALA D 11 -95.39 -36.72 28.73
C ALA D 11 -94.99 -36.63 27.27
N LEU D 12 -95.91 -36.98 26.38
CA LEU D 12 -95.73 -36.87 24.94
C LEU D 12 -95.47 -35.42 24.51
N PHE D 13 -96.25 -34.47 25.05
CA PHE D 13 -96.03 -33.07 24.72
C PHE D 13 -94.63 -32.58 25.16
N GLU D 14 -94.26 -32.87 26.41
CA GLU D 14 -92.99 -32.39 26.96
C GLU D 14 -91.78 -32.97 26.23
N HIS D 15 -91.84 -34.28 25.98
CA HIS D 15 -90.78 -34.97 25.24
C HIS D 15 -90.63 -34.38 23.85
N GLN D 16 -91.74 -34.22 23.17
CA GLN D 16 -91.61 -33.71 21.85
C GLN D 16 -91.07 -32.27 21.85
N PHE D 17 -91.59 -31.44 22.75
CA PHE D 17 -91.11 -30.06 22.84
C PHE D 17 -89.60 -30.04 23.07
N TRP D 18 -89.17 -30.70 24.15
CA TRP D 18 -87.81 -30.61 24.62
C TRP D 18 -86.79 -31.36 23.72
N LEU D 19 -87.18 -32.52 23.18
CA LEU D 19 -86.22 -33.28 22.38
C LEU D 19 -85.97 -32.58 21.06
N LYS D 20 -87.00 -31.92 20.52
CA LYS D 20 -86.72 -31.07 19.38
C LYS D 20 -85.81 -29.87 19.73
N VAL D 21 -86.10 -29.19 20.84
CA VAL D 21 -85.26 -28.06 21.34
C VAL D 21 -83.80 -28.51 21.48
N LEU D 22 -83.61 -29.67 22.09
CA LEU D 22 -82.24 -30.14 22.29
C LEU D 22 -81.56 -30.60 21.04
N THR D 23 -82.31 -31.20 20.11
CA THR D 23 -81.80 -31.51 18.75
C THR D 23 -81.37 -30.18 18.13
N ASP D 24 -82.20 -29.14 18.31
CA ASP D 24 -81.82 -27.83 17.76
C ASP D 24 -80.51 -27.35 18.37
N HIS D 25 -80.42 -27.38 19.70
CA HIS D 25 -79.22 -26.95 20.37
C HIS D 25 -78.02 -27.66 19.78
N ALA D 26 -78.11 -28.97 19.64
CA ALA D 26 -76.94 -29.73 19.23
C ALA D 26 -76.51 -29.26 17.84
N GLN D 27 -77.48 -29.07 16.98
CA GLN D 27 -77.23 -28.67 15.62
C GLN D 27 -76.67 -27.25 15.55
N PHE D 28 -77.22 -26.34 16.36
CA PHE D 28 -76.73 -24.96 16.45
C PHE D 28 -75.27 -24.94 16.90
N LEU D 29 -74.98 -25.61 18.01
CA LEU D 29 -73.60 -25.74 18.44
C LEU D 29 -72.69 -26.29 17.33
N LEU D 30 -73.14 -27.38 16.69
CA LEU D 30 -72.34 -28.04 15.65
C LEU D 30 -71.97 -26.99 14.58
N ASP D 31 -72.93 -26.21 14.13
CA ASP D 31 -72.66 -25.32 13.01
C ASP D 31 -71.82 -24.11 13.47
N ALA D 32 -71.81 -23.87 14.78
CA ALA D 32 -71.16 -22.69 15.39
C ALA D 32 -69.68 -22.89 15.79
N LEU D 33 -69.23 -24.15 15.79
CA LEU D 33 -67.84 -24.56 16.13
C LEU D 33 -66.93 -24.28 14.94
N ALA D 34 -65.74 -23.71 15.17
CA ALA D 34 -64.77 -23.51 14.10
C ALA D 34 -64.41 -24.90 13.54
N PRO D 35 -64.15 -24.97 12.23
CA PRO D 35 -63.86 -26.31 11.65
C PRO D 35 -62.77 -27.10 12.40
N LYS D 36 -61.83 -26.39 13.00
CA LYS D 36 -60.70 -27.00 13.68
C LYS D 36 -61.13 -27.64 14.98
N GLU D 37 -62.36 -27.40 15.44
CA GLU D 37 -62.74 -27.94 16.76
C GLU D 37 -63.18 -29.43 16.64
N LYS D 38 -62.32 -30.26 16.08
CA LYS D 38 -62.70 -31.66 15.76
C LYS D 38 -63.44 -32.41 16.85
N GLU D 39 -62.94 -32.32 18.07
CA GLU D 39 -63.46 -33.15 19.16
C GLU D 39 -64.88 -32.73 19.55
N ASP D 40 -65.10 -31.41 19.62
CA ASP D 40 -66.42 -30.90 19.95
C ASP D 40 -67.44 -31.03 18.83
N ILE D 41 -66.98 -31.00 17.59
CA ILE D 41 -67.83 -31.27 16.46
C ILE D 41 -68.29 -32.73 16.45
N LYS D 42 -67.36 -33.64 16.67
CA LYS D 42 -67.76 -35.04 16.91
C LYS D 42 -68.77 -35.15 18.05
N LYS D 43 -68.51 -34.48 19.17
CA LYS D 43 -69.49 -34.47 20.27
C LYS D 43 -70.84 -33.86 19.86
N ALA D 44 -70.82 -32.67 19.23
CA ALA D 44 -72.09 -32.09 18.69
C ALA D 44 -72.85 -33.00 17.73
N THR D 45 -72.14 -33.61 16.78
CA THR D 45 -72.77 -34.50 15.82
C THR D 45 -73.46 -35.70 16.52
N TYR D 46 -72.81 -36.19 17.56
CA TYR D 46 -73.37 -37.27 18.39
C TYR D 46 -74.67 -36.87 19.09
N PHE D 47 -74.71 -35.66 19.63
CA PHE D 47 -75.95 -35.19 20.23
C PHE D 47 -77.05 -34.94 19.17
N VAL D 48 -76.70 -34.44 17.99
CA VAL D 48 -77.71 -34.31 16.94
C VAL D 48 -78.36 -35.66 16.67
N GLU D 49 -77.54 -36.69 16.49
CA GLU D 49 -78.06 -38.06 16.22
C GLU D 49 -78.88 -38.60 17.38
N THR D 50 -78.31 -38.50 18.58
CA THR D 50 -78.98 -38.99 19.79
C THR D 50 -80.35 -38.37 20.05
N PHE D 51 -80.44 -37.03 19.96
CA PHE D 51 -81.73 -36.38 20.17
C PHE D 51 -82.71 -36.56 18.99
N THR D 52 -82.20 -36.64 17.78
CA THR D 52 -83.05 -36.94 16.65
C THR D 52 -83.67 -38.32 16.80
N ASN D 53 -82.86 -39.32 17.14
CA ASN D 53 -83.39 -40.66 17.36
C ASN D 53 -84.38 -40.71 18.53
N LEU D 54 -84.08 -40.06 19.68
CA LEU D 54 -85.06 -40.05 20.80
C LEU D 54 -86.42 -39.45 20.37
N LEU D 55 -86.39 -38.33 19.68
CA LEU D 55 -87.64 -37.69 19.23
C LEU D 55 -88.44 -38.63 18.30
N ASN D 56 -87.75 -39.26 17.37
CA ASN D 56 -88.36 -40.22 16.47
C ASN D 56 -88.97 -41.44 17.16
N LYS D 57 -88.46 -41.76 18.34
CA LYS D 57 -88.86 -42.93 19.09
C LYS D 57 -89.99 -42.68 20.07
N VAL D 58 -90.28 -41.41 20.34
CA VAL D 58 -91.21 -41.11 21.41
C VAL D 58 -92.55 -41.82 21.15
N ARG D 59 -93.12 -42.41 22.20
CA ARG D 59 -94.36 -43.20 22.05
CA ARG D 59 -94.36 -43.20 22.05
C ARG D 59 -95.17 -43.17 23.33
N ASN D 60 -96.47 -43.40 23.21
CA ASN D 60 -97.32 -43.39 24.41
C ASN D 60 -97.19 -44.63 25.31
N VAL D 61 -96.47 -45.63 24.81
CA VAL D 61 -96.12 -46.79 25.63
C VAL D 61 -94.66 -46.73 26.08
N ASN D 62 -94.41 -47.34 27.24
CA ASN D 62 -93.08 -47.27 27.81
C ASN D 62 -92.54 -45.87 28.10
N LEU D 63 -93.43 -44.94 28.40
CA LEU D 63 -93.04 -43.57 28.60
C LEU D 63 -92.13 -43.41 29.81
N MET D 64 -92.29 -44.23 30.87
CA MET D 64 -91.47 -44.05 32.04
CA MET D 64 -91.45 -44.08 32.05
C MET D 64 -90.02 -44.45 31.78
N ALA D 65 -89.83 -45.63 31.17
CA ALA D 65 -88.49 -46.09 30.82
C ALA D 65 -87.89 -45.11 29.82
N PHE D 66 -88.66 -44.70 28.82
CA PHE D 66 -88.18 -43.78 27.80
C PHE D 66 -87.63 -42.49 28.44
N SER D 67 -88.27 -42.08 29.54
CA SER D 67 -87.95 -40.84 30.25
C SER D 67 -86.58 -40.95 30.91
N LYS D 68 -86.21 -42.16 31.30
CA LYS D 68 -84.89 -42.36 31.93
C LYS D 68 -83.79 -42.29 30.91
N GLU D 69 -84.08 -42.83 29.73
CA GLU D 69 -83.12 -42.72 28.64
C GLU D 69 -83.04 -41.22 28.18
N ALA D 70 -84.18 -40.54 28.05
CA ALA D 70 -84.15 -39.09 27.72
C ALA D 70 -83.33 -38.30 28.76
N GLU D 71 -83.52 -38.60 30.04
CA GLU D 71 -82.77 -37.93 31.08
C GLU D 71 -81.25 -38.08 31.04
N GLN D 72 -80.78 -39.30 30.81
CA GLN D 72 -79.35 -39.53 30.62
C GLN D 72 -78.80 -38.71 29.45
N ALA D 73 -79.44 -38.76 28.30
CA ALA D 73 -79.03 -37.87 27.19
C ALA D 73 -78.99 -36.38 27.61
N ALA D 74 -80.04 -35.92 28.26
CA ALA D 74 -80.15 -34.52 28.71
C ALA D 74 -79.02 -34.16 29.66
N LYS D 75 -78.77 -35.01 30.65
CA LYS D 75 -77.56 -34.77 31.48
C LYS D 75 -76.25 -34.66 30.69
N GLU D 76 -76.13 -35.43 29.61
CA GLU D 76 -74.91 -35.44 28.84
C GLU D 76 -74.69 -34.17 28.01
N ILE D 77 -75.71 -33.69 27.32
CA ILE D 77 -75.56 -32.46 26.59
C ILE D 77 -75.41 -31.29 27.58
N ARG D 78 -76.01 -31.40 28.76
CA ARG D 78 -75.78 -30.40 29.78
C ARG D 78 -74.28 -30.26 30.08
N ALA D 79 -73.60 -31.40 30.32
CA ALA D 79 -72.15 -31.42 30.60
C ALA D 79 -71.33 -30.88 29.41
N PHE D 80 -71.66 -31.29 28.18
CA PHE D 80 -71.04 -30.77 26.95
C PHE D 80 -71.13 -29.24 26.91
N LYS D 81 -72.34 -28.69 27.08
CA LYS D 81 -72.52 -27.23 27.10
C LYS D 81 -71.65 -26.54 28.16
N LEU D 82 -71.67 -27.07 29.36
CA LEU D 82 -70.90 -26.50 30.45
C LEU D 82 -69.42 -26.62 30.11
N ASN D 83 -69.02 -27.71 29.48
CA ASN D 83 -67.62 -27.86 29.06
C ASN D 83 -67.23 -26.80 28.05
N ILE D 84 -68.18 -26.44 27.19
CA ILE D 84 -67.88 -25.38 26.20
C ILE D 84 -67.74 -24.02 26.90
N ILE D 85 -68.63 -23.74 27.83
CA ILE D 85 -68.55 -22.49 28.59
C ILE D 85 -67.23 -22.37 29.34
N GLN D 86 -66.87 -23.46 30.00
CA GLN D 86 -65.64 -23.51 30.74
C GLN D 86 -64.47 -23.16 29.82
N LYS D 87 -64.43 -23.77 28.64
CA LYS D 87 -63.37 -23.39 27.69
C LYS D 87 -63.44 -21.98 27.16
N GLN D 88 -64.64 -21.41 27.05
CA GLN D 88 -64.76 -20.01 26.60
C GLN D 88 -64.11 -19.13 27.62
N LEU D 89 -64.35 -19.50 28.87
CA LEU D 89 -63.89 -18.70 29.95
C LEU D 89 -62.35 -18.77 30.17
N GLU D 90 -61.74 -19.82 29.61
CA GLU D 90 -60.27 -20.02 29.65
C GLU D 90 -59.61 -19.77 28.29
N GLY D 91 -60.38 -19.36 27.28
CA GLY D 91 -59.83 -18.98 25.97
C GLY D 91 -59.38 -20.22 25.23
N LYS D 92 -60.05 -21.35 25.47
CA LYS D 92 -59.62 -22.61 24.84
C LYS D 92 -60.52 -23.21 23.75
N ILE D 93 -61.41 -22.44 23.17
CA ILE D 93 -62.28 -22.97 22.12
C ILE D 93 -62.69 -21.81 21.23
N THR D 94 -62.86 -22.09 19.95
CA THR D 94 -63.40 -21.11 19.05
C THR D 94 -64.80 -21.58 18.64
N ILE D 95 -65.80 -20.82 19.05
CA ILE D 95 -67.18 -21.17 18.77
C ILE D 95 -67.98 -19.88 18.59
N HIS D 96 -68.90 -19.83 17.64
CA HIS D 96 -69.61 -18.58 17.39
C HIS D 96 -70.88 -18.29 18.19
N PHE D 97 -70.96 -18.77 19.43
CA PHE D 97 -72.03 -18.40 20.37
C PHE D 97 -71.35 -17.79 21.58
N THR D 98 -71.92 -16.73 22.15
CA THR D 98 -71.34 -16.16 23.37
C THR D 98 -71.66 -17.05 24.56
N PRO D 99 -70.87 -16.92 25.68
CA PRO D 99 -71.08 -17.76 26.87
C PRO D 99 -72.48 -17.67 27.41
N THR D 100 -73.09 -16.47 27.36
CA THR D 100 -74.40 -16.30 27.93
C THR D 100 -75.41 -17.09 27.10
N PHE D 101 -75.26 -17.10 25.80
CA PHE D 101 -76.24 -17.80 24.98
C PHE D 101 -76.20 -19.29 25.34
N ILE D 102 -74.99 -19.80 25.54
CA ILE D 102 -74.90 -21.22 25.84
C ILE D 102 -75.37 -21.41 27.26
N ASN D 103 -75.17 -20.41 28.09
CA ASN D 103 -75.65 -20.45 29.47
C ASN D 103 -77.22 -20.58 29.53
N HIS D 104 -77.91 -19.96 28.62
CA HIS D 104 -79.34 -20.08 28.51
C HIS D 104 -79.75 -21.45 27.99
N MET D 105 -79.01 -22.01 27.02
CA MET D 105 -79.21 -23.41 26.64
C MET D 105 -79.10 -24.31 27.85
N VAL D 106 -78.13 -24.07 28.75
CA VAL D 106 -78.01 -24.86 29.99
C VAL D 106 -79.25 -24.70 30.88
N ASN D 107 -79.72 -23.44 31.07
CA ASN D 107 -80.97 -23.19 31.82
C ASN D 107 -82.13 -24.05 31.28
N GLU D 108 -82.21 -24.06 29.95
CA GLU D 108 -83.24 -24.82 29.22
C GLU D 108 -83.17 -26.31 29.42
N VAL D 109 -81.97 -26.88 29.31
CA VAL D 109 -81.82 -28.34 29.49
C VAL D 109 -82.18 -28.71 30.95
N GLU D 110 -81.91 -27.79 31.88
CA GLU D 110 -82.22 -28.03 33.28
C GLU D 110 -83.73 -27.98 33.55
N GLU D 111 -84.48 -27.23 32.77
CA GLU D 111 -85.93 -27.23 32.91
C GLU D 111 -86.45 -28.59 32.42
N TYR D 112 -85.85 -29.13 31.35
CA TYR D 112 -86.24 -30.44 30.89
C TYR D 112 -85.99 -31.47 31.93
N ILE D 113 -84.81 -31.39 32.55
CA ILE D 113 -84.43 -32.34 33.59
C ILE D 113 -85.40 -32.26 34.76
N ALA D 114 -85.93 -31.07 35.06
CA ALA D 114 -86.77 -30.90 36.22
C ALA D 114 -88.09 -31.53 35.88
N VAL D 115 -88.46 -31.43 34.62
CA VAL D 115 -89.71 -32.03 34.17
C VAL D 115 -89.55 -33.57 34.12
N LEU D 116 -88.37 -34.01 33.74
CA LEU D 116 -88.04 -35.45 33.71
C LEU D 116 -88.06 -36.10 35.11
N GLU D 117 -87.76 -35.33 36.16
CA GLU D 117 -87.88 -35.83 37.54
C GLU D 117 -89.26 -36.49 37.78
N PHE D 118 -90.30 -35.73 37.44
CA PHE D 118 -91.68 -36.23 37.40
C PHE D 118 -91.95 -37.34 36.35
N LEU D 119 -91.60 -37.14 35.10
CA LEU D 119 -91.92 -38.15 34.09
C LEU D 119 -91.37 -39.56 34.36
N LYS D 120 -90.15 -39.67 34.91
CA LYS D 120 -89.57 -40.99 35.21
C LYS D 120 -90.33 -41.74 36.27
N LYS D 121 -91.02 -41.04 37.17
CA LYS D 121 -91.83 -41.77 38.11
C LYS D 121 -93.31 -41.89 37.74
N GLY D 122 -93.67 -41.58 36.50
CA GLY D 122 -95.06 -41.68 36.03
C GLY D 122 -95.97 -40.65 36.65
N GLU D 123 -95.39 -39.53 37.06
CA GLU D 123 -96.17 -38.39 37.53
C GLU D 123 -96.36 -37.30 36.47
N VAL D 124 -97.56 -36.74 36.41
CA VAL D 124 -97.81 -35.51 35.68
C VAL D 124 -96.98 -34.38 36.35
N PRO D 125 -96.06 -33.75 35.57
CA PRO D 125 -95.29 -32.60 36.04
C PRO D 125 -96.26 -31.49 36.44
N PRO D 126 -96.09 -30.92 37.65
CA PRO D 126 -96.97 -29.82 38.02
C PRO D 126 -96.77 -28.59 37.11
N VAL D 127 -97.78 -27.72 37.04
CA VAL D 127 -97.54 -26.38 36.54
C VAL D 127 -97.01 -25.53 37.71
N PHE D 128 -95.79 -25.01 37.56
CA PHE D 128 -95.15 -24.30 38.67
C PHE D 128 -95.78 -22.91 38.88
N HIS D 129 -95.39 -22.25 39.96
CA HIS D 129 -95.83 -20.89 40.21
C HIS D 129 -95.40 -20.06 38.98
N GLU D 130 -96.19 -19.03 38.62
CA GLU D 130 -95.91 -18.30 37.38
C GLU D 130 -94.56 -17.59 37.41
N LEU D 131 -94.14 -17.19 38.63
CA LEU D 131 -92.84 -16.57 38.82
C LEU D 131 -91.65 -17.51 38.50
N HIS D 132 -91.85 -18.83 38.59
CA HIS D 132 -90.78 -19.74 38.23
C HIS D 132 -90.54 -19.63 36.73
N TYR D 133 -91.62 -19.55 35.97
CA TYR D 133 -91.49 -19.40 34.51
C TYR D 133 -90.83 -18.06 34.16
N HIS D 134 -91.29 -16.98 34.78
CA HIS D 134 -90.66 -15.68 34.60
C HIS D 134 -89.12 -15.66 34.83
N LEU D 135 -88.66 -16.16 35.97
CA LEU D 135 -87.23 -16.23 36.31
C LEU D 135 -86.37 -17.09 35.36
N VAL D 136 -86.98 -18.07 34.70
CA VAL D 136 -86.31 -18.88 33.67
C VAL D 136 -86.42 -18.22 32.28
N TRP D 137 -87.61 -17.77 31.92
CA TRP D 137 -87.81 -17.51 30.52
C TRP D 137 -87.62 -16.04 30.07
N LEU D 138 -87.57 -15.10 31.01
CA LEU D 138 -87.39 -13.69 30.65
C LEU D 138 -85.92 -13.38 30.23
N THR D 139 -84.97 -13.89 31.01
CA THR D 139 -83.56 -13.77 30.55
C THR D 139 -83.36 -14.48 29.22
N ASP D 140 -84.00 -15.63 29.05
CA ASP D 140 -84.01 -16.35 27.76
C ASP D 140 -84.55 -15.54 26.56
N ALA D 141 -85.70 -14.88 26.73
CA ALA D 141 -86.28 -14.00 25.69
C ALA D 141 -85.36 -12.80 25.37
N ALA D 142 -84.86 -12.13 26.40
CA ALA D 142 -83.83 -11.07 26.28
C ALA D 142 -82.63 -11.56 25.43
N GLY D 143 -82.15 -12.77 25.75
CA GLY D 143 -81.05 -13.39 24.98
C GLY D 143 -81.44 -13.72 23.55
N HIS D 144 -82.69 -14.13 23.35
CA HIS D 144 -83.16 -14.31 21.99
C HIS D 144 -83.10 -13.01 21.20
N ALA D 145 -83.72 -11.95 21.74
CA ALA D 145 -83.73 -10.64 21.06
C ALA D 145 -82.32 -10.16 20.90
N GLY D 146 -81.50 -10.33 21.94
CA GLY D 146 -80.11 -9.82 21.89
C GLY D 146 -79.31 -10.57 20.83
N SER D 147 -79.72 -11.79 20.53
CA SER D 147 -78.92 -12.59 19.63
C SER D 147 -79.33 -12.28 18.17
N ILE D 148 -80.59 -11.94 18.00
CA ILE D 148 -81.05 -11.32 16.75
C ILE D 148 -80.27 -10.01 16.43
N SER D 149 -80.28 -9.06 17.37
CA SER D 149 -79.48 -7.84 17.24
C SER D 149 -78.06 -8.13 16.80
N GLY D 150 -77.37 -8.97 17.55
CA GLY D 150 -75.95 -9.23 17.29
C GLY D 150 -75.72 -9.98 16.00
N GLY D 151 -76.73 -10.69 15.50
CA GLY D 151 -76.55 -11.48 14.28
C GLY D 151 -77.02 -10.79 13.00
N LEU D 152 -77.55 -9.59 13.13
CA LEU D 152 -77.97 -8.83 11.95
C LEU D 152 -76.79 -8.13 11.31
N ASP D 153 -76.81 -8.00 9.98
CA ASP D 153 -75.87 -7.16 9.28
C ASP D 153 -75.81 -5.73 9.86
N LEU D 154 -74.63 -5.10 9.80
CA LEU D 154 -74.43 -3.70 10.18
C LEU D 154 -75.50 -2.80 9.55
N VAL D 155 -75.96 -3.15 8.36
CA VAL D 155 -76.88 -2.23 7.66
C VAL D 155 -78.36 -2.41 8.05
N GLU D 156 -78.68 -3.47 8.78
CA GLU D 156 -80.08 -3.73 9.18
C GLU D 156 -80.46 -2.95 10.43
N LYS D 157 -80.38 -1.64 10.33
CA LYS D 157 -80.59 -0.76 11.48
C LYS D 157 -81.98 -0.84 12.05
N ARG D 158 -83.03 -0.65 11.24
CA ARG D 158 -84.43 -0.77 11.67
C ARG D 158 -84.73 -2.08 12.40
N LEU D 159 -84.21 -3.21 11.90
CA LEU D 159 -84.40 -4.51 12.56
C LEU D 159 -83.63 -4.66 13.87
N LYS D 160 -82.42 -4.13 13.93
CA LYS D 160 -81.66 -4.12 15.18
CA LYS D 160 -81.66 -4.11 15.17
C LYS D 160 -82.32 -3.18 16.20
N GLU D 161 -82.82 -2.03 15.77
CA GLU D 161 -83.53 -1.18 16.72
C GLU D 161 -84.69 -1.93 17.36
N LYS D 162 -85.46 -2.62 16.51
CA LYS D 162 -86.63 -3.32 16.99
C LYS D 162 -86.20 -4.41 17.99
N SER D 163 -85.15 -5.17 17.63
CA SER D 163 -84.81 -6.28 18.50
C SER D 163 -84.13 -5.80 19.81
N GLU D 164 -83.49 -4.62 19.77
CA GLU D 164 -82.94 -3.99 21.00
C GLU D 164 -84.06 -3.54 21.92
N GLU D 165 -85.15 -3.09 21.32
CA GLU D 165 -86.23 -2.70 22.14
C GLU D 165 -86.83 -3.89 22.88
N PHE D 166 -86.99 -5.02 22.18
CA PHE D 166 -87.43 -6.24 22.87
C PHE D 166 -86.47 -6.68 23.95
N THR D 167 -85.17 -6.60 23.68
CA THR D 167 -84.16 -7.06 24.65
C THR D 167 -84.31 -6.27 25.94
N LYS D 168 -84.50 -4.96 25.77
CA LYS D 168 -84.68 -4.03 26.88
C LYS D 168 -85.95 -4.31 27.70
N HIS D 169 -87.08 -4.46 27.03
CA HIS D 169 -88.31 -4.82 27.72
C HIS D 169 -88.23 -6.14 28.52
N PHE D 170 -87.60 -7.16 27.93
CA PHE D 170 -87.47 -8.45 28.64
C PHE D 170 -86.55 -8.40 29.83
N GLU D 171 -85.45 -7.67 29.71
CA GLU D 171 -84.57 -7.39 30.86
C GLU D 171 -85.30 -6.62 31.97
N GLN D 172 -86.07 -5.61 31.59
CA GLN D 172 -86.82 -4.82 32.58
C GLN D 172 -87.88 -5.68 33.29
N PHE D 173 -88.54 -6.55 32.51
CA PHE D 173 -89.46 -7.55 33.07
C PHE D 173 -88.76 -8.49 34.06
N TYR D 174 -87.57 -8.96 33.71
CA TYR D 174 -86.77 -9.80 34.61
C TYR D 174 -86.50 -9.10 35.95
N LEU D 175 -86.06 -7.83 35.91
CA LEU D 175 -85.82 -7.11 37.17
C LEU D 175 -87.07 -7.05 38.05
N LYS D 176 -88.22 -6.83 37.39
CA LYS D 176 -89.50 -6.81 38.09
C LYS D 176 -89.88 -8.17 38.67
N ALA D 177 -89.68 -9.23 37.89
CA ALA D 177 -89.87 -10.58 38.41
C ALA D 177 -88.95 -10.91 39.60
N VAL D 178 -87.72 -10.45 39.58
CA VAL D 178 -86.79 -10.68 40.71
C VAL D 178 -87.33 -10.05 41.98
N GLU D 179 -87.85 -8.82 41.87
CA GLU D 179 -88.34 -8.13 43.06
C GLU D 179 -89.63 -8.79 43.53
N MET D 180 -90.48 -9.18 42.60
CA MET D 180 -91.77 -9.77 43.00
C MET D 180 -91.59 -11.13 43.72
N THR D 181 -90.59 -11.91 43.32
CA THR D 181 -90.16 -13.10 44.07
C THR D 181 -89.79 -12.72 45.48
N GLY D 182 -89.12 -11.61 45.65
CA GLY D 182 -88.84 -11.19 47.01
C GLY D 182 -90.09 -10.86 47.80
N TYR D 183 -91.09 -10.21 47.18
CA TYR D 183 -92.39 -9.99 47.85
C TYR D 183 -93.09 -11.28 48.32
N LEU D 184 -92.76 -12.41 47.72
CA LEU D 184 -93.33 -13.66 48.16
C LEU D 184 -92.97 -14.02 49.63
N ARG D 185 -91.94 -13.38 50.19
CA ARG D 185 -91.56 -13.64 51.58
C ARG D 185 -92.68 -13.18 52.52
N THR D 186 -93.56 -12.32 52.03
CA THR D 186 -94.75 -11.96 52.80
C THR D 186 -95.68 -13.18 52.99
N GLU D 187 -95.46 -14.27 52.25
CA GLU D 187 -96.42 -15.40 52.27
C GLU D 187 -97.77 -15.16 51.53
N LEU D 188 -97.93 -13.98 50.94
CA LEU D 188 -98.98 -13.73 50.01
C LEU D 188 -98.40 -14.14 48.68
N HIS D 189 -98.88 -15.22 48.06
CA HIS D 189 -98.29 -15.77 46.82
C HIS D 189 -98.91 -15.35 45.50
N HIS D 190 -100.09 -14.75 45.59
CA HIS D 190 -100.78 -14.28 44.42
C HIS D 190 -101.39 -12.98 44.89
N PHE D 191 -101.34 -11.96 44.04
CA PHE D 191 -101.74 -10.62 44.43
C PHE D 191 -101.84 -9.94 43.10
N PRO D 192 -102.63 -8.87 43.02
CA PRO D 192 -102.99 -8.26 41.73
C PRO D 192 -101.80 -7.75 40.92
N ALA D 193 -100.76 -7.22 41.55
CA ALA D 193 -99.64 -6.69 40.77
C ALA D 193 -98.96 -7.82 39.98
N LEU D 194 -98.95 -9.03 40.56
CA LEU D 194 -98.30 -10.18 39.96
C LEU D 194 -99.10 -10.69 38.77
N LYS D 195 -100.43 -10.84 38.96
CA LYS D 195 -101.38 -11.17 37.85
C LYS D 195 -101.28 -10.17 36.64
N LYS D 196 -101.27 -8.89 36.94
CA LYS D 196 -101.04 -7.85 35.93
C LYS D 196 -99.68 -7.95 35.25
N PHE D 197 -98.60 -7.98 36.01
CA PHE D 197 -97.31 -8.38 35.46
C PHE D 197 -97.36 -9.56 34.45
N THR D 198 -97.91 -10.71 34.86
CA THR D 198 -97.89 -11.88 33.95
C THR D 198 -98.67 -11.56 32.66
N LYS D 199 -99.77 -10.77 32.78
CA LYS D 199 -100.55 -10.34 31.60
C LYS D 199 -99.70 -9.44 30.68
N ASP D 200 -99.05 -8.40 31.26
CA ASP D 200 -98.14 -7.53 30.47
C ASP D 200 -97.03 -8.34 29.74
N VAL D 201 -96.41 -9.29 30.46
CA VAL D 201 -95.38 -10.15 29.87
C VAL D 201 -96.01 -10.95 28.71
N SER D 202 -97.18 -11.52 28.93
CA SER D 202 -97.84 -12.31 27.85
C SER D 202 -98.10 -11.48 26.58
N LEU D 203 -98.57 -10.25 26.74
CA LEU D 203 -98.75 -9.40 25.57
C LEU D 203 -97.38 -9.17 24.90
N GLU D 204 -96.32 -8.93 25.68
CA GLU D 204 -95.00 -8.69 25.08
C GLU D 204 -94.50 -9.93 24.32
N LEU D 205 -94.79 -11.11 24.84
CA LEU D 205 -94.38 -12.35 24.18
C LEU D 205 -95.15 -12.56 22.90
N LYS D 206 -96.44 -12.16 22.87
CA LYS D 206 -97.20 -12.09 21.62
C LYS D 206 -96.56 -11.21 20.57
N LEU D 207 -96.29 -9.95 20.91
CA LEU D 207 -95.54 -9.05 20.01
C LEU D 207 -94.19 -9.65 19.51
N PHE D 208 -93.46 -10.30 20.42
CA PHE D 208 -92.16 -10.84 20.06
C PHE D 208 -92.34 -12.05 19.12
N SER D 209 -93.37 -12.85 19.38
CA SER D 209 -93.63 -14.02 18.51
C SER D 209 -93.87 -13.55 17.06
N HIS D 210 -94.70 -12.53 16.89
CA HIS D 210 -94.93 -11.89 15.58
C HIS D 210 -93.63 -11.43 14.91
N PHE D 211 -92.78 -10.76 15.69
CA PHE D 211 -91.47 -10.30 15.21
C PHE D 211 -90.62 -11.48 14.80
N LEU D 212 -90.68 -12.57 15.58
CA LEU D 212 -89.92 -13.77 15.23
C LEU D 212 -90.44 -14.44 13.95
N HIS D 213 -91.75 -14.47 13.74
CA HIS D 213 -92.28 -15.06 12.52
CA HIS D 213 -92.32 -15.03 12.51
C HIS D 213 -91.89 -14.19 11.31
N GLU D 214 -91.87 -12.88 11.50
CA GLU D 214 -91.40 -11.97 10.43
CA GLU D 214 -91.41 -11.99 10.43
C GLU D 214 -89.95 -12.27 10.06
N VAL D 215 -89.10 -12.42 11.07
CA VAL D 215 -87.68 -12.66 10.86
C VAL D 215 -87.49 -14.04 10.16
N GLU D 216 -88.23 -15.03 10.62
CA GLU D 216 -88.20 -16.33 10.00
C GLU D 216 -88.52 -16.21 8.52
N GLU D 217 -89.57 -15.46 8.20
CA GLU D 217 -89.98 -15.29 6.81
C GLU D 217 -88.93 -14.50 6.03
N LEU D 218 -88.31 -13.51 6.66
CA LEU D 218 -87.20 -12.79 6.02
C LEU D 218 -86.00 -13.71 5.75
N GLU D 219 -85.67 -14.57 6.71
CA GLU D 219 -84.61 -15.56 6.50
C GLU D 219 -84.96 -16.57 5.40
N LEU D 220 -86.20 -17.09 5.38
CA LEU D 220 -86.62 -18.02 4.33
C LEU D 220 -86.51 -17.46 2.92
N SER D 221 -86.77 -16.16 2.80
CA SER D 221 -86.79 -15.52 1.50
C SER D 221 -85.44 -14.85 1.23
N ASN D 222 -84.47 -14.98 2.15
CA ASN D 222 -83.15 -14.32 2.00
C ASN D 222 -83.28 -12.78 1.87
N GLU D 223 -84.37 -12.24 2.44
CA GLU D 223 -84.66 -10.81 2.40
C GLU D 223 -84.00 -9.97 3.49
N VAL D 224 -83.33 -10.66 4.41
CA VAL D 224 -82.63 -10.03 5.52
C VAL D 224 -81.15 -10.48 5.44
N LEU D 225 -80.23 -9.56 5.77
CA LEU D 225 -78.82 -9.87 5.75
C LEU D 225 -78.52 -10.16 7.20
N SER D 226 -77.96 -11.34 7.46
CA SER D 226 -77.77 -11.79 8.83
C SER D 226 -77.01 -13.11 8.87
N VAL D 227 -76.48 -13.47 10.02
CA VAL D 227 -75.90 -14.81 10.23
C VAL D 227 -76.88 -15.63 11.04
N LEU D 228 -78.15 -15.24 11.04
CA LEU D 228 -79.17 -16.04 11.72
C LEU D 228 -79.69 -17.06 10.70
N SER D 229 -80.65 -17.88 11.09
CA SER D 229 -81.26 -18.86 10.16
C SER D 229 -82.73 -18.89 10.47
N ALA D 230 -83.53 -19.29 9.48
CA ALA D 230 -84.94 -19.58 9.69
C ALA D 230 -85.17 -20.59 10.83
N ARG D 231 -84.29 -21.58 10.93
CA ARG D 231 -84.53 -22.64 11.92
C ARG D 231 -84.40 -22.08 13.31
N MET D 232 -83.46 -21.16 13.51
CA MET D 232 -83.25 -20.49 14.81
C MET D 232 -84.44 -19.60 15.15
N ALA D 233 -85.00 -18.87 14.19
CA ALA D 233 -86.19 -18.03 14.48
C ALA D 233 -87.38 -18.92 14.86
N ASP D 234 -87.56 -19.99 14.11
CA ASP D 234 -88.59 -21.00 14.44
C ASP D 234 -88.44 -21.55 15.88
N HIS D 235 -87.22 -21.96 16.21
CA HIS D 235 -86.84 -22.45 17.54
C HIS D 235 -87.18 -21.43 18.66
N MET D 236 -86.76 -20.18 18.49
CA MET D 236 -87.09 -19.09 19.45
C MET D 236 -88.59 -18.92 19.65
N ALA D 237 -89.33 -18.96 18.53
CA ALA D 237 -90.81 -18.83 18.55
C ALA D 237 -91.47 -20.01 19.26
N ARG D 238 -90.95 -21.21 19.06
CA ARG D 238 -91.53 -22.38 19.79
C ARG D 238 -91.33 -22.29 21.26
N GLU D 239 -90.11 -21.86 21.66
CA GLU D 239 -89.84 -21.60 23.08
C GLU D 239 -90.70 -20.51 23.70
N GLU D 240 -90.89 -19.41 22.95
CA GLU D 240 -91.70 -18.30 23.49
C GLU D 240 -93.13 -18.81 23.67
N CYS D 241 -93.58 -19.69 22.76
CA CYS D 241 -94.90 -20.26 22.85
C CYS D 241 -95.09 -21.14 24.11
N TYR D 242 -94.18 -22.08 24.35
CA TYR D 242 -94.18 -22.91 25.59
C TYR D 242 -94.23 -22.03 26.84
N TYR D 243 -93.44 -20.96 26.84
CA TYR D 243 -93.46 -19.95 27.93
C TYR D 243 -94.86 -19.32 28.10
N LEU D 244 -95.46 -18.84 27.00
CA LEU D 244 -96.81 -18.31 27.04
C LEU D 244 -97.77 -19.34 27.63
N LEU D 245 -97.63 -20.57 27.15
CA LEU D 245 -98.54 -21.62 27.56
C LEU D 245 -98.44 -21.84 29.08
N LYS D 246 -97.22 -21.91 29.59
CA LYS D 246 -97.02 -22.13 31.02
C LYS D 246 -97.53 -20.95 31.86
N LEU D 247 -97.46 -19.76 31.27
CA LEU D 247 -97.95 -18.57 31.94
C LEU D 247 -99.45 -18.63 32.02
N ALA D 248 -100.07 -19.02 30.88
CA ALA D 248 -101.53 -19.06 30.76
C ALA D 248 -102.09 -20.05 31.77
N GLN D 249 -101.48 -21.23 31.82
CA GLN D 249 -101.89 -22.23 32.78
C GLN D 249 -101.60 -21.88 34.22
N SER D 250 -100.40 -21.35 34.52
CA SER D 250 -100.05 -21.00 35.91
C SER D 250 -100.82 -19.81 36.46
N SER D 251 -101.17 -18.85 35.61
CA SER D 251 -101.71 -17.58 36.08
C SER D 251 -103.20 -17.51 35.82
N GLY D 252 -103.71 -18.47 35.04
CA GLY D 252 -105.10 -18.46 34.64
C GLY D 252 -105.43 -17.43 33.56
N LEU D 253 -104.69 -17.43 32.46
CA LEU D 253 -105.06 -16.56 31.35
C LEU D 253 -105.57 -17.44 30.21
N GLU D 254 -106.14 -16.82 29.18
CA GLU D 254 -106.46 -17.52 27.95
C GLU D 254 -105.23 -18.26 27.37
N MET D 255 -105.45 -19.44 26.82
CA MET D 255 -104.41 -20.20 26.16
C MET D 255 -103.94 -19.59 24.85
N PRO D 256 -102.62 -19.63 24.59
CA PRO D 256 -102.11 -19.02 23.36
C PRO D 256 -102.42 -19.84 22.12
N LYS D 257 -102.52 -19.19 20.96
CA LYS D 257 -102.82 -19.94 19.76
C LYS D 257 -101.51 -20.13 18.99
N CYS D 258 -100.65 -21.02 19.48
CA CYS D 258 -99.41 -21.30 18.82
C CYS D 258 -99.06 -22.72 19.21
N ASN D 259 -98.14 -23.31 18.46
CA ASN D 259 -97.69 -24.68 18.67
C ASN D 259 -96.24 -24.68 19.21
N PRO D 260 -96.03 -25.09 20.47
CA PRO D 260 -94.63 -25.18 20.95
C PRO D 260 -93.84 -26.28 20.22
N LEU D 261 -94.55 -27.13 19.51
CA LEU D 261 -93.97 -28.41 19.00
C LEU D 261 -93.42 -28.26 17.60
N GLU D 262 -93.99 -27.34 16.83
CA GLU D 262 -93.70 -27.31 15.42
C GLU D 262 -94.21 -25.99 14.85
N GLY D 263 -93.38 -25.30 14.09
CA GLY D 263 -93.78 -24.05 13.46
C GLY D 263 -94.52 -24.25 12.14
N HIS D 264 -95.02 -23.15 11.57
CA HIS D 264 -95.81 -23.19 10.32
C HIS D 264 -94.98 -23.47 9.05
N HIS D 265 -93.66 -23.35 9.09
CA HIS D 265 -92.89 -23.67 7.89
C HIS D 265 -91.92 -24.85 8.00
N HIS D 266 -91.25 -24.99 9.13
CA HIS D 266 -90.25 -26.07 9.28
C HIS D 266 -90.91 -27.40 9.62
N HIS D 267 -91.35 -28.10 8.58
CA HIS D 267 -91.93 -29.42 8.71
C HIS D 267 -92.07 -29.98 7.32
N HIS D 268 -92.32 -31.29 7.26
CA HIS D 268 -92.36 -32.04 6.00
C HIS D 268 -93.71 -32.75 5.75
N HIS D 269 -94.81 -32.18 6.26
CA HIS D 269 -96.16 -32.69 5.92
C HIS D 269 -96.97 -31.80 4.95
N ASN E 6 11.47 1.54 30.64
CA ASN E 6 11.73 1.50 29.15
C ASN E 6 12.81 2.49 28.66
N TYR E 7 13.74 2.00 27.87
CA TYR E 7 14.98 2.71 27.56
C TYR E 7 14.82 3.96 26.70
N GLU E 8 14.08 3.82 25.61
N GLU E 8 14.07 3.85 25.61
CA GLU E 8 13.83 4.89 24.69
CA GLU E 8 13.95 4.97 24.69
C GLU E 8 13.37 6.08 25.51
C GLU E 8 13.29 6.14 25.43
N GLU E 9 12.36 5.83 26.31
CA GLU E 9 11.66 6.85 27.08
C GLU E 9 12.58 7.57 28.08
N SER E 10 13.27 6.78 28.89
CA SER E 10 14.26 7.27 29.85
C SER E 10 15.32 8.09 29.19
N ALA E 11 15.95 7.52 28.16
CA ALA E 11 17.02 8.18 27.44
C ALA E 11 16.55 9.51 26.87
N LEU E 12 15.42 9.49 26.19
CA LEU E 12 14.92 10.70 25.61
C LEU E 12 14.82 11.75 26.72
N PHE E 13 14.23 11.37 27.85
CA PHE E 13 13.95 12.30 28.92
C PHE E 13 15.23 12.89 29.49
N GLU E 14 16.22 12.04 29.77
CA GLU E 14 17.46 12.47 30.41
C GLU E 14 18.25 13.38 29.52
N HIS E 15 18.41 12.94 28.27
CA HIS E 15 19.04 13.76 27.25
C HIS E 15 18.34 15.09 27.10
N GLN E 16 17.03 15.10 27.08
CA GLN E 16 16.40 16.34 26.83
C GLN E 16 16.61 17.30 28.00
N PHE E 17 16.43 16.82 29.22
CA PHE E 17 16.69 17.64 30.39
C PHE E 17 18.10 18.20 30.41
N TRP E 18 19.07 17.29 30.31
CA TRP E 18 20.46 17.61 30.56
C TRP E 18 21.09 18.40 29.41
N LEU E 19 20.72 18.13 28.17
CA LEU E 19 21.36 18.86 27.08
C LEU E 19 20.89 20.31 27.09
N LYS E 20 19.66 20.51 27.52
CA LYS E 20 19.12 21.87 27.69
C LYS E 20 19.87 22.61 28.83
N VAL E 21 20.09 21.90 29.93
CA VAL E 21 20.80 22.41 31.09
C VAL E 21 22.20 22.80 30.70
N LEU E 22 22.87 21.93 29.95
CA LEU E 22 24.20 22.23 29.51
C LEU E 22 24.25 23.32 28.45
N THR E 23 23.26 23.41 27.57
CA THR E 23 23.21 24.58 26.68
C THR E 23 23.08 25.86 27.53
N ASP E 24 22.28 25.85 28.58
CA ASP E 24 22.12 27.02 29.48
C ASP E 24 23.47 27.42 30.12
N HIS E 25 24.20 26.44 30.62
CA HIS E 25 25.46 26.68 31.30
C HIS E 25 26.43 27.41 30.37
N ALA E 26 26.58 26.87 29.15
CA ALA E 26 27.42 27.48 28.12
C ALA E 26 26.98 28.88 27.82
N GLN E 27 25.69 29.08 27.65
CA GLN E 27 25.19 30.43 27.45
C GLN E 27 25.45 31.32 28.67
N PHE E 28 25.15 30.82 29.89
CA PHE E 28 25.33 31.65 31.07
C PHE E 28 26.79 32.04 31.19
N LEU E 29 27.69 31.09 31.00
CA LEU E 29 29.13 31.32 31.09
C LEU E 29 29.60 32.29 30.03
N LEU E 30 29.13 32.10 28.81
CA LEU E 30 29.46 32.98 27.72
C LEU E 30 29.10 34.42 28.08
N ASP E 31 27.93 34.64 28.66
CA ASP E 31 27.54 36.03 28.96
C ASP E 31 28.18 36.64 30.20
N ALA E 32 28.76 35.80 31.06
CA ALA E 32 29.41 36.19 32.36
C ALA E 32 30.89 36.49 32.19
N LEU E 33 31.47 36.05 31.08
CA LEU E 33 32.91 36.33 30.78
C LEU E 33 33.09 37.80 30.42
N ALA E 34 34.18 38.40 30.91
CA ALA E 34 34.55 39.72 30.48
C ALA E 34 34.96 39.67 29.01
N PRO E 35 34.53 40.69 28.25
CA PRO E 35 34.86 40.80 26.84
C PRO E 35 36.33 40.45 26.54
N LYS E 36 37.27 40.80 27.42
CA LYS E 36 38.69 40.55 27.15
C LYS E 36 39.06 39.07 27.08
N GLU E 37 38.19 38.17 27.53
CA GLU E 37 38.55 36.80 27.76
C GLU E 37 38.31 36.03 26.48
N LYS E 38 38.94 36.44 25.39
CA LYS E 38 38.58 35.95 24.06
C LYS E 38 38.58 34.44 23.94
N GLU E 39 39.60 33.81 24.49
CA GLU E 39 39.78 32.34 24.35
CA GLU E 39 39.75 32.36 24.30
C GLU E 39 38.64 31.57 25.00
N ASP E 40 38.25 31.96 26.21
CA ASP E 40 37.13 31.24 26.87
C ASP E 40 35.76 31.56 26.26
N ILE E 41 35.59 32.76 25.69
CA ILE E 41 34.35 33.12 24.98
C ILE E 41 34.19 32.23 23.72
N LYS E 42 35.31 32.00 23.05
CA LYS E 42 35.30 31.12 21.88
C LYS E 42 34.88 29.73 22.35
N LYS E 43 35.41 29.28 23.47
CA LYS E 43 35.01 27.97 24.00
C LYS E 43 33.54 27.92 24.44
N ALA E 44 33.10 28.94 25.18
CA ALA E 44 31.69 28.92 25.61
C ALA E 44 30.78 28.97 24.37
N THR E 45 31.16 29.77 23.38
CA THR E 45 30.38 29.81 22.13
C THR E 45 30.34 28.43 21.44
N TYR E 46 31.47 27.73 21.40
CA TYR E 46 31.54 26.37 20.88
C TYR E 46 30.56 25.46 21.67
N PHE E 47 30.48 25.64 22.99
CA PHE E 47 29.63 24.78 23.78
C PHE E 47 28.17 25.10 23.58
N VAL E 48 27.85 26.37 23.35
CA VAL E 48 26.46 26.75 23.05
C VAL E 48 25.94 26.08 21.73
N GLU E 49 26.71 26.24 20.66
CA GLU E 49 26.37 25.61 19.39
C GLU E 49 26.33 24.07 19.55
N THR E 50 27.36 23.50 20.19
CA THR E 50 27.48 22.02 20.39
C THR E 50 26.27 21.42 21.11
N PHE E 51 25.84 22.00 22.24
CA PHE E 51 24.73 21.35 22.97
C PHE E 51 23.39 21.62 22.31
N THR E 52 23.23 22.81 21.71
CA THR E 52 22.02 23.17 20.98
C THR E 52 21.84 22.14 19.83
N ASN E 53 22.91 21.84 19.11
CA ASN E 53 22.84 20.83 18.05
C ASN E 53 22.47 19.43 18.55
N LEU E 54 23.22 18.90 19.49
CA LEU E 54 22.84 17.64 20.15
C LEU E 54 21.37 17.59 20.58
N LEU E 55 20.83 18.68 21.15
CA LEU E 55 19.44 18.66 21.64
C LEU E 55 18.44 18.58 20.46
N ASN E 56 18.77 19.29 19.39
CA ASN E 56 17.96 19.35 18.16
C ASN E 56 17.78 17.99 17.47
N LYS E 57 18.79 17.13 17.55
CA LYS E 57 18.75 15.88 16.84
C LYS E 57 18.53 14.70 17.78
N VAL E 58 18.20 14.96 19.05
CA VAL E 58 17.97 13.88 19.99
C VAL E 58 16.80 13.01 19.55
N ARG E 59 15.77 13.62 19.01
CA ARG E 59 14.70 12.77 18.53
C ARG E 59 15.02 11.90 17.28
N ASN E 60 16.04 12.27 16.50
CA ASN E 60 16.27 11.64 15.20
C ASN E 60 17.48 10.71 15.06
N VAL E 61 17.94 10.09 16.15
CA VAL E 61 19.18 9.31 16.07
C VAL E 61 19.10 7.96 16.79
N ASN E 62 20.10 7.09 16.58
CA ASN E 62 20.27 5.91 17.43
C ASN E 62 20.72 6.33 18.83
N LEU E 63 19.86 6.10 19.80
CA LEU E 63 20.09 6.58 21.17
C LEU E 63 21.36 6.08 21.87
N MET E 64 21.74 4.82 21.67
CA MET E 64 22.97 4.33 22.30
C MET E 64 24.19 5.04 21.70
N ALA E 65 24.17 5.30 20.40
CA ALA E 65 25.29 5.97 19.73
C ALA E 65 25.32 7.46 20.08
N PHE E 66 24.19 8.12 19.96
CA PHE E 66 24.01 9.50 20.43
C PHE E 66 24.60 9.63 21.85
N SER E 67 24.23 8.71 22.75
CA SER E 67 24.73 8.73 24.13
C SER E 67 26.25 8.86 24.26
N LYS E 68 26.99 8.25 23.35
CA LYS E 68 28.45 8.32 23.40
C LYS E 68 28.92 9.72 22.97
N GLU E 69 28.19 10.32 22.05
CA GLU E 69 28.53 11.66 21.60
C GLU E 69 28.25 12.71 22.70
N ALA E 70 27.05 12.62 23.31
CA ALA E 70 26.67 13.42 24.49
C ALA E 70 27.74 13.34 25.55
N GLU E 71 28.18 12.12 25.83
CA GLU E 71 29.16 11.93 26.84
C GLU E 71 30.48 12.65 26.59
N GLN E 72 30.99 12.54 25.36
CA GLN E 72 32.19 13.27 25.00
C GLN E 72 31.96 14.77 25.21
N ALA E 73 30.86 15.30 24.71
CA ALA E 73 30.64 16.74 24.83
C ALA E 73 30.52 17.15 26.31
N ALA E 74 29.80 16.35 27.10
CA ALA E 74 29.65 16.62 28.53
C ALA E 74 31.00 16.61 29.25
N LYS E 75 31.88 15.66 28.91
CA LYS E 75 33.19 15.65 29.55
C LYS E 75 34.01 16.85 29.17
N GLU E 76 33.82 17.33 27.94
CA GLU E 76 34.54 18.49 27.48
C GLU E 76 34.07 19.77 28.21
N ILE E 77 32.76 19.93 28.40
CA ILE E 77 32.27 21.13 29.15
C ILE E 77 32.60 21.01 30.65
N ARG E 78 32.60 19.81 31.21
CA ARG E 78 33.21 19.62 32.52
C ARG E 78 34.64 20.19 32.61
N ALA E 79 35.53 19.80 31.69
CA ALA E 79 36.89 20.26 31.77
C ALA E 79 36.99 21.77 31.61
N PHE E 80 36.13 22.37 30.78
CA PHE E 80 36.17 23.84 30.60
C PHE E 80 35.74 24.52 31.94
N LYS E 81 34.63 24.07 32.52
CA LYS E 81 34.22 24.57 33.86
C LYS E 81 35.36 24.50 34.89
N LEU E 82 36.04 23.37 34.93
CA LEU E 82 37.03 23.11 35.95
C LEU E 82 38.28 23.96 35.70
N ASN E 83 38.65 24.15 34.43
CA ASN E 83 39.68 25.15 34.08
C ASN E 83 39.28 26.58 34.48
N ILE E 84 38.01 26.89 34.34
CA ILE E 84 37.58 28.21 34.73
C ILE E 84 37.78 28.38 36.26
N ILE E 85 37.32 27.40 37.02
CA ILE E 85 37.50 27.44 38.49
C ILE E 85 38.98 27.55 38.90
N GLN E 86 39.84 26.76 38.25
CA GLN E 86 41.24 26.79 38.55
C GLN E 86 41.79 28.21 38.35
N LYS E 87 41.43 28.84 37.25
CA LYS E 87 41.95 30.19 37.03
C LYS E 87 41.37 31.22 38.04
N GLN E 88 40.14 31.01 38.46
CA GLN E 88 39.57 31.84 39.55
C GLN E 88 40.39 31.72 40.80
N LEU E 89 40.68 30.49 41.18
CA LEU E 89 41.46 30.28 42.37
C LEU E 89 42.86 30.83 42.26
N GLU E 90 43.35 31.12 41.06
CA GLU E 90 44.65 31.77 40.93
C GLU E 90 44.56 33.19 40.39
N GLY E 91 43.38 33.78 40.37
CA GLY E 91 43.18 35.15 39.90
C GLY E 91 43.53 35.38 38.43
N LYS E 92 43.22 34.40 37.57
CA LYS E 92 43.66 34.45 36.18
C LYS E 92 42.50 34.52 35.17
N ILE E 93 41.32 34.92 35.63
CA ILE E 93 40.24 35.12 34.70
C ILE E 93 39.26 36.13 35.30
N THR E 94 38.57 36.89 34.46
CA THR E 94 37.50 37.75 34.95
C THR E 94 36.18 37.20 34.41
N ILE E 95 35.32 36.76 35.34
CA ILE E 95 34.04 36.17 34.99
C ILE E 95 33.10 36.48 36.12
N HIS E 96 31.83 36.70 35.82
CA HIS E 96 30.90 37.19 36.82
C HIS E 96 30.06 36.11 37.46
N PHE E 97 30.64 34.91 37.54
CA PHE E 97 30.09 33.84 38.39
C PHE E 97 31.13 33.51 39.45
N THR E 98 30.72 33.33 40.70
CA THR E 98 31.69 32.91 41.74
C THR E 98 32.04 31.42 41.60
N PRO E 99 33.19 30.97 42.16
CA PRO E 99 33.67 29.60 42.04
C PRO E 99 32.68 28.54 42.48
N THR E 100 31.92 28.79 43.56
CA THR E 100 30.92 27.80 44.02
C THR E 100 29.75 27.65 43.03
N PHE E 101 29.30 28.74 42.42
CA PHE E 101 28.27 28.60 41.37
C PHE E 101 28.72 27.65 40.20
N ILE E 102 29.94 27.84 39.73
CA ILE E 102 30.49 26.98 38.69
C ILE E 102 30.78 25.58 39.25
N ASN E 103 31.17 25.51 40.52
CA ASN E 103 31.41 24.21 41.15
C ASN E 103 30.08 23.43 41.13
N HIS E 104 28.99 24.13 41.32
CA HIS E 104 27.68 23.51 41.21
C HIS E 104 27.34 23.04 39.75
N MET E 105 27.66 23.85 38.74
CA MET E 105 27.55 23.41 37.35
C MET E 105 28.35 22.12 37.12
N VAL E 106 29.55 22.04 37.68
CA VAL E 106 30.32 20.80 37.65
C VAL E 106 29.62 19.63 38.36
N ASN E 107 29.01 19.82 39.53
CA ASN E 107 28.29 18.70 40.14
C ASN E 107 27.16 18.27 39.20
N GLU E 108 26.56 19.24 38.54
CA GLU E 108 25.48 18.92 37.60
C GLU E 108 25.91 18.06 36.40
N VAL E 109 26.95 18.47 35.71
CA VAL E 109 27.40 17.67 34.57
C VAL E 109 27.95 16.31 34.99
N GLU E 110 28.45 16.18 36.23
CA GLU E 110 28.95 14.88 36.70
C GLU E 110 27.78 13.90 36.84
N GLU E 111 26.59 14.48 37.03
CA GLU E 111 25.37 13.77 37.29
C GLU E 111 24.80 13.25 35.95
N TYR E 112 24.83 14.09 34.91
CA TYR E 112 24.60 13.60 33.54
C TYR E 112 25.55 12.46 33.14
N ILE E 113 26.83 12.69 33.37
CA ILE E 113 27.84 11.70 33.08
C ILE E 113 27.58 10.36 33.78
N ALA E 114 27.22 10.38 35.07
CA ALA E 114 26.78 9.15 35.74
C ALA E 114 25.57 8.48 35.07
N VAL E 115 24.56 9.24 34.61
CA VAL E 115 23.45 8.57 33.91
C VAL E 115 23.89 8.02 32.52
N LEU E 116 24.79 8.74 31.85
CA LEU E 116 25.33 8.32 30.59
C LEU E 116 26.05 6.97 30.68
N GLU E 117 26.47 6.58 31.90
CA GLU E 117 27.17 5.32 32.01
C GLU E 117 26.19 4.24 31.57
N PHE E 118 25.01 4.33 32.14
CA PHE E 118 23.95 3.40 31.83
C PHE E 118 23.38 3.59 30.42
N LEU E 119 23.10 4.84 30.04
CA LEU E 119 22.47 5.12 28.75
C LEU E 119 23.27 4.62 27.54
N LYS E 120 24.59 4.73 27.60
CA LYS E 120 25.35 4.33 26.42
C LYS E 120 25.49 2.78 26.40
N LYS E 121 25.02 2.14 27.47
CA LYS E 121 25.02 0.68 27.58
C LYS E 121 23.67 0.09 27.18
N GLY E 122 22.70 0.91 26.84
CA GLY E 122 21.39 0.38 26.56
C GLY E 122 20.54 0.27 27.80
N GLU E 123 21.09 0.64 28.96
CA GLU E 123 20.34 0.52 30.24
C GLU E 123 19.52 1.74 30.69
N VAL E 124 18.40 1.46 31.34
CA VAL E 124 17.67 2.45 32.12
C VAL E 124 18.52 2.79 33.37
N PRO E 125 18.82 4.09 33.60
CA PRO E 125 19.61 4.40 34.79
C PRO E 125 18.85 3.97 36.04
N PRO E 126 19.56 3.57 37.09
CA PRO E 126 18.79 3.18 38.27
C PRO E 126 18.21 4.38 39.03
N VAL E 127 17.22 4.12 39.85
CA VAL E 127 16.76 5.11 40.79
C VAL E 127 17.67 5.07 42.01
N PHE E 128 18.48 6.09 42.20
CA PHE E 128 19.36 6.14 43.38
C PHE E 128 18.58 6.33 44.68
N HIS E 129 19.26 6.04 45.79
CA HIS E 129 18.72 6.26 47.12
C HIS E 129 18.39 7.75 47.21
N GLU E 130 17.27 8.12 47.83
CA GLU E 130 16.91 9.55 47.93
C GLU E 130 18.05 10.44 48.49
N LEU E 131 18.74 9.99 49.52
CA LEU E 131 19.92 10.75 49.98
C LEU E 131 20.95 11.08 48.92
N HIS E 132 21.10 10.26 47.88
CA HIS E 132 22.06 10.60 46.84
C HIS E 132 21.64 11.96 46.23
N TYR E 133 20.35 12.08 45.98
CA TYR E 133 19.81 13.23 45.30
C TYR E 133 19.84 14.46 46.22
N HIS E 134 19.51 14.26 47.49
CA HIS E 134 19.55 15.36 48.46
C HIS E 134 20.94 15.92 48.53
N LEU E 135 21.96 15.04 48.58
CA LEU E 135 23.37 15.49 48.69
C LEU E 135 23.92 16.20 47.47
N VAL E 136 23.30 16.02 46.31
CA VAL E 136 23.72 16.75 45.11
C VAL E 136 22.97 18.04 44.98
N TRP E 137 21.67 17.96 45.27
CA TRP E 137 20.78 19.03 44.84
C TRP E 137 20.41 20.04 45.92
N LEU E 138 20.70 19.73 47.17
CA LEU E 138 20.41 20.67 48.26
C LEU E 138 21.40 21.82 48.22
N THR E 139 22.67 21.51 48.04
CA THR E 139 23.60 22.63 47.89
C THR E 139 23.32 23.42 46.61
N ASP E 140 22.98 22.73 45.54
CA ASP E 140 22.56 23.36 44.32
C ASP E 140 21.41 24.36 44.54
N ALA E 141 20.40 23.92 45.27
CA ALA E 141 19.25 24.75 45.50
C ALA E 141 19.63 25.94 46.39
N ALA E 142 20.50 25.72 47.38
CA ALA E 142 20.95 26.90 48.20
C ALA E 142 21.76 27.88 47.34
N GLY E 143 22.54 27.35 46.41
CA GLY E 143 23.32 28.20 45.50
C GLY E 143 22.39 28.95 44.54
N HIS E 144 21.27 28.34 44.21
CA HIS E 144 20.31 29.01 43.36
C HIS E 144 19.74 30.22 44.09
N ALA E 145 19.19 29.97 45.28
CA ALA E 145 18.61 31.03 46.10
C ALA E 145 19.69 32.08 46.44
N GLY E 146 20.89 31.64 46.80
CA GLY E 146 22.01 32.57 47.09
C GLY E 146 22.40 33.42 45.87
N SER E 147 22.33 32.84 44.69
CA SER E 147 22.65 33.63 43.52
C SER E 147 21.57 34.69 43.20
N ILE E 148 20.31 34.37 43.50
CA ILE E 148 19.27 35.36 43.46
C ILE E 148 19.55 36.56 44.42
N SER E 149 19.79 36.28 45.71
CA SER E 149 20.12 37.36 46.66
C SER E 149 21.22 38.24 46.11
N GLY E 150 22.31 37.61 45.66
CA GLY E 150 23.47 38.31 45.16
C GLY E 150 23.24 39.13 43.90
N GLY E 151 22.30 38.70 43.07
CA GLY E 151 22.05 39.36 41.78
C GLY E 151 20.98 40.44 41.85
N LEU E 152 20.25 40.52 42.95
CA LEU E 152 19.21 41.57 43.09
C LEU E 152 19.84 42.93 43.40
N ASP E 153 19.22 44.00 42.90
CA ASP E 153 19.69 45.34 43.23
C ASP E 153 19.69 45.53 44.74
N LEU E 154 20.57 46.40 45.23
CA LEU E 154 20.57 46.85 46.63
C LEU E 154 19.17 47.20 47.17
N VAL E 155 18.30 47.84 46.38
CA VAL E 155 17.02 48.27 46.95
C VAL E 155 15.92 47.22 46.99
N GLU E 156 16.18 46.07 46.39
CA GLU E 156 15.22 44.99 46.36
C GLU E 156 15.31 44.20 47.68
N LYS E 157 15.11 44.90 48.80
CA LYS E 157 15.28 44.30 50.13
C LYS E 157 14.30 43.18 50.40
N ARG E 158 13.05 43.37 50.00
CA ARG E 158 12.05 42.34 50.28
C ARG E 158 12.29 41.04 49.53
N LEU E 159 12.67 41.14 48.27
CA LEU E 159 12.95 39.91 47.52
C LEU E 159 14.24 39.23 48.03
N LYS E 160 15.21 40.04 48.42
CA LYS E 160 16.44 39.50 48.94
C LYS E 160 16.18 38.78 50.29
N GLU E 161 15.36 39.36 51.14
CA GLU E 161 14.97 38.74 52.37
C GLU E 161 14.39 37.32 52.14
N LYS E 162 13.51 37.22 51.15
CA LYS E 162 12.88 35.96 50.81
C LYS E 162 13.90 34.96 50.20
N SER E 163 14.74 35.37 49.28
CA SER E 163 15.74 34.40 48.82
C SER E 163 16.74 33.94 49.88
N GLU E 164 17.16 34.83 50.78
CA GLU E 164 18.02 34.45 51.92
CA GLU E 164 18.03 34.45 51.90
C GLU E 164 17.39 33.41 52.82
N GLU E 165 16.09 33.51 53.00
CA GLU E 165 15.40 32.54 53.79
C GLU E 165 15.43 31.14 53.12
N PHE E 166 15.20 31.09 51.81
CA PHE E 166 15.37 29.86 51.01
C PHE E 166 16.79 29.32 51.12
N THR E 167 17.81 30.18 50.96
CA THR E 167 19.20 29.72 51.08
C THR E 167 19.47 29.05 52.41
N LYS E 168 19.02 29.73 53.45
CA LYS E 168 19.12 29.20 54.80
C LYS E 168 18.46 27.83 54.95
N HIS E 169 17.20 27.72 54.48
CA HIS E 169 16.46 26.47 54.60
C HIS E 169 17.13 25.32 53.86
N PHE E 170 17.62 25.57 52.65
CA PHE E 170 18.29 24.50 51.90
C PHE E 170 19.61 24.06 52.54
N GLU E 171 20.36 25.05 53.05
CA GLU E 171 21.61 24.79 53.76
C GLU E 171 21.36 23.92 54.98
N GLN E 172 20.31 24.24 55.72
CA GLN E 172 19.96 23.48 56.93
C GLN E 172 19.45 22.08 56.55
N PHE E 173 18.65 21.96 55.48
CA PHE E 173 18.27 20.64 54.97
C PHE E 173 19.54 19.87 54.57
N TYR E 174 20.49 20.53 53.92
CA TYR E 174 21.69 19.80 53.58
C TYR E 174 22.42 19.26 54.83
N LEU E 175 22.56 20.09 55.86
CA LEU E 175 23.23 19.62 57.09
C LEU E 175 22.55 18.35 57.63
N LYS E 176 21.22 18.33 57.54
CA LYS E 176 20.44 17.16 57.96
C LYS E 176 20.66 15.94 57.04
N ALA E 177 20.73 16.17 55.73
CA ALA E 177 21.03 15.07 54.73
C ALA E 177 22.36 14.48 55.08
N VAL E 178 23.32 15.34 55.40
CA VAL E 178 24.64 14.84 55.81
C VAL E 178 24.64 13.87 56.99
N GLU E 179 23.99 14.25 58.09
CA GLU E 179 23.86 13.39 59.25
C GLU E 179 23.08 12.07 58.97
N MET E 180 21.97 12.20 58.26
CA MET E 180 21.16 11.02 57.88
C MET E 180 21.91 10.06 56.98
N THR E 181 22.76 10.57 56.11
CA THR E 181 23.66 9.70 55.35
C THR E 181 24.53 8.91 56.29
N GLY E 182 25.01 9.53 57.38
CA GLY E 182 25.72 8.78 58.42
C GLY E 182 24.88 7.74 59.17
N TYR E 183 23.60 8.04 59.37
CA TYR E 183 22.68 7.07 60.00
C TYR E 183 22.64 5.73 59.22
N LEU E 184 22.78 5.80 57.89
CA LEU E 184 22.74 4.62 56.99
C LEU E 184 23.80 3.57 57.35
N ARG E 185 24.83 3.97 58.10
CA ARG E 185 25.88 3.02 58.50
C ARG E 185 25.30 1.95 59.38
N THR E 186 24.11 2.20 59.92
CA THR E 186 23.41 1.22 60.73
C THR E 186 22.87 0.10 59.84
N GLU E 187 22.97 0.28 58.51
CA GLU E 187 22.40 -0.67 57.57
C GLU E 187 20.86 -0.65 57.54
N LEU E 188 20.24 0.20 58.37
CA LEU E 188 18.85 0.56 58.17
C LEU E 188 18.79 1.74 57.18
N HIS E 189 18.27 1.48 55.98
CA HIS E 189 18.35 2.42 54.86
C HIS E 189 17.10 3.27 54.63
N HIS E 190 16.02 2.92 55.32
CA HIS E 190 14.76 3.63 55.18
C HIS E 190 14.15 3.56 56.54
N PHE E 191 13.68 4.71 57.01
CA PHE E 191 13.17 4.84 58.34
C PHE E 191 12.35 6.10 58.33
N PRO E 192 11.51 6.29 59.35
CA PRO E 192 10.48 7.32 59.18
C PRO E 192 11.02 8.75 59.15
N ALA E 193 12.07 9.02 59.89
CA ALA E 193 12.64 10.37 59.87
C ALA E 193 13.14 10.73 58.48
N LEU E 194 13.70 9.76 57.77
CA LEU E 194 14.17 10.01 56.41
C LEU E 194 12.99 10.33 55.48
N LYS E 195 11.94 9.51 55.55
CA LYS E 195 10.78 9.76 54.68
C LYS E 195 10.18 11.13 54.92
N LYS E 196 10.06 11.46 56.20
CA LYS E 196 9.50 12.71 56.62
C LYS E 196 10.39 13.89 56.11
N PHE E 197 11.70 13.74 56.22
CA PHE E 197 12.68 14.70 55.73
C PHE E 197 12.46 14.94 54.21
N THR E 198 12.34 13.85 53.47
CA THR E 198 12.21 14.00 52.01
C THR E 198 10.91 14.71 51.64
N LYS E 199 9.84 14.44 52.38
CA LYS E 199 8.58 15.16 52.26
C LYS E 199 8.72 16.67 52.55
N ASP E 200 9.44 17.02 53.62
CA ASP E 200 9.63 18.43 54.03
C ASP E 200 10.42 19.16 52.95
N VAL E 201 11.47 18.53 52.47
CA VAL E 201 12.28 19.11 51.40
C VAL E 201 11.40 19.29 50.14
N SER E 202 10.46 18.39 49.91
CA SER E 202 9.58 18.50 48.74
C SER E 202 8.64 19.69 48.83
N LEU E 203 8.04 19.88 49.98
CA LEU E 203 7.26 21.08 50.26
C LEU E 203 8.08 22.34 49.98
N GLU E 204 9.30 22.38 50.49
CA GLU E 204 10.16 23.54 50.26
C GLU E 204 10.51 23.79 48.78
N LEU E 205 10.91 22.73 48.09
CA LEU E 205 11.13 22.81 46.61
C LEU E 205 9.90 23.35 45.89
N LYS E 206 8.72 22.97 46.34
CA LYS E 206 7.46 23.44 45.80
C LYS E 206 7.33 24.94 46.02
N LEU E 207 7.62 25.40 47.26
CA LEU E 207 7.60 26.84 47.58
C LEU E 207 8.61 27.63 46.76
N PHE E 208 9.80 27.06 46.59
CA PHE E 208 10.91 27.72 45.91
C PHE E 208 10.64 27.80 44.38
N SER E 209 10.07 26.74 43.82
CA SER E 209 9.59 26.82 42.42
C SER E 209 8.59 27.91 42.18
N HIS E 210 7.65 28.15 43.10
CA HIS E 210 6.71 29.29 42.93
C HIS E 210 7.49 30.60 42.92
N PHE E 211 8.41 30.75 43.89
CA PHE E 211 9.20 31.94 44.01
C PHE E 211 10.00 32.17 42.72
N LEU E 212 10.61 31.12 42.19
CA LEU E 212 11.38 31.19 40.92
C LEU E 212 10.52 31.62 39.74
N HIS E 213 9.28 31.15 39.70
CA HIS E 213 8.39 31.57 38.63
C HIS E 213 7.98 33.02 38.75
N GLU E 214 7.78 33.46 39.97
CA GLU E 214 7.50 34.85 40.24
C GLU E 214 8.70 35.70 39.85
N VAL E 215 9.91 35.19 40.13
CA VAL E 215 11.09 35.95 39.74
C VAL E 215 11.22 36.02 38.20
N GLU E 216 10.91 34.90 37.54
CA GLU E 216 10.94 34.88 36.09
C GLU E 216 9.98 35.91 35.50
N GLU E 217 8.79 35.97 36.08
CA GLU E 217 7.78 36.88 35.58
C GLU E 217 8.22 38.31 35.78
N LEU E 218 8.72 38.63 36.98
CA LEU E 218 9.34 39.96 37.24
C LEU E 218 10.43 40.32 36.22
N GLU E 219 11.24 39.34 35.86
CA GLU E 219 12.36 39.59 34.90
C GLU E 219 11.80 39.84 33.48
N LEU E 220 10.83 39.03 33.08
CA LEU E 220 10.17 39.23 31.79
C LEU E 220 9.48 40.59 31.69
N SER E 221 8.92 41.07 32.79
CA SER E 221 8.25 42.36 32.73
C SER E 221 9.17 43.53 33.04
N ASN E 222 10.43 43.24 33.43
CA ASN E 222 11.39 44.28 33.82
C ASN E 222 10.97 44.97 35.13
N GLU E 223 10.25 44.24 35.97
CA GLU E 223 9.73 44.83 37.20
C GLU E 223 10.63 44.65 38.40
N VAL E 224 11.70 43.86 38.23
CA VAL E 224 12.71 43.67 39.29
C VAL E 224 14.04 44.27 38.81
N LEU E 225 14.81 44.88 39.72
CA LEU E 225 16.07 45.48 39.38
C LEU E 225 17.11 44.41 39.78
N SER E 226 17.87 43.91 38.82
CA SER E 226 18.80 42.80 39.08
C SER E 226 19.80 42.59 37.91
N VAL E 227 20.74 41.68 38.10
CA VAL E 227 21.63 41.25 37.03
C VAL E 227 21.27 39.81 36.76
N LEU E 228 20.03 39.43 37.07
CA LEU E 228 19.56 38.09 36.76
C LEU E 228 18.80 38.09 35.44
N SER E 229 18.25 36.96 35.05
CA SER E 229 17.55 36.96 33.79
C SER E 229 16.46 35.94 33.89
N ALA E 230 15.44 36.09 33.06
CA ALA E 230 14.34 35.16 33.08
C ALA E 230 14.83 33.74 32.75
N ARG E 231 15.78 33.63 31.83
CA ARG E 231 16.25 32.32 31.43
C ARG E 231 16.92 31.62 32.62
N MET E 232 17.62 32.41 33.43
CA MET E 232 18.27 31.83 34.61
C MET E 232 17.25 31.30 35.65
N ALA E 233 16.22 32.09 35.95
CA ALA E 233 15.16 31.60 36.84
C ALA E 233 14.42 30.35 36.26
N ASP E 234 14.14 30.34 34.94
CA ASP E 234 13.52 29.18 34.26
C ASP E 234 14.39 27.95 34.41
N HIS E 235 15.63 28.13 34.06
CA HIS E 235 16.63 27.12 34.27
C HIS E 235 16.65 26.56 35.70
N MET E 236 16.67 27.43 36.71
CA MET E 236 16.73 27.00 38.09
C MET E 236 15.45 26.20 38.42
N ALA E 237 14.30 26.68 37.97
CA ALA E 237 13.03 25.95 38.19
C ALA E 237 12.96 24.59 37.48
N ARG E 238 13.53 24.48 36.28
CA ARG E 238 13.63 23.16 35.66
C ARG E 238 14.45 22.21 36.46
N GLU E 239 15.58 22.67 36.98
CA GLU E 239 16.39 21.84 37.90
C GLU E 239 15.73 21.40 39.22
N GLU E 240 15.07 22.34 39.90
CA GLU E 240 14.26 21.98 41.10
C GLU E 240 13.16 20.96 40.74
N CYS E 241 12.57 21.07 39.55
CA CYS E 241 11.63 20.04 39.07
C CYS E 241 12.27 18.65 38.91
N TYR E 242 13.44 18.58 38.29
CA TYR E 242 14.10 17.30 38.10
C TYR E 242 14.44 16.66 39.46
N TYR E 243 14.83 17.50 40.42
CA TYR E 243 15.20 17.04 41.76
C TYR E 243 13.94 16.56 42.46
N LEU E 244 12.88 17.36 42.41
CA LEU E 244 11.59 16.91 42.92
C LEU E 244 11.15 15.57 42.34
N LEU E 245 11.18 15.47 41.01
CA LEU E 245 10.87 14.21 40.32
C LEU E 245 11.70 13.02 40.82
N LYS E 246 13.01 13.19 40.94
CA LYS E 246 13.87 12.10 41.40
C LYS E 246 13.55 11.76 42.87
N LEU E 247 13.19 12.77 43.66
CA LEU E 247 12.81 12.51 45.04
C LEU E 247 11.49 11.69 45.13
N ALA E 248 10.52 12.06 44.29
CA ALA E 248 9.24 11.37 44.27
C ALA E 248 9.43 9.90 43.88
N GLN E 249 10.25 9.67 42.87
CA GLN E 249 10.57 8.32 42.45
C GLN E 249 11.30 7.50 43.52
N SER E 250 12.42 8.01 44.03
CA SER E 250 13.21 7.26 45.04
C SER E 250 12.53 7.10 46.40
N SER E 251 11.71 8.05 46.81
CA SER E 251 11.09 8.01 48.13
C SER E 251 9.65 7.48 48.13
N GLY E 252 8.92 7.60 47.02
CA GLY E 252 7.57 7.07 46.99
C GLY E 252 6.61 8.18 47.32
N LEU E 253 6.82 9.30 46.66
CA LEU E 253 5.88 10.41 46.75
C LEU E 253 5.19 10.57 45.41
N GLU E 254 4.09 11.31 45.39
N GLU E 254 4.10 11.32 45.38
CA GLU E 254 3.43 11.57 44.12
CA GLU E 254 3.45 11.57 44.10
C GLU E 254 4.35 12.39 43.19
C GLU E 254 4.35 12.42 43.18
N MET E 255 4.36 12.07 41.90
CA MET E 255 5.19 12.80 40.94
C MET E 255 4.75 14.26 40.91
N PRO E 256 5.70 15.19 40.78
CA PRO E 256 5.26 16.58 40.77
C PRO E 256 4.68 16.94 39.41
N LYS E 257 3.83 17.96 39.36
CA LYS E 257 3.34 18.45 38.09
C LYS E 257 4.13 19.70 37.74
N CYS E 258 5.32 19.48 37.21
CA CYS E 258 6.14 20.56 36.74
C CYS E 258 6.89 19.89 35.63
N ASN E 259 7.48 20.65 34.74
CA ASN E 259 8.15 20.09 33.59
C ASN E 259 9.64 20.46 33.58
N PRO E 260 10.52 19.47 33.74
CA PRO E 260 11.95 19.77 33.76
C PRO E 260 12.50 20.02 32.38
N LEU E 261 11.70 19.78 31.33
CA LEU E 261 12.21 19.92 29.96
C LEU E 261 12.00 21.28 29.30
N GLU E 262 10.92 22.01 29.63
CA GLU E 262 10.84 23.39 29.14
C GLU E 262 9.90 24.34 29.92
N LEU F 3 45.39 74.55 56.16
CA LEU F 3 46.00 75.63 55.30
C LEU F 3 44.96 76.24 54.33
N GLU F 4 45.23 77.42 53.78
CA GLU F 4 44.30 78.02 52.82
C GLU F 4 44.28 77.25 51.50
N ARG F 5 43.09 76.91 50.99
CA ARG F 5 43.02 76.18 49.72
C ARG F 5 43.26 77.13 48.55
N ASN F 6 44.08 76.69 47.59
CA ASN F 6 44.41 77.53 46.41
C ASN F 6 44.11 76.82 45.10
N TYR F 7 44.11 77.60 44.03
CA TYR F 7 43.52 77.11 42.79
C TYR F 7 44.35 76.00 42.27
N GLU F 8 45.66 76.20 42.22
CA GLU F 8 46.49 75.23 41.50
C GLU F 8 46.46 73.86 42.20
N GLU F 9 46.59 73.89 43.52
CA GLU F 9 46.59 72.66 44.30
C GLU F 9 45.22 71.99 44.29
N SER F 10 44.13 72.75 44.40
CA SER F 10 42.81 72.14 44.38
C SER F 10 42.44 71.51 43.04
N ALA F 11 42.64 72.30 41.97
CA ALA F 11 42.44 71.84 40.59
C ALA F 11 43.22 70.55 40.36
N LEU F 12 44.50 70.53 40.71
CA LEU F 12 45.29 69.32 40.53
C LEU F 12 44.74 68.13 41.30
N PHE F 13 44.43 68.32 42.57
CA PHE F 13 43.87 67.25 43.39
C PHE F 13 42.53 66.75 42.84
N GLU F 14 41.63 67.67 42.53
CA GLU F 14 40.29 67.22 42.13
C GLU F 14 40.37 66.49 40.80
N HIS F 15 41.10 67.04 39.82
CA HIS F 15 41.27 66.34 38.53
C HIS F 15 41.90 64.99 38.71
N GLN F 16 43.03 64.91 39.42
CA GLN F 16 43.60 63.59 39.63
C GLN F 16 42.62 62.60 40.30
N PHE F 17 41.87 63.06 41.29
CA PHE F 17 40.93 62.16 41.98
C PHE F 17 39.83 61.63 41.07
N TRP F 18 39.15 62.56 40.38
CA TRP F 18 37.95 62.28 39.66
C TRP F 18 38.30 61.61 38.32
N LEU F 19 39.42 62.00 37.71
CA LEU F 19 39.75 61.38 36.42
C LEU F 19 40.15 59.94 36.61
N LYS F 20 40.78 59.65 37.74
CA LYS F 20 41.05 58.23 38.01
C LYS F 20 39.79 57.45 38.34
N VAL F 21 38.90 58.08 39.10
CA VAL F 21 37.60 57.50 39.41
C VAL F 21 36.81 57.10 38.15
N LEU F 22 36.83 57.99 37.16
CA LEU F 22 36.03 57.79 35.95
C LEU F 22 36.67 56.81 35.02
N THR F 23 37.99 56.79 35.01
CA THR F 23 38.74 55.74 34.31
C THR F 23 38.38 54.40 34.92
N ASP F 24 38.29 54.34 36.25
CA ASP F 24 37.81 53.14 36.94
C ASP F 24 36.40 52.77 36.52
N HIS F 25 35.45 53.71 36.60
CA HIS F 25 34.10 53.44 36.17
C HIS F 25 34.07 52.86 34.75
N ALA F 26 34.76 53.50 33.82
CA ALA F 26 34.81 52.99 32.47
C ALA F 26 35.35 51.57 32.37
N GLN F 27 36.48 51.27 33.03
CA GLN F 27 37.05 49.90 33.03
C GLN F 27 36.08 48.92 33.65
N PHE F 28 35.42 49.30 34.76
CA PHE F 28 34.50 48.41 35.44
C PHE F 28 33.27 48.11 34.55
N LEU F 29 32.74 49.15 33.92
CA LEU F 29 31.63 48.97 33.02
C LEU F 29 32.08 48.03 31.89
N LEU F 30 33.26 48.31 31.31
CA LEU F 30 33.80 47.54 30.19
C LEU F 30 33.84 46.07 30.59
N ASP F 31 34.41 45.77 31.75
CA ASP F 31 34.57 44.36 32.09
C ASP F 31 33.26 43.73 32.47
N ALA F 32 32.25 44.56 32.78
CA ALA F 32 30.94 44.05 33.27
C ALA F 32 29.92 43.73 32.14
N LEU F 33 30.20 44.21 30.93
CA LEU F 33 29.26 44.07 29.80
C LEU F 33 29.36 42.66 29.29
N ALA F 34 28.25 42.02 28.90
CA ALA F 34 28.37 40.72 28.26
C ALA F 34 29.15 40.89 26.93
N PRO F 35 29.94 39.88 26.50
CA PRO F 35 30.66 40.01 25.20
C PRO F 35 29.80 40.48 24.02
N LYS F 36 28.53 40.15 24.07
CA LYS F 36 27.59 40.52 22.99
C LYS F 36 27.25 42.00 23.01
N GLU F 37 27.58 42.74 24.08
CA GLU F 37 27.25 44.16 24.08
C GLU F 37 28.26 45.01 23.31
N LYS F 38 28.47 44.68 22.04
CA LYS F 38 29.48 45.38 21.21
C LYS F 38 29.44 46.89 21.26
N GLU F 39 28.28 47.47 21.04
CA GLU F 39 28.20 48.92 21.09
C GLU F 39 28.71 49.54 22.42
N ASP F 40 28.19 49.03 23.54
CA ASP F 40 28.60 49.58 24.83
C ASP F 40 30.03 49.26 25.20
N ILE F 41 30.52 48.09 24.77
CA ILE F 41 31.95 47.73 24.94
C ILE F 41 32.87 48.69 24.19
N LYS F 42 32.49 49.03 22.96
CA LYS F 42 33.24 50.04 22.20
C LYS F 42 33.23 51.42 22.88
N LYS F 43 32.08 51.83 23.40
CA LYS F 43 31.96 53.09 24.15
C LYS F 43 32.77 53.09 25.43
N ALA F 44 32.67 52.02 26.23
CA ALA F 44 33.43 51.90 27.47
C ALA F 44 34.93 51.95 27.24
N THR F 45 35.40 51.26 26.20
CA THR F 45 36.82 51.31 25.80
C THR F 45 37.25 52.76 25.46
N TYR F 46 36.43 53.45 24.69
CA TYR F 46 36.67 54.84 24.39
C TYR F 46 36.79 55.68 25.65
N PHE F 47 35.90 55.46 26.61
CA PHE F 47 36.00 56.20 27.89
C PHE F 47 37.25 55.85 28.71
N VAL F 48 37.63 54.57 28.70
CA VAL F 48 38.93 54.20 29.33
C VAL F 48 40.07 55.00 28.71
N GLU F 49 40.11 55.01 27.38
CA GLU F 49 41.18 55.73 26.71
C GLU F 49 41.11 57.20 27.00
N THR F 50 39.92 57.77 26.88
CA THR F 50 39.76 59.21 27.08
C THR F 50 40.17 59.67 28.49
N PHE F 51 39.70 58.95 29.52
CA PHE F 51 40.02 59.39 30.88
C PHE F 51 41.45 59.09 31.28
N THR F 52 41.99 57.98 30.79
CA THR F 52 43.43 57.68 30.94
C THR F 52 44.29 58.78 30.35
N ASN F 53 43.95 59.24 29.16
CA ASN F 53 44.69 60.34 28.52
C ASN F 53 44.51 61.68 29.22
N LEU F 54 43.29 62.00 29.65
CA LEU F 54 43.13 63.23 30.44
C LEU F 54 44.01 63.16 31.69
N LEU F 55 43.94 62.05 32.41
CA LEU F 55 44.69 61.94 33.67
C LEU F 55 46.18 62.08 33.43
N ASN F 56 46.65 61.47 32.37
CA ASN F 56 48.08 61.50 32.04
C ASN F 56 48.56 62.88 31.69
N LYS F 57 47.67 63.75 31.24
CA LYS F 57 48.17 65.05 30.83
C LYS F 57 47.76 66.18 31.74
N VAL F 58 47.29 65.87 32.94
CA VAL F 58 46.92 66.95 33.83
C VAL F 58 48.21 67.72 34.24
N ARG F 59 48.18 69.05 34.25
CA ARG F 59 49.39 69.84 34.50
CA ARG F 59 49.39 69.82 34.57
C ARG F 59 48.96 71.16 35.13
N ASN F 60 49.86 71.83 35.85
CA ASN F 60 49.51 73.09 36.51
C ASN F 60 49.50 74.31 35.60
N VAL F 61 49.76 74.08 34.31
CA VAL F 61 49.52 75.09 33.27
C VAL F 61 48.25 74.74 32.46
N ASN F 62 47.51 75.79 32.11
CA ASN F 62 46.28 75.65 31.38
C ASN F 62 45.18 74.85 32.03
N LEU F 63 45.09 74.95 33.35
CA LEU F 63 44.14 74.15 34.10
C LEU F 63 42.73 74.50 33.70
N MET F 64 42.50 75.77 33.32
CA MET F 64 41.14 76.20 33.02
CA MET F 64 41.14 76.23 32.99
C MET F 64 40.67 75.63 31.69
N ALA F 65 41.51 75.74 30.65
CA ALA F 65 41.16 75.10 29.38
C ALA F 65 41.05 73.61 29.59
N PHE F 66 41.94 73.06 30.40
CA PHE F 66 41.90 71.63 30.64
C PHE F 66 40.55 71.21 31.30
N SER F 67 40.07 72.06 32.22
CA SER F 67 38.85 71.73 32.97
C SER F 67 37.66 71.66 32.02
N LYS F 68 37.70 72.47 30.96
CA LYS F 68 36.62 72.44 29.99
C LYS F 68 36.68 71.15 29.19
N GLU F 69 37.87 70.71 28.82
CA GLU F 69 37.97 69.41 28.14
C GLU F 69 37.49 68.22 29.05
N ALA F 70 37.93 68.23 30.30
CA ALA F 70 37.50 67.23 31.30
C ALA F 70 35.99 67.25 31.45
N GLU F 71 35.41 68.43 31.46
CA GLU F 71 33.99 68.60 31.59
C GLU F 71 33.18 67.98 30.44
N GLN F 72 33.60 68.23 29.21
CA GLN F 72 32.94 67.59 28.04
C GLN F 72 32.99 66.07 28.15
N ALA F 73 34.13 65.53 28.49
CA ALA F 73 34.24 64.08 28.73
C ALA F 73 33.33 63.56 29.88
N ALA F 74 33.33 64.30 31.00
CA ALA F 74 32.50 63.96 32.18
C ALA F 74 31.04 63.88 31.81
N LYS F 75 30.58 64.87 31.05
CA LYS F 75 29.23 64.87 30.52
C LYS F 75 28.92 63.71 29.59
N GLU F 76 29.89 63.29 28.76
CA GLU F 76 29.65 62.13 27.87
C GLU F 76 29.54 60.81 28.64
N ILE F 77 30.46 60.58 29.56
CA ILE F 77 30.33 59.35 30.32
C ILE F 77 29.05 59.36 31.16
N ARG F 78 28.67 60.52 31.68
CA ARG F 78 27.37 60.61 32.36
C ARG F 78 26.22 60.12 31.45
N ALA F 79 26.20 60.57 30.19
CA ALA F 79 25.14 60.16 29.24
C ALA F 79 25.21 58.66 28.98
N PHE F 80 26.42 58.15 28.86
CA PHE F 80 26.68 56.71 28.65
C PHE F 80 26.09 55.91 29.82
N LYS F 81 26.43 56.32 31.05
CA LYS F 81 25.87 55.62 32.21
C LYS F 81 24.33 55.67 32.23
N LEU F 82 23.75 56.85 32.03
CA LEU F 82 22.32 56.94 32.02
C LEU F 82 21.65 56.11 30.90
N ASN F 83 22.24 56.09 29.69
CA ASN F 83 21.75 55.19 28.62
C ASN F 83 21.73 53.71 29.05
N ILE F 84 22.76 53.28 29.78
CA ILE F 84 22.77 51.89 30.25
C ILE F 84 21.69 51.68 31.28
N ILE F 85 21.48 52.62 32.20
CA ILE F 85 20.40 52.46 33.18
C ILE F 85 19.07 52.38 32.43
N GLN F 86 18.90 53.24 31.43
CA GLN F 86 17.68 53.23 30.66
C GLN F 86 17.47 51.84 30.02
N LYS F 87 18.48 51.26 29.43
CA LYS F 87 18.28 49.93 28.86
C LYS F 87 18.03 48.88 29.91
N GLN F 88 18.64 49.03 31.09
CA GLN F 88 18.34 48.11 32.21
C GLN F 88 16.83 48.11 32.55
N LEU F 89 16.25 49.30 32.65
CA LEU F 89 14.87 49.44 33.02
C LEU F 89 13.93 48.97 31.90
N GLU F 90 14.47 48.81 30.69
CA GLU F 90 13.74 48.32 29.51
C GLU F 90 14.14 46.90 29.10
N GLY F 91 15.03 46.25 29.84
CA GLY F 91 15.40 44.88 29.54
C GLY F 91 16.22 44.79 28.26
N LYS F 92 17.00 45.82 27.96
CA LYS F 92 17.67 45.90 26.65
C LYS F 92 19.17 45.74 26.69
N ILE F 93 19.73 45.21 27.79
CA ILE F 93 21.18 45.11 27.89
C ILE F 93 21.55 44.06 28.92
N THR F 94 22.61 43.30 28.65
CA THR F 94 23.17 42.42 29.65
C THR F 94 24.45 43.03 30.21
N ILE F 95 24.37 43.46 31.45
CA ILE F 95 25.55 43.96 32.14
C ILE F 95 25.52 43.48 33.60
N HIS F 96 26.68 43.24 34.18
CA HIS F 96 26.72 42.63 35.51
C HIS F 96 26.83 43.65 36.64
N PHE F 97 26.28 44.83 36.43
CA PHE F 97 26.07 45.77 37.55
C PHE F 97 24.58 46.07 37.65
N THR F 98 24.07 46.29 38.85
CA THR F 98 22.66 46.60 39.03
C THR F 98 22.45 48.11 38.74
N PRO F 99 21.23 48.53 38.33
CA PRO F 99 20.99 49.96 38.05
C PRO F 99 21.39 50.92 39.20
N THR F 100 21.23 50.53 40.48
CA THR F 100 21.59 51.46 41.55
C THR F 100 23.11 51.67 41.58
N PHE F 101 23.88 50.64 41.31
CA PHE F 101 25.32 50.80 41.30
C PHE F 101 25.71 51.82 40.24
N ILE F 102 25.17 51.68 39.05
CA ILE F 102 25.48 52.62 38.00
C ILE F 102 24.82 53.98 38.29
N ASN F 103 23.65 53.98 38.95
CA ASN F 103 23.06 55.22 39.45
C ASN F 103 24.00 55.96 40.42
N HIS F 104 24.70 55.20 41.25
CA HIS F 104 25.75 55.79 42.11
C HIS F 104 26.95 56.36 41.30
N MET F 105 27.39 55.68 40.23
CA MET F 105 28.38 56.29 39.31
C MET F 105 27.88 57.62 38.74
N VAL F 106 26.58 57.71 38.42
CA VAL F 106 26.02 58.97 37.94
C VAL F 106 26.16 60.08 39.00
N ASN F 107 25.78 59.75 40.24
CA ASN F 107 25.89 60.72 41.33
C ASN F 107 27.34 61.25 41.44
N GLU F 108 28.29 60.35 41.30
CA GLU F 108 29.69 60.69 41.38
C GLU F 108 30.19 61.54 40.22
N VAL F 109 29.96 61.14 38.97
CA VAL F 109 30.33 62.05 37.88
C VAL F 109 29.62 63.43 38.00
N GLU F 110 28.41 63.48 38.55
CA GLU F 110 27.77 64.77 38.82
C GLU F 110 28.45 65.63 39.87
N GLU F 111 29.04 65.02 40.88
CA GLU F 111 29.88 65.75 41.82
C GLU F 111 31.09 66.35 41.08
N TYR F 112 31.72 65.58 40.21
CA TYR F 112 32.84 66.16 39.44
C TYR F 112 32.36 67.33 38.58
N ILE F 113 31.23 67.16 37.92
CA ILE F 113 30.73 68.24 37.09
C ILE F 113 30.54 69.50 37.93
N ALA F 114 30.17 69.33 39.20
CA ALA F 114 29.85 70.46 40.01
C ALA F 114 31.14 71.13 40.45
N VAL F 115 32.17 70.32 40.60
CA VAL F 115 33.47 70.88 40.93
C VAL F 115 33.97 71.66 39.69
N LEU F 116 33.63 71.16 38.52
CA LEU F 116 34.20 71.65 37.30
C LEU F 116 33.59 73.01 36.93
N GLU F 117 32.41 73.29 37.44
CA GLU F 117 31.83 74.61 37.25
C GLU F 117 32.77 75.67 37.82
N PHE F 118 33.23 75.44 39.04
CA PHE F 118 34.22 76.32 39.61
C PHE F 118 35.54 76.32 38.85
N LEU F 119 36.04 75.14 38.51
CA LEU F 119 37.38 75.05 37.95
C LEU F 119 37.52 75.63 36.54
N LYS F 120 36.48 75.52 35.71
CA LYS F 120 36.49 76.11 34.36
C LYS F 120 36.61 77.59 34.41
N LYS F 121 36.15 78.21 35.48
CA LYS F 121 36.28 79.64 35.58
C LYS F 121 37.41 80.08 36.47
N GLY F 122 38.26 79.14 36.89
CA GLY F 122 39.51 79.46 37.58
C GLY F 122 39.25 79.82 39.04
N GLU F 123 38.09 79.46 39.57
CA GLU F 123 37.86 79.64 41.02
C GLU F 123 38.17 78.38 41.83
N VAL F 124 38.58 78.56 43.07
CA VAL F 124 38.68 77.42 44.01
C VAL F 124 37.27 76.82 44.32
N PRO F 125 37.08 75.53 44.09
CA PRO F 125 35.74 75.00 44.42
C PRO F 125 35.45 75.12 45.92
N PRO F 126 34.26 75.60 46.31
CA PRO F 126 34.14 75.67 47.75
C PRO F 126 34.05 74.32 48.47
N VAL F 127 34.32 74.34 49.79
CA VAL F 127 33.93 73.24 50.61
C VAL F 127 32.46 73.42 50.98
N PHE F 128 31.60 72.55 50.47
CA PHE F 128 30.17 72.63 50.73
C PHE F 128 29.77 72.31 52.20
N HIS F 129 28.52 72.53 52.53
CA HIS F 129 28.01 72.23 53.87
C HIS F 129 28.15 70.71 54.09
N GLU F 130 28.47 70.31 55.30
CA GLU F 130 28.71 68.89 55.56
C GLU F 130 27.57 67.97 55.15
N LEU F 131 26.30 68.41 55.33
CA LEU F 131 25.18 67.61 54.86
C LEU F 131 25.11 67.41 53.33
N HIS F 132 25.69 68.31 52.52
CA HIS F 132 25.80 68.02 51.08
C HIS F 132 26.58 66.70 50.89
N TYR F 133 27.76 66.62 51.52
CA TYR F 133 28.58 65.45 51.38
C TYR F 133 27.86 64.24 51.92
N HIS F 134 27.18 64.35 53.07
CA HIS F 134 26.51 63.16 53.58
C HIS F 134 25.43 62.67 52.61
N LEU F 135 24.66 63.61 52.02
CA LEU F 135 23.56 63.24 51.14
C LEU F 135 24.05 62.61 49.81
N VAL F 136 25.30 62.83 49.46
CA VAL F 136 25.86 62.20 48.28
C VAL F 136 26.56 60.88 48.66
N TRP F 137 27.41 60.94 49.68
CA TRP F 137 28.31 59.80 49.91
C TRP F 137 27.77 58.66 50.83
N LEU F 138 26.70 58.88 51.59
CA LEU F 138 26.17 57.78 52.42
C LEU F 138 25.52 56.64 51.62
N THR F 139 24.67 56.99 50.66
CA THR F 139 24.06 55.98 49.80
C THR F 139 25.17 55.30 48.99
N ASP F 140 26.19 56.09 48.63
CA ASP F 140 27.33 55.55 47.90
C ASP F 140 28.08 54.43 48.68
N ALA F 141 28.40 54.71 49.95
CA ALA F 141 29.04 53.77 50.88
C ALA F 141 28.21 52.48 51.11
N ALA F 142 26.90 52.64 51.27
CA ALA F 142 25.92 51.54 51.41
C ALA F 142 25.96 50.67 50.19
N GLY F 143 26.05 51.32 49.03
CA GLY F 143 26.17 50.61 47.77
C GLY F 143 27.50 49.90 47.62
N HIS F 144 28.57 50.53 48.10
CA HIS F 144 29.84 49.87 48.16
C HIS F 144 29.75 48.60 49.00
N ALA F 145 29.25 48.71 50.23
CA ALA F 145 29.18 47.53 51.08
C ALA F 145 28.23 46.48 50.50
N GLY F 146 27.10 46.92 49.93
CA GLY F 146 26.12 45.98 49.35
C GLY F 146 26.66 45.31 48.08
N SER F 147 27.58 45.99 47.41
CA SER F 147 28.10 45.36 46.25
C SER F 147 29.18 44.32 46.66
N ILE F 148 29.83 44.51 47.79
CA ILE F 148 30.79 43.51 48.30
C ILE F 148 29.98 42.28 48.70
N SER F 149 28.94 42.55 49.46
CA SER F 149 28.04 41.53 49.87
C SER F 149 27.52 40.63 48.71
N GLY F 150 27.02 41.26 47.66
CA GLY F 150 26.49 40.55 46.50
C GLY F 150 27.53 39.90 45.60
N GLY F 151 28.77 40.38 45.64
CA GLY F 151 29.87 39.85 44.84
C GLY F 151 30.71 38.75 45.55
N LEU F 152 30.44 38.50 46.83
CA LEU F 152 31.11 37.43 47.59
C LEU F 152 30.51 36.05 47.20
N ASP F 153 31.34 35.01 47.14
CA ASP F 153 30.85 33.65 47.01
C ASP F 153 29.79 33.32 48.08
N LEU F 154 28.84 32.45 47.73
CA LEU F 154 27.89 31.92 48.69
C LEU F 154 28.55 31.46 49.99
N VAL F 155 29.77 30.94 49.94
CA VAL F 155 30.28 30.39 51.19
C VAL F 155 31.07 31.38 52.09
N GLU F 156 31.20 32.62 51.62
CA GLU F 156 31.98 33.58 52.40
C GLU F 156 31.02 34.24 53.36
N LYS F 157 30.49 33.44 54.27
CA LYS F 157 29.45 33.93 55.17
C LYS F 157 29.87 35.01 56.14
N ARG F 158 31.05 34.90 56.78
CA ARG F 158 31.50 35.98 57.67
C ARG F 158 31.80 37.31 56.99
N LEU F 159 32.38 37.28 55.78
CA LEU F 159 32.63 38.53 55.05
C LEU F 159 31.33 39.16 54.57
N LYS F 160 30.34 38.36 54.16
CA LYS F 160 29.02 38.88 53.85
CA LYS F 160 29.01 38.88 53.85
C LYS F 160 28.31 39.48 55.09
N GLU F 161 28.43 38.85 56.26
CA GLU F 161 27.81 39.45 57.44
C GLU F 161 28.39 40.83 57.77
N LYS F 162 29.70 40.94 57.64
CA LYS F 162 30.36 42.16 57.99
C LYS F 162 29.93 43.26 57.01
N SER F 163 29.91 42.93 55.70
CA SER F 163 29.56 43.95 54.72
C SER F 163 28.07 44.35 54.76
N GLU F 164 27.17 43.38 54.99
CA GLU F 164 25.77 43.68 55.35
C GLU F 164 25.59 44.61 56.56
N GLU F 165 26.44 44.44 57.55
CA GLU F 165 26.35 45.30 58.65
C GLU F 165 26.77 46.73 58.28
N PHE F 166 27.86 46.85 57.51
CA PHE F 166 28.22 48.15 56.98
C PHE F 166 27.10 48.77 56.17
N THR F 167 26.49 48.00 55.27
CA THR F 167 25.34 48.48 54.49
C THR F 167 24.24 49.10 55.34
N LYS F 168 23.86 48.37 56.37
CA LYS F 168 22.83 48.79 57.27
C LYS F 168 23.18 50.11 57.97
N HIS F 169 24.39 50.19 58.52
CA HIS F 169 24.89 51.41 59.15
C HIS F 169 24.90 52.66 58.25
N PHE F 170 25.34 52.51 56.99
CA PHE F 170 25.36 53.65 56.08
C PHE F 170 23.95 54.06 55.68
N GLU F 171 23.08 53.07 55.44
CA GLU F 171 21.70 53.35 55.19
C GLU F 171 21.02 54.10 56.36
N GLN F 172 21.25 53.68 57.59
CA GLN F 172 20.64 54.34 58.75
C GLN F 172 21.17 55.76 58.87
N PHE F 173 22.47 55.92 58.64
CA PHE F 173 23.06 57.27 58.66
C PHE F 173 22.41 58.13 57.59
N TYR F 174 22.17 57.57 56.42
CA TYR F 174 21.59 58.37 55.37
C TYR F 174 20.21 58.90 55.83
N LEU F 175 19.40 58.04 56.45
CA LEU F 175 18.08 58.42 56.95
C LEU F 175 18.13 59.54 57.97
N LYS F 176 19.11 59.48 58.87
CA LYS F 176 19.41 60.61 59.74
C LYS F 176 19.82 61.92 59.01
N ALA F 177 20.72 61.80 58.02
CA ALA F 177 21.11 62.96 57.26
C ALA F 177 19.89 63.59 56.54
N VAL F 178 19.00 62.77 56.01
CA VAL F 178 17.76 63.29 55.40
C VAL F 178 16.93 64.15 56.36
N GLU F 179 16.77 63.68 57.62
CA GLU F 179 15.97 64.42 58.59
C GLU F 179 16.73 65.66 58.98
N MET F 180 18.02 65.48 59.30
CA MET F 180 18.81 66.61 59.68
C MET F 180 18.76 67.71 58.59
N THR F 181 18.71 67.36 57.32
CA THR F 181 18.61 68.39 56.27
C THR F 181 17.32 69.22 56.37
N GLY F 182 16.25 68.56 56.77
CA GLY F 182 14.98 69.21 57.02
C GLY F 182 14.98 70.13 58.24
N TYR F 183 15.73 69.77 59.30
CA TYR F 183 15.98 70.69 60.41
C TYR F 183 16.63 72.04 60.02
N LEU F 184 17.53 72.01 59.05
CA LEU F 184 18.11 73.26 58.52
C LEU F 184 17.04 74.33 58.14
N ARG F 185 15.76 73.95 58.04
CA ARG F 185 14.75 74.90 57.63
C ARG F 185 14.53 75.89 58.75
N THR F 186 14.93 75.52 59.97
CA THR F 186 14.94 76.40 61.14
C THR F 186 15.93 77.54 60.96
N GLU F 187 16.73 77.47 59.90
CA GLU F 187 17.85 78.38 59.72
C GLU F 187 18.99 78.31 60.76
N LEU F 188 19.05 77.27 61.61
CA LEU F 188 20.27 76.97 62.34
C LEU F 188 20.94 75.97 61.45
N HIS F 189 22.14 76.27 60.96
CA HIS F 189 22.81 75.39 59.98
C HIS F 189 23.88 74.52 60.58
N HIS F 190 24.31 74.89 61.79
CA HIS F 190 25.27 74.11 62.52
C HIS F 190 24.64 74.04 63.91
N PHE F 191 24.62 72.83 64.48
CA PHE F 191 24.02 72.60 65.79
C PHE F 191 24.69 71.30 66.25
N PRO F 192 24.82 71.13 67.55
CA PRO F 192 25.63 70.03 68.08
C PRO F 192 25.29 68.62 67.59
N ALA F 193 24.02 68.29 67.42
CA ALA F 193 23.63 66.96 66.94
C ALA F 193 24.16 66.67 65.50
N LEU F 194 24.24 67.72 64.69
CA LEU F 194 24.86 67.58 63.38
C LEU F 194 26.37 67.35 63.47
N LYS F 195 27.07 68.10 64.31
CA LYS F 195 28.52 67.93 64.48
C LYS F 195 28.86 66.51 65.01
N LYS F 196 28.08 66.06 66.00
CA LYS F 196 28.22 64.67 66.55
C LYS F 196 28.00 63.64 65.43
N PHE F 197 26.92 63.83 64.68
CA PHE F 197 26.57 62.95 63.58
C PHE F 197 27.78 62.81 62.65
N THR F 198 28.32 63.92 62.20
CA THR F 198 29.45 63.86 61.25
C THR F 198 30.67 63.12 61.82
N LYS F 199 30.94 63.29 63.12
CA LYS F 199 31.93 62.51 63.80
C LYS F 199 31.59 61.01 63.84
N ASP F 200 30.34 60.64 64.11
CA ASP F 200 29.96 59.22 64.13
C ASP F 200 30.21 58.59 62.76
N VAL F 201 29.75 59.28 61.71
CA VAL F 201 29.96 58.89 60.30
C VAL F 201 31.47 58.74 59.98
N SER F 202 32.27 59.70 60.38
CA SER F 202 33.73 59.60 60.14
C SER F 202 34.40 58.36 60.77
N LEU F 203 33.97 58.00 61.96
CA LEU F 203 34.47 56.81 62.62
C LEU F 203 34.05 55.58 61.84
N GLU F 204 32.81 55.55 61.35
CA GLU F 204 32.35 54.39 60.59
C GLU F 204 33.06 54.25 59.24
N LEU F 205 33.32 55.38 58.58
CA LEU F 205 34.15 55.38 57.36
C LEU F 205 35.55 54.85 57.64
N LYS F 206 36.09 55.15 58.82
CA LYS F 206 37.43 54.69 59.18
C LYS F 206 37.36 53.16 59.30
N LEU F 207 36.39 52.65 60.06
CA LEU F 207 36.15 51.19 60.14
C LEU F 207 35.98 50.55 58.76
N PHE F 208 35.21 51.22 57.92
CA PHE F 208 34.89 50.67 56.61
C PHE F 208 36.11 50.70 55.66
N SER F 209 36.95 51.74 55.73
CA SER F 209 38.20 51.75 54.96
C SER F 209 39.14 50.61 55.38
N HIS F 210 39.23 50.35 56.68
CA HIS F 210 40.02 49.22 57.15
CA HIS F 210 40.04 49.22 57.14
C HIS F 210 39.53 47.90 56.55
N PHE F 211 38.23 47.69 56.58
CA PHE F 211 37.60 46.55 55.93
C PHE F 211 37.86 46.48 54.41
N LEU F 212 37.74 47.62 53.71
CA LEU F 212 38.07 47.67 52.26
C LEU F 212 39.55 47.29 52.00
N HIS F 213 40.50 47.74 52.83
CA HIS F 213 41.96 47.32 52.68
C HIS F 213 42.20 45.84 52.88
N GLU F 214 41.44 45.26 53.79
CA GLU F 214 41.51 43.81 54.10
C GLU F 214 40.90 43.05 52.92
N VAL F 215 39.78 43.54 52.40
CA VAL F 215 39.19 42.92 51.21
C VAL F 215 40.16 43.01 50.00
N GLU F 216 40.77 44.16 49.81
CA GLU F 216 41.76 44.37 48.78
C GLU F 216 42.93 43.38 48.87
N GLU F 217 43.46 43.20 50.08
CA GLU F 217 44.53 42.24 50.33
C GLU F 217 44.11 40.82 50.08
N LEU F 218 42.91 40.49 50.55
CA LEU F 218 42.31 39.21 50.18
C LEU F 218 42.24 38.96 48.67
N GLU F 219 41.85 39.96 47.93
CA GLU F 219 41.77 39.82 46.49
C GLU F 219 43.15 39.66 45.87
N LEU F 220 44.14 40.48 46.28
CA LEU F 220 45.48 40.40 45.73
C LEU F 220 46.09 39.01 45.95
N SER F 221 45.67 38.35 47.02
CA SER F 221 46.28 37.12 47.43
C SER F 221 45.43 35.95 47.03
N ASN F 222 44.26 36.23 46.43
CA ASN F 222 43.32 35.21 46.00
C ASN F 222 42.74 34.42 47.16
N GLU F 223 42.68 35.06 48.33
CA GLU F 223 42.32 34.35 49.58
C GLU F 223 40.83 34.43 49.84
N VAL F 224 40.14 35.19 48.99
CA VAL F 224 38.68 35.31 49.10
C VAL F 224 38.03 34.80 47.84
N LEU F 225 36.87 34.17 47.97
CA LEU F 225 36.14 33.72 46.79
C LEU F 225 35.13 34.78 46.47
N SER F 226 35.16 35.27 45.23
CA SER F 226 34.33 36.38 44.83
C SER F 226 34.44 36.69 43.33
N VAL F 227 33.58 37.58 42.86
CA VAL F 227 33.73 38.22 41.54
C VAL F 227 34.12 39.70 41.71
N LEU F 228 34.69 40.06 42.85
CA LEU F 228 35.23 41.39 43.04
C LEU F 228 36.68 41.45 42.56
N SER F 229 37.26 42.61 42.57
CA SER F 229 38.66 42.70 42.23
C SER F 229 39.27 43.59 43.23
N ALA F 230 40.58 43.46 43.38
CA ALA F 230 41.36 44.36 44.15
C ALA F 230 41.20 45.81 43.70
N ARG F 231 41.19 46.07 42.40
CA ARG F 231 41.07 47.47 41.93
C ARG F 231 39.77 48.12 42.36
N MET F 232 38.68 47.37 42.34
CA MET F 232 37.41 47.84 42.88
C MET F 232 37.47 48.18 44.39
N ALA F 233 38.15 47.34 45.18
CA ALA F 233 38.35 47.65 46.61
C ALA F 233 39.19 48.91 46.78
N ASP F 234 40.27 49.03 46.03
CA ASP F 234 41.06 50.26 46.04
C ASP F 234 40.22 51.50 45.67
N HIS F 235 39.48 51.41 44.56
CA HIS F 235 38.59 52.47 44.10
C HIS F 235 37.60 52.91 45.21
N MET F 236 36.94 51.93 45.85
CA MET F 236 36.02 52.24 46.97
C MET F 236 36.69 52.94 48.15
N ALA F 237 37.87 52.47 48.53
CA ALA F 237 38.62 53.08 49.65
C ALA F 237 39.10 54.48 49.31
N ARG F 238 39.49 54.73 48.06
CA ARG F 238 39.87 56.10 47.64
C ARG F 238 38.70 57.06 47.71
N GLU F 239 37.53 56.62 47.22
CA GLU F 239 36.32 57.44 47.41
C GLU F 239 35.92 57.65 48.90
N GLU F 240 36.01 56.61 49.73
CA GLU F 240 35.64 56.80 51.12
C GLU F 240 36.60 57.80 51.76
N CYS F 241 37.86 57.76 51.33
CA CYS F 241 38.84 58.75 51.79
C CYS F 241 38.49 60.19 51.38
N TYR F 242 38.06 60.37 50.14
CA TYR F 242 37.62 61.72 49.65
C TYR F 242 36.47 62.28 50.50
N TYR F 243 35.49 61.44 50.73
CA TYR F 243 34.33 61.74 51.56
C TYR F 243 34.76 62.15 52.99
N LEU F 244 35.62 61.34 53.58
CA LEU F 244 36.24 61.66 54.87
C LEU F 244 36.96 63.04 54.91
N LEU F 245 37.82 63.29 53.91
CA LEU F 245 38.51 64.58 53.75
C LEU F 245 37.52 65.78 53.71
N LYS F 246 36.51 65.66 52.86
CA LYS F 246 35.48 66.68 52.74
C LYS F 246 34.72 66.91 54.08
N LEU F 247 34.42 65.83 54.80
CA LEU F 247 33.74 65.94 56.07
C LEU F 247 34.59 66.67 57.13
N ALA F 248 35.86 66.32 57.18
CA ALA F 248 36.85 66.95 58.05
C ALA F 248 37.00 68.43 57.76
N GLN F 249 37.10 68.76 56.50
CA GLN F 249 37.16 70.19 56.13
C GLN F 249 35.86 70.96 56.38
N SER F 250 34.72 70.37 56.00
CA SER F 250 33.49 71.09 56.14
C SER F 250 33.06 71.15 57.58
N SER F 251 33.32 70.10 58.34
CA SER F 251 32.78 70.04 59.69
C SER F 251 33.73 70.53 60.76
N GLY F 252 35.02 70.66 60.43
CA GLY F 252 36.04 71.03 61.38
C GLY F 252 36.64 69.87 62.20
N LEU F 253 36.93 68.73 61.57
CA LEU F 253 37.54 67.59 62.26
C LEU F 253 38.99 67.41 61.81
N GLU F 254 39.73 66.59 62.54
CA GLU F 254 41.09 66.31 62.14
C GLU F 254 41.14 65.61 60.77
N MET F 255 42.12 65.97 59.94
CA MET F 255 42.26 65.43 58.60
C MET F 255 42.56 63.94 58.62
N PRO F 256 42.03 63.21 57.65
CA PRO F 256 42.22 61.76 57.62
C PRO F 256 43.62 61.31 57.15
N LYS F 257 44.11 60.17 57.64
CA LYS F 257 45.40 59.73 57.15
C LYS F 257 45.15 58.67 56.05
N CYS F 258 44.83 59.15 54.85
CA CYS F 258 44.58 58.27 53.72
C CYS F 258 44.76 59.14 52.49
N ASN F 259 45.03 58.52 51.34
CA ASN F 259 45.23 59.25 50.10
C ASN F 259 44.11 58.97 49.07
N PRO F 260 43.33 60.00 48.72
CA PRO F 260 42.24 59.79 47.80
C PRO F 260 42.71 59.54 46.38
N LEU F 261 43.95 59.89 46.09
CA LEU F 261 44.51 59.79 44.74
C LEU F 261 45.05 58.44 44.35
N GLU F 262 45.53 57.71 45.34
CA GLU F 262 46.30 56.54 45.01
C GLU F 262 46.39 55.61 46.21
N GLY F 263 46.07 54.34 46.01
CA GLY F 263 46.06 53.37 47.10
C GLY F 263 47.44 52.85 47.45
N HIS F 264 47.54 51.95 48.41
CA HIS F 264 48.87 51.52 48.82
C HIS F 264 49.50 50.45 47.92
N HIS F 265 48.72 49.72 47.15
CA HIS F 265 49.26 48.69 46.25
C HIS F 265 49.10 49.01 44.76
N HIS F 266 48.04 49.69 44.40
CA HIS F 266 47.72 49.92 42.99
C HIS F 266 48.44 51.13 42.39
N HIS F 267 49.70 50.89 41.97
CA HIS F 267 50.60 51.88 41.40
C HIS F 267 51.87 51.20 40.93
N HIS F 268 52.69 51.95 40.20
CA HIS F 268 53.91 51.39 39.63
C HIS F 268 55.17 52.15 40.00
N HIS F 269 55.28 52.64 41.25
CA HIS F 269 56.52 53.31 41.67
C HIS F 269 57.29 52.61 42.80
N ASN G 6 49.41 -5.15 13.55
CA ASN G 6 49.09 -3.69 13.36
C ASN G 6 49.42 -2.83 14.62
N TYR G 7 49.47 -1.50 14.48
CA TYR G 7 50.01 -0.66 15.54
C TYR G 7 49.36 -0.73 16.92
N GLU G 8 48.03 -0.77 16.94
CA GLU G 8 47.28 -0.75 18.18
C GLU G 8 47.56 -2.05 18.93
N GLU G 9 47.56 -3.14 18.17
CA GLU G 9 47.66 -4.47 18.74
C GLU G 9 49.04 -4.65 19.36
N SER G 10 50.06 -4.29 18.57
CA SER G 10 51.47 -4.39 18.93
C SER G 10 51.77 -3.59 20.20
N ALA G 11 51.45 -2.29 20.15
CA ALA G 11 51.62 -1.39 21.30
C ALA G 11 50.99 -1.93 22.57
N LEU G 12 49.72 -2.28 22.47
CA LEU G 12 48.99 -2.81 23.62
C LEU G 12 49.71 -3.99 24.23
N PHE G 13 50.05 -4.96 23.38
CA PHE G 13 50.81 -6.12 23.78
C PHE G 13 52.19 -5.77 24.41
N GLU G 14 53.01 -4.99 23.74
CA GLU G 14 54.34 -4.65 24.30
C GLU G 14 54.15 -3.99 25.64
N HIS G 15 53.30 -2.96 25.69
CA HIS G 15 53.09 -2.21 26.92
C HIS G 15 52.58 -3.09 28.01
N GLN G 16 51.68 -4.01 27.71
CA GLN G 16 51.08 -4.76 28.81
C GLN G 16 52.09 -5.74 29.41
N PHE G 17 52.91 -6.34 28.54
CA PHE G 17 53.98 -7.24 28.98
C PHE G 17 55.02 -6.53 29.84
N TRP G 18 55.58 -5.47 29.27
CA TRP G 18 56.74 -4.76 29.78
C TRP G 18 56.44 -3.93 31.03
N LEU G 19 55.28 -3.28 31.08
CA LEU G 19 54.93 -2.53 32.29
C LEU G 19 54.66 -3.46 33.47
N LYS G 20 54.13 -4.64 33.19
CA LYS G 20 53.93 -5.61 34.26
C LYS G 20 55.32 -6.09 34.73
N VAL G 21 56.15 -6.47 33.77
CA VAL G 21 57.56 -6.85 34.02
C VAL G 21 58.23 -5.80 34.88
N LEU G 22 58.11 -4.54 34.51
CA LEU G 22 58.77 -3.48 35.25
C LEU G 22 58.15 -3.18 36.62
N THR G 23 56.83 -3.37 36.77
CA THR G 23 56.18 -3.29 38.08
C THR G 23 56.74 -4.40 39.00
N ASP G 24 56.90 -5.59 38.45
CA ASP G 24 57.58 -6.71 39.14
C ASP G 24 59.00 -6.37 39.59
N HIS G 25 59.82 -5.86 38.69
CA HIS G 25 61.18 -5.51 39.08
C HIS G 25 61.20 -4.58 40.28
N ALA G 26 60.39 -3.52 40.19
CA ALA G 26 60.30 -2.52 41.22
C ALA G 26 59.92 -3.16 42.54
N GLN G 27 58.93 -4.05 42.49
CA GLN G 27 58.46 -4.67 43.70
C GLN G 27 59.52 -5.62 44.24
N PHE G 28 60.18 -6.36 43.37
CA PHE G 28 61.26 -7.25 43.77
C PHE G 28 62.38 -6.50 44.49
N LEU G 29 62.81 -5.40 43.90
CA LEU G 29 63.80 -4.52 44.50
C LEU G 29 63.35 -3.98 45.86
N LEU G 30 62.19 -3.32 45.89
CA LEU G 30 61.55 -2.95 47.14
C LEU G 30 61.75 -4.04 48.20
N ASP G 31 61.34 -5.26 47.91
CA ASP G 31 61.41 -6.30 48.95
C ASP G 31 62.83 -6.84 49.27
N ALA G 32 63.77 -6.65 48.33
CA ALA G 32 65.14 -7.16 48.50
C ALA G 32 66.06 -6.15 49.24
N LEU G 33 65.66 -4.89 49.37
CA LEU G 33 66.53 -3.88 50.05
C LEU G 33 66.53 -4.14 51.54
N ALA G 34 67.68 -3.94 52.20
CA ALA G 34 67.67 -4.01 53.68
C ALA G 34 66.78 -2.84 54.14
N PRO G 35 66.11 -2.98 55.31
CA PRO G 35 65.31 -1.88 55.88
C PRO G 35 66.07 -0.56 56.00
N LYS G 36 67.36 -0.62 56.30
CA LYS G 36 68.14 0.59 56.46
C LYS G 36 68.24 1.44 55.20
N GLU G 37 67.91 0.89 54.04
CA GLU G 37 68.20 1.55 52.77
C GLU G 37 67.06 2.51 52.44
N LYS G 38 66.88 3.53 53.27
CA LYS G 38 65.68 4.35 53.23
C LYS G 38 65.44 4.96 51.85
N GLU G 39 66.48 5.54 51.30
CA GLU G 39 66.32 6.31 50.09
C GLU G 39 66.05 5.44 48.89
N ASP G 40 66.58 4.22 48.87
CA ASP G 40 66.37 3.36 47.74
C ASP G 40 64.98 2.71 47.84
N ILE G 41 64.47 2.55 49.06
CA ILE G 41 63.15 1.97 49.25
C ILE G 41 62.10 2.99 48.81
N LYS G 42 62.36 4.27 49.05
CA LYS G 42 61.52 5.36 48.57
C LYS G 42 61.42 5.27 47.05
N LYS G 43 62.56 5.19 46.38
CA LYS G 43 62.60 5.08 44.92
C LYS G 43 61.87 3.86 44.37
N ALA G 44 62.09 2.71 44.98
CA ALA G 44 61.51 1.48 44.46
C ALA G 44 59.99 1.53 44.68
N THR G 45 59.58 2.16 45.77
CA THR G 45 58.16 2.34 46.07
C THR G 45 57.52 3.22 45.00
N TYR G 46 58.23 4.31 44.68
CA TYR G 46 57.84 5.19 43.61
C TYR G 46 57.68 4.49 42.26
N PHE G 47 58.50 3.47 41.99
CA PHE G 47 58.45 2.83 40.71
C PHE G 47 57.30 1.82 40.68
N VAL G 48 57.06 1.16 41.81
CA VAL G 48 55.90 0.27 41.87
C VAL G 48 54.62 1.07 41.55
N GLU G 49 54.44 2.19 42.24
CA GLU G 49 53.31 3.07 42.00
C GLU G 49 53.28 3.56 40.55
N THR G 50 54.41 4.11 40.08
CA THR G 50 54.53 4.62 38.71
C THR G 50 54.12 3.60 37.64
N PHE G 51 54.73 2.42 37.63
CA PHE G 51 54.40 1.41 36.59
C PHE G 51 53.04 0.78 36.76
N THR G 52 52.58 0.69 38.01
CA THR G 52 51.24 0.18 38.22
C THR G 52 50.20 1.10 37.58
N ASN G 53 50.33 2.40 37.80
CA ASN G 53 49.45 3.37 37.18
C ASN G 53 49.61 3.46 35.66
N LEU G 54 50.84 3.49 35.14
CA LEU G 54 51.02 3.34 33.69
C LEU G 54 50.18 2.20 33.13
N LEU G 55 50.19 1.03 33.80
CA LEU G 55 49.60 -0.18 33.24
C LEU G 55 48.05 -0.22 33.30
N ASN G 56 47.53 0.38 34.37
CA ASN G 56 46.11 0.51 34.66
C ASN G 56 45.37 1.31 33.58
N LYS G 57 46.06 2.29 33.00
CA LYS G 57 45.44 3.20 32.07
C LYS G 57 45.87 2.98 30.62
N VAL G 58 46.65 1.93 30.37
CA VAL G 58 47.20 1.66 29.03
C VAL G 58 46.06 1.54 28.02
N ARG G 59 44.89 1.19 28.55
CA ARG G 59 43.74 0.87 27.73
C ARG G 59 42.87 2.10 27.37
N ASN G 60 42.99 3.18 28.16
CA ASN G 60 42.17 4.35 27.95
C ASN G 60 42.98 5.57 27.52
N VAL G 61 44.02 5.37 26.71
CA VAL G 61 44.90 6.49 26.36
C VAL G 61 45.34 6.50 24.90
N ASN G 62 45.75 7.68 24.44
CA ASN G 62 46.43 7.80 23.17
C ASN G 62 47.80 7.11 23.21
N LEU G 63 47.95 6.08 22.38
CA LEU G 63 49.08 5.17 22.47
C LEU G 63 50.46 5.71 22.08
N MET G 64 50.55 6.73 21.24
CA MET G 64 51.88 7.25 20.88
C MET G 64 52.36 8.20 21.95
N ALA G 65 51.43 8.97 22.50
CA ALA G 65 51.69 9.91 23.59
C ALA G 65 52.04 9.15 24.86
N PHE G 66 51.27 8.10 25.13
CA PHE G 66 51.55 7.17 26.21
C PHE G 66 52.96 6.55 26.11
N SER G 67 53.38 6.16 24.91
CA SER G 67 54.71 5.59 24.68
C SER G 67 55.84 6.49 25.15
N LYS G 68 55.57 7.78 25.10
CA LYS G 68 56.58 8.75 25.46
C LYS G 68 56.72 8.77 27.00
N GLU G 69 55.61 8.48 27.66
CA GLU G 69 55.54 8.45 29.11
C GLU G 69 56.15 7.15 29.68
N ALA G 70 55.84 6.02 29.05
CA ALA G 70 56.48 4.76 29.38
C ALA G 70 58.00 4.94 29.27
N GLU G 71 58.41 5.50 28.14
CA GLU G 71 59.81 5.69 27.90
C GLU G 71 60.55 6.46 28.99
N GLN G 72 60.03 7.63 29.38
CA GLN G 72 60.66 8.35 30.48
C GLN G 72 60.78 7.50 31.74
N ALA G 73 59.69 6.88 32.18
CA ALA G 73 59.72 5.98 33.35
C ALA G 73 60.71 4.79 33.18
N ALA G 74 60.78 4.23 31.97
CA ALA G 74 61.62 3.07 31.74
C ALA G 74 63.08 3.51 31.89
N LYS G 75 63.39 4.70 31.38
CA LYS G 75 64.76 5.24 31.51
C LYS G 75 65.13 5.57 32.95
N GLU G 76 64.12 5.92 33.73
CA GLU G 76 64.39 6.25 35.11
C GLU G 76 64.66 4.97 35.90
N ILE G 77 63.87 3.91 35.68
CA ILE G 77 64.08 2.66 36.44
C ILE G 77 65.40 2.01 36.02
N ARG G 78 65.78 2.24 34.76
CA ARG G 78 67.08 1.83 34.28
C ARG G 78 68.17 2.49 35.10
N ALA G 79 68.03 3.80 35.32
CA ALA G 79 69.04 4.55 36.06
C ALA G 79 69.15 4.04 37.52
N PHE G 80 68.02 3.70 38.10
CA PHE G 80 67.94 3.24 39.48
C PHE G 80 68.68 1.89 39.56
N LYS G 81 68.35 0.98 38.64
CA LYS G 81 68.96 -0.35 38.64
C LYS G 81 70.48 -0.20 38.48
N LEU G 82 70.91 0.65 37.56
CA LEU G 82 72.32 0.85 37.36
C LEU G 82 73.04 1.55 38.53
N ASN G 83 72.35 2.45 39.21
CA ASN G 83 72.89 2.99 40.45
C ASN G 83 73.01 1.94 41.55
N ILE G 84 72.05 1.02 41.63
CA ILE G 84 72.17 -0.05 42.63
C ILE G 84 73.42 -0.91 42.38
N ILE G 85 73.65 -1.29 41.12
CA ILE G 85 74.76 -2.15 40.73
C ILE G 85 76.07 -1.43 41.01
N GLN G 86 76.09 -0.15 40.69
CA GLN G 86 77.26 0.66 40.98
C GLN G 86 77.62 0.60 42.46
N LYS G 87 76.63 0.78 43.32
CA LYS G 87 76.90 0.73 44.74
C LYS G 87 77.27 -0.69 45.21
N GLN G 88 76.72 -1.71 44.54
CA GLN G 88 77.10 -3.08 44.86
C GLN G 88 78.59 -3.27 44.63
N LEU G 89 79.06 -2.76 43.50
CA LEU G 89 80.44 -2.92 43.12
C LEU G 89 81.40 -2.12 43.99
N GLU G 90 80.88 -1.16 44.74
CA GLU G 90 81.70 -0.40 45.68
C GLU G 90 81.33 -0.74 47.12
N GLY G 91 80.50 -1.76 47.35
CA GLY G 91 80.14 -2.12 48.72
C GLY G 91 79.28 -1.07 49.44
N LYS G 92 78.46 -0.31 48.72
CA LYS G 92 77.73 0.82 49.36
C LYS G 92 76.22 0.62 49.49
N ILE G 93 75.76 -0.63 49.40
CA ILE G 93 74.36 -0.91 49.55
C ILE G 93 74.19 -2.34 50.07
N THR G 94 73.16 -2.57 50.89
CA THR G 94 72.74 -3.94 51.23
C THR G 94 71.41 -4.28 50.55
N ILE G 95 71.46 -5.21 49.59
CA ILE G 95 70.27 -5.64 48.87
C ILE G 95 70.42 -7.14 48.59
N HIS G 96 69.33 -7.88 48.64
CA HIS G 96 69.45 -9.33 48.51
C HIS G 96 69.35 -9.88 47.09
N PHE G 97 69.85 -9.10 46.11
CA PHE G 97 70.05 -9.57 44.73
C PHE G 97 71.50 -9.38 44.37
N THR G 98 72.09 -10.41 43.75
CA THR G 98 73.47 -10.32 43.21
C THR G 98 73.48 -9.36 42.01
N PRO G 99 74.62 -8.73 41.72
CA PRO G 99 74.72 -7.77 40.61
C PRO G 99 74.28 -8.33 39.27
N THR G 100 74.57 -9.59 39.00
CA THR G 100 74.20 -10.16 37.70
C THR G 100 72.68 -10.24 37.58
N PHE G 101 71.97 -10.54 38.67
CA PHE G 101 70.50 -10.57 38.59
C PHE G 101 69.92 -9.21 38.21
N ILE G 102 70.46 -8.16 38.80
CA ILE G 102 70.02 -6.81 38.51
C ILE G 102 70.53 -6.46 37.12
N ASN G 103 71.66 -7.01 36.74
CA ASN G 103 72.23 -6.70 35.42
C ASN G 103 71.27 -7.17 34.32
N HIS G 104 70.68 -8.33 34.55
CA HIS G 104 69.66 -8.87 33.67
C HIS G 104 68.38 -8.00 33.64
N MET G 105 67.91 -7.52 34.79
CA MET G 105 66.85 -6.52 34.84
C MET G 105 67.20 -5.31 33.95
N VAL G 106 68.43 -4.83 34.00
CA VAL G 106 68.87 -3.77 33.07
C VAL G 106 68.78 -4.17 31.57
N ASN G 107 69.22 -5.38 31.23
CA ASN G 107 69.09 -5.92 29.85
C ASN G 107 67.63 -5.88 29.42
N GLU G 108 66.75 -6.42 30.29
CA GLU G 108 65.30 -6.34 30.08
C GLU G 108 64.73 -4.90 29.86
N VAL G 109 64.91 -3.99 30.80
CA VAL G 109 64.45 -2.60 30.59
C VAL G 109 65.02 -2.01 29.27
N GLU G 110 66.20 -2.45 28.85
CA GLU G 110 66.81 -1.91 27.67
C GLU G 110 66.11 -2.45 26.42
N GLU G 111 65.51 -3.62 26.57
CA GLU G 111 64.83 -4.31 25.50
C GLU G 111 63.46 -3.59 25.30
N TYR G 112 62.78 -3.27 26.39
CA TYR G 112 61.57 -2.47 26.31
C TYR G 112 61.86 -1.16 25.58
N ILE G 113 62.89 -0.47 26.04
CA ILE G 113 63.23 0.80 25.50
C ILE G 113 63.51 0.73 23.98
N ALA G 114 64.02 -0.39 23.48
CA ALA G 114 64.28 -0.54 22.04
C ALA G 114 62.99 -0.55 21.23
N VAL G 115 62.00 -1.34 21.68
CA VAL G 115 60.67 -1.31 21.08
C VAL G 115 60.01 0.08 21.16
N LEU G 116 60.19 0.77 22.29
CA LEU G 116 59.66 2.12 22.46
C LEU G 116 60.18 3.10 21.40
N GLU G 117 61.39 2.91 20.90
CA GLU G 117 61.89 3.81 19.89
C GLU G 117 60.89 3.82 18.74
N PHE G 118 60.32 2.64 18.49
CA PHE G 118 59.36 2.50 17.42
C PHE G 118 57.98 2.96 17.87
N LEU G 119 57.41 2.29 18.88
CA LEU G 119 56.13 2.65 19.47
C LEU G 119 55.79 4.15 19.54
N LYS G 120 56.70 4.98 20.02
CA LYS G 120 56.36 6.36 20.17
C LYS G 120 56.40 7.10 18.82
N LYS G 121 56.63 6.32 17.77
CA LYS G 121 56.89 6.81 16.44
C LYS G 121 55.71 6.38 15.54
N GLY G 122 54.79 5.63 16.11
CA GLY G 122 53.67 5.15 15.33
C GLY G 122 53.92 3.80 14.72
N GLU G 123 55.16 3.32 14.80
CA GLU G 123 55.51 2.05 14.15
C GLU G 123 55.37 0.79 14.99
N VAL G 124 55.03 -0.30 14.31
CA VAL G 124 55.19 -1.62 14.86
C VAL G 124 56.69 -1.94 15.02
N PRO G 125 57.09 -2.50 16.19
CA PRO G 125 58.47 -2.96 16.31
C PRO G 125 58.74 -4.10 15.34
N PRO G 126 59.89 -4.06 14.69
CA PRO G 126 60.20 -5.11 13.72
C PRO G 126 60.60 -6.40 14.42
N VAL G 127 60.46 -7.51 13.72
CA VAL G 127 60.87 -8.79 14.25
C VAL G 127 62.37 -8.87 14.05
N PHE G 128 63.10 -8.97 15.15
CA PHE G 128 64.56 -9.02 15.06
C PHE G 128 64.99 -10.44 14.64
N HIS G 129 66.22 -10.55 14.11
CA HIS G 129 66.84 -11.84 13.82
C HIS G 129 66.76 -12.67 15.09
N GLU G 130 66.50 -13.97 14.97
CA GLU G 130 66.29 -14.80 16.16
C GLU G 130 67.47 -14.83 17.15
N LEU G 131 68.71 -14.75 16.64
CA LEU G 131 69.92 -14.67 17.49
C LEU G 131 69.98 -13.42 18.35
N HIS G 132 69.37 -12.32 17.87
CA HIS G 132 69.16 -11.18 18.76
C HIS G 132 68.45 -11.65 20.05
N TYR G 133 67.36 -12.40 19.91
CA TYR G 133 66.57 -12.83 21.07
C TYR G 133 67.35 -13.82 21.92
N HIS G 134 68.02 -14.77 21.25
CA HIS G 134 68.92 -15.72 21.86
C HIS G 134 69.98 -15.03 22.73
N LEU G 135 70.66 -14.02 22.20
CA LEU G 135 71.67 -13.30 22.96
C LEU G 135 71.15 -12.51 24.18
N VAL G 136 69.88 -12.08 24.15
CA VAL G 136 69.35 -11.33 25.30
C VAL G 136 68.81 -12.30 26.34
N TRP G 137 68.15 -13.38 25.89
CA TRP G 137 67.29 -14.11 26.81
C TRP G 137 67.86 -15.41 27.32
N LEU G 138 68.96 -15.87 26.74
CA LEU G 138 69.55 -17.14 27.18
C LEU G 138 70.25 -16.93 28.52
N THR G 139 71.02 -15.85 28.63
CA THR G 139 71.64 -15.43 29.92
C THR G 139 70.57 -15.17 31.00
N ASP G 140 69.49 -14.52 30.61
CA ASP G 140 68.33 -14.29 31.46
C ASP G 140 67.74 -15.62 31.99
N ALA G 141 67.52 -16.56 31.08
CA ALA G 141 66.99 -17.87 31.47
C ALA G 141 67.94 -18.59 32.46
N ALA G 142 69.23 -18.57 32.16
CA ALA G 142 70.24 -19.15 33.08
C ALA G 142 70.22 -18.45 34.44
N GLY G 143 70.07 -17.11 34.40
CA GLY G 143 69.93 -16.29 35.61
C GLY G 143 68.70 -16.70 36.44
N HIS G 144 67.61 -16.96 35.75
CA HIS G 144 66.41 -17.42 36.41
C HIS G 144 66.59 -18.74 37.09
N ALA G 145 67.11 -19.71 36.33
CA ALA G 145 67.34 -21.04 36.85
C ALA G 145 68.40 -20.95 37.99
N GLY G 146 69.48 -20.20 37.79
CA GLY G 146 70.46 -20.06 38.89
C GLY G 146 69.88 -19.37 40.13
N SER G 147 68.93 -18.47 39.90
CA SER G 147 68.37 -17.76 41.05
C SER G 147 67.42 -18.66 41.85
N ILE G 148 66.75 -19.58 41.17
CA ILE G 148 65.96 -20.57 41.87
C ILE G 148 66.93 -21.42 42.71
N SER G 149 68.00 -21.90 42.08
CA SER G 149 68.87 -22.83 42.74
C SER G 149 69.43 -22.20 44.04
N GLY G 150 69.79 -20.91 43.96
CA GLY G 150 70.28 -20.14 45.09
C GLY G 150 69.26 -19.78 46.17
N GLY G 151 67.99 -19.58 45.80
CA GLY G 151 66.94 -19.29 46.77
C GLY G 151 66.30 -20.46 47.53
N LEU G 152 66.59 -21.68 47.10
CA LEU G 152 66.08 -22.89 47.73
C LEU G 152 66.81 -23.16 49.04
N ASP G 153 66.09 -23.66 50.05
CA ASP G 153 66.70 -24.16 51.25
C ASP G 153 67.81 -25.20 50.92
N LEU G 154 68.86 -25.20 51.76
CA LEU G 154 69.90 -26.23 51.78
C LEU G 154 69.35 -27.66 51.57
N VAL G 155 68.24 -28.01 52.22
CA VAL G 155 67.72 -29.41 52.10
C VAL G 155 66.87 -29.74 50.87
N GLU G 156 66.52 -28.73 50.07
CA GLU G 156 65.80 -28.98 48.81
C GLU G 156 66.74 -29.43 47.70
N LYS G 157 67.45 -30.53 47.91
CA LYS G 157 68.50 -30.98 46.95
C LYS G 157 67.98 -31.43 45.58
N ARG G 158 66.83 -32.09 45.55
CA ARG G 158 66.21 -32.57 44.31
CA ARG G 158 66.26 -32.57 44.29
C ARG G 158 65.87 -31.42 43.38
N LEU G 159 65.16 -30.43 43.94
CA LEU G 159 64.80 -29.24 43.17
C LEU G 159 66.04 -28.42 42.76
N LYS G 160 67.00 -28.29 43.67
CA LYS G 160 68.22 -27.63 43.31
C LYS G 160 69.01 -28.37 42.20
N GLU G 161 69.07 -29.71 42.23
CA GLU G 161 69.76 -30.41 41.16
C GLU G 161 69.08 -30.11 39.81
N LYS G 162 67.75 -30.08 39.81
CA LYS G 162 66.99 -29.79 38.60
C LYS G 162 67.21 -28.35 38.09
N SER G 163 67.17 -27.37 39.00
CA SER G 163 67.44 -26.05 38.50
C SER G 163 68.88 -25.86 38.03
N GLU G 164 69.87 -26.46 38.72
CA GLU G 164 71.28 -26.49 38.22
C GLU G 164 71.40 -27.01 36.79
N GLU G 165 70.61 -28.05 36.46
CA GLU G 165 70.57 -28.61 35.11
C GLU G 165 70.08 -27.63 34.06
N PHE G 166 68.97 -26.98 34.35
CA PHE G 166 68.48 -25.88 33.53
C PHE G 166 69.54 -24.78 33.37
N THR G 167 70.13 -24.29 34.47
CA THR G 167 71.16 -23.22 34.35
C THR G 167 72.27 -23.59 33.35
N LYS G 168 72.74 -24.82 33.50
CA LYS G 168 73.78 -25.33 32.66
C LYS G 168 73.32 -25.37 31.21
N HIS G 169 72.09 -25.86 30.98
CA HIS G 169 71.62 -25.98 29.60
C HIS G 169 71.57 -24.62 28.93
N PHE G 170 71.09 -23.62 29.66
CA PHE G 170 70.93 -22.28 29.09
C PHE G 170 72.29 -21.64 28.78
N GLU G 171 73.24 -21.82 29.72
CA GLU G 171 74.62 -21.32 29.56
C GLU G 171 75.29 -21.88 28.32
N GLN G 172 75.12 -23.18 28.14
CA GLN G 172 75.61 -23.91 26.98
C GLN G 172 74.96 -23.48 25.65
N PHE G 173 73.63 -23.25 25.67
CA PHE G 173 72.91 -22.64 24.51
C PHE G 173 73.47 -21.28 24.24
N TYR G 174 73.74 -20.51 25.29
CA TYR G 174 74.27 -19.18 25.06
C TYR G 174 75.62 -19.21 24.35
N LEU G 175 76.50 -20.10 24.79
CA LEU G 175 77.81 -20.24 24.16
C LEU G 175 77.71 -20.56 22.65
N LYS G 176 76.77 -21.45 22.33
CA LYS G 176 76.39 -21.81 20.98
C LYS G 176 75.78 -20.62 20.24
N ALA G 177 74.87 -19.88 20.86
CA ALA G 177 74.42 -18.60 20.26
C ALA G 177 75.54 -17.67 19.88
N VAL G 178 76.55 -17.56 20.74
CA VAL G 178 77.65 -16.63 20.53
C VAL G 178 78.50 -17.00 19.31
N GLU G 179 78.82 -18.27 19.16
CA GLU G 179 79.56 -18.69 18.00
C GLU G 179 78.75 -18.49 16.72
N MET G 180 77.48 -18.86 16.77
CA MET G 180 76.58 -18.78 15.63
C MET G 180 76.44 -17.35 15.11
N THR G 181 76.45 -16.39 16.04
CA THR G 181 76.41 -15.01 15.66
C THR G 181 77.65 -14.68 14.86
N GLY G 182 78.78 -15.29 15.21
CA GLY G 182 80.01 -15.05 14.47
C GLY G 182 79.97 -15.65 13.08
N TYR G 183 79.32 -16.81 12.97
CA TYR G 183 79.05 -17.45 11.66
C TYR G 183 78.29 -16.48 10.71
N LEU G 184 77.51 -15.57 11.29
CA LEU G 184 76.70 -14.63 10.49
C LEU G 184 77.58 -13.74 9.62
N ARG G 185 78.86 -13.64 9.97
CA ARG G 185 79.80 -12.81 9.24
C ARG G 185 80.05 -13.37 7.86
N THR G 186 79.72 -14.63 7.64
CA THR G 186 79.71 -15.18 6.28
C THR G 186 78.64 -14.49 5.41
N GLU G 187 77.71 -13.75 6.01
CA GLU G 187 76.61 -13.17 5.23
C GLU G 187 75.51 -14.18 4.88
N LEU G 188 75.72 -15.45 5.19
CA LEU G 188 74.66 -16.42 5.26
C LEU G 188 73.97 -16.31 6.61
N HIS G 189 72.72 -15.80 6.63
CA HIS G 189 72.06 -15.44 7.87
C HIS G 189 71.00 -16.42 8.38
N HIS G 190 70.72 -17.41 7.57
CA HIS G 190 69.86 -18.47 8.00
C HIS G 190 70.48 -19.69 7.39
N PHE G 191 70.56 -20.75 8.19
CA PHE G 191 71.19 -21.99 7.80
C PHE G 191 70.64 -23.01 8.78
N PRO G 192 70.62 -24.29 8.37
CA PRO G 192 69.92 -25.34 9.09
C PRO G 192 70.32 -25.53 10.57
N ALA G 193 71.61 -25.40 10.87
CA ALA G 193 72.10 -25.59 12.23
C ALA G 193 71.47 -24.52 13.14
N LEU G 194 71.22 -23.34 12.58
CA LEU G 194 70.58 -22.27 13.36
C LEU G 194 69.09 -22.53 13.61
N LYS G 195 68.39 -23.02 12.59
CA LYS G 195 66.94 -23.34 12.75
C LYS G 195 66.72 -24.47 13.80
N LYS G 196 67.60 -25.46 13.73
CA LYS G 196 67.53 -26.59 14.62
C LYS G 196 67.89 -26.13 16.04
N PHE G 197 68.85 -25.22 16.15
CA PHE G 197 69.22 -24.59 17.43
C PHE G 197 67.98 -23.88 18.04
N THR G 198 67.31 -23.06 17.24
CA THR G 198 66.13 -22.38 17.78
C THR G 198 65.03 -23.33 18.28
N LYS G 199 64.86 -24.49 17.62
CA LYS G 199 63.85 -25.46 18.07
C LYS G 199 64.30 -26.19 19.35
N ASP G 200 65.56 -26.64 19.37
CA ASP G 200 66.21 -27.11 20.61
C ASP G 200 66.02 -26.14 21.78
N VAL G 201 66.31 -24.87 21.56
CA VAL G 201 66.13 -23.91 22.66
C VAL G 201 64.64 -23.83 23.06
N SER G 202 63.74 -23.88 22.09
CA SER G 202 62.30 -23.78 22.37
C SER G 202 61.77 -24.96 23.17
N LEU G 203 62.18 -26.15 22.83
CA LEU G 203 61.86 -27.30 23.63
C LEU G 203 62.28 -27.12 25.09
N GLU G 204 63.52 -26.66 25.30
CA GLU G 204 64.02 -26.43 26.64
C GLU G 204 63.18 -25.40 27.42
N LEU G 205 62.82 -24.29 26.74
CA LEU G 205 62.08 -23.18 27.34
C LEU G 205 60.71 -23.66 27.81
N LYS G 206 60.13 -24.61 27.06
CA LYS G 206 58.90 -25.29 27.40
C LYS G 206 59.08 -26.15 28.63
N LEU G 207 60.10 -26.99 28.63
CA LEU G 207 60.35 -27.81 29.84
C LEU G 207 60.52 -26.90 31.07
N PHE G 208 61.22 -25.79 30.87
CA PHE G 208 61.55 -24.85 31.94
C PHE G 208 60.32 -24.13 32.48
N SER G 209 59.48 -23.64 31.57
CA SER G 209 58.14 -23.15 31.96
C SER G 209 57.35 -24.18 32.74
N HIS G 210 57.28 -25.43 32.29
CA HIS G 210 56.61 -26.42 33.14
C HIS G 210 57.26 -26.31 34.52
N PHE G 211 58.59 -26.36 34.56
CA PHE G 211 59.28 -26.39 35.83
C PHE G 211 58.90 -25.17 36.63
N LEU G 212 58.93 -24.00 35.99
CA LEU G 212 58.61 -22.73 36.67
C LEU G 212 57.23 -22.75 37.33
N HIS G 213 56.26 -23.38 36.65
CA HIS G 213 54.86 -23.41 37.08
C HIS G 213 54.72 -24.34 38.26
N GLU G 214 55.46 -25.42 38.16
CA GLU G 214 55.61 -26.34 39.27
C GLU G 214 56.13 -25.62 40.52
N VAL G 215 57.13 -24.77 40.35
CA VAL G 215 57.73 -24.03 41.47
C VAL G 215 56.74 -23.01 42.04
N GLU G 216 56.06 -22.33 41.14
CA GLU G 216 54.97 -21.44 41.54
C GLU G 216 53.89 -22.14 42.38
N GLU G 217 53.48 -23.35 41.99
CA GLU G 217 52.47 -24.08 42.75
C GLU G 217 52.98 -24.41 44.13
N LEU G 218 54.26 -24.83 44.20
CA LEU G 218 54.86 -25.20 45.50
C LEU G 218 54.98 -23.99 46.43
N GLU G 219 55.32 -22.83 45.87
CA GLU G 219 55.34 -21.59 46.66
C GLU G 219 53.92 -21.25 47.16
N LEU G 220 52.92 -21.40 46.29
CA LEU G 220 51.55 -21.09 46.70
C LEU G 220 51.10 -22.04 47.77
N SER G 221 51.48 -23.29 47.66
CA SER G 221 51.09 -24.22 48.74
C SER G 221 52.06 -24.25 49.95
N ASN G 222 53.17 -23.50 49.87
CA ASN G 222 54.13 -23.48 50.97
C ASN G 222 54.76 -24.87 51.10
N GLU G 223 54.78 -25.64 50.01
CA GLU G 223 55.36 -26.96 50.11
C GLU G 223 56.89 -27.01 49.85
N VAL G 224 57.47 -25.92 49.34
CA VAL G 224 58.92 -25.76 49.18
C VAL G 224 59.54 -24.78 50.23
N LEU G 225 60.75 -25.12 50.70
CA LEU G 225 61.49 -24.32 51.66
C LEU G 225 62.37 -23.44 50.82
N SER G 226 62.24 -22.13 50.98
CA SER G 226 62.94 -21.22 50.05
C SER G 226 62.79 -19.74 50.40
N VAL G 227 63.53 -18.89 49.72
CA VAL G 227 63.39 -17.45 49.89
C VAL G 227 62.80 -16.85 48.63
N LEU G 228 62.18 -17.68 47.80
CA LEU G 228 61.58 -17.29 46.52
C LEU G 228 60.10 -17.02 46.73
N SER G 229 59.38 -16.59 45.70
CA SER G 229 57.94 -16.35 45.84
C SER G 229 57.20 -16.84 44.62
N ALA G 230 55.92 -17.15 44.77
CA ALA G 230 55.07 -17.48 43.64
C ALA G 230 55.06 -16.39 42.53
N ARG G 231 55.07 -15.13 42.92
CA ARG G 231 55.09 -14.05 41.97
C ARG G 231 56.39 -14.02 41.15
N MET G 232 57.52 -14.35 41.78
CA MET G 232 58.78 -14.48 41.06
C MET G 232 58.72 -15.60 40.02
N ALA G 233 58.21 -16.77 40.39
CA ALA G 233 58.12 -17.87 39.41
C ALA G 233 57.20 -17.52 38.23
N ASP G 234 56.02 -16.98 38.54
CA ASP G 234 55.12 -16.42 37.53
C ASP G 234 55.81 -15.39 36.63
N HIS G 235 56.45 -14.41 37.26
CA HIS G 235 57.23 -13.45 36.53
C HIS G 235 58.22 -14.10 35.53
N MET G 236 58.97 -15.10 35.97
CA MET G 236 60.01 -15.74 35.14
C MET G 236 59.35 -16.52 34.00
N ALA G 237 58.25 -17.20 34.32
CA ALA G 237 57.46 -17.94 33.30
C ALA G 237 56.87 -17.02 32.19
N ARG G 238 56.36 -15.85 32.53
CA ARG G 238 55.95 -14.87 31.50
C ARG G 238 57.10 -14.38 30.63
N GLU G 239 58.22 -14.00 31.22
CA GLU G 239 59.41 -13.74 30.40
C GLU G 239 59.83 -14.90 29.47
N GLU G 240 59.88 -16.12 29.97
CA GLU G 240 60.18 -17.24 29.10
C GLU G 240 59.10 -17.29 27.98
N CYS G 241 57.85 -17.03 28.34
CA CYS G 241 56.81 -17.05 27.31
C CYS G 241 57.10 -15.98 26.24
N TYR G 242 57.44 -14.78 26.68
CA TYR G 242 57.72 -13.69 25.74
C TYR G 242 58.85 -14.04 24.76
N TYR G 243 59.83 -14.80 25.27
CA TYR G 243 61.01 -15.23 24.53
C TYR G 243 60.66 -16.30 23.53
N LEU G 244 59.95 -17.30 23.99
CA LEU G 244 59.46 -18.37 23.14
C LEU G 244 58.62 -17.78 21.97
N LEU G 245 57.86 -16.73 22.28
CA LEU G 245 57.00 -16.11 21.28
C LEU G 245 57.80 -15.32 20.22
N LYS G 246 58.82 -14.58 20.65
CA LYS G 246 59.71 -13.88 19.73
C LYS G 246 60.54 -14.80 18.85
N LEU G 247 60.95 -15.92 19.42
CA LEU G 247 61.62 -16.99 18.68
C LEU G 247 60.75 -17.62 17.57
N ALA G 248 59.47 -17.83 17.88
CA ALA G 248 58.50 -18.37 16.93
C ALA G 248 58.23 -17.39 15.78
N GLN G 249 58.06 -16.11 16.11
CA GLN G 249 57.84 -15.16 15.04
C GLN G 249 59.10 -15.07 14.19
N SER G 250 60.23 -14.66 14.79
CA SER G 250 61.53 -14.55 14.06
C SER G 250 62.05 -15.81 13.35
N SER G 251 61.80 -16.99 13.91
CA SER G 251 62.36 -18.22 13.31
C SER G 251 61.38 -18.94 12.41
N GLY G 252 60.10 -18.90 12.75
CA GLY G 252 59.08 -19.51 11.90
C GLY G 252 58.66 -20.83 12.48
N LEU G 253 58.30 -20.79 13.76
CA LEU G 253 57.78 -21.95 14.46
C LEU G 253 56.36 -21.61 14.85
N GLU G 254 55.55 -22.59 15.21
CA GLU G 254 54.18 -22.29 15.65
C GLU G 254 54.17 -21.52 16.98
N MET G 255 53.17 -20.66 17.13
CA MET G 255 53.11 -19.82 18.32
C MET G 255 52.89 -20.67 19.58
N PRO G 256 53.69 -20.43 20.63
CA PRO G 256 53.50 -21.09 21.92
C PRO G 256 52.07 -20.89 22.46
N LYS G 257 51.56 -21.89 23.16
CA LYS G 257 50.34 -21.72 23.95
C LYS G 257 50.72 -21.33 25.37
N CYS G 258 51.02 -20.05 25.55
CA CYS G 258 51.34 -19.54 26.88
C CYS G 258 51.02 -18.06 26.81
N ASN G 259 50.82 -17.43 27.97
CA ASN G 259 50.46 -16.02 28.02
C ASN G 259 51.54 -15.20 28.71
N PRO G 260 52.20 -14.30 27.98
CA PRO G 260 53.24 -13.51 28.63
C PRO G 260 52.62 -12.38 29.42
N LEU G 261 51.30 -12.20 29.29
CA LEU G 261 50.59 -11.14 30.00
C LEU G 261 50.01 -11.58 31.35
N GLU G 262 49.66 -12.86 31.51
CA GLU G 262 49.32 -13.36 32.85
C GLU G 262 49.68 -14.82 33.14
N LEU H 3 95.25 -25.97 80.31
CA LEU H 3 95.14 -25.65 81.79
C LEU H 3 93.74 -25.92 82.36
N GLU H 4 93.67 -26.18 83.67
CA GLU H 4 92.36 -26.34 84.34
C GLU H 4 91.37 -25.18 84.11
N ARG H 5 90.16 -25.51 83.66
CA ARG H 5 89.12 -24.49 83.46
C ARG H 5 88.50 -23.96 84.77
N ASN H 6 88.41 -22.63 84.91
CA ASN H 6 87.74 -22.03 86.09
C ASN H 6 86.54 -21.17 85.73
N TYR H 7 85.79 -20.80 86.76
CA TYR H 7 84.48 -20.22 86.58
C TYR H 7 84.62 -18.88 85.91
N GLU H 8 85.49 -18.05 86.44
CA GLU H 8 85.55 -16.68 85.97
C GLU H 8 85.95 -16.62 84.49
N GLU H 9 86.98 -17.36 84.11
CA GLU H 9 87.51 -17.30 82.74
C GLU H 9 86.54 -17.95 81.73
N SER H 10 85.90 -19.04 82.12
N SER H 10 85.93 -19.07 82.12
CA SER H 10 84.94 -19.72 81.24
CA SER H 10 84.92 -19.76 81.32
C SER H 10 83.62 -18.95 81.05
C SER H 10 83.68 -18.91 81.06
N ALA H 11 83.05 -18.46 82.15
CA ALA H 11 81.87 -17.62 82.09
C ALA H 11 82.11 -16.41 81.20
N LEU H 12 83.22 -15.69 81.40
CA LEU H 12 83.52 -14.56 80.53
C LEU H 12 83.68 -14.92 79.07
N PHE H 13 84.51 -15.94 78.79
CA PHE H 13 84.66 -16.50 77.48
C PHE H 13 83.32 -16.86 76.86
N GLU H 14 82.53 -17.68 77.54
CA GLU H 14 81.26 -18.15 76.97
C GLU H 14 80.31 -16.97 76.68
N HIS H 15 80.16 -16.05 77.65
CA HIS H 15 79.37 -14.83 77.44
C HIS H 15 79.87 -13.97 76.30
N GLN H 16 81.14 -13.57 76.30
CA GLN H 16 81.64 -12.86 75.13
C GLN H 16 81.38 -13.57 73.78
N PHE H 17 81.64 -14.88 73.69
CA PHE H 17 81.42 -15.57 72.44
C PHE H 17 79.94 -15.54 72.02
N TRP H 18 79.07 -15.93 72.94
CA TRP H 18 77.69 -16.21 72.57
C TRP H 18 76.93 -14.93 72.42
N LEU H 19 77.23 -13.92 73.24
CA LEU H 19 76.51 -12.65 73.14
C LEU H 19 76.93 -11.94 71.87
N LYS H 20 78.19 -12.13 71.42
CA LYS H 20 78.51 -11.52 70.14
C LYS H 20 77.78 -12.24 69.00
N VAL H 21 77.69 -13.54 69.14
CA VAL H 21 77.04 -14.38 68.15
C VAL H 21 75.55 -14.06 68.01
N LEU H 22 74.89 -13.79 69.14
CA LEU H 22 73.46 -13.49 69.09
C LEU H 22 73.21 -12.08 68.63
N THR H 23 74.15 -11.18 68.88
CA THR H 23 74.03 -9.83 68.34
C THR H 23 74.13 -9.89 66.82
N ASP H 24 75.06 -10.71 66.32
CA ASP H 24 75.14 -10.97 64.87
C ASP H 24 73.83 -11.49 64.29
N HIS H 25 73.22 -12.49 64.94
CA HIS H 25 72.02 -13.12 64.42
C HIS H 25 70.92 -12.10 64.26
N ALA H 26 70.75 -11.28 65.30
CA ALA H 26 69.75 -10.26 65.33
C ALA H 26 70.01 -9.26 64.23
N GLN H 27 71.25 -8.85 64.08
CA GLN H 27 71.59 -7.93 63.00
C GLN H 27 71.37 -8.53 61.62
N PHE H 28 71.78 -9.79 61.46
CA PHE H 28 71.56 -10.48 60.18
C PHE H 28 70.07 -10.58 59.87
N LEU H 29 69.28 -11.03 60.85
CA LEU H 29 67.85 -11.15 60.68
C LEU H 29 67.27 -9.79 60.34
N LEU H 30 67.65 -8.74 61.07
CA LEU H 30 67.18 -7.40 60.78
C LEU H 30 67.44 -7.04 59.32
N ASP H 31 68.66 -7.27 58.81
CA ASP H 31 68.98 -6.77 57.46
C ASP H 31 68.32 -7.66 56.42
N ALA H 32 68.02 -8.91 56.80
CA ALA H 32 67.36 -9.89 55.86
C ALA H 32 65.81 -9.75 55.73
N LEU H 33 65.18 -8.97 56.62
CA LEU H 33 63.70 -8.80 56.53
C LEU H 33 63.31 -7.83 55.45
N ALA H 34 62.21 -8.08 54.73
CA ALA H 34 61.75 -7.05 53.73
C ALA H 34 61.33 -5.80 54.53
N PRO H 35 61.57 -4.60 53.99
CA PRO H 35 61.14 -3.31 54.61
C PRO H 35 59.71 -3.35 55.19
N LYS H 36 58.81 -4.08 54.53
CA LYS H 36 57.42 -4.18 54.94
C LYS H 36 57.22 -4.96 56.25
N GLU H 37 58.20 -5.80 56.60
CA GLU H 37 58.04 -6.59 57.82
C GLU H 37 58.30 -5.76 59.08
N LYS H 38 57.58 -4.64 59.22
CA LYS H 38 57.83 -3.72 60.35
C LYS H 38 57.87 -4.34 61.73
N GLU H 39 57.03 -5.32 62.00
CA GLU H 39 56.95 -5.92 63.33
C GLU H 39 58.23 -6.69 63.67
N ASP H 40 58.73 -7.47 62.73
CA ASP H 40 59.92 -8.25 62.99
C ASP H 40 61.14 -7.38 62.89
N ILE H 41 61.12 -6.38 62.01
CA ILE H 41 62.21 -5.40 62.02
C ILE H 41 62.38 -4.71 63.38
N LYS H 42 61.26 -4.40 64.01
CA LYS H 42 61.27 -3.78 65.33
C LYS H 42 61.84 -4.71 66.40
N LYS H 43 61.40 -5.96 66.36
CA LYS H 43 61.88 -6.99 67.26
C LYS H 43 63.41 -7.24 67.13
N ALA H 44 63.87 -7.32 65.88
CA ALA H 44 65.25 -7.59 65.56
C ALA H 44 66.12 -6.44 66.00
N THR H 45 65.69 -5.21 65.72
CA THR H 45 66.35 -4.01 66.23
C THR H 45 66.49 -4.09 67.77
N TYR H 46 65.41 -4.47 68.45
CA TYR H 46 65.42 -4.64 69.89
C TYR H 46 66.46 -5.67 70.38
N PHE H 47 66.57 -6.80 69.69
CA PHE H 47 67.56 -7.81 70.09
C PHE H 47 69.01 -7.37 69.84
N VAL H 48 69.19 -6.58 68.78
CA VAL H 48 70.51 -6.03 68.48
C VAL H 48 70.92 -5.10 69.62
N GLU H 49 70.02 -4.18 70.00
CA GLU H 49 70.30 -3.37 71.20
C GLU H 49 70.48 -4.20 72.45
N THR H 50 69.66 -5.22 72.64
CA THR H 50 69.69 -5.97 73.89
C THR H 50 71.02 -6.74 74.02
N PHE H 51 71.50 -7.30 72.92
CA PHE H 51 72.67 -8.16 73.01
C PHE H 51 73.92 -7.33 73.07
N THR H 52 73.89 -6.21 72.35
CA THR H 52 75.02 -5.28 72.35
C THR H 52 75.19 -4.77 73.76
N ASN H 53 74.09 -4.53 74.46
CA ASN H 53 74.17 -3.95 75.80
C ASN H 53 74.64 -4.98 76.82
N LEU H 54 74.16 -6.21 76.67
CA LEU H 54 74.65 -7.33 77.45
C LEU H 54 76.17 -7.51 77.22
N LEU H 55 76.59 -7.60 75.95
CA LEU H 55 78.01 -7.80 75.66
C LEU H 55 78.87 -6.71 76.32
N ASN H 56 78.45 -5.48 76.13
CA ASN H 56 79.17 -4.31 76.55
C ASN H 56 79.35 -4.25 78.03
N LYS H 57 78.45 -4.87 78.78
CA LYS H 57 78.53 -4.77 80.22
C LYS H 57 78.93 -6.07 80.91
N VAL H 58 79.38 -7.04 80.13
CA VAL H 58 79.79 -8.31 80.74
C VAL H 58 81.03 -8.09 81.64
N ARG H 59 81.11 -8.86 82.71
CA ARG H 59 82.29 -8.79 83.53
C ARG H 59 81.89 -9.03 84.97
N ASN H 62 78.61 -8.99 88.40
CA ASN H 62 78.32 -10.29 89.05
C ASN H 62 77.77 -11.31 88.07
N LEU H 63 78.56 -12.33 87.76
CA LEU H 63 78.29 -13.20 86.61
C LEU H 63 77.13 -14.18 86.82
N MET H 64 76.91 -14.57 88.08
CA MET H 64 75.82 -15.49 88.39
CA MET H 64 75.83 -15.50 88.36
C MET H 64 74.51 -14.80 88.03
N ALA H 65 74.35 -13.57 88.55
CA ALA H 65 73.16 -12.77 88.19
C ALA H 65 73.18 -12.28 86.75
N PHE H 66 74.34 -11.99 86.20
CA PHE H 66 74.34 -11.53 84.83
C PHE H 66 73.82 -12.67 83.95
N SER H 67 74.24 -13.89 84.28
CA SER H 67 73.83 -15.09 83.57
C SER H 67 72.33 -15.33 83.49
N LYS H 68 71.59 -15.03 84.57
CA LYS H 68 70.10 -15.10 84.49
C LYS H 68 69.56 -14.05 83.56
N GLU H 69 70.15 -12.87 83.57
CA GLU H 69 69.69 -11.86 82.61
C GLU H 69 69.95 -12.27 81.16
N ALA H 70 71.17 -12.77 80.88
CA ALA H 70 71.51 -13.28 79.52
C ALA H 70 70.56 -14.41 79.10
N GLU H 71 70.24 -15.29 80.05
CA GLU H 71 69.32 -16.38 79.80
C GLU H 71 67.94 -15.97 79.34
N GLN H 72 67.35 -14.97 80.02
CA GLN H 72 66.09 -14.41 79.60
C GLN H 72 66.17 -13.80 78.20
N ALA H 73 67.24 -13.07 77.91
CA ALA H 73 67.38 -12.52 76.54
C ALA H 73 67.52 -13.62 75.46
N ALA H 74 68.26 -14.70 75.77
CA ALA H 74 68.46 -15.84 74.86
C ALA H 74 67.17 -16.61 74.54
N LYS H 75 66.40 -16.90 75.58
CA LYS H 75 65.08 -17.52 75.42
C LYS H 75 64.13 -16.65 74.62
N GLU H 76 64.26 -15.34 74.78
CA GLU H 76 63.45 -14.43 73.97
C GLU H 76 63.78 -14.49 72.50
N ILE H 77 65.03 -14.30 72.15
CA ILE H 77 65.40 -14.39 70.73
C ILE H 77 65.16 -15.82 70.20
N ARG H 78 65.27 -16.83 71.06
CA ARG H 78 64.90 -18.17 70.60
C ARG H 78 63.47 -18.09 70.07
N ALA H 79 62.56 -17.59 70.90
CA ALA H 79 61.15 -17.40 70.53
C ALA H 79 60.98 -16.64 69.20
N PHE H 80 61.65 -15.50 69.06
CA PHE H 80 61.62 -14.68 67.85
C PHE H 80 62.01 -15.52 66.64
N LYS H 81 63.05 -16.34 66.79
CA LYS H 81 63.54 -17.12 65.65
C LYS H 81 62.52 -18.17 65.23
N LEU H 82 61.95 -18.87 66.21
CA LEU H 82 60.97 -19.90 65.91
C LEU H 82 59.69 -19.33 65.27
N ASN H 83 59.25 -18.17 65.76
CA ASN H 83 58.12 -17.43 65.14
C ASN H 83 58.36 -17.11 63.68
N ILE H 84 59.56 -16.62 63.34
CA ILE H 84 59.93 -16.46 61.93
C ILE H 84 59.88 -17.76 61.16
N ILE H 85 60.48 -18.83 61.67
CA ILE H 85 60.34 -20.14 60.99
C ILE H 85 58.86 -20.55 60.82
N GLN H 86 58.07 -20.45 61.89
CA GLN H 86 56.64 -20.78 61.75
C GLN H 86 55.92 -19.99 60.62
N LYS H 87 56.11 -18.69 60.58
CA LYS H 87 55.65 -17.86 59.48
C LYS H 87 56.17 -18.26 58.09
N GLN H 88 57.41 -18.73 58.01
CA GLN H 88 57.93 -19.17 56.73
C GLN H 88 57.19 -20.43 56.31
N LEU H 89 57.00 -21.35 57.25
CA LEU H 89 56.32 -22.62 56.96
C LEU H 89 54.84 -22.40 56.55
N GLU H 90 54.30 -21.20 56.82
CA GLU H 90 52.91 -20.85 56.49
C GLU H 90 52.83 -19.71 55.52
N GLY H 91 53.93 -19.34 54.87
CA GLY H 91 53.93 -18.25 53.87
C GLY H 91 53.53 -16.89 54.41
N LYS H 92 53.87 -16.58 55.66
CA LYS H 92 53.42 -15.33 56.30
C LYS H 92 54.49 -14.28 56.57
N ILE H 93 55.65 -14.42 55.91
CA ILE H 93 56.75 -13.49 56.08
C ILE H 93 57.69 -13.49 54.85
N THR H 94 58.17 -12.32 54.44
CA THR H 94 59.21 -12.24 53.41
C THR H 94 60.50 -11.90 54.14
N ILE H 95 61.39 -12.87 54.18
CA ILE H 95 62.69 -12.69 54.83
C ILE H 95 63.75 -13.35 53.97
N HIS H 96 64.96 -12.80 53.87
CA HIS H 96 65.90 -13.43 52.93
C HIS H 96 66.90 -14.44 53.51
N PHE H 97 66.46 -15.19 54.52
CA PHE H 97 67.11 -16.43 54.97
C PHE H 97 66.16 -17.62 54.82
N THR H 98 66.66 -18.78 54.43
CA THR H 98 65.78 -19.97 54.36
C THR H 98 65.54 -20.49 55.77
N PRO H 99 64.47 -21.29 55.97
CA PRO H 99 64.19 -21.75 57.35
C PRO H 99 65.32 -22.65 57.98
N THR H 100 66.04 -23.43 57.19
CA THR H 100 67.10 -24.24 57.77
C THR H 100 68.18 -23.35 58.37
N PHE H 101 68.48 -22.24 57.71
CA PHE H 101 69.48 -21.32 58.26
C PHE H 101 69.05 -20.78 59.63
N ILE H 102 67.80 -20.34 59.74
CA ILE H 102 67.31 -19.87 61.03
C ILE H 102 67.17 -21.01 62.02
N ASN H 103 66.85 -22.19 61.52
CA ASN H 103 66.80 -23.38 62.36
C ASN H 103 68.22 -23.63 62.98
N HIS H 104 69.27 -23.34 62.20
CA HIS H 104 70.63 -23.41 62.72
C HIS H 104 70.91 -22.34 63.78
N MET H 105 70.41 -21.10 63.60
CA MET H 105 70.47 -20.10 64.67
C MET H 105 69.78 -20.64 65.96
N VAL H 106 68.67 -21.36 65.81
CA VAL H 106 67.96 -21.87 66.99
C VAL H 106 68.82 -22.89 67.76
N ASN H 107 69.44 -23.83 67.02
CA ASN H 107 70.37 -24.78 67.58
C ASN H 107 71.45 -24.13 68.40
N GLU H 108 72.00 -23.06 67.84
CA GLU H 108 73.03 -22.24 68.45
C GLU H 108 72.59 -21.58 69.76
N VAL H 109 71.49 -20.83 69.74
CA VAL H 109 71.03 -20.21 70.97
C VAL H 109 70.72 -21.26 72.05
N GLU H 110 70.37 -22.49 71.64
CA GLU H 110 70.07 -23.57 72.56
C GLU H 110 71.35 -24.09 73.22
N GLU H 111 72.49 -23.98 72.54
CA GLU H 111 73.78 -24.34 73.11
C GLU H 111 74.17 -23.33 74.18
N TYR H 112 73.83 -22.07 73.94
CA TYR H 112 74.11 -21.03 74.92
C TYR H 112 73.24 -21.23 76.15
N ILE H 113 71.98 -21.59 75.87
CA ILE H 113 71.02 -21.88 76.96
C ILE H 113 71.51 -23.01 77.83
N ALA H 114 72.06 -24.05 77.20
CA ALA H 114 72.64 -25.21 77.91
C ALA H 114 73.88 -24.85 78.72
N VAL H 115 74.70 -23.93 78.22
CA VAL H 115 75.82 -23.47 78.97
C VAL H 115 75.34 -22.60 80.18
N LEU H 116 74.31 -21.80 79.95
CA LEU H 116 73.85 -20.81 80.94
C LEU H 116 73.25 -21.48 82.15
N GLU H 117 72.75 -22.67 81.93
CA GLU H 117 72.24 -23.50 82.97
C GLU H 117 73.29 -23.71 84.05
N PHE H 118 74.52 -24.02 83.61
CA PHE H 118 75.67 -24.10 84.51
C PHE H 118 76.10 -22.77 85.09
N LEU H 119 76.23 -21.76 84.23
CA LEU H 119 76.66 -20.44 84.67
C LEU H 119 75.75 -19.71 85.69
N LYS H 120 74.44 -19.95 85.63
CA LYS H 120 73.47 -19.35 86.59
C LYS H 120 73.73 -19.85 87.99
N LYS H 121 74.26 -21.07 88.10
CA LYS H 121 74.58 -21.54 89.42
C LYS H 121 76.02 -21.46 89.77
N GLY H 122 76.79 -20.63 89.07
CA GLY H 122 78.20 -20.47 89.43
C GLY H 122 79.06 -21.73 89.22
N GLU H 123 78.57 -22.68 88.42
CA GLU H 123 79.36 -23.84 88.00
C GLU H 123 80.12 -23.68 86.68
N VAL H 124 81.25 -24.36 86.56
CA VAL H 124 81.99 -24.39 85.27
C VAL H 124 81.24 -25.28 84.30
N PRO H 125 80.87 -24.76 83.11
CA PRO H 125 80.19 -25.71 82.25
C PRO H 125 81.14 -26.83 81.83
N PRO H 126 80.65 -28.07 81.80
CA PRO H 126 81.58 -29.13 81.43
C PRO H 126 81.91 -29.11 79.91
N VAL H 127 82.98 -29.78 79.54
CA VAL H 127 83.21 -30.01 78.14
C VAL H 127 82.44 -31.32 77.84
N PHE H 128 81.49 -31.26 76.92
CA PHE H 128 80.71 -32.45 76.61
C PHE H 128 81.48 -33.47 75.76
N HIS H 129 80.87 -34.64 75.57
CA HIS H 129 81.44 -35.68 74.73
C HIS H 129 81.63 -35.08 73.34
N GLU H 130 82.70 -35.48 72.67
CA GLU H 130 82.98 -34.91 71.34
C GLU H 130 81.86 -35.12 70.31
N LEU H 131 81.18 -36.26 70.35
CA LEU H 131 79.93 -36.39 69.53
C LEU H 131 78.81 -35.37 69.80
N HIS H 132 78.74 -34.82 71.01
CA HIS H 132 77.75 -33.78 71.23
C HIS H 132 78.06 -32.61 70.30
N TYR H 133 79.31 -32.18 70.28
CA TYR H 133 79.66 -31.06 69.46
C TYR H 133 79.49 -31.40 67.97
N HIS H 134 79.85 -32.62 67.59
CA HIS H 134 79.68 -32.95 66.17
C HIS H 134 78.20 -32.88 65.73
N LEU H 135 77.31 -33.45 66.54
CA LEU H 135 75.84 -33.44 66.25
C LEU H 135 75.28 -32.02 66.11
N VAL H 136 75.89 -31.06 66.76
CA VAL H 136 75.39 -29.69 66.69
C VAL H 136 76.07 -28.95 65.54
N TRP H 137 77.38 -29.11 65.45
CA TRP H 137 78.13 -28.16 64.63
C TRP H 137 78.46 -28.58 63.18
N LEU H 138 78.22 -29.85 62.84
CA LEU H 138 78.44 -30.33 61.46
C LEU H 138 77.35 -29.83 60.51
N THR H 139 76.09 -29.96 60.93
CA THR H 139 75.03 -29.36 60.10
C THR H 139 75.16 -27.84 60.06
N ASP H 140 75.56 -27.22 61.15
CA ASP H 140 75.76 -25.78 61.14
C ASP H 140 76.80 -25.37 60.04
N ALA H 141 77.90 -26.12 59.99
CA ALA H 141 78.97 -25.86 59.06
C ALA H 141 78.54 -26.06 57.58
N ALA H 142 77.89 -27.19 57.29
CA ALA H 142 77.26 -27.46 55.97
C ALA H 142 76.35 -26.29 55.58
N GLY H 143 75.55 -25.84 56.53
CA GLY H 143 74.69 -24.68 56.33
C GLY H 143 75.47 -23.40 56.05
N HIS H 144 76.63 -23.26 56.68
CA HIS H 144 77.51 -22.12 56.40
C HIS H 144 77.99 -22.19 54.97
N ALA H 145 78.60 -23.31 54.59
CA ALA H 145 79.11 -23.40 53.21
C ALA H 145 77.97 -23.24 52.19
N GLY H 146 76.80 -23.82 52.50
CA GLY H 146 75.68 -23.83 51.57
C GLY H 146 75.09 -22.44 51.44
N SER H 147 75.19 -21.69 52.51
CA SER H 147 74.70 -20.34 52.45
C SER H 147 75.68 -19.48 51.65
N ILE H 148 76.98 -19.76 51.77
CA ILE H 148 77.91 -19.05 50.89
C ILE H 148 77.60 -19.39 49.44
N SER H 149 77.36 -20.66 49.20
CA SER H 149 77.09 -21.08 47.87
C SER H 149 75.87 -20.37 47.32
N GLY H 150 74.86 -20.26 48.18
CA GLY H 150 73.58 -19.66 47.79
C GLY H 150 73.67 -18.18 47.58
N GLY H 151 74.63 -17.52 48.24
CA GLY H 151 74.74 -16.06 48.21
C GLY H 151 75.74 -15.50 47.19
N LEU H 152 76.37 -16.37 46.42
CA LEU H 152 77.37 -15.96 45.44
C LEU H 152 76.63 -15.61 44.18
N ASP H 153 77.18 -14.69 43.41
CA ASP H 153 76.61 -14.32 42.14
C ASP H 153 76.60 -15.57 41.27
N LEU H 154 75.66 -15.64 40.33
CA LEU H 154 75.64 -16.66 39.28
C LEU H 154 77.03 -16.87 38.61
N VAL H 155 77.80 -15.81 38.44
CA VAL H 155 79.07 -15.98 37.69
C VAL H 155 80.28 -16.48 38.50
N GLU H 156 80.10 -16.62 39.83
CA GLU H 156 81.23 -16.95 40.72
C GLU H 156 81.33 -18.44 40.84
N LYS H 157 81.51 -19.06 39.66
CA LYS H 157 81.51 -20.52 39.52
C LYS H 157 82.59 -21.26 40.37
N ARG H 158 83.83 -20.77 40.34
N ARG H 158 83.84 -20.79 40.34
CA ARG H 158 84.94 -21.36 41.12
CA ARG H 158 84.92 -21.44 41.12
C ARG H 158 84.63 -21.42 42.61
C ARG H 158 84.63 -21.43 42.62
N LEU H 159 84.17 -20.30 43.15
CA LEU H 159 83.90 -20.18 44.60
C LEU H 159 82.72 -21.00 45.03
N LYS H 160 81.73 -21.07 44.16
CA LYS H 160 80.58 -21.89 44.46
C LYS H 160 80.95 -23.39 44.40
N GLU H 161 81.78 -23.80 43.45
CA GLU H 161 82.25 -25.17 43.42
C GLU H 161 82.98 -25.52 44.73
N LYS H 162 83.72 -24.55 45.25
CA LYS H 162 84.51 -24.76 46.43
C LYS H 162 83.57 -24.89 47.65
N SER H 163 82.60 -23.99 47.78
CA SER H 163 81.68 -24.03 48.94
C SER H 163 80.71 -25.24 48.91
N GLU H 164 80.28 -25.64 47.72
CA GLU H 164 79.54 -26.90 47.56
C GLU H 164 80.35 -28.11 48.00
N GLU H 165 81.62 -28.09 47.68
CA GLU H 165 82.43 -29.19 48.11
C GLU H 165 82.48 -29.30 49.64
N PHE H 166 82.61 -28.15 50.30
CA PHE H 166 82.66 -28.11 51.75
C PHE H 166 81.35 -28.61 52.31
N THR H 167 80.23 -28.13 51.75
CA THR H 167 78.89 -28.55 52.20
C THR H 167 78.80 -30.05 52.19
N LYS H 168 79.22 -30.63 51.07
CA LYS H 168 79.13 -32.06 50.89
C LYS H 168 79.94 -32.81 51.97
N HIS H 169 81.18 -32.37 52.19
CA HIS H 169 82.05 -32.99 53.20
C HIS H 169 81.43 -32.88 54.61
N PHE H 170 80.86 -31.70 54.95
CA PHE H 170 80.29 -31.57 56.31
C PHE H 170 79.07 -32.42 56.48
N GLU H 171 78.23 -32.48 55.42
CA GLU H 171 77.07 -33.38 55.40
C GLU H 171 77.47 -34.85 55.54
N GLN H 172 78.53 -35.28 54.84
CA GLN H 172 78.99 -36.65 54.94
C GLN H 172 79.53 -36.92 56.35
N PHE H 173 80.25 -35.95 56.92
CA PHE H 173 80.76 -36.09 58.28
C PHE H 173 79.59 -36.27 59.24
N TYR H 174 78.52 -35.51 59.02
CA TYR H 174 77.36 -35.54 59.91
C TYR H 174 76.71 -36.94 59.88
N LEU H 175 76.56 -37.51 58.69
CA LEU H 175 76.03 -38.86 58.58
C LEU H 175 76.88 -39.89 59.35
N LYS H 176 78.19 -39.75 59.24
CA LYS H 176 79.11 -40.52 60.08
C LYS H 176 78.89 -40.30 61.58
N ALA H 177 78.75 -39.04 62.03
CA ALA H 177 78.55 -38.77 63.44
C ALA H 177 77.26 -39.43 63.95
N VAL H 178 76.21 -39.38 63.12
CA VAL H 178 74.94 -40.01 63.46
C VAL H 178 75.15 -41.49 63.71
N GLU H 179 75.91 -42.17 62.82
CA GLU H 179 76.14 -43.61 63.07
C GLU H 179 76.94 -43.92 64.33
N MET H 180 78.06 -43.22 64.52
CA MET H 180 78.92 -43.44 65.66
C MET H 180 78.15 -43.20 66.94
N THR H 181 77.23 -42.25 66.92
CA THR H 181 76.41 -42.00 68.10
C THR H 181 75.63 -43.25 68.51
N GLY H 182 75.11 -43.98 67.52
CA GLY H 182 74.48 -45.27 67.80
C GLY H 182 75.44 -46.36 68.26
N TYR H 183 76.71 -46.32 67.79
CA TYR H 183 77.68 -47.27 68.25
C TYR H 183 77.90 -47.14 69.77
N LEU H 184 77.65 -45.95 70.33
CA LEU H 184 77.85 -45.73 71.77
C LEU H 184 76.92 -46.59 72.62
N ARG H 185 75.93 -47.20 72.00
CA ARG H 185 75.02 -48.08 72.72
C ARG H 185 75.73 -49.37 73.12
N THR H 186 76.88 -49.65 72.51
CA THR H 186 77.74 -50.74 72.98
C THR H 186 78.32 -50.37 74.36
N GLU H 187 78.09 -49.12 74.78
CA GLU H 187 78.68 -48.57 75.98
C GLU H 187 80.22 -48.44 75.96
N LEU H 188 80.82 -48.60 74.79
CA LEU H 188 82.21 -48.16 74.52
C LEU H 188 82.03 -46.72 74.08
N HIS H 189 82.51 -45.74 74.85
CA HIS H 189 82.25 -44.34 74.49
C HIS H 189 83.39 -43.58 73.80
N HIS H 190 84.55 -44.23 73.78
CA HIS H 190 85.68 -43.73 73.03
C HIS H 190 86.26 -45.00 72.41
N PHE H 191 86.68 -44.88 71.16
CA PHE H 191 87.28 -45.99 70.42
C PHE H 191 87.99 -45.34 69.23
N PRO H 192 88.97 -46.05 68.64
CA PRO H 192 89.84 -45.36 67.67
C PRO H 192 89.15 -44.71 66.47
N ALA H 193 88.18 -45.38 65.84
CA ALA H 193 87.47 -44.77 64.71
C ALA H 193 86.83 -43.38 65.11
N LEU H 194 86.27 -43.27 66.30
CA LEU H 194 85.78 -41.95 66.78
C LEU H 194 86.86 -40.87 66.89
N LYS H 195 87.96 -41.17 67.58
CA LYS H 195 89.10 -40.26 67.68
C LYS H 195 89.66 -39.83 66.29
N LYS H 196 89.79 -40.79 65.37
CA LYS H 196 90.23 -40.48 64.03
C LYS H 196 89.20 -39.58 63.35
N PHE H 197 87.93 -39.91 63.47
CA PHE H 197 86.88 -39.04 62.91
C PHE H 197 87.10 -37.58 63.38
N THR H 198 87.24 -37.41 64.71
CA THR H 198 87.36 -36.02 65.21
C THR H 198 88.56 -35.25 64.60
N LYS H 199 89.68 -35.95 64.38
CA LYS H 199 90.86 -35.39 63.77
C LYS H 199 90.55 -34.97 62.35
N ASP H 200 89.85 -35.82 61.57
CA ASP H 200 89.52 -35.53 60.16
C ASP H 200 88.61 -34.31 60.09
N VAL H 201 87.59 -34.28 60.97
CA VAL H 201 86.72 -33.13 61.07
C VAL H 201 87.54 -31.89 61.37
N SER H 202 88.45 -31.95 62.34
CA SER H 202 89.24 -30.76 62.70
C SER H 202 90.11 -30.23 61.54
N LEU H 203 90.74 -31.11 60.78
CA LEU H 203 91.43 -30.71 59.57
C LEU H 203 90.49 -30.03 58.56
N GLU H 204 89.29 -30.55 58.39
CA GLU H 204 88.38 -29.93 57.42
C GLU H 204 87.92 -28.52 57.88
N LEU H 205 87.66 -28.40 59.16
CA LEU H 205 87.35 -27.10 59.77
C LEU H 205 88.51 -26.12 59.56
N LYS H 206 89.77 -26.59 59.71
CA LYS H 206 90.92 -25.72 59.46
C LYS H 206 90.91 -25.24 58.02
N LEU H 207 90.67 -26.13 57.07
CA LEU H 207 90.58 -25.79 55.64
C LEU H 207 89.42 -24.84 55.36
N PHE H 208 88.27 -25.13 56.00
CA PHE H 208 87.10 -24.27 55.87
C PHE H 208 87.37 -22.87 56.47
N SER H 209 87.99 -22.79 57.64
CA SER H 209 88.33 -21.45 58.18
C SER H 209 89.27 -20.64 57.25
N HIS H 210 90.20 -21.30 56.54
CA HIS H 210 91.04 -20.53 55.59
C HIS H 210 90.19 -19.96 54.48
N PHE H 211 89.33 -20.81 53.95
CA PHE H 211 88.36 -20.41 52.96
C PHE H 211 87.46 -19.27 53.44
N LEU H 212 86.95 -19.34 54.69
CA LEU H 212 86.09 -18.27 55.21
C LEU H 212 86.87 -16.96 55.33
N HIS H 213 88.18 -17.02 55.61
CA HIS H 213 89.03 -15.79 55.74
C HIS H 213 89.22 -15.16 54.38
N GLU H 214 89.40 -16.04 53.40
CA GLU H 214 89.54 -15.64 52.00
C GLU H 214 88.23 -14.97 51.53
N VAL H 215 87.07 -15.59 51.80
CA VAL H 215 85.77 -14.97 51.50
C VAL H 215 85.62 -13.60 52.21
N GLU H 216 85.92 -13.56 53.51
CA GLU H 216 85.93 -12.31 54.27
C GLU H 216 86.78 -11.23 53.56
N GLU H 217 87.93 -11.61 52.99
CA GLU H 217 88.82 -10.61 52.35
C GLU H 217 88.25 -10.17 51.01
N LEU H 218 87.71 -11.14 50.27
CA LEU H 218 86.98 -10.77 49.04
C LEU H 218 85.84 -9.79 49.32
N GLU H 219 85.13 -9.97 50.43
CA GLU H 219 84.04 -9.08 50.75
C GLU H 219 84.54 -7.72 51.16
N LEU H 220 85.63 -7.64 51.93
CA LEU H 220 86.15 -6.34 52.36
C LEU H 220 86.69 -5.52 51.18
N SER H 221 87.21 -6.21 50.18
CA SER H 221 87.80 -5.54 49.03
C SER H 221 86.77 -5.36 47.89
N ASN H 222 85.56 -5.88 48.06
CA ASN H 222 84.52 -6.00 46.98
C ASN H 222 85.02 -6.74 45.74
N GLU H 223 85.90 -7.72 45.97
CA GLU H 223 86.47 -8.51 44.88
C GLU H 223 85.57 -9.68 44.47
N VAL H 224 84.57 -9.98 45.30
CA VAL H 224 83.59 -11.04 45.02
C VAL H 224 82.19 -10.48 44.77
N LEU H 225 81.44 -11.13 43.87
CA LEU H 225 80.08 -10.73 43.59
C LEU H 225 79.14 -11.60 44.42
N SER H 226 78.37 -10.96 45.31
CA SER H 226 77.54 -11.73 46.19
C SER H 226 76.52 -10.88 46.93
N VAL H 227 75.83 -11.51 47.86
CA VAL H 227 75.00 -10.78 48.81
C VAL H 227 75.41 -11.26 50.20
N LEU H 228 76.62 -11.80 50.31
CA LEU H 228 77.12 -12.16 51.63
C LEU H 228 77.70 -10.87 52.20
N SER H 229 78.28 -10.90 53.37
CA SER H 229 78.93 -9.69 53.85
C SER H 229 80.18 -10.17 54.55
N ALA H 230 81.15 -9.27 54.73
CA ALA H 230 82.35 -9.58 55.50
C ALA H 230 82.01 -9.99 56.96
N ARG H 231 81.05 -9.33 57.58
CA ARG H 231 80.66 -9.67 58.95
C ARG H 231 80.14 -11.09 59.08
N MET H 232 79.35 -11.53 58.13
CA MET H 232 78.91 -12.91 58.08
C MET H 232 80.07 -13.93 57.97
N ALA H 233 81.01 -13.65 57.07
CA ALA H 233 82.21 -14.53 56.99
C ALA H 233 82.92 -14.57 58.36
N ASP H 234 83.11 -13.39 58.93
CA ASP H 234 83.81 -13.30 60.21
C ASP H 234 83.09 -14.13 61.26
N HIS H 235 81.77 -13.93 61.32
CA HIS H 235 80.88 -14.63 62.25
C HIS H 235 80.97 -16.16 62.05
N MET H 236 80.96 -16.59 60.80
CA MET H 236 81.01 -18.03 60.48
C MET H 236 82.36 -18.62 60.94
N ALA H 237 83.42 -17.84 60.75
CA ALA H 237 84.76 -18.26 61.16
C ALA H 237 84.90 -18.34 62.67
N ARG H 238 84.37 -17.35 63.40
CA ARG H 238 84.39 -17.44 64.86
C ARG H 238 83.70 -18.71 65.41
N GLU H 239 82.56 -19.08 64.82
CA GLU H 239 81.88 -20.31 65.21
C GLU H 239 82.64 -21.61 64.89
N GLU H 240 83.29 -21.67 63.75
CA GLU H 240 84.10 -22.88 63.46
C GLU H 240 85.26 -22.95 64.44
N CYS H 241 85.81 -21.81 64.79
CA CYS H 241 86.82 -21.78 65.82
C CYS H 241 86.32 -22.36 67.15
N TYR H 242 85.09 -22.03 67.54
CA TYR H 242 84.57 -22.46 68.86
C TYR H 242 84.36 -23.96 68.78
N TYR H 243 83.83 -24.38 67.64
CA TYR H 243 83.67 -25.83 67.40
C TYR H 243 85.05 -26.53 67.48
N LEU H 244 86.03 -26.05 66.72
CA LEU H 244 87.42 -26.54 66.78
C LEU H 244 87.98 -26.63 68.26
N LEU H 245 87.79 -25.57 69.04
CA LEU H 245 88.29 -25.56 70.42
C LEU H 245 87.63 -26.64 71.28
N LYS H 246 86.31 -26.80 71.11
CA LYS H 246 85.53 -27.76 71.87
C LYS H 246 85.94 -29.20 71.49
N LEU H 247 86.29 -29.39 70.21
CA LEU H 247 86.74 -30.69 69.75
C LEU H 247 88.10 -31.07 70.31
N ALA H 248 89.02 -30.12 70.34
CA ALA H 248 90.34 -30.31 70.90
C ALA H 248 90.26 -30.62 72.40
N GLN H 249 89.42 -29.87 73.09
CA GLN H 249 89.24 -30.10 74.53
C GLN H 249 88.55 -31.43 74.84
N SER H 250 87.43 -31.75 74.15
CA SER H 250 86.69 -33.00 74.38
C SER H 250 87.43 -34.22 73.85
N SER H 251 88.11 -34.08 72.71
CA SER H 251 88.84 -35.23 72.12
C SER H 251 90.31 -35.39 72.55
N GLY H 252 90.91 -34.34 73.10
CA GLY H 252 92.29 -34.39 73.53
C GLY H 252 93.26 -34.17 72.39
N LEU H 253 92.99 -33.13 71.58
CA LEU H 253 93.86 -32.73 70.48
C LEU H 253 94.52 -31.37 70.80
N GLU H 254 95.49 -30.97 70.01
CA GLU H 254 96.09 -29.64 70.17
C GLU H 254 95.09 -28.51 69.91
N MET H 255 95.16 -27.49 70.72
CA MET H 255 94.27 -26.34 70.61
C MET H 255 94.45 -25.56 69.33
N PRO H 256 93.33 -25.04 68.79
CA PRO H 256 93.41 -24.23 67.56
C PRO H 256 94.05 -22.86 67.78
N LYS H 257 94.68 -22.32 66.74
CA LYS H 257 95.22 -20.96 66.80
C LYS H 257 94.22 -20.07 66.08
N CYS H 258 93.09 -19.83 66.74
CA CYS H 258 92.09 -18.95 66.18
C CYS H 258 91.38 -18.37 67.40
N ASN H 259 90.77 -17.19 67.26
CA ASN H 259 90.07 -16.57 68.37
C ASN H 259 88.52 -16.60 68.14
N PRO H 260 87.78 -17.32 69.00
CA PRO H 260 86.33 -17.40 68.77
C PRO H 260 85.62 -16.11 69.09
N LEU H 261 86.30 -15.22 69.80
CA LEU H 261 85.71 -13.96 70.31
C LEU H 261 85.78 -12.83 69.32
N GLU H 262 86.76 -12.88 68.42
CA GLU H 262 87.01 -11.71 67.63
C GLU H 262 87.88 -12.07 66.43
N GLY H 263 87.46 -11.63 65.24
CA GLY H 263 88.21 -11.88 64.03
C GLY H 263 89.33 -10.88 63.81
N HIS H 264 90.08 -11.01 62.73
CA HIS H 264 91.22 -10.13 62.65
C HIS H 264 90.98 -8.77 62.00
N HIS H 265 89.83 -8.54 61.43
N HIS H 265 89.80 -8.57 61.43
CA HIS H 265 89.57 -7.24 60.84
CA HIS H 265 89.48 -7.34 60.70
C HIS H 265 88.41 -6.52 61.52
C HIS H 265 88.34 -6.56 61.34
N HIS H 266 87.41 -7.28 61.94
CA HIS H 266 86.22 -6.69 62.56
C HIS H 266 86.35 -6.36 64.04
N HIS H 267 86.94 -5.19 64.32
CA HIS H 267 87.17 -4.68 65.69
C HIS H 267 87.74 -3.28 65.54
N HIS H 268 87.78 -2.54 66.65
CA HIS H 268 88.22 -1.14 66.56
C HIS H 268 89.44 -0.80 67.45
N HIS H 269 90.42 -1.71 67.57
CA HIS H 269 91.62 -1.37 68.36
C HIS H 269 92.90 -1.25 67.49
N ASN I 6 -0.18 55.65 21.26
CA ASN I 6 -0.13 56.18 19.86
C ASN I 6 -0.56 55.14 18.78
N TYR I 7 -0.77 55.62 17.56
CA TYR I 7 -1.35 54.81 16.52
C TYR I 7 -0.67 53.47 16.32
N GLU I 8 0.63 53.48 16.00
CA GLU I 8 1.27 52.21 15.68
C GLU I 8 1.12 51.16 16.78
N GLU I 9 1.21 51.59 18.05
CA GLU I 9 1.08 50.66 19.17
C GLU I 9 -0.33 50.05 19.28
N SER I 10 -1.36 50.88 19.13
CA SER I 10 -2.73 50.39 19.26
C SER I 10 -3.21 49.62 18.03
N ALA I 11 -2.66 49.97 16.87
CA ALA I 11 -2.96 49.23 15.66
C ALA I 11 -2.28 47.88 15.74
N LEU I 12 -1.05 47.85 16.25
CA LEU I 12 -0.33 46.61 16.32
C LEU I 12 -1.02 45.67 17.30
N PHE I 13 -1.47 46.23 18.42
CA PHE I 13 -2.08 45.49 19.51
C PHE I 13 -3.39 44.89 19.07
N GLU I 14 -4.20 45.72 18.41
CA GLU I 14 -5.50 45.28 17.92
C GLU I 14 -5.34 44.19 16.89
N HIS I 15 -4.51 44.40 15.87
CA HIS I 15 -4.36 43.42 14.79
C HIS I 15 -3.80 42.12 15.33
N GLN I 16 -2.87 42.21 16.28
CA GLN I 16 -2.31 41.01 16.85
C GLN I 16 -3.43 40.22 17.54
N PHE I 17 -4.15 40.89 18.43
CA PHE I 17 -5.20 40.23 19.18
C PHE I 17 -6.22 39.60 18.26
N TRP I 18 -6.81 40.44 17.40
CA TRP I 18 -7.94 40.06 16.58
C TRP I 18 -7.60 39.06 15.47
N LEU I 19 -6.44 39.21 14.84
CA LEU I 19 -6.01 38.27 13.79
C LEU I 19 -5.78 36.87 14.34
N LYS I 20 -5.28 36.75 15.57
CA LYS I 20 -5.16 35.44 16.23
C LYS I 20 -6.54 34.81 16.57
N VAL I 21 -7.45 35.63 17.10
CA VAL I 21 -8.86 35.25 17.31
C VAL I 21 -9.55 34.76 16.02
N LEU I 22 -9.38 35.47 14.93
CA LEU I 22 -10.01 35.09 13.68
C LEU I 22 -9.41 33.81 13.06
N THR I 23 -8.09 33.63 13.18
CA THR I 23 -7.43 32.37 12.83
C THR I 23 -7.99 31.21 13.67
N ASP I 24 -8.18 31.43 14.98
CA ASP I 24 -8.79 30.38 15.83
C ASP I 24 -10.22 30.03 15.36
N HIS I 25 -11.04 31.06 15.15
CA HIS I 25 -12.39 30.82 14.63
C HIS I 25 -12.42 29.96 13.40
N ALA I 26 -11.64 30.33 12.39
CA ALA I 26 -11.57 29.54 11.18
C ALA I 26 -11.17 28.11 11.51
N GLN I 27 -10.20 27.94 12.39
CA GLN I 27 -9.74 26.59 12.72
C GLN I 27 -10.82 25.82 13.50
N PHE I 28 -11.39 26.49 14.50
CA PHE I 28 -12.52 25.91 15.23
C PHE I 28 -13.62 25.46 14.25
N LEU I 29 -14.00 26.34 13.33
CA LEU I 29 -15.04 26.04 12.38
C LEU I 29 -14.62 24.89 11.45
N LEU I 30 -13.43 25.00 10.86
CA LEU I 30 -12.86 23.89 10.10
C LEU I 30 -13.07 22.52 10.79
N ASP I 31 -12.58 22.35 12.00
CA ASP I 31 -12.68 21.03 12.68
C ASP I 31 -14.09 20.62 13.13
N ALA I 32 -14.99 21.60 13.29
CA ALA I 32 -16.42 21.39 13.67
C ALA I 32 -17.35 20.93 12.54
N LEU I 33 -16.97 21.18 11.28
CA LEU I 33 -17.72 20.73 10.11
C LEU I 33 -17.70 19.20 9.98
N ALA I 34 -18.87 18.61 9.70
CA ALA I 34 -18.93 17.22 9.33
C ALA I 34 -18.07 17.08 8.07
N PRO I 35 -17.30 15.99 7.96
CA PRO I 35 -16.47 15.69 6.80
C PRO I 35 -17.16 15.91 5.43
N LYS I 36 -18.46 15.62 5.32
CA LYS I 36 -19.21 15.82 4.10
C LYS I 36 -19.47 17.30 3.73
N GLU I 37 -19.15 18.24 4.61
CA GLU I 37 -19.43 19.63 4.25
C GLU I 37 -18.31 20.23 3.40
N LYS I 38 -18.08 19.63 2.23
CA LYS I 38 -16.93 19.98 1.42
C LYS I 38 -16.74 21.46 1.11
N GLU I 39 -17.75 22.12 0.58
CA GLU I 39 -17.58 23.55 0.31
C GLU I 39 -17.17 24.40 1.52
N ASP I 40 -17.86 24.23 2.66
CA ASP I 40 -17.53 25.07 3.83
C ASP I 40 -16.20 24.70 4.44
N ILE I 41 -15.81 23.44 4.26
CA ILE I 41 -14.51 22.99 4.70
C ILE I 41 -13.42 23.71 3.90
N LYS I 42 -13.60 23.77 2.58
CA LYS I 42 -12.74 24.54 1.70
C LYS I 42 -12.69 26.03 2.11
N LYS I 43 -13.83 26.60 2.49
CA LYS I 43 -13.83 27.99 2.90
C LYS I 43 -13.12 28.25 4.24
N ALA I 44 -13.29 27.33 5.20
CA ALA I 44 -12.66 27.50 6.50
C ALA I 44 -11.15 27.34 6.38
N THR I 45 -10.71 26.48 5.47
CA THR I 45 -9.28 26.28 5.21
C THR I 45 -8.69 27.61 4.69
N TYR I 46 -9.41 28.20 3.76
CA TYR I 46 -9.00 29.46 3.16
C TYR I 46 -8.90 30.57 4.19
N PHE I 47 -9.72 30.52 5.22
CA PHE I 47 -9.73 31.58 6.21
C PHE I 47 -8.62 31.40 7.21
N VAL I 48 -8.34 30.15 7.57
CA VAL I 48 -7.16 29.80 8.37
C VAL I 48 -5.87 30.34 7.68
N GLU I 49 -5.71 29.98 6.42
CA GLU I 49 -4.60 30.45 5.55
C GLU I 49 -4.51 31.98 5.59
N THR I 50 -5.60 32.63 5.20
CA THR I 50 -5.72 34.09 5.11
C THR I 50 -5.34 34.82 6.40
N PHE I 51 -5.81 34.33 7.54
CA PHE I 51 -5.59 35.05 8.77
C PHE I 51 -4.23 34.76 9.37
N THR I 52 -3.76 33.53 9.19
CA THR I 52 -2.37 33.20 9.52
C THR I 52 -1.43 34.17 8.80
N ASN I 53 -1.59 34.34 7.49
CA ASN I 53 -0.67 35.23 6.75
C ASN I 53 -0.83 36.69 7.11
N LEU I 54 -2.03 37.11 7.45
CA LEU I 54 -2.21 38.50 7.84
C LEU I 54 -1.45 38.73 9.14
N LEU I 55 -1.63 37.83 10.09
CA LEU I 55 -0.97 37.99 11.38
C LEU I 55 0.55 37.96 11.17
N ASN I 56 0.99 37.01 10.38
CA ASN I 56 2.42 36.83 10.17
C ASN I 56 3.12 38.08 9.65
N LYS I 57 2.51 38.76 8.68
CA LYS I 57 3.14 39.93 8.09
C LYS I 57 2.81 41.25 8.78
N VAL I 58 2.25 41.19 9.99
CA VAL I 58 1.78 42.42 10.68
C VAL I 58 2.88 43.40 11.09
N ARG I 59 4.04 42.89 11.52
CA ARG I 59 5.10 43.77 12.01
C ARG I 59 5.97 44.30 10.88
N ASN I 60 5.58 44.02 9.64
CA ASN I 60 6.46 44.25 8.50
C ASN I 60 5.73 44.86 7.33
N VAL I 61 4.84 45.82 7.59
CA VAL I 61 4.05 46.43 6.53
C VAL I 61 3.51 47.78 6.93
N ASN I 62 3.00 48.54 5.96
CA ASN I 62 2.29 49.75 6.29
C ASN I 62 1.05 49.37 7.11
N LEU I 63 0.91 49.90 8.32
CA LEU I 63 -0.25 49.55 9.14
C LEU I 63 -1.56 50.13 8.60
N MET I 64 -1.54 51.38 8.13
CA MET I 64 -2.76 51.98 7.60
CA MET I 64 -2.76 51.98 7.60
C MET I 64 -3.34 51.15 6.45
N ALA I 65 -2.52 50.85 5.45
CA ALA I 65 -2.95 50.09 4.27
C ALA I 65 -3.28 48.62 4.59
N PHE I 66 -2.66 48.12 5.66
CA PHE I 66 -2.83 46.75 6.08
C PHE I 66 -4.23 46.56 6.68
N SER I 67 -4.67 47.54 7.47
CA SER I 67 -6.03 47.55 8.02
C SER I 67 -7.11 47.36 6.96
N LYS I 68 -6.86 47.82 5.73
CA LYS I 68 -7.85 47.68 4.67
C LYS I 68 -7.95 46.22 4.18
N GLU I 69 -6.79 45.61 3.99
CA GLU I 69 -6.72 44.18 3.79
C GLU I 69 -7.35 43.40 4.97
N ALA I 70 -7.00 43.77 6.21
CA ALA I 70 -7.56 43.12 7.42
C ALA I 70 -9.07 43.19 7.41
N GLU I 71 -9.60 44.38 7.11
CA GLU I 71 -11.04 44.58 7.05
C GLU I 71 -11.66 43.63 6.05
N GLN I 72 -11.24 43.76 4.80
CA GLN I 72 -11.73 42.87 3.77
C GLN I 72 -11.91 41.46 4.30
N ALA I 73 -10.88 40.87 4.91
CA ALA I 73 -10.95 39.48 5.35
C ALA I 73 -11.96 39.27 6.47
N ALA I 74 -12.01 40.22 7.40
CA ALA I 74 -12.92 40.23 8.54
C ALA I 74 -14.35 40.24 8.04
N LYS I 75 -14.60 41.08 7.05
CA LYS I 75 -15.93 41.12 6.47
C LYS I 75 -16.25 39.84 5.73
N GLU I 76 -15.26 39.23 5.09
CA GLU I 76 -15.47 37.92 4.51
C GLU I 76 -15.82 36.89 5.59
N ILE I 77 -15.04 36.79 6.65
CA ILE I 77 -15.28 35.72 7.58
C ILE I 77 -16.61 35.97 8.30
N ARG I 78 -16.97 37.25 8.45
CA ARG I 78 -18.23 37.62 9.06
C ARG I 78 -19.37 36.99 8.28
N ALA I 79 -19.31 37.12 6.96
CA ALA I 79 -20.32 36.59 6.06
C ALA I 79 -20.27 35.07 5.95
N PHE I 80 -19.13 34.46 6.19
CA PHE I 80 -19.08 32.99 6.19
C PHE I 80 -19.83 32.46 7.43
N LYS I 81 -19.46 33.02 8.56
CA LYS I 81 -20.16 32.81 9.82
C LYS I 81 -21.67 33.00 9.69
N LEU I 82 -22.11 34.10 9.10
CA LEU I 82 -23.56 34.33 9.00
C LEU I 82 -24.24 33.32 8.07
N ASN I 83 -23.52 32.84 7.07
CA ASN I 83 -24.10 31.84 6.18
C ASN I 83 -24.27 30.50 6.85
N ILE I 84 -23.31 30.15 7.70
CA ILE I 84 -23.42 28.92 8.46
C ILE I 84 -24.65 28.96 9.38
N ILE I 85 -24.80 30.04 10.13
CA ILE I 85 -25.97 30.27 10.98
C ILE I 85 -27.27 30.21 10.20
N GLN I 86 -27.33 30.88 9.05
CA GLN I 86 -28.55 30.87 8.30
C GLN I 86 -28.90 29.42 7.92
N LYS I 87 -27.90 28.66 7.49
CA LYS I 87 -28.11 27.24 7.16
C LYS I 87 -28.52 26.39 8.34
N GLN I 88 -28.00 26.74 9.53
CA GLN I 88 -28.37 26.07 10.74
C GLN I 88 -29.86 26.27 11.01
N LEU I 89 -30.34 27.49 10.88
CA LEU I 89 -31.71 27.80 11.15
C LEU I 89 -32.65 27.15 10.12
N GLU I 90 -32.08 26.65 9.02
CA GLU I 90 -32.84 26.00 7.95
C GLU I 90 -32.57 24.52 7.91
N GLY I 91 -31.76 24.02 8.82
CA GLY I 91 -31.38 22.60 8.80
C GLY I 91 -30.54 22.22 7.59
N LYS I 92 -29.70 23.13 7.11
CA LYS I 92 -28.95 22.86 5.87
C LYS I 92 -27.48 22.56 6.04
N ILE I 93 -27.04 22.29 7.26
CA ILE I 93 -25.61 22.09 7.50
C ILE I 93 -25.37 21.21 8.73
N THR I 94 -24.39 20.32 8.67
CA THR I 94 -23.95 19.59 9.89
C THR I 94 -22.63 20.19 10.39
N ILE I 95 -22.74 20.97 11.46
CA ILE I 95 -21.59 21.54 12.12
C ILE I 95 -21.74 21.37 13.61
N HIS I 96 -20.65 21.03 14.31
CA HIS I 96 -20.74 20.77 15.75
C HIS I 96 -20.56 21.97 16.66
N PHE I 97 -21.03 23.15 16.24
CA PHE I 97 -21.25 24.29 17.16
C PHE I 97 -22.70 24.71 17.03
N THR I 98 -23.25 25.25 18.10
CA THR I 98 -24.63 25.66 18.09
C THR I 98 -24.72 27.08 17.49
N PRO I 99 -25.89 27.48 16.99
CA PRO I 99 -26.03 28.82 16.42
C PRO I 99 -25.60 29.94 17.36
N THR I 100 -25.88 29.83 18.65
CA THR I 100 -25.53 30.94 19.54
C THR I 100 -24.01 31.11 19.59
N PHE I 101 -23.29 30.00 19.66
CA PHE I 101 -21.81 30.04 19.70
C PHE I 101 -21.28 30.75 18.46
N ILE I 102 -21.83 30.46 17.29
CA ILE I 102 -21.33 31.10 16.08
C ILE I 102 -21.80 32.57 16.03
N ASN I 103 -22.99 32.81 16.55
CA ASN I 103 -23.50 34.17 16.71
C ASN I 103 -22.51 35.02 17.53
N HIS I 104 -21.99 34.46 18.62
CA HIS I 104 -20.95 35.17 19.38
C HIS I 104 -19.66 35.39 18.58
N MET I 105 -19.31 34.48 17.69
CA MET I 105 -18.14 34.71 16.83
C MET I 105 -18.40 35.93 15.98
N VAL I 106 -19.66 36.06 15.52
CA VAL I 106 -20.13 37.19 14.74
C VAL I 106 -20.11 38.48 15.52
N ASN I 107 -20.47 38.43 16.80
CA ASN I 107 -20.29 39.63 17.61
C ASN I 107 -18.80 40.03 17.64
N GLU I 108 -17.91 39.06 17.79
CA GLU I 108 -16.49 39.39 17.96
C GLU I 108 -15.92 40.00 16.68
N VAL I 109 -16.10 39.35 15.53
CA VAL I 109 -15.62 39.93 14.28
C VAL I 109 -16.16 41.35 14.06
N GLU I 110 -17.39 41.65 14.53
CA GLU I 110 -17.95 43.02 14.39
C GLU I 110 -17.27 44.01 15.34
N GLU I 111 -16.65 43.53 16.41
CA GLU I 111 -15.86 44.40 17.29
C GLU I 111 -14.55 44.79 16.59
N TYR I 112 -13.96 43.84 15.89
CA TYR I 112 -12.76 44.10 15.13
C TYR I 112 -13.11 45.10 14.05
N ILE I 113 -14.19 44.81 13.32
CA ILE I 113 -14.57 45.64 12.21
C ILE I 113 -14.83 47.07 12.66
N ALA I 114 -15.31 47.25 13.89
CA ALA I 114 -15.65 48.58 14.42
C ALA I 114 -14.37 49.34 14.79
N VAL I 115 -13.43 48.62 15.38
CA VAL I 115 -12.05 49.03 15.59
C VAL I 115 -11.34 49.46 14.27
N LEU I 116 -11.40 48.63 13.24
CA LEU I 116 -10.78 48.89 11.95
C LEU I 116 -11.24 50.17 11.27
N GLU I 117 -12.45 50.66 11.60
CA GLU I 117 -12.96 51.85 10.92
C GLU I 117 -12.00 53.01 11.23
N PHE I 118 -11.39 52.92 12.41
CA PHE I 118 -10.44 53.90 12.93
C PHE I 118 -9.00 53.69 12.42
N LEU I 119 -8.51 52.47 12.58
CA LEU I 119 -7.18 52.10 12.13
C LEU I 119 -7.00 52.34 10.64
N LYS I 120 -8.02 52.06 9.84
CA LYS I 120 -7.94 52.26 8.39
C LYS I 120 -7.60 53.69 8.03
N LYS I 121 -7.96 54.64 8.89
CA LYS I 121 -7.63 56.04 8.64
C LYS I 121 -6.65 56.62 9.67
N GLY I 122 -5.69 55.81 10.10
CA GLY I 122 -4.61 56.29 10.97
C GLY I 122 -4.98 56.80 12.36
N GLU I 123 -6.14 56.41 12.88
CA GLU I 123 -6.56 56.84 14.22
C GLU I 123 -6.51 55.73 15.27
N VAL I 124 -6.37 56.13 16.54
CA VAL I 124 -6.40 55.21 17.69
C VAL I 124 -7.85 55.03 18.08
N PRO I 125 -8.31 53.75 18.15
CA PRO I 125 -9.70 53.47 18.55
C PRO I 125 -10.04 54.08 19.90
N PRO I 126 -11.20 54.75 20.00
CA PRO I 126 -11.62 55.29 21.27
C PRO I 126 -11.92 54.19 22.33
N VAL I 127 -11.73 54.54 23.60
CA VAL I 127 -12.15 53.69 24.69
C VAL I 127 -13.66 53.91 24.74
N PHE I 128 -14.46 52.87 24.49
CA PHE I 128 -15.92 53.04 24.58
C PHE I 128 -16.33 53.10 26.03
N HIS I 129 -17.60 53.45 26.26
CA HIS I 129 -18.14 53.42 27.60
C HIS I 129 -18.08 51.99 28.12
N GLU I 130 -17.81 51.83 29.42
CA GLU I 130 -17.57 50.50 29.95
C GLU I 130 -18.75 49.57 29.65
N LEU I 131 -19.97 50.11 29.70
CA LEU I 131 -21.14 49.34 29.39
C LEU I 131 -21.19 48.83 27.94
N HIS I 132 -20.65 49.59 26.98
CA HIS I 132 -20.48 49.01 25.66
C HIS I 132 -19.81 47.63 25.77
N TYR I 133 -18.71 47.55 26.53
CA TYR I 133 -17.90 46.32 26.62
C TYR I 133 -18.64 45.22 27.36
N HIS I 134 -19.32 45.59 28.44
CA HIS I 134 -20.16 44.60 29.17
C HIS I 134 -21.23 43.92 28.29
N LEU I 135 -22.02 44.73 27.62
CA LEU I 135 -23.09 44.28 26.71
C LEU I 135 -22.56 43.43 25.59
N VAL I 136 -21.31 43.63 25.20
CA VAL I 136 -20.75 42.82 24.16
C VAL I 136 -20.13 41.56 24.73
N TRP I 137 -19.42 41.65 25.85
CA TRP I 137 -18.58 40.53 26.28
C TRP I 137 -19.23 39.62 27.32
N LEU I 138 -20.30 40.09 27.95
CA LEU I 138 -20.96 39.30 29.02
C LEU I 138 -21.70 38.07 28.47
N THR I 139 -22.48 38.25 27.41
CA THR I 139 -23.10 37.09 26.74
C THR I 139 -21.98 36.14 26.28
N ASP I 140 -20.92 36.73 25.73
CA ASP I 140 -19.79 35.97 25.22
C ASP I 140 -19.10 35.10 26.30
N ALA I 141 -18.86 35.68 27.50
CA ALA I 141 -18.33 34.98 28.65
C ALA I 141 -19.20 33.83 29.08
N ALA I 142 -20.51 34.11 29.18
CA ALA I 142 -21.51 33.11 29.58
C ALA I 142 -21.56 32.00 28.56
N GLY I 143 -21.41 32.36 27.28
CA GLY I 143 -21.31 31.39 26.21
C GLY I 143 -20.07 30.52 26.31
N HIS I 144 -18.95 31.13 26.71
CA HIS I 144 -17.73 30.35 27.03
C HIS I 144 -17.96 29.34 28.13
N ALA I 145 -18.40 29.78 29.29
CA ALA I 145 -18.74 28.82 30.35
C ALA I 145 -19.73 27.75 29.87
N GLY I 146 -20.82 28.14 29.19
CA GLY I 146 -21.81 27.12 28.72
C GLY I 146 -21.22 26.13 27.72
N SER I 147 -20.37 26.66 26.84
CA SER I 147 -19.66 25.82 25.90
C SER I 147 -18.78 24.75 26.63
N ILE I 148 -18.14 25.12 27.74
CA ILE I 148 -17.40 24.16 28.53
C ILE I 148 -18.34 23.11 29.14
N SER I 149 -19.43 23.56 29.78
CA SER I 149 -20.44 22.64 30.35
C SER I 149 -20.92 21.65 29.33
N GLY I 150 -21.28 22.15 28.14
CA GLY I 150 -21.73 21.28 27.04
C GLY I 150 -20.69 20.32 26.50
N GLY I 151 -19.41 20.69 26.52
CA GLY I 151 -18.33 19.92 25.86
C GLY I 151 -17.69 18.89 26.79
N LEU I 152 -18.06 18.93 28.06
CA LEU I 152 -17.51 18.01 29.06
C LEU I 152 -18.17 16.63 29.01
N ASP I 153 -17.42 15.58 29.29
CA ASP I 153 -18.05 14.27 29.42
C ASP I 153 -19.14 14.27 30.51
N LEU I 154 -20.15 13.42 30.35
CA LEU I 154 -21.26 13.29 31.31
C LEU I 154 -20.76 13.01 32.70
N VAL I 155 -19.62 12.38 32.84
CA VAL I 155 -19.14 12.02 34.17
C VAL I 155 -18.34 13.13 34.87
N GLU I 156 -18.10 14.24 34.15
CA GLU I 156 -17.32 15.36 34.67
C GLU I 156 -18.23 16.34 35.35
N LYS I 157 -18.90 15.81 36.37
CA LYS I 157 -19.94 16.53 37.06
C LYS I 157 -19.41 17.67 37.89
N ARG I 158 -18.32 17.42 38.63
CA ARG I 158 -17.65 18.53 39.33
C ARG I 158 -17.26 19.69 38.39
N LEU I 159 -16.61 19.40 37.28
CA LEU I 159 -16.22 20.48 36.39
C LEU I 159 -17.46 21.19 35.82
N LYS I 160 -18.53 20.43 35.53
CA LYS I 160 -19.67 21.01 34.87
C LYS I 160 -20.42 21.92 35.84
N GLU I 161 -20.49 21.52 37.11
CA GLU I 161 -21.10 22.35 38.13
C GLU I 161 -20.45 23.72 38.17
N LYS I 162 -19.12 23.72 38.16
CA LYS I 162 -18.35 24.94 38.22
C LYS I 162 -18.64 25.79 36.99
N SER I 163 -18.43 25.24 35.79
CA SER I 163 -18.63 26.07 34.62
C SER I 163 -20.09 26.56 34.56
N GLU I 164 -21.02 25.74 35.05
CA GLU I 164 -22.43 26.10 35.07
C GLU I 164 -22.66 27.30 35.93
N GLU I 165 -21.92 27.34 37.02
CA GLU I 165 -22.02 28.48 37.90
C GLU I 165 -21.41 29.77 37.29
N PHE I 166 -20.29 29.65 36.60
CA PHE I 166 -19.80 30.81 35.85
C PHE I 166 -20.87 31.33 34.85
N THR I 167 -21.51 30.42 34.13
CA THR I 167 -22.56 30.75 33.15
C THR I 167 -23.68 31.57 33.77
N LYS I 168 -24.11 31.13 34.96
CA LYS I 168 -25.21 31.77 35.62
C LYS I 168 -24.78 33.18 36.03
N HIS I 169 -23.55 33.31 36.58
CA HIS I 169 -23.01 34.59 37.03
C HIS I 169 -22.88 35.60 35.90
N PHE I 170 -22.42 35.15 34.72
CA PHE I 170 -22.21 36.04 33.58
C PHE I 170 -23.54 36.44 32.98
N GLU I 171 -24.51 35.52 33.02
CA GLU I 171 -25.87 35.81 32.55
C GLU I 171 -26.54 36.85 33.44
N GLN I 172 -26.33 36.72 34.76
CA GLN I 172 -26.89 37.65 35.71
C GLN I 172 -26.22 39.02 35.55
N PHE I 173 -24.89 39.03 35.35
CA PHE I 173 -24.18 40.30 35.13
C PHE I 173 -24.77 41.01 33.93
N TYR I 174 -24.98 40.26 32.84
CA TYR I 174 -25.60 40.82 31.63
C TYR I 174 -26.98 41.49 31.85
N LEU I 175 -27.86 40.82 32.59
CA LEU I 175 -29.14 41.42 32.94
C LEU I 175 -28.93 42.73 33.73
N LYS I 176 -27.99 42.73 34.66
CA LYS I 176 -27.65 44.00 35.34
C LYS I 176 -27.07 45.07 34.36
N ALA I 177 -26.27 44.65 33.38
CA ALA I 177 -25.69 45.57 32.40
C ALA I 177 -26.78 46.24 31.53
N VAL I 178 -27.75 45.43 31.12
CA VAL I 178 -28.95 45.91 30.40
C VAL I 178 -29.72 47.03 31.12
N GLU I 179 -30.00 46.84 32.40
CA GLU I 179 -30.74 47.83 33.19
C GLU I 179 -29.91 49.09 33.40
N MET I 180 -28.65 48.91 33.78
CA MET I 180 -27.73 50.04 33.92
C MET I 180 -27.60 50.87 32.62
N THR I 181 -27.60 50.21 31.48
CA THR I 181 -27.56 50.94 30.24
C THR I 181 -28.75 51.87 30.22
N GLY I 182 -29.88 51.40 30.80
CA GLY I 182 -31.13 52.13 30.78
C GLY I 182 -31.12 53.32 31.72
N TYR I 183 -30.39 53.20 32.82
CA TYR I 183 -30.22 54.30 33.74
C TYR I 183 -29.42 55.44 33.09
N LEU I 184 -28.59 55.13 32.08
CA LEU I 184 -27.82 56.16 31.38
C LEU I 184 -28.68 57.22 30.71
N ARG I 185 -29.98 56.95 30.58
CA ARG I 185 -30.93 57.90 30.00
C ARG I 185 -31.15 59.10 30.95
N THR I 186 -30.73 58.94 32.20
CA THR I 186 -30.84 60.05 33.13
C THR I 186 -29.74 61.03 32.74
N GLU I 187 -28.93 60.65 31.74
CA GLU I 187 -27.75 61.42 31.36
C GLU I 187 -26.66 61.52 32.44
N LEU I 188 -26.81 60.73 33.49
CA LEU I 188 -25.74 60.49 34.44
C LEU I 188 -25.08 59.23 33.91
N HIS I 189 -23.82 59.34 33.50
CA HIS I 189 -23.17 58.28 32.71
C HIS I 189 -22.18 57.50 33.52
N HIS I 190 -21.92 57.98 34.74
CA HIS I 190 -21.02 57.28 35.65
C HIS I 190 -21.58 57.56 37.03
N PHE I 191 -21.63 56.54 37.88
CA PHE I 191 -22.21 56.69 39.23
C PHE I 191 -21.72 55.48 39.99
N PRO I 192 -21.76 55.54 41.32
CA PRO I 192 -21.20 54.48 42.17
C PRO I 192 -21.67 53.03 41.89
N ALA I 193 -22.94 52.79 41.60
CA ALA I 193 -23.38 51.40 41.35
C ALA I 193 -22.75 50.86 40.05
N LEU I 194 -22.63 51.73 39.05
CA LEU I 194 -21.90 51.34 37.85
C LEU I 194 -20.46 50.93 38.13
N LYS I 195 -19.73 51.72 38.93
CA LYS I 195 -18.29 51.49 39.08
C LYS I 195 -18.09 50.17 39.77
N LYS I 196 -18.83 50.03 40.87
CA LYS I 196 -18.87 48.80 41.67
C LYS I 196 -19.19 47.56 40.81
N PHE I 197 -20.15 47.71 39.90
CA PHE I 197 -20.53 46.62 38.97
C PHE I 197 -19.33 46.15 38.09
N THR I 198 -18.68 47.06 37.40
CA THR I 198 -17.51 46.71 36.59
C THR I 198 -16.39 46.06 37.44
N LYS I 199 -16.25 46.54 38.66
CA LYS I 199 -15.34 45.92 39.58
C LYS I 199 -15.78 44.46 39.87
N ASP I 200 -17.06 44.25 40.14
CA ASP I 200 -17.65 42.90 40.39
C ASP I 200 -17.41 41.99 39.19
N VAL I 201 -17.69 42.50 37.98
CA VAL I 201 -17.40 41.76 36.77
C VAL I 201 -15.89 41.37 36.64
N SER I 202 -14.95 42.27 36.96
CA SER I 202 -13.51 41.98 36.77
C SER I 202 -13.02 40.89 37.70
N LEU I 203 -13.48 40.93 38.93
CA LEU I 203 -13.23 39.90 39.88
C LEU I 203 -13.68 38.50 39.39
N GLU I 204 -14.86 38.42 38.79
CA GLU I 204 -15.38 37.17 38.21
C GLU I 204 -14.57 36.74 36.98
N LEU I 205 -14.21 37.71 36.14
CA LEU I 205 -13.36 37.40 35.00
C LEU I 205 -12.03 36.79 35.41
N LYS I 206 -11.42 37.29 36.49
CA LYS I 206 -10.16 36.72 36.96
C LYS I 206 -10.34 35.31 37.50
N LEU I 207 -11.38 35.07 38.29
CA LEU I 207 -11.73 33.70 38.68
C LEU I 207 -11.94 32.78 37.45
N PHE I 208 -12.63 33.31 36.44
CA PHE I 208 -12.96 32.55 35.23
C PHE I 208 -11.72 32.25 34.40
N SER I 209 -10.78 33.21 34.37
CA SER I 209 -9.49 33.01 33.67
C SER I 209 -8.68 31.91 34.34
N HIS I 210 -8.64 31.90 35.67
CA HIS I 210 -7.96 30.80 36.39
C HIS I 210 -8.61 29.47 36.04
N PHE I 211 -9.95 29.44 36.13
CA PHE I 211 -10.72 28.26 35.72
C PHE I 211 -10.33 27.82 34.28
N LEU I 212 -10.28 28.76 33.35
CA LEU I 212 -9.96 28.45 31.96
C LEU I 212 -8.54 27.90 31.80
N HIS I 213 -7.61 28.41 32.63
CA HIS I 213 -6.25 27.92 32.63
C HIS I 213 -6.18 26.50 33.20
N GLU I 214 -6.92 26.21 34.27
CA GLU I 214 -6.92 24.83 34.76
C GLU I 214 -7.42 23.92 33.67
N VAL I 215 -8.43 24.39 32.97
CA VAL I 215 -9.07 23.56 31.95
C VAL I 215 -8.06 23.24 30.83
N GLU I 216 -7.42 24.28 30.29
CA GLU I 216 -6.30 24.15 29.36
C GLU I 216 -5.22 23.17 29.86
N GLU I 217 -4.83 23.31 31.12
CA GLU I 217 -3.88 22.33 31.66
C GLU I 217 -4.45 20.93 31.63
N LEU I 218 -5.71 20.77 32.03
CA LEU I 218 -6.34 19.46 32.06
C LEU I 218 -6.40 18.86 30.65
N GLU I 219 -6.66 19.72 29.68
CA GLU I 219 -6.76 19.32 28.30
C GLU I 219 -5.40 18.90 27.76
N LEU I 220 -4.37 19.66 28.12
CA LEU I 220 -2.99 19.41 27.67
C LEU I 220 -2.51 18.08 28.21
N SER I 221 -2.88 17.76 29.44
CA SER I 221 -2.43 16.51 30.00
C SER I 221 -3.44 15.37 29.84
N ASN I 222 -4.54 15.63 29.13
CA ASN I 222 -5.54 14.59 28.91
C ASN I 222 -6.13 14.09 30.21
N GLU I 223 -6.22 14.94 31.22
CA GLU I 223 -6.78 14.53 32.50
C GLU I 223 -8.27 14.83 32.56
N VAL I 224 -8.80 15.55 31.58
CA VAL I 224 -10.24 15.74 31.54
C VAL I 224 -10.88 15.05 30.33
N LEU I 225 -12.05 14.47 30.56
CA LEU I 225 -12.80 13.85 29.49
C LEU I 225 -13.71 14.90 28.80
N SER I 226 -13.54 15.11 27.49
CA SER I 226 -14.27 16.18 26.82
C SER I 226 -14.16 16.18 25.28
N VAL I 227 -14.88 17.11 24.66
CA VAL I 227 -14.70 17.39 23.25
C VAL I 227 -14.12 18.80 23.17
N LEU I 228 -13.53 19.26 24.27
CA LEU I 228 -12.89 20.60 24.23
C LEU I 228 -11.49 20.50 23.63
N SER I 229 -10.78 21.61 23.55
CA SER I 229 -9.37 21.54 23.16
C SER I 229 -8.62 22.53 24.03
N ALA I 230 -7.34 22.30 24.31
CA ALA I 230 -6.53 23.32 25.04
C ALA I 230 -6.52 24.66 24.32
N ARG I 231 -6.47 24.61 22.98
CA ARG I 231 -6.53 25.82 22.17
C ARG I 231 -7.85 26.60 22.25
N MET I 232 -8.98 25.90 22.37
CA MET I 232 -10.23 26.60 22.66
C MET I 232 -10.16 27.30 24.02
N ALA I 233 -9.64 26.61 25.02
CA ALA I 233 -9.44 27.19 26.38
C ALA I 233 -8.48 28.40 26.38
N ASP I 234 -7.36 28.26 25.68
CA ASP I 234 -6.44 29.35 25.53
C ASP I 234 -7.14 30.53 24.84
N HIS I 235 -7.74 30.25 23.69
CA HIS I 235 -8.56 31.23 22.97
C HIS I 235 -9.54 32.01 23.87
N MET I 236 -10.35 31.29 24.66
CA MET I 236 -11.40 31.90 25.47
C MET I 236 -10.80 32.77 26.58
N ALA I 237 -9.66 32.34 27.08
CA ALA I 237 -8.94 33.09 28.13
C ALA I 237 -8.31 34.38 27.59
N ARG I 238 -7.80 34.32 26.36
CA ARG I 238 -7.20 35.48 25.73
C ARG I 238 -8.27 36.54 25.55
N GLU I 239 -9.48 36.13 25.21
CA GLU I 239 -10.59 37.08 25.09
C GLU I 239 -11.05 37.68 26.40
N GLU I 240 -11.07 36.88 27.48
CA GLU I 240 -11.54 37.45 28.75
C GLU I 240 -10.55 38.51 29.19
N CYS I 241 -9.29 38.27 28.85
CA CYS I 241 -8.21 39.23 29.09
C CYS I 241 -8.42 40.54 28.32
N TYR I 242 -8.70 40.42 27.03
CA TYR I 242 -9.03 41.57 26.20
C TYR I 242 -10.14 42.38 26.87
N TYR I 243 -11.23 41.69 27.16
CA TYR I 243 -12.38 42.21 27.91
C TYR I 243 -11.98 42.93 29.22
N LEU I 244 -11.23 42.24 30.08
CA LEU I 244 -10.71 42.83 31.29
C LEU I 244 -9.96 44.14 31.01
N LEU I 245 -9.07 44.10 30.03
CA LEU I 245 -8.26 45.25 29.64
C LEU I 245 -9.13 46.44 29.27
N LYS I 246 -10.05 46.18 28.37
CA LYS I 246 -11.01 47.15 27.92
C LYS I 246 -11.84 47.67 29.09
N LEU I 247 -12.03 46.85 30.12
CA LEU I 247 -12.76 47.33 31.30
C LEU I 247 -11.86 48.17 32.22
N ALA I 248 -10.62 47.72 32.42
CA ALA I 248 -9.65 48.47 33.22
C ALA I 248 -9.52 49.89 32.69
N GLN I 249 -9.27 49.99 31.39
CA GLN I 249 -9.00 51.29 30.84
C GLN I 249 -10.23 52.17 30.66
N SER I 250 -11.38 51.59 30.26
CA SER I 250 -12.62 52.36 30.15
C SER I 250 -13.20 52.80 31.51
N SER I 251 -12.90 52.04 32.57
CA SER I 251 -13.58 52.28 33.84
C SER I 251 -12.64 52.84 34.91
N GLY I 252 -11.34 52.75 34.68
CA GLY I 252 -10.42 53.31 35.67
C GLY I 252 -9.95 52.29 36.67
N LEU I 253 -9.86 51.04 36.23
CA LEU I 253 -9.32 49.99 37.10
C LEU I 253 -7.84 49.76 36.75
N GLU I 254 -7.13 48.95 37.53
CA GLU I 254 -5.75 48.62 37.18
C GLU I 254 -5.70 47.61 36.06
N MET I 255 -4.81 47.86 35.09
CA MET I 255 -4.43 46.90 34.07
C MET I 255 -4.27 45.49 34.61
N PRO I 256 -4.92 44.52 33.97
CA PRO I 256 -4.83 43.13 34.42
C PRO I 256 -3.50 42.50 34.04
N LYS I 257 -3.07 41.54 34.86
CA LYS I 257 -1.90 40.74 34.56
C LYS I 257 -2.37 39.53 33.76
N CYS I 258 -2.57 39.74 32.47
CA CYS I 258 -2.93 38.68 31.57
C CYS I 258 -2.46 39.18 30.22
N ASN I 259 -2.17 38.23 29.34
CA ASN I 259 -1.59 38.56 28.06
C ASN I 259 -2.61 38.14 26.99
N PRO I 260 -3.24 39.12 26.31
CA PRO I 260 -4.27 38.74 25.33
C PRO I 260 -3.68 38.33 23.99
N LEU I 261 -2.36 38.23 23.90
CA LEU I 261 -1.72 37.95 22.64
C LEU I 261 -1.16 36.55 22.64
N GLU I 262 -0.86 36.02 23.81
CA GLU I 262 -0.22 34.71 23.85
C GLU I 262 -0.77 33.73 24.90
N GLU J 4 -45.09 -17.27 22.04
CA GLU J 4 -43.73 -17.86 22.34
C GLU J 4 -42.71 -17.54 21.25
N ARG J 5 -41.43 -17.37 21.62
CA ARG J 5 -40.47 -16.92 20.60
C ARG J 5 -39.87 -18.08 19.81
N ASN J 6 -39.64 -17.86 18.52
CA ASN J 6 -38.97 -18.84 17.67
C ASN J 6 -37.70 -18.26 17.10
N TYR J 7 -36.80 -19.11 16.61
CA TYR J 7 -35.48 -18.67 16.11
C TYR J 7 -35.54 -17.65 14.99
N GLU J 8 -36.40 -17.86 13.97
CA GLU J 8 -36.41 -16.96 12.83
CA GLU J 8 -36.43 -16.95 12.80
C GLU J 8 -36.99 -15.56 13.11
N GLU J 9 -38.06 -15.49 13.90
CA GLU J 9 -38.61 -14.15 14.26
C GLU J 9 -37.66 -13.33 15.15
N SER J 10 -37.09 -13.99 16.15
CA SER J 10 -36.19 -13.37 17.08
C SER J 10 -34.90 -12.96 16.32
N ALA J 11 -34.36 -13.89 15.53
CA ALA J 11 -33.21 -13.60 14.71
C ALA J 11 -33.45 -12.38 13.80
N LEU J 12 -34.58 -12.34 13.12
CA LEU J 12 -34.83 -11.26 12.20
C LEU J 12 -35.00 -9.95 12.97
N PHE J 13 -35.64 -10.04 14.13
CA PHE J 13 -35.82 -8.86 14.98
C PHE J 13 -34.46 -8.29 15.48
N GLU J 14 -33.68 -9.14 16.13
CA GLU J 14 -32.37 -8.75 16.67
C GLU J 14 -31.41 -8.25 15.63
N HIS J 15 -31.26 -8.96 14.51
CA HIS J 15 -30.44 -8.44 13.40
C HIS J 15 -30.96 -7.12 12.90
N GLN J 16 -32.27 -7.01 12.69
CA GLN J 16 -32.72 -5.76 12.10
C GLN J 16 -32.56 -4.65 13.09
N PHE J 17 -32.81 -4.93 14.37
CA PHE J 17 -32.59 -3.92 15.42
C PHE J 17 -31.13 -3.46 15.50
N TRP J 18 -30.22 -4.42 15.59
CA TRP J 18 -28.82 -4.12 15.88
C TRP J 18 -28.03 -3.65 14.66
N LEU J 19 -28.35 -4.18 13.50
CA LEU J 19 -27.55 -3.81 12.35
C LEU J 19 -27.95 -2.38 11.95
N LYS J 20 -29.20 -2.01 12.24
CA LYS J 20 -29.57 -0.61 12.09
C LYS J 20 -28.95 0.30 13.19
N VAL J 21 -28.95 -0.12 14.44
CA VAL J 21 -28.22 0.65 15.46
C VAL J 21 -26.72 0.84 15.12
N LEU J 22 -26.05 -0.22 14.70
CA LEU J 22 -24.63 -0.13 14.31
C LEU J 22 -24.40 0.73 13.06
N THR J 23 -25.32 0.68 12.08
CA THR J 23 -25.21 1.56 10.92
C THR J 23 -25.28 3.01 11.41
N ASP J 24 -26.28 3.28 12.23
CA ASP J 24 -26.45 4.59 12.85
C ASP J 24 -25.13 5.01 13.49
N HIS J 25 -24.60 4.15 14.36
CA HIS J 25 -23.39 4.48 15.12
C HIS J 25 -22.28 4.88 14.20
N ALA J 26 -22.13 4.10 13.14
CA ALA J 26 -21.06 4.30 12.19
C ALA J 26 -21.27 5.64 11.50
N GLN J 27 -22.53 5.91 11.14
CA GLN J 27 -22.89 7.18 10.53
C GLN J 27 -22.67 8.35 11.48
N PHE J 28 -23.01 8.18 12.75
CA PHE J 28 -22.76 9.25 13.74
C PHE J 28 -21.25 9.55 13.94
N LEU J 29 -20.44 8.49 14.00
CA LEU J 29 -18.97 8.65 14.15
C LEU J 29 -18.38 9.35 12.94
N LEU J 30 -18.74 8.89 11.77
CA LEU J 30 -18.35 9.54 10.53
C LEU J 30 -18.63 11.05 10.55
N ASP J 31 -19.87 11.44 10.83
CA ASP J 31 -20.21 12.84 10.89
C ASP J 31 -19.54 13.63 12.03
N ALA J 32 -19.11 12.92 13.08
CA ALA J 32 -18.52 13.52 14.30
C ALA J 32 -16.99 13.70 14.24
N LEU J 33 -16.32 12.97 13.36
CA LEU J 33 -14.87 13.12 13.14
C LEU J 33 -14.55 14.49 12.56
N ALA J 34 -13.45 15.09 12.98
CA ALA J 34 -12.97 16.33 12.34
C ALA J 34 -12.56 15.99 10.91
N PRO J 35 -12.80 16.91 9.97
CA PRO J 35 -12.44 16.60 8.57
C PRO J 35 -10.97 16.08 8.40
N LYS J 36 -10.08 16.57 9.26
CA LYS J 36 -8.69 16.15 9.16
C LYS J 36 -8.47 14.66 9.47
N GLU J 37 -9.44 13.99 10.09
CA GLU J 37 -9.23 12.60 10.55
C GLU J 37 -9.43 11.60 9.40
N LYS J 38 -8.71 11.84 8.31
CA LYS J 38 -8.83 11.05 7.06
C LYS J 38 -8.99 9.54 7.26
N GLU J 39 -8.10 8.93 8.05
CA GLU J 39 -8.09 7.48 8.09
C GLU J 39 -9.29 6.91 8.88
N ASP J 40 -9.76 7.65 9.86
CA ASP J 40 -10.92 7.18 10.60
C ASP J 40 -12.21 7.49 9.89
N ILE J 41 -12.24 8.58 9.15
CA ILE J 41 -13.38 8.87 8.32
C ILE J 41 -13.51 7.72 7.30
N LYS J 42 -12.40 7.35 6.64
CA LYS J 42 -12.41 6.15 5.79
C LYS J 42 -12.96 4.87 6.47
N LYS J 43 -12.52 4.58 7.70
CA LYS J 43 -13.11 3.46 8.46
C LYS J 43 -14.63 3.59 8.77
N ALA J 44 -15.04 4.76 9.27
CA ALA J 44 -16.45 5.01 9.55
C ALA J 44 -17.28 4.82 8.26
N THR J 45 -16.80 5.33 7.13
CA THR J 45 -17.46 5.19 5.83
C THR J 45 -17.58 3.71 5.45
N TYR J 46 -16.52 2.97 5.67
CA TYR J 46 -16.58 1.54 5.47
C TYR J 46 -17.61 0.86 6.41
N PHE J 47 -17.73 1.32 7.66
CA PHE J 47 -18.68 0.64 8.56
C PHE J 47 -20.13 0.99 8.16
N VAL J 48 -20.36 2.21 7.68
CA VAL J 48 -21.68 2.54 7.16
C VAL J 48 -22.11 1.57 6.03
N GLU J 49 -21.27 1.43 5.02
CA GLU J 49 -21.61 0.57 3.90
C GLU J 49 -21.72 -0.88 4.35
N THR J 50 -20.79 -1.30 5.19
CA THR J 50 -20.84 -2.68 5.65
C THR J 50 -22.16 -3.01 6.33
N PHE J 51 -22.61 -2.14 7.23
CA PHE J 51 -23.78 -2.45 8.03
C PHE J 51 -25.08 -2.19 7.28
N THR J 52 -25.05 -1.21 6.39
CA THR J 52 -26.13 -0.98 5.46
C THR J 52 -26.34 -2.27 4.66
N ASN J 53 -25.25 -2.82 4.10
CA ASN J 53 -25.31 -4.04 3.28
C ASN J 53 -25.73 -5.30 4.06
N LEU J 54 -25.27 -5.42 5.30
CA LEU J 54 -25.70 -6.56 6.13
C LEU J 54 -27.19 -6.50 6.38
N LEU J 55 -27.67 -5.30 6.72
CA LEU J 55 -29.08 -5.14 7.04
C LEU J 55 -29.97 -5.45 5.81
N ASN J 56 -29.52 -5.07 4.62
CA ASN J 56 -30.22 -5.40 3.39
C ASN J 56 -30.16 -6.86 2.95
N LYS J 57 -29.15 -7.58 3.40
CA LYS J 57 -28.96 -9.01 3.07
C LYS J 57 -29.88 -9.86 3.99
N VAL J 58 -30.38 -9.28 5.07
CA VAL J 58 -30.94 -10.09 6.16
C VAL J 58 -32.03 -11.14 5.77
N ARG J 59 -32.92 -10.82 4.83
CA ARG J 59 -33.89 -11.82 4.34
C ARG J 59 -33.36 -12.66 3.18
N ASN J 60 -32.09 -12.50 2.85
CA ASN J 60 -31.49 -13.20 1.72
C ASN J 60 -30.41 -14.22 2.16
N VAL J 61 -30.58 -14.80 3.33
CA VAL J 61 -29.55 -15.66 3.84
C VAL J 61 -30.13 -16.67 4.80
N ASN J 62 -29.40 -17.78 4.97
CA ASN J 62 -29.66 -18.70 6.05
C ASN J 62 -29.22 -18.02 7.37
N LEU J 63 -30.15 -17.87 8.31
CA LEU J 63 -29.91 -16.98 9.45
C LEU J 63 -28.80 -17.42 10.43
N MET J 64 -28.65 -18.73 10.68
CA MET J 64 -27.59 -19.20 11.58
C MET J 64 -26.24 -18.87 10.94
N ALA J 65 -26.13 -19.12 9.64
CA ALA J 65 -24.92 -18.78 8.87
C ALA J 65 -24.61 -17.28 8.89
N PHE J 66 -25.64 -16.48 8.71
CA PHE J 66 -25.50 -15.05 8.63
C PHE J 66 -24.91 -14.50 9.94
N SER J 67 -25.32 -15.11 11.06
CA SER J 67 -24.84 -14.77 12.41
C SER J 67 -23.33 -14.57 12.57
N LYS J 68 -22.56 -15.39 11.87
CA LYS J 68 -21.11 -15.36 11.96
C LYS J 68 -20.60 -14.19 11.17
N GLU J 69 -21.23 -13.92 10.05
CA GLU J 69 -20.84 -12.78 9.26
C GLU J 69 -21.20 -11.50 10.02
N ALA J 70 -22.40 -11.47 10.60
CA ALA J 70 -22.82 -10.33 11.45
C ALA J 70 -21.89 -10.10 12.65
N GLU J 71 -21.51 -11.18 13.33
CA GLU J 71 -20.65 -11.11 14.51
C GLU J 71 -19.22 -10.65 14.18
N GLN J 72 -18.66 -11.14 13.09
CA GLN J 72 -17.36 -10.64 12.64
C GLN J 72 -17.41 -9.13 12.36
N ALA J 73 -18.50 -8.67 11.76
CA ALA J 73 -18.63 -7.25 11.53
C ALA J 73 -18.84 -6.50 12.86
N ALA J 74 -19.58 -7.08 13.78
CA ALA J 74 -19.75 -6.43 15.09
C ALA J 74 -18.42 -6.35 15.83
N LYS J 75 -17.62 -7.41 15.75
CA LYS J 75 -16.33 -7.36 16.43
C LYS J 75 -15.37 -6.28 15.85
N GLU J 76 -15.45 -6.05 14.54
CA GLU J 76 -14.64 -5.03 13.94
C GLU J 76 -15.08 -3.65 14.37
N ILE J 77 -16.37 -3.36 14.31
CA ILE J 77 -16.77 -2.00 14.67
C ILE J 77 -16.45 -1.72 16.14
N ARG J 78 -16.57 -2.74 17.00
CA ARG J 78 -16.22 -2.63 18.43
C ARG J 78 -14.74 -2.17 18.59
N ALA J 79 -13.84 -2.83 17.85
CA ALA J 79 -12.42 -2.47 17.83
C ALA J 79 -12.21 -1.06 17.28
N PHE J 80 -12.97 -0.69 16.26
CA PHE J 80 -12.92 0.69 15.79
C PHE J 80 -13.24 1.72 16.90
N LYS J 81 -14.36 1.53 17.57
CA LYS J 81 -14.77 2.40 18.67
C LYS J 81 -13.73 2.44 19.79
N LEU J 82 -13.25 1.26 20.19
CA LEU J 82 -12.24 1.19 21.25
C LEU J 82 -10.93 1.86 20.83
N ASN J 83 -10.54 1.73 19.56
CA ASN J 83 -9.39 2.48 19.11
C ASN J 83 -9.64 3.99 19.19
N ILE J 84 -10.84 4.42 18.84
CA ILE J 84 -11.13 5.83 18.98
C ILE J 84 -11.07 6.25 20.45
N ILE J 85 -11.59 5.44 21.36
CA ILE J 85 -11.60 5.86 22.75
C ILE J 85 -10.16 5.91 23.28
N GLN J 86 -9.37 4.91 22.92
CA GLN J 86 -7.97 4.93 23.29
C GLN J 86 -7.30 6.21 22.78
N LYS J 87 -7.44 6.54 21.49
CA LYS J 87 -6.94 7.80 20.96
C LYS J 87 -7.41 9.05 21.75
N GLN J 88 -8.65 9.01 22.26
CA GLN J 88 -9.21 10.14 22.97
C GLN J 88 -8.48 10.33 24.28
N LEU J 89 -8.24 9.20 24.95
CA LEU J 89 -7.55 9.13 26.25
C LEU J 89 -6.05 9.52 26.15
N GLU J 90 -5.54 9.58 24.92
CA GLU J 90 -4.16 9.94 24.69
C GLU J 90 -4.02 11.20 23.85
N GLY J 91 -5.14 11.89 23.63
CA GLY J 91 -5.15 13.21 22.99
C GLY J 91 -4.78 13.16 21.53
N LYS J 92 -5.11 12.06 20.85
CA LYS J 92 -4.63 11.75 19.51
C LYS J 92 -5.71 11.77 18.43
N ILE J 93 -6.90 12.23 18.79
CA ILE J 93 -7.97 12.30 17.83
C ILE J 93 -8.86 13.50 18.12
N THR J 94 -9.42 14.08 17.07
CA THR J 94 -10.49 15.08 17.19
C THR J 94 -11.83 14.48 16.71
N ILE J 95 -12.77 14.36 17.63
CA ILE J 95 -14.08 13.78 17.30
C ILE J 95 -15.09 14.41 18.23
N HIS J 96 -16.31 14.63 17.77
CA HIS J 96 -17.21 15.44 18.57
C HIS J 96 -18.16 14.64 19.44
N PHE J 97 -17.70 13.48 19.91
CA PHE J 97 -18.36 12.76 21.00
C PHE J 97 -17.39 12.55 22.14
N THR J 98 -17.90 12.45 23.36
CA THR J 98 -17.06 12.28 24.55
C THR J 98 -16.74 10.80 24.70
N PRO J 99 -15.65 10.47 25.44
CA PRO J 99 -15.38 9.05 25.55
C PRO J 99 -16.56 8.26 26.12
N THR J 100 -17.29 8.80 27.09
CA THR J 100 -18.43 8.07 27.65
C THR J 100 -19.49 7.70 26.59
N PHE J 101 -19.80 8.61 25.68
CA PHE J 101 -20.77 8.31 24.60
C PHE J 101 -20.31 7.13 23.73
N ILE J 102 -19.02 7.13 23.36
CA ILE J 102 -18.51 6.05 22.55
C ILE J 102 -18.47 4.80 23.40
N ASN J 103 -18.14 4.95 24.68
CA ASN J 103 -18.17 3.81 25.61
C ASN J 103 -19.52 3.11 25.67
N HIS J 104 -20.58 3.90 25.72
CA HIS J 104 -21.94 3.37 25.62
C HIS J 104 -22.21 2.66 24.27
N MET J 105 -21.75 3.22 23.16
CA MET J 105 -21.84 2.51 21.90
C MET J 105 -21.20 1.14 22.04
N VAL J 106 -20.11 1.02 22.83
CA VAL J 106 -19.32 -0.24 22.95
C VAL J 106 -20.14 -1.17 23.81
N ASN J 107 -20.74 -0.65 24.88
CA ASN J 107 -21.70 -1.46 25.62
C ASN J 107 -22.75 -2.11 24.72
N GLU J 108 -23.29 -1.31 23.82
CA GLU J 108 -24.31 -1.72 22.87
C GLU J 108 -23.90 -2.76 21.84
N VAL J 109 -22.74 -2.61 21.20
CA VAL J 109 -22.38 -3.67 20.30
C VAL J 109 -22.05 -4.97 21.05
N GLU J 110 -21.57 -4.88 22.30
CA GLU J 110 -21.33 -6.08 23.11
C GLU J 110 -22.63 -6.81 23.53
N GLU J 111 -23.74 -6.07 23.55
CA GLU J 111 -25.08 -6.69 23.74
C GLU J 111 -25.47 -7.48 22.51
N TYR J 112 -25.17 -6.95 21.34
CA TYR J 112 -25.41 -7.62 20.07
C TYR J 112 -24.60 -8.91 19.93
N ILE J 113 -23.30 -8.79 20.18
CA ILE J 113 -22.38 -9.93 20.24
C ILE J 113 -22.86 -11.00 21.23
N ALA J 114 -23.34 -10.58 22.39
CA ALA J 114 -23.82 -11.53 23.39
C ALA J 114 -25.02 -12.29 22.82
N VAL J 115 -25.84 -11.59 22.07
CA VAL J 115 -27.01 -12.21 21.41
C VAL J 115 -26.54 -13.13 20.26
N LEU J 116 -25.50 -12.70 19.53
CA LEU J 116 -25.00 -13.48 18.42
C LEU J 116 -24.44 -14.83 18.90
N GLU J 117 -23.94 -14.91 20.13
N GLU J 117 -23.96 -14.86 20.13
CA GLU J 117 -23.39 -16.19 20.59
CA GLU J 117 -23.39 -16.08 20.68
C GLU J 117 -24.46 -17.27 20.54
C GLU J 117 -24.42 -17.24 20.62
N PHE J 118 -25.68 -16.90 20.87
CA PHE J 118 -26.81 -17.84 20.85
C PHE J 118 -27.25 -18.10 19.42
N LEU J 119 -27.52 -17.02 18.69
CA LEU J 119 -27.86 -17.12 17.28
C LEU J 119 -26.90 -18.00 16.44
N LYS J 120 -25.60 -17.87 16.69
CA LYS J 120 -24.57 -18.62 15.97
C LYS J 120 -24.73 -20.11 16.12
N LYS J 121 -25.34 -20.54 17.21
CA LYS J 121 -25.52 -21.96 17.35
C LYS J 121 -26.95 -22.39 17.21
N GLY J 122 -27.77 -21.60 16.52
CA GLY J 122 -29.15 -21.93 16.31
C GLY J 122 -30.10 -21.78 17.50
N GLU J 123 -29.64 -21.17 18.59
CA GLU J 123 -30.47 -21.04 19.79
C GLU J 123 -31.19 -19.71 19.87
N VAL J 124 -32.45 -19.73 20.26
CA VAL J 124 -33.16 -18.50 20.55
C VAL J 124 -32.44 -17.83 21.71
N PRO J 125 -32.08 -16.56 21.56
CA PRO J 125 -31.49 -15.86 22.70
C PRO J 125 -32.52 -15.78 23.84
N PRO J 126 -32.13 -16.23 25.04
CA PRO J 126 -33.03 -16.13 26.16
C PRO J 126 -33.34 -14.65 26.52
N VAL J 127 -34.45 -14.45 27.22
CA VAL J 127 -34.75 -13.17 27.80
C VAL J 127 -34.09 -13.24 29.20
N PHE J 128 -33.08 -12.41 29.42
CA PHE J 128 -32.28 -12.42 30.65
C PHE J 128 -33.10 -11.92 31.82
N HIS J 129 -32.55 -12.02 33.01
CA HIS J 129 -33.09 -11.42 34.21
C HIS J 129 -33.18 -9.90 34.01
N GLU J 130 -34.19 -9.29 34.59
CA GLU J 130 -34.49 -7.86 34.31
C GLU J 130 -33.35 -6.99 34.77
N LEU J 131 -32.69 -7.41 35.85
CA LEU J 131 -31.53 -6.63 36.29
C LEU J 131 -30.38 -6.53 35.27
N HIS J 132 -30.20 -7.53 34.40
CA HIS J 132 -29.19 -7.42 33.33
C HIS J 132 -29.47 -6.25 32.42
N TYR J 133 -30.70 -6.19 31.92
CA TYR J 133 -31.16 -5.05 31.14
C TYR J 133 -31.04 -3.74 31.88
N HIS J 134 -31.42 -3.70 33.14
CA HIS J 134 -31.21 -2.47 33.91
C HIS J 134 -29.76 -1.99 33.93
N LEU J 135 -28.84 -2.91 34.22
CA LEU J 135 -27.44 -2.57 34.40
C LEU J 135 -26.84 -2.05 33.09
N VAL J 136 -27.37 -2.52 31.95
CA VAL J 136 -26.85 -2.17 30.63
C VAL J 136 -27.48 -0.87 30.13
N TRP J 137 -28.80 -0.78 30.23
CA TRP J 137 -29.52 0.28 29.54
C TRP J 137 -29.81 1.51 30.37
N LEU J 138 -29.60 1.43 31.68
CA LEU J 138 -29.88 2.62 32.48
C LEU J 138 -28.79 3.72 32.32
N THR J 139 -27.52 3.32 32.27
CA THR J 139 -26.44 4.31 32.06
C THR J 139 -26.59 4.82 30.65
N ASP J 140 -26.99 3.91 29.81
CA ASP J 140 -27.22 4.25 28.44
C ASP J 140 -28.27 5.39 28.26
N ALA J 141 -29.41 5.23 28.93
CA ALA J 141 -30.48 6.24 28.91
C ALA J 141 -30.02 7.57 29.50
N ALA J 142 -29.40 7.50 30.67
CA ALA J 142 -28.70 8.66 31.25
C ALA J 142 -27.79 9.40 30.26
N GLY J 143 -27.00 8.67 29.50
CA GLY J 143 -26.12 9.32 28.54
C GLY J 143 -26.82 9.86 27.32
N HIS J 144 -27.98 9.28 26.99
CA HIS J 144 -28.80 9.83 25.93
C HIS J 144 -29.29 11.18 26.39
N ALA J 145 -29.94 11.21 27.58
CA ALA J 145 -30.46 12.47 28.10
C ALA J 145 -29.34 13.54 28.21
N GLY J 146 -28.17 13.13 28.71
CA GLY J 146 -27.07 14.08 28.97
C GLY J 146 -26.49 14.53 27.64
N SER J 147 -26.60 13.72 26.62
CA SER J 147 -26.05 14.19 25.37
C SER J 147 -27.04 15.13 24.65
N ILE J 148 -28.34 14.96 24.92
CA ILE J 148 -29.32 15.96 24.52
C ILE J 148 -29.01 17.27 25.26
N SER J 149 -28.82 17.15 26.56
CA SER J 149 -28.62 18.30 27.39
C SER J 149 -27.37 19.06 26.93
N GLY J 150 -26.30 18.33 26.62
CA GLY J 150 -25.08 18.91 26.09
C GLY J 150 -25.12 19.38 24.66
N GLY J 151 -26.04 18.82 23.88
CA GLY J 151 -26.15 19.19 22.47
C GLY J 151 -27.05 20.38 22.17
N LEU J 152 -27.73 20.90 23.18
CA LEU J 152 -28.66 22.01 23.05
C LEU J 152 -27.92 23.32 23.16
N ASP J 153 -28.32 24.28 22.33
CA ASP J 153 -27.84 25.64 22.41
C ASP J 153 -27.88 26.19 23.84
N LEU J 154 -26.97 27.10 24.15
CA LEU J 154 -26.99 27.78 25.44
C LEU J 154 -28.36 28.40 25.80
N VAL J 155 -29.12 28.86 24.80
CA VAL J 155 -30.39 29.54 25.08
C VAL J 155 -31.56 28.58 25.35
N GLU J 156 -31.34 27.28 25.13
CA GLU J 156 -32.43 26.31 25.21
C GLU J 156 -32.52 25.78 26.63
N LYS J 157 -32.80 26.70 27.55
CA LYS J 157 -32.72 26.38 28.99
C LYS J 157 -33.81 25.44 29.46
N ARG J 158 -35.03 25.65 28.97
CA ARG J 158 -36.23 24.83 29.27
CA ARG J 158 -36.16 24.80 29.38
C ARG J 158 -36.03 23.35 28.92
N LEU J 159 -35.58 23.12 27.69
CA LEU J 159 -35.30 21.77 27.22
C LEU J 159 -34.14 21.12 27.95
N LYS J 160 -33.06 21.87 28.17
CA LYS J 160 -31.91 21.37 28.95
C LYS J 160 -32.30 21.00 30.40
N GLU J 161 -33.11 21.82 31.05
CA GLU J 161 -33.58 21.46 32.39
C GLU J 161 -34.35 20.14 32.39
N LYS J 162 -35.22 20.01 31.40
CA LYS J 162 -35.91 18.78 31.19
C LYS J 162 -34.92 17.60 30.96
N SER J 163 -33.99 17.71 30.02
CA SER J 163 -33.13 16.52 29.83
C SER J 163 -32.25 16.22 31.04
N GLU J 164 -31.84 17.25 31.77
CA GLU J 164 -31.04 17.09 32.99
C GLU J 164 -31.79 16.29 34.05
N GLU J 165 -33.09 16.46 34.07
CA GLU J 165 -33.85 15.75 35.06
C GLU J 165 -33.98 14.27 34.70
N PHE J 166 -34.09 13.98 33.39
CA PHE J 166 -34.08 12.58 32.94
C PHE J 166 -32.76 11.91 33.28
N THR J 167 -31.67 12.55 32.88
CA THR J 167 -30.30 12.12 33.26
C THR J 167 -30.21 11.72 34.73
N LYS J 168 -30.58 12.63 35.61
CA LYS J 168 -30.58 12.37 37.04
C LYS J 168 -31.44 11.20 37.48
N HIS J 169 -32.65 11.10 36.95
CA HIS J 169 -33.50 9.98 37.32
C HIS J 169 -32.91 8.65 36.87
N PHE J 170 -32.34 8.65 35.65
CA PHE J 170 -31.73 7.45 35.14
C PHE J 170 -30.48 7.07 35.94
N GLU J 171 -29.66 8.08 36.30
CA GLU J 171 -28.55 7.78 37.22
C GLU J 171 -28.96 7.22 38.60
N GLN J 172 -30.02 7.76 39.20
CA GLN J 172 -30.54 7.21 40.46
C GLN J 172 -31.13 5.79 40.31
N PHE J 173 -31.85 5.55 39.22
CA PHE J 173 -32.32 4.22 38.92
C PHE J 173 -31.11 3.27 38.81
N TYR J 174 -30.04 3.75 38.22
CA TYR J 174 -28.92 2.86 38.00
C TYR J 174 -28.32 2.42 39.32
N LEU J 175 -28.13 3.40 40.22
CA LEU J 175 -27.60 3.16 41.56
C LEU J 175 -28.46 2.15 42.31
N LYS J 176 -29.77 2.26 42.11
CA LYS J 176 -30.71 1.31 42.76
C LYS J 176 -30.55 -0.13 42.19
N ALA J 177 -30.44 -0.23 40.87
CA ALA J 177 -30.19 -1.49 40.21
C ALA J 177 -28.89 -2.15 40.69
N VAL J 178 -27.85 -1.33 40.94
CA VAL J 178 -26.54 -1.86 41.39
C VAL J 178 -26.71 -2.56 42.72
N GLU J 179 -27.32 -1.88 43.68
CA GLU J 179 -27.61 -2.50 44.98
C GLU J 179 -28.55 -3.71 44.95
N MET J 180 -29.59 -3.65 44.12
CA MET J 180 -30.50 -4.80 44.00
C MET J 180 -29.79 -6.02 43.40
N THR J 181 -28.81 -5.78 42.53
CA THR J 181 -27.97 -6.87 42.03
C THR J 181 -27.24 -7.56 43.21
N GLY J 182 -26.60 -6.78 44.06
CA GLY J 182 -26.20 -7.25 45.37
C GLY J 182 -27.23 -8.10 46.12
N TYR J 183 -28.48 -7.65 46.23
CA TYR J 183 -29.44 -8.44 47.01
C TYR J 183 -29.59 -9.86 46.48
N LEU J 184 -29.30 -10.07 45.20
CA LEU J 184 -29.49 -11.36 44.56
C LEU J 184 -28.59 -12.40 45.23
N ARG J 185 -27.60 -11.96 45.98
CA ARG J 185 -26.70 -12.89 46.64
C ARG J 185 -27.50 -13.68 47.68
N THR J 186 -28.68 -13.17 48.04
CA THR J 186 -29.60 -13.89 48.94
C THR J 186 -30.13 -15.16 48.28
N GLU J 187 -30.05 -15.22 46.95
CA GLU J 187 -30.68 -16.31 46.22
C GLU J 187 -32.23 -16.20 46.20
N LEU J 188 -32.74 -15.02 46.54
CA LEU J 188 -34.07 -14.60 46.14
C LEU J 188 -33.82 -13.80 44.90
N HIS J 189 -34.35 -14.23 43.76
CA HIS J 189 -34.02 -13.60 42.50
C HIS J 189 -35.09 -12.72 41.96
N HIS J 190 -36.29 -12.86 42.52
CA HIS J 190 -37.44 -12.00 42.25
C HIS J 190 -38.03 -11.72 43.61
N PHE J 191 -38.44 -10.47 43.80
CA PHE J 191 -38.97 -10.03 45.08
C PHE J 191 -39.70 -8.74 44.75
N PRO J 192 -40.70 -8.38 45.55
CA PRO J 192 -41.60 -7.24 45.40
C PRO J 192 -40.89 -5.91 45.07
N ALA J 193 -39.89 -5.56 45.83
CA ALA J 193 -39.12 -4.35 45.52
C ALA J 193 -38.53 -4.31 44.11
N LEU J 194 -38.12 -5.45 43.57
CA LEU J 194 -37.43 -5.45 42.28
C LEU J 194 -38.44 -5.27 41.19
N LYS J 195 -39.57 -5.94 41.32
CA LYS J 195 -40.68 -5.78 40.40
C LYS J 195 -41.27 -4.33 40.40
N LYS J 196 -41.38 -3.71 41.58
CA LYS J 196 -41.86 -2.35 41.65
C LYS J 196 -40.85 -1.42 40.92
N PHE J 197 -39.57 -1.72 41.02
CA PHE J 197 -38.50 -0.92 40.38
C PHE J 197 -38.56 -1.00 38.87
N THR J 198 -38.73 -2.21 38.36
CA THR J 198 -38.83 -2.34 36.94
C THR J 198 -40.07 -1.60 36.39
N LYS J 199 -41.19 -1.65 37.10
CA LYS J 199 -42.37 -0.80 36.77
C LYS J 199 -42.04 0.70 36.80
N ASP J 200 -41.34 1.16 37.85
CA ASP J 200 -40.97 2.58 37.96
C ASP J 200 -40.05 3.01 36.82
N VAL J 201 -39.07 2.15 36.51
CA VAL J 201 -38.23 2.41 35.36
C VAL J 201 -39.02 2.46 34.04
N SER J 202 -39.97 1.55 33.83
CA SER J 202 -40.73 1.53 32.57
C SER J 202 -41.54 2.80 32.40
N LEU J 203 -42.08 3.28 33.49
CA LEU J 203 -42.81 4.52 33.50
C LEU J 203 -41.90 5.65 33.05
N GLU J 204 -40.73 5.80 33.67
CA GLU J 204 -39.81 6.85 33.23
C GLU J 204 -39.43 6.69 31.77
N LEU J 205 -39.22 5.44 31.31
CA LEU J 205 -38.82 5.23 29.89
C LEU J 205 -39.92 5.73 28.99
N LYS J 206 -41.15 5.66 29.46
CA LYS J 206 -42.28 6.06 28.62
C LYS J 206 -42.26 7.57 28.52
N LEU J 207 -42.04 8.25 29.65
CA LEU J 207 -41.94 9.72 29.63
C LEU J 207 -40.81 10.18 28.72
N PHE J 208 -39.72 9.42 28.72
CA PHE J 208 -38.50 9.85 28.07
C PHE J 208 -38.67 9.64 26.57
N SER J 209 -39.24 8.48 26.19
CA SER J 209 -39.66 8.24 24.80
C SER J 209 -40.56 9.37 24.25
N HIS J 210 -41.56 9.78 25.00
CA HIS J 210 -42.39 10.91 24.61
CA HIS J 210 -42.38 10.92 24.56
C HIS J 210 -41.54 12.16 24.35
N PHE J 211 -40.67 12.49 25.31
CA PHE J 211 -39.69 13.59 25.17
C PHE J 211 -38.75 13.48 23.94
N LEU J 212 -38.26 12.28 23.67
CA LEU J 212 -37.41 12.04 22.52
C LEU J 212 -38.19 12.25 21.22
N HIS J 213 -39.47 11.86 21.21
CA HIS J 213 -40.32 12.15 20.06
C HIS J 213 -40.54 13.68 19.88
N GLU J 214 -40.78 14.38 20.98
CA GLU J 214 -40.82 15.85 20.95
CA GLU J 214 -40.85 15.83 20.93
C GLU J 214 -39.56 16.45 20.37
N VAL J 215 -38.41 15.98 20.88
CA VAL J 215 -37.12 16.50 20.37
C VAL J 215 -36.91 16.19 18.86
N GLU J 216 -37.27 14.97 18.45
CA GLU J 216 -37.25 14.60 17.05
C GLU J 216 -38.09 15.52 16.16
N GLU J 217 -39.30 15.86 16.59
CA GLU J 217 -40.17 16.77 15.81
C GLU J 217 -39.62 18.20 15.79
N LEU J 218 -39.02 18.64 16.90
CA LEU J 218 -38.36 19.97 16.94
C LEU J 218 -37.16 20.04 15.97
N GLU J 219 -36.38 18.96 15.88
CA GLU J 219 -35.28 18.89 14.89
C GLU J 219 -35.80 18.90 13.47
N LEU J 220 -36.84 18.13 13.21
CA LEU J 220 -37.42 18.04 11.90
C LEU J 220 -37.99 19.38 11.41
N SER J 221 -38.59 20.16 12.29
CA SER J 221 -39.14 21.43 11.87
C SER J 221 -38.16 22.57 12.07
N ASN J 222 -36.92 22.22 12.46
CA ASN J 222 -35.87 23.19 12.84
C ASN J 222 -36.28 24.15 13.95
N GLU J 223 -37.15 23.69 14.85
CA GLU J 223 -37.67 24.55 15.94
C GLU J 223 -36.81 24.60 17.22
N VAL J 224 -35.75 23.80 17.24
CA VAL J 224 -34.82 23.77 18.36
C VAL J 224 -33.44 24.11 17.84
N LEU J 225 -32.63 24.74 18.69
CA LEU J 225 -31.29 25.17 18.33
C LEU J 225 -30.47 24.14 19.02
N SER J 226 -29.69 23.41 18.25
CA SER J 226 -28.86 22.35 18.81
C SER J 226 -27.85 21.84 17.78
N VAL J 227 -27.02 20.89 18.19
CA VAL J 227 -26.16 20.15 17.27
C VAL J 227 -26.62 18.69 17.22
N LEU J 228 -27.84 18.42 17.67
CA LEU J 228 -28.40 17.08 17.55
C LEU J 228 -29.07 16.96 16.21
N SER J 229 -29.66 15.81 15.93
CA SER J 229 -30.32 15.58 14.65
C SER J 229 -31.57 14.77 14.92
N ALA J 230 -32.55 14.83 14.03
CA ALA J 230 -33.71 13.96 14.17
C ALA J 230 -33.32 12.47 14.18
N ARG J 231 -32.42 12.07 13.29
CA ARG J 231 -32.00 10.66 13.24
C ARG J 231 -31.41 10.22 14.57
N MET J 232 -30.72 11.10 15.27
CA MET J 232 -30.20 10.71 16.60
C MET J 232 -31.30 10.49 17.63
N ALA J 233 -32.27 11.41 17.65
CA ALA J 233 -33.44 11.31 18.51
C ALA J 233 -34.25 10.04 18.24
N ASP J 234 -34.48 9.75 16.96
CA ASP J 234 -35.06 8.49 16.48
C ASP J 234 -34.27 7.25 16.99
N HIS J 235 -32.97 7.25 16.76
CA HIS J 235 -32.09 6.19 17.22
C HIS J 235 -32.19 5.96 18.74
N MET J 236 -32.02 7.03 19.51
CA MET J 236 -32.22 6.97 20.95
C MET J 236 -33.58 6.36 21.34
N ALA J 237 -34.64 6.78 20.65
CA ALA J 237 -36.02 6.30 20.98
C ALA J 237 -36.24 4.84 20.65
N ARG J 238 -35.72 4.38 19.51
CA ARG J 238 -35.73 2.95 19.21
C ARG J 238 -35.01 2.12 20.26
N GLU J 239 -33.87 2.59 20.74
CA GLU J 239 -33.16 1.84 21.76
C GLU J 239 -33.90 1.84 23.08
N GLU J 240 -34.56 2.95 23.43
CA GLU J 240 -35.36 2.95 24.68
C GLU J 240 -36.52 1.97 24.54
N CYS J 241 -37.04 1.84 23.30
CA CYS J 241 -38.15 0.90 23.02
C CYS J 241 -37.68 -0.58 23.20
N TYR J 242 -36.55 -0.91 22.60
CA TYR J 242 -35.91 -2.23 22.83
C TYR J 242 -35.76 -2.54 24.33
N TYR J 243 -35.23 -1.56 25.07
CA TYR J 243 -35.08 -1.73 26.50
C TYR J 243 -36.44 -2.01 27.17
N LEU J 244 -37.47 -1.22 26.82
CA LEU J 244 -38.82 -1.37 27.38
C LEU J 244 -39.46 -2.74 27.11
N LEU J 245 -39.31 -3.18 25.87
CA LEU J 245 -39.75 -4.50 25.43
C LEU J 245 -39.06 -5.56 26.30
N LYS J 246 -37.75 -5.44 26.46
CA LYS J 246 -36.94 -6.39 27.24
C LYS J 246 -37.42 -6.46 28.69
N LEU J 247 -37.63 -5.29 29.28
CA LEU J 247 -38.13 -5.24 30.64
C LEU J 247 -39.49 -5.93 30.77
N ALA J 248 -40.42 -5.67 29.82
CA ALA J 248 -41.78 -6.24 29.86
C ALA J 248 -41.76 -7.75 29.74
N GLN J 249 -40.94 -8.23 28.81
CA GLN J 249 -40.77 -9.67 28.65
C GLN J 249 -40.11 -10.31 29.83
N SER J 250 -39.09 -9.69 30.41
CA SER J 250 -38.39 -10.36 31.50
C SER J 250 -39.10 -10.18 32.84
N SER J 251 -39.76 -9.04 33.05
CA SER J 251 -40.37 -8.76 34.34
C SER J 251 -41.83 -9.24 34.41
N GLY J 252 -42.47 -9.38 33.26
CA GLY J 252 -43.88 -9.71 33.21
C GLY J 252 -44.83 -8.50 33.13
N LEU J 253 -44.48 -7.51 32.32
CA LEU J 253 -45.34 -6.33 32.21
C LEU J 253 -46.02 -6.34 30.85
N GLU J 254 -46.97 -5.41 30.70
CA GLU J 254 -47.61 -5.19 29.41
C GLU J 254 -46.56 -4.83 28.35
N MET J 255 -46.69 -5.45 27.17
CA MET J 255 -45.80 -5.15 26.06
C MET J 255 -45.88 -3.68 25.69
N PRO J 256 -44.72 -3.05 25.46
CA PRO J 256 -44.72 -1.66 25.08
C PRO J 256 -45.26 -1.51 23.67
N LYS J 257 -45.84 -0.36 23.40
CA LYS J 257 -46.20 -0.05 22.05
C LYS J 257 -45.19 0.94 21.49
N CYS J 258 -44.33 0.46 20.62
CA CYS J 258 -43.35 1.33 19.99
C CYS J 258 -42.61 0.31 19.20
N ASN J 259 -42.05 0.72 18.07
CA ASN J 259 -41.34 -0.19 17.20
C ASN J 259 -39.84 0.05 17.34
N PRO J 260 -39.09 -0.94 17.88
CA PRO J 260 -37.67 -0.84 18.04
C PRO J 260 -36.94 -0.77 16.72
N LEU J 261 -37.59 -1.22 15.65
CA LEU J 261 -36.84 -1.37 14.40
C LEU J 261 -37.00 -0.18 13.48
N GLU J 262 -37.99 0.67 13.72
CA GLU J 262 -38.20 1.80 12.81
C GLU J 262 -39.10 2.87 13.45
N GLY J 263 -38.80 4.15 13.18
CA GLY J 263 -39.53 5.27 13.83
C GLY J 263 -40.62 5.85 12.93
N HIS J 264 -41.39 6.82 13.42
CA HIS J 264 -42.52 7.26 12.60
C HIS J 264 -42.15 8.15 11.43
N HIS J 265 -40.94 8.70 11.44
CA HIS J 265 -40.56 9.63 10.39
C HIS J 265 -39.46 9.08 9.54
N HIS J 266 -38.50 8.38 10.14
CA HIS J 266 -37.35 7.93 9.37
C HIS J 266 -37.60 6.62 8.65
N HIS J 267 -38.23 6.73 7.47
CA HIS J 267 -38.53 5.60 6.60
C HIS J 267 -38.97 6.20 5.26
N HIS J 268 -38.98 5.40 4.20
CA HIS J 268 -39.37 5.87 2.85
C HIS J 268 -40.55 5.06 2.28
N HIS J 269 -41.51 4.73 3.16
CA HIS J 269 -42.77 4.13 2.70
C HIS J 269 -44.00 5.03 2.90
N ASN K 6 36.58 -27.78 62.19
CA ASN K 6 35.70 -26.77 62.86
C ASN K 6 34.60 -26.24 61.97
N TYR K 7 33.58 -25.67 62.61
CA TYR K 7 32.38 -25.21 61.95
C TYR K 7 32.67 -24.08 60.97
N GLU K 8 33.52 -23.15 61.38
CA GLU K 8 33.80 -21.96 60.60
C GLU K 8 34.28 -22.32 59.20
N GLU K 9 35.27 -23.21 59.14
CA GLU K 9 35.87 -23.64 57.87
C GLU K 9 34.90 -24.47 57.00
N SER K 10 34.25 -25.45 57.62
CA SER K 10 33.18 -26.21 57.01
C SER K 10 32.14 -25.30 56.35
N ALA K 11 31.66 -24.30 57.08
CA ALA K 11 30.61 -23.42 56.60
C ALA K 11 31.09 -22.54 55.44
N LEU K 12 32.29 -21.97 55.57
CA LEU K 12 32.88 -21.16 54.51
C LEU K 12 33.00 -21.93 53.20
N PHE K 13 33.44 -23.18 53.32
CA PHE K 13 33.65 -24.07 52.16
C PHE K 13 32.36 -24.44 51.45
N GLU K 14 31.41 -24.99 52.18
CA GLU K 14 30.11 -25.37 51.64
C GLU K 14 29.43 -24.16 51.01
N HIS K 15 29.38 -23.05 51.74
CA HIS K 15 28.72 -21.83 51.24
C HIS K 15 29.31 -21.23 49.97
N GLN K 16 30.63 -21.09 49.92
CA GLN K 16 31.28 -20.66 48.68
C GLN K 16 31.07 -21.61 47.49
N PHE K 17 31.23 -22.91 47.72
CA PHE K 17 30.96 -23.91 46.69
C PHE K 17 29.53 -23.85 46.15
N TRP K 18 28.56 -23.92 47.05
CA TRP K 18 27.16 -24.03 46.70
C TRP K 18 26.54 -22.75 46.21
N LEU K 19 26.92 -21.62 46.78
CA LEU K 19 26.36 -20.36 46.30
C LEU K 19 26.93 -20.00 44.94
N LYS K 20 28.15 -20.46 44.65
CA LYS K 20 28.69 -20.21 43.31
C LYS K 20 27.94 -21.09 42.28
N VAL K 21 27.70 -22.34 42.67
CA VAL K 21 26.92 -23.30 41.89
C VAL K 21 25.50 -22.80 41.63
N LEU K 22 24.88 -22.20 42.64
CA LEU K 22 23.51 -21.71 42.49
C LEU K 22 23.40 -20.46 41.63
N THR K 23 24.41 -19.57 41.70
CA THR K 23 24.54 -18.41 40.76
C THR K 23 24.76 -18.91 39.31
N ASP K 24 25.61 -19.91 39.14
CA ASP K 24 25.68 -20.61 37.85
C ASP K 24 24.29 -21.13 37.39
N HIS K 25 23.58 -21.88 38.24
CA HIS K 25 22.26 -22.35 37.82
C HIS K 25 21.29 -21.26 37.34
N ALA K 26 21.17 -20.19 38.11
CA ALA K 26 20.29 -19.07 37.78
C ALA K 26 20.68 -18.39 36.46
N GLN K 27 21.98 -18.17 36.30
CA GLN K 27 22.55 -17.62 35.07
C GLN K 27 22.26 -18.52 33.84
N PHE K 28 22.49 -19.82 33.97
CA PHE K 28 22.28 -20.75 32.87
C PHE K 28 20.80 -20.82 32.50
N LEU K 29 19.95 -20.84 33.51
CA LEU K 29 18.50 -20.87 33.29
C LEU K 29 18.06 -19.58 32.59
N LEU K 30 18.56 -18.43 33.07
CA LEU K 30 18.29 -17.10 32.50
C LEU K 30 18.57 -17.09 31.02
N ASP K 31 19.77 -17.53 30.64
CA ASP K 31 20.20 -17.54 29.23
C ASP K 31 19.50 -18.62 28.39
N ALA K 32 18.95 -19.65 29.04
CA ALA K 32 18.26 -20.77 28.36
C ALA K 32 16.78 -20.53 28.09
N LEU K 33 16.19 -19.56 28.77
CA LEU K 33 14.79 -19.23 28.56
C LEU K 33 14.59 -18.56 27.20
N ALA K 34 13.51 -18.88 26.50
CA ALA K 34 13.14 -18.15 25.31
C ALA K 34 12.78 -16.71 25.72
N PRO K 35 13.19 -15.71 24.92
CA PRO K 35 12.88 -14.31 25.21
C PRO K 35 11.41 -14.05 25.61
N LYS K 36 10.49 -14.82 25.06
CA LYS K 36 9.05 -14.69 25.36
C LYS K 36 8.68 -15.10 26.79
N GLU K 37 9.61 -15.76 27.51
CA GLU K 37 9.29 -16.22 28.83
C GLU K 37 9.53 -15.09 29.82
N LYS K 38 8.81 -13.98 29.66
CA LYS K 38 9.07 -12.80 30.53
C LYS K 38 9.14 -13.13 32.02
N GLU K 39 8.12 -13.77 32.58
CA GLU K 39 8.04 -14.06 34.02
CA GLU K 39 8.12 -13.95 34.02
C GLU K 39 9.24 -14.83 34.56
N ASP K 40 9.54 -15.96 33.92
CA ASP K 40 10.67 -16.74 34.39
C ASP K 40 12.01 -16.03 34.18
N ILE K 41 12.09 -15.17 33.18
CA ILE K 41 13.33 -14.42 33.00
C ILE K 41 13.59 -13.46 34.18
N LYS K 42 12.54 -12.78 34.63
CA LYS K 42 12.52 -11.99 35.89
C LYS K 42 12.92 -12.80 37.11
N LYS K 43 12.33 -13.99 37.27
CA LYS K 43 12.72 -14.87 38.37
C LYS K 43 14.21 -15.29 38.35
N ALA K 44 14.68 -15.81 37.21
CA ALA K 44 16.10 -16.17 37.02
C ALA K 44 17.05 -15.00 37.30
N THR K 45 16.70 -13.82 36.78
CA THR K 45 17.48 -12.60 37.01
C THR K 45 17.53 -12.31 38.49
N TYR K 46 16.36 -12.31 39.11
CA TYR K 46 16.25 -12.22 40.54
C TYR K 46 17.12 -13.28 41.25
N PHE K 47 17.16 -14.51 40.76
CA PHE K 47 18.00 -15.51 41.43
C PHE K 47 19.50 -15.29 41.27
N VAL K 48 19.92 -14.78 40.11
CA VAL K 48 21.31 -14.41 39.89
C VAL K 48 21.81 -13.36 40.92
N GLU K 49 21.11 -12.23 41.06
CA GLU K 49 21.48 -11.24 42.08
C GLU K 49 21.41 -11.77 43.49
N THR K 50 20.36 -12.51 43.81
CA THR K 50 20.21 -13.07 45.15
C THR K 50 21.45 -13.85 45.57
N PHE K 51 21.86 -14.83 44.75
CA PHE K 51 22.96 -15.72 45.13
C PHE K 51 24.32 -15.04 45.01
N THR K 52 24.48 -14.13 44.05
CA THR K 52 25.67 -13.26 43.93
C THR K 52 25.83 -12.41 45.22
N ASN K 53 24.77 -11.69 45.59
CA ASN K 53 24.83 -11.00 46.87
C ASN K 53 25.23 -11.92 48.02
N LEU K 54 24.61 -13.09 48.16
CA LEU K 54 24.91 -13.93 49.30
C LEU K 54 26.38 -14.33 49.29
N LEU K 55 26.88 -14.70 48.12
CA LEU K 55 28.26 -15.16 47.96
C LEU K 55 29.19 -14.03 48.38
N ASN K 56 28.96 -12.86 47.81
CA ASN K 56 29.76 -11.71 48.13
C ASN K 56 29.85 -11.42 49.63
N LYS K 57 28.78 -11.61 50.40
CA LYS K 57 28.85 -11.31 51.83
C LYS K 57 29.13 -12.51 52.72
N VAL K 58 29.51 -13.64 52.12
CA VAL K 58 29.69 -14.84 52.91
C VAL K 58 30.72 -14.63 54.03
N ARG K 59 31.75 -13.83 53.77
CA ARG K 59 32.86 -13.69 54.70
C ARG K 59 32.66 -12.64 55.79
N ASN K 60 31.51 -11.97 55.78
CA ASN K 60 31.34 -10.79 56.63
C ASN K 60 30.15 -10.89 57.54
N VAL K 61 29.63 -12.10 57.76
CA VAL K 61 28.37 -12.27 58.47
C VAL K 61 28.51 -13.25 59.61
N ASN K 62 27.49 -13.31 60.45
CA ASN K 62 27.36 -14.45 61.32
C ASN K 62 26.96 -15.61 60.40
N LEU K 63 27.70 -16.71 60.48
CA LEU K 63 27.43 -17.80 59.58
C LEU K 63 26.17 -18.59 59.93
N MET K 64 25.75 -18.63 61.20
CA MET K 64 24.53 -19.39 61.50
C MET K 64 23.32 -18.68 60.92
N ALA K 65 23.21 -17.39 61.19
CA ALA K 65 22.15 -16.56 60.63
C ALA K 65 22.24 -16.49 59.09
N PHE K 66 23.45 -16.55 58.56
CA PHE K 66 23.66 -16.55 57.11
C PHE K 66 23.18 -17.85 56.49
N SER K 67 23.47 -18.97 57.14
CA SER K 67 22.94 -20.26 56.70
C SER K 67 21.43 -20.26 56.60
N LYS K 68 20.77 -19.51 57.46
CA LYS K 68 19.32 -19.48 57.47
C LYS K 68 18.78 -18.76 56.24
N GLU K 69 19.48 -17.71 55.85
CA GLU K 69 19.09 -16.87 54.73
C GLU K 69 19.38 -17.55 53.39
N ALA K 70 20.48 -18.31 53.40
CA ALA K 70 20.93 -19.08 52.26
C ALA K 70 19.97 -20.21 51.97
N GLU K 71 19.35 -20.75 53.02
CA GLU K 71 18.40 -21.85 52.90
C GLU K 71 17.10 -21.37 52.26
N GLN K 72 16.63 -20.22 52.70
CA GLN K 72 15.46 -19.60 52.12
C GLN K 72 15.64 -19.49 50.62
N ALA K 73 16.78 -18.91 50.23
CA ALA K 73 17.12 -18.71 48.82
C ALA K 73 17.27 -20.05 48.08
N ALA K 74 17.79 -21.08 48.74
CA ALA K 74 17.96 -22.40 48.12
C ALA K 74 16.60 -23.07 47.90
N LYS K 75 15.72 -22.98 48.89
CA LYS K 75 14.38 -23.53 48.72
C LYS K 75 13.58 -22.79 47.66
N GLU K 76 13.80 -21.49 47.54
CA GLU K 76 13.16 -20.72 46.50
C GLU K 76 13.62 -21.20 45.12
N ILE K 77 14.93 -21.43 44.96
CA ILE K 77 15.40 -21.74 43.61
C ILE K 77 15.12 -23.19 43.26
N ARG K 78 14.92 -24.02 44.27
CA ARG K 78 14.41 -25.37 44.10
C ARG K 78 12.99 -25.34 43.56
N ALA K 79 12.13 -24.59 44.24
CA ALA K 79 10.77 -24.39 43.75
C ALA K 79 10.69 -23.80 42.33
N PHE K 80 11.53 -22.84 42.01
CA PHE K 80 11.59 -22.28 40.65
C PHE K 80 11.94 -23.40 39.64
N LYS K 81 13.01 -24.14 39.89
CA LYS K 81 13.38 -25.28 39.04
C LYS K 81 12.25 -26.30 38.85
N LEU K 82 11.60 -26.70 39.92
CA LEU K 82 10.56 -27.70 39.81
C LEU K 82 9.37 -27.15 39.03
N ASN K 83 9.14 -25.84 39.12
CA ASN K 83 8.05 -25.26 38.36
C ASN K 83 8.36 -25.34 36.86
N ILE K 84 9.64 -25.14 36.50
CA ILE K 84 10.07 -25.18 35.11
C ILE K 84 9.85 -26.59 34.60
N ILE K 85 10.31 -27.57 35.35
CA ILE K 85 10.14 -28.97 34.95
C ILE K 85 8.65 -29.38 34.77
N GLN K 86 7.79 -28.97 35.69
CA GLN K 86 6.38 -29.24 35.57
C GLN K 86 5.83 -28.62 34.32
N LYS K 87 6.21 -27.36 34.04
CA LYS K 87 5.73 -26.72 32.80
C LYS K 87 6.30 -27.43 31.59
N GLN K 88 7.48 -28.00 31.73
CA GLN K 88 8.11 -28.75 30.64
C GLN K 88 7.28 -29.98 30.31
N LEU K 89 6.97 -30.76 31.33
CA LEU K 89 6.10 -31.92 31.21
C LEU K 89 4.67 -31.65 30.67
N GLU K 90 4.19 -30.40 30.72
CA GLU K 90 2.88 -30.04 30.19
C GLU K 90 2.97 -29.16 28.93
N GLY K 91 4.17 -29.00 28.38
CA GLY K 91 4.34 -28.25 27.15
C GLY K 91 4.08 -26.77 27.34
N LYS K 92 4.39 -26.25 28.51
CA LYS K 92 4.06 -24.84 28.85
C LYS K 92 5.24 -23.87 29.04
N ILE K 93 6.41 -24.25 28.56
CA ILE K 93 7.53 -23.34 28.62
C ILE K 93 8.46 -23.63 27.43
N THR K 94 9.10 -22.62 26.88
CA THR K 94 10.22 -22.86 25.98
C THR K 94 11.51 -22.48 26.71
N ILE K 95 12.30 -23.49 27.03
CA ILE K 95 13.59 -23.33 27.68
C ILE K 95 14.52 -24.34 26.99
N HIS K 96 15.79 -23.99 26.83
CA HIS K 96 16.72 -24.88 26.13
C HIS K 96 17.57 -25.76 27.05
N PHE K 97 16.96 -26.29 28.12
CA PHE K 97 17.58 -27.38 28.85
C PHE K 97 16.52 -28.46 28.88
N THR K 98 16.93 -29.73 28.86
CA THR K 98 15.98 -30.83 28.99
C THR K 98 15.58 -30.98 30.47
N PRO K 99 14.45 -31.65 30.72
CA PRO K 99 13.92 -31.86 32.06
C PRO K 99 14.90 -32.65 32.91
N THR K 100 15.66 -33.56 32.31
CA THR K 100 16.56 -34.30 33.17
C THR K 100 17.70 -33.42 33.70
N PHE K 101 18.17 -32.50 32.86
CA PHE K 101 19.23 -31.57 33.27
C PHE K 101 18.79 -30.67 34.45
N ILE K 102 17.60 -30.10 34.34
CA ILE K 102 17.04 -29.31 35.42
C ILE K 102 16.75 -30.23 36.63
N ASN K 103 16.30 -31.44 36.35
CA ASN K 103 16.16 -32.47 37.37
C ASN K 103 17.47 -32.67 38.18
N HIS K 104 18.61 -32.70 37.49
CA HIS K 104 19.92 -32.73 38.15
C HIS K 104 20.26 -31.39 38.91
N MET K 105 19.83 -30.25 38.39
CA MET K 105 19.95 -29.01 39.15
C MET K 105 19.17 -29.19 40.45
N VAL K 106 17.96 -29.76 40.39
CA VAL K 106 17.17 -30.06 41.59
C VAL K 106 17.91 -30.98 42.58
N ASN K 107 18.49 -32.08 42.13
CA ASN K 107 19.24 -32.96 43.05
C ASN K 107 20.35 -32.18 43.78
N GLU K 108 21.00 -31.30 43.03
CA GLU K 108 22.09 -30.50 43.55
C GLU K 108 21.65 -29.53 44.61
N VAL K 109 20.71 -28.65 44.27
CA VAL K 109 20.24 -27.75 45.32
C VAL K 109 19.76 -28.53 46.55
N GLU K 110 19.24 -29.73 46.37
CA GLU K 110 18.76 -30.50 47.51
C GLU K 110 19.93 -31.02 48.34
N GLU K 111 21.12 -31.14 47.77
CA GLU K 111 22.31 -31.54 48.57
C GLU K 111 22.80 -30.37 49.47
N TYR K 112 22.77 -29.16 48.92
CA TYR K 112 23.05 -27.99 49.69
C TYR K 112 22.03 -27.91 50.83
N ILE K 113 20.75 -28.00 50.53
CA ILE K 113 19.73 -27.96 51.59
C ILE K 113 20.01 -28.99 52.71
N ALA K 114 20.46 -30.19 52.37
CA ALA K 114 20.77 -31.21 53.38
C ALA K 114 21.98 -30.82 54.27
N VAL K 115 22.91 -30.07 53.70
CA VAL K 115 24.06 -29.58 54.44
C VAL K 115 23.67 -28.38 55.33
N LEU K 116 22.71 -27.59 54.88
CA LEU K 116 22.31 -26.38 55.60
C LEU K 116 21.53 -26.70 56.89
N GLU K 117 20.91 -27.85 56.92
CA GLU K 117 20.25 -28.31 58.11
C GLU K 117 21.26 -28.26 59.24
N PHE K 118 22.50 -28.67 58.94
CA PHE K 118 23.60 -28.62 59.92
C PHE K 118 24.23 -27.24 60.13
N LEU K 119 24.45 -26.49 59.05
CA LEU K 119 25.16 -25.24 59.18
C LEU K 119 24.28 -24.25 59.93
N LYS K 120 22.97 -24.44 59.85
CA LYS K 120 22.04 -23.58 60.59
C LYS K 120 22.24 -23.68 62.11
N LYS K 121 22.60 -24.86 62.60
CA LYS K 121 22.77 -25.04 64.03
C LYS K 121 24.22 -25.10 64.53
N GLY K 122 25.15 -24.48 63.80
CA GLY K 122 26.55 -24.47 64.19
C GLY K 122 27.27 -25.82 64.13
N GLU K 123 26.74 -26.76 63.35
CA GLU K 123 27.43 -28.04 63.23
C GLU K 123 28.09 -28.28 61.87
N VAL K 124 29.21 -28.98 61.91
CA VAL K 124 29.87 -29.43 60.70
C VAL K 124 29.01 -30.57 60.17
N PRO K 125 28.69 -30.55 58.87
CA PRO K 125 27.85 -31.62 58.34
C PRO K 125 28.57 -32.96 58.31
N PRO K 126 27.85 -34.05 58.58
CA PRO K 126 28.51 -35.35 58.66
C PRO K 126 29.11 -35.79 57.33
N VAL K 127 30.08 -36.67 57.38
CA VAL K 127 30.59 -37.19 56.15
C VAL K 127 29.74 -38.39 55.82
N PHE K 128 28.83 -38.25 54.84
CA PHE K 128 27.87 -39.32 54.49
C PHE K 128 28.59 -40.60 54.03
N HIS K 129 27.87 -41.72 53.93
CA HIS K 129 28.43 -42.94 53.36
C HIS K 129 28.85 -42.64 51.90
N GLU K 130 29.94 -43.27 51.44
CA GLU K 130 30.41 -43.02 50.07
C GLU K 130 29.36 -43.35 49.02
N LEU K 131 28.59 -44.43 49.19
CA LEU K 131 27.48 -44.70 48.26
C LEU K 131 26.45 -43.57 48.19
N HIS K 132 26.19 -42.90 49.30
CA HIS K 132 25.36 -41.71 49.19
C HIS K 132 25.85 -40.82 48.05
N TYR K 133 27.13 -40.47 48.05
CA TYR K 133 27.67 -39.52 47.08
C TYR K 133 27.62 -40.07 45.67
N HIS K 134 27.88 -41.37 45.57
CA HIS K 134 27.82 -42.01 44.27
C HIS K 134 26.45 -41.87 43.68
N LEU K 135 25.41 -42.12 44.49
CA LEU K 135 24.03 -42.18 44.04
C LEU K 135 23.48 -40.83 43.62
N VAL K 136 24.07 -39.77 44.16
CA VAL K 136 23.69 -38.43 43.74
C VAL K 136 24.51 -37.98 42.52
N TRP K 137 25.81 -38.22 42.56
CA TRP K 137 26.65 -37.46 41.68
C TRP K 137 26.96 -38.24 40.42
N LEU K 138 26.67 -39.54 40.37
CA LEU K 138 26.96 -40.30 39.15
C LEU K 138 26.01 -39.96 38.00
N THR K 139 24.72 -39.83 38.30
CA THR K 139 23.79 -39.48 37.22
C THR K 139 24.09 -38.04 36.80
N ASP K 140 24.50 -37.22 37.74
CA ASP K 140 24.95 -35.90 37.47
C ASP K 140 26.08 -35.84 36.43
N ALA K 141 27.13 -36.63 36.66
CA ALA K 141 28.30 -36.65 35.79
C ALA K 141 27.94 -37.22 34.40
N ALA K 142 27.15 -38.28 34.38
CA ALA K 142 26.61 -38.78 33.13
C ALA K 142 25.89 -37.67 32.37
N GLY K 143 25.11 -36.86 33.10
CA GLY K 143 24.36 -35.78 32.51
C GLY K 143 25.24 -34.66 32.04
N HIS K 144 26.36 -34.47 32.75
CA HIS K 144 27.36 -33.50 32.30
C HIS K 144 27.95 -33.92 30.96
N ALA K 145 28.44 -35.15 30.86
CA ALA K 145 28.91 -35.69 29.59
C ALA K 145 27.83 -35.69 28.51
N GLY K 146 26.60 -36.11 28.83
CA GLY K 146 25.53 -36.15 27.84
C GLY K 146 25.22 -34.73 27.36
N SER K 147 25.20 -33.76 28.26
CA SER K 147 24.91 -32.44 27.78
C SER K 147 26.04 -31.84 26.90
N ILE K 148 27.29 -32.23 27.12
CA ILE K 148 28.36 -31.79 26.22
C ILE K 148 28.11 -32.39 24.82
N SER K 149 27.95 -33.69 24.82
CA SER K 149 27.57 -34.46 23.66
C SER K 149 26.49 -33.75 22.85
N GLY K 150 25.36 -33.44 23.49
CA GLY K 150 24.27 -32.77 22.83
C GLY K 150 24.55 -31.32 22.47
N GLY K 151 25.53 -30.69 23.12
CA GLY K 151 25.85 -29.28 22.91
C GLY K 151 26.79 -29.00 21.76
N LEU K 152 27.41 -30.06 21.27
CA LEU K 152 28.42 -29.97 20.26
C LEU K 152 27.76 -29.93 18.88
N ASP K 153 28.34 -29.13 18.01
CA ASP K 153 27.96 -29.09 16.61
C ASP K 153 27.98 -30.48 15.96
N LEU K 154 27.07 -30.71 15.00
CA LEU K 154 27.02 -31.98 14.22
C LEU K 154 28.44 -32.43 13.79
N VAL K 155 29.30 -31.49 13.44
CA VAL K 155 30.60 -31.87 12.85
C VAL K 155 31.71 -32.22 13.86
N GLU K 156 31.48 -31.99 15.14
CA GLU K 156 32.47 -32.30 16.17
C GLU K 156 32.41 -33.77 16.58
N LYS K 157 32.66 -34.65 15.63
CA LYS K 157 32.43 -36.06 15.85
C LYS K 157 33.38 -36.60 16.90
N ARG K 158 34.65 -36.20 16.87
CA ARG K 158 35.60 -36.75 17.83
C ARG K 158 35.28 -36.33 19.29
N LEU K 159 34.93 -35.06 19.48
CA LEU K 159 34.54 -34.62 20.82
C LEU K 159 33.30 -35.34 21.34
N LYS K 160 32.36 -35.61 20.44
CA LYS K 160 31.09 -36.19 20.81
C LYS K 160 31.29 -37.69 21.16
N GLU K 161 32.18 -38.35 20.45
CA GLU K 161 32.52 -39.73 20.75
C GLU K 161 33.10 -39.88 22.14
N LYS K 162 34.05 -39.01 22.47
CA LYS K 162 34.62 -38.94 23.79
C LYS K 162 33.58 -38.68 24.91
N SER K 163 32.73 -37.66 24.77
CA SER K 163 31.78 -37.41 25.86
C SER K 163 30.71 -38.50 25.97
N GLU K 164 30.44 -39.17 24.86
CA GLU K 164 29.53 -40.32 24.86
C GLU K 164 30.21 -41.44 25.63
N GLU K 165 31.49 -41.61 25.41
CA GLU K 165 32.19 -42.63 26.19
C GLU K 165 32.10 -42.37 27.71
N PHE K 166 32.34 -41.14 28.15
CA PHE K 166 32.09 -40.73 29.55
C PHE K 166 30.67 -40.95 30.06
N THR K 167 29.68 -40.60 29.24
CA THR K 167 28.28 -40.74 29.68
C THR K 167 28.07 -42.21 30.01
N LYS K 168 28.66 -43.05 29.17
CA LYS K 168 28.39 -44.48 29.31
C LYS K 168 29.06 -45.03 30.57
N HIS K 169 30.32 -44.61 30.78
CA HIS K 169 31.05 -44.99 32.01
C HIS K 169 30.30 -44.59 33.26
N PHE K 170 29.77 -43.35 33.32
CA PHE K 170 29.10 -42.95 34.56
C PHE K 170 27.76 -43.63 34.76
N GLU K 171 27.02 -43.90 33.67
CA GLU K 171 25.76 -44.69 33.75
C GLU K 171 26.04 -46.11 34.22
N GLN K 172 27.08 -46.75 33.68
CA GLN K 172 27.48 -48.06 34.19
C GLN K 172 27.93 -48.01 35.65
N PHE K 173 28.78 -47.04 36.02
CA PHE K 173 29.15 -46.90 37.43
C PHE K 173 27.88 -46.75 38.27
N TYR K 174 26.95 -45.92 37.82
CA TYR K 174 25.74 -45.70 38.62
C TYR K 174 24.94 -46.99 38.85
N LEU K 175 24.81 -47.84 37.80
CA LEU K 175 24.11 -49.12 37.91
C LEU K 175 24.84 -50.08 38.91
N LYS K 176 26.17 -50.02 38.90
CA LYS K 176 26.94 -50.72 39.90
C LYS K 176 26.65 -50.14 41.30
N ALA K 177 26.54 -48.82 41.45
CA ALA K 177 26.23 -48.22 42.75
C ALA K 177 24.90 -48.65 43.30
N VAL K 178 23.87 -48.65 42.47
CA VAL K 178 22.55 -49.17 42.84
C VAL K 178 22.59 -50.59 43.42
N GLU K 179 23.23 -51.51 42.72
CA GLU K 179 23.42 -52.88 43.23
C GLU K 179 24.15 -52.92 44.56
N MET K 180 25.30 -52.26 44.64
CA MET K 180 26.03 -52.18 45.89
C MET K 180 25.23 -51.59 47.05
N THR K 181 24.40 -50.60 46.76
CA THR K 181 23.55 -50.07 47.82
C THR K 181 22.60 -51.17 48.34
N GLY K 182 22.16 -52.03 47.42
CA GLY K 182 21.36 -53.19 47.78
C GLY K 182 22.12 -54.16 48.65
N TYR K 183 23.43 -54.34 48.37
CA TYR K 183 24.25 -55.27 49.13
C TYR K 183 24.34 -54.84 50.60
N LEU K 184 24.19 -53.55 50.87
CA LEU K 184 24.31 -53.06 52.25
C LEU K 184 23.24 -53.61 53.17
N ARG K 185 22.24 -54.28 52.58
CA ARG K 185 21.13 -54.84 53.35
C ARG K 185 21.64 -56.02 54.16
N THR K 186 22.82 -56.49 53.76
CA THR K 186 23.50 -57.54 54.48
C THR K 186 24.05 -56.98 55.77
N GLU K 187 23.99 -55.66 55.93
CA GLU K 187 24.55 -55.04 57.13
C GLU K 187 26.08 -55.08 57.22
N LEU K 188 26.71 -55.48 56.12
CA LEU K 188 28.13 -55.35 55.98
C LEU K 188 28.25 -54.06 55.17
N HIS K 189 28.80 -53.00 55.75
CA HIS K 189 28.76 -51.69 55.07
C HIS K 189 30.03 -51.24 54.35
N HIS K 190 31.11 -51.97 54.51
CA HIS K 190 32.28 -51.72 53.73
C HIS K 190 32.87 -53.08 53.45
N PHE K 191 33.22 -53.28 52.19
CA PHE K 191 33.75 -54.52 51.69
C PHE K 191 34.67 -54.12 50.55
N PRO K 192 35.67 -54.96 50.26
CA PRO K 192 36.71 -54.66 49.26
C PRO K 192 36.18 -54.23 47.89
N ALA K 193 35.10 -54.85 47.40
CA ALA K 193 34.54 -54.42 46.11
C ALA K 193 34.07 -52.96 46.17
N LEU K 194 33.52 -52.53 47.29
CA LEU K 194 33.05 -51.16 47.38
C LEU K 194 34.18 -50.19 47.30
N LYS K 195 35.23 -50.48 48.08
CA LYS K 195 36.43 -49.65 48.14
C LYS K 195 37.09 -49.53 46.76
N LYS K 196 37.19 -50.66 46.06
CA LYS K 196 37.77 -50.67 44.72
C LYS K 196 36.91 -49.84 43.78
N PHE K 197 35.59 -49.92 43.94
CA PHE K 197 34.66 -49.19 43.08
C PHE K 197 34.88 -47.69 43.22
N THR K 198 34.91 -47.19 44.44
CA THR K 198 35.13 -45.78 44.68
C THR K 198 36.48 -45.23 44.14
N LYS K 199 37.54 -46.07 44.15
CA LYS K 199 38.77 -45.72 43.47
C LYS K 199 38.59 -45.70 41.95
N ASP K 200 37.79 -46.64 41.41
CA ASP K 200 37.55 -46.71 39.94
C ASP K 200 36.84 -45.43 39.49
N VAL K 201 35.80 -45.06 40.24
CA VAL K 201 35.06 -43.85 39.98
C VAL K 201 35.99 -42.64 40.05
N SER K 202 36.84 -42.60 41.06
CA SER K 202 37.77 -41.49 41.22
C SER K 202 38.74 -41.38 40.06
N LEU K 203 39.30 -42.48 39.56
CA LEU K 203 40.16 -42.38 38.36
C LEU K 203 39.42 -41.74 37.19
N GLU K 204 38.16 -42.18 36.97
CA GLU K 204 37.37 -41.67 35.86
C GLU K 204 36.99 -40.20 36.04
N LEU K 205 36.77 -39.80 37.28
CA LEU K 205 36.42 -38.41 37.55
C LEU K 205 37.59 -37.48 37.21
N LYS K 206 38.81 -38.00 37.35
CA LYS K 206 40.02 -37.21 37.06
C LYS K 206 40.23 -37.02 35.56
N LEU K 207 40.10 -38.12 34.83
CA LEU K 207 40.08 -38.09 33.36
C LEU K 207 39.00 -37.13 32.88
N PHE K 208 37.81 -37.26 33.46
CA PHE K 208 36.71 -36.43 33.06
C PHE K 208 36.93 -34.93 33.34
N SER K 209 37.47 -34.60 34.51
CA SER K 209 37.99 -33.24 34.78
C SER K 209 39.00 -32.76 33.74
N HIS K 210 39.88 -33.63 33.26
CA HIS K 210 40.86 -33.20 32.26
C HIS K 210 40.09 -32.81 31.01
N PHE K 211 39.20 -33.70 30.57
CA PHE K 211 38.37 -33.45 29.40
C PHE K 211 37.55 -32.17 29.58
N LEU K 212 36.86 -32.00 30.70
CA LEU K 212 36.15 -30.74 30.97
C LEU K 212 37.05 -29.51 30.85
N HIS K 213 38.30 -29.64 31.26
CA HIS K 213 39.22 -28.50 31.21
C HIS K 213 39.64 -28.17 29.77
N GLU K 214 39.78 -29.19 28.93
CA GLU K 214 40.02 -29.03 27.48
CA GLU K 214 40.07 -28.96 27.53
C GLU K 214 38.84 -28.38 26.82
N VAL K 215 37.67 -28.83 27.17
CA VAL K 215 36.51 -28.24 26.57
C VAL K 215 36.51 -26.74 26.90
N GLU K 216 36.75 -26.44 28.18
CA GLU K 216 36.71 -25.05 28.63
C GLU K 216 37.71 -24.18 27.88
N GLU K 217 38.87 -24.74 27.52
CA GLU K 217 39.88 -23.97 26.79
C GLU K 217 39.49 -23.82 25.33
N LEU K 218 38.93 -24.90 24.80
CA LEU K 218 38.38 -24.85 23.45
C LEU K 218 37.29 -23.80 23.37
N GLU K 219 36.47 -23.72 24.41
CA GLU K 219 35.39 -22.73 24.45
C GLU K 219 35.93 -21.29 24.59
N LEU K 220 36.97 -21.13 25.40
CA LEU K 220 37.57 -19.81 25.62
C LEU K 220 38.28 -19.32 24.38
N SER K 221 38.82 -20.23 23.59
CA SER K 221 39.45 -19.81 22.32
C SER K 221 38.51 -19.81 21.09
N ASN K 222 37.28 -20.31 21.25
CA ASN K 222 36.34 -20.43 20.13
C ASN K 222 36.79 -21.48 19.13
N GLU K 223 37.62 -22.39 19.60
CA GLU K 223 38.13 -23.46 18.75
C GLU K 223 37.18 -24.64 18.64
N VAL K 224 36.16 -24.69 19.50
CA VAL K 224 35.10 -25.67 19.36
C VAL K 224 33.76 -25.07 18.88
N LEU K 225 33.04 -25.81 18.04
CA LEU K 225 31.71 -25.39 17.61
C LEU K 225 30.68 -26.05 18.54
N SER K 226 29.88 -25.24 19.21
CA SER K 226 28.88 -25.74 20.14
C SER K 226 27.90 -24.64 20.60
N VAL K 227 27.10 -24.98 21.62
CA VAL K 227 26.16 -24.03 22.24
C VAL K 227 26.43 -24.14 23.72
N LEU K 228 27.64 -24.60 24.04
CA LEU K 228 28.10 -24.64 25.42
C LEU K 228 28.83 -23.34 25.72
N SER K 229 29.35 -23.22 26.93
CA SER K 229 30.12 -22.04 27.25
C SER K 229 31.27 -22.54 28.06
N ALA K 230 32.36 -21.79 28.08
CA ALA K 230 33.46 -22.08 29.00
C ALA K 230 33.01 -22.06 30.50
N ARG K 231 32.06 -21.20 30.87
CA ARG K 231 31.60 -21.13 32.26
C ARG K 231 30.80 -22.36 32.65
N MET K 232 30.08 -22.96 31.67
CA MET K 232 29.43 -24.24 31.93
C MET K 232 30.46 -25.35 32.16
N ALA K 233 31.49 -25.36 31.34
CA ALA K 233 32.56 -26.36 31.45
C ALA K 233 33.25 -26.22 32.83
N ASP K 234 33.55 -24.98 33.25
CA ASP K 234 34.22 -24.71 34.51
C ASP K 234 33.31 -25.14 35.65
N HIS K 235 32.05 -24.72 35.59
CA HIS K 235 31.00 -25.22 36.48
C HIS K 235 30.97 -26.76 36.68
N MET K 236 30.87 -27.53 35.59
CA MET K 236 30.89 -29.00 35.67
C MET K 236 32.17 -29.55 36.35
N ALA K 237 33.33 -28.96 36.02
CA ALA K 237 34.58 -29.37 36.62
C ALA K 237 34.58 -29.11 38.13
N ARG K 238 34.07 -27.96 38.58
CA ARG K 238 34.08 -27.64 40.00
C ARG K 238 33.24 -28.64 40.75
N GLU K 239 32.06 -28.97 40.19
CA GLU K 239 31.18 -30.00 40.78
C GLU K 239 31.81 -31.37 40.84
N GLU K 240 32.49 -31.81 39.76
CA GLU K 240 33.20 -33.09 39.80
C GLU K 240 34.23 -33.06 40.92
N CYS K 241 34.81 -31.89 41.12
CA CYS K 241 35.86 -31.75 42.13
C CYS K 241 35.28 -31.93 43.54
N TYR K 242 34.08 -31.42 43.76
CA TYR K 242 33.45 -31.51 45.06
C TYR K 242 33.09 -32.99 45.29
N TYR K 243 32.57 -33.63 44.24
CA TYR K 243 32.25 -35.07 44.25
C TYR K 243 33.50 -35.85 44.64
N LEU K 244 34.59 -35.61 43.93
CA LEU K 244 35.85 -36.26 44.25
C LEU K 244 36.32 -36.08 45.73
N LEU K 245 36.18 -34.87 46.23
CA LEU K 245 36.57 -34.53 47.62
C LEU K 245 35.70 -35.28 48.63
N LYS K 246 34.40 -35.21 48.42
CA LYS K 246 33.44 -36.03 49.17
C LYS K 246 33.83 -37.53 49.10
N LEU K 247 34.19 -38.04 47.94
CA LEU K 247 34.58 -39.45 47.88
C LEU K 247 35.90 -39.71 48.63
N ALA K 248 36.84 -38.79 48.53
CA ALA K 248 38.13 -39.03 49.20
C ALA K 248 37.90 -39.01 50.70
N GLN K 249 37.10 -38.07 51.17
CA GLN K 249 36.83 -37.97 52.61
C GLN K 249 36.13 -39.20 53.16
N SER K 250 35.00 -39.56 52.55
CA SER K 250 34.16 -40.67 52.98
C SER K 250 34.80 -42.06 52.77
N SER K 251 35.60 -42.21 51.74
CA SER K 251 36.15 -43.52 51.41
C SER K 251 37.50 -43.77 52.06
N GLY K 252 38.27 -42.69 52.28
CA GLY K 252 39.64 -42.82 52.78
C GLY K 252 40.68 -42.78 51.69
N LEU K 253 40.56 -41.83 50.77
CA LEU K 253 41.52 -41.68 49.70
C LEU K 253 42.26 -40.37 49.87
N GLU K 254 43.38 -40.19 49.19
CA GLU K 254 44.11 -38.95 49.33
C GLU K 254 43.34 -37.83 48.66
N MET K 255 43.19 -36.72 49.39
CA MET K 255 42.57 -35.49 48.88
C MET K 255 42.97 -35.13 47.45
N PRO K 256 41.97 -34.91 46.57
CA PRO K 256 42.27 -34.48 45.20
C PRO K 256 42.90 -33.09 45.15
N LYS K 257 43.68 -32.86 44.10
CA LYS K 257 44.31 -31.57 43.81
C LYS K 257 43.48 -30.86 42.75
N CYS K 258 42.39 -30.27 43.20
CA CYS K 258 41.51 -29.52 42.33
C CYS K 258 40.79 -28.58 43.27
N ASN K 259 40.39 -27.43 42.74
CA ASN K 259 39.74 -26.46 43.56
C ASN K 259 38.27 -26.31 43.19
N PRO K 260 37.36 -26.72 44.10
CA PRO K 260 35.94 -26.66 43.80
C PRO K 260 35.36 -25.25 43.87
N LEU K 261 36.20 -24.27 44.25
CA LEU K 261 35.69 -22.90 44.48
C LEU K 261 36.04 -21.94 43.33
N GLU K 262 37.08 -22.25 42.58
CA GLU K 262 37.43 -21.37 41.47
C GLU K 262 38.06 -22.07 40.26
N ARG L 5 3.13 -28.01 -15.81
CA ARG L 5 3.10 -26.90 -14.81
C ARG L 5 3.29 -25.50 -15.41
N ASN L 6 2.32 -24.64 -15.16
CA ASN L 6 2.39 -23.26 -15.60
C ASN L 6 3.15 -22.40 -14.56
N TYR L 7 3.49 -21.18 -14.94
CA TYR L 7 4.17 -20.26 -14.03
C TYR L 7 3.42 -19.99 -12.72
N GLU L 8 2.12 -19.69 -12.80
CA GLU L 8 1.37 -19.36 -11.58
C GLU L 8 1.37 -20.50 -10.59
N GLU L 9 1.15 -21.70 -11.08
CA GLU L 9 1.03 -22.87 -10.20
C GLU L 9 2.40 -23.21 -9.59
N SER L 10 3.45 -23.04 -10.39
CA SER L 10 4.82 -23.24 -9.91
C SER L 10 5.21 -22.20 -8.87
N ALA L 11 4.93 -20.94 -9.16
CA ALA L 11 5.19 -19.81 -8.25
C ALA L 11 4.42 -19.88 -6.93
N LEU L 12 3.16 -20.30 -6.98
CA LEU L 12 2.41 -20.46 -5.74
C LEU L 12 2.92 -21.67 -4.94
N PHE L 13 3.39 -22.73 -5.60
CA PHE L 13 4.02 -23.84 -4.88
C PHE L 13 5.31 -23.37 -4.18
N GLU L 14 6.19 -22.71 -4.91
CA GLU L 14 7.46 -22.33 -4.35
C GLU L 14 7.33 -21.25 -3.27
N HIS L 15 6.55 -20.18 -3.48
CA HIS L 15 6.47 -19.16 -2.45
C HIS L 15 5.81 -19.74 -1.20
N GLN L 16 4.81 -20.55 -1.40
CA GLN L 16 4.12 -21.13 -0.26
C GLN L 16 5.07 -22.03 0.52
N PHE L 17 5.85 -22.85 -0.17
CA PHE L 17 6.76 -23.73 0.57
C PHE L 17 7.84 -22.92 1.32
N TRP L 18 8.51 -22.06 0.56
CA TRP L 18 9.67 -21.28 1.03
C TRP L 18 9.36 -20.18 2.10
N LEU L 19 8.30 -19.39 1.92
CA LEU L 19 7.96 -18.39 2.92
C LEU L 19 7.52 -19.00 4.23
N LYS L 20 6.92 -20.18 4.19
CA LYS L 20 6.64 -20.89 5.43
C LYS L 20 7.91 -21.37 6.14
N VAL L 21 8.80 -21.96 5.38
CA VAL L 21 10.14 -22.32 5.86
C VAL L 21 10.92 -21.15 6.48
N LEU L 22 10.90 -19.99 5.84
CA LEU L 22 11.62 -18.81 6.28
C LEU L 22 10.93 -18.20 7.48
N THR L 23 9.60 -18.15 7.49
CA THR L 23 8.90 -17.78 8.73
C THR L 23 9.34 -18.69 9.88
N ASP L 24 9.36 -20.01 9.61
CA ASP L 24 9.75 -21.01 10.63
C ASP L 24 11.16 -20.68 11.15
N HIS L 25 12.11 -20.54 10.23
CA HIS L 25 13.48 -20.20 10.59
C HIS L 25 13.57 -19.02 11.51
N ALA L 26 12.84 -17.96 11.18
CA ALA L 26 12.79 -16.75 11.99
C ALA L 26 12.24 -16.99 13.41
N GLN L 27 11.08 -17.64 13.52
CA GLN L 27 10.57 -18.08 14.80
C GLN L 27 11.60 -18.90 15.58
N PHE L 28 12.24 -19.86 14.94
CA PHE L 28 13.21 -20.74 15.62
C PHE L 28 14.38 -19.93 16.16
N LEU L 29 14.96 -19.08 15.30
CA LEU L 29 16.04 -18.17 15.72
C LEU L 29 15.57 -17.26 16.85
N LEU L 30 14.39 -16.66 16.71
CA LEU L 30 13.82 -15.81 17.79
C LEU L 30 13.82 -16.54 19.14
N ASP L 31 13.16 -17.68 19.23
CA ASP L 31 13.14 -18.46 20.48
C ASP L 31 14.50 -19.03 20.95
N ALA L 32 15.45 -19.15 20.03
CA ALA L 32 16.78 -19.69 20.33
C ALA L 32 17.77 -18.64 20.89
N LEU L 33 17.54 -17.38 20.60
CA LEU L 33 18.39 -16.30 21.13
C LEU L 33 18.29 -16.21 22.67
N ALA L 34 19.41 -16.00 23.36
CA ALA L 34 19.35 -15.71 24.79
C ALA L 34 18.61 -14.38 24.95
N PRO L 35 17.84 -14.22 26.02
CA PRO L 35 17.06 -13.00 26.26
C PRO L 35 17.84 -11.67 26.18
N LYS L 36 19.13 -11.73 26.52
CA LYS L 36 20.00 -10.56 26.52
C LYS L 36 20.39 -10.09 25.11
N GLU L 37 20.12 -10.90 24.09
CA GLU L 37 20.53 -10.57 22.72
C GLU L 37 19.47 -9.65 22.07
N LYS L 38 19.34 -8.41 22.58
CA LYS L 38 18.20 -7.53 22.23
C LYS L 38 18.12 -7.16 20.74
N GLU L 39 19.24 -6.76 20.17
CA GLU L 39 19.28 -6.41 18.74
C GLU L 39 18.87 -7.60 17.84
N ASP L 40 19.45 -8.77 18.07
CA ASP L 40 19.12 -9.88 17.20
C ASP L 40 17.69 -10.33 17.42
N ILE L 41 17.20 -10.22 18.65
CA ILE L 41 15.83 -10.59 18.97
C ILE L 41 14.85 -9.69 18.21
N LYS L 42 15.13 -8.40 18.25
CA LYS L 42 14.37 -7.42 17.49
C LYS L 42 14.43 -7.77 15.99
N LYS L 43 15.59 -8.22 15.50
CA LYS L 43 15.73 -8.63 14.07
C LYS L 43 14.91 -9.85 13.67
N ALA L 44 14.98 -10.90 14.50
CA ALA L 44 14.16 -12.11 14.31
C ALA L 44 12.67 -11.83 14.33
N THR L 45 12.20 -11.06 15.34
CA THR L 45 10.79 -10.59 15.44
C THR L 45 10.30 -9.90 14.14
N TYR L 46 11.10 -8.97 13.61
CA TYR L 46 10.86 -8.37 12.29
C TYR L 46 10.81 -9.40 11.11
N PHE L 47 11.65 -10.44 11.16
CA PHE L 47 11.61 -11.47 10.12
C PHE L 47 10.35 -12.35 10.20
N VAL L 48 9.92 -12.68 11.41
CA VAL L 48 8.74 -13.48 11.59
C VAL L 48 7.57 -12.71 10.93
N GLU L 49 7.42 -11.48 11.35
CA GLU L 49 6.36 -10.67 10.81
C GLU L 49 6.47 -10.48 9.31
N THR L 50 7.66 -10.21 8.82
CA THR L 50 7.84 -10.04 7.39
C THR L 50 7.44 -11.28 6.61
N PHE L 51 7.87 -12.46 7.03
CA PHE L 51 7.58 -13.61 6.20
C PHE L 51 6.16 -14.04 6.35
N THR L 52 5.59 -13.76 7.52
CA THR L 52 4.21 -14.12 7.81
C THR L 52 3.34 -13.26 6.87
N ASN L 53 3.65 -11.98 6.82
CA ASN L 53 2.91 -11.06 5.96
C ASN L 53 3.04 -11.36 4.47
N LEU L 54 4.24 -11.75 4.02
CA LEU L 54 4.46 -12.17 2.62
C LEU L 54 3.66 -13.40 2.25
N LEU L 55 3.72 -14.41 3.11
CA LEU L 55 2.96 -15.65 2.89
C LEU L 55 1.46 -15.34 2.81
N ASN L 56 0.97 -14.55 3.76
CA ASN L 56 -0.45 -14.21 3.83
C ASN L 56 -0.97 -13.50 2.59
N LYS L 57 -0.17 -12.66 1.96
CA LYS L 57 -0.71 -11.94 0.78
C LYS L 57 -0.38 -12.59 -0.57
N VAL L 58 0.12 -13.80 -0.54
CA VAL L 58 0.60 -14.44 -1.75
C VAL L 58 -0.48 -14.62 -2.86
N ARG L 59 -1.75 -14.75 -2.49
CA ARG L 59 -2.79 -14.84 -3.52
C ARG L 59 -3.33 -13.47 -3.87
N ASN L 60 -2.77 -12.43 -3.29
CA ASN L 60 -3.32 -11.11 -3.51
C ASN L 60 -2.30 -10.13 -4.07
N VAL L 61 -1.45 -10.61 -4.99
CA VAL L 61 -0.43 -9.83 -5.66
C VAL L 61 -0.10 -10.53 -6.95
N ASN L 62 0.38 -9.75 -7.92
CA ASN L 62 0.98 -10.25 -9.16
C ASN L 62 2.23 -11.02 -8.77
N LEU L 63 2.36 -12.27 -9.21
CA LEU L 63 3.42 -13.13 -8.70
C LEU L 63 4.82 -12.84 -9.23
N MET L 64 5.01 -12.36 -10.46
CA MET L 64 6.35 -11.97 -10.90
CA MET L 64 6.34 -11.97 -10.92
C MET L 64 6.84 -10.81 -10.04
N ALA L 65 5.98 -9.81 -9.80
CA ALA L 65 6.35 -8.69 -8.90
C ALA L 65 6.66 -9.19 -7.51
N PHE L 66 5.73 -9.98 -6.97
CA PHE L 66 5.84 -10.50 -5.61
C PHE L 66 7.12 -11.29 -5.49
N SER L 67 7.54 -11.95 -6.59
CA SER L 67 8.78 -12.73 -6.57
C SER L 67 10.03 -11.82 -6.32
N LYS L 68 10.01 -10.60 -6.83
CA LYS L 68 11.12 -9.66 -6.56
C LYS L 68 11.06 -9.14 -5.12
N GLU L 69 9.86 -9.03 -4.55
CA GLU L 69 9.75 -8.57 -3.16
C GLU L 69 10.21 -9.66 -2.20
N ALA L 70 9.74 -10.89 -2.49
CA ALA L 70 10.13 -12.05 -1.69
C ALA L 70 11.66 -12.27 -1.71
N GLU L 71 12.29 -12.04 -2.87
CA GLU L 71 13.73 -12.19 -2.99
C GLU L 71 14.51 -11.17 -2.13
N GLN L 72 14.03 -9.94 -2.09
CA GLN L 72 14.71 -8.98 -1.23
C GLN L 72 14.59 -9.32 0.26
N ALA L 73 13.44 -9.88 0.68
CA ALA L 73 13.34 -10.38 2.06
C ALA L 73 14.26 -11.58 2.32
N ALA L 74 14.39 -12.46 1.33
CA ALA L 74 15.14 -13.68 1.51
C ALA L 74 16.60 -13.26 1.66
N LYS L 75 17.02 -12.26 0.89
CA LYS L 75 18.39 -11.76 1.02
C LYS L 75 18.71 -11.13 2.38
N GLU L 76 17.82 -10.33 2.93
CA GLU L 76 17.99 -9.83 4.29
C GLU L 76 18.12 -10.93 5.33
N ILE L 77 17.23 -11.91 5.30
CA ILE L 77 17.37 -13.00 6.31
C ILE L 77 18.65 -13.84 6.17
N ARG L 78 19.13 -14.06 4.94
CA ARG L 78 20.41 -14.75 4.70
C ARG L 78 21.56 -13.97 5.38
N ALA L 79 21.50 -12.65 5.27
CA ALA L 79 22.55 -11.79 5.82
C ALA L 79 22.44 -11.81 7.33
N PHE L 80 21.22 -11.85 7.84
CA PHE L 80 21.00 -12.07 9.27
C PHE L 80 21.65 -13.39 9.77
N LYS L 81 21.40 -14.49 9.06
CA LYS L 81 21.91 -15.79 9.49
C LYS L 81 23.43 -15.82 9.46
N LEU L 82 24.01 -15.25 8.40
CA LEU L 82 25.44 -15.17 8.22
C LEU L 82 26.11 -14.29 9.27
N ASN L 83 25.46 -13.19 9.64
CA ASN L 83 25.93 -12.39 10.78
C ASN L 83 25.93 -13.18 12.08
N ILE L 84 24.90 -13.97 12.31
CA ILE L 84 24.91 -14.84 13.48
C ILE L 84 26.05 -15.87 13.42
N ILE L 85 26.18 -16.60 12.32
CA ILE L 85 27.31 -17.54 12.28
C ILE L 85 28.63 -16.83 12.58
N GLN L 86 28.82 -15.65 12.00
CA GLN L 86 30.09 -14.95 12.15
C GLN L 86 30.32 -14.63 13.63
N LYS L 87 29.30 -14.13 14.29
CA LYS L 87 29.38 -13.96 15.74
C LYS L 87 29.63 -15.24 16.59
N GLN L 88 29.15 -16.39 16.13
CA GLN L 88 29.36 -17.64 16.84
C GLN L 88 30.83 -18.01 16.77
N LEU L 89 31.39 -17.85 15.57
CA LEU L 89 32.77 -18.13 15.26
C LEU L 89 33.77 -17.24 16.03
N GLU L 90 33.31 -16.08 16.50
CA GLU L 90 34.09 -15.13 17.33
C GLU L 90 33.60 -15.08 18.77
N GLY L 91 32.62 -15.91 19.12
CA GLY L 91 32.11 -16.03 20.48
C GLY L 91 31.46 -14.75 20.97
N LYS L 92 30.67 -14.12 20.09
CA LYS L 92 30.05 -12.82 20.39
C LYS L 92 28.53 -12.84 20.42
N ILE L 93 27.96 -14.05 20.49
CA ILE L 93 26.50 -14.19 20.58
C ILE L 93 26.19 -15.44 21.37
N THR L 94 25.13 -15.39 22.17
CA THR L 94 24.59 -16.59 22.83
C THR L 94 23.27 -16.98 22.16
N ILE L 95 23.31 -18.09 21.44
CA ILE L 95 22.16 -18.61 20.70
C ILE L 95 22.18 -20.13 20.81
N HIS L 96 21.00 -20.73 20.86
CA HIS L 96 20.93 -22.14 21.16
C HIS L 96 20.81 -23.02 19.90
N PHE L 97 21.45 -22.58 18.82
CA PHE L 97 21.72 -23.44 17.64
C PHE L 97 23.21 -23.46 17.37
N THR L 98 23.72 -24.59 16.86
CA THR L 98 25.12 -24.70 16.56
C THR L 98 25.31 -24.04 15.21
N PRO L 99 26.53 -23.59 14.92
CA PRO L 99 26.79 -22.96 13.61
C PRO L 99 26.38 -23.79 12.40
N THR L 100 26.63 -25.10 12.40
CA THR L 100 26.23 -25.91 11.24
C THR L 100 24.71 -25.86 11.01
N PHE L 101 23.91 -25.76 12.07
CA PHE L 101 22.46 -25.76 11.90
C PHE L 101 22.00 -24.49 11.18
N ILE L 102 22.50 -23.35 11.62
CA ILE L 102 22.32 -22.09 10.91
C ILE L 102 23.01 -22.10 9.56
N ASN L 103 24.15 -22.78 9.42
CA ASN L 103 24.79 -22.93 8.08
C ASN L 103 23.80 -23.57 7.12
N HIS L 104 23.10 -24.58 7.63
CA HIS L 104 22.05 -25.25 6.87
C HIS L 104 20.85 -24.36 6.52
N MET L 105 20.41 -23.47 7.40
CA MET L 105 19.37 -22.47 7.05
C MET L 105 19.84 -21.56 5.90
N VAL L 106 21.13 -21.29 5.82
CA VAL L 106 21.66 -20.49 4.73
C VAL L 106 21.57 -21.26 3.43
N ASN L 107 21.92 -22.55 3.46
CA ASN L 107 21.83 -23.35 2.24
C ASN L 107 20.43 -23.31 1.72
N GLU L 108 19.47 -23.36 2.63
CA GLU L 108 18.07 -23.37 2.25
C GLU L 108 17.61 -22.01 1.68
N VAL L 109 17.95 -20.91 2.32
CA VAL L 109 17.53 -19.62 1.77
C VAL L 109 18.16 -19.42 0.39
N GLU L 110 19.32 -20.03 0.15
CA GLU L 110 20.00 -19.82 -1.12
C GLU L 110 19.31 -20.66 -2.17
N GLU L 111 18.68 -21.75 -1.77
CA GLU L 111 17.92 -22.55 -2.69
C GLU L 111 16.68 -21.74 -3.13
N TYR L 112 16.02 -21.09 -2.19
CA TYR L 112 14.90 -20.22 -2.55
C TYR L 112 15.34 -19.11 -3.48
N ILE L 113 16.45 -18.45 -3.14
CA ILE L 113 17.02 -17.45 -4.00
C ILE L 113 17.24 -18.01 -5.40
N ALA L 114 17.75 -19.22 -5.52
CA ALA L 114 18.09 -19.75 -6.82
C ALA L 114 16.82 -19.92 -7.68
N VAL L 115 15.75 -20.38 -7.04
CA VAL L 115 14.45 -20.48 -7.71
C VAL L 115 13.86 -19.10 -8.06
N LEU L 116 14.01 -18.16 -7.13
CA LEU L 116 13.55 -16.79 -7.31
C LEU L 116 14.20 -16.09 -8.50
N GLU L 117 15.39 -16.53 -8.90
CA GLU L 117 16.03 -15.92 -10.06
C GLU L 117 15.18 -16.16 -11.28
N PHE L 118 14.55 -17.34 -11.34
CA PHE L 118 13.67 -17.64 -12.45
C PHE L 118 12.30 -17.00 -12.27
N LEU L 119 11.66 -17.24 -11.12
CA LEU L 119 10.34 -16.72 -10.86
C LEU L 119 10.21 -15.20 -11.09
N LYS L 120 11.27 -14.44 -10.82
CA LYS L 120 11.14 -12.99 -10.80
C LYS L 120 11.26 -12.37 -12.19
N LYS L 121 11.63 -13.19 -13.15
CA LYS L 121 11.55 -12.77 -14.53
C LYS L 121 10.53 -13.67 -15.21
N GLY L 122 9.58 -14.17 -14.43
CA GLY L 122 8.41 -14.84 -15.01
C GLY L 122 8.70 -16.21 -15.63
N GLU L 123 9.76 -16.86 -15.17
CA GLU L 123 10.12 -18.19 -15.67
C GLU L 123 9.87 -19.32 -14.67
N VAL L 124 9.39 -20.46 -15.16
CA VAL L 124 9.19 -21.64 -14.29
C VAL L 124 10.61 -22.12 -13.99
N PRO L 125 10.97 -22.25 -12.70
CA PRO L 125 12.27 -22.77 -12.33
C PRO L 125 12.53 -24.11 -13.02
N PRO L 126 13.73 -24.28 -13.55
CA PRO L 126 14.14 -25.55 -14.15
C PRO L 126 14.16 -26.73 -13.16
N VAL L 127 13.93 -27.93 -13.69
CA VAL L 127 14.19 -29.14 -12.94
C VAL L 127 15.73 -29.32 -13.00
N PHE L 128 16.40 -29.06 -11.89
CA PHE L 128 17.85 -29.23 -11.82
C PHE L 128 18.24 -30.74 -11.90
N HIS L 129 19.53 -31.02 -12.07
CA HIS L 129 20.01 -32.40 -12.14
C HIS L 129 19.80 -33.01 -10.75
N GLU L 130 19.46 -34.31 -10.66
CA GLU L 130 19.15 -34.91 -9.33
C GLU L 130 20.29 -34.73 -8.34
N LEU L 131 21.54 -34.80 -8.80
CA LEU L 131 22.67 -34.56 -7.90
C LEU L 131 22.73 -33.16 -7.29
N HIS L 132 22.20 -32.16 -8.00
CA HIS L 132 22.17 -30.84 -7.41
C HIS L 132 21.30 -30.95 -6.15
N TYR L 133 20.14 -31.58 -6.25
CA TYR L 133 19.31 -31.76 -5.05
C TYR L 133 20.01 -32.59 -3.97
N HIS L 134 20.59 -33.72 -4.36
CA HIS L 134 21.32 -34.54 -3.36
C HIS L 134 22.37 -33.70 -2.58
N LEU L 135 23.17 -32.93 -3.33
CA LEU L 135 24.27 -32.13 -2.72
C LEU L 135 23.74 -31.01 -1.79
N VAL L 136 22.53 -30.53 -1.98
CA VAL L 136 21.99 -29.58 -1.01
C VAL L 136 21.28 -30.26 0.16
N TRP L 137 20.45 -31.26 -0.12
CA TRP L 137 19.53 -31.69 0.91
C TRP L 137 19.99 -32.87 1.75
N LEU L 138 21.07 -33.56 1.35
CA LEU L 138 21.56 -34.66 2.20
C LEU L 138 22.23 -34.20 3.49
N THR L 139 23.12 -33.21 3.42
CA THR L 139 23.68 -32.61 4.65
C THR L 139 22.55 -32.05 5.49
N ASP L 140 21.58 -31.46 4.80
CA ASP L 140 20.41 -30.92 5.48
C ASP L 140 19.73 -32.03 6.29
N ALA L 141 19.44 -33.16 5.64
CA ALA L 141 18.72 -34.26 6.30
C ALA L 141 19.53 -34.77 7.47
N ALA L 142 20.84 -34.93 7.24
CA ALA L 142 21.79 -35.40 8.26
C ALA L 142 21.80 -34.44 9.49
N GLY L 143 21.79 -33.13 9.24
CA GLY L 143 21.67 -32.17 10.34
C GLY L 143 20.30 -32.11 11.00
N HIS L 144 19.22 -32.46 10.27
CA HIS L 144 17.90 -32.64 10.93
C HIS L 144 17.88 -33.81 11.92
N ALA L 145 18.43 -34.94 11.49
CA ALA L 145 18.56 -36.10 12.40
C ALA L 145 19.44 -35.80 13.61
N GLY L 146 20.59 -35.15 13.37
CA GLY L 146 21.55 -34.85 14.43
C GLY L 146 21.03 -33.79 15.37
N SER L 147 20.16 -32.94 14.86
CA SER L 147 19.55 -31.95 15.75
C SER L 147 18.42 -32.57 16.60
N ILE L 148 17.62 -33.47 16.05
CA ILE L 148 16.77 -34.30 16.90
C ILE L 148 17.63 -35.00 17.95
N SER L 149 18.71 -35.61 17.50
CA SER L 149 19.53 -36.41 18.39
C SER L 149 20.06 -35.59 19.56
N GLY L 150 20.53 -34.38 19.26
CA GLY L 150 21.07 -33.47 20.27
C GLY L 150 20.03 -32.79 21.14
N GLY L 151 18.78 -32.63 20.63
CA GLY L 151 17.73 -31.95 21.39
C GLY L 151 16.85 -32.83 22.28
N LEU L 152 17.14 -34.13 22.31
CA LEU L 152 16.36 -35.11 23.07
C LEU L 152 16.95 -35.19 24.48
N ASP L 153 16.12 -35.48 25.48
CA ASP L 153 16.64 -35.69 26.82
C ASP L 153 17.70 -36.81 26.84
N LEU L 154 18.62 -36.73 27.79
CA LEU L 154 19.59 -37.76 28.00
C LEU L 154 18.96 -39.16 28.16
N VAL L 155 17.75 -39.26 28.72
CA VAL L 155 17.17 -40.59 28.95
C VAL L 155 16.40 -41.16 27.76
N GLU L 156 16.29 -40.39 26.67
CA GLU L 156 15.56 -40.86 25.47
C GLU L 156 16.48 -41.62 24.53
N LYS L 157 16.98 -42.74 25.02
CA LYS L 157 18.10 -43.44 24.39
C LYS L 157 17.67 -44.11 23.09
N ARG L 158 16.46 -44.70 23.05
CA ARG L 158 15.97 -45.40 21.84
C ARG L 158 15.73 -44.42 20.69
N LEU L 159 15.12 -43.29 21.03
CA LEU L 159 14.84 -42.26 20.02
C LEU L 159 16.15 -41.69 19.52
N LYS L 160 17.08 -41.48 20.44
CA LYS L 160 18.42 -41.02 20.05
C LYS L 160 19.22 -42.02 19.17
N GLU L 161 19.20 -43.32 19.49
CA GLU L 161 19.75 -44.32 18.54
C GLU L 161 19.12 -44.29 17.15
N LYS L 162 17.82 -44.17 17.09
CA LYS L 162 17.15 -44.07 15.82
C LYS L 162 17.63 -42.81 15.06
N SER L 163 17.68 -41.66 15.73
CA SER L 163 18.12 -40.45 15.02
C SER L 163 19.59 -40.50 14.60
N GLU L 164 20.43 -41.13 15.40
CA GLU L 164 21.81 -41.26 15.05
C GLU L 164 21.97 -42.17 13.86
N GLU L 165 21.12 -43.16 13.75
CA GLU L 165 21.23 -44.01 12.58
C GLU L 165 20.83 -43.28 11.27
N PHE L 166 19.78 -42.48 11.33
CA PHE L 166 19.42 -41.60 10.20
C PHE L 166 20.55 -40.66 9.85
N THR L 167 21.18 -40.06 10.86
CA THR L 167 22.28 -39.09 10.64
C THR L 167 23.35 -39.74 9.81
N LYS L 168 23.68 -40.96 10.19
CA LYS L 168 24.74 -41.70 9.57
C LYS L 168 24.42 -42.11 8.15
N HIS L 169 23.20 -42.57 7.90
CA HIS L 169 22.84 -42.90 6.51
C HIS L 169 22.87 -41.71 5.59
N PHE L 170 22.43 -40.55 6.10
CA PHE L 170 22.42 -39.35 5.25
C PHE L 170 23.83 -38.83 4.98
N GLU L 171 24.72 -38.94 5.96
CA GLU L 171 26.12 -38.60 5.72
C GLU L 171 26.77 -39.60 4.74
N GLN L 172 26.44 -40.87 4.84
CA GLN L 172 26.99 -41.81 3.86
C GLN L 172 26.43 -41.53 2.48
N PHE L 173 25.11 -41.29 2.39
CA PHE L 173 24.52 -40.95 1.10
C PHE L 173 25.21 -39.72 0.52
N TYR L 174 25.52 -38.73 1.37
CA TYR L 174 26.16 -37.53 0.90
C TYR L 174 27.54 -37.78 0.27
N LEU L 175 28.34 -38.60 0.94
CA LEU L 175 29.67 -39.01 0.44
C LEU L 175 29.61 -39.69 -0.92
N LYS L 176 28.61 -40.55 -1.12
CA LYS L 176 28.33 -41.18 -2.42
C LYS L 176 27.97 -40.17 -3.53
N ALA L 177 27.17 -39.17 -3.18
CA ALA L 177 26.80 -38.06 -4.09
C ALA L 177 28.00 -37.26 -4.59
N VAL L 178 28.89 -36.93 -3.65
CA VAL L 178 30.13 -36.21 -3.94
C VAL L 178 30.95 -36.95 -4.97
N GLU L 179 31.24 -38.24 -4.76
CA GLU L 179 31.97 -39.00 -5.77
C GLU L 179 31.24 -39.07 -7.09
N MET L 180 29.94 -39.33 -7.02
CA MET L 180 29.12 -39.44 -8.21
C MET L 180 29.10 -38.13 -9.01
N THR L 181 29.06 -37.00 -8.33
CA THR L 181 29.27 -35.70 -8.99
C THR L 181 30.63 -35.67 -9.71
N GLY L 182 31.67 -36.21 -9.08
CA GLY L 182 32.95 -36.38 -9.76
C GLY L 182 32.85 -37.24 -11.03
N TYR L 183 32.05 -38.32 -10.98
CA TYR L 183 31.83 -39.16 -12.19
C TYR L 183 31.27 -38.40 -13.41
N LEU L 184 30.52 -37.31 -13.20
CA LEU L 184 29.94 -36.64 -14.37
C LEU L 184 31.03 -35.93 -15.19
N ARG L 185 32.26 -35.89 -14.66
CA ARG L 185 33.35 -35.35 -15.47
C ARG L 185 33.55 -36.23 -16.69
N THR L 186 32.93 -37.40 -16.71
CA THR L 186 33.06 -38.31 -17.85
C THR L 186 32.18 -37.88 -19.00
N GLU L 187 31.31 -36.91 -18.72
CA GLU L 187 30.26 -36.55 -19.67
C GLU L 187 29.07 -37.52 -19.87
N LEU L 188 29.05 -38.68 -19.18
CA LEU L 188 27.78 -39.39 -18.89
C LEU L 188 27.13 -38.75 -17.67
N HIS L 189 25.89 -38.33 -17.82
CA HIS L 189 25.26 -37.53 -16.82
C HIS L 189 24.13 -38.25 -16.14
N HIS L 190 23.71 -39.35 -16.73
CA HIS L 190 22.73 -40.26 -16.14
C HIS L 190 23.30 -41.60 -16.41
N PHE L 191 23.37 -42.42 -15.39
CA PHE L 191 23.85 -43.77 -15.53
C PHE L 191 23.13 -44.52 -14.42
N PRO L 192 23.01 -45.83 -14.56
CA PRO L 192 22.18 -46.67 -13.68
C PRO L 192 22.45 -46.56 -12.18
N ALA L 193 23.72 -46.45 -11.79
CA ALA L 193 24.08 -46.32 -10.40
C ALA L 193 23.58 -45.00 -9.82
N LEU L 194 23.49 -43.95 -10.65
CA LEU L 194 22.91 -42.70 -10.18
C LEU L 194 21.43 -42.89 -9.99
N LYS L 195 20.79 -43.50 -10.97
CA LYS L 195 19.35 -43.81 -10.87
C LYS L 195 19.00 -44.65 -9.63
N LYS L 196 19.74 -45.74 -9.42
CA LYS L 196 19.56 -46.57 -8.22
C LYS L 196 19.75 -45.79 -6.88
N PHE L 197 20.85 -45.09 -6.78
CA PHE L 197 21.15 -44.18 -5.67
C PHE L 197 19.95 -43.27 -5.32
N THR L 198 19.38 -42.62 -6.34
CA THR L 198 18.30 -41.68 -6.05
C THR L 198 17.10 -42.46 -5.51
N LYS L 199 16.93 -43.70 -5.93
CA LYS L 199 15.85 -44.57 -5.37
C LYS L 199 16.16 -45.03 -3.94
N ASP L 200 17.43 -45.33 -3.66
CA ASP L 200 17.83 -45.64 -2.29
C ASP L 200 17.63 -44.40 -1.35
N VAL L 201 18.02 -43.21 -1.81
CA VAL L 201 17.82 -42.00 -0.99
C VAL L 201 16.34 -41.80 -0.72
N SER L 202 15.54 -42.02 -1.78
CA SER L 202 14.09 -41.72 -1.74
C SER L 202 13.41 -42.62 -0.72
N LEU L 203 13.77 -43.90 -0.72
CA LEU L 203 13.25 -44.81 0.30
C LEU L 203 13.59 -44.35 1.74
N GLU L 204 14.82 -43.86 1.96
CA GLU L 204 15.27 -43.47 3.27
C GLU L 204 14.50 -42.20 3.70
N LEU L 205 14.26 -41.31 2.74
CA LEU L 205 13.52 -40.12 3.05
C LEU L 205 12.12 -40.46 3.53
N LYS L 206 11.51 -41.50 2.95
CA LYS L 206 10.17 -41.97 3.30
C LYS L 206 10.20 -42.50 4.74
N LEU L 207 11.22 -43.29 5.08
CA LEU L 207 11.46 -43.76 6.47
C LEU L 207 11.66 -42.60 7.41
N PHE L 208 12.43 -41.61 6.97
CA PHE L 208 12.78 -40.49 7.88
C PHE L 208 11.56 -39.62 8.12
N SER L 209 10.80 -39.33 7.07
CA SER L 209 9.45 -38.73 7.20
C SER L 209 8.49 -39.37 8.20
N HIS L 210 8.37 -40.70 8.19
CA HIS L 210 7.57 -41.38 9.21
CA HIS L 210 7.56 -41.40 9.20
C HIS L 210 8.11 -41.13 10.61
N PHE L 211 9.42 -41.34 10.79
CA PHE L 211 10.09 -40.96 12.02
C PHE L 211 9.76 -39.51 12.46
N LEU L 212 9.83 -38.56 11.52
CA LEU L 212 9.52 -37.16 11.82
C LEU L 212 8.07 -36.96 12.24
N HIS L 213 7.14 -37.62 11.55
CA HIS L 213 5.73 -37.52 11.93
C HIS L 213 5.50 -38.07 13.35
N GLU L 214 6.14 -39.18 13.64
CA GLU L 214 6.05 -39.77 14.96
C GLU L 214 6.65 -38.83 16.06
N VAL L 215 7.81 -38.23 15.77
CA VAL L 215 8.40 -37.26 16.70
C VAL L 215 7.49 -36.00 16.89
N GLU L 216 6.83 -35.54 15.82
CA GLU L 216 5.88 -34.44 15.91
C GLU L 216 4.70 -34.82 16.80
N GLU L 217 4.19 -36.04 16.61
CA GLU L 217 3.10 -36.56 17.49
C GLU L 217 3.52 -36.59 18.95
N LEU L 218 4.70 -37.15 19.21
CA LEU L 218 5.26 -37.13 20.57
C LEU L 218 5.34 -35.71 21.17
N GLU L 219 5.79 -34.74 20.39
CA GLU L 219 5.88 -33.35 20.93
C GLU L 219 4.47 -32.79 21.20
N LEU L 220 3.56 -33.01 20.26
CA LEU L 220 2.16 -32.62 20.46
C LEU L 220 1.52 -33.20 21.74
N SER L 221 1.82 -34.47 22.06
CA SER L 221 1.23 -35.15 23.22
C SER L 221 2.04 -34.93 24.49
N ASN L 222 3.15 -34.20 24.36
CA ASN L 222 4.15 -34.08 25.37
C ASN L 222 4.69 -35.44 25.85
N GLU L 223 4.70 -36.44 24.98
CA GLU L 223 5.22 -37.79 25.33
C GLU L 223 6.76 -38.01 25.21
N VAL L 224 7.49 -37.02 24.69
CA VAL L 224 8.93 -37.12 24.64
C VAL L 224 9.54 -36.00 25.47
N LEU L 225 10.70 -36.26 26.05
CA LEU L 225 11.45 -35.25 26.82
C LEU L 225 12.47 -34.68 25.85
N SER L 226 12.30 -33.42 25.53
CA SER L 226 13.15 -32.76 24.55
C SER L 226 13.17 -31.26 24.84
N VAL L 227 14.04 -30.59 24.09
CA VAL L 227 14.03 -29.14 23.88
C VAL L 227 13.59 -28.81 22.43
N LEU L 228 12.98 -29.78 21.75
CA LEU L 228 12.47 -29.58 20.39
C LEU L 228 11.00 -29.16 20.46
N SER L 229 10.37 -29.07 19.30
CA SER L 229 9.01 -28.65 19.30
C SER L 229 8.35 -29.41 18.18
N ALA L 230 7.02 -29.59 18.27
CA ALA L 230 6.26 -30.19 17.17
C ALA L 230 6.44 -29.41 15.84
N ARG L 231 6.44 -28.08 15.94
CA ARG L 231 6.63 -27.24 14.76
C ARG L 231 7.98 -27.52 14.06
N MET L 232 9.03 -27.72 14.85
CA MET L 232 10.34 -28.10 14.32
C MET L 232 10.28 -29.47 13.61
N ALA L 233 9.66 -30.47 14.22
CA ALA L 233 9.46 -31.74 13.53
C ALA L 233 8.60 -31.60 12.24
N ASP L 234 7.49 -30.87 12.31
CA ASP L 234 6.71 -30.56 11.10
C ASP L 234 7.55 -29.90 10.00
N HIS L 235 8.29 -28.89 10.41
CA HIS L 235 9.12 -28.14 9.50
C HIS L 235 10.07 -29.05 8.77
N MET L 236 10.77 -29.91 9.53
CA MET L 236 11.76 -30.84 8.96
C MET L 236 11.15 -31.77 7.94
N ALA L 237 9.92 -32.24 8.21
CA ALA L 237 9.23 -33.19 7.30
C ALA L 237 8.73 -32.52 6.01
N ARG L 238 8.25 -31.29 6.09
CA ARG L 238 7.90 -30.56 4.86
C ARG L 238 9.12 -30.48 3.95
N GLU L 239 10.26 -30.16 4.54
CA GLU L 239 11.48 -30.01 3.74
C GLU L 239 11.94 -31.34 3.13
N GLU L 240 11.76 -32.45 3.89
CA GLU L 240 12.18 -33.77 3.35
C GLU L 240 11.22 -34.10 2.21
N CYS L 241 9.96 -33.68 2.36
CA CYS L 241 8.97 -33.89 1.29
C CYS L 241 9.34 -33.12 0.02
N TYR L 242 9.83 -31.90 0.22
CA TYR L 242 10.18 -31.02 -0.91
C TYR L 242 11.33 -31.66 -1.67
N TYR L 243 12.24 -32.26 -0.92
CA TYR L 243 13.41 -32.92 -1.50
C TYR L 243 12.99 -34.21 -2.25
N LEU L 244 12.10 -34.99 -1.64
CA LEU L 244 11.58 -36.23 -2.23
C LEU L 244 10.94 -35.92 -3.58
N LEU L 245 10.13 -34.86 -3.57
CA LEU L 245 9.46 -34.31 -4.76
C LEU L 245 10.42 -33.91 -5.86
N LYS L 246 11.47 -33.20 -5.50
CA LYS L 246 12.41 -32.78 -6.51
C LYS L 246 13.21 -33.94 -7.08
N LEU L 247 13.50 -34.95 -6.27
CA LEU L 247 14.20 -36.12 -6.79
C LEU L 247 13.30 -36.90 -7.75
N ALA L 248 12.04 -37.06 -7.35
CA ALA L 248 11.04 -37.67 -8.22
C ALA L 248 10.93 -36.99 -9.60
N GLN L 249 10.86 -35.66 -9.62
CA GLN L 249 10.80 -34.94 -10.90
C GLN L 249 12.07 -35.01 -11.73
N SER L 250 13.23 -34.72 -11.13
CA SER L 250 14.49 -34.78 -11.86
C SER L 250 14.88 -36.20 -12.26
N SER L 251 14.58 -37.18 -11.42
CA SER L 251 15.09 -38.53 -11.68
C SER L 251 14.08 -39.31 -12.50
N GLY L 252 12.82 -38.93 -12.42
CA GLY L 252 11.79 -39.66 -13.15
C GLY L 252 11.16 -40.80 -12.36
N LEU L 253 10.70 -40.50 -11.15
CA LEU L 253 10.08 -41.49 -10.27
C LEU L 253 8.66 -40.99 -10.06
N GLU L 254 7.81 -41.89 -9.59
CA GLU L 254 6.45 -41.57 -9.17
C GLU L 254 6.51 -40.50 -8.07
N MET L 255 5.62 -39.51 -8.18
CA MET L 255 5.52 -38.42 -7.21
C MET L 255 5.19 -38.88 -5.75
N PRO L 256 5.95 -38.36 -4.76
CA PRO L 256 5.63 -38.64 -3.36
C PRO L 256 4.19 -38.28 -3.00
N LYS L 257 3.65 -39.03 -2.05
CA LYS L 257 2.31 -38.81 -1.49
C LYS L 257 2.55 -38.06 -0.18
N CYS L 258 2.89 -36.78 -0.26
CA CYS L 258 3.23 -35.98 0.90
C CYS L 258 3.05 -34.52 0.50
N ASN L 259 2.68 -33.64 1.42
CA ASN L 259 2.53 -32.23 1.04
C ASN L 259 3.60 -31.34 1.69
N PRO L 260 4.42 -30.67 0.88
CA PRO L 260 5.47 -29.81 1.39
C PRO L 260 4.85 -28.55 1.98
N LEU L 261 3.58 -28.32 1.65
CA LEU L 261 2.96 -27.05 1.94
C LEU L 261 2.33 -26.96 3.34
N GLU L 262 1.85 -28.08 3.85
CA GLU L 262 1.18 -28.11 5.13
C GLU L 262 1.47 -29.45 5.77
N GLY L 263 1.64 -29.49 7.10
CA GLY L 263 1.93 -30.73 7.83
C GLY L 263 0.71 -31.56 8.18
N HIS L 264 0.92 -32.80 8.63
CA HIS L 264 -0.18 -33.70 9.01
C HIS L 264 -1.37 -32.91 9.60
N ASN M 6 -53.52 -64.91 -58.05
CA ASN M 6 -53.17 -63.81 -58.97
C ASN M 6 -52.56 -62.58 -58.30
N TYR M 7 -51.97 -61.74 -59.13
CA TYR M 7 -51.22 -60.61 -58.68
C TYR M 7 -52.10 -59.61 -57.97
N GLU M 8 -53.23 -59.23 -58.58
CA GLU M 8 -54.07 -58.18 -58.00
C GLU M 8 -54.34 -58.50 -56.54
N GLU M 9 -54.76 -59.74 -56.29
CA GLU M 9 -55.16 -60.20 -54.96
C GLU M 9 -54.00 -60.22 -53.96
N SER M 10 -52.87 -60.76 -54.41
CA SER M 10 -51.64 -60.76 -53.67
C SER M 10 -51.21 -59.36 -53.24
N ALA M 11 -51.10 -58.46 -54.20
CA ALA M 11 -50.64 -57.12 -53.91
C ALA M 11 -51.60 -56.37 -52.99
N LEU M 12 -52.89 -56.45 -53.25
CA LEU M 12 -53.86 -55.82 -52.37
C LEU M 12 -53.68 -56.29 -50.91
N PHE M 13 -53.45 -57.59 -50.72
CA PHE M 13 -53.35 -58.14 -49.36
C PHE M 13 -52.07 -57.70 -48.65
N GLU M 14 -50.93 -57.91 -49.30
CA GLU M 14 -49.64 -57.55 -48.75
C GLU M 14 -49.61 -56.06 -48.44
N HIS M 15 -49.98 -55.23 -49.42
CA HIS M 15 -50.04 -53.79 -49.23
C HIS M 15 -50.94 -53.34 -48.11
N GLN M 16 -52.14 -53.87 -48.04
CA GLN M 16 -53.01 -53.54 -46.90
C GLN M 16 -52.44 -53.94 -45.51
N PHE M 17 -51.96 -55.18 -45.38
CA PHE M 17 -51.28 -55.62 -44.15
C PHE M 17 -50.12 -54.72 -43.73
N TRP M 18 -49.19 -54.56 -44.65
CA TRP M 18 -47.93 -53.92 -44.42
C TRP M 18 -48.05 -52.40 -44.28
N LEU M 19 -48.92 -51.78 -45.05
CA LEU M 19 -49.00 -50.33 -44.96
C LEU M 19 -49.71 -49.95 -43.66
N LYS M 20 -50.63 -50.80 -43.19
CA LYS M 20 -51.18 -50.57 -41.85
C LYS M 20 -50.18 -50.80 -40.71
N VAL M 21 -49.37 -51.86 -40.82
CA VAL M 21 -48.30 -52.14 -39.87
C VAL M 21 -47.33 -50.96 -39.79
N LEU M 22 -46.99 -50.39 -40.94
CA LEU M 22 -46.07 -49.24 -40.97
C LEU M 22 -46.66 -47.95 -40.43
N THR M 23 -47.93 -47.66 -40.72
CA THR M 23 -48.60 -46.55 -40.04
C THR M 23 -48.60 -46.74 -38.51
N ASP M 24 -48.86 -47.96 -38.06
CA ASP M 24 -48.78 -48.29 -36.64
C ASP M 24 -47.37 -47.98 -36.13
N HIS M 25 -46.35 -48.48 -36.82
CA HIS M 25 -45.00 -48.21 -36.39
C HIS M 25 -44.69 -46.73 -36.20
N ALA M 26 -45.10 -45.92 -37.16
CA ALA M 26 -44.78 -44.51 -37.18
C ALA M 26 -45.52 -43.82 -36.05
N GLN M 27 -46.76 -44.23 -35.84
CA GLN M 27 -47.55 -43.73 -34.71
C GLN M 27 -46.93 -44.05 -33.36
N PHE M 28 -46.44 -45.29 -33.24
CA PHE M 28 -45.95 -45.79 -31.97
C PHE M 28 -44.65 -45.09 -31.66
N LEU M 29 -43.82 -44.96 -32.70
CA LEU M 29 -42.59 -44.16 -32.60
C LEU M 29 -42.87 -42.72 -32.23
N LEU M 30 -43.82 -42.07 -32.93
CA LEU M 30 -44.28 -40.70 -32.62
C LEU M 30 -44.55 -40.51 -31.13
N ASP M 31 -45.38 -41.39 -30.56
CA ASP M 31 -45.82 -41.25 -29.18
C ASP M 31 -44.75 -41.65 -28.13
N ALA M 32 -43.74 -42.42 -28.55
CA ALA M 32 -42.59 -42.87 -27.71
C ALA M 32 -41.36 -41.93 -27.63
N LEU M 33 -41.26 -40.98 -28.55
CA LEU M 33 -40.20 -39.97 -28.50
C LEU M 33 -40.43 -39.03 -27.31
N ALA M 34 -39.38 -38.65 -26.58
CA ALA M 34 -39.52 -37.61 -25.54
C ALA M 34 -39.91 -36.31 -26.27
N PRO M 35 -40.76 -35.47 -25.65
CA PRO M 35 -41.17 -34.22 -26.32
C PRO M 35 -40.02 -33.36 -26.89
N LYS M 36 -38.83 -33.45 -26.30
CA LYS M 36 -37.68 -32.63 -26.70
C LYS M 36 -37.05 -33.09 -28.00
N GLU M 37 -37.42 -34.28 -28.45
CA GLU M 37 -36.86 -34.84 -29.66
C GLU M 37 -37.54 -34.20 -30.91
N LYS M 38 -37.44 -32.88 -31.04
CA LYS M 38 -38.21 -32.22 -32.11
C LYS M 38 -38.02 -32.85 -33.48
N GLU M 39 -36.77 -33.07 -33.89
CA GLU M 39 -36.48 -33.53 -35.26
C GLU M 39 -37.12 -34.87 -35.58
N ASP M 40 -36.85 -35.91 -34.78
CA ASP M 40 -37.48 -37.21 -34.99
C ASP M 40 -39.02 -37.18 -34.87
N ILE M 41 -39.54 -36.31 -34.02
CA ILE M 41 -40.99 -36.18 -33.94
C ILE M 41 -41.61 -35.71 -35.30
N LYS M 42 -40.98 -34.70 -35.89
CA LYS M 42 -41.24 -34.26 -37.27
C LYS M 42 -41.14 -35.44 -38.27
N LYS M 43 -40.10 -36.25 -38.18
CA LYS M 43 -40.03 -37.47 -39.03
C LYS M 43 -41.15 -38.51 -38.85
N ALA M 44 -41.45 -38.87 -37.60
CA ALA M 44 -42.48 -39.86 -37.31
C ALA M 44 -43.85 -39.39 -37.81
N THR M 45 -44.08 -38.08 -37.66
CA THR M 45 -45.34 -37.47 -38.09
C THR M 45 -45.39 -37.60 -39.61
N TYR M 46 -44.33 -37.14 -40.27
CA TYR M 46 -44.20 -37.36 -41.70
C TYR M 46 -44.52 -38.80 -42.09
N PHE M 47 -43.92 -39.78 -41.40
CA PHE M 47 -44.21 -41.20 -41.74
C PHE M 47 -45.63 -41.65 -41.47
N VAL M 48 -46.22 -41.14 -40.40
CA VAL M 48 -47.64 -41.40 -40.13
C VAL M 48 -48.53 -40.98 -41.33
N GLU M 49 -48.36 -39.74 -41.81
CA GLU M 49 -49.08 -39.25 -43.00
C GLU M 49 -48.76 -40.02 -44.26
N THR M 50 -47.48 -40.20 -44.53
CA THR M 50 -47.06 -40.96 -45.71
C THR M 50 -47.76 -42.30 -45.84
N PHE M 51 -47.71 -43.14 -44.80
CA PHE M 51 -48.30 -44.48 -44.90
C PHE M 51 -49.83 -44.48 -44.86
N THR M 52 -50.43 -43.59 -44.07
CA THR M 52 -51.87 -43.37 -44.12
C THR M 52 -52.32 -43.04 -45.55
N ASN M 53 -51.62 -42.11 -46.18
CA ASN M 53 -51.96 -41.73 -47.54
C ASN M 53 -51.78 -42.84 -48.58
N LEU M 54 -50.76 -43.69 -48.40
CA LEU M 54 -50.60 -44.84 -49.27
C LEU M 54 -51.72 -45.86 -49.02
N LEU M 55 -52.02 -46.17 -47.77
CA LEU M 55 -53.02 -47.20 -47.46
C LEU M 55 -54.34 -46.75 -48.08
N ASN M 56 -54.68 -45.48 -47.84
CA ASN M 56 -55.92 -44.93 -48.37
C ASN M 56 -56.04 -45.00 -49.90
N LYS M 57 -54.98 -44.75 -50.65
CA LYS M 57 -55.11 -44.81 -52.10
C LYS M 57 -54.78 -46.18 -52.68
N VAL M 58 -54.64 -47.19 -51.82
CA VAL M 58 -54.19 -48.51 -52.30
C VAL M 58 -55.11 -49.13 -53.38
N ARG M 59 -56.42 -48.96 -53.22
CA ARG M 59 -57.38 -49.62 -54.12
C ARG M 59 -57.72 -48.83 -55.37
N ASN M 60 -56.93 -47.80 -55.67
CA ASN M 60 -57.28 -46.80 -56.70
C ASN M 60 -56.15 -46.46 -57.61
N VAL M 61 -55.15 -47.33 -57.69
CA VAL M 61 -53.95 -46.99 -58.41
C VAL M 61 -53.49 -48.16 -59.22
N ASN M 62 -52.53 -47.92 -60.09
CA ASN M 62 -51.82 -49.01 -60.68
C ASN M 62 -50.99 -49.64 -59.54
N LEU M 63 -51.07 -50.96 -59.40
CA LEU M 63 -50.38 -51.61 -58.31
C LEU M 63 -48.87 -51.73 -58.53
N MET M 64 -48.40 -51.93 -59.75
CA MET M 64 -46.96 -52.08 -59.94
C MET M 64 -46.27 -50.77 -59.63
N ALA M 65 -46.86 -49.66 -60.08
CA ALA M 65 -46.29 -48.33 -59.87
C ALA M 65 -46.44 -47.89 -58.39
N PHE M 66 -47.57 -48.26 -57.78
CA PHE M 66 -47.77 -48.06 -56.35
C PHE M 66 -46.76 -48.88 -55.54
N SER M 67 -46.52 -50.10 -55.95
CA SER M 67 -45.51 -50.91 -55.29
C SER M 67 -44.19 -50.17 -55.21
N LYS M 68 -43.90 -49.36 -56.22
CA LYS M 68 -42.60 -48.69 -56.31
C LYS M 68 -42.51 -47.56 -55.32
N GLU M 69 -43.63 -46.85 -55.19
CA GLU M 69 -43.74 -45.71 -54.29
C GLU M 69 -43.76 -46.12 -52.82
N ALA M 70 -44.49 -47.19 -52.54
CA ALA M 70 -44.54 -47.82 -51.23
C ALA M 70 -43.19 -48.33 -50.76
N GLU M 71 -42.32 -48.71 -51.69
CA GLU M 71 -40.98 -49.14 -51.34
C GLU M 71 -40.03 -48.01 -50.97
N GLN M 72 -40.14 -46.89 -51.68
CA GLN M 72 -39.37 -45.72 -51.35
C GLN M 72 -39.66 -45.39 -49.89
N ALA M 73 -40.94 -45.34 -49.55
CA ALA M 73 -41.39 -45.03 -48.18
C ALA M 73 -40.95 -46.09 -47.14
N ALA M 74 -40.97 -47.37 -47.51
CA ALA M 74 -40.49 -48.41 -46.59
C ALA M 74 -38.99 -48.29 -46.35
N LYS M 75 -38.24 -48.08 -47.42
CA LYS M 75 -36.81 -47.86 -47.25
C LYS M 75 -36.48 -46.62 -46.41
N GLU M 76 -37.33 -45.59 -46.49
CA GLU M 76 -37.14 -44.40 -45.67
C GLU M 76 -37.41 -44.69 -44.18
N ILE M 77 -38.47 -45.45 -43.93
CA ILE M 77 -38.83 -45.65 -42.52
C ILE M 77 -37.85 -46.62 -41.91
N ARG M 78 -37.27 -47.48 -42.74
CA ARG M 78 -36.25 -48.41 -42.32
C ARG M 78 -35.04 -47.64 -41.87
N ALA M 79 -34.61 -46.67 -42.68
CA ALA M 79 -33.47 -45.85 -42.36
C ALA M 79 -33.71 -44.98 -41.12
N PHE M 80 -34.92 -44.49 -40.92
CA PHE M 80 -35.28 -43.71 -39.74
C PHE M 80 -35.20 -44.57 -38.49
N LYS M 81 -35.77 -45.77 -38.52
CA LYS M 81 -35.68 -46.74 -37.42
C LYS M 81 -34.22 -47.05 -37.09
N LEU M 82 -33.38 -47.24 -38.09
CA LEU M 82 -32.03 -47.65 -37.80
C LEU M 82 -31.26 -46.49 -37.24
N ASN M 83 -31.63 -45.27 -37.64
CA ASN M 83 -30.97 -44.10 -37.07
C ASN M 83 -31.35 -43.99 -35.58
N ILE M 84 -32.59 -44.34 -35.26
CA ILE M 84 -33.04 -44.32 -33.85
C ILE M 84 -32.17 -45.27 -33.05
N ILE M 85 -32.09 -46.51 -33.52
CA ILE M 85 -31.26 -47.54 -32.88
C ILE M 85 -29.79 -47.14 -32.68
N GLN M 86 -29.16 -46.59 -33.73
CA GLN M 86 -27.79 -46.11 -33.61
C GLN M 86 -27.68 -45.08 -32.53
N LYS M 87 -28.65 -44.16 -32.45
CA LYS M 87 -28.57 -43.13 -31.42
C LYS M 87 -28.81 -43.71 -30.03
N GLN M 88 -29.62 -44.77 -29.97
CA GLN M 88 -29.83 -45.49 -28.71
C GLN M 88 -28.51 -46.01 -28.19
N LEU M 89 -27.79 -46.67 -29.06
CA LEU M 89 -26.49 -47.24 -28.72
C LEU M 89 -25.39 -46.20 -28.37
N GLU M 90 -25.58 -44.93 -28.71
CA GLU M 90 -24.62 -43.91 -28.38
C GLU M 90 -25.15 -42.96 -27.29
N GLY M 91 -26.33 -43.25 -26.76
CA GLY M 91 -26.88 -42.43 -25.70
C GLY M 91 -27.37 -41.08 -26.17
N LYS M 92 -27.85 -41.02 -27.40
CA LYS M 92 -28.17 -39.74 -28.10
C LYS M 92 -29.64 -39.51 -28.47
N ILE M 93 -30.55 -40.23 -27.84
CA ILE M 93 -31.96 -40.01 -28.05
C ILE M 93 -32.69 -40.48 -26.79
N THR M 94 -33.80 -39.85 -26.41
CA THR M 94 -34.70 -40.40 -25.39
C THR M 94 -35.97 -40.86 -26.09
N ILE M 95 -36.17 -42.17 -26.12
CA ILE M 95 -37.35 -42.79 -26.70
C ILE M 95 -37.75 -43.96 -25.82
N HIS M 96 -39.05 -44.07 -25.54
CA HIS M 96 -39.53 -45.15 -24.66
C HIS M 96 -39.78 -46.52 -25.32
N PHE M 97 -38.94 -46.86 -26.30
CA PHE M 97 -38.91 -48.24 -26.76
C PHE M 97 -37.46 -48.70 -26.64
N THR M 98 -37.24 -49.98 -26.29
CA THR M 98 -35.88 -50.52 -26.25
C THR M 98 -35.36 -50.79 -27.68
N PRO M 99 -34.03 -50.94 -27.83
CA PRO M 99 -33.43 -51.16 -29.16
C PRO M 99 -33.89 -52.45 -29.81
N THR M 100 -34.13 -53.49 -29.03
CA THR M 100 -34.53 -54.77 -29.63
C THR M 100 -35.92 -54.65 -30.26
N PHE M 101 -36.80 -53.91 -29.59
CA PHE M 101 -38.15 -53.72 -30.10
C PHE M 101 -38.15 -52.97 -31.47
N ILE M 102 -37.33 -51.92 -31.58
CA ILE M 102 -37.16 -51.21 -32.84
C ILE M 102 -36.42 -52.09 -33.85
N ASN M 103 -35.42 -52.83 -33.37
CA ASN M 103 -34.76 -53.88 -34.14
C ASN M 103 -35.74 -54.86 -34.78
N HIS M 104 -36.78 -55.24 -34.05
CA HIS M 104 -37.87 -56.06 -34.60
C HIS M 104 -38.74 -55.27 -35.60
N MET M 105 -38.94 -53.96 -35.37
CA MET M 105 -39.60 -53.14 -36.40
C MET M 105 -38.77 -53.21 -37.68
N VAL M 106 -37.44 -53.07 -37.58
CA VAL M 106 -36.53 -53.16 -38.76
C VAL M 106 -36.73 -54.50 -39.45
N ASN M 107 -36.81 -55.62 -38.71
CA ASN M 107 -37.02 -56.93 -39.39
C ASN M 107 -38.32 -56.95 -40.20
N GLU M 108 -39.38 -56.40 -39.62
CA GLU M 108 -40.67 -56.36 -40.29
C GLU M 108 -40.65 -55.55 -41.58
N VAL M 109 -40.21 -54.31 -41.51
CA VAL M 109 -40.16 -53.55 -42.75
C VAL M 109 -39.27 -54.25 -43.77
N GLU M 110 -38.24 -54.96 -43.33
CA GLU M 110 -37.40 -55.69 -44.26
C GLU M 110 -38.17 -56.84 -44.94
N GLU M 111 -39.13 -57.45 -44.23
CA GLU M 111 -40.02 -58.48 -44.87
C GLU M 111 -40.92 -57.87 -45.94
N TYR M 112 -41.50 -56.71 -45.66
CA TYR M 112 -42.23 -55.97 -46.68
C TYR M 112 -41.32 -55.69 -47.91
N ILE M 113 -40.17 -55.06 -47.67
CA ILE M 113 -39.25 -54.78 -48.75
C ILE M 113 -38.96 -56.02 -49.64
N ALA M 114 -38.77 -57.19 -49.04
CA ALA M 114 -38.50 -58.42 -49.83
C ALA M 114 -39.71 -58.87 -50.68
N VAL M 115 -40.90 -58.55 -50.20
CA VAL M 115 -42.14 -58.85 -50.90
C VAL M 115 -42.31 -57.84 -52.03
N LEU M 116 -41.87 -56.61 -51.80
CA LEU M 116 -41.98 -55.56 -52.81
C LEU M 116 -41.07 -55.82 -53.99
N GLU M 117 -40.00 -56.57 -53.77
CA GLU M 117 -39.20 -56.95 -54.90
C GLU M 117 -40.10 -57.57 -55.97
N PHE M 118 -41.00 -58.46 -55.54
CA PHE M 118 -41.89 -59.15 -56.48
C PHE M 118 -43.10 -58.34 -56.96
N LEU M 119 -43.74 -57.62 -56.05
CA LEU M 119 -44.93 -56.85 -56.40
C LEU M 119 -44.62 -55.77 -57.40
N LYS M 120 -43.42 -55.21 -57.37
CA LYS M 120 -43.19 -54.13 -58.33
C LYS M 120 -42.81 -54.63 -59.74
N LYS M 121 -42.76 -55.94 -59.93
CA LYS M 121 -42.66 -56.49 -61.27
C LYS M 121 -43.90 -57.32 -61.65
N GLY M 122 -45.02 -57.03 -60.99
CA GLY M 122 -46.24 -57.76 -61.26
C GLY M 122 -46.21 -59.25 -60.94
N GLU M 123 -45.29 -59.65 -60.07
CA GLU M 123 -45.26 -61.06 -59.66
C GLU M 123 -45.86 -61.32 -58.28
N VAL M 124 -46.50 -62.47 -58.11
CA VAL M 124 -46.95 -62.91 -56.80
C VAL M 124 -45.70 -63.39 -56.07
N PRO M 125 -45.47 -62.89 -54.83
CA PRO M 125 -44.27 -63.28 -54.09
C PRO M 125 -44.33 -64.75 -53.72
N PRO M 126 -43.18 -65.43 -53.74
CA PRO M 126 -43.17 -66.86 -53.53
C PRO M 126 -43.51 -67.22 -52.08
N VAL M 127 -43.92 -68.44 -51.87
CA VAL M 127 -44.16 -68.91 -50.53
C VAL M 127 -42.82 -69.40 -50.04
N PHE M 128 -42.13 -68.61 -49.20
CA PHE M 128 -40.80 -69.02 -48.66
C PHE M 128 -40.93 -70.33 -47.87
N HIS M 129 -39.80 -71.00 -47.62
CA HIS M 129 -39.76 -72.16 -46.72
C HIS M 129 -40.33 -71.77 -45.35
N GLU M 130 -41.05 -72.69 -44.71
CA GLU M 130 -41.64 -72.42 -43.39
C GLU M 130 -40.64 -71.98 -42.31
N LEU M 131 -39.42 -72.53 -42.31
CA LEU M 131 -38.35 -72.00 -41.42
C LEU M 131 -37.97 -70.52 -41.62
N HIS M 132 -37.99 -70.01 -42.86
CA HIS M 132 -37.87 -68.56 -43.06
C HIS M 132 -38.83 -67.83 -42.13
N TYR M 133 -40.11 -68.15 -42.20
CA TYR M 133 -41.11 -67.45 -41.39
C TYR M 133 -40.83 -67.58 -39.90
N HIS M 134 -40.47 -68.80 -39.48
CA HIS M 134 -40.14 -69.04 -38.08
C HIS M 134 -38.99 -68.16 -37.61
N LEU M 135 -37.93 -68.08 -38.41
CA LEU M 135 -36.73 -67.36 -38.02
C LEU M 135 -36.94 -65.86 -37.95
N VAL M 136 -37.90 -65.37 -38.71
CA VAL M 136 -38.22 -63.97 -38.68
C VAL M 136 -39.22 -63.72 -37.55
N TRP M 137 -40.31 -64.46 -37.51
CA TRP M 137 -41.38 -64.05 -36.64
C TRP M 137 -41.35 -64.58 -35.22
N LEU M 138 -40.46 -65.51 -34.90
CA LEU M 138 -40.49 -66.08 -33.55
C LEU M 138 -39.87 -65.09 -32.54
N THR M 139 -38.83 -64.41 -32.92
CA THR M 139 -38.22 -63.45 -32.00
C THR M 139 -39.19 -62.27 -31.89
N ASP M 140 -39.89 -61.98 -32.97
CA ASP M 140 -40.89 -60.95 -32.97
C ASP M 140 -42.00 -61.26 -31.95
N ALA M 141 -42.50 -62.49 -31.96
CA ALA M 141 -43.50 -62.91 -30.99
C ALA M 141 -43.01 -62.84 -29.54
N ALA M 142 -41.79 -63.33 -29.27
CA ALA M 142 -41.19 -63.21 -27.94
C ALA M 142 -41.11 -61.75 -27.50
N GLY M 143 -40.72 -60.86 -28.43
CA GLY M 143 -40.70 -59.43 -28.15
C GLY M 143 -42.07 -58.82 -27.94
N HIS M 144 -43.07 -59.38 -28.62
CA HIS M 144 -44.43 -58.97 -28.34
C HIS M 144 -44.83 -59.30 -26.90
N ALA M 145 -44.65 -60.56 -26.50
CA ALA M 145 -44.98 -60.96 -25.15
C ALA M 145 -44.11 -60.27 -24.10
N GLY M 146 -42.82 -60.07 -24.42
CA GLY M 146 -41.89 -59.38 -23.55
C GLY M 146 -42.28 -57.92 -23.41
N SER M 147 -42.66 -57.26 -24.49
CA SER M 147 -43.06 -55.89 -24.29
C SER M 147 -44.37 -55.76 -23.48
N ILE M 148 -45.28 -56.72 -23.58
CA ILE M 148 -46.43 -56.71 -22.67
C ILE M 148 -45.97 -56.83 -21.20
N SER M 149 -45.05 -57.77 -20.92
CA SER M 149 -44.47 -57.90 -19.58
C SER M 149 -43.98 -56.55 -19.06
N GLY M 150 -43.09 -55.90 -19.82
CA GLY M 150 -42.47 -54.68 -19.36
C GLY M 150 -43.50 -53.58 -19.22
N GLY M 151 -44.52 -53.60 -20.05
CA GLY M 151 -45.47 -52.48 -20.13
C GLY M 151 -46.55 -52.48 -19.10
N LEU M 152 -46.66 -53.57 -18.36
CA LEU M 152 -47.70 -53.77 -17.33
C LEU M 152 -47.26 -53.17 -16.02
N ASP M 153 -48.20 -52.58 -15.30
CA ASP M 153 -47.92 -52.01 -13.98
C ASP M 153 -47.36 -53.09 -13.04
N LEU M 154 -46.50 -52.66 -12.11
CA LEU M 154 -45.93 -53.52 -11.08
C LEU M 154 -46.97 -54.48 -10.51
N VAL M 155 -48.18 -54.00 -10.26
CA VAL M 155 -49.15 -54.80 -9.54
C VAL M 155 -49.86 -55.86 -10.38
N GLU M 156 -49.76 -55.78 -11.70
CA GLU M 156 -50.39 -56.76 -12.61
C GLU M 156 -49.62 -58.09 -12.68
N LYS M 157 -49.52 -58.78 -11.55
CA LYS M 157 -48.65 -59.93 -11.44
C LYS M 157 -49.11 -61.08 -12.32
N ARG M 158 -50.40 -61.37 -12.31
CA ARG M 158 -50.91 -62.52 -13.05
C ARG M 158 -50.75 -62.34 -14.57
N LEU M 159 -51.04 -61.12 -15.07
CA LEU M 159 -50.81 -60.81 -16.46
C LEU M 159 -49.35 -60.94 -16.88
N LYS M 160 -48.45 -60.47 -16.02
CA LYS M 160 -47.03 -60.54 -16.25
C LYS M 160 -46.56 -61.99 -16.35
N GLU M 161 -47.06 -62.85 -15.45
CA GLU M 161 -46.60 -64.23 -15.43
C GLU M 161 -47.02 -64.95 -16.69
N LYS M 162 -48.23 -64.66 -17.16
CA LYS M 162 -48.75 -65.17 -18.41
C LYS M 162 -47.90 -64.69 -19.60
N SER M 163 -47.58 -63.39 -19.67
CA SER M 163 -46.77 -62.82 -20.77
C SER M 163 -45.39 -63.43 -20.77
N GLU M 164 -44.83 -63.62 -19.58
CA GLU M 164 -43.49 -64.18 -19.43
C GLU M 164 -43.48 -65.59 -19.94
N GLU M 165 -44.59 -66.27 -19.72
CA GLU M 165 -44.66 -67.65 -20.15
C GLU M 165 -44.63 -67.74 -21.67
N PHE M 166 -45.37 -66.86 -22.32
CA PHE M 166 -45.36 -66.79 -23.79
C PHE M 166 -43.97 -66.40 -24.30
N THR M 167 -43.33 -65.45 -23.61
CA THR M 167 -42.00 -64.99 -24.03
C THR M 167 -41.07 -66.21 -24.06
N LYS M 168 -41.15 -66.98 -22.98
CA LYS M 168 -40.28 -68.15 -22.89
C LYS M 168 -40.58 -69.15 -24.00
N HIS M 169 -41.85 -69.48 -24.17
CA HIS M 169 -42.23 -70.41 -25.22
C HIS M 169 -41.73 -70.01 -26.59
N PHE M 170 -41.84 -68.73 -26.94
CA PHE M 170 -41.42 -68.30 -28.27
C PHE M 170 -39.90 -68.31 -28.43
N GLU M 171 -39.16 -67.93 -27.38
CA GLU M 171 -37.69 -68.03 -27.38
C GLU M 171 -37.20 -69.49 -27.51
N GLN M 172 -37.83 -70.40 -26.77
CA GLN M 172 -37.54 -71.84 -26.90
C GLN M 172 -37.88 -72.34 -28.31
N PHE M 173 -39.04 -71.95 -28.84
CA PHE M 173 -39.38 -72.29 -30.23
C PHE M 173 -38.31 -71.74 -31.18
N TYR M 174 -37.83 -70.53 -30.93
CA TYR M 174 -36.83 -69.94 -31.85
C TYR M 174 -35.52 -70.73 -31.86
N LEU M 175 -35.11 -71.22 -30.69
CA LEU M 175 -33.85 -72.00 -30.58
C LEU M 175 -33.97 -73.33 -31.32
N LYS M 176 -35.14 -73.95 -31.18
CA LYS M 176 -35.47 -75.10 -31.99
C LYS M 176 -35.40 -74.79 -33.50
N ALA M 177 -35.91 -73.64 -33.93
CA ALA M 177 -35.88 -73.29 -35.36
C ALA M 177 -34.47 -73.13 -35.84
N VAL M 178 -33.65 -72.45 -35.05
CA VAL M 178 -32.21 -72.32 -35.35
C VAL M 178 -31.53 -73.66 -35.60
N GLU M 179 -31.69 -74.62 -34.69
CA GLU M 179 -31.15 -75.97 -34.91
C GLU M 179 -31.70 -76.65 -36.19
N MET M 180 -33.02 -76.64 -36.34
CA MET M 180 -33.67 -77.17 -37.52
C MET M 180 -33.18 -76.57 -38.82
N THR M 181 -32.89 -75.27 -38.82
CA THR M 181 -32.29 -74.70 -40.00
C THR M 181 -30.92 -75.33 -40.31
N GLY M 182 -30.20 -75.69 -39.25
CA GLY M 182 -28.91 -76.37 -39.41
C GLY M 182 -29.07 -77.74 -40.06
N TYR M 183 -30.11 -78.47 -39.63
CA TYR M 183 -30.51 -79.78 -40.14
C TYR M 183 -30.73 -79.79 -41.67
N LEU M 184 -31.20 -78.67 -42.20
CA LEU M 184 -31.39 -78.54 -43.64
C LEU M 184 -30.11 -78.75 -44.47
N ARG M 185 -28.96 -78.66 -43.80
CA ARG M 185 -27.68 -78.81 -44.49
C ARG M 185 -27.56 -80.27 -44.99
N THR M 186 -28.43 -81.15 -44.49
CA THR M 186 -28.47 -82.52 -44.96
C THR M 186 -29.11 -82.59 -46.33
N GLU M 187 -29.64 -81.47 -46.81
CA GLU M 187 -30.37 -81.46 -48.08
C GLU M 187 -31.71 -82.20 -48.01
N LEU M 188 -32.14 -82.55 -46.80
CA LEU M 188 -33.49 -83.02 -46.57
C LEU M 188 -34.20 -81.76 -46.09
N HIS M 189 -35.24 -81.33 -46.80
CA HIS M 189 -35.83 -80.05 -46.48
C HIS M 189 -37.17 -80.17 -45.77
N HIS M 190 -37.76 -81.36 -45.80
CA HIS M 190 -38.94 -81.57 -45.02
C HIS M 190 -38.84 -82.92 -44.38
N PHE M 191 -39.14 -82.95 -43.10
CA PHE M 191 -39.10 -84.15 -42.28
C PHE M 191 -40.17 -83.93 -41.20
N PRO M 192 -40.66 -85.03 -40.61
CA PRO M 192 -41.75 -85.01 -39.62
C PRO M 192 -41.50 -84.14 -38.40
N ALA M 193 -40.29 -84.15 -37.83
CA ALA M 193 -40.03 -83.22 -36.72
C ALA M 193 -40.34 -81.78 -37.12
N LEU M 194 -40.02 -81.40 -38.36
CA LEU M 194 -40.18 -80.01 -38.72
C LEU M 194 -41.63 -79.69 -38.87
N LYS M 195 -42.35 -80.65 -39.46
CA LYS M 195 -43.76 -80.45 -39.72
C LYS M 195 -44.52 -80.38 -38.40
N LYS M 196 -44.16 -81.25 -37.47
CA LYS M 196 -44.78 -81.23 -36.15
C LYS M 196 -44.50 -79.92 -35.40
N PHE M 197 -43.28 -79.40 -35.56
CA PHE M 197 -42.85 -78.15 -34.92
C PHE M 197 -43.73 -77.02 -35.38
N THR M 198 -43.98 -76.96 -36.68
CA THR M 198 -44.76 -75.88 -37.26
C THR M 198 -46.23 -75.90 -36.78
N LYS M 199 -46.79 -77.10 -36.59
CA LYS M 199 -48.08 -77.22 -35.93
C LYS M 199 -47.99 -76.82 -34.42
N ASP M 200 -46.88 -77.15 -33.77
CA ASP M 200 -46.67 -76.74 -32.37
C ASP M 200 -46.69 -75.22 -32.23
N VAL M 201 -45.94 -74.54 -33.10
CA VAL M 201 -45.90 -73.08 -33.13
C VAL M 201 -47.27 -72.49 -33.44
N SER M 202 -47.98 -73.06 -34.40
CA SER M 202 -49.33 -72.60 -34.73
C SER M 202 -50.32 -72.68 -33.55
N LEU M 203 -50.32 -73.76 -32.79
CA LEU M 203 -51.13 -73.83 -31.55
C LEU M 203 -50.81 -72.70 -30.55
N GLU M 204 -49.52 -72.48 -30.24
CA GLU M 204 -49.09 -71.39 -29.35
C GLU M 204 -49.50 -70.02 -29.89
N LEU M 205 -49.41 -69.84 -31.20
CA LEU M 205 -49.79 -68.58 -31.82
C LEU M 205 -51.27 -68.24 -31.61
N LYS M 206 -52.14 -69.26 -31.67
CA LYS M 206 -53.59 -69.08 -31.45
C LYS M 206 -53.92 -68.74 -30.01
N LEU M 207 -53.30 -69.46 -29.08
CA LEU M 207 -53.37 -69.11 -27.66
C LEU M 207 -52.86 -67.68 -27.46
N PHE M 208 -51.70 -67.37 -28.02
CA PHE M 208 -51.16 -66.03 -27.91
C PHE M 208 -52.09 -64.94 -28.48
N SER M 209 -52.69 -65.22 -29.65
CA SER M 209 -53.73 -64.33 -30.21
C SER M 209 -54.90 -64.15 -29.26
N HIS M 210 -55.29 -65.21 -28.56
CA HIS M 210 -56.39 -65.10 -27.64
CA HIS M 210 -56.39 -65.14 -27.61
C HIS M 210 -56.02 -64.14 -26.52
N PHE M 211 -54.81 -64.31 -26.00
CA PHE M 211 -54.32 -63.46 -24.94
C PHE M 211 -54.19 -61.99 -25.36
N LEU M 212 -53.66 -61.74 -26.55
CA LEU M 212 -53.57 -60.39 -27.10
C LEU M 212 -54.95 -59.75 -27.26
N HIS M 213 -55.97 -60.54 -27.53
CA HIS M 213 -57.30 -59.95 -27.74
C HIS M 213 -57.92 -59.53 -26.42
N GLU M 214 -57.66 -60.31 -25.40
CA GLU M 214 -58.07 -60.03 -24.03
C GLU M 214 -57.26 -58.89 -23.41
N VAL M 215 -55.98 -58.80 -23.70
CA VAL M 215 -55.29 -57.61 -23.31
C VAL M 215 -55.93 -56.37 -23.99
N GLU M 216 -56.31 -56.51 -25.25
CA GLU M 216 -56.85 -55.37 -25.99
C GLU M 216 -58.18 -54.91 -25.42
N GLU M 217 -59.00 -55.85 -24.94
CA GLU M 217 -60.28 -55.55 -24.30
C GLU M 217 -60.08 -54.85 -22.96
N LEU M 218 -59.12 -55.35 -22.20
CA LEU M 218 -58.78 -54.76 -20.92
C LEU M 218 -58.29 -53.34 -21.14
N GLU M 219 -57.52 -53.13 -22.21
CA GLU M 219 -57.01 -51.79 -22.50
C GLU M 219 -58.15 -50.84 -22.87
N LEU M 220 -59.09 -51.32 -23.69
CA LEU M 220 -60.24 -50.52 -24.14
C LEU M 220 -61.16 -50.20 -22.98
N SER M 221 -61.17 -51.05 -21.98
CA SER M 221 -62.05 -50.74 -20.86
C SER M 221 -61.32 -50.08 -19.68
N ASN M 222 -60.01 -49.92 -19.81
CA ASN M 222 -59.17 -49.33 -18.77
C ASN M 222 -59.09 -50.24 -17.56
N GLU M 223 -59.30 -51.54 -17.80
CA GLU M 223 -59.30 -52.48 -16.68
C GLU M 223 -57.93 -53.02 -16.35
N VAL M 224 -56.95 -52.76 -17.21
CA VAL M 224 -55.56 -53.08 -16.89
C VAL M 224 -54.75 -51.81 -16.70
N LEU M 225 -53.83 -51.86 -15.75
CA LEU M 225 -52.89 -50.77 -15.52
C LEU M 225 -51.65 -51.10 -16.31
N SER M 226 -51.24 -50.18 -17.18
CA SER M 226 -50.14 -50.45 -18.10
C SER M 226 -49.70 -49.17 -18.84
N VAL M 227 -48.74 -49.31 -19.75
CA VAL M 227 -48.43 -48.18 -20.63
C VAL M 227 -48.52 -48.69 -22.05
N LEU M 228 -49.32 -49.72 -22.24
CA LEU M 228 -49.54 -50.25 -23.58
C LEU M 228 -50.80 -49.55 -24.10
N SER M 229 -51.26 -49.92 -25.27
CA SER M 229 -52.50 -49.33 -25.76
C SER M 229 -53.26 -50.45 -26.42
N ALA M 230 -54.58 -50.32 -26.51
CA ALA M 230 -55.37 -51.25 -27.31
C ALA M 230 -54.87 -51.37 -28.80
N ARG M 231 -54.49 -50.26 -29.42
CA ARG M 231 -53.92 -50.30 -30.79
C ARG M 231 -52.64 -51.14 -30.91
N MET M 232 -51.80 -51.10 -29.87
CA MET M 232 -50.61 -51.95 -29.83
C MET M 232 -51.01 -53.41 -29.70
N ALA M 233 -51.97 -53.73 -28.86
CA ALA M 233 -52.39 -55.14 -28.77
C ALA M 233 -52.98 -55.65 -30.11
N ASP M 234 -53.77 -54.77 -30.75
CA ASP M 234 -54.44 -55.10 -32.00
C ASP M 234 -53.37 -55.37 -33.06
N HIS M 235 -52.45 -54.42 -33.18
CA HIS M 235 -51.28 -54.53 -34.03
C HIS M 235 -50.50 -55.86 -33.86
N MET M 236 -50.22 -56.24 -32.60
CA MET M 236 -49.55 -57.55 -32.33
C MET M 236 -50.38 -58.78 -32.78
N ALA M 237 -51.69 -58.77 -32.49
CA ALA M 237 -52.54 -59.86 -32.97
C ALA M 237 -52.54 -59.91 -34.52
N ARG M 238 -52.66 -58.77 -35.21
CA ARG M 238 -52.65 -58.78 -36.65
C ARG M 238 -51.37 -59.39 -37.21
N GLU M 239 -50.22 -59.03 -36.65
CA GLU M 239 -48.94 -59.60 -37.13
C GLU M 239 -48.83 -61.09 -36.85
N GLU M 240 -49.35 -61.54 -35.71
CA GLU M 240 -49.34 -62.97 -35.39
C GLU M 240 -50.23 -63.71 -36.38
N CYS M 241 -51.31 -63.04 -36.78
CA CYS M 241 -52.20 -63.61 -37.78
C CYS M 241 -51.49 -63.82 -39.13
N TYR M 242 -50.63 -62.89 -39.51
CA TYR M 242 -49.99 -62.90 -40.81
C TYR M 242 -48.98 -64.02 -40.78
N TYR M 243 -48.24 -64.09 -39.66
CA TYR M 243 -47.33 -65.21 -39.37
C TYR M 243 -48.05 -66.55 -39.49
N LEU M 244 -49.16 -66.72 -38.77
CA LEU M 244 -49.97 -67.93 -38.85
C LEU M 244 -50.33 -68.33 -40.30
N LEU M 245 -50.70 -67.33 -41.09
CA LEU M 245 -51.07 -67.48 -42.49
C LEU M 245 -49.91 -67.92 -43.38
N LYS M 246 -48.77 -67.26 -43.22
CA LYS M 246 -47.56 -67.74 -43.89
C LYS M 246 -47.23 -69.19 -43.48
N LEU M 247 -47.38 -69.52 -42.20
CA LEU M 247 -47.01 -70.86 -41.75
C LEU M 247 -47.95 -71.90 -42.36
N ALA M 248 -49.24 -71.57 -42.39
CA ALA M 248 -50.22 -72.49 -42.96
C ALA M 248 -50.03 -72.62 -44.47
N GLN M 249 -49.74 -71.51 -45.15
CA GLN M 249 -49.48 -71.61 -46.58
C GLN M 249 -48.20 -72.39 -46.90
N SER M 250 -47.11 -72.10 -46.19
CA SER M 250 -45.83 -72.75 -46.46
C SER M 250 -45.75 -74.20 -45.95
N SER M 251 -46.50 -74.51 -44.90
CA SER M 251 -46.38 -75.82 -44.25
C SER M 251 -47.47 -76.79 -44.68
N GLY M 252 -48.56 -76.25 -45.24
CA GLY M 252 -49.69 -77.08 -45.62
C GLY M 252 -50.63 -77.36 -44.47
N LEU M 253 -51.09 -76.30 -43.80
CA LEU M 253 -52.08 -76.43 -42.75
C LEU M 253 -53.31 -75.62 -43.18
N GLU M 254 -54.42 -75.82 -42.49
CA GLU M 254 -55.64 -75.11 -42.84
C GLU M 254 -55.56 -73.65 -42.39
N MET M 255 -55.91 -72.74 -43.30
CA MET M 255 -55.83 -71.30 -43.06
C MET M 255 -56.47 -70.87 -41.76
N PRO M 256 -55.79 -69.99 -41.03
CA PRO M 256 -56.35 -69.49 -39.77
C PRO M 256 -57.63 -68.69 -40.02
N LYS M 257 -58.51 -68.70 -39.04
CA LYS M 257 -59.69 -67.84 -39.08
C LYS M 257 -59.38 -66.57 -38.30
N CYS M 258 -58.52 -65.75 -38.86
CA CYS M 258 -58.18 -64.51 -38.23
C CYS M 258 -57.93 -63.51 -39.34
N ASN M 259 -58.12 -62.24 -39.03
CA ASN M 259 -57.99 -61.21 -40.04
C ASN M 259 -56.75 -60.36 -39.80
N PRO M 260 -55.73 -60.48 -40.68
CA PRO M 260 -54.52 -59.71 -40.49
C PRO M 260 -54.63 -58.26 -40.95
N LEU M 261 -55.73 -57.90 -41.59
CA LEU M 261 -55.85 -56.55 -42.16
C LEU M 261 -56.68 -55.68 -41.21
N GLU M 262 -57.50 -56.34 -40.42
CA GLU M 262 -58.29 -55.56 -39.49
C GLU M 262 -58.69 -56.41 -38.28
N GLY M 263 -58.87 -55.78 -37.13
CA GLY M 263 -59.15 -56.55 -35.92
C GLY M 263 -60.61 -56.52 -35.51
N HIS M 264 -60.88 -56.84 -34.24
CA HIS M 264 -62.19 -56.59 -33.63
C HIS M 264 -62.55 -55.11 -33.78
N ARG N 5 -28.55 -32.35 16.25
CA ARG N 5 -28.80 -31.54 15.00
C ARG N 5 -29.69 -30.31 15.22
N ASN N 6 -29.25 -29.19 14.68
CA ASN N 6 -30.02 -27.97 14.79
C ASN N 6 -30.98 -27.79 13.59
N TYR N 7 -31.92 -26.87 13.73
CA TYR N 7 -32.88 -26.61 12.66
C TYR N 7 -32.24 -26.29 11.30
N GLU N 8 -31.23 -25.44 11.27
CA GLU N 8 -30.66 -25.05 9.98
C GLU N 8 -30.00 -26.22 9.24
N GLU N 9 -29.22 -27.04 9.94
CA GLU N 9 -28.59 -28.20 9.28
C GLU N 9 -29.65 -29.15 8.77
N SER N 10 -30.68 -29.34 9.58
CA SER N 10 -31.74 -30.29 9.30
C SER N 10 -32.55 -29.87 8.09
N ALA N 11 -32.98 -28.61 8.09
CA ALA N 11 -33.68 -28.00 6.97
C ALA N 11 -32.86 -27.95 5.67
N LEU N 12 -31.57 -27.68 5.77
CA LEU N 12 -30.75 -27.66 4.58
C LEU N 12 -30.65 -29.09 4.03
N PHE N 13 -30.62 -30.08 4.94
CA PHE N 13 -30.54 -31.46 4.52
C PHE N 13 -31.81 -31.86 3.78
N GLU N 14 -32.95 -31.67 4.43
CA GLU N 14 -34.24 -32.08 3.90
C GLU N 14 -34.57 -31.36 2.60
N HIS N 15 -34.42 -30.03 2.55
CA HIS N 15 -34.73 -29.31 1.32
C HIS N 15 -33.83 -29.75 0.18
N GLN N 16 -32.55 -29.92 0.47
CA GLN N 16 -31.63 -30.29 -0.57
C GLN N 16 -32.00 -31.68 -1.08
N PHE N 17 -32.29 -32.60 -0.16
CA PHE N 17 -32.68 -33.95 -0.60
C PHE N 17 -33.95 -33.92 -1.47
N TRP N 18 -35.02 -33.39 -0.90
CA TRP N 18 -36.33 -33.39 -1.55
C TRP N 18 -36.49 -32.51 -2.81
N LEU N 19 -35.95 -31.30 -2.81
CA LEU N 19 -36.12 -30.43 -3.97
C LEU N 19 -35.40 -31.01 -5.19
N LYS N 20 -34.31 -31.71 -4.94
CA LYS N 20 -33.69 -32.44 -6.04
C LYS N 20 -34.48 -33.65 -6.51
N VAL N 21 -35.12 -34.35 -5.59
CA VAL N 21 -36.03 -35.47 -5.92
C VAL N 21 -37.22 -35.03 -6.78
N LEU N 22 -37.81 -33.92 -6.37
CA LEU N 22 -38.94 -33.31 -7.08
C LEU N 22 -38.52 -32.69 -8.41
N THR N 23 -37.33 -32.11 -8.49
CA THR N 23 -36.86 -31.69 -9.83
C THR N 23 -36.76 -32.93 -10.72
N ASP N 24 -36.19 -34.02 -10.16
CA ASP N 24 -36.06 -35.29 -10.90
C ASP N 24 -37.45 -35.74 -11.37
N HIS N 25 -38.41 -35.81 -10.45
CA HIS N 25 -39.76 -36.24 -10.80
C HIS N 25 -40.30 -35.44 -11.97
N ALA N 26 -40.24 -34.13 -11.85
CA ALA N 26 -40.61 -33.20 -12.93
C ALA N 26 -39.94 -33.51 -14.29
N GLN N 27 -38.62 -33.66 -14.31
CA GLN N 27 -37.92 -34.00 -15.51
C GLN N 27 -38.43 -35.32 -16.07
N PHE N 28 -38.59 -36.33 -15.20
CA PHE N 28 -38.97 -37.66 -15.65
C PHE N 28 -40.34 -37.65 -16.31
N LEU N 29 -41.32 -37.09 -15.61
CA LEU N 29 -42.65 -36.87 -16.15
C LEU N 29 -42.61 -36.14 -17.49
N LEU N 30 -41.93 -34.99 -17.53
CA LEU N 30 -41.70 -34.22 -18.78
C LEU N 30 -41.34 -35.17 -19.92
N ASP N 31 -40.22 -35.88 -19.78
CA ASP N 31 -39.74 -36.80 -20.84
C ASP N 31 -40.60 -38.05 -21.09
N ALA N 32 -41.37 -38.47 -20.09
CA ALA N 32 -42.29 -39.61 -20.19
C ALA N 32 -43.58 -39.30 -20.96
N LEU N 33 -44.02 -38.06 -20.96
CA LEU N 33 -45.25 -37.66 -21.70
C LEU N 33 -45.13 -37.81 -23.25
N ALA N 34 -46.18 -38.31 -23.90
CA ALA N 34 -46.19 -38.32 -25.36
C ALA N 34 -46.19 -36.86 -25.84
N PRO N 35 -45.49 -36.57 -26.95
CA PRO N 35 -45.39 -35.24 -27.55
C PRO N 35 -46.72 -34.47 -27.69
N LYS N 36 -47.82 -35.21 -27.86
CA LYS N 36 -49.14 -34.60 -28.02
C LYS N 36 -49.72 -34.10 -26.70
N GLU N 37 -49.14 -34.44 -25.56
CA GLU N 37 -49.76 -34.05 -24.28
C GLU N 37 -49.33 -32.62 -23.89
N LYS N 38 -49.72 -31.64 -24.72
CA LYS N 38 -49.16 -30.25 -24.65
C LYS N 38 -49.30 -29.57 -23.31
N GLU N 39 -50.50 -29.62 -22.75
CA GLU N 39 -50.77 -29.03 -21.44
C GLU N 39 -49.91 -29.59 -20.33
N ASP N 40 -49.84 -30.93 -20.25
CA ASP N 40 -49.07 -31.54 -19.18
C ASP N 40 -47.59 -31.34 -19.44
N ILE N 41 -47.18 -31.34 -20.69
CA ILE N 41 -45.79 -31.01 -21.00
C ILE N 41 -45.47 -29.59 -20.50
N LYS N 42 -46.31 -28.62 -20.84
CA LYS N 42 -46.15 -27.28 -20.27
C LYS N 42 -46.13 -27.28 -18.74
N LYS N 43 -47.00 -28.06 -18.09
CA LYS N 43 -46.99 -28.18 -16.61
C LYS N 43 -45.70 -28.75 -16.03
N ALA N 44 -45.26 -29.89 -16.58
CA ALA N 44 -43.99 -30.52 -16.18
C ALA N 44 -42.79 -29.59 -16.37
N THR N 45 -42.74 -28.91 -17.51
CA THR N 45 -41.67 -27.94 -17.82
C THR N 45 -41.61 -26.84 -16.72
N TYR N 46 -42.77 -26.30 -16.39
CA TYR N 46 -42.91 -25.37 -15.26
C TYR N 46 -42.41 -25.92 -13.90
N PHE N 47 -42.63 -27.21 -13.64
CA PHE N 47 -42.21 -27.78 -12.36
C PHE N 47 -40.69 -27.98 -12.33
N VAL N 48 -40.12 -28.31 -13.46
CA VAL N 48 -38.69 -28.49 -13.55
C VAL N 48 -38.05 -27.14 -13.16
N GLU N 49 -38.49 -26.08 -13.82
CA GLU N 49 -38.04 -24.73 -13.53
C GLU N 49 -38.24 -24.35 -12.09
N THR N 50 -39.44 -24.60 -11.58
CA THR N 50 -39.76 -24.21 -10.22
C THR N 50 -38.85 -24.86 -9.18
N PHE N 51 -38.64 -26.18 -9.27
CA PHE N 51 -37.84 -26.87 -8.27
C PHE N 51 -36.36 -26.64 -8.45
N THR N 52 -35.93 -26.45 -9.70
CA THR N 52 -34.53 -26.12 -9.96
C THR N 52 -34.25 -24.79 -9.30
N ASN N 53 -35.15 -23.83 -9.53
CA ASN N 53 -35.04 -22.50 -8.94
C ASN N 53 -35.10 -22.46 -7.40
N LEU N 54 -36.04 -23.17 -6.79
CA LEU N 54 -36.03 -23.38 -5.31
C LEU N 54 -34.75 -23.99 -4.80
N LEU N 55 -34.26 -25.02 -5.49
CA LEU N 55 -33.06 -25.70 -5.01
C LEU N 55 -31.87 -24.76 -5.08
N ASN N 56 -31.81 -23.96 -6.14
CA ASN N 56 -30.68 -23.04 -6.34
C ASN N 56 -30.59 -21.92 -5.30
N LYS N 57 -31.71 -21.43 -4.79
CA LYS N 57 -31.63 -20.33 -3.80
C LYS N 57 -31.72 -20.78 -2.32
N VAL N 58 -31.61 -22.08 -2.08
CA VAL N 58 -31.72 -22.62 -0.73
C VAL N 58 -30.72 -22.01 0.29
N ARG N 59 -29.56 -21.57 -0.18
CA ARG N 59 -28.59 -20.98 0.76
C ARG N 59 -28.87 -19.51 0.92
N ASN N 60 -29.74 -18.98 0.08
CA ASN N 60 -29.90 -17.54 0.02
C ASN N 60 -31.30 -17.07 0.39
N VAL N 61 -31.88 -17.69 1.42
CA VAL N 61 -33.23 -17.37 1.87
C VAL N 61 -33.36 -17.79 3.33
N ASN N 62 -34.21 -17.11 4.09
CA ASN N 62 -34.51 -17.52 5.47
C ASN N 62 -35.21 -18.87 5.45
N LEU N 63 -34.69 -19.86 6.16
CA LEU N 63 -35.14 -21.23 5.87
C LEU N 63 -36.56 -21.54 6.36
N MET N 64 -37.03 -20.95 7.46
CA MET N 64 -38.42 -21.17 7.91
C MET N 64 -39.40 -20.61 6.89
N ALA N 65 -39.20 -19.38 6.43
CA ALA N 65 -40.00 -18.82 5.32
C ALA N 65 -39.93 -19.69 4.05
N PHE N 66 -38.71 -20.05 3.67
CA PHE N 66 -38.49 -20.85 2.45
C PHE N 66 -39.22 -22.18 2.58
N SER N 67 -39.31 -22.69 3.81
CA SER N 67 -40.04 -23.93 4.04
C SER N 67 -41.54 -23.84 3.65
N LYS N 68 -42.17 -22.68 3.89
CA LYS N 68 -43.54 -22.43 3.45
C LYS N 68 -43.65 -22.30 1.93
N GLU N 69 -42.62 -21.74 1.30
CA GLU N 69 -42.66 -21.55 -0.13
C GLU N 69 -42.53 -22.91 -0.79
N ALA N 70 -41.57 -23.69 -0.26
CA ALA N 70 -41.30 -25.02 -0.76
C ALA N 70 -42.55 -25.94 -0.62
N GLU N 71 -43.29 -25.81 0.48
CA GLU N 71 -44.50 -26.59 0.66
C GLU N 71 -45.60 -26.31 -0.36
N GLN N 72 -45.87 -25.05 -0.64
CA GLN N 72 -46.81 -24.77 -1.69
C GLN N 72 -46.41 -25.35 -3.06
N ALA N 73 -45.11 -25.34 -3.40
CA ALA N 73 -44.73 -25.96 -4.68
C ALA N 73 -44.93 -27.49 -4.64
N ALA N 74 -44.67 -28.10 -3.48
CA ALA N 74 -44.74 -29.53 -3.38
C ALA N 74 -46.20 -29.89 -3.52
N LYS N 75 -47.07 -29.08 -2.93
CA LYS N 75 -48.52 -29.33 -3.06
C LYS N 75 -49.04 -29.26 -4.50
N GLU N 76 -48.58 -28.28 -5.26
CA GLU N 76 -48.89 -28.23 -6.68
C GLU N 76 -48.45 -29.44 -7.46
N ILE N 77 -47.18 -29.84 -7.28
CA ILE N 77 -46.74 -31.07 -8.00
C ILE N 77 -47.48 -32.33 -7.58
N ARG N 78 -47.87 -32.42 -6.31
CA ARG N 78 -48.71 -33.54 -5.88
C ARG N 78 -50.05 -33.60 -6.65
N ALA N 79 -50.70 -32.45 -6.79
CA ALA N 79 -51.95 -32.37 -7.51
C ALA N 79 -51.71 -32.70 -8.97
N PHE N 80 -50.64 -32.20 -9.55
CA PHE N 80 -50.24 -32.60 -10.90
C PHE N 80 -50.18 -34.15 -11.06
N LYS N 81 -49.43 -34.80 -10.17
CA LYS N 81 -49.26 -36.26 -10.25
C LYS N 81 -50.59 -36.96 -10.11
N LEU N 82 -51.42 -36.50 -9.16
CA LEU N 82 -52.70 -37.12 -8.89
C LEU N 82 -53.65 -36.91 -10.06
N ASN N 83 -53.54 -35.74 -10.74
CA ASN N 83 -54.28 -35.52 -11.99
C ASN N 83 -53.88 -36.48 -13.09
N ILE N 84 -52.58 -36.73 -13.22
CA ILE N 84 -52.16 -37.74 -14.19
C ILE N 84 -52.67 -39.14 -13.84
N ILE N 85 -52.51 -39.55 -12.60
CA ILE N 85 -53.03 -40.86 -12.26
C ILE N 85 -54.51 -40.98 -12.65
N GLN N 86 -55.31 -39.97 -12.33
CA GLN N 86 -56.75 -40.00 -12.65
C GLN N 86 -56.99 -40.19 -14.16
N LYS N 87 -56.31 -39.38 -14.96
CA LYS N 87 -56.37 -39.54 -16.41
C LYS N 87 -55.96 -40.95 -16.89
N GLN N 88 -54.90 -41.50 -16.30
CA GLN N 88 -54.49 -42.87 -16.63
C GLN N 88 -55.61 -43.85 -16.36
N LEU N 89 -56.30 -43.67 -15.23
CA LEU N 89 -57.34 -44.59 -14.79
C LEU N 89 -58.63 -44.43 -15.61
N GLU N 90 -58.74 -43.35 -16.37
CA GLU N 90 -59.85 -43.17 -17.31
C GLU N 90 -59.40 -43.21 -18.77
N GLY N 91 -58.15 -43.54 -19.05
CA GLY N 91 -57.69 -43.66 -20.42
C GLY N 91 -57.54 -42.32 -21.10
N LYS N 92 -57.28 -41.27 -20.33
CA LYS N 92 -57.30 -39.93 -20.92
C LYS N 92 -55.95 -39.26 -21.13
N ILE N 93 -54.87 -40.05 -21.07
CA ILE N 93 -53.52 -39.52 -21.23
C ILE N 93 -52.61 -40.62 -21.71
N THR N 94 -51.59 -40.23 -22.48
CA THR N 94 -50.47 -41.08 -22.84
C THR N 94 -49.12 -40.64 -22.21
N ILE N 95 -48.64 -41.43 -21.25
CA ILE N 95 -47.42 -41.15 -20.50
C ILE N 95 -46.71 -42.50 -20.31
N HIS N 96 -45.39 -42.54 -20.32
CA HIS N 96 -44.72 -43.82 -20.27
C HIS N 96 -44.28 -44.20 -18.85
N PHE N 97 -45.13 -43.87 -17.87
CA PHE N 97 -45.04 -44.46 -16.51
C PHE N 97 -46.36 -45.13 -16.17
N THR N 98 -46.32 -46.21 -15.39
CA THR N 98 -47.55 -46.92 -15.10
C THR N 98 -48.12 -46.16 -13.91
N PRO N 99 -49.42 -46.34 -13.61
CA PRO N 99 -49.99 -45.70 -12.42
C PRO N 99 -49.22 -45.86 -11.11
N THR N 100 -48.81 -47.08 -10.77
CA THR N 100 -48.13 -47.31 -9.49
C THR N 100 -46.83 -46.49 -9.38
N PHE N 101 -46.06 -46.36 -10.46
CA PHE N 101 -44.82 -45.58 -10.38
C PHE N 101 -45.11 -44.11 -10.00
N ILE N 102 -46.14 -43.52 -10.60
CA ILE N 102 -46.56 -42.16 -10.24
C ILE N 102 -47.20 -42.18 -8.87
N ASN N 103 -47.91 -43.25 -8.50
CA ASN N 103 -48.46 -43.38 -7.12
C ASN N 103 -47.34 -43.30 -6.10
N HIS N 104 -46.25 -43.95 -6.42
CA HIS N 104 -45.04 -43.83 -5.61
C HIS N 104 -44.43 -42.43 -5.54
N MET N 105 -44.38 -41.69 -6.65
CA MET N 105 -43.99 -40.27 -6.58
C MET N 105 -44.90 -39.46 -5.64
N VAL N 106 -46.17 -39.82 -5.57
CA VAL N 106 -47.10 -39.17 -4.63
C VAL N 106 -46.74 -39.49 -3.18
N ASN N 107 -46.43 -40.75 -2.90
CA ASN N 107 -46.01 -41.08 -1.55
C ASN N 107 -44.81 -40.26 -1.16
N GLU N 108 -43.91 -40.09 -2.11
CA GLU N 108 -42.71 -39.34 -1.82
C GLU N 108 -42.96 -37.86 -1.56
N VAL N 109 -43.71 -37.17 -2.42
CA VAL N 109 -43.98 -35.78 -2.11
C VAL N 109 -44.74 -35.71 -0.78
N GLU N 110 -45.49 -36.77 -0.45
CA GLU N 110 -46.27 -36.66 0.76
C GLU N 110 -45.34 -36.76 1.95
N GLU N 111 -44.23 -37.48 1.83
CA GLU N 111 -43.22 -37.49 2.88
C GLU N 111 -42.56 -36.11 3.03
N TYR N 112 -42.27 -35.43 1.95
CA TYR N 112 -41.68 -34.11 2.05
C TYR N 112 -42.62 -33.16 2.78
N ILE N 113 -43.89 -33.26 2.40
CA ILE N 113 -44.93 -32.44 3.01
C ILE N 113 -44.97 -32.72 4.49
N ALA N 114 -44.83 -33.97 4.90
CA ALA N 114 -44.91 -34.33 6.31
C ALA N 114 -43.78 -33.64 7.08
N VAL N 115 -42.60 -33.65 6.51
CA VAL N 115 -41.43 -33.01 7.13
C VAL N 115 -41.58 -31.46 7.15
N LEU N 116 -42.09 -30.95 6.03
CA LEU N 116 -42.34 -29.52 5.83
C LEU N 116 -43.31 -28.94 6.87
N GLU N 117 -44.19 -29.78 7.44
CA GLU N 117 -45.08 -29.28 8.48
C GLU N 117 -44.28 -28.82 9.69
N PHE N 118 -43.19 -29.53 9.97
CA PHE N 118 -42.35 -29.15 11.06
C PHE N 118 -41.44 -28.02 10.62
N LEU N 119 -40.74 -28.18 9.49
CA LEU N 119 -39.83 -27.14 9.02
C LEU N 119 -40.49 -25.72 8.95
N LYS N 120 -41.75 -25.67 8.58
CA LYS N 120 -42.37 -24.40 8.27
C LYS N 120 -42.77 -23.62 9.51
N LYS N 121 -42.73 -24.28 10.67
CA LYS N 121 -42.89 -23.58 11.94
C LYS N 121 -41.59 -23.68 12.74
N GLY N 122 -40.46 -23.81 12.03
CA GLY N 122 -39.15 -23.76 12.67
C GLY N 122 -38.84 -24.97 13.56
N GLU N 123 -39.52 -26.08 13.36
CA GLU N 123 -39.19 -27.30 14.10
C GLU N 123 -38.30 -28.30 13.33
N VAL N 124 -37.41 -29.01 14.03
CA VAL N 124 -36.60 -30.07 13.42
C VAL N 124 -37.59 -31.21 13.34
N PRO N 125 -37.76 -31.79 12.14
CA PRO N 125 -38.66 -32.93 11.95
C PRO N 125 -38.34 -34.05 12.93
N PRO N 126 -39.36 -34.65 13.51
CA PRO N 126 -39.18 -35.76 14.43
C PRO N 126 -38.59 -36.98 13.72
N VAL N 127 -37.80 -37.75 14.47
CA VAL N 127 -37.42 -39.06 14.07
C VAL N 127 -38.70 -39.89 14.23
N PHE N 128 -39.30 -40.32 13.12
CA PHE N 128 -40.47 -41.19 13.19
C PHE N 128 -40.13 -42.63 13.66
N HIS N 129 -41.14 -43.41 14.04
CA HIS N 129 -40.96 -44.82 14.42
C HIS N 129 -40.43 -45.54 13.16
N GLU N 130 -39.52 -46.51 13.33
CA GLU N 130 -38.89 -47.16 12.12
C GLU N 130 -39.90 -47.77 11.16
N LEU N 131 -40.96 -48.35 11.68
CA LEU N 131 -42.03 -48.85 10.82
C LEU N 131 -42.68 -47.80 9.92
N HIS N 132 -42.72 -46.54 10.35
CA HIS N 132 -43.28 -45.55 9.44
C HIS N 132 -42.40 -45.53 8.20
N TYR N 133 -41.08 -45.52 8.40
CA TYR N 133 -40.15 -45.51 7.24
C TYR N 133 -40.31 -46.75 6.35
N HIS N 134 -40.30 -47.93 6.97
CA HIS N 134 -40.61 -49.19 6.24
C HIS N 134 -41.89 -49.14 5.39
N LEU N 135 -42.97 -48.67 6.00
CA LEU N 135 -44.29 -48.63 5.33
C LEU N 135 -44.28 -47.65 4.15
N VAL N 136 -43.43 -46.64 4.17
CA VAL N 136 -43.36 -45.71 3.04
C VAL N 136 -42.35 -46.15 1.97
N TRP N 137 -41.23 -46.70 2.38
CA TRP N 137 -40.13 -46.85 1.44
C TRP N 137 -39.93 -48.25 0.91
N LEU N 138 -40.59 -49.24 1.48
CA LEU N 138 -40.44 -50.61 0.92
C LEU N 138 -41.21 -50.82 -0.40
N THR N 139 -42.47 -50.37 -0.47
CA THR N 139 -43.18 -50.40 -1.77
C THR N 139 -42.40 -49.55 -2.76
N ASP N 140 -41.87 -48.44 -2.27
CA ASP N 140 -41.02 -47.58 -3.07
C ASP N 140 -39.89 -48.39 -3.71
N ALA N 141 -39.14 -49.10 -2.86
CA ALA N 141 -37.94 -49.83 -3.28
C ALA N 141 -38.31 -50.91 -4.29
N ALA N 142 -39.38 -51.66 -3.95
CA ALA N 142 -39.96 -52.70 -4.83
C ALA N 142 -40.33 -52.16 -6.22
N GLY N 143 -40.91 -50.96 -6.26
CA GLY N 143 -41.25 -50.31 -7.52
C GLY N 143 -40.05 -49.80 -8.28
N HIS N 144 -38.99 -49.44 -7.57
CA HIS N 144 -37.71 -49.13 -8.21
C HIS N 144 -37.14 -50.34 -8.97
N ALA N 145 -37.09 -51.48 -8.28
CA ALA N 145 -36.56 -52.69 -8.91
C ALA N 145 -37.46 -53.14 -10.08
N GLY N 146 -38.77 -53.17 -9.84
CA GLY N 146 -39.76 -53.47 -10.90
C GLY N 146 -39.69 -52.52 -12.10
N SER N 147 -39.33 -51.28 -11.84
CA SER N 147 -39.21 -50.33 -12.92
C SER N 147 -37.89 -50.53 -13.72
N ILE N 148 -36.78 -50.84 -13.04
CA ILE N 148 -35.60 -51.31 -13.76
C ILE N 148 -35.93 -52.57 -14.57
N SER N 149 -36.60 -53.52 -13.92
CA SER N 149 -37.05 -54.73 -14.61
C SER N 149 -37.79 -54.47 -15.92
N GLY N 150 -38.76 -53.55 -15.88
CA GLY N 150 -39.56 -53.23 -17.07
C GLY N 150 -38.88 -52.35 -18.09
N GLY N 151 -37.86 -51.57 -17.70
CA GLY N 151 -37.23 -50.63 -18.64
C GLY N 151 -36.00 -51.21 -19.33
N LEU N 152 -35.69 -52.47 -18.99
CA LEU N 152 -34.54 -53.17 -19.52
C LEU N 152 -34.90 -53.80 -20.85
N ASP N 153 -33.98 -53.78 -21.81
CA ASP N 153 -34.22 -54.52 -23.04
C ASP N 153 -34.59 -56.00 -22.77
N LEU N 154 -35.46 -56.54 -23.62
CA LEU N 154 -35.82 -57.92 -23.60
C LEU N 154 -34.60 -58.87 -23.52
N VAL N 155 -33.44 -58.50 -24.06
CA VAL N 155 -32.31 -59.44 -24.00
C VAL N 155 -31.40 -59.31 -22.77
N GLU N 156 -31.71 -58.36 -21.89
CA GLU N 156 -30.93 -58.17 -20.67
C GLU N 156 -31.46 -59.06 -19.56
N LYS N 157 -31.40 -60.37 -19.80
CA LYS N 157 -32.07 -61.32 -18.94
C LYS N 157 -31.41 -61.39 -17.56
N ARG N 158 -30.09 -61.30 -17.52
CA ARG N 158 -29.35 -61.42 -16.25
C ARG N 158 -29.68 -60.22 -15.36
N LEU N 159 -29.66 -59.02 -15.94
CA LEU N 159 -29.99 -57.82 -15.15
C LEU N 159 -31.45 -57.82 -14.73
N LYS N 160 -32.32 -58.30 -15.60
CA LYS N 160 -33.72 -58.46 -15.25
C LYS N 160 -34.00 -59.48 -14.10
N GLU N 161 -33.32 -60.63 -14.10
CA GLU N 161 -33.42 -61.55 -12.95
C GLU N 161 -32.97 -60.92 -11.62
N LYS N 162 -31.90 -60.15 -11.67
CA LYS N 162 -31.40 -59.47 -10.48
C LYS N 162 -32.47 -58.46 -10.00
N SER N 163 -33.01 -57.64 -10.91
CA SER N 163 -34.09 -56.69 -10.56
C SER N 163 -35.30 -57.37 -9.96
N GLU N 164 -35.71 -58.46 -10.58
CA GLU N 164 -36.85 -59.20 -10.11
C GLU N 164 -36.58 -59.73 -8.74
N GLU N 165 -35.36 -60.18 -8.48
CA GLU N 165 -35.11 -60.69 -7.16
C GLU N 165 -35.21 -59.59 -6.08
N PHE N 166 -34.62 -58.44 -6.33
CA PHE N 166 -34.84 -57.28 -5.44
C PHE N 166 -36.30 -56.94 -5.20
N THR N 167 -37.08 -56.88 -6.28
CA THR N 167 -38.51 -56.55 -6.20
C THR N 167 -39.24 -57.44 -5.23
N LYS N 168 -38.95 -58.73 -5.35
CA LYS N 168 -39.55 -59.76 -4.54
C LYS N 168 -39.18 -59.66 -3.06
N HIS N 169 -37.90 -59.44 -2.80
CA HIS N 169 -37.46 -59.29 -1.43
C HIS N 169 -38.10 -58.08 -0.76
N PHE N 170 -38.16 -56.96 -1.47
CA PHE N 170 -38.73 -55.73 -0.93
C PHE N 170 -40.25 -55.86 -0.72
N GLU N 171 -40.93 -56.61 -1.60
CA GLU N 171 -42.35 -56.99 -1.36
C GLU N 171 -42.49 -57.91 -0.15
N GLN N 172 -41.57 -58.84 0.06
CA GLN N 172 -41.68 -59.70 1.21
C GLN N 172 -41.48 -58.87 2.46
N PHE N 173 -40.45 -57.99 2.46
CA PHE N 173 -40.14 -57.13 3.62
C PHE N 173 -41.37 -56.25 3.96
N TYR N 174 -42.06 -55.76 2.93
CA TYR N 174 -43.23 -54.94 3.16
C TYR N 174 -44.32 -55.75 3.89
N LEU N 175 -44.59 -56.93 3.38
CA LEU N 175 -45.59 -57.80 4.00
C LEU N 175 -45.31 -58.01 5.49
N LYS N 176 -44.05 -58.23 5.83
CA LYS N 176 -43.60 -58.34 7.21
C LYS N 176 -43.80 -57.05 8.04
N ALA N 177 -43.46 -55.90 7.45
CA ALA N 177 -43.68 -54.61 8.10
C ALA N 177 -45.18 -54.41 8.44
N VAL N 178 -46.06 -54.78 7.50
CA VAL N 178 -47.51 -54.64 7.70
C VAL N 178 -47.95 -55.44 8.93
N GLU N 179 -47.53 -56.69 9.03
CA GLU N 179 -47.93 -57.48 10.19
C GLU N 179 -47.35 -56.88 11.46
N MET N 180 -46.07 -56.48 11.38
CA MET N 180 -45.40 -55.94 12.55
C MET N 180 -46.07 -54.68 13.08
N THR N 181 -46.60 -53.88 12.16
CA THR N 181 -47.40 -52.71 12.53
C THR N 181 -48.64 -53.15 13.28
N GLY N 182 -49.27 -54.21 12.79
CA GLY N 182 -50.27 -54.95 13.55
C GLY N 182 -49.85 -55.22 15.01
N TYR N 183 -48.70 -55.89 15.21
CA TYR N 183 -48.16 -56.18 16.56
C TYR N 183 -48.09 -54.96 17.48
N LEU N 184 -47.96 -53.74 16.95
CA LEU N 184 -47.81 -52.60 17.86
C LEU N 184 -49.09 -52.34 18.63
N ARG N 185 -50.18 -53.02 18.25
CA ARG N 185 -51.42 -52.88 19.00
C ARG N 185 -51.28 -53.48 20.39
N THR N 186 -50.17 -54.17 20.64
CA THR N 186 -49.92 -54.75 21.95
C THR N 186 -49.42 -53.67 22.91
N GLU N 187 -49.16 -52.50 22.36
CA GLU N 187 -48.48 -51.47 23.11
C GLU N 187 -46.98 -51.72 23.46
N LEU N 188 -46.37 -52.84 23.01
CA LEU N 188 -44.90 -52.90 22.87
C LEU N 188 -44.57 -52.31 21.52
N HIS N 189 -43.70 -51.32 21.51
CA HIS N 189 -43.42 -50.58 20.31
C HIS N 189 -42.03 -50.86 19.77
N HIS N 190 -41.18 -51.50 20.58
CA HIS N 190 -39.87 -51.96 20.11
C HIS N 190 -39.69 -53.33 20.71
N PHE N 191 -39.33 -54.29 19.89
CA PHE N 191 -39.12 -55.64 20.34
C PHE N 191 -38.06 -56.18 19.41
N PRO N 192 -37.38 -57.26 19.82
CA PRO N 192 -36.19 -57.76 19.11
C PRO N 192 -36.40 -58.10 17.64
N ALA N 193 -37.54 -58.67 17.28
CA ALA N 193 -37.78 -59.02 15.91
C ALA N 193 -37.98 -57.77 15.05
N LEU N 194 -38.44 -56.67 15.62
CA LEU N 194 -38.51 -55.46 14.83
C LEU N 194 -37.13 -54.95 14.57
N LYS N 195 -36.30 -54.93 15.61
CA LYS N 195 -34.91 -54.50 15.48
C LYS N 195 -34.12 -55.33 14.47
N LYS N 196 -34.26 -56.65 14.56
CA LYS N 196 -33.65 -57.57 13.58
C LYS N 196 -34.13 -57.26 12.16
N PHE N 197 -35.45 -57.16 11.98
CA PHE N 197 -36.06 -56.80 10.74
C PHE N 197 -35.38 -55.58 10.09
N THR N 198 -35.15 -54.54 10.88
CA THR N 198 -34.60 -53.29 10.36
C THR N 198 -33.15 -53.46 9.91
N LYS N 199 -32.39 -54.29 10.64
CA LYS N 199 -31.05 -54.67 10.17
C LYS N 199 -31.09 -55.49 8.87
N ASP N 200 -32.04 -56.42 8.79
CA ASP N 200 -32.23 -57.21 7.57
C ASP N 200 -32.59 -56.33 6.37
N VAL N 201 -33.54 -55.41 6.58
CA VAL N 201 -33.91 -54.47 5.49
C VAL N 201 -32.67 -53.65 5.10
N SER N 202 -31.94 -53.18 6.11
CA SER N 202 -30.78 -52.28 5.90
C SER N 202 -29.67 -52.92 5.07
N LEU N 203 -29.40 -54.20 5.31
CA LEU N 203 -28.40 -54.94 4.53
C LEU N 203 -28.84 -55.06 3.08
N GLU N 204 -30.11 -55.36 2.86
CA GLU N 204 -30.67 -55.46 1.51
C GLU N 204 -30.58 -54.10 0.77
N LEU N 205 -30.92 -53.02 1.49
CA LEU N 205 -30.79 -51.69 0.91
C LEU N 205 -29.37 -51.39 0.40
N LYS N 206 -28.38 -51.91 1.14
CA LYS N 206 -26.96 -51.77 0.86
C LYS N 206 -26.62 -52.51 -0.45
N LEU N 207 -27.10 -53.75 -0.57
CA LEU N 207 -26.99 -54.55 -1.81
C LEU N 207 -27.68 -53.84 -2.94
N PHE N 208 -28.84 -53.26 -2.64
CA PHE N 208 -29.61 -52.64 -3.72
C PHE N 208 -28.91 -51.38 -4.24
N SER N 209 -28.42 -50.54 -3.33
CA SER N 209 -27.54 -49.42 -3.71
C SER N 209 -26.35 -49.74 -4.61
N HIS N 210 -25.60 -50.80 -4.32
CA HIS N 210 -24.52 -51.21 -5.21
C HIS N 210 -25.04 -51.56 -6.59
N PHE N 211 -26.15 -52.31 -6.61
CA PHE N 211 -26.80 -52.65 -7.84
C PHE N 211 -27.23 -51.38 -8.61
N LEU N 212 -27.77 -50.39 -7.89
CA LEU N 212 -28.15 -49.14 -8.52
C LEU N 212 -26.94 -48.40 -9.09
N HIS N 213 -25.85 -48.32 -8.35
CA HIS N 213 -24.64 -47.65 -8.88
C HIS N 213 -24.10 -48.41 -10.10
N GLU N 214 -24.13 -49.73 -10.05
CA GLU N 214 -23.75 -50.49 -11.26
C GLU N 214 -24.63 -50.14 -12.49
N VAL N 215 -25.96 -50.13 -12.29
CA VAL N 215 -26.90 -49.77 -13.37
C VAL N 215 -26.62 -48.33 -13.84
N GLU N 216 -26.33 -47.43 -12.90
CA GLU N 216 -26.00 -46.06 -13.26
C GLU N 216 -24.78 -46.02 -14.17
N GLU N 217 -23.72 -46.76 -13.80
CA GLU N 217 -22.48 -46.84 -14.58
C GLU N 217 -22.75 -47.44 -15.96
N LEU N 218 -23.54 -48.54 -16.03
CA LEU N 218 -23.94 -49.09 -17.33
C LEU N 218 -24.61 -48.02 -18.21
N GLU N 219 -25.48 -47.22 -17.61
CA GLU N 219 -26.19 -46.18 -18.38
C GLU N 219 -25.22 -45.09 -18.84
N LEU N 220 -24.30 -44.70 -17.97
CA LEU N 220 -23.30 -43.66 -18.33
C LEU N 220 -22.44 -44.11 -19.51
N SER N 221 -22.12 -45.40 -19.56
CA SER N 221 -21.19 -45.91 -20.56
C SER N 221 -21.94 -46.46 -21.78
N ASN N 222 -23.26 -46.32 -21.74
CA ASN N 222 -24.13 -46.93 -22.71
C ASN N 222 -23.90 -48.46 -22.82
N GLU N 223 -23.52 -49.13 -21.75
CA GLU N 223 -23.31 -50.60 -21.84
C GLU N 223 -24.55 -51.47 -21.53
N VAL N 224 -25.71 -50.86 -21.27
CA VAL N 224 -26.90 -51.65 -21.05
C VAL N 224 -27.90 -51.15 -22.05
N LEU N 225 -28.78 -52.05 -22.50
CA LEU N 225 -29.85 -51.68 -23.44
C LEU N 225 -31.06 -51.48 -22.60
N SER N 226 -31.64 -50.29 -22.65
CA SER N 226 -32.74 -49.97 -21.75
C SER N 226 -33.46 -48.72 -22.23
N VAL N 227 -34.58 -48.40 -21.59
CA VAL N 227 -35.23 -47.10 -21.79
C VAL N 227 -35.08 -46.31 -20.49
N LEU N 228 -34.00 -46.56 -19.76
CA LEU N 228 -33.84 -45.88 -18.48
C LEU N 228 -32.71 -44.90 -18.69
N SER N 229 -32.28 -44.27 -17.61
CA SER N 229 -31.28 -43.25 -17.74
C SER N 229 -30.42 -43.34 -16.53
N ALA N 230 -29.17 -42.89 -16.65
CA ALA N 230 -28.28 -42.83 -15.48
C ALA N 230 -28.89 -41.97 -14.36
N ARG N 231 -29.49 -40.83 -14.72
CA ARG N 231 -30.12 -39.96 -13.73
C ARG N 231 -31.20 -40.68 -12.91
N MET N 232 -32.01 -41.50 -13.58
CA MET N 232 -33.02 -42.29 -12.87
C MET N 232 -32.39 -43.31 -11.87
N ALA N 233 -31.33 -44.01 -12.26
CA ALA N 233 -30.61 -44.87 -11.30
C ALA N 233 -29.96 -44.08 -10.15
N ASP N 234 -29.33 -42.95 -10.47
CA ASP N 234 -28.81 -42.07 -9.43
C ASP N 234 -29.89 -41.65 -8.40
N HIS N 235 -31.02 -41.24 -8.94
CA HIS N 235 -32.17 -40.77 -8.18
C HIS N 235 -32.61 -41.84 -7.22
N MET N 236 -32.78 -43.06 -7.74
CA MET N 236 -33.28 -44.20 -6.95
C MET N 236 -32.33 -44.50 -5.81
N ALA N 237 -31.01 -44.41 -6.07
CA ALA N 237 -30.02 -44.69 -5.03
C ALA N 237 -30.00 -43.62 -3.95
N ARG N 238 -30.11 -42.36 -4.35
CA ARG N 238 -30.20 -41.24 -3.37
C ARG N 238 -31.35 -41.50 -2.41
N GLU N 239 -32.48 -41.90 -2.98
CA GLU N 239 -33.65 -42.21 -2.18
C GLU N 239 -33.45 -43.43 -1.26
N GLU N 240 -32.78 -44.47 -1.77
CA GLU N 240 -32.54 -45.66 -0.91
C GLU N 240 -31.65 -45.27 0.27
N CYS N 241 -30.69 -44.39 -0.01
CA CYS N 241 -29.80 -43.81 1.01
C CYS N 241 -30.57 -43.08 2.09
N TYR N 242 -31.55 -42.30 1.66
CA TYR N 242 -32.34 -41.47 2.58
C TYR N 242 -33.08 -42.41 3.52
N TYR N 243 -33.54 -43.51 2.96
CA TYR N 243 -34.30 -44.50 3.72
C TYR N 243 -33.34 -45.21 4.71
N LEU N 244 -32.14 -45.55 4.26
CA LEU N 244 -31.17 -46.26 5.14
C LEU N 244 -30.87 -45.37 6.34
N LEU N 245 -30.58 -44.13 6.02
CA LEU N 245 -30.26 -43.10 7.02
C LEU N 245 -31.36 -42.89 8.06
N LYS N 246 -32.63 -42.88 7.65
CA LYS N 246 -33.74 -42.76 8.57
C LYS N 246 -33.95 -44.03 9.37
N LEU N 247 -33.71 -45.19 8.77
CA LEU N 247 -33.72 -46.44 9.54
C LEU N 247 -32.67 -46.45 10.61
N ALA N 248 -31.45 -46.06 10.23
CA ALA N 248 -30.34 -45.89 11.21
C ALA N 248 -30.64 -44.94 12.39
N GLN N 249 -31.23 -43.78 12.10
CA GLN N 249 -31.62 -42.81 13.15
C GLN N 249 -32.76 -43.29 14.05
N SER N 250 -33.84 -43.82 13.45
CA SER N 250 -34.99 -44.27 14.23
C SER N 250 -34.63 -45.54 15.00
N SER N 251 -33.82 -46.40 14.39
CA SER N 251 -33.60 -47.74 14.96
C SER N 251 -32.40 -47.79 15.86
N GLY N 252 -31.50 -46.85 15.70
CA GLY N 252 -30.30 -46.85 16.51
C GLY N 252 -29.23 -47.76 15.94
N LEU N 253 -28.84 -47.53 14.69
CA LEU N 253 -27.80 -48.30 14.02
C LEU N 253 -26.73 -47.32 13.57
N GLU N 254 -25.60 -47.85 13.11
CA GLU N 254 -24.55 -47.04 12.51
C GLU N 254 -25.08 -46.28 11.30
N MET N 255 -24.86 -44.96 11.31
CA MET N 255 -25.10 -44.10 10.17
C MET N 255 -24.54 -44.68 8.85
N PRO N 256 -25.37 -44.76 7.79
CA PRO N 256 -24.79 -45.24 6.52
C PRO N 256 -23.71 -44.27 6.03
N LYS N 257 -22.82 -44.77 5.19
CA LYS N 257 -21.82 -43.98 4.50
C LYS N 257 -22.29 -43.91 3.06
N CYS N 258 -23.21 -42.99 2.81
CA CYS N 258 -23.80 -42.80 1.49
C CYS N 258 -24.37 -41.40 1.55
N ASN N 259 -24.36 -40.68 0.43
CA ASN N 259 -24.87 -39.32 0.43
C ASN N 259 -26.20 -39.23 -0.32
N PRO N 260 -27.28 -38.88 0.38
CA PRO N 260 -28.54 -38.80 -0.37
C PRO N 260 -28.67 -37.48 -1.11
N LEU N 261 -27.72 -36.57 -0.87
CA LEU N 261 -27.78 -35.22 -1.45
C LEU N 261 -27.22 -35.17 -2.87
N GLU N 262 -26.15 -35.92 -3.12
CA GLU N 262 -25.59 -36.02 -4.48
C GLU N 262 -25.03 -37.38 -4.82
N GLY N 263 -25.10 -37.74 -6.11
CA GLY N 263 -24.71 -39.06 -6.63
C GLY N 263 -23.28 -39.45 -6.32
N ASN O 6 -62.92 33.28 -38.42
CA ASN O 6 -63.41 33.64 -37.06
C ASN O 6 -62.54 33.09 -35.91
N TYR O 7 -62.56 33.81 -34.79
CA TYR O 7 -61.68 33.55 -33.67
C TYR O 7 -61.68 32.10 -33.25
N GLU O 8 -62.84 31.59 -32.86
CA GLU O 8 -62.93 30.22 -32.38
C GLU O 8 -62.15 29.18 -33.20
N GLU O 9 -62.42 29.11 -34.51
CA GLU O 9 -61.72 28.17 -35.38
C GLU O 9 -60.22 28.41 -35.40
N SER O 10 -59.84 29.67 -35.55
CA SER O 10 -58.46 30.16 -35.50
C SER O 10 -57.74 29.68 -34.23
N ALA O 11 -58.37 29.97 -33.10
CA ALA O 11 -57.83 29.61 -31.80
C ALA O 11 -57.73 28.10 -31.64
N LEU O 12 -58.81 27.37 -31.91
CA LEU O 12 -58.74 25.91 -31.79
C LEU O 12 -57.64 25.28 -32.63
N PHE O 13 -57.47 25.80 -33.84
CA PHE O 13 -56.51 25.23 -34.77
C PHE O 13 -55.12 25.43 -34.24
N GLU O 14 -54.88 26.65 -33.77
CA GLU O 14 -53.57 27.04 -33.29
C GLU O 14 -53.18 26.26 -32.05
N HIS O 15 -54.02 26.32 -31.00
CA HIS O 15 -53.75 25.58 -29.77
C HIS O 15 -53.63 24.09 -29.99
N GLN O 16 -54.42 23.54 -30.90
CA GLN O 16 -54.40 22.10 -31.11
C GLN O 16 -53.06 21.68 -31.70
N PHE O 17 -52.63 22.40 -32.75
CA PHE O 17 -51.33 22.18 -33.37
C PHE O 17 -50.16 22.38 -32.40
N TRP O 18 -50.10 23.58 -31.83
CA TRP O 18 -49.00 24.01 -30.97
C TRP O 18 -48.88 23.24 -29.66
N LEU O 19 -50.01 22.97 -29.00
CA LEU O 19 -50.01 22.20 -27.75
C LEU O 19 -49.56 20.76 -27.96
N LYS O 20 -49.85 20.19 -29.11
CA LYS O 20 -49.35 18.86 -29.43
C LYS O 20 -47.83 18.84 -29.80
N VAL O 21 -47.39 19.85 -30.55
CA VAL O 21 -45.96 20.12 -30.75
C VAL O 21 -45.19 20.35 -29.42
N LEU O 22 -45.77 21.10 -28.48
CA LEU O 22 -45.08 21.37 -27.24
C LEU O 22 -44.98 20.12 -26.35
N THR O 23 -46.03 19.30 -26.38
CA THR O 23 -46.09 18.05 -25.65
C THR O 23 -45.02 17.13 -26.21
N ASP O 24 -44.87 17.11 -27.54
CA ASP O 24 -43.83 16.33 -28.21
C ASP O 24 -42.42 16.79 -27.79
N HIS O 25 -42.20 18.10 -27.78
CA HIS O 25 -40.89 18.60 -27.34
C HIS O 25 -40.52 18.15 -25.94
N ALA O 26 -41.47 18.24 -25.02
CA ALA O 26 -41.22 17.89 -23.64
C ALA O 26 -40.85 16.41 -23.59
N GLN O 27 -41.55 15.60 -24.38
CA GLN O 27 -41.29 14.15 -24.43
C GLN O 27 -39.93 13.87 -25.07
N PHE O 28 -39.66 14.54 -26.19
CA PHE O 28 -38.37 14.38 -26.85
C PHE O 28 -37.20 14.72 -25.89
N LEU O 29 -37.32 15.85 -25.20
CA LEU O 29 -36.33 16.29 -24.23
C LEU O 29 -36.23 15.32 -23.04
N LEU O 30 -37.38 14.96 -22.46
CA LEU O 30 -37.42 13.92 -21.44
C LEU O 30 -36.57 12.69 -21.82
N ASP O 31 -36.86 12.05 -22.96
CA ASP O 31 -36.13 10.82 -23.35
C ASP O 31 -34.65 11.03 -23.74
N ALA O 32 -34.27 12.27 -24.09
CA ALA O 32 -32.90 12.64 -24.51
C ALA O 32 -31.90 12.95 -23.35
N LEU O 33 -32.41 13.38 -22.20
CA LEU O 33 -31.59 13.64 -21.01
C LEU O 33 -30.89 12.34 -20.53
N ALA O 34 -29.60 12.42 -20.15
CA ALA O 34 -28.94 11.26 -19.54
C ALA O 34 -29.71 10.94 -18.27
N PRO O 35 -29.81 9.67 -17.89
CA PRO O 35 -30.53 9.35 -16.67
C PRO O 35 -30.12 10.18 -15.41
N LYS O 36 -28.82 10.49 -15.26
CA LYS O 36 -28.31 11.32 -14.18
C LYS O 36 -28.86 12.77 -14.13
N GLU O 37 -29.43 13.26 -15.22
CA GLU O 37 -29.94 14.63 -15.18
C GLU O 37 -31.27 14.80 -14.39
N LYS O 38 -31.27 14.39 -13.12
CA LYS O 38 -32.52 14.29 -12.33
C LYS O 38 -33.39 15.51 -12.46
N GLU O 39 -32.80 16.66 -12.16
CA GLU O 39 -33.60 17.87 -12.10
C GLU O 39 -34.29 18.18 -13.42
N ASP O 40 -33.58 18.08 -14.55
CA ASP O 40 -34.19 18.47 -15.82
C ASP O 40 -35.15 17.41 -16.28
N ILE O 41 -34.90 16.20 -15.84
CA ILE O 41 -35.85 15.13 -16.07
C ILE O 41 -37.20 15.43 -15.36
N LYS O 42 -37.12 15.85 -14.10
CA LYS O 42 -38.31 16.29 -13.40
C LYS O 42 -39.02 17.45 -14.12
N LYS O 43 -38.28 18.41 -14.66
CA LYS O 43 -38.94 19.47 -15.43
C LYS O 43 -39.61 19.00 -16.74
N ALA O 44 -38.97 18.09 -17.48
CA ALA O 44 -39.53 17.66 -18.75
C ALA O 44 -40.76 16.81 -18.49
N THR O 45 -40.73 16.10 -17.37
CA THR O 45 -41.90 15.32 -16.96
C THR O 45 -43.05 16.28 -16.72
N TYR O 46 -42.80 17.32 -15.92
CA TYR O 46 -43.79 18.36 -15.66
C TYR O 46 -44.39 18.98 -16.95
N PHE O 47 -43.58 19.10 -17.99
CA PHE O 47 -44.03 19.82 -19.16
C PHE O 47 -44.86 18.95 -20.06
N VAL O 48 -44.50 17.68 -20.10
CA VAL O 48 -45.29 16.64 -20.79
C VAL O 48 -46.70 16.58 -20.17
N GLU O 49 -46.75 16.59 -18.84
CA GLU O 49 -48.01 16.55 -18.10
C GLU O 49 -48.80 17.85 -18.29
N THR O 50 -48.16 18.99 -18.05
CA THR O 50 -48.73 20.31 -18.28
C THR O 50 -49.34 20.46 -19.67
N PHE O 51 -48.60 20.10 -20.72
CA PHE O 51 -49.08 20.32 -22.08
C PHE O 51 -50.13 19.31 -22.50
N THR O 52 -49.95 18.06 -22.08
CA THR O 52 -50.97 17.04 -22.27
C THR O 52 -52.32 17.56 -21.73
N ASN O 53 -52.31 18.09 -20.51
CA ASN O 53 -53.57 18.56 -19.91
C ASN O 53 -54.19 19.74 -20.59
N LEU O 54 -53.36 20.70 -21.01
CA LEU O 54 -53.87 21.86 -21.75
C LEU O 54 -54.55 21.43 -23.04
N LEU O 55 -53.91 20.50 -23.75
CA LEU O 55 -54.45 20.08 -25.03
C LEU O 55 -55.75 19.31 -24.79
N ASN O 56 -55.84 18.64 -23.66
CA ASN O 56 -57.04 17.91 -23.34
C ASN O 56 -58.26 18.81 -23.05
N LYS O 57 -58.07 19.89 -22.31
CA LYS O 57 -59.21 20.71 -21.95
C LYS O 57 -59.50 21.80 -22.97
N VAL O 58 -59.02 21.63 -24.20
CA VAL O 58 -59.07 22.73 -25.19
C VAL O 58 -60.48 23.03 -25.69
N ARG O 59 -61.27 21.99 -25.94
CA ARG O 59 -62.62 22.15 -26.53
C ARG O 59 -63.70 22.51 -25.52
N ASN O 60 -63.34 22.48 -24.23
CA ASN O 60 -64.32 22.68 -23.18
C ASN O 60 -63.90 23.82 -22.27
N VAL O 61 -63.52 24.95 -22.87
CA VAL O 61 -63.11 26.11 -22.08
C VAL O 61 -63.27 27.42 -22.82
N ASN O 62 -63.26 28.50 -22.06
CA ASN O 62 -63.25 29.83 -22.65
C ASN O 62 -61.89 30.12 -23.32
N LEU O 63 -61.85 30.08 -24.65
CA LEU O 63 -60.59 30.21 -25.38
C LEU O 63 -59.73 31.43 -25.04
N MET O 64 -60.36 32.57 -24.73
CA MET O 64 -59.57 33.74 -24.40
CA MET O 64 -59.59 33.76 -24.37
C MET O 64 -58.78 33.56 -23.11
N ALA O 65 -59.44 33.17 -22.03
CA ALA O 65 -58.79 32.93 -20.72
C ALA O 65 -57.82 31.75 -20.77
N PHE O 66 -58.15 30.76 -21.60
CA PHE O 66 -57.28 29.59 -21.83
C PHE O 66 -55.96 29.98 -22.51
N SER O 67 -56.03 30.79 -23.56
CA SER O 67 -54.81 31.30 -24.21
C SER O 67 -53.80 31.82 -23.18
N LYS O 68 -54.29 32.48 -22.14
CA LYS O 68 -53.40 33.05 -21.13
C LYS O 68 -52.67 31.99 -20.30
N GLU O 69 -53.39 30.95 -19.92
CA GLU O 69 -52.77 29.77 -19.34
C GLU O 69 -51.73 29.15 -20.30
N ALA O 70 -52.13 28.88 -21.54
CA ALA O 70 -51.24 28.32 -22.58
C ALA O 70 -49.95 29.12 -22.73
N GLU O 71 -50.08 30.46 -22.73
CA GLU O 71 -48.92 31.34 -22.85
C GLU O 71 -47.94 31.13 -21.70
N GLN O 72 -48.44 31.19 -20.47
CA GLN O 72 -47.62 30.93 -19.30
C GLN O 72 -46.76 29.71 -19.53
N ALA O 73 -47.39 28.58 -19.83
CA ALA O 73 -46.67 27.31 -19.97
C ALA O 73 -45.65 27.36 -21.11
N ALA O 74 -45.99 28.10 -22.17
CA ALA O 74 -45.13 28.21 -23.34
C ALA O 74 -43.91 29.01 -22.96
N LYS O 75 -44.13 30.14 -22.31
CA LYS O 75 -43.01 30.88 -21.79
C LYS O 75 -42.23 30.04 -20.77
N GLU O 76 -42.90 29.24 -19.95
CA GLU O 76 -42.12 28.33 -19.13
C GLU O 76 -41.25 27.41 -19.97
N ILE O 77 -41.82 26.80 -21.01
CA ILE O 77 -41.03 25.83 -21.74
C ILE O 77 -39.90 26.51 -22.54
N ARG O 78 -40.16 27.74 -23.02
CA ARG O 78 -39.14 28.53 -23.69
C ARG O 78 -37.90 28.60 -22.82
N ALA O 79 -38.07 29.01 -21.57
CA ALA O 79 -36.97 29.18 -20.62
C ALA O 79 -36.30 27.86 -20.23
N PHE O 80 -37.02 26.77 -20.27
CA PHE O 80 -36.40 25.46 -20.03
C PHE O 80 -35.44 25.09 -21.20
N LYS O 81 -35.94 25.24 -22.42
CA LYS O 81 -35.14 25.05 -23.60
C LYS O 81 -33.90 25.95 -23.58
N LEU O 82 -34.05 27.22 -23.20
CA LEU O 82 -32.91 28.12 -23.21
C LEU O 82 -31.91 27.76 -22.11
N ASN O 83 -32.41 27.28 -20.99
CA ASN O 83 -31.50 26.88 -19.94
C ASN O 83 -30.71 25.66 -20.35
N ILE O 84 -31.36 24.73 -21.03
CA ILE O 84 -30.65 23.57 -21.55
C ILE O 84 -29.50 23.99 -22.49
N ILE O 85 -29.78 24.87 -23.46
CA ILE O 85 -28.78 25.41 -24.41
C ILE O 85 -27.65 26.14 -23.72
N GLN O 86 -27.96 26.98 -22.75
CA GLN O 86 -26.91 27.69 -22.03
C GLN O 86 -25.93 26.70 -21.38
N LYS O 87 -26.47 25.65 -20.76
CA LYS O 87 -25.67 24.59 -20.16
C LYS O 87 -24.91 23.72 -21.17
N GLN O 88 -25.46 23.55 -22.38
CA GLN O 88 -24.71 22.88 -23.44
C GLN O 88 -23.47 23.71 -23.82
N LEU O 89 -23.69 24.99 -23.97
CA LEU O 89 -22.64 25.89 -24.34
C LEU O 89 -21.53 25.98 -23.30
N GLU O 90 -21.85 25.59 -22.05
CA GLU O 90 -20.91 25.64 -20.92
C GLU O 90 -20.47 24.24 -20.50
N GLY O 91 -20.93 23.23 -21.23
CA GLY O 91 -20.62 21.83 -20.90
C GLY O 91 -21.24 21.36 -19.60
N LYS O 92 -22.45 21.81 -19.30
CA LYS O 92 -23.03 21.53 -17.99
C LYS O 92 -24.18 20.55 -17.97
N ILE O 93 -24.40 19.84 -19.08
CA ILE O 93 -25.55 18.95 -19.19
C ILE O 93 -25.24 17.87 -20.20
N THR O 94 -25.68 16.64 -19.93
CA THR O 94 -25.64 15.54 -20.93
C THR O 94 -27.04 15.34 -21.47
N ILE O 95 -27.24 15.82 -22.69
CA ILE O 95 -28.49 15.61 -23.37
C ILE O 95 -28.23 15.21 -24.81
N HIS O 96 -29.01 14.29 -25.34
CA HIS O 96 -28.70 13.73 -26.67
C HIS O 96 -29.30 14.46 -27.85
N PHE O 97 -29.52 15.76 -27.72
CA PHE O 97 -29.84 16.63 -28.85
C PHE O 97 -28.76 17.69 -28.89
N THR O 98 -28.54 18.26 -30.07
CA THR O 98 -27.48 19.26 -30.24
C THR O 98 -28.06 20.67 -30.03
N PRO O 99 -27.20 21.67 -29.72
CA PRO O 99 -27.77 22.99 -29.41
C PRO O 99 -28.63 23.56 -30.53
N THR O 100 -28.34 23.23 -31.78
CA THR O 100 -29.09 23.81 -32.89
C THR O 100 -30.50 23.19 -32.92
N PHE O 101 -30.59 21.91 -32.61
CA PHE O 101 -31.91 21.26 -32.56
C PHE O 101 -32.82 21.94 -31.55
N ILE O 102 -32.33 22.13 -30.33
CA ILE O 102 -33.08 22.79 -29.27
C ILE O 102 -33.38 24.28 -29.63
N ASN O 103 -32.40 24.94 -30.24
CA ASN O 103 -32.59 26.32 -30.70
C ASN O 103 -33.80 26.41 -31.68
N HIS O 104 -33.99 25.38 -32.48
CA HIS O 104 -35.16 25.33 -33.37
C HIS O 104 -36.46 25.09 -32.60
N MET O 105 -36.39 24.40 -31.46
CA MET O 105 -37.55 24.20 -30.60
C MET O 105 -37.94 25.55 -30.03
N VAL O 106 -36.91 26.32 -29.67
CA VAL O 106 -37.07 27.68 -29.17
C VAL O 106 -37.69 28.60 -30.19
N ASN O 107 -37.31 28.48 -31.47
CA ASN O 107 -37.95 29.30 -32.49
C ASN O 107 -39.42 28.92 -32.61
N GLU O 108 -39.72 27.63 -32.43
CA GLU O 108 -41.09 27.17 -32.58
C GLU O 108 -41.97 27.67 -31.45
N VAL O 109 -41.60 27.42 -30.20
CA VAL O 109 -42.40 27.99 -29.13
C VAL O 109 -42.55 29.52 -29.27
N GLU O 110 -41.55 30.20 -29.85
CA GLU O 110 -41.66 31.65 -30.03
C GLU O 110 -42.69 31.99 -31.10
N GLU O 111 -42.89 31.10 -32.06
CA GLU O 111 -43.96 31.27 -33.06
C GLU O 111 -45.36 31.13 -32.41
N TYR O 112 -45.51 30.14 -31.53
CA TYR O 112 -46.72 29.95 -30.74
C TYR O 112 -47.02 31.22 -29.94
N ILE O 113 -45.98 31.70 -29.26
CA ILE O 113 -46.12 32.82 -28.34
C ILE O 113 -46.51 34.09 -29.09
N ALA O 114 -46.05 34.22 -30.34
CA ALA O 114 -46.30 35.42 -31.15
C ALA O 114 -47.78 35.46 -31.59
N VAL O 115 -48.30 34.25 -31.81
CA VAL O 115 -49.69 33.93 -32.12
C VAL O 115 -50.64 34.19 -30.93
N LEU O 116 -50.22 33.81 -29.73
CA LEU O 116 -50.96 34.01 -28.49
C LEU O 116 -51.16 35.47 -28.16
N GLU O 117 -50.34 36.36 -28.72
CA GLU O 117 -50.46 37.78 -28.40
C GLU O 117 -51.83 38.22 -28.91
N PHE O 118 -52.27 37.55 -29.97
CA PHE O 118 -53.55 37.82 -30.63
C PHE O 118 -54.74 37.03 -30.03
N LEU O 119 -54.61 35.70 -29.97
CA LEU O 119 -55.54 34.82 -29.25
C LEU O 119 -55.87 35.23 -27.81
N LYS O 120 -54.89 35.74 -27.08
CA LYS O 120 -55.13 36.23 -25.71
C LYS O 120 -56.15 37.37 -25.67
N LYS O 121 -56.19 38.21 -26.71
CA LYS O 121 -57.23 39.25 -26.79
C LYS O 121 -58.38 38.92 -27.75
N GLY O 122 -58.70 37.65 -27.91
CA GLY O 122 -59.78 37.27 -28.80
C GLY O 122 -59.66 37.77 -30.24
N GLU O 123 -58.44 37.81 -30.78
CA GLU O 123 -58.27 38.14 -32.19
C GLU O 123 -57.78 36.96 -33.01
N VAL O 124 -57.94 37.05 -34.33
CA VAL O 124 -57.44 36.04 -35.25
C VAL O 124 -56.04 36.47 -35.66
N PRO O 125 -55.04 35.57 -35.51
CA PRO O 125 -53.67 35.90 -35.85
C PRO O 125 -53.59 36.25 -37.33
N PRO O 126 -52.92 37.36 -37.67
CA PRO O 126 -52.81 37.74 -39.06
C PRO O 126 -51.95 36.76 -39.86
N VAL O 127 -52.20 36.71 -41.16
CA VAL O 127 -51.38 35.94 -42.08
C VAL O 127 -50.14 36.78 -42.35
N PHE O 128 -48.98 36.36 -41.83
CA PHE O 128 -47.74 37.08 -42.10
C PHE O 128 -47.31 36.96 -43.57
N HIS O 129 -46.35 37.79 -43.94
CA HIS O 129 -45.78 37.77 -45.28
C HIS O 129 -45.07 36.44 -45.47
N GLU O 130 -45.11 35.91 -46.70
CA GLU O 130 -44.68 34.54 -46.90
C GLU O 130 -43.22 34.37 -46.42
N LEU O 131 -42.40 35.39 -46.60
CA LEU O 131 -41.00 35.34 -46.19
C LEU O 131 -40.82 35.21 -44.66
N HIS O 132 -41.75 35.76 -43.85
CA HIS O 132 -41.71 35.49 -42.42
C HIS O 132 -41.64 33.99 -42.22
N TYR O 133 -42.57 33.27 -42.85
CA TYR O 133 -42.70 31.79 -42.69
C TYR O 133 -41.47 31.09 -43.23
N HIS O 134 -41.00 31.51 -44.40
CA HIS O 134 -39.72 30.96 -44.93
C HIS O 134 -38.53 31.09 -43.99
N LEU O 135 -38.27 32.31 -43.53
CA LEU O 135 -37.15 32.57 -42.57
C LEU O 135 -37.29 31.83 -41.25
N VAL O 136 -38.53 31.49 -40.88
CA VAL O 136 -38.74 30.72 -39.66
C VAL O 136 -38.58 29.25 -39.94
N TRP O 137 -39.16 28.76 -41.03
CA TRP O 137 -39.32 27.32 -41.17
C TRP O 137 -38.26 26.60 -42.04
N LEU O 138 -37.55 27.35 -42.86
CA LEU O 138 -36.57 26.75 -43.76
C LEU O 138 -35.41 26.13 -42.98
N THR O 139 -34.84 26.89 -42.03
CA THR O 139 -33.78 26.31 -41.18
C THR O 139 -34.33 25.14 -40.36
N ASP O 140 -35.59 25.26 -39.94
CA ASP O 140 -36.25 24.19 -39.24
C ASP O 140 -36.33 22.91 -40.11
N ALA O 141 -36.77 23.06 -41.36
CA ALA O 141 -36.77 21.97 -42.32
C ALA O 141 -35.38 21.33 -42.50
N ALA O 142 -34.36 22.16 -42.71
CA ALA O 142 -32.98 21.67 -42.92
C ALA O 142 -32.50 20.93 -41.68
N GLY O 143 -32.84 21.47 -40.50
CA GLY O 143 -32.60 20.81 -39.22
C GLY O 143 -33.33 19.48 -39.04
N HIS O 144 -34.58 19.41 -39.52
CA HIS O 144 -35.28 18.10 -39.53
C HIS O 144 -34.53 17.06 -40.37
N ALA O 145 -34.23 17.39 -41.62
CA ALA O 145 -33.48 16.48 -42.49
C ALA O 145 -32.11 16.15 -41.92
N GLY O 146 -31.42 17.15 -41.36
CA GLY O 146 -30.11 16.90 -40.69
C GLY O 146 -30.20 15.93 -39.52
N SER O 147 -31.23 16.09 -38.68
CA SER O 147 -31.47 15.10 -37.62
C SER O 147 -31.68 13.68 -38.12
N ILE O 148 -32.46 13.49 -39.16
CA ILE O 148 -32.66 12.15 -39.70
C ILE O 148 -31.30 11.63 -40.08
N SER O 149 -30.62 12.45 -40.87
CA SER O 149 -29.26 12.18 -41.30
C SER O 149 -28.33 11.71 -40.17
N GLY O 150 -28.21 12.49 -39.09
CA GLY O 150 -27.38 12.08 -37.94
C GLY O 150 -27.91 10.97 -37.03
N GLY O 151 -29.23 10.74 -37.01
CA GLY O 151 -29.83 9.69 -36.18
C GLY O 151 -29.83 8.32 -36.84
N LEU O 152 -29.49 8.27 -38.13
CA LEU O 152 -29.45 6.99 -38.85
C LEU O 152 -28.17 6.21 -38.55
N ASP O 153 -28.30 4.90 -38.44
CA ASP O 153 -27.16 4.01 -38.36
C ASP O 153 -26.21 4.25 -39.54
N LEU O 154 -24.93 4.03 -39.25
CA LEU O 154 -23.81 4.10 -40.18
C LEU O 154 -24.09 3.30 -41.43
N VAL O 155 -24.77 2.17 -41.31
CA VAL O 155 -24.99 1.40 -42.53
C VAL O 155 -26.13 1.89 -43.45
N GLU O 156 -26.95 2.85 -42.98
CA GLU O 156 -28.10 3.32 -43.75
C GLU O 156 -27.69 4.42 -44.72
N LYS O 157 -26.77 4.09 -45.62
CA LYS O 157 -26.20 5.07 -46.53
C LYS O 157 -27.18 5.64 -47.54
N ARG O 158 -28.08 4.79 -48.05
CA ARG O 158 -29.09 5.31 -49.00
C ARG O 158 -30.05 6.30 -48.32
N LEU O 159 -30.51 5.99 -47.12
CA LEU O 159 -31.39 6.88 -46.42
C LEU O 159 -30.68 8.18 -46.05
N LYS O 160 -29.41 8.05 -45.62
CA LYS O 160 -28.56 9.19 -45.30
C LYS O 160 -28.38 10.14 -46.49
N GLU O 161 -28.03 9.59 -47.64
CA GLU O 161 -27.81 10.41 -48.84
C GLU O 161 -29.04 11.22 -49.17
N LYS O 162 -30.20 10.59 -49.00
CA LYS O 162 -31.44 11.24 -49.38
C LYS O 162 -31.70 12.38 -48.41
N SER O 163 -31.64 12.10 -47.12
CA SER O 163 -31.90 13.14 -46.15
C SER O 163 -30.84 14.25 -46.26
N GLU O 164 -29.61 13.87 -46.57
CA GLU O 164 -28.54 14.84 -46.83
C GLU O 164 -28.90 15.80 -47.93
N GLU O 165 -29.49 15.25 -48.98
CA GLU O 165 -29.94 16.08 -50.06
C GLU O 165 -31.12 17.05 -49.74
N PHE O 166 -32.08 16.62 -48.91
CA PHE O 166 -33.08 17.55 -48.41
C PHE O 166 -32.43 18.70 -47.56
N THR O 167 -31.50 18.34 -46.67
CA THR O 167 -30.79 19.35 -45.85
C THR O 167 -30.18 20.44 -46.75
N LYS O 168 -29.47 20.02 -47.80
CA LYS O 168 -28.87 20.96 -48.73
C LYS O 168 -29.94 21.81 -49.41
N HIS O 169 -31.04 21.19 -49.85
CA HIS O 169 -32.06 21.96 -50.57
C HIS O 169 -32.69 22.98 -49.67
N PHE O 170 -32.93 22.63 -48.41
CA PHE O 170 -33.53 23.55 -47.44
C PHE O 170 -32.62 24.69 -47.02
N GLU O 171 -31.35 24.38 -46.78
CA GLU O 171 -30.35 25.42 -46.53
C GLU O 171 -30.23 26.42 -47.69
N GLN O 172 -30.24 25.91 -48.94
CA GLN O 172 -30.14 26.77 -50.13
C GLN O 172 -31.38 27.64 -50.30
N PHE O 173 -32.56 27.05 -50.08
CA PHE O 173 -33.80 27.84 -50.04
C PHE O 173 -33.66 28.98 -49.04
N TYR O 174 -33.13 28.68 -47.85
CA TYR O 174 -32.96 29.72 -46.84
C TYR O 174 -32.06 30.91 -47.27
N LEU O 175 -30.94 30.58 -47.91
CA LEU O 175 -30.07 31.61 -48.44
C LEU O 175 -30.85 32.45 -49.44
N LYS O 176 -31.65 31.81 -50.29
CA LYS O 176 -32.48 32.57 -51.24
C LYS O 176 -33.54 33.45 -50.51
N ALA O 177 -34.17 32.92 -49.46
CA ALA O 177 -35.17 33.68 -48.70
C ALA O 177 -34.54 34.90 -47.98
N VAL O 178 -33.33 34.71 -47.49
CA VAL O 178 -32.55 35.81 -46.94
C VAL O 178 -32.37 36.95 -47.93
N GLU O 179 -31.88 36.66 -49.13
CA GLU O 179 -31.68 37.71 -50.14
C GLU O 179 -32.99 38.38 -50.52
N MET O 180 -34.01 37.57 -50.81
CA MET O 180 -35.35 38.10 -51.17
C MET O 180 -35.93 39.01 -50.10
N THR O 181 -35.69 38.66 -48.84
CA THR O 181 -36.13 39.53 -47.79
C THR O 181 -35.48 40.90 -48.00
N GLY O 182 -34.23 40.89 -48.50
CA GLY O 182 -33.49 42.12 -48.71
C GLY O 182 -34.04 42.89 -49.89
N TYR O 183 -34.51 42.18 -50.90
CA TYR O 183 -35.18 42.80 -52.03
C TYR O 183 -36.45 43.55 -51.59
N LEU O 184 -37.06 43.15 -50.47
CA LEU O 184 -38.28 43.84 -49.98
C LEU O 184 -38.03 45.32 -49.68
N ARG O 185 -36.77 45.70 -49.52
CA ARG O 185 -36.41 47.09 -49.26
C ARG O 185 -36.73 48.00 -50.47
N THR O 186 -36.99 47.40 -51.63
CA THR O 186 -37.40 48.18 -52.78
C THR O 186 -38.84 48.63 -52.51
N GLU O 187 -39.42 48.17 -51.41
CA GLU O 187 -40.85 48.34 -51.16
C GLU O 187 -41.78 47.65 -52.19
N LEU O 188 -41.21 46.85 -53.10
CA LEU O 188 -41.98 45.91 -53.89
C LEU O 188 -42.02 44.61 -53.09
N HIS O 189 -43.22 44.22 -52.63
CA HIS O 189 -43.33 43.19 -51.63
C HIS O 189 -43.81 41.91 -52.21
N HIS O 190 -44.26 41.98 -53.45
CA HIS O 190 -44.63 40.76 -54.17
C HIS O 190 -44.17 40.93 -55.60
N PHE O 191 -43.56 39.89 -56.14
CA PHE O 191 -42.99 39.96 -57.47
C PHE O 191 -42.83 38.52 -57.94
N PRO O 192 -42.76 38.30 -59.26
CA PRO O 192 -42.76 36.96 -59.81
C PRO O 192 -41.70 36.03 -59.21
N ALA O 193 -40.47 36.52 -58.98
CA ALA O 193 -39.43 35.62 -58.50
C ALA O 193 -39.77 35.10 -57.09
N LEU O 194 -40.41 35.94 -56.29
CA LEU O 194 -40.88 35.54 -54.96
C LEU O 194 -41.96 34.46 -55.03
N LYS O 195 -42.97 34.69 -55.88
CA LYS O 195 -44.10 33.72 -55.94
C LYS O 195 -43.59 32.37 -56.34
N LYS O 196 -42.81 32.37 -57.41
CA LYS O 196 -42.17 31.19 -57.92
C LYS O 196 -41.33 30.41 -56.88
N PHE O 197 -40.55 31.15 -56.07
CA PHE O 197 -39.79 30.59 -54.94
C PHE O 197 -40.67 29.80 -53.95
N THR O 198 -41.65 30.46 -53.40
CA THR O 198 -42.59 29.84 -52.45
C THR O 198 -43.26 28.61 -53.07
N LYS O 199 -43.48 28.69 -54.37
CA LYS O 199 -43.94 27.54 -55.07
C LYS O 199 -42.90 26.41 -55.07
N ASP O 200 -41.62 26.75 -55.36
CA ASP O 200 -40.48 25.81 -55.36
C ASP O 200 -40.31 25.16 -54.00
N VAL O 201 -40.34 25.98 -52.96
CA VAL O 201 -40.36 25.49 -51.57
C VAL O 201 -41.51 24.51 -51.29
N SER O 202 -42.73 24.83 -51.72
CA SER O 202 -43.88 23.95 -51.46
C SER O 202 -43.69 22.58 -52.10
N LEU O 203 -43.31 22.56 -53.37
CA LEU O 203 -42.97 21.31 -54.00
C LEU O 203 -41.99 20.49 -53.16
N GLU O 204 -40.85 21.09 -52.74
CA GLU O 204 -39.88 20.39 -51.86
C GLU O 204 -40.47 19.84 -50.55
N LEU O 205 -41.31 20.62 -49.89
CA LEU O 205 -41.93 20.23 -48.64
C LEU O 205 -42.84 19.02 -48.79
N LYS O 206 -43.50 18.92 -49.95
CA LYS O 206 -44.33 17.76 -50.23
C LYS O 206 -43.48 16.54 -50.47
N LEU O 207 -42.42 16.65 -51.25
CA LEU O 207 -41.45 15.54 -51.32
C LEU O 207 -40.91 15.15 -49.93
N PHE O 208 -40.59 16.16 -49.12
CA PHE O 208 -40.00 15.93 -47.79
C PHE O 208 -41.00 15.24 -46.87
N SER O 209 -42.25 15.69 -46.94
CA SER O 209 -43.35 15.06 -46.19
C SER O 209 -43.48 13.59 -46.58
N HIS O 210 -43.45 13.27 -47.87
CA HIS O 210 -43.49 11.88 -48.30
C HIS O 210 -42.31 11.11 -47.68
N PHE O 211 -41.11 11.72 -47.75
CA PHE O 211 -39.91 11.11 -47.14
C PHE O 211 -40.13 10.83 -45.64
N LEU O 212 -40.70 11.83 -44.94
CA LEU O 212 -40.95 11.75 -43.51
C LEU O 212 -41.96 10.65 -43.19
N HIS O 213 -42.92 10.47 -44.09
CA HIS O 213 -43.90 9.43 -43.95
C HIS O 213 -43.26 8.05 -44.18
N GLU O 214 -42.34 7.95 -45.14
N GLU O 214 -42.35 7.96 -45.14
CA GLU O 214 -41.61 6.70 -45.38
CA GLU O 214 -41.64 6.70 -45.38
C GLU O 214 -40.84 6.29 -44.15
C GLU O 214 -40.79 6.27 -44.19
N VAL O 215 -40.11 7.24 -43.59
CA VAL O 215 -39.28 6.99 -42.42
C VAL O 215 -40.15 6.53 -41.21
N GLU O 216 -41.27 7.22 -40.99
CA GLU O 216 -42.22 6.83 -39.92
C GLU O 216 -42.68 5.38 -40.11
N GLU O 217 -43.02 5.01 -41.34
CA GLU O 217 -43.31 3.60 -41.64
C GLU O 217 -42.15 2.65 -41.34
N LEU O 218 -40.93 2.99 -41.78
CA LEU O 218 -39.76 2.16 -41.50
C LEU O 218 -39.55 1.96 -40.01
N GLU O 219 -39.76 3.06 -39.30
CA GLU O 219 -39.57 3.12 -37.87
C GLU O 219 -40.59 2.25 -37.15
N LEU O 220 -41.86 2.32 -37.55
CA LEU O 220 -42.96 1.52 -36.98
C LEU O 220 -42.71 0.04 -37.25
N SER O 221 -42.30 -0.28 -38.46
CA SER O 221 -41.98 -1.69 -38.69
C SER O 221 -40.56 -2.11 -38.28
N ASN O 222 -39.77 -1.23 -37.67
CA ASN O 222 -38.39 -1.56 -37.32
C ASN O 222 -37.57 -1.95 -38.53
N GLU O 223 -37.86 -1.37 -39.68
CA GLU O 223 -37.11 -1.77 -40.90
C GLU O 223 -35.93 -0.85 -41.13
N VAL O 224 -35.71 0.10 -40.24
CA VAL O 224 -34.57 0.99 -40.37
C VAL O 224 -33.74 0.98 -39.09
N LEU O 225 -32.43 1.03 -39.27
CA LEU O 225 -31.56 1.07 -38.13
C LEU O 225 -31.33 2.55 -37.75
N SER O 226 -31.73 2.96 -36.54
CA SER O 226 -31.60 4.36 -36.15
C SER O 226 -31.80 4.63 -34.66
N VAL O 227 -31.55 5.88 -34.26
CA VAL O 227 -31.94 6.31 -32.93
C VAL O 227 -33.11 7.25 -33.12
N LEU O 228 -33.81 7.12 -34.25
CA LEU O 228 -35.02 7.96 -34.47
C LEU O 228 -36.26 7.28 -33.86
N SER O 229 -37.41 7.93 -33.97
CA SER O 229 -38.63 7.31 -33.51
C SER O 229 -39.75 7.66 -34.48
N ALA O 230 -40.76 6.82 -34.61
CA ALA O 230 -41.90 7.13 -35.50
C ALA O 230 -42.55 8.44 -35.10
N ARG O 231 -42.64 8.68 -33.80
CA ARG O 231 -43.22 9.92 -33.27
C ARG O 231 -42.47 11.21 -33.63
N MET O 232 -41.15 11.16 -33.63
CA MET O 232 -40.36 12.27 -34.13
C MET O 232 -40.63 12.54 -35.61
N ALA O 233 -40.73 11.47 -36.39
CA ALA O 233 -41.04 11.59 -37.83
C ALA O 233 -42.44 12.19 -38.11
N ASP O 234 -43.42 11.69 -37.37
CA ASP O 234 -44.78 12.22 -37.35
C ASP O 234 -44.77 13.72 -36.99
N HIS O 235 -44.22 14.00 -35.82
CA HIS O 235 -43.97 15.38 -35.38
C HIS O 235 -43.36 16.30 -36.46
N MET O 236 -42.29 15.85 -37.10
CA MET O 236 -41.61 16.70 -38.10
C MET O 236 -42.53 16.93 -39.28
N ALA O 237 -43.24 15.88 -39.67
CA ALA O 237 -44.16 15.96 -40.79
C ALA O 237 -45.36 16.89 -40.50
N ARG O 238 -45.82 16.92 -39.24
CA ARG O 238 -46.94 17.79 -38.87
C ARG O 238 -46.56 19.26 -38.98
N GLU O 239 -45.29 19.54 -38.70
CA GLU O 239 -44.77 20.90 -38.79
C GLU O 239 -44.55 21.35 -40.23
N GLU O 240 -44.12 20.42 -41.08
CA GLU O 240 -43.91 20.76 -42.48
C GLU O 240 -45.25 21.09 -43.08
N CYS O 241 -46.28 20.35 -42.65
CA CYS O 241 -47.67 20.62 -43.05
C CYS O 241 -48.15 22.04 -42.61
N TYR O 242 -47.89 22.38 -41.36
CA TYR O 242 -48.23 23.68 -40.84
C TYR O 242 -47.57 24.76 -41.70
N TYR O 243 -46.30 24.55 -42.01
CA TYR O 243 -45.52 25.48 -42.83
C TYR O 243 -46.13 25.62 -44.23
N LEU O 244 -46.41 24.49 -44.86
CA LEU O 244 -47.05 24.43 -46.17
C LEU O 244 -48.34 25.28 -46.21
N LEU O 245 -49.16 25.08 -45.18
CA LEU O 245 -50.42 25.81 -44.94
C LEU O 245 -50.28 27.31 -44.90
N LYS O 246 -49.34 27.74 -44.10
CA LYS O 246 -49.06 29.13 -43.90
C LYS O 246 -48.48 29.71 -45.18
N LEU O 247 -47.80 28.89 -45.97
CA LEU O 247 -47.33 29.37 -47.27
C LEU O 247 -48.47 29.47 -48.30
N ALA O 248 -49.37 28.50 -48.31
CA ALA O 248 -50.51 28.51 -49.25
C ALA O 248 -51.38 29.73 -48.97
N GLN O 249 -51.66 29.94 -47.69
CA GLN O 249 -52.45 31.08 -47.27
C GLN O 249 -51.82 32.42 -47.54
N SER O 250 -50.56 32.63 -47.10
CA SER O 250 -49.91 33.93 -47.29
C SER O 250 -49.54 34.16 -48.74
N SER O 251 -49.43 33.08 -49.50
CA SER O 251 -48.87 33.22 -50.83
C SER O 251 -49.95 33.11 -51.90
N GLY O 252 -51.06 32.45 -51.58
CA GLY O 252 -52.08 32.24 -52.60
C GLY O 252 -51.91 30.92 -53.32
N LEU O 253 -51.45 29.91 -52.61
CA LEU O 253 -51.37 28.58 -53.21
C LEU O 253 -52.59 27.78 -52.71
N GLU O 254 -52.83 26.58 -53.25
CA GLU O 254 -53.91 25.77 -52.76
C GLU O 254 -53.52 25.11 -51.45
N MET O 255 -54.44 25.11 -50.48
CA MET O 255 -54.24 24.40 -49.22
C MET O 255 -53.72 23.00 -49.45
N PRO O 256 -52.67 22.62 -48.72
CA PRO O 256 -52.11 21.30 -48.95
C PRO O 256 -53.00 20.20 -48.42
N LYS O 257 -52.83 19.02 -49.00
CA LYS O 257 -53.51 17.85 -48.53
C LYS O 257 -52.66 17.22 -47.43
N CYS O 258 -52.76 17.78 -46.23
CA CYS O 258 -52.07 17.21 -45.10
C CYS O 258 -52.72 17.73 -43.83
N ASN O 259 -52.59 16.94 -42.77
CA ASN O 259 -53.31 17.25 -41.55
C ASN O 259 -52.25 17.61 -40.52
N PRO O 260 -52.20 18.88 -40.10
CA PRO O 260 -51.17 19.26 -39.13
C PRO O 260 -51.56 18.86 -37.73
N LEU O 261 -52.71 18.21 -37.58
CA LEU O 261 -53.20 17.95 -36.23
C LEU O 261 -53.00 16.51 -35.82
N GLU O 262 -53.11 15.59 -36.76
CA GLU O 262 -52.80 14.19 -36.43
C GLU O 262 -52.03 13.44 -37.52
N GLU P 4 10.94 -8.79 -26.08
CA GLU P 4 10.20 -10.07 -25.91
C GLU P 4 9.07 -9.90 -24.89
N ARG P 5 7.87 -10.33 -25.26
CA ARG P 5 6.71 -10.18 -24.40
C ARG P 5 6.77 -11.22 -23.26
N ASN P 6 6.35 -10.82 -22.05
CA ASN P 6 6.18 -11.80 -20.97
C ASN P 6 4.75 -11.80 -20.45
N TYR P 7 4.35 -12.90 -19.80
CA TYR P 7 2.98 -13.07 -19.33
C TYR P 7 2.49 -11.91 -18.44
N GLU P 8 3.30 -11.47 -17.47
CA GLU P 8 2.81 -10.43 -16.56
C GLU P 8 2.67 -9.04 -17.16
N GLU P 9 3.64 -8.61 -17.97
CA GLU P 9 3.52 -7.32 -18.63
C GLU P 9 2.34 -7.27 -19.62
N SER P 10 2.18 -8.34 -20.39
CA SER P 10 1.10 -8.45 -21.34
C SER P 10 -0.28 -8.59 -20.62
N ALA P 11 -0.35 -9.45 -19.62
CA ALA P 11 -1.55 -9.61 -18.83
C ALA P 11 -1.99 -8.23 -18.29
N LEU P 12 -1.05 -7.50 -17.74
CA LEU P 12 -1.31 -6.23 -17.16
C LEU P 12 -1.76 -5.27 -18.24
N PHE P 13 -0.99 -5.19 -19.33
CA PHE P 13 -1.38 -4.29 -20.43
C PHE P 13 -2.82 -4.58 -20.88
N GLU P 14 -3.10 -5.81 -21.25
CA GLU P 14 -4.41 -6.19 -21.78
C GLU P 14 -5.56 -5.90 -20.83
N HIS P 15 -5.45 -6.35 -19.58
CA HIS P 15 -6.49 -6.06 -18.57
C HIS P 15 -6.69 -4.56 -18.38
N GLN P 16 -5.60 -3.81 -18.33
CA GLN P 16 -5.77 -2.44 -18.03
C GLN P 16 -6.34 -1.80 -19.28
N PHE P 17 -5.90 -2.23 -20.47
CA PHE P 17 -6.50 -1.72 -21.70
C PHE P 17 -8.01 -2.01 -21.76
N TRP P 18 -8.37 -3.28 -21.67
CA TRP P 18 -9.75 -3.73 -21.87
C TRP P 18 -10.73 -3.40 -20.74
N LEU P 19 -10.29 -3.46 -19.50
CA LEU P 19 -11.21 -3.25 -18.41
C LEU P 19 -11.59 -1.78 -18.38
N LYS P 20 -10.65 -0.92 -18.78
CA LYS P 20 -10.99 0.51 -18.92
C LYS P 20 -11.94 0.80 -20.10
N VAL P 21 -11.71 0.17 -21.23
CA VAL P 21 -12.64 0.25 -22.40
C VAL P 21 -14.06 -0.24 -22.04
N LEU P 22 -14.16 -1.33 -21.28
CA LEU P 22 -15.46 -1.86 -20.85
C LEU P 22 -16.13 -0.97 -19.82
N THR P 23 -15.36 -0.34 -18.93
CA THR P 23 -15.96 0.61 -18.00
C THR P 23 -16.55 1.74 -18.82
N ASP P 24 -15.79 2.17 -19.81
CA ASP P 24 -16.19 3.24 -20.69
C ASP P 24 -17.50 2.81 -21.32
N HIS P 25 -17.50 1.61 -21.89
CA HIS P 25 -18.65 1.15 -22.66
C HIS P 25 -19.87 1.19 -21.79
N ALA P 26 -19.69 0.70 -20.57
CA ALA P 26 -20.79 0.64 -19.62
C ALA P 26 -21.24 2.06 -19.32
N GLN P 27 -20.27 2.95 -19.07
CA GLN P 27 -20.62 4.32 -18.76
C GLN P 27 -21.38 4.95 -19.93
N PHE P 28 -20.90 4.73 -21.15
CA PHE P 28 -21.57 5.31 -22.29
C PHE P 28 -23.02 4.78 -22.46
N LEU P 29 -23.20 3.47 -22.32
CA LEU P 29 -24.57 2.91 -22.38
C LEU P 29 -25.45 3.52 -21.30
N LEU P 30 -24.93 3.59 -20.10
CA LEU P 30 -25.68 4.20 -19.01
C LEU P 30 -26.19 5.60 -19.41
N ASP P 31 -25.30 6.48 -19.91
CA ASP P 31 -25.72 7.85 -20.27
C ASP P 31 -26.62 7.93 -21.52
N ALA P 32 -26.56 6.91 -22.37
CA ALA P 32 -27.28 6.82 -23.65
C ALA P 32 -28.73 6.35 -23.51
N LEU P 33 -29.03 5.72 -22.39
CA LEU P 33 -30.36 5.10 -22.18
C LEU P 33 -31.38 6.17 -21.87
N ALA P 34 -32.57 6.07 -22.44
CA ALA P 34 -33.66 6.96 -22.03
C ALA P 34 -33.90 6.77 -20.51
N PRO P 35 -34.16 7.87 -19.80
CA PRO P 35 -34.43 7.81 -18.35
C PRO P 35 -35.47 6.73 -17.92
N LYS P 36 -36.45 6.49 -18.78
CA LYS P 36 -37.48 5.48 -18.51
C LYS P 36 -36.94 4.04 -18.59
N GLU P 37 -35.73 3.84 -19.08
CA GLU P 37 -35.25 2.45 -19.21
C GLU P 37 -34.65 1.98 -17.89
N LYS P 38 -35.47 2.03 -16.83
CA LYS P 38 -35.01 1.70 -15.47
C LYS P 38 -34.19 0.41 -15.38
N GLU P 39 -34.65 -0.68 -15.98
CA GLU P 39 -33.96 -1.93 -15.72
C GLU P 39 -32.59 -1.99 -16.39
N ASP P 40 -32.45 -1.37 -17.56
CA ASP P 40 -31.15 -1.36 -18.20
C ASP P 40 -30.20 -0.38 -17.60
N ILE P 41 -30.73 0.72 -17.09
CA ILE P 41 -29.91 1.69 -16.38
C ILE P 41 -29.33 1.01 -15.14
N LYS P 42 -30.16 0.24 -14.45
CA LYS P 42 -29.66 -0.60 -13.35
C LYS P 42 -28.51 -1.55 -13.79
N LYS P 43 -28.68 -2.24 -14.93
CA LYS P 43 -27.60 -3.10 -15.44
C LYS P 43 -26.32 -2.31 -15.82
N ALA P 44 -26.51 -1.21 -16.54
CA ALA P 44 -25.38 -0.43 -17.01
C ALA P 44 -24.64 0.09 -15.78
N THR P 45 -25.38 0.54 -14.77
CA THR P 45 -24.81 1.07 -13.54
C THR P 45 -23.98 0.00 -12.82
N TYR P 46 -24.53 -1.20 -12.78
CA TYR P 46 -23.80 -2.36 -12.27
C TYR P 46 -22.51 -2.68 -13.07
N PHE P 47 -22.55 -2.54 -14.40
CA PHE P 47 -21.31 -2.80 -15.15
C PHE P 47 -20.26 -1.70 -14.93
N VAL P 48 -20.68 -0.45 -14.77
CA VAL P 48 -19.72 0.60 -14.42
C VAL P 48 -18.98 0.17 -13.15
N GLU P 49 -19.73 -0.18 -12.11
CA GLU P 49 -19.11 -0.61 -10.88
C GLU P 49 -18.29 -1.89 -11.02
N THR P 50 -18.86 -2.90 -11.62
CA THR P 50 -18.12 -4.12 -11.80
C THR P 50 -16.77 -3.83 -12.43
N PHE P 51 -16.76 -3.09 -13.53
CA PHE P 51 -15.55 -2.98 -14.34
C PHE P 51 -14.56 -2.00 -13.73
N THR P 52 -15.11 -0.98 -13.07
CA THR P 52 -14.33 -0.08 -12.24
C THR P 52 -13.58 -0.87 -11.18
N ASN P 53 -14.27 -1.75 -10.46
CA ASN P 53 -13.64 -2.54 -9.39
C ASN P 53 -12.62 -3.61 -9.88
N LEU P 54 -12.86 -4.20 -11.04
CA LEU P 54 -11.92 -5.17 -11.60
C LEU P 54 -10.62 -4.46 -11.99
N LEU P 55 -10.77 -3.31 -12.64
CA LEU P 55 -9.61 -2.57 -13.09
C LEU P 55 -8.74 -2.16 -11.91
N ASN P 56 -9.37 -1.84 -10.78
CA ASN P 56 -8.63 -1.40 -9.58
C ASN P 56 -7.96 -2.52 -8.78
N LYS P 57 -8.45 -3.74 -8.98
CA LYS P 57 -8.01 -4.95 -8.29
C LYS P 57 -6.77 -5.49 -9.04
N VAL P 58 -6.58 -5.02 -10.27
CA VAL P 58 -5.64 -5.70 -11.20
C VAL P 58 -4.22 -5.97 -10.65
N ARG P 59 -3.71 -5.10 -9.79
CA ARG P 59 -2.40 -5.35 -9.18
C ARG P 59 -2.49 -6.08 -7.85
N ASN P 60 -3.72 -6.44 -7.46
CA ASN P 60 -3.97 -7.10 -6.19
C ASN P 60 -4.42 -8.57 -6.33
N VAL P 61 -3.96 -9.25 -7.37
CA VAL P 61 -4.43 -10.58 -7.63
C VAL P 61 -3.39 -11.36 -8.39
N ASN P 62 -3.50 -12.69 -8.31
CA ASN P 62 -2.76 -13.57 -9.16
C ASN P 62 -3.39 -13.49 -10.59
N LEU P 63 -2.58 -13.15 -11.58
CA LEU P 63 -3.13 -12.73 -12.88
C LEU P 63 -3.85 -13.84 -13.68
N MET P 64 -3.34 -15.09 -13.65
CA MET P 64 -4.03 -16.20 -14.36
C MET P 64 -5.38 -16.49 -13.67
N ALA P 65 -5.39 -16.50 -12.34
CA ALA P 65 -6.67 -16.60 -11.60
C ALA P 65 -7.64 -15.44 -11.90
N PHE P 66 -7.10 -14.24 -11.97
CA PHE P 66 -7.92 -13.07 -12.18
C PHE P 66 -8.62 -13.18 -13.54
N SER P 67 -7.92 -13.77 -14.51
CA SER P 67 -8.38 -13.96 -15.91
C SER P 67 -9.79 -14.51 -16.10
N LYS P 68 -10.19 -15.41 -15.22
CA LYS P 68 -11.47 -16.08 -15.31
C LYS P 68 -12.52 -15.22 -14.66
N GLU P 69 -12.14 -14.45 -13.65
CA GLU P 69 -13.08 -13.49 -13.08
C GLU P 69 -13.35 -12.37 -14.10
N ALA P 70 -12.29 -11.82 -14.69
CA ALA P 70 -12.41 -10.88 -15.81
C ALA P 70 -13.30 -11.39 -16.97
N GLU P 71 -13.11 -12.63 -17.34
CA GLU P 71 -13.83 -13.21 -18.48
C GLU P 71 -15.33 -13.46 -18.17
N GLN P 72 -15.65 -13.88 -16.95
CA GLN P 72 -17.04 -13.97 -16.54
C GLN P 72 -17.72 -12.59 -16.68
N ALA P 73 -17.06 -11.55 -16.20
CA ALA P 73 -17.62 -10.21 -16.35
C ALA P 73 -17.70 -9.74 -17.83
N ALA P 74 -16.72 -10.06 -18.67
CA ALA P 74 -16.82 -9.67 -20.11
C ALA P 74 -17.98 -10.40 -20.79
N LYS P 75 -18.16 -11.66 -20.44
CA LYS P 75 -19.25 -12.42 -21.01
C LYS P 75 -20.62 -11.91 -20.58
N GLU P 76 -20.72 -11.45 -19.35
CA GLU P 76 -21.94 -10.81 -18.91
C GLU P 76 -22.19 -9.50 -19.65
N ILE P 77 -21.18 -8.65 -19.81
CA ILE P 77 -21.51 -7.37 -20.44
C ILE P 77 -21.81 -7.59 -21.92
N ARG P 78 -21.19 -8.60 -22.54
CA ARG P 78 -21.43 -8.93 -23.92
C ARG P 78 -22.93 -9.27 -24.14
N ALA P 79 -23.50 -10.04 -23.19
CA ALA P 79 -24.92 -10.41 -23.21
C ALA P 79 -25.83 -9.19 -23.01
N PHE P 80 -25.42 -8.29 -22.11
CA PHE P 80 -26.13 -7.02 -21.97
C PHE P 80 -26.22 -6.25 -23.31
N LYS P 81 -25.08 -6.11 -23.98
CA LYS P 81 -25.02 -5.42 -25.28
C LYS P 81 -25.89 -6.12 -26.31
N LEU P 82 -25.73 -7.45 -26.41
CA LEU P 82 -26.51 -8.22 -27.35
C LEU P 82 -28.02 -8.14 -27.05
N ASN P 83 -28.38 -8.16 -25.76
CA ASN P 83 -29.77 -8.01 -25.37
C ASN P 83 -30.30 -6.64 -25.81
N ILE P 84 -29.53 -5.57 -25.54
CA ILE P 84 -29.90 -4.25 -26.05
C ILE P 84 -30.04 -4.24 -27.58
N ILE P 85 -29.15 -4.91 -28.31
CA ILE P 85 -29.26 -4.88 -29.75
C ILE P 85 -30.55 -5.59 -30.22
N GLN P 86 -30.77 -6.77 -29.66
CA GLN P 86 -32.00 -7.52 -29.93
C GLN P 86 -33.23 -6.64 -29.70
N LYS P 87 -33.28 -5.96 -28.56
CA LYS P 87 -34.35 -5.02 -28.27
C LYS P 87 -34.48 -3.90 -29.31
N GLN P 88 -33.35 -3.41 -29.81
CA GLN P 88 -33.40 -2.35 -30.79
C GLN P 88 -34.09 -2.89 -32.04
N LEU P 89 -33.74 -4.12 -32.41
CA LEU P 89 -34.21 -4.74 -33.63
C LEU P 89 -35.70 -5.12 -33.55
N GLU P 90 -36.24 -5.11 -32.33
CA GLU P 90 -37.65 -5.38 -32.08
C GLU P 90 -38.37 -4.13 -31.56
N GLY P 91 -37.71 -2.98 -31.66
CA GLY P 91 -38.32 -1.71 -31.28
C GLY P 91 -38.72 -1.64 -29.83
N LYS P 92 -38.01 -2.36 -28.97
CA LYS P 92 -38.36 -2.44 -27.55
C LYS P 92 -37.46 -1.66 -26.58
N ILE P 93 -36.65 -0.76 -27.10
CA ILE P 93 -35.80 0.01 -26.22
C ILE P 93 -35.55 1.37 -26.82
N THR P 94 -35.46 2.37 -25.96
CA THR P 94 -35.05 3.70 -26.36
C THR P 94 -33.63 3.98 -25.84
N ILE P 95 -32.66 4.00 -26.74
CA ILE P 95 -31.26 4.27 -26.36
C ILE P 95 -30.57 5.09 -27.44
N HIS P 96 -29.66 5.96 -27.07
CA HIS P 96 -29.15 6.87 -28.07
C HIS P 96 -27.87 6.42 -28.74
N PHE P 97 -27.70 5.11 -28.90
CA PHE P 97 -26.70 4.55 -29.83
C PHE P 97 -27.41 3.71 -30.89
N THR P 98 -26.83 3.65 -32.09
CA THR P 98 -27.39 2.87 -33.19
C THR P 98 -26.90 1.44 -33.02
N PRO P 99 -27.60 0.47 -33.63
CA PRO P 99 -27.22 -0.92 -33.43
C PRO P 99 -25.78 -1.23 -33.84
N THR P 100 -25.34 -0.67 -34.96
CA THR P 100 -23.96 -0.86 -35.42
C THR P 100 -22.93 -0.39 -34.38
N PHE P 101 -23.19 0.76 -33.74
CA PHE P 101 -22.30 1.18 -32.65
C PHE P 101 -22.18 0.15 -31.53
N ILE P 102 -23.32 -0.40 -31.09
CA ILE P 102 -23.27 -1.35 -30.00
C ILE P 102 -22.66 -2.65 -30.53
N ASN P 103 -22.90 -2.97 -31.79
CA ASN P 103 -22.30 -4.17 -32.43
C ASN P 103 -20.79 -4.09 -32.39
N HIS P 104 -20.26 -2.93 -32.74
CA HIS P 104 -18.82 -2.66 -32.59
C HIS P 104 -18.34 -2.85 -31.14
N MET P 105 -19.10 -2.41 -30.13
CA MET P 105 -18.77 -2.73 -28.75
C MET P 105 -18.66 -4.24 -28.54
N VAL P 106 -19.55 -5.02 -29.18
CA VAL P 106 -19.60 -6.49 -29.00
C VAL P 106 -18.36 -7.07 -29.68
N ASN P 107 -18.02 -6.54 -30.86
CA ASN P 107 -16.76 -6.95 -31.50
C ASN P 107 -15.55 -6.80 -30.56
N GLU P 108 -15.54 -5.69 -29.84
CA GLU P 108 -14.46 -5.31 -28.92
C GLU P 108 -14.36 -6.20 -27.69
N VAL P 109 -15.45 -6.32 -26.93
CA VAL P 109 -15.43 -7.32 -25.87
C VAL P 109 -15.03 -8.73 -26.37
N GLU P 110 -15.56 -9.18 -27.51
CA GLU P 110 -15.11 -10.45 -28.09
C GLU P 110 -13.59 -10.51 -28.31
N GLU P 111 -12.98 -9.36 -28.63
CA GLU P 111 -11.51 -9.30 -28.74
C GLU P 111 -10.87 -9.56 -27.37
N TYR P 112 -11.47 -9.01 -26.33
CA TYR P 112 -10.97 -9.24 -24.98
C TYR P 112 -11.06 -10.70 -24.54
N ILE P 113 -12.23 -11.29 -24.79
CA ILE P 113 -12.48 -12.69 -24.53
C ILE P 113 -11.49 -13.61 -25.24
N ALA P 114 -11.13 -13.30 -26.50
CA ALA P 114 -10.16 -14.11 -27.24
C ALA P 114 -8.77 -14.03 -26.58
N VAL P 115 -8.38 -12.82 -26.19
CA VAL P 115 -7.14 -12.63 -25.42
C VAL P 115 -7.24 -13.42 -24.11
N LEU P 116 -8.41 -13.32 -23.45
CA LEU P 116 -8.58 -13.92 -22.14
C LEU P 116 -8.46 -15.44 -22.23
N GLU P 117 -8.66 -15.99 -23.41
CA GLU P 117 -8.62 -17.43 -23.54
C GLU P 117 -7.17 -17.93 -23.35
N PHE P 118 -6.23 -17.07 -23.76
CA PHE P 118 -4.81 -17.34 -23.59
C PHE P 118 -4.36 -17.08 -22.15
N LEU P 119 -4.65 -15.88 -21.68
CA LEU P 119 -4.42 -15.52 -20.29
C LEU P 119 -4.90 -16.53 -19.25
N LYS P 120 -6.06 -17.13 -19.47
CA LYS P 120 -6.65 -18.10 -18.55
C LYS P 120 -5.80 -19.33 -18.38
N LYS P 121 -5.04 -19.70 -19.40
CA LYS P 121 -4.15 -20.83 -19.19
C LYS P 121 -2.68 -20.45 -19.05
N GLY P 122 -2.44 -19.24 -18.56
CA GLY P 122 -1.11 -18.74 -18.39
C GLY P 122 -0.28 -18.51 -19.65
N GLU P 123 -0.93 -18.39 -20.80
CA GLU P 123 -0.18 -18.14 -22.03
C GLU P 123 -0.14 -16.68 -22.44
N VAL P 124 1.04 -16.21 -22.84
CA VAL P 124 1.09 -14.92 -23.50
C VAL P 124 0.17 -14.99 -24.73
N PRO P 125 -0.74 -14.00 -24.87
CA PRO P 125 -1.56 -13.92 -26.07
C PRO P 125 -0.66 -13.66 -27.25
N PRO P 126 -0.72 -14.51 -28.28
CA PRO P 126 0.13 -14.22 -29.42
C PRO P 126 -0.24 -12.92 -30.15
N VAL P 127 0.70 -12.43 -30.93
CA VAL P 127 0.39 -11.35 -31.83
C VAL P 127 -0.16 -12.00 -33.13
N PHE P 128 -1.44 -11.73 -33.44
CA PHE P 128 -2.10 -12.41 -34.55
C PHE P 128 -1.53 -11.85 -35.84
N HIS P 129 -1.87 -12.48 -36.97
CA HIS P 129 -1.55 -11.98 -38.28
C HIS P 129 -2.23 -10.60 -38.47
N GLU P 130 -1.63 -9.73 -39.27
CA GLU P 130 -2.01 -8.32 -39.25
C GLU P 130 -3.38 -8.17 -39.85
N LEU P 131 -3.74 -9.06 -40.77
CA LEU P 131 -5.12 -9.04 -41.28
C LEU P 131 -6.21 -9.31 -40.22
N HIS P 132 -5.89 -10.01 -39.14
CA HIS P 132 -6.89 -10.21 -38.09
C HIS P 132 -7.30 -8.87 -37.55
N TYR P 133 -6.30 -8.07 -37.22
CA TYR P 133 -6.48 -6.73 -36.64
C TYR P 133 -7.17 -5.80 -37.59
N HIS P 134 -6.77 -5.84 -38.86
CA HIS P 134 -7.45 -5.03 -39.86
C HIS P 134 -8.96 -5.31 -39.90
N LEU P 135 -9.31 -6.60 -39.95
CA LEU P 135 -10.70 -7.04 -40.07
C LEU P 135 -11.52 -6.65 -38.85
N VAL P 136 -10.89 -6.55 -37.68
CA VAL P 136 -11.62 -6.16 -36.47
C VAL P 136 -11.75 -4.63 -36.36
N TRP P 137 -10.63 -3.94 -36.53
CA TRP P 137 -10.55 -2.55 -36.14
C TRP P 137 -10.82 -1.58 -37.25
N LEU P 138 -10.92 -2.05 -38.49
CA LEU P 138 -11.15 -1.13 -39.56
C LEU P 138 -12.62 -0.64 -39.57
N THR P 139 -13.57 -1.57 -39.40
CA THR P 139 -14.98 -1.17 -39.33
C THR P 139 -15.13 -0.35 -38.07
N ASP P 140 -14.37 -0.73 -37.07
CA ASP P 140 -14.43 -0.02 -35.83
C ASP P 140 -14.05 1.46 -35.99
N ALA P 141 -12.94 1.72 -36.69
CA ALA P 141 -12.47 3.09 -36.92
C ALA P 141 -13.50 3.91 -37.74
N ALA P 142 -13.99 3.32 -38.83
CA ALA P 142 -15.10 3.87 -39.62
C ALA P 142 -16.30 4.26 -38.74
N GLY P 143 -16.69 3.36 -37.86
CA GLY P 143 -17.78 3.63 -36.92
C GLY P 143 -17.47 4.74 -35.94
N HIS P 144 -16.21 4.91 -35.61
CA HIS P 144 -15.83 6.02 -34.74
C HIS P 144 -16.00 7.31 -35.48
N ALA P 145 -15.42 7.36 -36.68
CA ALA P 145 -15.52 8.57 -37.49
C ALA P 145 -16.99 8.91 -37.74
N GLY P 146 -17.78 7.87 -38.08
CA GLY P 146 -19.20 8.02 -38.42
C GLY P 146 -19.99 8.51 -37.22
N SER P 147 -19.64 8.05 -36.04
CA SER P 147 -20.42 8.55 -34.92
C SER P 147 -20.04 9.99 -34.51
N ILE P 148 -18.79 10.39 -34.78
CA ILE P 148 -18.43 11.81 -34.74
C ILE P 148 -19.27 12.59 -35.78
N SER P 149 -19.39 12.10 -37.00
CA SER P 149 -20.21 12.84 -37.99
C SER P 149 -21.61 13.01 -37.49
N GLY P 150 -22.20 11.92 -36.98
CA GLY P 150 -23.57 11.93 -36.46
C GLY P 150 -23.74 12.71 -35.18
N GLY P 151 -22.67 12.84 -34.41
CA GLY P 151 -22.75 13.53 -33.13
C GLY P 151 -22.61 15.03 -33.20
N LEU P 152 -22.23 15.56 -34.37
CA LEU P 152 -21.92 16.96 -34.54
C LEU P 152 -23.20 17.74 -34.83
N ASP P 153 -23.31 18.92 -34.22
CA ASP P 153 -24.37 19.81 -34.53
C ASP P 153 -24.47 19.96 -36.06
N LEU P 154 -25.68 20.23 -36.53
CA LEU P 154 -25.91 20.51 -37.94
C LEU P 154 -25.01 21.58 -38.51
N VAL P 155 -24.62 22.56 -37.68
CA VAL P 155 -23.83 23.67 -38.22
C VAL P 155 -22.32 23.41 -38.35
N GLU P 156 -21.85 22.29 -37.82
CA GLU P 156 -20.41 21.94 -37.80
C GLU P 156 -20.03 21.23 -39.10
N LYS P 157 -20.19 21.96 -40.19
CA LYS P 157 -20.02 21.41 -41.54
C LYS P 157 -18.62 20.97 -41.83
N ARG P 158 -17.65 21.81 -41.45
CA ARG P 158 -16.23 21.51 -41.70
C ARG P 158 -15.73 20.31 -40.92
N LEU P 159 -16.08 20.19 -39.63
CA LEU P 159 -15.73 18.96 -38.87
C LEU P 159 -16.38 17.69 -39.36
N LYS P 160 -17.64 17.81 -39.82
CA LYS P 160 -18.40 16.71 -40.43
C LYS P 160 -17.79 16.27 -41.77
N GLU P 161 -17.48 17.22 -42.65
CA GLU P 161 -16.77 16.88 -43.87
C GLU P 161 -15.50 16.06 -43.59
N LYS P 162 -14.79 16.47 -42.57
CA LYS P 162 -13.58 15.79 -42.23
C LYS P 162 -13.83 14.38 -41.63
N SER P 163 -14.72 14.25 -40.63
CA SER P 163 -14.94 12.89 -40.13
C SER P 163 -15.51 11.95 -41.20
N GLU P 164 -16.26 12.50 -42.15
CA GLU P 164 -16.82 11.68 -43.21
C GLU P 164 -15.74 11.20 -44.17
N GLU P 165 -14.71 12.00 -44.36
CA GLU P 165 -13.60 11.57 -45.16
C GLU P 165 -12.87 10.40 -44.48
N PHE P 166 -12.64 10.49 -43.18
CA PHE P 166 -12.06 9.34 -42.42
C PHE P 166 -12.91 8.08 -42.53
N THR P 167 -14.20 8.21 -42.23
CA THR P 167 -15.19 7.10 -42.41
C THR P 167 -15.02 6.40 -43.75
N LYS P 168 -15.10 7.15 -44.84
CA LYS P 168 -14.87 6.58 -46.15
C LYS P 168 -13.51 5.89 -46.34
N HIS P 169 -12.44 6.51 -45.84
CA HIS P 169 -11.11 5.90 -45.98
C HIS P 169 -11.04 4.57 -45.25
N PHE P 170 -11.62 4.52 -44.04
CA PHE P 170 -11.58 3.28 -43.29
C PHE P 170 -12.46 2.21 -43.92
N GLU P 171 -13.63 2.61 -44.45
CA GLU P 171 -14.44 1.63 -45.23
C GLU P 171 -13.81 1.05 -46.48
N GLN P 172 -13.11 1.90 -47.26
CA GLN P 172 -12.25 1.47 -48.39
C GLN P 172 -11.11 0.53 -47.92
N PHE P 173 -10.44 0.88 -46.81
CA PHE P 173 -9.40 -0.03 -46.31
C PHE P 173 -10.04 -1.38 -45.95
N TYR P 174 -11.21 -1.31 -45.33
CA TYR P 174 -11.84 -2.54 -44.89
C TYR P 174 -12.06 -3.45 -46.08
N LEU P 175 -12.62 -2.91 -47.15
CA LEU P 175 -12.91 -3.69 -48.35
C LEU P 175 -11.65 -4.31 -48.94
N LYS P 176 -10.52 -3.60 -48.80
CA LYS P 176 -9.23 -4.10 -49.32
C LYS P 176 -8.71 -5.26 -48.50
N ALA P 177 -8.89 -5.15 -47.18
CA ALA P 177 -8.50 -6.16 -46.22
C ALA P 177 -9.34 -7.42 -46.37
N VAL P 178 -10.63 -7.26 -46.68
CA VAL P 178 -11.50 -8.41 -46.96
C VAL P 178 -10.92 -9.21 -48.15
N GLU P 179 -10.64 -8.52 -49.26
CA GLU P 179 -10.02 -9.20 -50.40
C GLU P 179 -8.65 -9.78 -50.16
N MET P 180 -7.76 -9.02 -49.52
CA MET P 180 -6.45 -9.57 -49.17
C MET P 180 -6.54 -10.80 -48.27
N THR P 181 -7.58 -10.89 -47.44
CA THR P 181 -7.76 -12.13 -46.70
C THR P 181 -8.06 -13.30 -47.64
N GLY P 182 -8.92 -13.04 -48.62
CA GLY P 182 -9.09 -13.94 -49.74
C GLY P 182 -7.75 -14.39 -50.30
N TYR P 183 -6.85 -13.46 -50.61
CA TYR P 183 -5.60 -13.84 -51.28
C TYR P 183 -4.82 -14.88 -50.47
N LEU P 184 -4.94 -14.84 -49.15
CA LEU P 184 -4.21 -15.74 -48.26
C LEU P 184 -4.46 -17.20 -48.56
N ARG P 185 -5.44 -17.51 -49.40
CA ARG P 185 -5.73 -18.89 -49.71
C ARG P 185 -4.66 -19.45 -50.62
N THR P 186 -3.86 -18.55 -51.20
CA THR P 186 -2.70 -18.95 -52.01
C THR P 186 -1.65 -19.58 -51.12
N GLU P 187 -1.81 -19.35 -49.82
CA GLU P 187 -0.82 -19.79 -48.86
C GLU P 187 0.48 -18.93 -48.84
N LEU P 188 0.53 -17.86 -49.61
CA LEU P 188 1.47 -16.77 -49.32
C LEU P 188 0.71 -15.98 -48.28
N HIS P 189 1.30 -15.79 -47.09
CA HIS P 189 0.62 -15.13 -45.98
C HIS P 189 1.15 -13.75 -45.72
N HIS P 190 2.28 -13.43 -46.35
CA HIS P 190 2.87 -12.10 -46.31
C HIS P 190 3.33 -11.85 -47.71
N PHE P 191 3.08 -10.65 -48.20
CA PHE P 191 3.53 -10.30 -49.53
C PHE P 191 3.56 -8.77 -49.53
N PRO P 192 4.24 -8.19 -50.51
CA PRO P 192 4.47 -6.74 -50.61
C PRO P 192 3.21 -5.86 -50.57
N ALA P 193 2.22 -6.16 -51.39
CA ALA P 193 0.92 -5.46 -51.29
C ALA P 193 0.35 -5.42 -49.89
N LEU P 194 0.58 -6.44 -49.08
CA LEU P 194 -0.08 -6.56 -47.76
C LEU P 194 0.66 -5.66 -46.80
N LYS P 195 1.97 -5.74 -46.86
CA LYS P 195 2.82 -4.91 -46.03
C LYS P 195 2.63 -3.41 -46.33
N LYS P 196 2.59 -3.04 -47.62
CA LYS P 196 2.33 -1.66 -47.99
C LYS P 196 0.94 -1.20 -47.43
N PHE P 197 -0.07 -2.05 -47.56
CA PHE P 197 -1.42 -1.78 -47.03
C PHE P 197 -1.44 -1.44 -45.52
N THR P 198 -0.71 -2.22 -44.74
CA THR P 198 -0.69 -2.00 -43.31
C THR P 198 0.05 -0.71 -42.95
N LYS P 199 1.10 -0.41 -43.72
CA LYS P 199 1.72 0.90 -43.62
C LYS P 199 0.76 2.06 -44.03
N ASP P 200 0.04 1.90 -45.14
CA ASP P 200 -0.95 2.91 -45.54
C ASP P 200 -2.02 3.11 -44.45
N VAL P 201 -2.52 1.99 -43.90
CA VAL P 201 -3.48 2.09 -42.81
C VAL P 201 -2.89 2.80 -41.56
N SER P 202 -1.65 2.52 -41.25
CA SER P 202 -1.02 3.12 -40.05
C SER P 202 -0.94 4.63 -40.16
N LEU P 203 -0.64 5.10 -41.38
CA LEU P 203 -0.56 6.51 -41.68
C LEU P 203 -1.93 7.19 -41.48
N GLU P 204 -3.01 6.59 -42.00
CA GLU P 204 -4.36 7.10 -41.76
C GLU P 204 -4.71 7.09 -40.27
N LEU P 205 -4.40 5.98 -39.57
CA LEU P 205 -4.64 5.93 -38.11
C LEU P 205 -3.98 7.07 -37.34
N LYS P 206 -2.84 7.57 -37.83
CA LYS P 206 -2.11 8.60 -37.11
C LYS P 206 -2.79 9.91 -37.40
N LEU P 207 -3.21 10.15 -38.64
CA LEU P 207 -3.99 11.36 -38.95
C LEU P 207 -5.26 11.37 -38.12
N PHE P 208 -5.85 10.18 -37.91
CA PHE P 208 -7.17 10.12 -37.27
C PHE P 208 -7.02 10.36 -35.79
N SER P 209 -5.97 9.76 -35.21
CA SER P 209 -5.57 10.06 -33.81
C SER P 209 -5.35 11.57 -33.58
N HIS P 210 -4.68 12.26 -34.49
CA HIS P 210 -4.51 13.70 -34.38
CA HIS P 210 -4.54 13.70 -34.34
C HIS P 210 -5.89 14.39 -34.43
N PHE P 211 -6.74 13.94 -35.34
CA PHE P 211 -8.13 14.41 -35.38
C PHE P 211 -8.92 14.10 -34.09
N LEU P 212 -8.76 12.90 -33.56
CA LEU P 212 -9.47 12.57 -32.33
C LEU P 212 -8.97 13.46 -31.19
N HIS P 213 -7.67 13.76 -31.13
CA HIS P 213 -7.15 14.67 -30.09
C HIS P 213 -7.67 16.11 -30.25
N GLU P 214 -7.72 16.56 -31.48
CA GLU P 214 -8.32 17.85 -31.76
CA GLU P 214 -8.33 17.85 -31.78
C GLU P 214 -9.78 17.89 -31.29
N VAL P 215 -10.54 16.84 -31.61
CA VAL P 215 -11.93 16.78 -31.16
C VAL P 215 -12.04 16.77 -29.61
N GLU P 216 -11.23 15.94 -28.94
CA GLU P 216 -11.21 15.98 -27.48
C GLU P 216 -10.91 17.37 -26.86
N GLU P 217 -9.95 18.10 -27.42
CA GLU P 217 -9.64 19.47 -26.98
C GLU P 217 -10.82 20.44 -27.20
N LEU P 218 -11.53 20.31 -28.33
CA LEU P 218 -12.73 21.13 -28.64
C LEU P 218 -13.89 20.87 -27.67
N GLU P 219 -14.07 19.60 -27.30
CA GLU P 219 -15.05 19.20 -26.29
C GLU P 219 -14.67 19.73 -24.91
N LEU P 220 -13.39 19.65 -24.57
CA LEU P 220 -12.94 20.12 -23.27
C LEU P 220 -13.11 21.63 -23.10
N SER P 221 -12.84 22.38 -24.15
CA SER P 221 -13.00 23.82 -24.11
C SER P 221 -14.42 24.28 -24.48
N ASN P 222 -15.32 23.32 -24.74
CA ASN P 222 -16.68 23.59 -25.26
C ASN P 222 -16.73 24.37 -26.56
N GLU P 223 -15.68 24.21 -27.36
CA GLU P 223 -15.55 24.97 -28.61
C GLU P 223 -16.27 24.32 -29.81
N VAL P 224 -16.77 23.10 -29.62
CA VAL P 224 -17.54 22.38 -30.66
C VAL P 224 -18.96 22.09 -30.19
N LEU P 225 -19.93 22.09 -31.11
CA LEU P 225 -21.33 21.88 -30.78
C LEU P 225 -21.56 20.47 -31.20
N SER P 226 -21.96 19.63 -30.26
CA SER P 226 -22.11 18.19 -30.49
C SER P 226 -22.78 17.48 -29.30
N VAL P 227 -23.19 16.24 -29.49
CA VAL P 227 -23.64 15.42 -28.35
C VAL P 227 -22.55 14.41 -27.99
N LEU P 228 -21.30 14.72 -28.29
CA LEU P 228 -20.21 13.81 -28.03
C LEU P 228 -19.54 14.25 -26.74
N SER P 229 -18.55 13.51 -26.29
CA SER P 229 -17.89 13.91 -25.04
C SER P 229 -16.39 13.83 -25.21
N ALA P 230 -15.67 14.54 -24.36
CA ALA P 230 -14.23 14.44 -24.37
C ALA P 230 -13.82 12.98 -24.07
N ARG P 231 -14.52 12.36 -23.12
CA ARG P 231 -14.24 10.97 -22.72
C ARG P 231 -14.40 10.03 -23.89
N MET P 232 -15.40 10.28 -24.72
CA MET P 232 -15.55 9.40 -25.89
C MET P 232 -14.38 9.57 -26.88
N ALA P 233 -13.99 10.82 -27.11
CA ALA P 233 -12.85 11.07 -28.00
C ALA P 233 -11.60 10.40 -27.44
N ASP P 234 -11.32 10.59 -26.14
CA ASP P 234 -10.22 9.87 -25.46
C ASP P 234 -10.27 8.32 -25.66
N HIS P 235 -11.42 7.73 -25.36
CA HIS P 235 -11.68 6.30 -25.55
C HIS P 235 -11.38 5.86 -26.97
N MET P 236 -11.97 6.53 -27.96
CA MET P 236 -11.69 6.25 -29.37
C MET P 236 -10.18 6.32 -29.71
N ALA P 237 -9.49 7.35 -29.20
CA ALA P 237 -8.04 7.52 -29.48
C ALA P 237 -7.21 6.39 -28.88
N ARG P 238 -7.55 5.97 -27.67
CA ARG P 238 -6.89 4.84 -27.05
C ARG P 238 -7.04 3.53 -27.80
N GLU P 239 -8.25 3.22 -28.28
CA GLU P 239 -8.46 2.05 -29.13
C GLU P 239 -7.75 2.11 -30.48
N GLU P 240 -7.69 3.28 -31.11
CA GLU P 240 -6.90 3.45 -32.33
C GLU P 240 -5.40 3.25 -32.09
N CYS P 241 -4.95 3.64 -30.89
CA CYS P 241 -3.54 3.38 -30.47
C CYS P 241 -3.27 1.86 -30.29
N TYR P 242 -4.13 1.20 -29.52
CA TYR P 242 -4.06 -0.27 -29.40
C TYR P 242 -3.92 -0.93 -30.78
N TYR P 243 -4.77 -0.49 -31.70
CA TYR P 243 -4.82 -1.08 -33.03
C TYR P 243 -3.49 -0.84 -33.75
N LEU P 244 -2.97 0.36 -33.59
CA LEU P 244 -1.73 0.80 -34.19
C LEU P 244 -0.53 -0.01 -33.63
N LEU P 245 -0.51 -0.18 -32.32
CA LEU P 245 0.52 -1.03 -31.70
C LEU P 245 0.45 -2.47 -32.27
N LYS P 246 -0.75 -3.03 -32.32
CA LYS P 246 -0.92 -4.39 -32.87
C LYS P 246 -0.42 -4.53 -34.31
N LEU P 247 -0.72 -3.52 -35.13
CA LEU P 247 -0.22 -3.50 -36.50
C LEU P 247 1.30 -3.42 -36.55
N ALA P 248 1.92 -2.56 -35.74
CA ALA P 248 3.39 -2.40 -35.71
C ALA P 248 4.05 -3.71 -35.29
N GLN P 249 3.49 -4.34 -34.28
CA GLN P 249 4.04 -5.58 -33.78
C GLN P 249 3.83 -6.71 -34.72
N SER P 250 2.70 -6.76 -35.43
CA SER P 250 2.46 -7.94 -36.26
C SER P 250 3.09 -7.79 -37.63
N SER P 251 3.18 -6.55 -38.11
CA SER P 251 3.63 -6.31 -39.46
C SER P 251 5.14 -5.98 -39.46
N GLY P 252 5.67 -5.64 -38.30
CA GLY P 252 7.07 -5.24 -38.21
C GLY P 252 7.30 -3.78 -38.55
N LEU P 253 6.52 -2.88 -37.96
CA LEU P 253 6.70 -1.46 -38.17
C LEU P 253 7.17 -0.78 -36.89
N GLU P 254 7.45 0.51 -36.97
CA GLU P 254 7.90 1.24 -35.79
C GLU P 254 6.77 1.39 -34.77
N MET P 255 7.11 1.16 -33.49
CA MET P 255 6.12 1.27 -32.42
C MET P 255 5.56 2.67 -32.38
N PRO P 256 4.22 2.78 -32.26
CA PRO P 256 3.53 4.05 -32.22
C PRO P 256 3.86 4.75 -30.92
N LYS P 257 3.82 6.07 -30.93
CA LYS P 257 3.94 6.78 -29.68
C LYS P 257 2.53 7.23 -29.31
N CYS P 258 1.99 6.60 -28.29
CA CYS P 258 0.65 6.92 -27.85
C CYS P 258 0.46 5.83 -26.84
N ASN P 259 -0.34 6.13 -25.82
CA ASN P 259 -0.58 5.24 -24.73
C ASN P 259 -2.02 4.70 -24.86
N PRO P 260 -2.18 3.39 -25.15
CA PRO P 260 -3.50 2.79 -25.22
C PRO P 260 -4.24 2.80 -23.89
N LEU P 261 -3.48 2.92 -22.80
CA LEU P 261 -4.07 2.75 -21.48
C LEU P 261 -4.59 4.05 -20.88
N GLU P 262 -4.11 5.18 -21.37
CA GLU P 262 -4.51 6.44 -20.75
C GLU P 262 -4.16 7.61 -21.64
N GLY P 263 -5.07 8.59 -21.69
CA GLY P 263 -4.88 9.75 -22.57
C GLY P 263 -4.26 10.92 -21.82
N HIS P 264 -4.08 12.03 -22.49
CA HIS P 264 -3.31 13.10 -21.85
C HIS P 264 -4.12 13.99 -20.93
N HIS P 265 -5.45 13.92 -21.01
CA HIS P 265 -6.28 14.80 -20.21
C HIS P 265 -7.06 13.98 -19.18
N HIS P 266 -7.61 12.82 -19.56
CA HIS P 266 -8.40 12.04 -18.60
C HIS P 266 -7.53 11.17 -17.67
N HIS P 267 -7.18 11.74 -16.51
CA HIS P 267 -6.40 11.08 -15.47
C HIS P 267 -6.33 12.10 -14.32
N HIS P 268 -6.05 11.63 -13.09
CA HIS P 268 -6.02 12.53 -11.93
C HIS P 268 -4.63 12.64 -11.28
N HIS P 269 -3.57 12.62 -12.09
CA HIS P 269 -2.21 12.78 -11.58
C HIS P 269 -1.47 14.04 -12.03
N GLU Q 4 -9.42 17.27 -11.32
CA GLU Q 4 -8.60 17.56 -10.11
C GLU Q 4 -7.70 16.36 -9.76
N ARG Q 5 -6.54 16.63 -9.19
CA ARG Q 5 -5.61 15.56 -8.86
C ARG Q 5 -5.99 14.89 -7.53
N ASN Q 6 -6.07 13.57 -7.53
CA ASN Q 6 -6.42 12.83 -6.31
C ASN Q 6 -5.22 11.99 -5.79
N TYR Q 7 -5.30 11.56 -4.54
CA TYR Q 7 -4.18 10.89 -3.90
C TYR Q 7 -3.74 9.61 -4.60
N GLU Q 8 -4.70 8.73 -4.88
CA GLU Q 8 -4.40 7.41 -5.42
C GLU Q 8 -3.64 7.49 -6.73
N GLU Q 9 -4.14 8.32 -7.62
CA GLU Q 9 -3.54 8.48 -8.94
C GLU Q 9 -2.23 9.27 -8.91
N SER Q 10 -2.18 10.34 -8.12
CA SER Q 10 -0.94 11.12 -7.99
CA SER Q 10 -0.93 11.11 -7.98
C SER Q 10 0.18 10.27 -7.38
N ALA Q 11 -0.12 9.59 -6.29
CA ALA Q 11 0.84 8.72 -5.64
C ALA Q 11 1.30 7.63 -6.60
N LEU Q 12 0.41 6.91 -7.23
CA LEU Q 12 0.89 5.85 -8.12
C LEU Q 12 1.75 6.39 -9.23
N PHE Q 13 1.30 7.46 -9.86
CA PHE Q 13 2.03 8.08 -10.96
C PHE Q 13 3.43 8.47 -10.48
N GLU Q 14 3.53 9.16 -9.33
CA GLU Q 14 4.83 9.67 -8.87
C GLU Q 14 5.79 8.54 -8.51
N HIS Q 15 5.29 7.55 -7.79
CA HIS Q 15 6.09 6.37 -7.49
C HIS Q 15 6.64 5.69 -8.72
N GLN Q 16 5.76 5.40 -9.65
CA GLN Q 16 6.14 4.66 -10.81
C GLN Q 16 7.13 5.47 -11.62
N PHE Q 17 6.94 6.78 -11.72
CA PHE Q 17 7.90 7.60 -12.50
C PHE Q 17 9.31 7.51 -11.89
N TRP Q 18 9.37 7.87 -10.62
CA TRP Q 18 10.61 8.08 -9.88
C TRP Q 18 11.32 6.79 -9.54
N LEU Q 19 10.54 5.72 -9.33
CA LEU Q 19 11.18 4.45 -8.99
C LEU Q 19 11.74 3.82 -10.27
N LYS Q 20 11.11 4.05 -11.41
CA LYS Q 20 11.73 3.65 -12.68
C LYS Q 20 13.00 4.49 -13.01
N VAL Q 21 12.93 5.79 -12.75
CA VAL Q 21 14.07 6.69 -12.88
C VAL Q 21 15.26 6.27 -11.99
N LEU Q 22 14.95 5.90 -10.74
CA LEU Q 22 15.99 5.51 -9.80
C LEU Q 22 16.53 4.11 -10.09
N THR Q 23 15.68 3.20 -10.54
CA THR Q 23 16.14 1.92 -11.08
C THR Q 23 17.18 2.18 -12.17
N ASP Q 24 16.84 3.02 -13.15
CA ASP Q 24 17.74 3.42 -14.27
C ASP Q 24 19.07 3.95 -13.76
N HIS Q 25 19.05 4.89 -12.82
CA HIS Q 25 20.28 5.48 -12.29
C HIS Q 25 21.20 4.41 -11.75
N ALA Q 26 20.63 3.54 -10.95
CA ALA Q 26 21.38 2.46 -10.36
C ALA Q 26 21.94 1.56 -11.45
N GLN Q 27 21.13 1.27 -12.46
CA GLN Q 27 21.61 0.43 -13.52
C GLN Q 27 22.74 1.13 -14.28
N PHE Q 28 22.61 2.43 -14.50
CA PHE Q 28 23.61 3.19 -15.26
C PHE Q 28 24.94 3.29 -14.50
N LEU Q 29 24.85 3.61 -13.21
CA LEU Q 29 26.00 3.61 -12.30
C LEU Q 29 26.68 2.25 -12.25
N LEU Q 30 25.89 1.18 -12.15
CA LEU Q 30 26.44 -0.17 -12.09
C LEU Q 30 27.27 -0.38 -13.34
N ASP Q 31 26.75 -0.01 -14.51
CA ASP Q 31 27.45 -0.32 -15.78
C ASP Q 31 28.68 0.57 -16.04
N ALA Q 32 28.73 1.68 -15.34
CA ALA Q 32 29.72 2.73 -15.58
C ALA Q 32 30.91 2.57 -14.64
N LEU Q 33 30.80 1.71 -13.62
CA LEU Q 33 31.92 1.46 -12.70
C LEU Q 33 32.95 0.53 -13.33
N ALA Q 34 34.24 0.85 -13.11
CA ALA Q 34 35.31 -0.03 -13.58
C ALA Q 34 35.18 -1.34 -12.80
N PRO Q 35 35.44 -2.47 -13.47
CA PRO Q 35 35.30 -3.77 -12.82
C PRO Q 35 36.04 -3.86 -11.46
N LYS Q 36 37.10 -3.11 -11.26
CA LYS Q 36 37.87 -3.15 -10.00
C LYS Q 36 37.12 -2.56 -8.81
N GLU Q 37 36.00 -1.90 -9.05
CA GLU Q 37 35.33 -1.15 -7.99
C GLU Q 37 34.32 -2.05 -7.32
N LYS Q 38 34.79 -3.15 -6.75
CA LYS Q 38 33.93 -4.23 -6.28
C LYS Q 38 32.89 -3.75 -5.29
N GLU Q 39 33.29 -2.92 -4.34
CA GLU Q 39 32.40 -2.47 -3.26
CA GLU Q 39 32.35 -2.58 -3.29
C GLU Q 39 31.23 -1.68 -3.83
N ASP Q 40 31.55 -0.76 -4.73
CA ASP Q 40 30.51 0.09 -5.28
C ASP Q 40 29.63 -0.68 -6.24
N ILE Q 41 30.22 -1.67 -6.94
CA ILE Q 41 29.43 -2.55 -7.83
C ILE Q 41 28.42 -3.37 -7.01
N LYS Q 42 28.86 -3.91 -5.88
CA LYS Q 42 27.93 -4.55 -4.92
C LYS Q 42 26.78 -3.60 -4.56
N LYS Q 43 27.12 -2.35 -4.21
CA LYS Q 43 26.09 -1.42 -3.86
C LYS Q 43 25.09 -1.07 -4.97
N ALA Q 44 25.60 -0.71 -6.16
CA ALA Q 44 24.75 -0.43 -7.33
C ALA Q 44 23.87 -1.64 -7.70
N THR Q 45 24.38 -2.85 -7.50
CA THR Q 45 23.55 -4.01 -7.82
C THR Q 45 22.40 -4.12 -6.83
N TYR Q 46 22.73 -3.86 -5.56
CA TYR Q 46 21.73 -3.85 -4.50
C TYR Q 46 20.70 -2.78 -4.86
N PHE Q 47 21.18 -1.62 -5.31
CA PHE Q 47 20.24 -0.58 -5.76
C PHE Q 47 19.38 -1.01 -6.98
N VAL Q 48 19.96 -1.67 -7.97
CA VAL Q 48 19.15 -2.12 -9.12
C VAL Q 48 18.00 -3.04 -8.62
N GLU Q 49 18.36 -4.01 -7.80
CA GLU Q 49 17.42 -4.95 -7.23
C GLU Q 49 16.38 -4.23 -6.37
N THR Q 50 16.82 -3.32 -5.50
CA THR Q 50 15.90 -2.62 -4.62
C THR Q 50 14.80 -1.78 -5.35
N PHE Q 51 15.18 -0.86 -6.24
CA PHE Q 51 14.18 -0.07 -6.99
C PHE Q 51 13.40 -0.88 -8.03
N THR Q 52 14.02 -1.91 -8.61
CA THR Q 52 13.21 -2.74 -9.48
C THR Q 52 12.09 -3.37 -8.63
N ASN Q 53 12.44 -3.80 -7.42
CA ASN Q 53 11.42 -4.42 -6.60
C ASN Q 53 10.34 -3.37 -6.26
N LEU Q 54 10.75 -2.23 -5.70
CA LEU Q 54 9.78 -1.20 -5.30
C LEU Q 54 8.95 -0.69 -6.47
N LEU Q 55 9.58 -0.51 -7.62
CA LEU Q 55 8.84 -0.16 -8.86
C LEU Q 55 7.61 -1.08 -9.11
N ASN Q 56 7.83 -2.38 -8.96
CA ASN Q 56 6.85 -3.37 -9.28
C ASN Q 56 5.96 -3.67 -8.05
N LYS Q 57 6.44 -3.30 -6.88
CA LYS Q 57 5.59 -3.45 -5.71
C LYS Q 57 4.48 -2.39 -5.51
N VAL Q 58 4.69 -1.19 -6.05
CA VAL Q 58 3.79 -0.11 -5.69
C VAL Q 58 2.40 -0.45 -6.24
N ARG Q 59 1.38 -0.25 -5.41
CA ARG Q 59 0.00 -0.40 -5.88
C ARG Q 59 -0.90 0.31 -4.88
N ASN Q 60 -2.19 0.39 -5.20
CA ASN Q 60 -3.14 1.09 -4.38
C ASN Q 60 -3.47 0.37 -3.07
N VAL Q 61 -2.56 -0.45 -2.57
CA VAL Q 61 -2.67 -1.12 -1.25
C VAL Q 61 -1.54 -0.61 -0.34
N ASN Q 62 -1.91 -0.10 0.84
CA ASN Q 62 -1.01 0.57 1.79
C ASN Q 62 0.00 1.56 1.19
N LEU Q 63 -0.51 2.55 0.46
CA LEU Q 63 0.35 3.54 -0.19
C LEU Q 63 1.14 4.45 0.74
N MET Q 64 0.57 4.88 1.89
CA MET Q 64 1.32 5.76 2.81
CA MET Q 64 1.33 5.76 2.77
C MET Q 64 2.51 5.00 3.36
N ALA Q 65 2.24 3.81 3.88
CA ALA Q 65 3.26 2.90 4.35
C ALA Q 65 4.34 2.63 3.27
N PHE Q 66 3.90 2.47 2.03
CA PHE Q 66 4.80 2.22 0.92
C PHE Q 66 5.73 3.42 0.73
N SER Q 67 5.19 4.63 0.78
CA SER Q 67 5.94 5.87 0.75
C SER Q 67 7.16 5.95 1.70
N LYS Q 68 7.03 5.38 2.90
CA LYS Q 68 8.12 5.33 3.86
C LYS Q 68 9.24 4.37 3.44
N GLU Q 69 8.87 3.24 2.86
CA GLU Q 69 9.84 2.28 2.32
C GLU Q 69 10.60 2.89 1.11
N ALA Q 70 9.87 3.55 0.20
CA ALA Q 70 10.43 4.31 -0.93
C ALA Q 70 11.38 5.37 -0.42
N GLU Q 71 10.91 6.14 0.54
CA GLU Q 71 11.75 7.17 1.10
C GLU Q 71 13.09 6.69 1.69
N GLN Q 72 13.05 5.62 2.47
CA GLN Q 72 14.29 5.05 2.98
C GLN Q 72 15.22 4.72 1.84
N ALA Q 73 14.71 4.14 0.78
CA ALA Q 73 15.59 3.63 -0.29
C ALA Q 73 16.13 4.82 -1.08
N ALA Q 74 15.35 5.89 -1.12
CA ALA Q 74 15.75 7.06 -1.92
C ALA Q 74 16.88 7.83 -1.23
N LYS Q 75 16.80 7.92 0.11
CA LYS Q 75 17.87 8.50 0.88
C LYS Q 75 19.14 7.70 0.82
N GLU Q 76 19.00 6.38 0.79
CA GLU Q 76 20.18 5.57 0.66
C GLU Q 76 20.87 5.76 -0.68
N ILE Q 77 20.13 5.74 -1.79
CA ILE Q 77 20.81 5.91 -3.11
C ILE Q 77 21.34 7.35 -3.22
N ARG Q 78 20.60 8.31 -2.68
CA ARG Q 78 21.18 9.65 -2.60
C ARG Q 78 22.61 9.65 -1.97
N ALA Q 79 22.75 9.05 -0.79
CA ALA Q 79 23.99 9.03 -0.08
C ALA Q 79 25.02 8.26 -0.87
N PHE Q 80 24.60 7.24 -1.61
CA PHE Q 80 25.55 6.50 -2.46
C PHE Q 80 26.04 7.42 -3.60
N LYS Q 81 25.11 8.13 -4.25
CA LYS Q 81 25.54 9.08 -5.30
C LYS Q 81 26.54 10.13 -4.77
N LEU Q 82 26.22 10.72 -3.63
CA LEU Q 82 27.05 11.76 -3.05
C LEU Q 82 28.40 11.18 -2.66
N ASN Q 83 28.41 9.94 -2.16
CA ASN Q 83 29.70 9.29 -1.86
C ASN Q 83 30.56 9.09 -3.11
N ILE Q 84 29.93 8.73 -4.22
CA ILE Q 84 30.65 8.58 -5.46
C ILE Q 84 31.25 9.94 -5.89
N ILE Q 85 30.47 11.01 -5.75
CA ILE Q 85 30.95 12.32 -6.17
C ILE Q 85 32.10 12.71 -5.27
N GLN Q 86 31.98 12.39 -3.98
CA GLN Q 86 33.07 12.70 -3.06
C GLN Q 86 34.36 12.03 -3.50
N LYS Q 87 34.27 10.76 -3.80
CA LYS Q 87 35.44 10.04 -4.27
C LYS Q 87 35.98 10.56 -5.63
N GLN Q 88 35.12 11.10 -6.49
CA GLN Q 88 35.58 11.65 -7.76
C GLN Q 88 36.39 12.88 -7.48
N LEU Q 89 35.86 13.75 -6.64
CA LEU Q 89 36.58 14.95 -6.26
C LEU Q 89 37.89 14.69 -5.53
N GLU Q 90 38.06 13.49 -4.98
CA GLU Q 90 39.33 13.14 -4.29
C GLU Q 90 40.12 12.14 -5.10
N GLY Q 91 39.72 11.88 -6.34
CA GLY Q 91 40.44 10.96 -7.22
C GLY Q 91 40.46 9.53 -6.70
N LYS Q 92 39.36 9.08 -6.08
CA LYS Q 92 39.37 7.78 -5.41
C LYS Q 92 38.47 6.70 -5.99
N ILE Q 93 37.99 6.90 -7.21
CA ILE Q 93 37.10 5.91 -7.84
C ILE Q 93 37.23 6.01 -9.36
N THR Q 94 37.14 4.89 -10.08
CA THR Q 94 37.06 4.97 -11.51
C THR Q 94 35.61 4.67 -11.93
N ILE Q 95 34.94 5.68 -12.48
CA ILE Q 95 33.55 5.51 -12.94
C ILE Q 95 33.34 6.34 -14.19
N HIS Q 96 32.66 5.82 -15.19
CA HIS Q 96 32.58 6.53 -16.41
C HIS Q 96 31.44 7.56 -16.52
N PHE Q 97 31.08 8.20 -15.40
CA PHE Q 97 30.22 9.39 -15.44
C PHE Q 97 30.99 10.53 -14.84
N THR Q 98 30.77 11.73 -15.38
CA THR Q 98 31.46 12.91 -14.80
C THR Q 98 30.72 13.36 -13.53
N PRO Q 99 31.41 14.11 -12.63
CA PRO Q 99 30.71 14.53 -11.41
C PRO Q 99 29.39 15.27 -11.64
N THR Q 100 29.30 16.12 -12.65
CA THR Q 100 28.04 16.87 -12.88
C THR Q 100 26.82 15.99 -13.21
N PHE Q 101 27.02 14.97 -14.03
CA PHE Q 101 25.94 14.04 -14.33
C PHE Q 101 25.42 13.35 -13.07
N ILE Q 102 26.32 12.93 -12.20
CA ILE Q 102 25.86 12.26 -11.01
C ILE Q 102 25.23 13.33 -10.07
N ASN Q 103 25.73 14.58 -10.14
CA ASN Q 103 25.11 15.68 -9.38
C ASN Q 103 23.63 15.91 -9.80
N HIS Q 104 23.38 15.76 -11.10
CA HIS Q 104 22.01 15.83 -11.62
C HIS Q 104 21.15 14.65 -11.11
N MET Q 105 21.70 13.45 -11.05
CA MET Q 105 21.00 12.34 -10.40
C MET Q 105 20.62 12.68 -8.95
N VAL Q 106 21.52 13.34 -8.21
CA VAL Q 106 21.17 13.81 -6.87
C VAL Q 106 20.01 14.83 -6.90
N ASN Q 107 20.06 15.80 -7.82
CA ASN Q 107 18.98 16.76 -7.92
C ASN Q 107 17.67 16.01 -8.10
N GLU Q 108 17.70 14.95 -8.90
CA GLU Q 108 16.47 14.17 -9.17
C GLU Q 108 15.92 13.43 -7.95
N VAL Q 109 16.76 12.61 -7.29
CA VAL Q 109 16.32 11.87 -6.10
C VAL Q 109 15.81 12.85 -5.04
N GLU Q 110 16.36 14.06 -5.00
CA GLU Q 110 15.89 15.03 -4.04
C GLU Q 110 14.48 15.55 -4.36
N GLU Q 111 14.17 15.65 -5.65
CA GLU Q 111 12.82 15.90 -6.11
C GLU Q 111 11.84 14.78 -5.67
N TYR Q 112 12.22 13.52 -5.83
CA TYR Q 112 11.34 12.45 -5.35
C TYR Q 112 11.11 12.60 -3.84
N ILE Q 113 12.18 12.89 -3.13
CA ILE Q 113 12.16 12.97 -1.71
C ILE Q 113 11.23 14.11 -1.29
N ALA Q 114 11.23 15.23 -2.01
CA ALA Q 114 10.29 16.34 -1.68
C ALA Q 114 8.82 15.92 -1.92
N VAL Q 115 8.58 15.16 -2.98
CA VAL Q 115 7.24 14.67 -3.29
C VAL Q 115 6.81 13.67 -2.20
N LEU Q 116 7.74 12.83 -1.80
CA LEU Q 116 7.51 11.85 -0.73
C LEU Q 116 7.11 12.48 0.59
N GLU Q 117 7.52 13.71 0.85
CA GLU Q 117 7.09 14.36 2.11
C GLU Q 117 5.58 14.43 2.22
N PHE Q 118 4.94 14.73 1.09
CA PHE Q 118 3.50 14.78 1.01
C PHE Q 118 2.93 13.38 0.92
N LEU Q 119 3.43 12.55 0.02
CA LEU Q 119 2.89 11.20 -0.06
C LEU Q 119 2.84 10.39 1.28
N LYS Q 120 3.83 10.58 2.16
CA LYS Q 120 3.87 9.85 3.45
C LYS Q 120 2.76 10.34 4.36
N LYS Q 121 2.34 11.60 4.14
CA LYS Q 121 1.29 12.20 4.95
C LYS Q 121 -0.07 11.97 4.33
N GLY Q 122 -0.11 11.17 3.28
CA GLY Q 122 -1.35 10.90 2.60
C GLY Q 122 -1.86 12.11 1.82
N GLU Q 123 -1.00 13.08 1.52
CA GLU Q 123 -1.43 14.26 0.79
C GLU Q 123 -1.00 14.20 -0.68
N VAL Q 124 -1.81 14.81 -1.55
CA VAL Q 124 -1.45 15.10 -2.94
C VAL Q 124 -0.33 16.17 -2.98
N PRO Q 125 0.88 15.81 -3.51
CA PRO Q 125 1.90 16.86 -3.57
C PRO Q 125 1.36 18.02 -4.41
N PRO Q 126 1.66 19.25 -4.02
CA PRO Q 126 1.18 20.30 -4.94
C PRO Q 126 1.95 20.44 -6.27
N VAL Q 127 1.38 21.19 -7.19
CA VAL Q 127 2.10 21.54 -8.37
C VAL Q 127 2.83 22.84 -8.02
N PHE Q 128 4.16 22.85 -8.15
CA PHE Q 128 4.97 24.03 -7.70
C PHE Q 128 4.91 25.17 -8.75
N HIS Q 129 5.35 26.38 -8.37
CA HIS Q 129 5.50 27.48 -9.31
C HIS Q 129 6.34 26.93 -10.47
N GLU Q 130 5.97 27.29 -11.69
CA GLU Q 130 6.68 26.83 -12.87
C GLU Q 130 8.18 27.07 -12.78
N LEU Q 131 8.62 28.22 -12.21
CA LEU Q 131 10.07 28.49 -12.05
C LEU Q 131 10.79 27.46 -11.19
N HIS Q 132 10.09 26.83 -10.22
CA HIS Q 132 10.70 25.72 -9.46
C HIS Q 132 11.18 24.64 -10.43
N TYR Q 133 10.30 24.25 -11.37
CA TYR Q 133 10.62 23.16 -12.32
C TYR Q 133 11.74 23.55 -13.28
N HIS Q 134 11.69 24.78 -13.75
CA HIS Q 134 12.77 25.30 -14.58
C HIS Q 134 14.14 25.23 -13.92
N LEU Q 135 14.19 25.61 -12.64
CA LEU Q 135 15.46 25.73 -11.99
C LEU Q 135 16.02 24.35 -11.70
N VAL Q 136 15.14 23.36 -11.79
CA VAL Q 136 15.53 21.94 -11.62
C VAL Q 136 15.84 21.25 -12.95
N TRP Q 137 14.99 21.46 -13.94
CA TRP Q 137 15.08 20.59 -15.09
C TRP Q 137 15.86 21.15 -16.25
N LEU Q 138 16.12 22.45 -16.23
CA LEU Q 138 16.84 23.06 -17.32
C LEU Q 138 18.32 22.63 -17.28
N THR Q 139 18.98 22.74 -16.12
CA THR Q 139 20.34 22.17 -16.06
C THR Q 139 20.31 20.67 -16.37
N ASP Q 140 19.29 19.97 -15.87
CA ASP Q 140 19.14 18.58 -16.19
C ASP Q 140 19.11 18.29 -17.71
N ALA Q 141 18.30 19.04 -18.46
CA ALA Q 141 18.20 18.87 -19.90
C ALA Q 141 19.53 19.18 -20.62
N ALA Q 142 20.16 20.28 -20.24
CA ALA Q 142 21.52 20.67 -20.73
C ALA Q 142 22.53 19.54 -20.50
N GLY Q 143 22.49 18.97 -19.32
CA GLY Q 143 23.32 17.78 -19.02
C GLY Q 143 22.92 16.57 -19.88
N HIS Q 144 21.64 16.37 -20.13
CA HIS Q 144 21.25 15.29 -21.06
C HIS Q 144 21.84 15.49 -22.43
N ALA Q 145 21.62 16.67 -23.00
CA ALA Q 145 22.15 16.95 -24.32
C ALA Q 145 23.68 16.86 -24.36
N GLY Q 146 24.36 17.37 -23.32
CA GLY Q 146 25.85 17.35 -23.23
C GLY Q 146 26.37 15.92 -23.06
N SER Q 147 25.59 15.08 -22.37
CA SER Q 147 26.03 13.69 -22.24
C SER Q 147 25.92 12.87 -23.54
N ILE Q 148 24.91 13.16 -24.35
CA ILE Q 148 24.82 12.59 -25.67
C ILE Q 148 26.02 13.06 -26.53
N SER Q 149 26.24 14.36 -26.49
CA SER Q 149 27.29 14.97 -27.23
C SER Q 149 28.66 14.34 -26.92
N GLY Q 150 28.94 14.10 -25.62
CA GLY Q 150 30.18 13.48 -25.17
C GLY Q 150 30.17 11.99 -25.37
N GLY Q 151 28.97 11.38 -25.50
CA GLY Q 151 28.91 9.94 -25.73
C GLY Q 151 29.01 9.48 -27.18
N LEU Q 152 28.94 10.41 -28.13
CA LEU Q 152 28.91 10.05 -29.55
C LEU Q 152 30.35 9.78 -30.04
N ASP Q 153 30.53 8.86 -30.97
CA ASP Q 153 31.83 8.66 -31.59
C ASP Q 153 32.40 9.99 -32.12
N LEU Q 154 33.74 10.13 -32.15
CA LEU Q 154 34.45 11.21 -32.87
C LEU Q 154 33.79 11.60 -34.21
N VAL Q 155 33.51 10.59 -35.06
CA VAL Q 155 32.95 10.84 -36.39
C VAL Q 155 31.44 11.18 -36.50
N GLU Q 156 30.66 11.08 -35.41
CA GLU Q 156 29.23 11.46 -35.46
C GLU Q 156 29.10 12.98 -35.31
N LYS Q 157 29.70 13.70 -36.25
CA LYS Q 157 29.74 15.18 -36.22
C LYS Q 157 28.41 15.86 -36.39
N ARG Q 158 27.56 15.38 -37.30
CA ARG Q 158 26.25 16.03 -37.42
C ARG Q 158 25.35 15.85 -36.16
N LEU Q 159 25.35 14.66 -35.59
CA LEU Q 159 24.63 14.42 -34.33
C LEU Q 159 25.19 15.23 -33.16
N LYS Q 160 26.51 15.35 -33.10
CA LYS Q 160 27.13 16.16 -32.08
C LYS Q 160 26.77 17.66 -32.24
N GLU Q 161 26.83 18.17 -33.46
CA GLU Q 161 26.43 19.56 -33.62
C GLU Q 161 25.04 19.79 -33.04
N LYS Q 162 24.14 18.85 -33.29
CA LYS Q 162 22.73 18.97 -32.92
C LYS Q 162 22.56 18.91 -31.39
N SER Q 163 23.27 18.01 -30.72
CA SER Q 163 23.14 18.01 -29.27
C SER Q 163 23.89 19.14 -28.57
N GLU Q 164 24.97 19.64 -29.17
CA GLU Q 164 25.58 20.83 -28.64
CA GLU Q 164 25.60 20.85 -28.67
C GLU Q 164 24.66 22.05 -28.76
N GLU Q 165 23.84 22.10 -29.80
CA GLU Q 165 22.92 23.22 -29.90
C GLU Q 165 21.75 23.16 -28.84
N PHE Q 166 21.18 21.98 -28.62
CA PHE Q 166 20.29 21.75 -27.46
C PHE Q 166 20.96 22.11 -26.12
N THR Q 167 22.23 21.69 -25.91
CA THR Q 167 22.90 22.01 -24.65
C THR Q 167 22.93 23.52 -24.42
N LYS Q 168 23.31 24.24 -25.47
CA LYS Q 168 23.37 25.68 -25.43
C LYS Q 168 22.04 26.35 -25.12
N HIS Q 169 20.98 25.93 -25.84
CA HIS Q 169 19.68 26.52 -25.60
C HIS Q 169 19.24 26.25 -24.18
N PHE Q 170 19.47 25.04 -23.67
CA PHE Q 170 18.97 24.76 -22.34
C PHE Q 170 19.74 25.55 -21.27
N GLU Q 171 21.06 25.71 -21.49
CA GLU Q 171 21.89 26.54 -20.57
C GLU Q 171 21.42 28.02 -20.61
N GLN Q 172 21.10 28.50 -21.82
CA GLN Q 172 20.62 29.89 -21.99
C GLN Q 172 19.26 30.04 -21.35
N PHE Q 173 18.35 29.07 -21.59
CA PHE Q 173 17.06 29.10 -20.84
C PHE Q 173 17.31 29.14 -19.31
N TYR Q 174 18.27 28.35 -18.83
CA TYR Q 174 18.59 28.39 -17.41
C TYR Q 174 19.01 29.76 -16.89
N LEU Q 175 19.88 30.46 -17.61
CA LEU Q 175 20.33 31.79 -17.20
C LEU Q 175 19.14 32.74 -17.07
N LYS Q 176 18.20 32.61 -17.99
CA LYS Q 176 16.94 33.38 -17.99
C LYS Q 176 15.99 33.05 -16.81
N ALA Q 177 15.80 31.75 -16.53
CA ALA Q 177 15.09 31.28 -15.32
C ALA Q 177 15.69 31.88 -14.02
N VAL Q 178 17.02 31.91 -13.95
CA VAL Q 178 17.71 32.41 -12.78
C VAL Q 178 17.39 33.90 -12.57
N GLU Q 179 17.46 34.69 -13.65
CA GLU Q 179 17.13 36.11 -13.55
C GLU Q 179 15.64 36.34 -13.19
N MET Q 180 14.73 35.59 -13.81
CA MET Q 180 13.29 35.82 -13.57
C MET Q 180 12.94 35.42 -12.16
N THR Q 181 13.72 34.50 -11.61
CA THR Q 181 13.47 34.09 -10.25
C THR Q 181 13.71 35.28 -9.33
N GLY Q 182 14.67 36.13 -9.70
CA GLY Q 182 15.00 37.33 -8.96
C GLY Q 182 13.96 38.43 -9.15
N TYR Q 183 13.35 38.46 -10.34
CA TYR Q 183 12.21 39.35 -10.61
C TYR Q 183 11.08 39.06 -9.61
N LEU Q 184 10.95 37.81 -9.16
CA LEU Q 184 9.91 37.45 -8.19
C LEU Q 184 10.02 38.26 -6.91
N ARG Q 185 11.18 38.86 -6.67
CA ARG Q 185 11.36 39.69 -5.47
C ARG Q 185 10.43 40.89 -5.53
N THR Q 186 9.90 41.17 -6.71
CA THR Q 186 8.95 42.28 -6.82
C THR Q 186 7.62 41.89 -6.13
N GLU Q 187 7.42 40.58 -5.91
CA GLU Q 187 6.15 40.10 -5.37
C GLU Q 187 5.08 39.95 -6.46
N LEU Q 188 5.47 40.14 -7.71
CA LEU Q 188 4.69 39.74 -8.89
C LEU Q 188 5.18 38.34 -9.24
N HIS Q 189 4.35 37.33 -9.06
CA HIS Q 189 4.83 35.95 -9.26
C HIS Q 189 4.43 35.33 -10.62
N HIS Q 190 3.66 36.11 -11.37
CA HIS Q 190 3.21 35.76 -12.70
C HIS Q 190 3.16 37.05 -13.51
N PHE Q 191 3.73 37.00 -14.72
CA PHE Q 191 3.82 38.14 -15.57
C PHE Q 191 4.11 37.63 -16.99
N PRO Q 192 3.76 38.42 -18.01
CA PRO Q 192 3.75 37.84 -19.35
C PRO Q 192 5.08 37.25 -19.81
N ALA Q 193 6.20 37.86 -19.46
CA ALA Q 193 7.51 37.34 -19.93
C ALA Q 193 7.80 35.96 -19.37
N LEU Q 194 7.33 35.70 -18.16
CA LEU Q 194 7.45 34.37 -17.56
C LEU Q 194 6.59 33.34 -18.31
N LYS Q 195 5.34 33.67 -18.64
CA LYS Q 195 4.44 32.73 -19.33
C LYS Q 195 5.00 32.45 -20.72
N LYS Q 196 5.44 33.52 -21.37
CA LYS Q 196 6.13 33.39 -22.65
C LYS Q 196 7.38 32.43 -22.55
N PHE Q 197 8.22 32.69 -21.58
CA PHE Q 197 9.37 31.82 -21.32
C PHE Q 197 8.98 30.34 -21.25
N THR Q 198 7.99 30.03 -20.42
CA THR Q 198 7.62 28.63 -20.21
C THR Q 198 7.06 28.02 -21.49
N LYS Q 199 6.38 28.80 -22.31
CA LYS Q 199 6.02 28.29 -23.65
C LYS Q 199 7.23 28.00 -24.59
N ASP Q 200 8.20 28.90 -24.60
CA ASP Q 200 9.39 28.75 -25.45
C ASP Q 200 10.13 27.48 -24.99
N VAL Q 201 10.25 27.30 -23.67
CA VAL Q 201 10.94 26.16 -23.10
C VAL Q 201 10.18 24.88 -23.51
N SER Q 202 8.85 24.95 -23.44
CA SER Q 202 8.03 23.76 -23.78
C SER Q 202 8.23 23.31 -25.24
N LEU Q 203 8.31 24.27 -26.14
CA LEU Q 203 8.62 24.02 -27.53
C LEU Q 203 9.97 23.32 -27.70
N GLU Q 204 10.99 23.89 -27.04
CA GLU Q 204 12.30 23.31 -27.12
C GLU Q 204 12.33 21.84 -26.58
N LEU Q 205 11.61 21.59 -25.49
CA LEU Q 205 11.56 20.25 -24.91
C LEU Q 205 10.89 19.28 -25.87
N LYS Q 206 9.89 19.76 -26.63
CA LYS Q 206 9.24 18.92 -27.63
C LYS Q 206 10.19 18.62 -28.78
N LEU Q 207 10.97 19.62 -29.19
CA LEU Q 207 12.03 19.41 -30.20
C LEU Q 207 13.09 18.41 -29.69
N PHE Q 208 13.42 18.55 -28.40
CA PHE Q 208 14.45 17.69 -27.79
C PHE Q 208 13.97 16.25 -27.61
N SER Q 209 12.70 16.08 -27.30
CA SER Q 209 12.09 14.75 -27.16
C SER Q 209 12.08 14.02 -28.50
N HIS Q 210 11.77 14.73 -29.61
CA HIS Q 210 11.84 14.11 -30.94
CA HIS Q 210 11.84 14.08 -30.93
C HIS Q 210 13.27 13.61 -31.21
N PHE Q 211 14.24 14.47 -30.88
CA PHE Q 211 15.67 14.17 -31.05
C PHE Q 211 16.09 12.93 -30.20
N LEU Q 212 15.66 12.89 -28.93
CA LEU Q 212 15.96 11.74 -28.06
C LEU Q 212 15.31 10.50 -28.63
N HIS Q 213 14.13 10.65 -29.23
CA HIS Q 213 13.46 9.50 -29.83
C HIS Q 213 14.26 8.99 -31.01
N GLU Q 214 14.81 9.93 -31.78
CA GLU Q 214 15.65 9.59 -32.94
CA GLU Q 214 15.63 9.58 -32.93
C GLU Q 214 16.89 8.85 -32.46
N VAL Q 215 17.47 9.34 -31.37
CA VAL Q 215 18.69 8.78 -30.83
C VAL Q 215 18.42 7.34 -30.30
N GLU Q 216 17.33 7.16 -29.57
CA GLU Q 216 16.92 5.83 -29.11
C GLU Q 216 16.73 4.83 -30.29
N GLU Q 217 16.14 5.30 -31.38
CA GLU Q 217 15.97 4.41 -32.54
C GLU Q 217 17.28 4.11 -33.28
N LEU Q 218 18.14 5.12 -33.46
CA LEU Q 218 19.54 4.84 -33.88
C LEU Q 218 20.26 3.86 -32.94
N GLU Q 219 20.06 3.97 -31.63
CA GLU Q 219 20.71 2.99 -30.74
C GLU Q 219 20.15 1.57 -30.94
N LEU Q 220 18.83 1.46 -31.14
CA LEU Q 220 18.19 0.15 -31.19
C LEU Q 220 18.59 -0.52 -32.47
N SER Q 221 18.85 0.26 -33.52
CA SER Q 221 19.21 -0.38 -34.78
C SER Q 221 20.73 -0.45 -34.99
N ASN Q 222 21.52 -0.05 -33.98
CA ASN Q 222 23.00 0.02 -34.09
C ASN Q 222 23.49 0.97 -35.21
N GLU Q 223 22.64 1.92 -35.58
CA GLU Q 223 22.96 2.83 -36.69
C GLU Q 223 23.83 4.03 -36.25
N VAL Q 224 24.03 4.20 -34.94
CA VAL Q 224 24.83 5.30 -34.39
C VAL Q 224 26.08 4.73 -33.65
N LEU Q 225 27.22 5.39 -33.82
CA LEU Q 225 28.45 4.98 -33.15
C LEU Q 225 28.51 5.79 -31.90
N SER Q 226 28.57 5.12 -30.75
CA SER Q 226 28.52 5.80 -29.44
C SER Q 226 28.78 4.82 -28.30
N VAL Q 227 28.91 5.36 -27.09
CA VAL Q 227 28.84 4.55 -25.87
C VAL Q 227 27.52 4.83 -25.15
N LEU Q 228 26.50 5.29 -25.86
CA LEU Q 228 25.23 5.57 -25.21
C LEU Q 228 24.40 4.28 -25.29
N SER Q 229 23.15 4.31 -24.90
CA SER Q 229 22.31 3.11 -25.04
C SER Q 229 20.90 3.62 -25.29
N ALA Q 230 20.08 2.79 -25.94
CA ALA Q 230 18.69 3.09 -26.16
C ALA Q 230 17.99 3.34 -24.81
N ARG Q 231 18.34 2.59 -23.78
CA ARG Q 231 17.69 2.82 -22.47
C ARG Q 231 17.99 4.17 -21.85
N MET Q 232 19.21 4.68 -22.07
CA MET Q 232 19.53 6.04 -21.62
C MET Q 232 18.68 7.11 -22.31
N ALA Q 233 18.55 7.00 -23.62
CA ALA Q 233 17.70 7.91 -24.43
C ALA Q 233 16.22 7.88 -24.03
N ASP Q 234 15.71 6.67 -23.75
CA ASP Q 234 14.35 6.44 -23.25
C ASP Q 234 14.17 7.13 -21.91
N HIS Q 235 15.17 6.97 -21.04
CA HIS Q 235 15.18 7.57 -19.70
C HIS Q 235 15.14 9.08 -19.77
N MET Q 236 16.00 9.63 -20.61
CA MET Q 236 16.09 11.09 -20.80
C MET Q 236 14.77 11.63 -21.35
N ALA Q 237 14.12 10.88 -22.25
CA ALA Q 237 12.82 11.29 -22.84
C ALA Q 237 11.67 11.25 -21.84
N ARG Q 238 11.66 10.22 -20.98
CA ARG Q 238 10.67 10.16 -19.93
C ARG Q 238 10.77 11.31 -18.94
N GLU Q 239 11.98 11.69 -18.56
CA GLU Q 239 12.18 12.88 -17.71
C GLU Q 239 11.79 14.21 -18.34
N GLU Q 240 12.04 14.35 -19.65
CA GLU Q 240 11.63 15.60 -20.31
C GLU Q 240 10.12 15.67 -20.36
N CYS Q 241 9.47 14.51 -20.53
CA CYS Q 241 8.03 14.41 -20.51
C CYS Q 241 7.49 14.88 -19.15
N TYR Q 242 8.09 14.41 -18.08
CA TYR Q 242 7.66 14.76 -16.72
C TYR Q 242 7.77 16.25 -16.49
N TYR Q 243 8.86 16.82 -16.96
CA TYR Q 243 9.11 18.27 -16.90
C TYR Q 243 8.08 19.04 -17.71
N LEU Q 244 7.85 18.58 -18.94
CA LEU Q 244 6.80 19.11 -19.83
C LEU Q 244 5.46 19.01 -19.13
N LEU Q 245 5.20 17.89 -18.49
CA LEU Q 245 3.89 17.74 -17.84
C LEU Q 245 3.74 18.78 -16.70
N LYS Q 246 4.76 18.89 -15.84
CA LYS Q 246 4.67 19.82 -14.71
C LYS Q 246 4.59 21.26 -15.14
N LEU Q 247 5.25 21.61 -16.25
CA LEU Q 247 5.13 22.95 -16.77
C LEU Q 247 3.72 23.22 -17.30
N ALA Q 248 3.10 22.23 -17.96
CA ALA Q 248 1.76 22.41 -18.52
C ALA Q 248 0.77 22.65 -17.36
N GLN Q 249 0.90 21.86 -16.31
CA GLN Q 249 0.06 22.02 -15.12
C GLN Q 249 0.32 23.30 -14.35
N SER Q 250 1.58 23.55 -13.97
CA SER Q 250 1.91 24.77 -13.25
C SER Q 250 1.63 26.06 -14.06
N SER Q 251 1.99 26.10 -15.32
CA SER Q 251 1.83 27.36 -16.13
C SER Q 251 0.48 27.53 -16.85
N GLY Q 252 -0.28 26.46 -17.05
CA GLY Q 252 -1.58 26.59 -17.72
C GLY Q 252 -1.48 26.36 -19.23
N LEU Q 253 -0.71 25.35 -19.64
CA LEU Q 253 -0.56 25.03 -21.06
C LEU Q 253 -1.20 23.69 -21.39
N GLU Q 254 -1.32 23.40 -22.68
CA GLU Q 254 -1.89 22.14 -23.11
C GLU Q 254 -1.04 20.97 -22.59
N MET Q 255 -1.67 19.94 -22.03
CA MET Q 255 -0.93 18.76 -21.58
C MET Q 255 -0.10 18.12 -22.69
N PRO Q 256 1.09 17.58 -22.33
CA PRO Q 256 1.88 16.95 -23.39
C PRO Q 256 1.35 15.55 -23.84
N LYS Q 257 1.59 15.20 -25.09
CA LYS Q 257 1.33 13.85 -25.51
C LYS Q 257 2.63 13.04 -25.38
N CYS Q 258 2.90 12.53 -24.19
CA CYS Q 258 4.04 11.65 -24.02
C CYS Q 258 3.80 11.02 -22.66
N ASN Q 259 4.40 9.86 -22.43
CA ASN Q 259 4.19 9.11 -21.22
C ASN Q 259 5.46 9.13 -20.36
N PRO Q 260 5.41 9.76 -19.17
CA PRO Q 260 6.63 9.80 -18.36
C PRO Q 260 6.98 8.43 -17.76
N LEU Q 261 6.10 7.45 -17.92
CA LEU Q 261 6.26 6.19 -17.16
C LEU Q 261 6.91 5.11 -18.00
N GLU Q 262 6.73 5.15 -19.31
CA GLU Q 262 7.12 4.03 -20.13
C GLU Q 262 7.31 4.53 -21.53
N GLY Q 263 8.44 4.22 -22.13
CA GLY Q 263 8.70 4.62 -23.52
C GLY Q 263 7.97 3.69 -24.49
N HIS Q 264 8.08 3.93 -25.78
CA HIS Q 264 7.39 3.07 -26.70
C HIS Q 264 8.17 1.81 -27.11
N HIS Q 265 9.41 1.67 -26.68
CA HIS Q 265 10.16 0.46 -27.02
C HIS Q 265 10.54 -0.38 -25.83
N HIS Q 266 10.62 0.22 -24.65
CA HIS Q 266 11.19 -0.49 -23.50
C HIS Q 266 10.07 -1.01 -22.61
N HIS Q 267 9.46 -2.12 -23.04
CA HIS Q 267 8.34 -2.76 -22.35
C HIS Q 267 8.18 -4.14 -22.97
N HIS Q 268 7.46 -5.04 -22.30
CA HIS Q 268 7.26 -6.41 -22.81
C HIS Q 268 5.80 -6.83 -22.98
N HIS Q 269 4.98 -5.96 -23.57
CA HIS Q 269 3.57 -6.27 -23.70
C HIS Q 269 3.09 -6.16 -25.15
N GLU R 4 73.05 7.62 -36.51
CA GLU R 4 73.14 6.27 -37.19
C GLU R 4 72.51 5.15 -36.36
N ARG R 5 71.35 4.65 -36.81
CA ARG R 5 70.50 3.71 -36.03
C ARG R 5 70.99 2.26 -36.07
N ASN R 6 71.06 1.59 -34.91
CA ASN R 6 71.44 0.17 -34.93
C ASN R 6 70.36 -0.76 -34.38
N TYR R 7 70.56 -2.06 -34.63
CA TYR R 7 69.57 -3.06 -34.23
C TYR R 7 69.29 -3.05 -32.74
N GLU R 8 70.35 -3.07 -31.92
CA GLU R 8 70.13 -3.26 -30.49
C GLU R 8 69.30 -2.13 -29.86
N GLU R 9 69.72 -0.90 -30.11
CA GLU R 9 69.07 0.26 -29.51
C GLU R 9 67.72 0.47 -30.12
N SER R 10 67.65 0.36 -31.44
CA SER R 10 66.35 0.47 -32.07
C SER R 10 65.35 -0.59 -31.52
N ALA R 11 65.78 -1.84 -31.42
CA ALA R 11 64.87 -2.90 -30.93
C ALA R 11 64.42 -2.68 -29.47
N LEU R 12 65.33 -2.38 -28.54
CA LEU R 12 64.96 -2.03 -27.16
C LEU R 12 64.00 -0.84 -27.08
N PHE R 13 64.27 0.21 -27.85
CA PHE R 13 63.42 1.39 -27.86
C PHE R 13 61.97 1.05 -28.33
N GLU R 14 61.86 0.39 -29.47
CA GLU R 14 60.57 0.03 -30.04
C GLU R 14 59.78 -0.90 -29.08
N HIS R 15 60.45 -1.91 -28.52
CA HIS R 15 59.79 -2.84 -27.63
C HIS R 15 59.28 -2.15 -26.40
N GLN R 16 60.17 -1.39 -25.75
CA GLN R 16 59.73 -0.58 -24.64
C GLN R 16 58.59 0.39 -24.97
N PHE R 17 58.70 1.11 -26.09
CA PHE R 17 57.66 2.06 -26.47
C PHE R 17 56.32 1.34 -26.61
N TRP R 18 56.28 0.33 -27.48
CA TRP R 18 55.09 -0.37 -27.88
C TRP R 18 54.48 -1.29 -26.79
N LEU R 19 55.34 -2.01 -26.07
CA LEU R 19 54.83 -2.92 -25.04
C LEU R 19 54.24 -2.12 -23.88
N LYS R 20 54.79 -0.95 -23.59
CA LYS R 20 54.07 -0.10 -22.66
C LYS R 20 52.71 0.42 -23.18
N VAL R 21 52.64 0.80 -24.44
CA VAL R 21 51.40 1.30 -25.09
C VAL R 21 50.33 0.21 -25.04
N LEU R 22 50.75 -1.03 -25.29
CA LEU R 22 49.80 -2.13 -25.35
C LEU R 22 49.34 -2.54 -23.98
N THR R 23 50.24 -2.46 -23.00
CA THR R 23 49.89 -2.65 -21.61
C THR R 23 48.89 -1.56 -21.26
N ASP R 24 49.14 -0.33 -21.71
CA ASP R 24 48.15 0.73 -21.44
C ASP R 24 46.80 0.36 -22.07
N HIS R 25 46.82 0.00 -23.36
CA HIS R 25 45.58 -0.33 -24.03
C HIS R 25 44.79 -1.36 -23.22
N ALA R 26 45.50 -2.36 -22.71
CA ALA R 26 44.82 -3.49 -22.12
C ALA R 26 44.17 -3.04 -20.84
N GLN R 27 44.88 -2.21 -20.09
CA GLN R 27 44.39 -1.63 -18.84
C GLN R 27 43.17 -0.76 -19.11
N PHE R 28 43.25 0.10 -20.13
CA PHE R 28 42.15 1.01 -20.48
C PHE R 28 40.86 0.26 -20.87
N LEU R 29 41.02 -0.70 -21.78
CA LEU R 29 39.96 -1.57 -22.12
C LEU R 29 39.35 -2.24 -20.90
N LEU R 30 40.22 -2.75 -20.02
CA LEU R 30 39.78 -3.47 -18.83
C LEU R 30 38.89 -2.57 -17.97
N ASP R 31 39.32 -1.33 -17.74
CA ASP R 31 38.58 -0.49 -16.82
C ASP R 31 37.33 0.06 -17.52
N ALA R 32 37.28 -0.03 -18.85
CA ALA R 32 36.18 0.56 -19.66
C ALA R 32 35.00 -0.42 -19.90
N LEU R 33 35.23 -1.69 -19.60
CA LEU R 33 34.23 -2.73 -19.77
C LEU R 33 33.27 -2.66 -18.60
N ALA R 34 31.99 -2.85 -18.86
CA ALA R 34 30.99 -2.86 -17.80
C ALA R 34 31.24 -4.14 -16.98
N PRO R 35 31.01 -4.08 -15.67
CA PRO R 35 31.29 -5.23 -14.79
C PRO R 35 30.74 -6.56 -15.33
N LYS R 36 29.61 -6.50 -16.04
CA LYS R 36 28.92 -7.68 -16.53
C LYS R 36 29.66 -8.31 -17.68
N GLU R 37 30.65 -7.62 -18.23
CA GLU R 37 31.34 -8.21 -19.37
C GLU R 37 32.44 -9.19 -18.93
N LYS R 38 32.08 -10.20 -18.12
CA LYS R 38 33.06 -11.17 -17.56
C LYS R 38 34.10 -11.72 -18.51
N GLU R 39 33.67 -12.17 -19.69
CA GLU R 39 34.56 -12.85 -20.62
C GLU R 39 35.63 -11.91 -21.19
N ASP R 40 35.20 -10.70 -21.57
CA ASP R 40 36.14 -9.70 -22.03
C ASP R 40 37.00 -9.09 -20.95
N ILE R 41 36.51 -9.07 -19.72
CA ILE R 41 37.34 -8.63 -18.61
C ILE R 41 38.47 -9.62 -18.31
N LYS R 42 38.16 -10.91 -18.40
CA LYS R 42 39.17 -11.93 -18.27
C LYS R 42 40.16 -11.83 -19.41
N LYS R 43 39.68 -11.65 -20.64
CA LYS R 43 40.61 -11.37 -21.73
C LYS R 43 41.48 -10.14 -21.50
N ALA R 44 40.88 -8.98 -21.15
CA ALA R 44 41.72 -7.77 -20.90
C ALA R 44 42.75 -7.97 -19.78
N THR R 45 42.33 -8.61 -18.70
CA THR R 45 43.26 -8.87 -17.61
C THR R 45 44.46 -9.74 -18.10
N TYR R 46 44.15 -10.75 -18.91
CA TYR R 46 45.19 -11.57 -19.53
C TYR R 46 46.15 -10.74 -20.36
N PHE R 47 45.61 -9.76 -21.08
CA PHE R 47 46.48 -8.89 -21.88
C PHE R 47 47.31 -7.94 -20.99
N VAL R 48 46.73 -7.42 -19.91
CA VAL R 48 47.51 -6.60 -18.99
C VAL R 48 48.73 -7.39 -18.44
N GLU R 49 48.48 -8.61 -17.97
CA GLU R 49 49.55 -9.49 -17.46
C GLU R 49 50.54 -9.81 -18.56
N THR R 50 50.04 -10.20 -19.73
CA THR R 50 50.95 -10.58 -20.82
C THR R 50 51.89 -9.43 -21.27
N PHE R 51 51.36 -8.23 -21.48
CA PHE R 51 52.25 -7.14 -21.91
C PHE R 51 53.16 -6.62 -20.79
N THR R 52 52.66 -6.67 -19.56
CA THR R 52 53.50 -6.28 -18.42
C THR R 52 54.67 -7.22 -18.31
N ASN R 53 54.42 -8.53 -18.39
CA ASN R 53 55.51 -9.52 -18.33
C ASN R 53 56.49 -9.30 -19.49
N LEU R 54 55.98 -9.18 -20.70
CA LEU R 54 56.87 -8.96 -21.85
C LEU R 54 57.74 -7.71 -21.65
N LEU R 55 57.15 -6.64 -21.14
CA LEU R 55 57.92 -5.40 -20.96
C LEU R 55 59.01 -5.57 -19.88
N ASN R 56 58.66 -6.25 -18.81
CA ASN R 56 59.63 -6.57 -17.77
C ASN R 56 60.79 -7.44 -18.23
N LYS R 57 60.57 -8.17 -19.31
CA LYS R 57 61.51 -9.17 -19.82
C LYS R 57 62.43 -8.63 -20.88
N VAL R 58 62.04 -7.52 -21.52
CA VAL R 58 62.82 -7.01 -22.65
C VAL R 58 64.30 -6.88 -22.26
N ARG R 59 65.21 -7.32 -23.11
CA ARG R 59 66.63 -7.16 -22.79
C ARG R 59 67.44 -7.25 -24.06
N ASN R 60 68.71 -6.88 -24.01
CA ASN R 60 69.48 -6.79 -25.24
C ASN R 60 69.95 -8.13 -25.86
N VAL R 61 69.58 -9.24 -25.23
CA VAL R 61 69.81 -10.60 -25.76
C VAL R 61 68.47 -11.35 -25.98
N LEU R 63 66.77 -11.32 -28.62
CA LEU R 63 65.97 -10.15 -29.06
C LEU R 63 65.19 -10.53 -30.29
N MET R 64 65.81 -11.28 -31.22
CA MET R 64 65.10 -11.71 -32.40
CA MET R 64 65.11 -11.74 -32.41
C MET R 64 64.01 -12.68 -32.00
N ALA R 65 64.33 -13.58 -31.08
CA ALA R 65 63.35 -14.54 -30.57
C ALA R 65 62.28 -13.85 -29.75
N PHE R 66 62.67 -12.90 -28.90
CA PHE R 66 61.74 -12.13 -28.08
C PHE R 66 60.71 -11.45 -28.97
N SER R 67 61.17 -11.00 -30.13
CA SER R 67 60.32 -10.25 -31.06
C SER R 67 59.24 -11.14 -31.61
N LYS R 68 59.52 -12.44 -31.75
CA LYS R 68 58.46 -13.36 -32.24
C LYS R 68 57.41 -13.58 -31.18
N GLU R 69 57.83 -13.76 -29.93
CA GLU R 69 56.90 -13.80 -28.82
C GLU R 69 56.08 -12.47 -28.67
N ALA R 70 56.75 -11.32 -28.74
CA ALA R 70 56.04 -10.02 -28.79
C ALA R 70 55.01 -9.97 -29.94
N GLU R 71 55.39 -10.41 -31.13
CA GLU R 71 54.46 -10.42 -32.26
C GLU R 71 53.16 -11.18 -32.04
N GLN R 72 53.28 -12.42 -31.61
CA GLN R 72 52.16 -13.30 -31.32
C GLN R 72 51.21 -12.64 -30.33
N ALA R 73 51.74 -12.05 -29.29
CA ALA R 73 50.87 -11.30 -28.35
C ALA R 73 50.14 -10.10 -28.98
N ALA R 74 50.85 -9.36 -29.82
CA ALA R 74 50.34 -8.19 -30.52
C ALA R 74 49.22 -8.61 -31.44
N LYS R 75 49.42 -9.69 -32.19
CA LYS R 75 48.33 -10.20 -33.03
C LYS R 75 47.11 -10.63 -32.20
N GLU R 76 47.37 -11.17 -31.02
CA GLU R 76 46.26 -11.56 -30.18
C GLU R 76 45.43 -10.36 -29.66
N ILE R 77 46.10 -9.35 -29.15
CA ILE R 77 45.35 -8.21 -28.68
C ILE R 77 44.72 -7.49 -29.86
N ARG R 78 45.37 -7.46 -31.01
CA ARG R 78 44.69 -6.96 -32.21
C ARG R 78 43.34 -7.65 -32.45
N ALA R 79 43.31 -8.98 -32.35
CA ALA R 79 42.06 -9.74 -32.57
C ALA R 79 41.00 -9.43 -31.49
N PHE R 80 41.43 -9.24 -30.25
CA PHE R 80 40.55 -8.90 -29.11
C PHE R 80 39.88 -7.55 -29.41
N LYS R 81 40.68 -6.57 -29.83
CA LYS R 81 40.17 -5.24 -30.16
C LYS R 81 39.13 -5.29 -31.30
N LEU R 82 39.46 -5.99 -32.38
CA LEU R 82 38.54 -6.09 -33.50
C LEU R 82 37.30 -6.87 -33.11
N ASN R 83 37.45 -7.85 -32.23
CA ASN R 83 36.28 -8.53 -31.68
C ASN R 83 35.40 -7.59 -30.90
N ILE R 84 36.02 -6.68 -30.15
CA ILE R 84 35.21 -5.70 -29.44
C ILE R 84 34.49 -4.77 -30.42
N ILE R 85 35.20 -4.29 -31.42
CA ILE R 85 34.57 -3.42 -32.42
C ILE R 85 33.39 -4.13 -33.09
N GLN R 86 33.60 -5.40 -33.42
CA GLN R 86 32.58 -6.17 -34.07
C GLN R 86 31.32 -6.22 -33.22
N LYS R 87 31.45 -6.58 -31.96
CA LYS R 87 30.31 -6.48 -31.01
C LYS R 87 29.72 -5.09 -30.81
N GLN R 88 30.55 -4.04 -30.86
CA GLN R 88 29.98 -2.68 -30.82
C GLN R 88 29.05 -2.48 -32.02
N LEU R 89 29.50 -2.90 -33.18
CA LEU R 89 28.75 -2.69 -34.38
C LEU R 89 27.44 -3.52 -34.45
N GLU R 90 27.38 -4.55 -33.60
CA GLU R 90 26.22 -5.42 -33.53
C GLU R 90 25.42 -5.24 -32.24
N GLY R 91 25.76 -4.26 -31.39
CA GLY R 91 25.03 -3.98 -30.15
C GLY R 91 25.21 -5.08 -29.11
N LYS R 92 26.36 -5.76 -29.14
CA LYS R 92 26.59 -6.90 -28.26
C LYS R 92 27.57 -6.70 -27.11
N ILE R 93 27.91 -5.46 -26.78
CA ILE R 93 28.89 -5.25 -25.70
C ILE R 93 28.67 -3.90 -25.09
N THR R 94 28.87 -3.80 -23.78
CA THR R 94 28.88 -2.51 -23.10
C THR R 94 30.30 -2.21 -22.70
N ILE R 95 30.87 -1.18 -23.34
CA ILE R 95 32.24 -0.75 -23.07
C ILE R 95 32.25 0.77 -23.24
N HIS R 96 32.99 1.48 -22.39
CA HIS R 96 32.94 2.94 -22.44
C HIS R 96 33.96 3.60 -23.37
N PHE R 97 34.32 2.92 -24.44
CA PHE R 97 35.15 3.52 -25.48
C PHE R 97 34.34 3.45 -26.75
N THR R 98 34.40 4.49 -27.58
CA THR R 98 33.68 4.44 -28.87
C THR R 98 34.42 3.56 -29.90
N PRO R 99 33.69 3.08 -30.93
CA PRO R 99 34.39 2.20 -31.89
C PRO R 99 35.64 2.86 -32.52
N THR R 100 35.63 4.16 -32.71
CA THR R 100 36.73 4.73 -33.42
C THR R 100 38.02 4.73 -32.57
N PHE R 101 37.84 4.98 -31.28
CA PHE R 101 38.98 5.07 -30.39
C PHE R 101 39.63 3.69 -30.34
N ILE R 102 38.80 2.64 -30.35
CA ILE R 102 39.35 1.30 -30.36
C ILE R 102 39.89 1.04 -31.75
N ASN R 103 39.27 1.62 -32.77
CA ASN R 103 39.80 1.52 -34.12
C ASN R 103 41.25 2.09 -34.16
N HIS R 104 41.51 3.13 -33.40
CA HIS R 104 42.80 3.76 -33.42
C HIS R 104 43.81 2.90 -32.68
N MET R 105 43.35 2.18 -31.64
CA MET R 105 44.21 1.23 -30.94
C MET R 105 44.66 0.14 -31.88
N VAL R 106 43.76 -0.32 -32.76
CA VAL R 106 44.07 -1.28 -33.82
C VAL R 106 45.09 -0.72 -34.79
N ASN R 107 44.91 0.54 -35.27
CA ASN R 107 45.94 1.17 -36.13
C ASN R 107 47.31 1.11 -35.46
N GLU R 108 47.32 1.41 -34.17
CA GLU R 108 48.53 1.39 -33.38
C GLU R 108 49.18 0.02 -33.22
N VAL R 109 48.43 -1.00 -32.84
CA VAL R 109 49.04 -2.34 -32.74
C VAL R 109 49.59 -2.79 -34.11
N GLU R 110 48.96 -2.33 -35.19
CA GLU R 110 49.40 -2.70 -36.52
C GLU R 110 50.70 -2.00 -36.89
N GLU R 111 50.98 -0.85 -36.29
CA GLU R 111 52.28 -0.19 -36.52
C GLU R 111 53.38 -1.00 -35.81
N TYR R 112 53.07 -1.49 -34.62
CA TYR R 112 54.03 -2.32 -33.90
C TYR R 112 54.36 -3.54 -34.72
N ILE R 113 53.29 -4.13 -35.25
CA ILE R 113 53.45 -5.36 -36.02
C ILE R 113 54.29 -5.14 -37.23
N ALA R 114 54.18 -3.96 -37.84
CA ALA R 114 54.93 -3.63 -39.03
C ALA R 114 56.40 -3.54 -38.67
N VAL R 115 56.67 -2.99 -37.50
CA VAL R 115 58.02 -2.84 -36.97
C VAL R 115 58.60 -4.22 -36.62
N LEU R 116 57.76 -5.06 -36.02
CA LEU R 116 58.12 -6.43 -35.67
C LEU R 116 58.52 -7.29 -36.88
N GLU R 117 57.99 -6.96 -38.06
CA GLU R 117 58.35 -7.66 -39.28
C GLU R 117 59.86 -7.59 -39.48
N PHE R 118 60.41 -6.37 -39.37
CA PHE R 118 61.84 -6.15 -39.38
C PHE R 118 62.57 -6.72 -38.16
N LEU R 119 62.10 -6.40 -36.96
CA LEU R 119 62.83 -6.81 -35.77
C LEU R 119 63.04 -8.33 -35.65
N LYS R 120 62.05 -9.13 -36.00
CA LYS R 120 62.23 -10.57 -35.85
C LYS R 120 63.12 -11.17 -36.92
N LYS R 121 63.48 -10.39 -37.95
CA LYS R 121 64.49 -10.83 -38.91
C LYS R 121 65.88 -10.33 -38.53
N GLY R 122 65.99 -9.55 -37.44
CA GLY R 122 67.25 -8.94 -37.03
C GLY R 122 67.62 -7.71 -37.84
N GLU R 123 66.65 -7.11 -38.51
CA GLU R 123 66.90 -5.88 -39.27
C GLU R 123 66.48 -4.61 -38.51
N VAL R 124 67.24 -3.53 -38.69
CA VAL R 124 66.81 -2.23 -38.19
C VAL R 124 65.53 -1.82 -38.97
N PRO R 125 64.42 -1.52 -38.25
CA PRO R 125 63.22 -1.02 -38.94
C PRO R 125 63.59 0.30 -39.62
N PRO R 126 63.26 0.47 -40.92
CA PRO R 126 63.56 1.76 -41.53
C PRO R 126 62.69 2.90 -40.95
N VAL R 127 63.14 4.13 -41.13
CA VAL R 127 62.29 5.28 -40.98
C VAL R 127 61.50 5.46 -42.27
N PHE R 128 60.18 5.31 -42.18
CA PHE R 128 59.31 5.40 -43.38
C PHE R 128 59.24 6.83 -43.95
N HIS R 129 58.59 6.99 -45.09
CA HIS R 129 58.36 8.32 -45.66
C HIS R 129 57.56 9.11 -44.63
N GLU R 130 57.79 10.41 -44.53
CA GLU R 130 57.10 11.18 -43.48
C GLU R 130 55.57 11.13 -43.60
N LEU R 131 55.06 11.06 -44.83
CA LEU R 131 53.61 10.88 -45.04
C LEU R 131 53.05 9.58 -44.47
N HIS R 132 53.85 8.53 -44.34
CA HIS R 132 53.32 7.30 -43.72
C HIS R 132 52.94 7.63 -42.28
N TYR R 133 53.81 8.36 -41.59
CA TYR R 133 53.52 8.76 -40.20
C TYR R 133 52.32 9.70 -40.09
N HIS R 134 52.23 10.66 -41.00
CA HIS R 134 51.10 11.55 -40.94
C HIS R 134 49.78 10.78 -41.10
N LEU R 135 49.70 9.89 -42.08
CA LEU R 135 48.48 9.08 -42.36
C LEU R 135 48.03 8.17 -41.19
N VAL R 136 48.97 7.82 -40.33
CA VAL R 136 48.67 7.02 -39.16
C VAL R 136 48.37 7.91 -37.93
N TRP R 137 49.21 8.90 -37.70
CA TRP R 137 49.18 9.52 -36.39
C TRP R 137 48.29 10.77 -36.31
N LEU R 138 47.87 11.31 -37.47
CA LEU R 138 47.07 12.52 -37.46
C LEU R 138 45.62 12.21 -37.02
N THR R 139 45.03 11.15 -37.60
CA THR R 139 43.69 10.74 -37.08
C THR R 139 43.84 10.32 -35.62
N ASP R 140 44.95 9.67 -35.29
CA ASP R 140 45.22 9.31 -33.88
C ASP R 140 45.26 10.50 -32.89
N ALA R 141 45.89 11.60 -33.28
CA ALA R 141 45.97 12.82 -32.45
C ALA R 141 44.57 13.47 -32.31
N ALA R 142 43.86 13.55 -33.44
CA ALA R 142 42.48 14.05 -33.49
C ALA R 142 41.59 13.24 -32.53
N GLY R 143 41.69 11.93 -32.58
CA GLY R 143 40.96 11.03 -31.65
C GLY R 143 41.37 11.25 -30.21
N HIS R 144 42.65 11.56 -30.02
CA HIS R 144 43.13 11.91 -28.71
C HIS R 144 42.48 13.14 -28.15
N ALA R 145 42.55 14.23 -28.92
CA ALA R 145 41.92 15.50 -28.52
C ALA R 145 40.44 15.25 -28.38
N GLY R 146 39.85 14.53 -29.33
CA GLY R 146 38.42 14.21 -29.22
C GLY R 146 38.00 13.45 -27.95
N SER R 147 38.84 12.56 -27.44
CA SER R 147 38.46 11.77 -26.25
C SER R 147 38.51 12.73 -25.07
N ILE R 148 39.48 13.62 -25.11
CA ILE R 148 39.61 14.56 -24.00
C ILE R 148 38.30 15.36 -23.91
N SER R 149 37.91 15.93 -25.04
CA SER R 149 36.70 16.70 -25.16
C SER R 149 35.47 15.93 -24.63
N GLY R 150 35.29 14.70 -25.12
CA GLY R 150 34.17 13.85 -24.68
C GLY R 150 34.30 13.41 -23.23
N GLY R 151 35.50 13.45 -22.67
CA GLY R 151 35.71 12.94 -21.32
C GLY R 151 35.62 14.00 -20.21
N LEU R 152 35.53 15.26 -20.60
CA LEU R 152 35.47 16.34 -19.63
C LEU R 152 34.04 16.53 -19.15
N ASP R 153 33.89 16.92 -17.88
CA ASP R 153 32.59 17.32 -17.37
C ASP R 153 31.93 18.38 -18.24
N LEU R 154 30.60 18.36 -18.30
CA LEU R 154 29.83 19.40 -18.95
C LEU R 154 30.33 20.81 -18.59
N VAL R 155 30.77 21.03 -17.35
CA VAL R 155 31.13 22.41 -16.94
C VAL R 155 32.55 22.87 -17.34
N GLU R 156 33.35 21.95 -17.89
CA GLU R 156 34.73 22.30 -18.29
C GLU R 156 34.79 22.91 -19.71
N LYS R 157 34.09 24.01 -19.88
CA LYS R 157 33.93 24.59 -21.20
C LYS R 157 35.23 25.06 -21.83
N ARG R 158 36.04 25.85 -21.11
CA ARG R 158 37.31 26.32 -21.62
C ARG R 158 38.21 25.18 -22.03
N LEU R 159 38.29 24.11 -21.21
CA LEU R 159 39.15 22.97 -21.58
C LEU R 159 38.63 22.23 -22.80
N LYS R 160 37.31 22.11 -22.89
CA LYS R 160 36.66 21.51 -24.03
CA LYS R 160 36.68 21.50 -24.04
C LYS R 160 36.89 22.33 -25.30
N GLU R 161 36.73 23.64 -25.21
CA GLU R 161 36.96 24.46 -26.38
C GLU R 161 38.38 24.20 -26.88
N LYS R 162 39.32 24.06 -25.95
CA LYS R 162 40.72 23.96 -26.34
C LYS R 162 40.92 22.63 -27.06
N SER R 163 40.44 21.53 -26.46
CA SER R 163 40.66 20.24 -27.11
C SER R 163 39.87 20.09 -28.40
N GLU R 164 38.71 20.72 -28.51
CA GLU R 164 38.00 20.81 -29.81
C GLU R 164 38.81 21.54 -30.87
N GLU R 165 39.53 22.58 -30.45
CA GLU R 165 40.36 23.25 -31.41
C GLU R 165 41.51 22.35 -31.92
N PHE R 166 42.14 21.59 -31.02
CA PHE R 166 43.13 20.63 -31.47
C PHE R 166 42.58 19.56 -32.37
N THR R 167 41.43 18.97 -32.00
CA THR R 167 40.75 17.99 -32.87
C THR R 167 40.59 18.46 -34.30
N LYS R 168 40.04 19.66 -34.44
CA LYS R 168 39.88 20.32 -35.72
C LYS R 168 41.21 20.54 -36.44
N HIS R 169 42.22 21.12 -35.79
CA HIS R 169 43.52 21.20 -36.41
C HIS R 169 44.11 19.86 -36.96
N PHE R 170 44.02 18.78 -36.18
CA PHE R 170 44.58 17.52 -36.60
C PHE R 170 43.80 16.86 -37.73
N GLU R 171 42.47 16.99 -37.66
CA GLU R 171 41.63 16.60 -38.77
C GLU R 171 41.97 17.38 -40.05
N GLN R 172 42.17 18.69 -39.95
CA GLN R 172 42.51 19.46 -41.14
C GLN R 172 43.87 19.02 -41.68
N PHE R 173 44.82 18.74 -40.78
CA PHE R 173 46.14 18.27 -41.21
C PHE R 173 46.01 16.90 -41.92
N TYR R 174 45.16 16.05 -41.38
CA TYR R 174 44.88 14.75 -42.00
C TYR R 174 44.41 14.94 -43.45
N LEU R 175 43.44 15.82 -43.69
CA LEU R 175 42.95 15.99 -45.07
C LEU R 175 44.07 16.44 -46.02
N LYS R 176 44.90 17.38 -45.55
CA LYS R 176 46.10 17.83 -46.26
C LYS R 176 47.08 16.67 -46.55
N ALA R 177 47.32 15.81 -45.55
CA ALA R 177 48.20 14.66 -45.77
C ALA R 177 47.62 13.72 -46.83
N VAL R 178 46.31 13.50 -46.79
CA VAL R 178 45.65 12.66 -47.82
C VAL R 178 45.92 13.20 -49.23
N GLU R 179 45.75 14.50 -49.43
CA GLU R 179 45.91 15.03 -50.76
C GLU R 179 47.38 14.96 -51.15
N MET R 180 48.27 15.35 -50.23
CA MET R 180 49.72 15.31 -50.53
C MET R 180 50.23 13.94 -50.90
N THR R 181 49.64 12.90 -50.31
CA THR R 181 49.91 11.50 -50.70
C THR R 181 49.53 11.26 -52.15
N GLY R 182 48.38 11.80 -52.57
CA GLY R 182 48.09 11.83 -53.99
C GLY R 182 49.12 12.51 -54.90
N TYR R 183 49.67 13.65 -54.48
CA TYR R 183 50.75 14.32 -55.23
C TYR R 183 51.97 13.42 -55.47
N LEU R 184 52.21 12.47 -54.58
CA LEU R 184 53.32 11.55 -54.80
C LEU R 184 53.23 10.72 -56.11
N ARG R 185 52.06 10.68 -56.74
CA ARG R 185 51.98 9.96 -58.01
C ARG R 185 52.75 10.71 -59.09
N THR R 186 53.08 11.97 -58.84
CA THR R 186 53.96 12.71 -59.74
C THR R 186 55.36 12.07 -59.77
N GLU R 187 55.63 11.16 -58.84
CA GLU R 187 57.00 10.67 -58.62
C GLU R 187 58.03 11.66 -58.02
N LEU R 188 57.59 12.89 -57.72
CA LEU R 188 58.33 13.82 -56.87
C LEU R 188 57.93 13.48 -55.46
N HIS R 189 58.83 12.90 -54.66
CA HIS R 189 58.48 12.41 -53.33
C HIS R 189 58.76 13.33 -52.16
N HIS R 190 59.56 14.36 -52.42
CA HIS R 190 59.85 15.35 -51.41
C HIS R 190 59.82 16.64 -52.19
N PHE R 191 59.13 17.62 -51.63
CA PHE R 191 58.95 18.89 -52.32
C PHE R 191 58.66 19.83 -51.17
N PRO R 192 58.87 21.13 -51.40
CA PRO R 192 58.84 22.10 -50.29
C PRO R 192 57.50 22.23 -49.54
N ALA R 193 56.38 21.98 -50.18
CA ALA R 193 55.08 22.12 -49.48
C ALA R 193 54.95 20.96 -48.47
N LEU R 194 55.58 19.84 -48.78
CA LEU R 194 55.48 18.69 -47.89
C LEU R 194 56.35 18.90 -46.64
N LYS R 195 57.60 19.36 -46.84
CA LYS R 195 58.51 19.72 -45.71
C LYS R 195 57.90 20.83 -44.74
N LYS R 196 57.30 21.86 -45.33
CA LYS R 196 56.58 22.87 -44.52
C LYS R 196 55.40 22.28 -43.78
N PHE R 197 54.56 21.49 -44.45
CA PHE R 197 53.55 20.70 -43.77
C PHE R 197 54.10 19.96 -42.52
N THR R 198 55.11 19.12 -42.68
CA THR R 198 55.61 18.32 -41.54
C THR R 198 56.07 19.21 -40.39
N LYS R 199 56.62 20.37 -40.77
CA LYS R 199 57.08 21.32 -39.81
C LYS R 199 55.90 21.95 -39.07
N ASP R 200 54.85 22.40 -39.80
CA ASP R 200 53.63 22.95 -39.21
C ASP R 200 52.96 21.92 -38.27
N VAL R 201 52.88 20.66 -38.71
CA VAL R 201 52.36 19.55 -37.87
C VAL R 201 53.21 19.39 -36.59
N SER R 202 54.53 19.47 -36.70
CA SER R 202 55.37 19.28 -35.48
C SER R 202 55.14 20.40 -34.45
N LEU R 203 55.06 21.65 -34.89
CA LEU R 203 54.69 22.72 -33.98
C LEU R 203 53.35 22.42 -33.28
N GLU R 204 52.34 21.95 -34.03
CA GLU R 204 51.01 21.65 -33.41
C GLU R 204 51.08 20.52 -32.38
N LEU R 205 51.90 19.53 -32.66
CA LEU R 205 52.19 18.42 -31.72
C LEU R 205 52.95 18.91 -30.49
N LYS R 206 53.86 19.86 -30.67
CA LYS R 206 54.49 20.51 -29.56
C LYS R 206 53.48 21.23 -28.66
N LEU R 207 52.61 22.06 -29.23
CA LEU R 207 51.51 22.67 -28.46
C LEU R 207 50.54 21.67 -27.79
N PHE R 208 50.23 20.61 -28.52
CA PHE R 208 49.33 19.61 -27.98
C PHE R 208 49.97 18.84 -26.79
N SER R 209 51.27 18.56 -26.91
CA SER R 209 51.99 17.86 -25.83
C SER R 209 51.94 18.70 -24.57
N HIS R 210 52.16 20.00 -24.71
CA HIS R 210 52.03 20.92 -23.58
C HIS R 210 50.65 20.84 -22.94
N PHE R 211 49.60 20.80 -23.77
CA PHE R 211 48.21 20.69 -23.31
C PHE R 211 47.97 19.38 -22.58
N LEU R 212 48.53 18.28 -23.11
CA LEU R 212 48.41 16.96 -22.49
C LEU R 212 49.10 16.90 -21.14
N HIS R 213 50.26 17.54 -21.00
CA HIS R 213 50.94 17.60 -19.71
C HIS R 213 50.15 18.43 -18.70
N GLU R 214 49.53 19.51 -19.16
N GLU R 214 49.53 19.51 -19.18
CA GLU R 214 48.68 20.33 -18.26
CA GLU R 214 48.66 20.34 -18.33
C GLU R 214 47.50 19.47 -17.78
C GLU R 214 47.48 19.52 -17.82
N VAL R 215 46.89 18.73 -18.71
CA VAL R 215 45.72 17.93 -18.37
C VAL R 215 46.17 16.82 -17.39
N GLU R 216 47.34 16.25 -17.63
CA GLU R 216 47.90 15.25 -16.72
C GLU R 216 48.05 15.81 -15.31
N GLU R 217 48.50 17.05 -15.21
CA GLU R 217 48.75 17.67 -13.89
C GLU R 217 47.44 18.00 -13.26
N LEU R 218 46.49 18.36 -14.10
CA LEU R 218 45.13 18.64 -13.58
C LEU R 218 44.48 17.36 -13.08
N GLU R 219 44.64 16.26 -13.81
CA GLU R 219 44.16 14.97 -13.30
C GLU R 219 44.85 14.51 -12.00
N LEU R 220 46.17 14.68 -11.92
CA LEU R 220 46.91 14.24 -10.75
C LEU R 220 46.52 15.03 -9.51
N SER R 221 46.12 16.28 -9.70
CA SER R 221 45.79 17.09 -8.56
C SER R 221 44.27 17.06 -8.32
N ASN R 222 43.49 16.40 -9.19
CA ASN R 222 42.02 16.40 -9.07
C ASN R 222 41.43 17.80 -9.29
N GLU R 223 42.14 18.61 -10.07
CA GLU R 223 41.71 19.98 -10.31
C GLU R 223 40.80 20.08 -11.54
N VAL R 224 40.70 18.98 -12.28
CA VAL R 224 39.78 18.92 -13.43
C VAL R 224 38.66 17.90 -13.18
N LEU R 225 37.47 18.17 -13.72
CA LEU R 225 36.35 17.28 -13.55
C LEU R 225 36.21 16.54 -14.86
N SER R 226 36.32 15.21 -14.79
CA SER R 226 36.41 14.43 -16.00
C SER R 226 36.32 12.96 -15.66
N VAL R 227 36.20 12.12 -16.68
CA VAL R 227 36.36 10.68 -16.56
C VAL R 227 37.67 10.25 -17.25
N LEU R 228 38.61 11.18 -17.39
CA LEU R 228 39.89 10.85 -17.98
C LEU R 228 40.77 10.41 -16.82
N SER R 229 42.03 10.13 -17.06
CA SER R 229 42.94 9.77 -15.98
C SER R 229 44.25 10.36 -16.37
N ALA R 230 45.07 10.63 -15.37
CA ALA R 230 46.46 11.00 -15.58
C ALA R 230 47.19 10.00 -16.47
N ARG R 231 46.88 8.72 -16.30
CA ARG R 231 47.64 7.71 -17.08
C ARG R 231 47.31 7.81 -18.56
N MET R 232 46.04 8.06 -18.87
CA MET R 232 45.66 8.28 -20.25
C MET R 232 46.36 9.51 -20.83
N ALA R 233 46.49 10.60 -20.06
CA ALA R 233 47.14 11.82 -20.58
C ALA R 233 48.63 11.54 -20.82
N ASP R 234 49.27 10.88 -19.86
CA ASP R 234 50.66 10.41 -20.06
C ASP R 234 50.86 9.53 -21.33
N HIS R 235 50.00 8.52 -21.49
CA HIS R 235 49.97 7.66 -22.67
C HIS R 235 49.86 8.43 -24.00
N MET R 236 48.89 9.33 -24.07
CA MET R 236 48.72 10.21 -25.25
C MET R 236 49.96 11.05 -25.59
N ALA R 237 50.62 11.57 -24.57
CA ALA R 237 51.80 12.42 -24.75
C ALA R 237 53.04 11.61 -25.15
N ARG R 238 53.15 10.38 -24.68
CA ARG R 238 54.21 9.47 -25.17
C ARG R 238 54.06 9.10 -26.65
N GLU R 239 52.80 8.83 -27.06
CA GLU R 239 52.52 8.61 -28.49
C GLU R 239 52.79 9.83 -29.39
N GLU R 240 52.42 11.02 -28.92
CA GLU R 240 52.67 12.24 -29.70
C GLU R 240 54.17 12.44 -29.81
N CYS R 241 54.89 12.15 -28.72
CA CYS R 241 56.34 12.18 -28.73
C CYS R 241 57.00 11.21 -29.77
N TYR R 242 56.56 9.96 -29.79
CA TYR R 242 57.01 8.99 -30.84
C TYR R 242 56.80 9.51 -32.25
N TYR R 243 55.57 9.97 -32.53
CA TYR R 243 55.21 10.63 -33.78
C TYR R 243 56.16 11.83 -34.15
N LEU R 244 56.40 12.72 -33.20
CA LEU R 244 57.35 13.81 -33.39
C LEU R 244 58.72 13.30 -33.75
N LEU R 245 59.18 12.32 -32.99
CA LEU R 245 60.47 11.68 -33.24
C LEU R 245 60.57 11.10 -34.67
N LYS R 246 59.58 10.33 -35.08
CA LYS R 246 59.55 9.77 -36.43
C LYS R 246 59.48 10.85 -37.52
N LEU R 247 58.81 11.95 -37.21
CA LEU R 247 58.74 13.08 -38.14
C LEU R 247 60.10 13.76 -38.29
N ALA R 248 60.76 14.02 -37.15
CA ALA R 248 62.06 14.65 -37.16
C ALA R 248 63.09 13.82 -37.93
N GLN R 249 63.08 12.52 -37.70
CA GLN R 249 63.97 11.64 -38.42
C GLN R 249 63.60 11.44 -39.88
N SER R 250 62.32 11.25 -40.17
CA SER R 250 61.92 11.06 -41.58
C SER R 250 62.08 12.32 -42.43
N SER R 251 61.93 13.49 -41.82
CA SER R 251 61.84 14.74 -42.58
C SER R 251 63.08 15.60 -42.47
N GLY R 252 64.01 15.23 -41.58
CA GLY R 252 65.19 16.02 -41.34
C GLY R 252 64.92 17.26 -40.49
N LEU R 253 64.28 17.08 -39.34
CA LEU R 253 64.08 18.20 -38.44
C LEU R 253 64.84 17.99 -37.13
N GLU R 254 64.94 19.05 -36.35
CA GLU R 254 65.43 19.00 -34.99
C GLU R 254 64.72 17.86 -34.21
N MET R 255 65.46 17.05 -33.48
CA MET R 255 64.85 16.06 -32.59
C MET R 255 64.08 16.65 -31.39
N PRO R 256 62.92 16.07 -31.05
CA PRO R 256 62.13 16.59 -29.91
C PRO R 256 62.75 16.26 -28.56
N LYS R 257 62.55 17.13 -27.56
CA LYS R 257 63.02 16.79 -26.24
C LYS R 257 61.81 16.25 -25.51
N CYS R 258 61.58 14.96 -25.64
CA CYS R 258 60.52 14.31 -24.90
C CYS R 258 60.94 12.84 -24.98
N ASN R 259 60.39 12.06 -24.05
CA ASN R 259 60.66 10.67 -23.94
C ASN R 259 59.41 9.85 -24.32
N PRO R 260 59.49 9.04 -25.36
CA PRO R 260 58.32 8.28 -25.77
C PRO R 260 58.12 7.08 -24.83
N LEU R 261 59.14 6.81 -24.02
CA LEU R 261 59.14 5.60 -23.17
C LEU R 261 58.52 5.82 -21.81
N GLU R 262 58.51 7.06 -21.33
CA GLU R 262 58.18 7.29 -19.92
C GLU R 262 58.02 8.77 -19.66
N GLY R 263 56.95 9.12 -18.97
CA GLY R 263 56.61 10.51 -18.67
C GLY R 263 57.26 11.02 -17.40
N HIS R 264 57.12 12.31 -17.12
CA HIS R 264 57.75 12.90 -15.92
C HIS R 264 57.14 12.52 -14.56
N HIS R 265 55.92 12.01 -14.54
N HIS R 265 55.93 11.97 -14.54
CA HIS R 265 55.33 11.60 -13.26
CA HIS R 265 55.35 11.61 -13.24
C HIS R 265 55.22 10.09 -13.15
C HIS R 265 54.85 10.17 -13.10
N HIS R 266 54.71 9.46 -14.21
CA HIS R 266 54.30 8.07 -14.14
C HIS R 266 55.47 7.12 -14.17
N HIS R 267 56.12 6.96 -13.01
CA HIS R 267 57.27 6.06 -12.81
C HIS R 267 57.53 5.96 -11.33
N HIS R 268 58.35 4.97 -10.98
CA HIS R 268 58.70 4.66 -9.60
C HIS R 268 60.21 4.77 -9.29
N HIS R 269 60.92 5.69 -9.96
CA HIS R 269 62.33 5.93 -9.59
C HIS R 269 62.63 7.25 -8.89
N ASN S 6 125.03 42.74 -40.63
CA ASN S 6 125.54 41.66 -41.52
C ASN S 6 124.65 40.39 -41.63
N TYR S 7 124.76 39.70 -42.76
CA TYR S 7 123.91 38.58 -43.09
C TYR S 7 123.98 37.43 -42.11
N GLU S 8 125.19 37.19 -41.59
CA GLU S 8 125.43 36.05 -40.72
C GLU S 8 124.74 36.21 -39.38
N GLU S 9 124.84 37.42 -38.82
CA GLU S 9 124.26 37.70 -37.52
C GLU S 9 122.74 37.59 -37.57
N SER S 10 122.16 38.26 -38.58
CA SER S 10 120.71 38.23 -38.84
C SER S 10 120.23 36.81 -39.03
N ALA S 11 120.83 36.12 -39.99
CA ALA S 11 120.54 34.72 -40.29
C ALA S 11 120.46 33.85 -39.04
N LEU S 12 121.54 33.85 -38.27
CA LEU S 12 121.64 33.03 -37.07
C LEU S 12 120.52 33.36 -36.10
N PHE S 13 120.32 34.65 -35.85
CA PHE S 13 119.28 35.13 -34.97
C PHE S 13 117.86 34.68 -35.41
N GLU S 14 117.49 34.95 -36.66
CA GLU S 14 116.16 34.62 -37.13
C GLU S 14 115.96 33.12 -36.97
N HIS S 15 116.96 32.34 -37.38
CA HIS S 15 116.84 30.89 -37.38
C HIS S 15 116.75 30.30 -35.98
N GLN S 16 117.53 30.81 -35.05
CA GLN S 16 117.46 30.28 -33.69
C GLN S 16 116.12 30.61 -33.04
N PHE S 17 115.67 31.86 -33.22
CA PHE S 17 114.32 32.24 -32.75
C PHE S 17 113.25 31.31 -33.29
N TRP S 18 113.13 31.33 -34.61
CA TRP S 18 112.04 30.70 -35.36
C TRP S 18 112.03 29.15 -35.34
N LEU S 19 113.19 28.51 -35.50
CA LEU S 19 113.25 27.03 -35.40
C LEU S 19 112.88 26.54 -34.00
N LYS S 20 113.21 27.30 -32.99
CA LYS S 20 112.82 26.92 -31.64
C LYS S 20 111.30 27.11 -31.39
N VAL S 21 110.78 28.25 -31.87
CA VAL S 21 109.35 28.53 -31.91
C VAL S 21 108.57 27.41 -32.59
N LEU S 22 109.06 26.93 -33.73
CA LEU S 22 108.36 25.87 -34.43
C LEU S 22 108.55 24.52 -33.75
N THR S 23 109.67 24.31 -33.07
CA THR S 23 109.85 23.05 -32.36
C THR S 23 108.80 23.00 -31.24
N ASP S 24 108.61 24.11 -30.56
CA ASP S 24 107.54 24.33 -29.60
C ASP S 24 106.16 24.03 -30.19
N HIS S 25 105.80 24.70 -31.27
CA HIS S 25 104.53 24.41 -31.89
C HIS S 25 104.28 22.90 -32.08
N ALA S 26 105.24 22.20 -32.70
CA ALA S 26 105.12 20.79 -32.96
C ALA S 26 104.89 19.99 -31.68
N GLN S 27 105.57 20.40 -30.61
CA GLN S 27 105.48 19.72 -29.33
C GLN S 27 104.12 19.98 -28.71
N PHE S 28 103.68 21.23 -28.77
CA PHE S 28 102.37 21.60 -28.25
C PHE S 28 101.25 20.82 -28.95
N LEU S 29 101.27 20.84 -30.27
CA LEU S 29 100.33 20.06 -31.05
C LEU S 29 100.38 18.56 -30.70
N LEU S 30 101.56 17.95 -30.80
CA LEU S 30 101.78 16.59 -30.32
C LEU S 30 101.01 16.32 -29.02
N ASP S 31 101.28 17.09 -27.97
CA ASP S 31 100.63 16.84 -26.65
C ASP S 31 99.13 17.23 -26.58
N ALA S 32 98.67 18.05 -27.52
CA ALA S 32 97.29 18.53 -27.56
C ALA S 32 96.37 17.55 -28.30
N LEU S 33 96.92 16.69 -29.17
CA LEU S 33 96.06 15.73 -29.92
C LEU S 33 95.48 14.67 -29.01
N ALA S 34 94.22 14.27 -29.22
CA ALA S 34 93.68 13.06 -28.57
C ALA S 34 94.55 11.85 -28.96
N PRO S 35 94.74 10.88 -28.04
CA PRO S 35 95.50 9.66 -28.36
C PRO S 35 95.01 8.92 -29.64
N LYS S 36 93.73 8.98 -29.94
CA LYS S 36 93.20 8.32 -31.11
C LYS S 36 93.69 8.94 -32.42
N GLU S 37 94.37 10.08 -32.34
CA GLU S 37 94.69 10.83 -33.55
C GLU S 37 96.03 10.34 -34.06
N LYS S 38 96.07 9.06 -34.43
CA LYS S 38 97.34 8.40 -34.74
C LYS S 38 98.11 9.11 -35.86
N GLU S 39 97.46 9.35 -36.99
N GLU S 39 97.44 9.40 -36.96
CA GLU S 39 98.18 9.96 -38.10
CA GLU S 39 98.16 9.89 -38.12
C GLU S 39 98.83 11.26 -37.65
C GLU S 39 98.62 11.36 -38.02
N ASP S 40 97.98 12.14 -37.14
CA ASP S 40 98.40 13.51 -36.85
C ASP S 40 99.53 13.51 -35.78
N ILE S 41 99.50 12.56 -34.85
CA ILE S 41 100.54 12.48 -33.80
C ILE S 41 101.88 12.05 -34.43
N LYS S 42 101.80 11.20 -35.44
CA LYS S 42 102.98 10.81 -36.20
C LYS S 42 103.54 12.06 -36.90
N LYS S 43 102.68 12.84 -37.54
CA LYS S 43 103.16 14.03 -38.19
C LYS S 43 103.82 15.00 -37.22
N ALA S 44 103.18 15.26 -36.08
CA ALA S 44 103.68 16.25 -35.13
C ALA S 44 104.97 15.75 -34.50
N THR S 45 105.08 14.43 -34.32
CA THR S 45 106.34 13.83 -33.83
C THR S 45 107.45 14.05 -34.85
N TYR S 46 107.12 13.84 -36.12
CA TYR S 46 108.03 14.15 -37.21
C TYR S 46 108.51 15.60 -37.22
N PHE S 47 107.66 16.54 -36.82
CA PHE S 47 108.03 17.95 -36.87
C PHE S 47 108.88 18.30 -35.67
N VAL S 48 108.60 17.67 -34.54
CA VAL S 48 109.46 17.88 -33.38
C VAL S 48 110.92 17.50 -33.77
N GLU S 49 111.08 16.27 -34.25
CA GLU S 49 112.38 15.77 -34.69
C GLU S 49 113.02 16.71 -35.72
N THR S 50 112.26 17.04 -36.76
CA THR S 50 112.74 17.88 -37.88
C THR S 50 113.27 19.24 -37.43
N PHE S 51 112.45 20.03 -36.75
CA PHE S 51 112.91 21.37 -36.33
C PHE S 51 114.00 21.31 -35.28
N THR S 52 113.94 20.31 -34.40
CA THR S 52 115.02 20.12 -33.42
C THR S 52 116.38 19.92 -34.11
N ASN S 53 116.41 19.01 -35.08
CA ASN S 53 117.62 18.79 -35.85
C ASN S 53 118.06 20.01 -36.70
N LEU S 54 117.12 20.68 -37.37
CA LEU S 54 117.46 21.96 -38.00
C LEU S 54 118.10 22.90 -36.98
N LEU S 55 117.56 22.99 -35.77
CA LEU S 55 118.09 23.95 -34.78
C LEU S 55 119.47 23.55 -34.25
N ASN S 56 119.70 22.26 -34.12
CA ASN S 56 120.90 21.71 -33.53
C ASN S 56 122.14 22.00 -34.37
N LYS S 57 121.97 21.98 -35.68
CA LYS S 57 123.04 22.16 -36.62
C LYS S 57 123.11 23.56 -37.23
N VAL S 58 122.38 24.52 -36.66
CA VAL S 58 122.27 25.84 -37.29
C VAL S 58 123.65 26.50 -37.42
N ARG S 59 124.56 26.10 -36.54
CA ARG S 59 125.90 26.69 -36.49
C ARG S 59 127.00 25.96 -37.29
N ASN S 60 126.73 24.76 -37.77
CA ASN S 60 127.75 23.98 -38.47
C ASN S 60 127.46 23.86 -39.95
N VAL S 61 126.78 24.84 -40.52
CA VAL S 61 126.26 24.73 -41.90
C VAL S 61 126.35 26.02 -42.70
N ASN S 62 126.22 25.89 -44.02
CA ASN S 62 126.10 27.03 -44.91
C ASN S 62 124.71 27.67 -44.83
N LEU S 63 124.67 28.90 -44.32
CA LEU S 63 123.42 29.55 -43.97
C LEU S 63 122.44 29.73 -45.12
N MET S 64 122.91 30.19 -46.27
CA MET S 64 122.01 30.46 -47.37
CA MET S 64 121.99 30.45 -47.37
C MET S 64 121.32 29.17 -47.84
N ALA S 65 122.07 28.07 -47.83
CA ALA S 65 121.55 26.77 -48.26
C ALA S 65 120.67 26.14 -47.18
N PHE S 66 121.11 26.31 -45.93
CA PHE S 66 120.31 25.97 -44.74
C PHE S 66 118.93 26.63 -44.76
N SER S 67 118.88 27.92 -45.11
CA SER S 67 117.64 28.69 -45.21
C SER S 67 116.63 28.03 -46.13
N LYS S 68 117.16 27.32 -47.11
CA LYS S 68 116.33 26.69 -48.10
C LYS S 68 115.69 25.42 -47.50
N GLU S 69 116.45 24.76 -46.63
CA GLU S 69 115.94 23.58 -45.95
C GLU S 69 114.96 23.98 -44.85
N ALA S 70 115.25 25.08 -44.16
CA ALA S 70 114.33 25.61 -43.17
C ALA S 70 112.99 25.94 -43.84
N GLU S 71 113.08 26.62 -44.98
CA GLU S 71 111.89 27.00 -45.66
C GLU S 71 110.99 25.83 -45.97
N GLN S 72 111.57 24.76 -46.54
CA GLN S 72 110.78 23.59 -46.85
C GLN S 72 110.06 23.02 -45.64
N ALA S 73 110.75 22.89 -44.52
CA ALA S 73 110.09 22.45 -43.29
C ALA S 73 109.03 23.44 -42.75
N ALA S 74 109.31 24.75 -42.80
CA ALA S 74 108.32 25.75 -42.38
C ALA S 74 107.04 25.59 -43.23
N LYS S 75 107.18 25.46 -44.55
CA LYS S 75 106.00 25.32 -45.41
C LYS S 75 105.20 24.06 -45.11
N GLU S 76 105.92 23.04 -44.68
CA GLU S 76 105.30 21.74 -44.42
C GLU S 76 104.48 21.84 -43.15
N ILE S 77 105.02 22.50 -42.12
CA ILE S 77 104.31 22.63 -40.85
C ILE S 77 103.16 23.64 -40.96
N ARG S 78 103.30 24.58 -41.88
CA ARG S 78 102.17 25.43 -42.23
C ARG S 78 101.00 24.61 -42.73
N ALA S 79 101.22 23.77 -43.74
CA ALA S 79 100.21 22.84 -44.28
C ALA S 79 99.55 21.95 -43.21
N PHE S 80 100.35 21.46 -42.28
CA PHE S 80 99.87 20.58 -41.22
C PHE S 80 98.88 21.37 -40.35
N LYS S 81 99.31 22.53 -39.85
CA LYS S 81 98.45 23.39 -39.03
C LYS S 81 97.14 23.74 -39.73
N LEU S 82 97.26 24.12 -41.00
CA LEU S 82 96.11 24.47 -41.79
C LEU S 82 95.16 23.26 -42.06
N ASN S 83 95.73 22.06 -42.17
CA ASN S 83 94.92 20.87 -42.27
C ASN S 83 94.21 20.62 -40.96
N ILE S 84 94.88 20.85 -39.83
CA ILE S 84 94.24 20.61 -38.54
C ILE S 84 93.00 21.53 -38.39
N ILE S 85 93.19 22.81 -38.77
CA ILE S 85 92.20 23.86 -38.66
C ILE S 85 91.01 23.50 -39.51
N GLN S 86 91.28 23.04 -40.72
CA GLN S 86 90.24 22.65 -41.65
C GLN S 86 89.40 21.56 -41.04
N LYS S 87 90.04 20.52 -40.53
CA LYS S 87 89.33 19.47 -39.82
C LYS S 87 88.58 19.96 -38.58
N GLN S 88 89.14 20.90 -37.83
CA GLN S 88 88.38 21.48 -36.72
C GLN S 88 87.03 22.02 -37.22
N LEU S 89 87.08 22.71 -38.34
CA LEU S 89 85.92 23.40 -38.85
C LEU S 89 84.88 22.46 -39.43
N GLU S 90 85.26 21.21 -39.70
CA GLU S 90 84.33 20.21 -40.17
C GLU S 90 84.13 19.13 -39.09
N GLY S 91 84.58 19.39 -37.86
CA GLY S 91 84.40 18.43 -36.77
C GLY S 91 85.15 17.13 -36.98
N LYS S 92 86.29 17.14 -37.67
CA LYS S 92 86.94 15.85 -37.98
C LYS S 92 88.23 15.53 -37.22
N ILE S 93 88.47 16.22 -36.11
CA ILE S 93 89.63 15.92 -35.30
C ILE S 93 89.31 16.27 -33.86
N THR S 94 89.92 15.55 -32.92
CA THR S 94 89.92 15.96 -31.51
C THR S 94 91.31 16.47 -31.09
N ILE S 95 91.37 17.75 -30.76
CA ILE S 95 92.64 18.34 -30.36
C ILE S 95 92.32 19.45 -29.39
N HIS S 96 93.15 19.64 -28.38
CA HIS S 96 92.79 20.57 -27.33
C HIS S 96 93.30 21.99 -27.51
N PHE S 97 93.40 22.43 -28.77
CA PHE S 97 93.58 23.85 -29.08
C PHE S 97 92.39 24.29 -29.92
N THR S 98 91.90 25.50 -29.64
CA THR S 98 90.82 26.12 -30.46
C THR S 98 91.37 26.58 -31.79
N PRO S 99 90.51 26.70 -32.81
CA PRO S 99 91.06 27.07 -34.12
C PRO S 99 91.85 28.38 -34.13
N THR S 100 91.46 29.34 -33.30
CA THR S 100 92.14 30.64 -33.34
C THR S 100 93.59 30.53 -32.83
N PHE S 101 93.84 29.71 -31.82
CA PHE S 101 95.20 29.52 -31.33
C PHE S 101 96.07 28.91 -32.42
N ILE S 102 95.52 27.95 -33.16
CA ILE S 102 96.30 27.37 -34.25
C ILE S 102 96.43 28.35 -35.42
N ASN S 103 95.42 29.18 -35.62
CA ASN S 103 95.44 30.19 -36.66
C ASN S 103 96.61 31.14 -36.36
N HIS S 104 96.83 31.47 -35.10
CA HIS S 104 97.99 32.29 -34.74
C HIS S 104 99.36 31.61 -34.98
N MET S 105 99.49 30.33 -34.63
CA MET S 105 100.62 29.53 -35.11
C MET S 105 100.84 29.72 -36.62
N VAL S 106 99.80 29.59 -37.43
CA VAL S 106 99.97 29.82 -38.87
C VAL S 106 100.48 31.27 -39.19
N ASN S 107 99.95 32.29 -38.51
CA ASN S 107 100.45 33.67 -38.67
C ASN S 107 101.94 33.72 -38.37
N GLU S 108 102.33 33.07 -37.28
CA GLU S 108 103.75 32.94 -36.92
C GLU S 108 104.61 32.29 -38.01
N VAL S 109 104.34 31.04 -38.33
CA VAL S 109 105.10 30.39 -39.40
C VAL S 109 105.18 31.21 -40.71
N GLU S 110 104.15 31.97 -41.05
CA GLU S 110 104.16 32.77 -42.26
C GLU S 110 105.11 33.97 -42.15
N GLU S 111 105.35 34.44 -40.93
CA GLU S 111 106.30 35.50 -40.65
C GLU S 111 107.75 34.97 -40.85
N TYR S 112 108.00 33.75 -40.35
CA TYR S 112 109.29 33.14 -40.59
C TYR S 112 109.50 33.05 -42.09
N ILE S 113 108.57 32.45 -42.78
CA ILE S 113 108.67 32.29 -44.22
C ILE S 113 108.93 33.62 -44.99
N ALA S 114 108.38 34.74 -44.52
CA ALA S 114 108.59 36.04 -45.19
C ALA S 114 110.04 36.50 -45.04
N VAL S 115 110.60 36.21 -43.88
CA VAL S 115 112.00 36.42 -43.54
C VAL S 115 112.91 35.54 -44.42
N LEU S 116 112.54 34.25 -44.53
CA LEU S 116 113.27 33.29 -45.35
C LEU S 116 113.37 33.72 -46.82
N GLU S 117 112.43 34.52 -47.28
CA GLU S 117 112.48 34.95 -48.67
C GLU S 117 113.80 35.70 -48.82
N PHE S 118 114.15 36.46 -47.79
CA PHE S 118 115.37 37.22 -47.80
C PHE S 118 116.58 36.37 -47.46
N LEU S 119 116.52 35.64 -46.35
CA LEU S 119 117.62 34.75 -45.95
C LEU S 119 118.10 33.79 -47.05
N LYS S 120 117.18 33.18 -47.79
CA LYS S 120 117.54 32.32 -48.89
C LYS S 120 118.41 33.06 -49.91
N LYS S 121 118.13 34.34 -50.16
CA LYS S 121 118.86 34.99 -51.23
C LYS S 121 120.08 35.79 -50.73
N GLY S 122 120.45 35.55 -49.47
CA GLY S 122 121.67 36.11 -48.95
C GLY S 122 121.45 37.45 -48.29
N GLU S 123 120.22 37.95 -48.40
CA GLU S 123 119.92 39.29 -47.88
C GLU S 123 119.43 39.30 -46.45
N VAL S 124 119.75 40.39 -45.76
CA VAL S 124 119.18 40.69 -44.48
C VAL S 124 117.68 41.00 -44.67
N PRO S 125 116.81 40.45 -43.79
CA PRO S 125 115.41 40.83 -43.88
C PRO S 125 115.25 42.29 -43.48
N PRO S 126 114.49 43.07 -44.24
CA PRO S 126 114.33 44.48 -43.85
C PRO S 126 113.52 44.67 -42.56
N VAL S 127 113.60 45.87 -42.02
CA VAL S 127 112.80 46.23 -40.88
C VAL S 127 111.47 46.70 -41.44
N PHE S 128 110.42 46.00 -41.08
CA PHE S 128 109.10 46.36 -41.58
C PHE S 128 108.62 47.61 -40.81
N HIS S 129 107.70 48.36 -41.39
CA HIS S 129 107.05 49.45 -40.68
C HIS S 129 106.50 48.84 -39.40
N GLU S 130 106.58 49.56 -38.29
CA GLU S 130 106.14 49.07 -36.97
C GLU S 130 104.67 48.60 -36.92
N LEU S 131 103.78 49.21 -37.69
CA LEU S 131 102.38 48.69 -37.81
C LEU S 131 102.31 47.30 -38.45
N HIS S 132 103.30 46.91 -39.27
CA HIS S 132 103.35 45.52 -39.69
C HIS S 132 103.40 44.63 -38.45
N TYR S 133 104.33 44.91 -37.55
CA TYR S 133 104.51 44.09 -36.35
C TYR S 133 103.30 44.16 -35.43
N HIS S 134 102.68 45.33 -35.33
CA HIS S 134 101.50 45.49 -34.51
C HIS S 134 100.36 44.59 -35.00
N LEU S 135 100.07 44.65 -36.30
CA LEU S 135 99.01 43.84 -36.87
C LEU S 135 99.28 42.32 -36.77
N VAL S 136 100.54 41.92 -36.71
CA VAL S 136 100.81 40.50 -36.56
C VAL S 136 100.77 40.07 -35.10
N TRP S 137 101.36 40.88 -34.22
CA TRP S 137 101.63 40.36 -32.90
C TRP S 137 100.60 40.75 -31.88
N LEU S 138 99.69 41.64 -32.22
CA LEU S 138 98.80 42.14 -31.17
C LEU S 138 97.70 41.10 -30.90
N THR S 139 97.19 40.47 -31.98
CA THR S 139 96.20 39.39 -31.81
C THR S 139 96.85 38.17 -31.17
N ASP S 140 98.10 37.89 -31.55
CA ASP S 140 98.89 36.83 -30.94
C ASP S 140 98.93 37.02 -29.40
N ALA S 141 99.29 38.23 -29.00
CA ALA S 141 99.46 38.50 -27.58
C ALA S 141 98.11 38.32 -26.87
N ALA S 142 97.04 38.82 -27.49
CA ALA S 142 95.69 38.63 -26.93
C ALA S 142 95.36 37.13 -26.89
N GLY S 143 95.77 36.39 -27.93
CA GLY S 143 95.58 34.94 -27.92
C GLY S 143 96.35 34.31 -26.74
N HIS S 144 97.55 34.80 -26.50
CA HIS S 144 98.31 34.30 -25.34
C HIS S 144 97.62 34.53 -24.01
N ALA S 145 97.24 35.78 -23.74
CA ALA S 145 96.62 36.12 -22.48
C ALA S 145 95.33 35.25 -22.37
N GLY S 146 94.55 35.19 -23.45
CA GLY S 146 93.38 34.30 -23.53
C GLY S 146 93.56 32.82 -23.31
N SER S 147 94.67 32.25 -23.80
CA SER S 147 94.90 30.81 -23.53
C SER S 147 95.21 30.62 -22.07
N ILE S 148 95.90 31.58 -21.48
CA ILE S 148 96.20 31.46 -20.08
C ILE S 148 94.87 31.47 -19.30
N SER S 149 94.01 32.44 -19.58
CA SER S 149 92.79 32.55 -18.80
C SER S 149 91.91 31.28 -18.98
N GLY S 150 91.96 30.71 -20.18
CA GLY S 150 91.25 29.47 -20.51
C GLY S 150 91.92 28.22 -19.96
N GLY S 151 93.24 28.26 -19.77
CA GLY S 151 93.95 27.15 -19.16
C GLY S 151 93.95 27.05 -17.64
N LEU S 152 93.51 28.09 -16.95
CA LEU S 152 93.56 28.10 -15.49
C LEU S 152 92.41 27.29 -14.93
N ASP S 153 92.61 26.66 -13.78
CA ASP S 153 91.52 26.09 -12.99
C ASP S 153 90.42 27.13 -12.72
N LEU S 154 89.19 26.65 -12.54
CA LEU S 154 88.02 27.47 -12.22
C LEU S 154 88.27 28.28 -10.93
N VAL S 155 89.00 27.70 -9.97
CA VAL S 155 89.25 28.43 -8.71
C VAL S 155 90.38 29.49 -8.78
N GLU S 156 91.17 29.50 -9.84
CA GLU S 156 92.25 30.52 -9.95
C GLU S 156 91.72 31.87 -10.48
N LYS S 157 90.75 32.44 -9.76
CA LYS S 157 90.04 33.64 -10.22
C LYS S 157 90.92 34.87 -10.40
N ARG S 158 91.86 35.05 -9.47
CA ARG S 158 92.76 36.21 -9.53
C ARG S 158 93.68 36.23 -10.72
N LEU S 159 94.35 35.11 -10.95
CA LEU S 159 95.17 34.99 -12.13
C LEU S 159 94.28 35.11 -13.36
N LYS S 160 93.09 34.49 -13.33
CA LYS S 160 92.16 34.67 -14.44
C LYS S 160 91.76 36.15 -14.69
N GLU S 161 91.50 36.92 -13.62
CA GLU S 161 91.11 38.34 -13.82
C GLU S 161 92.24 39.11 -14.50
N LYS S 162 93.46 38.81 -14.06
CA LYS S 162 94.65 39.45 -14.56
C LYS S 162 94.92 39.12 -16.04
N SER S 163 94.88 37.83 -16.40
CA SER S 163 95.00 37.51 -17.81
C SER S 163 93.85 38.08 -18.69
N GLU S 164 92.60 38.10 -18.18
CA GLU S 164 91.53 38.74 -18.96
C GLU S 164 91.84 40.21 -19.23
N GLU S 165 92.51 40.84 -18.26
CA GLU S 165 92.82 42.22 -18.40
C GLU S 165 93.84 42.46 -19.49
N PHE S 166 94.91 41.67 -19.49
CA PHE S 166 95.83 41.69 -20.64
C PHE S 166 95.12 41.41 -21.97
N THR S 167 94.25 40.41 -22.04
CA THR S 167 93.51 40.11 -23.30
C THR S 167 92.73 41.32 -23.85
N LYS S 168 92.04 42.00 -22.95
CA LYS S 168 91.31 43.21 -23.31
C LYS S 168 92.26 44.30 -23.83
N HIS S 169 93.35 44.54 -23.08
CA HIS S 169 94.35 45.53 -23.50
C HIS S 169 94.91 45.28 -24.90
N PHE S 170 95.34 44.06 -25.19
CA PHE S 170 95.87 43.73 -26.51
C PHE S 170 94.85 43.80 -27.66
N GLU S 171 93.63 43.32 -27.36
CA GLU S 171 92.52 43.50 -28.29
C GLU S 171 92.29 44.96 -28.65
N GLN S 172 92.19 45.79 -27.62
CA GLN S 172 92.01 47.22 -27.76
C GLN S 172 93.18 47.90 -28.53
N PHE S 173 94.42 47.51 -28.23
CA PHE S 173 95.55 47.99 -29.02
C PHE S 173 95.39 47.57 -30.47
N TYR S 174 94.89 46.36 -30.70
CA TYR S 174 94.82 45.88 -32.06
C TYR S 174 93.85 46.74 -32.86
N LEU S 175 92.74 47.13 -32.23
CA LEU S 175 91.73 47.92 -32.90
C LEU S 175 92.30 49.30 -33.29
N LYS S 176 93.07 49.88 -32.37
CA LYS S 176 93.85 51.08 -32.59
C LYS S 176 94.86 50.90 -33.74
N ALA S 177 95.63 49.83 -33.74
CA ALA S 177 96.47 49.49 -34.93
C ALA S 177 95.77 49.48 -36.26
N VAL S 178 94.56 48.92 -36.30
CA VAL S 178 93.78 48.80 -37.53
C VAL S 178 93.38 50.17 -38.08
N GLU S 179 92.90 51.05 -37.21
CA GLU S 179 92.55 52.40 -37.63
C GLU S 179 93.80 53.17 -38.11
N MET S 180 94.91 52.99 -37.41
CA MET S 180 96.15 53.69 -37.71
C MET S 180 96.72 53.30 -39.05
N THR S 181 96.64 52.02 -39.37
CA THR S 181 96.99 51.56 -40.69
C THR S 181 96.19 52.30 -41.78
N GLY S 182 94.89 52.48 -41.60
CA GLY S 182 94.11 53.29 -42.56
C GLY S 182 94.55 54.75 -42.67
N TYR S 183 94.95 55.36 -41.55
CA TYR S 183 95.51 56.73 -41.60
C TYR S 183 96.76 56.78 -42.52
N LEU S 184 97.46 55.66 -42.65
CA LEU S 184 98.63 55.66 -43.55
C LEU S 184 98.27 56.09 -44.97
N ARG S 185 97.01 55.89 -45.36
CA ARG S 185 96.56 56.22 -46.70
C ARG S 185 96.74 57.69 -46.98
N THR S 186 96.94 58.48 -45.93
CA THR S 186 97.27 59.88 -46.13
C THR S 186 98.68 60.05 -46.76
N GLU S 187 99.48 58.99 -46.80
CA GLU S 187 100.86 59.12 -47.26
C GLU S 187 101.80 59.77 -46.25
N LEU S 188 101.25 60.16 -45.09
CA LEU S 188 102.03 60.42 -43.89
C LEU S 188 102.19 59.12 -43.11
N HIS S 189 103.41 58.55 -43.09
CA HIS S 189 103.65 57.23 -42.50
C HIS S 189 104.19 57.17 -41.07
N HIS S 190 104.54 58.32 -40.52
CA HIS S 190 104.99 58.41 -39.14
C HIS S 190 104.43 59.74 -38.67
N PHE S 191 103.80 59.70 -37.51
CA PHE S 191 103.21 60.87 -36.91
C PHE S 191 103.23 60.57 -35.41
N PRO S 192 103.11 61.59 -34.57
CA PRO S 192 103.27 61.42 -33.13
C PRO S 192 102.31 60.43 -32.43
N ALA S 193 101.04 60.39 -32.83
CA ALA S 193 100.09 59.44 -32.23
C ALA S 193 100.58 57.99 -32.43
N LEU S 194 101.17 57.70 -33.58
CA LEU S 194 101.66 56.35 -33.85
C LEU S 194 102.89 56.00 -32.98
N LYS S 195 103.86 56.92 -32.90
CA LYS S 195 105.02 56.69 -32.00
C LYS S 195 104.61 56.52 -30.51
N LYS S 196 103.68 57.33 -30.06
CA LYS S 196 103.17 57.20 -28.69
C LYS S 196 102.49 55.79 -28.54
N PHE S 197 101.76 55.38 -29.56
CA PHE S 197 101.10 54.07 -29.54
C PHE S 197 102.15 52.96 -29.39
N THR S 198 103.25 53.06 -30.11
CA THR S 198 104.23 51.96 -30.05
C THR S 198 104.90 51.86 -28.67
N LYS S 199 105.04 53.00 -28.00
CA LYS S 199 105.59 53.06 -26.64
C LYS S 199 104.63 52.45 -25.63
N ASP S 200 103.36 52.84 -25.74
CA ASP S 200 102.28 52.28 -24.91
C ASP S 200 102.23 50.77 -25.04
N VAL S 201 102.26 50.27 -26.28
CA VAL S 201 102.24 48.83 -26.48
C VAL S 201 103.50 48.23 -25.84
N SER S 202 104.65 48.86 -26.05
CA SER S 202 105.89 48.34 -25.53
C SER S 202 105.84 48.19 -24.02
N LEU S 203 105.35 49.22 -23.35
CA LEU S 203 105.05 49.14 -21.95
C LEU S 203 104.14 47.95 -21.54
N GLU S 204 103.00 47.80 -22.19
CA GLU S 204 102.13 46.69 -21.87
C GLU S 204 102.91 45.39 -22.04
N LEU S 205 103.67 45.27 -23.14
CA LEU S 205 104.36 44.03 -23.48
C LEU S 205 105.37 43.63 -22.39
N LYS S 206 106.04 44.62 -21.79
CA LYS S 206 106.91 44.41 -20.64
C LYS S 206 106.17 43.94 -19.42
N LEU S 207 105.05 44.57 -19.08
CA LEU S 207 104.23 44.12 -17.93
C LEU S 207 103.76 42.69 -18.14
N PHE S 208 103.40 42.38 -19.39
CA PHE S 208 102.88 41.04 -19.73
C PHE S 208 103.97 39.96 -19.61
N SER S 209 105.16 40.27 -20.14
CA SER S 209 106.37 39.47 -19.92
C SER S 209 106.66 39.17 -18.45
N HIS S 210 106.59 40.20 -17.61
CA HIS S 210 106.69 39.97 -16.18
C HIS S 210 105.65 38.92 -15.81
N PHE S 211 104.41 39.16 -16.22
CA PHE S 211 103.32 38.28 -15.89
C PHE S 211 103.59 36.87 -16.37
N LEU S 212 104.00 36.75 -17.64
CA LEU S 212 104.30 35.42 -18.21
C LEU S 212 105.36 34.65 -17.41
N HIS S 213 106.36 35.38 -16.91
CA HIS S 213 107.48 34.81 -16.14
C HIS S 213 106.97 34.39 -14.77
N GLU S 214 106.05 35.17 -14.22
N GLU S 214 106.04 35.17 -14.22
CA GLU S 214 105.36 34.79 -12.99
CA GLU S 214 105.37 34.79 -12.98
C GLU S 214 104.64 33.46 -13.22
C GLU S 214 104.62 33.48 -13.20
N VAL S 215 103.92 33.37 -14.32
CA VAL S 215 103.17 32.15 -14.62
C VAL S 215 104.13 30.97 -14.84
N GLU S 216 105.25 31.23 -15.51
CA GLU S 216 106.24 30.18 -15.72
C GLU S 216 106.76 29.60 -14.39
N GLU S 217 107.00 30.47 -13.40
CA GLU S 217 107.54 30.05 -12.12
C GLU S 217 106.56 29.25 -11.30
N LEU S 218 105.30 29.70 -11.30
CA LEU S 218 104.17 28.95 -10.68
C LEU S 218 104.01 27.57 -11.34
N GLU S 219 104.17 27.49 -12.65
CA GLU S 219 104.12 26.18 -13.28
C GLU S 219 105.29 25.31 -12.82
N LEU S 220 106.48 25.87 -12.83
CA LEU S 220 107.64 25.06 -12.45
C LEU S 220 107.47 24.61 -11.04
N SER S 221 106.85 25.42 -10.20
CA SER S 221 106.74 25.01 -8.81
C SER S 221 105.42 24.29 -8.51
N ASN S 222 104.55 24.15 -9.51
CA ASN S 222 103.27 23.49 -9.28
C ASN S 222 102.40 24.28 -8.31
N GLU S 223 102.64 25.58 -8.22
CA GLU S 223 101.84 26.41 -7.33
C GLU S 223 100.50 26.93 -7.94
N VAL S 224 100.33 26.74 -9.25
CA VAL S 224 99.08 27.08 -9.93
C VAL S 224 98.36 25.82 -10.44
N LEU S 225 97.02 25.84 -10.42
CA LEU S 225 96.18 24.78 -10.92
C LEU S 225 95.81 25.14 -12.33
N SER S 226 96.15 24.28 -13.28
CA SER S 226 95.97 24.63 -14.70
C SER S 226 96.28 23.48 -15.67
N VAL S 227 96.04 23.74 -16.95
CA VAL S 227 96.41 22.81 -18.00
C VAL S 227 97.53 23.38 -18.84
N LEU S 228 98.18 24.44 -18.36
CA LEU S 228 99.27 25.09 -19.10
C LEU S 228 100.58 24.44 -18.68
N SER S 229 101.70 24.89 -19.23
CA SER S 229 103.01 24.37 -18.81
C SER S 229 103.99 25.51 -18.72
N ALA S 230 105.03 25.33 -17.92
CA ALA S 230 106.13 26.27 -17.87
C ALA S 230 106.72 26.54 -19.27
N ARG S 231 106.81 25.51 -20.10
CA ARG S 231 107.33 25.63 -21.47
C ARG S 231 106.46 26.53 -22.37
N MET S 232 105.14 26.41 -22.25
CA MET S 232 104.22 27.33 -22.95
C MET S 232 104.45 28.79 -22.50
N ALA S 233 104.56 29.04 -21.21
CA ALA S 233 104.76 30.41 -20.72
C ALA S 233 106.09 31.02 -21.19
N ASP S 234 107.16 30.24 -21.10
CA ASP S 234 108.47 30.57 -21.68
C ASP S 234 108.35 30.90 -23.17
N HIS S 235 107.72 30.00 -23.91
CA HIS S 235 107.47 30.21 -25.31
C HIS S 235 106.79 31.58 -25.59
N MET S 236 105.71 31.85 -24.87
CA MET S 236 104.95 33.11 -25.05
C MET S 236 105.84 34.31 -24.73
N ALA S 237 106.61 34.21 -23.65
CA ALA S 237 107.52 35.30 -23.26
C ALA S 237 108.62 35.56 -24.34
N ARG S 238 109.19 34.52 -24.94
CA ARG S 238 110.14 34.74 -26.04
C ARG S 238 109.50 35.40 -27.26
N GLU S 239 108.31 35.00 -27.64
CA GLU S 239 107.61 35.70 -28.72
C GLU S 239 107.30 37.18 -28.43
N GLU S 240 106.92 37.49 -27.21
CA GLU S 240 106.70 38.89 -26.84
C GLU S 240 108.06 39.62 -26.89
N CYS S 241 109.14 38.93 -26.56
CA CYS S 241 110.43 39.58 -26.66
C CYS S 241 110.75 39.90 -28.13
N TYR S 242 110.48 38.95 -29.02
CA TYR S 242 110.77 39.14 -30.41
C TYR S 242 110.00 40.34 -30.94
N TYR S 243 108.74 40.42 -30.51
CA TYR S 243 107.83 41.54 -30.84
C TYR S 243 108.38 42.85 -30.31
N LEU S 244 108.72 42.92 -29.03
CA LEU S 244 109.34 44.15 -28.45
C LEU S 244 110.57 44.62 -29.28
N LEU S 245 111.37 43.63 -29.68
CA LEU S 245 112.60 43.84 -30.42
C LEU S 245 112.35 44.49 -31.77
N LYS S 246 111.37 43.96 -32.50
CA LYS S 246 111.02 44.53 -33.79
C LYS S 246 110.42 45.92 -33.64
N LEU S 247 109.61 46.12 -32.61
CA LEU S 247 109.01 47.42 -32.34
C LEU S 247 110.10 48.48 -32.09
N ALA S 248 111.10 48.11 -31.27
CA ALA S 248 112.20 49.02 -30.97
C ALA S 248 113.04 49.34 -32.21
N GLN S 249 113.31 48.36 -33.06
CA GLN S 249 114.04 48.62 -34.30
C GLN S 249 113.22 49.43 -35.32
N SER S 250 111.98 49.01 -35.61
CA SER S 250 111.16 49.76 -36.55
C SER S 250 110.80 51.16 -36.03
N SER S 251 110.66 51.31 -34.73
CA SER S 251 110.08 52.56 -34.20
C SER S 251 111.12 53.49 -33.64
N GLY S 252 112.27 52.96 -33.28
CA GLY S 252 113.33 53.78 -32.74
C GLY S 252 113.21 53.90 -31.25
N LEU S 253 113.10 52.76 -30.58
CA LEU S 253 113.17 52.76 -29.13
C LEU S 253 114.42 52.01 -28.73
N GLU S 254 114.81 52.13 -27.48
CA GLU S 254 115.95 51.37 -26.96
C GLU S 254 115.61 49.88 -26.90
N MET S 255 116.61 49.06 -27.24
CA MET S 255 116.41 47.62 -27.32
C MET S 255 116.04 47.01 -25.97
N PRO S 256 115.00 46.14 -25.97
CA PRO S 256 114.59 45.43 -24.78
C PRO S 256 115.69 44.60 -24.10
N LYS S 257 115.57 44.51 -22.77
CA LYS S 257 116.40 43.65 -21.93
C LYS S 257 115.76 42.25 -21.79
N CYS S 258 115.72 41.51 -22.90
CA CYS S 258 115.14 40.18 -22.85
C CYS S 258 115.77 39.39 -23.97
N ASN S 259 115.80 38.07 -23.83
CA ASN S 259 116.34 37.23 -24.88
C ASN S 259 115.21 36.42 -25.53
N PRO S 260 114.99 36.62 -26.84
CA PRO S 260 113.93 35.87 -27.51
C PRO S 260 114.42 34.48 -27.85
N LEU S 261 115.71 34.26 -27.67
CA LEU S 261 116.30 32.97 -28.00
C LEU S 261 116.27 32.00 -26.81
N GLU S 262 116.29 32.51 -25.58
CA GLU S 262 116.21 31.60 -24.43
C GLU S 262 115.69 32.17 -23.10
N LEU T 3 54.70 9.25 -7.58
CA LEU T 3 54.49 7.76 -7.40
C LEU T 3 55.59 7.11 -6.54
N GLU T 4 55.15 6.30 -5.57
CA GLU T 4 56.08 5.64 -4.65
C GLU T 4 57.23 4.97 -5.37
N ARG T 5 58.43 5.16 -4.84
CA ARG T 5 59.61 4.57 -5.46
C ARG T 5 59.81 3.12 -5.07
N ASN T 6 60.07 2.26 -6.05
CA ASN T 6 60.33 0.84 -5.79
C ASN T 6 61.71 0.38 -6.22
N TYR T 7 62.12 -0.75 -5.67
CA TYR T 7 63.49 -1.22 -5.83
C TYR T 7 63.86 -1.38 -7.28
N GLU T 8 63.02 -2.11 -8.01
CA GLU T 8 63.38 -2.51 -9.35
C GLU T 8 63.62 -1.25 -10.23
N GLU T 9 62.72 -0.27 -10.13
CA GLU T 9 62.75 0.88 -11.04
C GLU T 9 63.85 1.86 -10.64
N SER T 10 64.02 2.08 -9.34
CA SER T 10 65.12 2.91 -8.83
C SER T 10 66.52 2.35 -9.15
N ALA T 11 66.72 1.06 -8.85
CA ALA T 11 68.01 0.43 -9.15
C ALA T 11 68.30 0.51 -10.63
N LEU T 12 67.33 0.16 -11.47
CA LEU T 12 67.55 0.27 -12.91
C LEU T 12 67.90 1.69 -13.38
N PHE T 13 67.12 2.65 -12.91
CA PHE T 13 67.36 4.05 -13.21
C PHE T 13 68.74 4.55 -12.73
N GLU T 14 69.09 4.28 -11.47
CA GLU T 14 70.36 4.77 -10.91
C GLU T 14 71.58 4.16 -11.62
N HIS T 15 71.56 2.83 -11.83
CA HIS T 15 72.55 2.19 -12.69
C HIS T 15 72.57 2.74 -14.10
N GLN T 16 71.44 2.87 -14.79
CA GLN T 16 71.61 3.39 -16.14
C GLN T 16 72.20 4.81 -16.13
N PHE T 17 71.78 5.63 -15.16
CA PHE T 17 72.25 7.00 -15.13
C PHE T 17 73.75 7.04 -14.85
N TRP T 18 74.16 6.36 -13.80
CA TRP T 18 75.50 6.55 -13.30
C TRP T 18 76.48 5.75 -14.14
N LEU T 19 76.06 4.63 -14.68
CA LEU T 19 77.06 3.82 -15.39
C LEU T 19 77.33 4.53 -16.70
N LYS T 20 76.36 5.28 -17.20
CA LYS T 20 76.61 6.01 -18.42
C LYS T 20 77.48 7.26 -18.16
N VAL T 21 77.21 7.93 -17.03
CA VAL T 21 78.04 9.04 -16.57
C VAL T 21 79.49 8.62 -16.42
N LEU T 22 79.71 7.46 -15.82
CA LEU T 22 81.07 6.98 -15.60
C LEU T 22 81.70 6.55 -16.90
N THR T 23 80.95 5.98 -17.84
CA THR T 23 81.53 5.72 -19.18
C THR T 23 82.01 7.02 -19.83
N ASP T 24 81.20 8.08 -19.68
CA ASP T 24 81.59 9.38 -20.24
C ASP T 24 82.86 9.88 -19.62
N HIS T 25 82.96 9.78 -18.29
CA HIS T 25 84.14 10.29 -17.61
C HIS T 25 85.36 9.58 -18.10
N ALA T 26 85.22 8.28 -18.25
CA ALA T 26 86.35 7.49 -18.69
C ALA T 26 86.73 7.90 -20.13
N GLN T 27 85.75 8.04 -21.01
CA GLN T 27 86.02 8.49 -22.38
C GLN T 27 86.62 9.90 -22.47
N PHE T 28 86.07 10.81 -21.66
CA PHE T 28 86.58 12.18 -21.59
C PHE T 28 88.05 12.21 -21.17
N LEU T 29 88.36 11.50 -20.09
CA LEU T 29 89.71 11.44 -19.55
C LEU T 29 90.65 10.85 -20.60
N LEU T 30 90.21 9.76 -21.22
CA LEU T 30 90.96 9.11 -22.29
C LEU T 30 91.37 10.13 -23.36
N ASP T 31 90.42 10.97 -23.84
CA ASP T 31 90.69 11.87 -24.98
C ASP T 31 91.46 13.10 -24.53
N ALA T 32 91.34 13.49 -23.25
CA ALA T 32 92.08 14.63 -22.67
C ALA T 32 93.55 14.31 -22.30
N LEU T 33 93.95 13.03 -22.26
CA LEU T 33 95.37 12.66 -21.95
C LEU T 33 96.30 12.93 -23.13
N ALA T 34 97.49 13.49 -22.87
CA ALA T 34 98.47 13.67 -23.95
C ALA T 34 98.84 12.25 -24.41
N PRO T 35 99.10 12.07 -25.72
CA PRO T 35 99.46 10.76 -26.28
C PRO T 35 100.59 10.03 -25.54
N LYS T 36 101.49 10.78 -24.90
CA LYS T 36 102.58 10.19 -24.12
C LYS T 36 102.11 9.54 -22.81
N GLU T 37 100.90 9.83 -22.36
CA GLU T 37 100.48 9.28 -21.06
C GLU T 37 99.96 7.85 -21.22
N LYS T 38 100.81 6.96 -21.75
CA LYS T 38 100.38 5.60 -22.07
C LYS T 38 99.74 4.83 -20.90
N GLU T 39 100.29 4.99 -19.72
CA GLU T 39 99.73 4.27 -18.58
C GLU T 39 98.27 4.65 -18.30
N ASP T 40 97.98 5.95 -18.20
CA ASP T 40 96.65 6.41 -17.88
C ASP T 40 95.72 6.24 -19.06
N ILE T 41 96.28 6.37 -20.26
CA ILE T 41 95.48 6.02 -21.46
C ILE T 41 94.98 4.60 -21.44
N LYS T 42 95.86 3.65 -21.12
CA LYS T 42 95.43 2.26 -21.01
C LYS T 42 94.39 2.02 -19.92
N LYS T 43 94.56 2.64 -18.77
CA LYS T 43 93.56 2.56 -17.68
C LYS T 43 92.17 3.15 -18.07
N ALA T 44 92.20 4.30 -18.71
CA ALA T 44 90.99 4.98 -19.14
C ALA T 44 90.31 4.14 -20.21
N THR T 45 91.10 3.53 -21.10
CA THR T 45 90.57 2.62 -22.11
C THR T 45 89.87 1.42 -21.43
N TYR T 46 90.53 0.85 -20.43
CA TYR T 46 89.93 -0.13 -19.56
C TYR T 46 88.57 0.26 -18.91
N PHE T 47 88.49 1.47 -18.34
CA PHE T 47 87.26 1.90 -17.67
C PHE T 47 86.11 2.13 -18.65
N VAL T 48 86.43 2.65 -19.84
CA VAL T 48 85.45 2.81 -20.88
C VAL T 48 84.89 1.44 -21.24
N GLU T 49 85.76 0.45 -21.44
CA GLU T 49 85.25 -0.92 -21.71
C GLU T 49 84.47 -1.47 -20.53
N THR T 50 84.97 -1.22 -19.32
CA THR T 50 84.36 -1.84 -18.15
C THR T 50 82.95 -1.29 -17.93
N PHE T 51 82.78 0.03 -18.14
CA PHE T 51 81.52 0.69 -17.77
C PHE T 51 80.54 0.46 -18.88
N THR T 52 81.06 0.46 -20.10
CA THR T 52 80.20 0.20 -21.25
C THR T 52 79.60 -1.18 -21.10
N ASN T 53 80.40 -2.11 -20.54
CA ASN T 53 79.97 -3.50 -20.45
C ASN T 53 78.99 -3.67 -19.30
N LEU T 54 79.25 -2.99 -18.18
CA LEU T 54 78.30 -2.95 -17.07
C LEU T 54 76.92 -2.43 -17.54
N LEU T 55 76.94 -1.29 -18.25
CA LEU T 55 75.70 -0.64 -18.68
C LEU T 55 74.90 -1.55 -19.58
N ASN T 56 75.59 -2.19 -20.53
CA ASN T 56 74.97 -3.06 -21.48
C ASN T 56 74.30 -4.26 -20.84
N LYS T 57 74.72 -4.63 -19.65
CA LYS T 57 74.18 -5.86 -19.10
C LYS T 57 73.33 -5.64 -17.87
N VAL T 58 72.97 -4.39 -17.58
CA VAL T 58 72.15 -4.08 -16.40
C VAL T 58 70.76 -4.78 -16.39
N ARG T 59 70.09 -4.90 -17.53
CA ARG T 59 68.81 -5.63 -17.48
C ARG T 59 68.98 -7.14 -17.58
N ASN T 60 70.14 -7.68 -17.25
CA ASN T 60 70.48 -9.08 -17.55
C ASN T 60 70.90 -9.92 -16.32
N VAL T 61 70.90 -9.33 -15.14
CA VAL T 61 71.51 -9.96 -13.96
C VAL T 61 70.70 -9.63 -12.69
N ASN T 62 70.74 -10.52 -11.69
CA ASN T 62 70.29 -10.16 -10.34
C ASN T 62 70.86 -8.80 -9.90
N LEU T 63 69.99 -7.85 -9.61
CA LEU T 63 70.43 -6.46 -9.39
C LEU T 63 71.28 -6.31 -8.14
N MET T 64 70.98 -7.12 -7.12
CA MET T 64 71.69 -7.00 -5.85
CA MET T 64 71.69 -6.97 -5.86
C MET T 64 73.16 -7.31 -6.06
N ALA T 65 73.42 -8.44 -6.75
CA ALA T 65 74.78 -8.85 -7.03
C ALA T 65 75.40 -8.00 -8.15
N PHE T 66 74.60 -7.50 -9.06
CA PHE T 66 75.16 -6.62 -10.06
C PHE T 66 75.66 -5.32 -9.40
N SER T 67 74.93 -4.86 -8.38
CA SER T 67 75.31 -3.69 -7.59
C SER T 67 76.67 -3.76 -6.89
N LYS T 68 77.02 -4.94 -6.36
CA LYS T 68 78.38 -5.14 -5.81
C LYS T 68 79.46 -5.09 -6.91
N GLU T 69 79.15 -5.61 -8.10
CA GLU T 69 80.12 -5.53 -9.18
C GLU T 69 80.33 -4.06 -9.68
N ALA T 70 79.23 -3.32 -9.85
CA ALA T 70 79.25 -1.88 -10.23
C ALA T 70 80.03 -1.07 -9.20
N GLU T 71 79.81 -1.39 -7.92
CA GLU T 71 80.54 -0.74 -6.83
C GLU T 71 82.04 -0.88 -6.87
N GLN T 72 82.52 -2.07 -7.26
CA GLN T 72 83.93 -2.35 -7.31
C GLN T 72 84.55 -1.50 -8.42
N ALA T 73 83.90 -1.49 -9.56
CA ALA T 73 84.32 -0.67 -10.68
C ALA T 73 84.29 0.84 -10.37
N ALA T 74 83.25 1.31 -9.68
CA ALA T 74 83.19 2.70 -9.22
C ALA T 74 84.37 3.06 -8.30
N LYS T 75 84.66 2.16 -7.37
CA LYS T 75 85.77 2.44 -6.45
C LYS T 75 87.09 2.51 -7.20
N GLU T 76 87.21 1.75 -8.28
CA GLU T 76 88.43 1.75 -9.07
C GLU T 76 88.64 3.02 -9.87
N ILE T 77 87.63 3.48 -10.60
CA ILE T 77 87.79 4.74 -11.32
C ILE T 77 87.90 5.89 -10.30
N ARG T 78 87.26 5.74 -9.14
CA ARG T 78 87.47 6.79 -8.17
C ARG T 78 88.97 6.95 -7.94
N ALA T 79 89.65 5.83 -7.70
CA ALA T 79 91.07 5.85 -7.37
C ALA T 79 91.89 6.32 -8.56
N PHE T 80 91.53 5.88 -9.77
CA PHE T 80 92.17 6.35 -11.00
C PHE T 80 92.09 7.89 -11.06
N LYS T 81 90.94 8.43 -10.66
CA LYS T 81 90.71 9.87 -10.83
C LYS T 81 91.58 10.62 -9.82
N LEU T 82 91.65 10.11 -8.59
CA LEU T 82 92.49 10.73 -7.54
C LEU T 82 93.98 10.66 -7.82
N ASN T 83 94.40 9.57 -8.45
CA ASN T 83 95.80 9.45 -8.85
C ASN T 83 96.18 10.51 -9.89
N ILE T 84 95.28 10.74 -10.85
CA ILE T 84 95.49 11.82 -11.79
C ILE T 84 95.55 13.16 -11.10
N ILE T 85 94.62 13.46 -10.21
CA ILE T 85 94.70 14.75 -9.48
C ILE T 85 96.03 14.85 -8.69
N GLN T 86 96.38 13.79 -7.98
CA GLN T 86 97.67 13.73 -7.28
C GLN T 86 98.88 14.03 -8.18
N LYS T 87 98.97 13.36 -9.30
CA LYS T 87 99.95 13.73 -10.32
C LYS T 87 99.89 15.18 -10.84
N GLN T 88 98.68 15.74 -11.02
CA GLN T 88 98.62 17.16 -11.43
C GLN T 88 99.24 18.04 -10.35
N LEU T 89 98.89 17.78 -9.11
CA LEU T 89 99.35 18.59 -7.99
C LEU T 89 100.86 18.49 -7.83
N GLU T 90 101.47 17.46 -8.45
CA GLU T 90 102.91 17.18 -8.35
C GLU T 90 103.60 17.42 -9.67
N GLY T 91 102.86 17.89 -10.67
CA GLY T 91 103.47 18.23 -11.94
C GLY T 91 103.91 16.99 -12.70
N LYS T 92 103.19 15.88 -12.52
CA LYS T 92 103.59 14.60 -13.14
C LYS T 92 102.69 13.99 -14.20
N ILE T 93 101.87 14.79 -14.87
CA ILE T 93 101.01 14.26 -15.92
C ILE T 93 100.60 15.42 -16.83
N THR T 94 100.47 15.16 -18.13
CA THR T 94 99.93 16.16 -19.03
C THR T 94 98.54 15.66 -19.39
N ILE T 95 97.52 16.40 -18.97
CA ILE T 95 96.13 16.04 -19.26
C ILE T 95 95.36 17.35 -19.42
N HIS T 96 94.36 17.36 -20.28
CA HIS T 96 93.73 18.63 -20.56
C HIS T 96 92.43 18.85 -19.84
N PHE T 97 92.36 18.44 -18.59
CA PHE T 97 91.32 18.85 -17.64
C PHE T 97 92.01 19.45 -16.42
N THR T 98 91.47 20.52 -15.85
CA THR T 98 92.10 21.04 -14.63
C THR T 98 91.69 20.15 -13.46
N PRO T 99 92.45 20.25 -12.34
CA PRO T 99 92.15 19.38 -11.17
C PRO T 99 90.72 19.53 -10.56
N THR T 100 90.11 20.70 -10.61
CA THR T 100 88.82 20.88 -10.02
C THR T 100 87.77 20.10 -10.79
N PHE T 101 87.92 20.05 -12.11
CA PHE T 101 86.99 19.34 -12.95
C PHE T 101 87.04 17.84 -12.63
N ILE T 102 88.25 17.30 -12.48
CA ILE T 102 88.39 15.90 -12.11
C ILE T 102 87.95 15.71 -10.68
N ASN T 103 88.21 16.69 -9.82
CA ASN T 103 87.65 16.68 -8.45
C ASN T 103 86.08 16.64 -8.46
N HIS T 104 85.47 17.34 -9.40
CA HIS T 104 84.03 17.21 -9.60
C HIS T 104 83.61 15.80 -10.05
N MET T 105 84.37 15.18 -10.95
CA MET T 105 84.12 13.76 -11.29
C MET T 105 84.20 12.84 -10.07
N VAL T 106 85.09 13.14 -9.12
CA VAL T 106 85.22 12.31 -7.92
C VAL T 106 83.98 12.46 -7.02
N ASN T 107 83.54 13.71 -6.83
CA ASN T 107 82.28 14.00 -6.16
C ASN T 107 81.14 13.15 -6.70
N GLU T 108 81.07 13.05 -8.02
CA GLU T 108 80.05 12.28 -8.72
C GLU T 108 80.13 10.76 -8.49
N VAL T 109 81.23 10.12 -8.79
CA VAL T 109 81.34 8.70 -8.49
C VAL T 109 81.01 8.43 -7.01
N GLU T 110 81.41 9.32 -6.10
CA GLU T 110 81.07 9.14 -4.67
C GLU T 110 79.57 9.15 -4.38
N GLU T 111 78.82 9.95 -5.13
CA GLU T 111 77.35 9.91 -5.08
C GLU T 111 76.83 8.56 -5.54
N TYR T 112 77.47 7.98 -6.57
CA TYR T 112 77.00 6.68 -7.06
C TYR T 112 77.26 5.60 -6.00
N ILE T 113 78.45 5.69 -5.40
CA ILE T 113 78.87 4.78 -4.34
C ILE T 113 77.93 4.83 -3.16
N ALA T 114 77.43 6.03 -2.84
CA ALA T 114 76.47 6.19 -1.72
C ALA T 114 75.12 5.59 -2.08
N VAL T 115 74.79 5.60 -3.36
CA VAL T 115 73.54 5.00 -3.75
C VAL T 115 73.69 3.48 -3.68
N LEU T 116 74.87 3.01 -4.09
CA LEU T 116 75.16 1.56 -4.20
C LEU T 116 75.11 0.88 -2.85
N GLU T 117 75.39 1.64 -1.81
CA GLU T 117 75.33 1.10 -0.47
C GLU T 117 73.97 0.54 -0.20
N PHE T 118 72.94 1.29 -0.58
CA PHE T 118 71.56 0.82 -0.49
C PHE T 118 71.27 -0.26 -1.51
N LEU T 119 71.65 -0.05 -2.75
CA LEU T 119 71.32 -1.02 -3.81
C LEU T 119 71.86 -2.46 -3.58
N LYS T 120 73.07 -2.55 -3.03
CA LYS T 120 73.72 -3.84 -2.68
C LYS T 120 72.92 -4.65 -1.69
N LYS T 121 72.17 -3.97 -0.80
CA LYS T 121 71.34 -4.71 0.10
C LYS T 121 69.88 -4.78 -0.31
N GLY T 122 69.57 -4.48 -1.57
CA GLY T 122 68.19 -4.59 -2.04
C GLY T 122 67.26 -3.54 -1.42
N GLU T 123 67.85 -2.45 -0.92
CA GLU T 123 67.07 -1.31 -0.42
C GLU T 123 66.89 -0.21 -1.46
N VAL T 124 65.75 0.48 -1.39
CA VAL T 124 65.52 1.68 -2.23
C VAL T 124 66.35 2.84 -1.65
N PRO T 125 67.26 3.40 -2.46
CA PRO T 125 68.02 4.55 -1.93
C PRO T 125 67.07 5.67 -1.54
N PRO T 126 67.32 6.32 -0.38
CA PRO T 126 66.36 7.34 0.00
C PRO T 126 66.56 8.62 -0.84
N VAL T 127 65.56 9.49 -0.86
CA VAL T 127 65.81 10.77 -1.47
C VAL T 127 66.36 11.59 -0.32
N PHE T 128 67.56 12.13 -0.48
CA PHE T 128 68.17 12.87 0.59
C PHE T 128 67.53 14.25 0.83
N HIS T 129 67.93 14.92 1.89
CA HIS T 129 67.48 16.28 2.14
C HIS T 129 67.95 17.18 0.96
N GLU T 130 67.13 18.12 0.54
CA GLU T 130 67.49 18.98 -0.63
C GLU T 130 68.85 19.68 -0.58
N LEU T 131 69.22 20.17 0.59
CA LEU T 131 70.57 20.69 0.79
C LEU T 131 71.74 19.72 0.49
N HIS T 132 71.57 18.42 0.75
CA HIS T 132 72.57 17.45 0.26
C HIS T 132 72.80 17.65 -1.24
N TYR T 133 71.72 17.69 -2.00
CA TYR T 133 71.87 17.74 -3.47
C TYR T 133 72.47 19.07 -3.88
N HIS T 134 72.05 20.14 -3.21
CA HIS T 134 72.66 21.44 -3.50
C HIS T 134 74.18 21.49 -3.22
N LEU T 135 74.59 20.95 -2.07
CA LEU T 135 76.02 20.91 -1.70
C LEU T 135 76.90 20.11 -2.68
N VAL T 136 76.31 19.16 -3.38
CA VAL T 136 77.07 18.40 -4.36
C VAL T 136 76.94 19.01 -5.75
N TRP T 137 75.74 19.40 -6.12
CA TRP T 137 75.52 19.64 -7.54
C TRP T 137 75.66 21.09 -7.97
N LEU T 138 75.79 22.01 -7.02
CA LEU T 138 75.97 23.45 -7.38
C LEU T 138 77.38 23.77 -7.84
N THR T 139 78.37 23.32 -7.07
CA THR T 139 79.77 23.45 -7.56
C THR T 139 79.99 22.66 -8.87
N ASP T 140 79.36 21.49 -9.00
CA ASP T 140 79.39 20.77 -10.27
C ASP T 140 78.90 21.64 -11.47
N ALA T 141 77.78 22.33 -11.27
CA ALA T 141 77.17 23.11 -12.31
C ALA T 141 78.02 24.34 -12.66
N ALA T 142 78.57 24.99 -11.64
CA ALA T 142 79.56 26.09 -11.83
C ALA T 142 80.76 25.58 -12.65
N GLY T 143 81.25 24.39 -12.32
CA GLY T 143 82.32 23.72 -13.06
C GLY T 143 82.02 23.39 -14.51
N HIS T 144 80.77 23.01 -14.78
CA HIS T 144 80.28 22.81 -16.15
C HIS T 144 80.28 24.11 -16.94
N ALA T 145 79.55 25.12 -16.45
CA ALA T 145 79.56 26.44 -17.09
C ALA T 145 81.01 26.96 -17.24
N GLY T 146 81.83 26.78 -16.20
CA GLY T 146 83.27 27.18 -16.23
C GLY T 146 84.10 26.44 -17.27
N SER T 147 83.81 25.18 -17.51
CA SER T 147 84.62 24.49 -18.52
C SER T 147 84.14 24.87 -19.91
N ILE T 148 82.85 25.20 -20.04
CA ILE T 148 82.36 25.68 -21.33
C ILE T 148 83.08 26.97 -21.62
N SER T 149 83.10 27.84 -20.64
CA SER T 149 83.73 29.10 -20.77
C SER T 149 85.23 28.96 -21.15
N GLY T 150 85.91 28.01 -20.52
CA GLY T 150 87.34 27.82 -20.80
C GLY T 150 87.60 27.12 -22.11
N GLY T 151 86.63 26.36 -22.62
CA GLY T 151 86.83 25.58 -23.82
C GLY T 151 86.40 26.26 -25.11
N LEU T 152 85.91 27.49 -25.01
CA LEU T 152 85.40 28.25 -26.13
C LEU T 152 86.56 29.00 -26.77
N ASP T 153 86.50 29.18 -28.08
CA ASP T 153 87.57 29.88 -28.78
C ASP T 153 87.66 31.30 -28.19
N LEU T 154 88.84 31.91 -28.25
CA LEU T 154 89.01 33.31 -27.84
C LEU T 154 87.99 34.24 -28.53
N VAL T 155 87.55 33.93 -29.74
CA VAL T 155 86.58 34.84 -30.39
C VAL T 155 85.09 34.63 -30.03
N GLU T 156 84.78 33.55 -29.29
CA GLU T 156 83.38 33.28 -28.98
C GLU T 156 82.98 34.09 -27.77
N LYS T 157 83.10 35.40 -27.89
CA LYS T 157 82.86 36.33 -26.76
C LYS T 157 81.44 36.30 -26.15
N ARG T 158 80.39 36.25 -26.97
CA ARG T 158 79.01 36.23 -26.44
C ARG T 158 78.70 34.95 -25.67
N LEU T 159 79.16 33.80 -26.18
CA LEU T 159 78.94 32.52 -25.48
C LEU T 159 79.72 32.41 -24.16
N LYS T 160 80.97 32.88 -24.14
CA LYS T 160 81.75 32.92 -22.91
C LYS T 160 81.09 33.82 -21.87
N GLU T 161 80.64 35.01 -22.29
CA GLU T 161 79.96 35.91 -21.38
C GLU T 161 78.74 35.26 -20.75
N LYS T 162 78.03 34.48 -21.53
CA LYS T 162 76.85 33.78 -21.07
C LYS T 162 77.25 32.65 -20.10
N SER T 163 78.29 31.88 -20.45
CA SER T 163 78.68 30.76 -19.55
C SER T 163 79.33 31.30 -18.26
N GLU T 164 79.98 32.45 -18.36
CA GLU T 164 80.54 33.13 -17.15
C GLU T 164 79.44 33.61 -16.19
N GLU T 165 78.34 34.05 -16.77
CA GLU T 165 77.26 34.47 -15.95
C GLU T 165 76.63 33.28 -15.19
N PHE T 166 76.46 32.15 -15.87
CA PHE T 166 75.98 30.93 -15.23
C PHE T 166 76.92 30.49 -14.10
N THR T 167 78.23 30.54 -14.36
CA THR T 167 79.24 30.12 -13.36
C THR T 167 79.05 30.95 -12.12
N LYS T 168 78.98 32.25 -12.32
CA LYS T 168 78.75 33.19 -11.22
C LYS T 168 77.47 32.88 -10.43
N HIS T 169 76.33 32.67 -11.08
CA HIS T 169 75.05 32.34 -10.40
C HIS T 169 75.16 31.04 -9.60
N PHE T 170 75.79 30.00 -10.18
CA PHE T 170 75.89 28.73 -9.47
C PHE T 170 76.77 28.82 -8.22
N GLU T 171 77.91 29.50 -8.36
CA GLU T 171 78.79 29.84 -7.23
C GLU T 171 78.07 30.65 -6.14
N GLN T 172 77.32 31.68 -6.51
CA GLN T 172 76.55 32.41 -5.50
C GLN T 172 75.49 31.51 -4.89
N PHE T 173 74.87 30.63 -5.68
CA PHE T 173 73.89 29.70 -5.11
C PHE T 173 74.58 28.79 -4.09
N TYR T 174 75.81 28.36 -4.40
CA TYR T 174 76.58 27.45 -3.55
C TYR T 174 76.86 28.12 -2.18
N LEU T 175 77.37 29.34 -2.21
CA LEU T 175 77.55 30.09 -0.97
C LEU T 175 76.31 30.20 -0.11
N LYS T 176 75.16 30.46 -0.72
CA LYS T 176 73.89 30.51 -0.01
C LYS T 176 73.55 29.14 0.64
N ALA T 177 73.72 28.04 -0.10
CA ALA T 177 73.44 26.72 0.43
C ALA T 177 74.35 26.37 1.62
N VAL T 178 75.57 26.90 1.60
CA VAL T 178 76.52 26.64 2.65
C VAL T 178 76.05 27.32 3.92
N GLU T 179 75.58 28.58 3.79
CA GLU T 179 74.97 29.24 4.95
C GLU T 179 73.73 28.55 5.46
N MET T 180 72.83 28.16 4.56
CA MET T 180 71.57 27.54 4.99
C MET T 180 71.82 26.20 5.68
N THR T 181 72.84 25.46 5.26
CA THR T 181 73.20 24.21 5.93
C THR T 181 73.53 24.48 7.41
N GLY T 182 74.23 25.59 7.65
CA GLY T 182 74.46 26.07 9.01
C GLY T 182 73.17 26.43 9.76
N TYR T 183 72.18 27.03 9.10
CA TYR T 183 70.93 27.35 9.76
C TYR T 183 70.27 26.07 10.30
N LEU T 184 70.57 24.92 9.70
CA LEU T 184 69.97 23.64 10.14
C LEU T 184 70.35 23.28 11.59
N ARG T 185 71.38 23.92 12.10
CA ARG T 185 71.76 23.66 13.48
C ARG T 185 70.67 24.13 14.42
N THR T 186 69.78 25.00 13.93
CA THR T 186 68.63 25.44 14.70
C THR T 186 67.68 24.27 14.91
N GLU T 187 67.96 23.13 14.29
CA GLU T 187 67.04 22.01 14.31
C GLU T 187 65.73 22.27 13.53
N LEU T 188 65.63 23.41 12.86
CA LEU T 188 64.58 23.66 11.87
C LEU T 188 65.09 23.22 10.52
N HIS T 189 64.56 22.15 9.94
CA HIS T 189 65.13 21.59 8.68
C HIS T 189 64.47 21.91 7.35
N HIS T 190 63.34 22.61 7.45
CA HIS T 190 62.62 23.08 6.30
C HIS T 190 62.02 24.37 6.82
N PHE T 191 62.13 25.40 6.00
CA PHE T 191 61.70 26.74 6.35
C PHE T 191 61.61 27.46 5.01
N PRO T 192 60.75 28.49 4.94
CA PRO T 192 60.39 29.12 3.65
C PRO T 192 61.58 29.59 2.77
N ALA T 193 62.58 30.21 3.38
CA ALA T 193 63.77 30.65 2.63
C ALA T 193 64.49 29.47 1.90
N LEU T 194 64.50 28.29 2.52
CA LEU T 194 65.11 27.11 1.90
C LEU T 194 64.33 26.64 0.68
N LYS T 195 63.03 26.49 0.86
CA LYS T 195 62.11 26.15 -0.25
C LYS T 195 62.18 27.15 -1.42
N LYS T 196 62.19 28.45 -1.11
CA LYS T 196 62.28 29.47 -2.15
C LYS T 196 63.62 29.28 -2.88
N PHE T 197 64.69 29.10 -2.12
CA PHE T 197 66.04 28.84 -2.65
C PHE T 197 65.97 27.68 -3.65
N THR T 198 65.40 26.55 -3.23
CA THR T 198 65.41 25.41 -4.14
C THR T 198 64.65 25.74 -5.45
N LYS T 199 63.52 26.45 -5.33
CA LYS T 199 62.79 26.94 -6.49
C LYS T 199 63.69 27.80 -7.37
N ASP T 200 64.41 28.78 -6.81
CA ASP T 200 65.27 29.64 -7.67
C ASP T 200 66.39 28.85 -8.40
N VAL T 201 67.00 27.90 -7.68
CA VAL T 201 68.00 27.02 -8.29
C VAL T 201 67.39 26.25 -9.45
N SER T 202 66.19 25.69 -9.27
CA SER T 202 65.55 24.90 -10.35
C SER T 202 65.26 25.73 -11.61
N LEU T 203 64.69 26.92 -11.46
CA LEU T 203 64.59 27.82 -12.61
C LEU T 203 65.95 28.02 -13.27
N GLU T 204 67.01 28.27 -12.51
CA GLU T 204 68.32 28.45 -13.15
C GLU T 204 68.89 27.21 -13.88
N LEU T 205 68.73 26.03 -13.29
CA LEU T 205 69.04 24.78 -13.96
C LEU T 205 68.25 24.63 -15.26
N LYS T 206 66.98 25.06 -15.29
CA LYS T 206 66.21 25.08 -16.51
C LYS T 206 66.86 25.94 -17.56
N LEU T 207 67.21 27.17 -17.18
CA LEU T 207 67.87 28.10 -18.09
C LEU T 207 69.20 27.49 -18.57
N PHE T 208 69.93 26.90 -17.64
CA PHE T 208 71.24 26.32 -17.94
C PHE T 208 71.07 25.12 -18.91
N SER T 209 70.13 24.23 -18.62
CA SER T 209 69.78 23.17 -19.58
C SER T 209 69.42 23.68 -20.99
N HIS T 210 68.68 24.79 -21.15
CA HIS T 210 68.45 25.29 -22.51
C HIS T 210 69.77 25.68 -23.14
N PHE T 211 70.57 26.38 -22.36
CA PHE T 211 71.87 26.79 -22.83
C PHE T 211 72.73 25.59 -23.26
N LEU T 212 72.67 24.48 -22.49
CA LEU T 212 73.51 23.31 -22.81
C LEU T 212 73.04 22.69 -24.10
N HIS T 213 71.72 22.68 -24.31
CA HIS T 213 71.14 22.10 -25.56
C HIS T 213 71.56 22.89 -26.78
N GLU T 214 71.53 24.21 -26.62
CA GLU T 214 72.03 25.16 -27.63
C GLU T 214 73.51 24.87 -27.93
N VAL T 215 74.33 24.76 -26.88
CA VAL T 215 75.75 24.44 -27.07
C VAL T 215 75.93 23.06 -27.78
N GLU T 216 75.15 22.08 -27.34
CA GLU T 216 75.17 20.79 -27.99
C GLU T 216 74.86 20.89 -29.48
N GLU T 217 73.83 21.66 -29.84
CA GLU T 217 73.48 21.86 -31.28
C GLU T 217 74.56 22.62 -32.06
N LEU T 218 75.15 23.64 -31.44
CA LEU T 218 76.34 24.28 -32.01
C LEU T 218 77.50 23.30 -32.28
N GLU T 219 77.76 22.40 -31.33
CA GLU T 219 78.81 21.44 -31.55
C GLU T 219 78.44 20.46 -32.68
N LEU T 220 77.19 19.98 -32.75
CA LEU T 220 76.83 18.98 -33.73
C LEU T 220 76.88 19.58 -35.13
N SER T 221 76.70 20.89 -35.20
CA SER T 221 76.66 21.52 -36.50
C SER T 221 78.01 22.20 -36.86
N ASN T 222 79.02 22.08 -35.98
CA ASN T 222 80.33 22.81 -36.12
C ASN T 222 80.19 24.34 -36.22
N GLU T 223 79.12 24.88 -35.62
CA GLU T 223 78.81 26.33 -35.67
C GLU T 223 79.53 27.12 -34.59
N VAL T 224 80.09 26.42 -33.62
CA VAL T 224 80.83 27.02 -32.52
C VAL T 224 82.29 26.65 -32.57
N LEU T 225 83.16 27.57 -32.19
CA LEU T 225 84.58 27.33 -32.24
C LEU T 225 85.00 26.99 -30.84
N SER T 226 85.54 25.79 -30.65
CA SER T 226 85.79 25.31 -29.31
C SER T 226 86.64 24.05 -29.26
N VAL T 227 86.85 23.54 -28.05
CA VAL T 227 87.46 22.23 -27.91
C VAL T 227 86.52 21.41 -27.05
N LEU T 228 85.24 21.80 -27.04
CA LEU T 228 84.22 21.03 -26.36
C LEU T 228 83.74 19.99 -27.35
N SER T 229 82.79 19.18 -26.95
CA SER T 229 82.24 18.18 -27.87
C SER T 229 80.74 18.15 -27.57
N ALA T 230 79.95 17.66 -28.51
CA ALA T 230 78.53 17.50 -28.32
C ALA T 230 78.21 16.51 -27.18
N ARG T 231 79.00 15.45 -27.09
CA ARG T 231 78.85 14.44 -26.05
C ARG T 231 79.00 15.06 -24.65
N MET T 232 79.94 15.96 -24.51
CA MET T 232 80.15 16.59 -23.23
C MET T 232 78.93 17.49 -22.88
N ALA T 233 78.42 18.20 -23.88
CA ALA T 233 77.22 19.02 -23.66
C ALA T 233 76.06 18.12 -23.22
N ASP T 234 75.89 17.00 -23.93
CA ASP T 234 74.78 16.09 -23.61
C ASP T 234 74.92 15.57 -22.18
N HIS T 235 76.17 15.25 -21.83
CA HIS T 235 76.54 14.67 -20.55
C HIS T 235 76.19 15.68 -19.46
N MET T 236 76.51 16.95 -19.69
CA MET T 236 76.29 17.99 -18.64
C MET T 236 74.82 18.21 -18.47
N ALA T 237 74.05 18.14 -19.57
CA ALA T 237 72.61 18.34 -19.47
C ALA T 237 71.95 17.19 -18.73
N ARG T 238 72.39 15.96 -19.00
CA ARG T 238 71.85 14.80 -18.28
C ARG T 238 72.06 14.92 -16.79
N GLU T 239 73.25 15.37 -16.41
CA GLU T 239 73.52 15.59 -15.00
C GLU T 239 72.71 16.72 -14.36
N GLU T 240 72.46 17.82 -15.08
CA GLU T 240 71.59 18.85 -14.50
C GLU T 240 70.15 18.32 -14.33
N CYS T 241 69.69 17.52 -15.30
CA CYS T 241 68.38 16.90 -15.20
C CYS T 241 68.25 16.05 -13.91
N TYR T 242 69.23 15.19 -13.67
CA TYR T 242 69.28 14.34 -12.47
C TYR T 242 69.26 15.25 -11.23
N TYR T 243 70.09 16.29 -11.23
CA TYR T 243 70.08 17.26 -10.09
C TYR T 243 68.66 17.84 -9.93
N LEU T 244 68.07 18.29 -11.03
CA LEU T 244 66.68 18.78 -11.06
C LEU T 244 65.61 17.81 -10.50
N LEU T 245 65.68 16.55 -10.92
CA LEU T 245 64.74 15.54 -10.45
C LEU T 245 64.85 15.36 -8.94
N LYS T 246 66.08 15.30 -8.44
CA LYS T 246 66.32 15.10 -7.03
C LYS T 246 65.81 16.28 -6.20
N LEU T 247 66.01 17.50 -6.72
CA LEU T 247 65.45 18.69 -6.11
C LEU T 247 63.93 18.69 -6.03
N ALA T 248 63.26 18.28 -7.12
CA ALA T 248 61.79 18.16 -7.18
C ALA T 248 61.28 17.10 -6.22
N GLN T 249 61.98 15.98 -6.15
CA GLN T 249 61.60 14.96 -5.19
C GLN T 249 61.87 15.32 -3.73
N SER T 250 63.07 15.81 -3.41
CA SER T 250 63.43 16.20 -2.03
C SER T 250 62.62 17.42 -1.57
N SER T 251 62.39 18.39 -2.47
CA SER T 251 61.75 19.64 -2.08
C SER T 251 60.25 19.68 -2.31
N GLY T 252 59.72 18.71 -3.04
CA GLY T 252 58.31 18.69 -3.33
C GLY T 252 57.91 19.70 -4.38
N LEU T 253 58.61 19.70 -5.50
CA LEU T 253 58.25 20.57 -6.62
C LEU T 253 57.80 19.71 -7.79
N GLU T 254 57.38 20.37 -8.86
CA GLU T 254 56.98 19.67 -10.07
C GLU T 254 58.15 18.94 -10.75
N MET T 255 57.89 17.72 -11.13
CA MET T 255 58.90 16.91 -11.82
C MET T 255 59.34 17.52 -13.13
N PRO T 256 60.66 17.51 -13.38
CA PRO T 256 61.28 18.05 -14.60
C PRO T 256 60.87 17.33 -15.88
N LYS T 257 60.85 18.06 -17.00
CA LYS T 257 60.60 17.44 -18.33
C LYS T 257 61.95 17.20 -19.01
N CYS T 258 62.71 16.23 -18.53
CA CYS T 258 63.99 15.99 -19.14
C CYS T 258 64.33 14.56 -18.77
N ASN T 259 65.15 13.91 -19.58
CA ASN T 259 65.57 12.56 -19.30
C ASN T 259 67.06 12.47 -18.84
N PRO T 260 67.28 12.13 -17.57
CA PRO T 260 68.67 11.99 -17.10
C PRO T 260 69.47 10.91 -17.82
N LEU T 261 68.77 9.98 -18.48
CA LEU T 261 69.40 8.75 -19.01
C LEU T 261 69.89 8.90 -20.42
N GLU T 262 69.26 9.77 -21.20
CA GLU T 262 69.59 9.83 -22.59
C GLU T 262 69.12 11.18 -23.12
N GLY T 263 69.98 11.83 -23.90
CA GLY T 263 69.67 13.09 -24.55
C GLY T 263 68.92 12.94 -25.85
N HIS T 264 68.57 14.06 -26.46
CA HIS T 264 67.73 14.02 -27.63
C HIS T 264 68.46 13.59 -28.91
N HIS T 265 69.78 13.70 -28.94
CA HIS T 265 70.49 13.37 -30.16
C HIS T 265 71.49 12.24 -30.03
N HIS T 266 72.09 12.07 -28.86
CA HIS T 266 73.09 10.98 -28.66
C HIS T 266 72.50 9.61 -28.29
N HIS T 267 72.02 8.90 -29.32
CA HIS T 267 71.41 7.57 -29.18
C HIS T 267 71.28 7.04 -30.60
N HIS T 268 71.00 5.74 -30.71
CA HIS T 268 70.94 5.10 -32.02
C HIS T 268 69.60 4.38 -32.30
N HIS T 269 68.46 4.94 -31.85
CA HIS T 269 67.15 4.35 -32.15
C HIS T 269 66.32 5.23 -33.10
FE FE U . -67.25 -8.05 -45.16
FE FE V . -66.58 -8.38 -48.20
FE FE W . -90.71 12.03 -56.75
FE FE X . -88.84 11.99 -59.35
C1 EDO Y . -75.00 10.23 -38.59
O1 EDO Y . -75.78 11.08 -37.73
C2 EDO Y . -73.76 10.98 -39.13
O2 EDO Y . -72.87 10.05 -39.77
FE FE Z . -59.60 -6.31 7.10
FE FE AA . -61.23 -3.91 7.87
FE FE BA . -83.12 -22.93 23.11
FE FE CA . -83.79 -20.12 24.21
FE FE DA . 22.44 24.39 36.31
FE FE EA . 21.84 24.46 39.35
FE FE FA . 32.97 55.15 41.98
FE FE GA . 31.23 54.87 44.62
FE FE HA . 62.60 -9.70 34.73
FE FE IA . 64.31 -12.12 33.87
FE FE JA . 75.54 -18.22 63.93
FE FE KA . 76.20 -20.92 62.43
FE FE LA . -13.82 33.89 19.87
FE FE MA . -15.67 34.15 22.40
FE FE NA . -26.71 3.71 20.29
FE FE OA . -27.42 4.40 23.19
FE FE PA . 25.16 -27.78 38.64
FE FE QA . 25.76 -30.77 37.76
FE FE RA . 14.82 -25.37 7.47
FE FE SA . 16.41 -27.77 7.09
FE FE TA . -44.86 -54.35 -35.78
FE FE UA . -43.93 -57.11 -34.29
FE FE VA . -38.65 -40.67 -6.56
FE FE WA . -38.88 -43.41 -5.50
FE FE XA . -40.75 20.77 -33.19
FE FE YA . -39.04 21.39 -35.75
FE FE ZA . -15.15 0.99 -27.73
FE FE AB . -14.63 1.34 -30.72
FE FE BB . 17.93 10.80 -14.53
FE FE CB . 18.16 13.51 -15.89
FE FE DB . 47.33 4.35 -27.71
FE FE EB . 46.53 6.80 -29.59
C1 EDO FB . 25.39 -6.07 -24.40
O1 EDO FB . 25.04 -4.71 -24.17
C2 EDO FB . 26.47 -6.42 -23.37
O2 EDO FB . 26.63 -7.84 -23.32
FE FE GB . 103.97 30.54 -30.97
FE FE HB . 102.14 33.07 -30.13
FE FE IB . 80.09 14.24 -14.96
FE FE JB . 79.53 17.03 -13.74
#